data_6OGZ
#
_entry.id   6OGZ
#
_cell.length_a   1
_cell.length_b   1
_cell.length_c   1
_cell.angle_alpha   90.00
_cell.angle_beta   90.00
_cell.angle_gamma   90.00
#
_symmetry.space_group_name_H-M   'P 1'
#
loop_
_entity.id
_entity.type
_entity.pdbx_description
1 polymer "RNA (5'-R(P*UP*AP*UP*AP*UP*AP*UP*AP*UP*AP*UP*AP*UP*AP*UP*AP*UP*A)-3')"
2 polymer "RNA (5'-R(P*AP*UP*AP*UP*AP*UP*AP*UP*AP*UP*AP*UP*AP*UP*AP*UP*A)-3')"
3 polymer 'RNA-dependent RNA polymerase of rotavirus A'
4 polymer 'Inner capsid protein VP2'
5 non-polymer "URIDINE 5'-TRIPHOSPHATE"
6 non-polymer "GUANOSINE-5'-TRIPHOSPHATE"
#
loop_
_entity_poly.entity_id
_entity_poly.type
_entity_poly.pdbx_seq_one_letter_code
_entity_poly.pdbx_strand_id
1 'polyribonucleotide' UAUAUAUAUAUAUAUAUA B
2 'polyribonucleotide' AUAUAUAUAUAUAUAUA C
3 'polypeptide(L)'
;MGKYNLILSEYLSFIYNSQSAVQIPIYYSSNSELENRCIEFHSKCLENSKNGLSLKKLFVEYSDVIENATLLSILSYSYD
KYNAVERKLVKYAKGKPLEADLTVNELDYENNKITSELFPTAEEYTDLLMDPAILTSLSSNLNAVMFWLEKHENDVAEKL
KIYKRRLDLFTIVASTVNKYGVPRHNAKYRYEYEVMKDKPYYLVTWANSSIEMLMSVFSHEDYLIARELIVLSYSNRSTL
AKLVSSPMSILVALVDINGTFITNEELELEFSNKYVRAIVPDQTFDELKQMLDNMRKAGLTDIPKMIQDWLVDCSIEKFP
LMAKIYSWSFHVGFRKQKMLDAALDQLKTEYTEDVDDEMYREYTMLIRDEVVKMLEEPVKHDDHLLQDSELAGLLSMSSA
SNGESRQLKFGRKTIFSTKKNMHVMDDMANGRYTPGIIPPVNVDKPIPLGRRDVPGRRTRIIFILPYEYFIAQHAVVEKM
LIYAKHTREYAEFYSQSNQLLSYGDVTRFLSNNSMVLYTDVSQWDSSQHNTQPFRKGIIMGLDMLANMTNDARVIQTLNL
YKQTQINLMDSYVQIPDGNVIKKIQYGAVASGEKQTKAANSIANLALIKTVLSRISNKYSFATKIIRVDGDDNYAVLQFN
TEVTKQMVQDVSNDVRETYARMNTKVKALVSTVGIEIAKRYIAGGKIFFRAGINLLNNEKKGQSTQWDQAAVLYSNYIVN
RLRGFETDREFILTKIMQMTSVAITGSLRLFPSERVLTTNSTFKVFDSEDFIIEYGTTDDEVYIQRAFMSLSSQKSGIAD
EIAASSTFKNYVSRLSEQLLFSKNNIVSRGIALTEKAKLNSYAPISLEKRRAQISALLTMLQKPVTFKSSKITINDILRD
IKPFFTVNEAHLPIQYQKFMPTLPDNVQYIIQCIGSRTYQIEDDGSKSAISRLISKYSVYKPSIEELYKVISLHENEIQL
YLISLGIPKIDADTYVGSKIYSQDKYRILESYVYNLLSINYGCYQLFDFNSPDLEKLIRIPFKGKIPAVTFILHLYAKLE
VINHAIKNGSWISLFCNYPKSEMIKLWKKMWNITSLRSPYTNANFFQD
;
A
4 'polypeptide(L)'
;MAYRKRGARRETNLKQDDRMQEKEENKNVNTNSENKNATKPQLSEKVLSQKEEVITDNQEEIKIADEVKKSNKEESKQLL
EVLKTKEEHQKEVQYEILQKTIPTFEPKESILKKLEDIKPEQVKKQTKLFRIFEPRQLPVYRANGEKELRNRWYWKLKRD
TLPDGDYDVREYFLNLYDQVLTEMPDYLLLKDMAVENKNSRDAGKVVDSETAAICDAIFQDEETEGVVRRFIAEMRQRVQ
ADRNVVNYPSILHPIDHAFNEYFLQHQLVEPLNNDIIFNYIPERIRNDVNYILNMDRNLPSTARYIRPNLLQDRLNLHDN
FESLWDTITTSNYILARSVVPDLKELVSTEAQIQKMSQDLQLEALTIQSETQFLTGINSQAANDCFKTLIAAMLSQRTMS
LDFVTTNYMSLISGMWLLTVVPNDMFIRESLVACQLAIINTIIYPAFGMQRMHYRNGDPQTPFQIAEQQIQNFQVANWLH
FVNNNQFRQVVIDGVLNQVLNDNIRNGHVVNQLMEALMQLSRQQFPTMPVDYKRSIQRGILLLSNRLGQLVDLTRLLAYN
YETLMACITMNMQHVQTLTTEKLQLTSVTSLCMLIGNATVIPSPQTLFHYYNVNVNFHSNYNERINDAVAIITAANRLNL
YQKKMKSIVEDFLKRLQIFDISRVPDDQMYRLRDRLRLLPVEIRRLDIFNLILMNMEQIERASDKIAQGVIIAYRDMQLE
RDEMYGYVNIARNLDGFQQINLEELMRTGDYAQITNMLLNNQPVALVGALPFITDSSVISLVAKLDATVFAQIVKLRKVD
TLKPILYKINSDSNDFYLVANYDWVPTSTTKVYKQIPQQFDFRASMHMLTSNLTFTVYSDLLAFVSADTVEPINAVAFDN
MRIMNEL
;
E,F,G,I,H,J,K,L,M,N
#
loop_
_chem_comp.id
_chem_comp.type
_chem_comp.name
_chem_comp.formula
A RNA linking ADENOSINE-5'-MONOPHOSPHATE 'C10 H14 N5 O7 P'
GTP non-polymer GUANOSINE-5'-TRIPHOSPHATE 'C10 H16 N5 O14 P3'
U RNA linking URIDINE-5'-MONOPHOSPHATE 'C9 H13 N2 O9 P'
UTP non-polymer 'URIDINE 5'-TRIPHOSPHATE' 'C9 H15 N2 O15 P3'
#
# COMPACT_ATOMS: atom_id res chain seq x y z
N GLY C 2 -1.22 38.06 -10.83
CA GLY C 2 -1.85 37.37 -11.93
C GLY C 2 -2.09 38.28 -13.13
N LYS C 3 -2.08 37.70 -14.32
CA LYS C 3 -2.29 38.49 -15.54
C LYS C 3 -3.77 38.76 -15.79
N TYR C 4 -4.65 37.85 -15.39
CA TYR C 4 -6.06 38.01 -15.67
C TYR C 4 -6.69 39.13 -14.84
N ASN C 5 -6.19 39.37 -13.63
CA ASN C 5 -6.69 40.47 -12.82
C ASN C 5 -6.33 41.82 -13.43
N LEU C 6 -5.19 41.90 -14.13
CA LEU C 6 -4.82 43.14 -14.78
C LEU C 6 -5.68 43.43 -16.00
N ILE C 7 -6.17 42.39 -16.68
CA ILE C 7 -7.12 42.61 -17.77
C ILE C 7 -8.49 43.00 -17.22
N LEU C 8 -8.76 42.63 -15.97
CA LEU C 8 -10.04 42.97 -15.37
C LEU C 8 -10.15 44.46 -15.09
N SER C 9 -9.15 45.02 -14.40
CA SER C 9 -9.22 46.41 -13.99
C SER C 9 -9.02 47.41 -15.13
N GLU C 10 -8.63 46.94 -16.32
CA GLU C 10 -8.68 47.80 -17.50
C GLU C 10 -9.92 47.57 -18.34
N TYR C 11 -10.63 46.47 -18.15
CA TYR C 11 -11.93 46.33 -18.78
C TYR C 11 -12.98 47.18 -18.06
N LEU C 12 -12.82 47.37 -16.76
CA LEU C 12 -13.75 48.23 -16.02
C LEU C 12 -13.53 49.70 -16.37
N SER C 13 -12.28 50.10 -16.54
CA SER C 13 -11.97 51.48 -16.88
C SER C 13 -12.27 51.81 -18.34
N PHE C 14 -12.64 50.82 -19.15
CA PHE C 14 -13.06 51.06 -20.51
C PHE C 14 -14.57 51.18 -20.62
N ILE C 15 -15.30 50.18 -20.10
CA ILE C 15 -16.75 50.17 -20.29
C ILE C 15 -17.44 51.18 -19.40
N TYR C 16 -16.83 51.61 -18.29
CA TYR C 16 -17.43 52.58 -17.39
C TYR C 16 -16.50 53.80 -17.32
N ASN C 17 -16.63 54.69 -18.29
CA ASN C 17 -15.86 55.93 -18.32
C ASN C 17 -16.68 57.08 -17.75
N SER C 18 -17.11 56.91 -16.51
CA SER C 18 -17.87 57.93 -15.81
C SER C 18 -17.21 58.22 -14.47
N GLN C 19 -17.34 59.47 -14.02
CA GLN C 19 -16.85 59.83 -12.70
C GLN C 19 -17.74 59.32 -11.58
N SER C 20 -18.94 58.81 -11.90
CA SER C 20 -19.81 58.18 -10.93
C SER C 20 -19.46 56.73 -10.66
N ALA C 21 -18.53 56.16 -11.43
CA ALA C 21 -18.20 54.74 -11.34
C ALA C 21 -17.07 54.49 -10.36
N VAL C 22 -17.15 53.37 -9.64
CA VAL C 22 -16.14 52.99 -8.66
C VAL C 22 -15.97 51.49 -8.72
N GLN C 23 -14.79 51.01 -8.32
CA GLN C 23 -14.50 49.59 -8.23
C GLN C 23 -14.02 49.27 -6.83
N ILE C 24 -14.63 48.27 -6.21
CA ILE C 24 -14.29 47.86 -4.85
C ILE C 24 -13.71 46.45 -4.85
N PRO C 25 -12.41 46.29 -4.66
CA PRO C 25 -11.84 44.95 -4.56
C PRO C 25 -12.17 44.30 -3.23
N ILE C 26 -12.40 42.98 -3.26
CA ILE C 26 -12.71 42.19 -2.08
C ILE C 26 -11.59 41.20 -1.88
N TYR C 27 -11.12 41.05 -0.65
CA TYR C 27 -9.97 40.19 -0.40
C TYR C 27 -10.28 39.17 0.69
N TYR C 28 -9.54 38.06 0.64
CA TYR C 28 -9.62 37.02 1.64
C TYR C 28 -8.22 36.48 1.89
N SER C 29 -8.03 35.80 3.02
CA SER C 29 -6.74 35.21 3.31
C SER C 29 -6.90 34.02 4.22
N SER C 30 -5.89 33.15 4.21
CA SER C 30 -5.89 31.99 5.09
C SER C 30 -5.57 32.34 6.52
N ASN C 31 -4.93 33.48 6.76
CA ASN C 31 -4.57 33.85 8.12
C ASN C 31 -5.79 34.37 8.88
N SER C 32 -5.90 33.98 10.14
CA SER C 32 -6.96 34.53 10.98
C SER C 32 -6.71 35.99 11.29
N GLU C 33 -5.45 36.42 11.30
CA GLU C 33 -5.13 37.83 11.51
C GLU C 33 -5.42 38.66 10.27
N LEU C 34 -5.10 38.13 9.09
CA LEU C 34 -5.34 38.87 7.85
C LEU C 34 -6.79 38.83 7.42
N GLU C 35 -7.59 37.93 7.99
CA GLU C 35 -9.02 37.94 7.73
C GLU C 35 -9.68 39.15 8.38
N ASN C 36 -9.30 39.48 9.61
CA ASN C 36 -9.80 40.70 10.24
C ASN C 36 -9.20 41.94 9.59
N ARG C 37 -8.06 41.80 8.91
CA ARG C 37 -7.59 42.85 8.03
C ARG C 37 -8.44 42.95 6.77
N CYS C 38 -9.08 41.85 6.37
CA CYS C 38 -9.91 41.84 5.17
C CYS C 38 -11.33 42.32 5.45
N ILE C 39 -11.82 42.09 6.66
CA ILE C 39 -13.18 42.51 7.01
C ILE C 39 -13.25 44.01 7.18
N GLU C 40 -12.25 44.60 7.84
CA GLU C 40 -12.24 46.05 8.06
C GLU C 40 -12.01 46.82 6.77
N PHE C 41 -11.20 46.28 5.86
CA PHE C 41 -10.96 46.96 4.59
C PHE C 41 -12.20 46.96 3.72
N HIS C 42 -12.88 45.81 3.62
CA HIS C 42 -14.09 45.71 2.81
C HIS C 42 -15.24 46.53 3.38
N SER C 43 -15.27 46.71 4.70
CA SER C 43 -16.32 47.52 5.31
C SER C 43 -16.11 49.00 5.00
N LYS C 44 -14.86 49.47 5.03
CA LYS C 44 -14.61 50.89 4.84
C LYS C 44 -14.82 51.33 3.39
N CYS C 45 -14.51 50.47 2.42
CA CYS C 45 -14.76 50.82 1.03
C CYS C 45 -16.24 50.78 0.68
N LEU C 46 -17.08 50.19 1.52
CA LEU C 46 -18.52 50.26 1.33
C LEU C 46 -19.15 51.45 2.01
N GLU C 47 -18.55 51.97 3.07
CA GLU C 47 -19.04 53.19 3.70
C GLU C 47 -18.47 54.46 3.06
N ASN C 48 -17.20 54.43 2.64
CA ASN C 48 -16.63 55.63 2.02
C ASN C 48 -17.15 55.82 0.61
N SER C 49 -17.37 54.75 -0.13
CA SER C 49 -17.95 54.88 -1.46
C SER C 49 -19.47 54.88 -1.44
N LYS C 50 -20.09 54.82 -0.26
CA LYS C 50 -21.53 55.04 -0.18
C LYS C 50 -21.85 56.53 -0.33
N ASN C 51 -20.99 57.39 0.20
CA ASN C 51 -21.17 58.85 0.10
C ASN C 51 -19.88 59.49 -0.41
N GLY C 52 -19.70 59.45 -1.73
CA GLY C 52 -18.76 60.24 -2.51
C GLY C 52 -17.36 60.49 -2.03
N LEU C 53 -16.78 59.56 -1.28
CA LEU C 53 -15.41 59.70 -0.80
C LEU C 53 -14.51 58.72 -1.55
N SER C 54 -13.30 59.17 -1.87
CA SER C 54 -12.41 58.42 -2.72
C SER C 54 -11.78 57.25 -1.96
N LEU C 55 -10.89 56.53 -2.64
CA LEU C 55 -10.24 55.36 -2.08
C LEU C 55 -8.72 55.43 -2.15
N LYS C 56 -8.15 56.50 -2.69
CA LYS C 56 -6.69 56.60 -2.74
C LYS C 56 -6.08 56.87 -1.38
N LYS C 57 -6.84 57.44 -0.44
CA LYS C 57 -6.37 57.63 0.91
C LYS C 57 -6.55 56.38 1.76
N LEU C 58 -7.30 55.42 1.27
CA LEU C 58 -7.60 54.20 2.02
C LEU C 58 -6.74 53.03 1.59
N PHE C 59 -6.31 52.99 0.33
CA PHE C 59 -5.49 51.88 -0.15
C PHE C 59 -4.07 51.94 0.39
N VAL C 60 -3.60 53.11 0.81
CA VAL C 60 -2.31 53.22 1.47
C VAL C 60 -2.40 52.77 2.93
N GLU C 61 -3.49 53.13 3.60
CA GLU C 61 -3.67 52.76 4.99
C GLU C 61 -3.85 51.26 5.14
N TYR C 62 -4.50 50.63 4.17
CA TYR C 62 -4.71 49.19 4.16
C TYR C 62 -3.87 48.52 3.08
N SER C 63 -2.63 48.98 2.91
CA SER C 63 -1.69 48.32 2.01
C SER C 63 -1.04 47.09 2.63
N ASP C 64 -1.40 46.75 3.86
CA ASP C 64 -1.01 45.48 4.46
C ASP C 64 -1.86 44.32 3.95
N VAL C 65 -2.96 44.60 3.26
CA VAL C 65 -3.85 43.56 2.79
C VAL C 65 -3.81 43.41 1.27
N ILE C 66 -3.37 44.43 0.53
CA ILE C 66 -3.38 44.36 -0.92
C ILE C 66 -2.21 43.51 -1.40
N GLU C 67 -1.02 43.77 -0.87
CA GLU C 67 0.18 43.07 -1.34
C GLU C 67 0.34 41.69 -0.71
N ASN C 68 -0.53 41.28 0.21
CA ASN C 68 -0.36 40.00 0.88
C ASN C 68 -1.53 39.06 0.66
N ALA C 69 -2.76 39.54 0.79
CA ALA C 69 -3.92 38.69 0.51
C ALA C 69 -4.22 38.70 -0.98
N THR C 70 -4.99 37.71 -1.42
CA THR C 70 -5.30 37.52 -2.83
C THR C 70 -6.72 37.97 -3.14
N LEU C 71 -6.93 38.40 -4.38
CA LEU C 71 -8.18 39.06 -4.76
C LEU C 71 -9.30 38.05 -4.90
N LEU C 72 -10.44 38.36 -4.29
CA LEU C 72 -11.63 37.50 -4.37
C LEU C 72 -12.57 37.94 -5.47
N SER C 73 -12.98 39.20 -5.47
CA SER C 73 -13.83 39.71 -6.54
C SER C 73 -13.67 41.21 -6.63
N ILE C 74 -14.28 41.78 -7.66
CA ILE C 74 -14.28 43.22 -7.90
C ILE C 74 -15.71 43.66 -8.12
N LEU C 75 -16.23 44.46 -7.19
CA LEU C 75 -17.57 45.01 -7.33
C LEU C 75 -17.55 46.23 -8.22
N SER C 76 -18.63 46.43 -8.97
CA SER C 76 -18.67 47.50 -9.96
C SER C 76 -19.95 48.31 -9.81
N TYR C 77 -19.80 49.59 -9.51
CA TYR C 77 -20.90 50.53 -9.44
C TYR C 77 -20.93 51.31 -10.75
N SER C 78 -22.07 51.28 -11.43
CA SER C 78 -22.19 51.94 -12.74
C SER C 78 -23.57 52.56 -12.82
N TYR C 79 -23.65 53.87 -12.63
CA TYR C 79 -24.91 54.60 -12.79
C TYR C 79 -25.04 55.11 -14.24
N ASP C 80 -25.01 54.16 -15.16
CA ASP C 80 -25.13 54.43 -16.58
C ASP C 80 -26.46 53.86 -17.04
N LYS C 81 -27.35 54.74 -17.49
CA LYS C 81 -28.69 54.32 -17.87
C LYS C 81 -28.74 53.69 -19.25
N TYR C 82 -27.88 54.16 -20.17
CA TYR C 82 -27.93 53.74 -21.56
C TYR C 82 -26.60 53.13 -21.97
N ASN C 83 -26.66 52.02 -22.71
CA ASN C 83 -25.46 51.33 -23.14
C ASN C 83 -24.73 52.14 -24.22
N ALA C 84 -23.44 52.40 -23.99
CA ALA C 84 -22.67 53.30 -24.83
C ALA C 84 -21.95 52.57 -25.96
N VAL C 85 -22.55 51.50 -26.48
CA VAL C 85 -21.90 50.72 -27.54
C VAL C 85 -21.87 51.51 -28.83
N GLU C 86 -23.02 52.02 -29.27
CA GLU C 86 -23.09 52.76 -30.52
C GLU C 86 -22.43 54.12 -30.44
N ARG C 87 -22.22 54.65 -29.24
CA ARG C 87 -21.56 55.95 -29.12
C ARG C 87 -20.08 55.84 -29.42
N LYS C 88 -19.48 54.68 -29.19
CA LYS C 88 -18.08 54.43 -29.54
C LYS C 88 -17.94 53.49 -30.73
N LEU C 89 -19.05 53.17 -31.41
CA LEU C 89 -18.97 52.38 -32.63
C LEU C 89 -18.70 53.24 -33.86
N VAL C 90 -19.17 54.50 -33.84
CA VAL C 90 -19.00 55.39 -34.98
C VAL C 90 -17.55 55.82 -35.13
N LYS C 91 -16.73 55.69 -34.08
CA LYS C 91 -15.30 55.95 -34.19
C LYS C 91 -14.62 54.94 -35.11
N TYR C 92 -15.11 53.70 -35.16
CA TYR C 92 -14.58 52.69 -36.07
C TYR C 92 -15.41 52.51 -37.32
N ALA C 93 -16.57 53.17 -37.43
CA ALA C 93 -17.44 53.02 -38.59
C ALA C 93 -17.03 54.01 -39.69
N LYS C 94 -15.90 53.71 -40.31
CA LYS C 94 -15.32 54.59 -41.31
C LYS C 94 -15.53 54.11 -42.75
N GLY C 95 -15.51 52.80 -42.97
CA GLY C 95 -15.57 52.27 -44.32
C GLY C 95 -16.96 52.32 -44.91
N LYS C 96 -17.06 51.86 -46.16
CA LYS C 96 -18.35 51.76 -46.81
C LYS C 96 -19.11 50.53 -46.30
N PRO C 97 -20.42 50.61 -46.18
CA PRO C 97 -21.18 49.44 -45.70
C PRO C 97 -21.30 48.39 -46.79
N LEU C 98 -21.23 47.12 -46.38
CA LEU C 98 -21.36 46.00 -47.30
C LEU C 98 -22.81 45.83 -47.72
N GLU C 99 -23.06 45.97 -49.01
CA GLU C 99 -24.38 45.68 -49.55
C GLU C 99 -24.49 44.20 -49.85
N ALA C 100 -25.58 43.59 -49.41
CA ALA C 100 -25.77 42.16 -49.60
C ALA C 100 -26.07 41.84 -51.06
N ASP C 101 -25.74 40.62 -51.44
CA ASP C 101 -26.09 40.10 -52.75
C ASP C 101 -27.30 39.18 -52.62
N LEU C 102 -28.00 38.98 -53.74
CA LEU C 102 -29.24 38.23 -53.73
C LEU C 102 -29.28 37.05 -54.70
N THR C 103 -28.42 37.03 -55.71
CA THR C 103 -28.45 35.98 -56.72
C THR C 103 -27.54 34.80 -56.39
N VAL C 104 -27.04 34.72 -55.16
CA VAL C 104 -25.99 33.76 -54.83
C VAL C 104 -26.50 32.47 -54.18
N ASN C 105 -27.74 32.44 -53.70
CA ASN C 105 -28.30 31.26 -53.07
C ASN C 105 -29.44 30.69 -53.91
N GLU C 106 -29.68 29.40 -53.76
CA GLU C 106 -30.73 28.72 -54.51
C GLU C 106 -32.07 28.71 -53.79
N LEU C 107 -32.12 29.17 -52.56
CA LEU C 107 -33.36 29.27 -51.80
C LEU C 107 -33.70 30.75 -51.60
N ASP C 108 -34.75 31.01 -50.84
CA ASP C 108 -35.16 32.37 -50.52
C ASP C 108 -34.88 32.77 -49.09
N TYR C 109 -35.17 31.90 -48.12
CA TYR C 109 -34.93 32.23 -46.72
C TYR C 109 -33.44 32.19 -46.39
N GLU C 110 -32.66 31.43 -47.15
CA GLU C 110 -31.24 31.34 -46.87
C GLU C 110 -30.46 32.48 -47.52
N ASN C 111 -31.12 33.28 -48.36
CA ASN C 111 -30.52 34.48 -48.91
C ASN C 111 -30.45 35.56 -47.82
N ASN C 112 -29.63 36.57 -48.08
CA ASN C 112 -29.44 37.65 -47.10
C ASN C 112 -30.32 38.83 -47.50
N LYS C 113 -31.61 38.69 -47.22
CA LYS C 113 -32.60 39.73 -47.49
C LYS C 113 -32.95 40.44 -46.20
N ILE C 114 -33.66 41.56 -46.33
CA ILE C 114 -34.19 42.25 -45.17
C ILE C 114 -35.32 41.41 -44.58
N THR C 115 -35.38 41.36 -43.24
CA THR C 115 -36.32 40.47 -42.57
C THR C 115 -37.76 40.91 -42.76
N SER C 116 -37.99 42.19 -43.02
CA SER C 116 -39.34 42.63 -43.39
C SER C 116 -39.76 42.08 -44.74
N GLU C 117 -38.80 41.87 -45.64
CA GLU C 117 -39.09 41.29 -46.95
C GLU C 117 -39.00 39.78 -46.96
N LEU C 118 -38.31 39.18 -46.00
CA LEU C 118 -38.18 37.74 -45.95
C LEU C 118 -39.27 37.10 -45.11
N PHE C 119 -39.81 37.85 -44.15
CA PHE C 119 -40.96 37.43 -43.36
C PHE C 119 -41.97 38.56 -43.42
N PRO C 120 -43.17 38.33 -43.97
CA PRO C 120 -44.07 39.48 -44.23
C PRO C 120 -44.72 40.04 -42.98
N THR C 121 -45.23 39.22 -42.08
CA THR C 121 -45.84 39.70 -40.87
C THR C 121 -45.03 39.27 -39.66
N ALA C 122 -45.56 39.58 -38.47
CA ALA C 122 -44.81 39.35 -37.24
C ALA C 122 -44.88 37.91 -36.76
N GLU C 123 -46.01 37.24 -36.99
CA GLU C 123 -46.27 35.96 -36.34
C GLU C 123 -45.44 34.83 -36.94
N GLU C 124 -45.10 34.91 -38.22
CA GLU C 124 -44.30 33.87 -38.86
C GLU C 124 -42.82 34.26 -38.90
N TYR C 125 -42.28 34.57 -37.74
CA TYR C 125 -40.88 34.90 -37.59
C TYR C 125 -40.23 33.81 -36.75
N THR C 126 -39.54 32.88 -37.41
CA THR C 126 -38.78 31.85 -36.73
C THR C 126 -37.32 32.26 -36.74
N ASP C 127 -36.78 32.56 -35.56
CA ASP C 127 -35.38 32.95 -35.46
C ASP C 127 -34.43 31.77 -35.57
N LEU C 128 -34.93 30.54 -35.61
CA LEU C 128 -34.12 29.32 -35.56
C LEU C 128 -33.31 29.05 -36.83
N LEU C 129 -33.39 29.92 -37.83
CA LEU C 129 -32.46 29.85 -38.95
C LEU C 129 -31.20 30.68 -38.72
N MET C 130 -31.30 31.76 -37.94
CA MET C 130 -30.19 32.66 -37.72
C MET C 130 -29.70 32.71 -36.29
N ASP C 131 -30.38 32.01 -35.38
CA ASP C 131 -30.12 32.18 -33.95
C ASP C 131 -28.75 31.64 -33.59
N PRO C 132 -27.88 32.44 -32.99
CA PRO C 132 -26.56 31.93 -32.61
C PRO C 132 -26.63 30.94 -31.47
N ALA C 133 -27.64 31.05 -30.60
CA ALA C 133 -27.90 30.16 -29.46
C ALA C 133 -26.74 30.10 -28.48
N ILE C 134 -25.88 31.10 -28.47
CA ILE C 134 -24.88 31.26 -27.43
C ILE C 134 -25.45 32.30 -26.46
N LEU C 135 -25.00 32.24 -25.22
CA LEU C 135 -25.58 33.09 -24.18
C LEU C 135 -24.91 34.46 -24.09
N THR C 136 -24.20 34.88 -25.13
CA THR C 136 -23.70 36.24 -25.25
C THR C 136 -24.53 36.99 -26.28
N SER C 137 -24.18 38.25 -26.49
CA SER C 137 -24.90 39.09 -27.44
C SER C 137 -23.94 39.63 -28.47
N LEU C 138 -24.49 40.35 -29.45
CA LEU C 138 -23.66 41.12 -30.35
C LEU C 138 -23.20 42.41 -29.70
N SER C 139 -24.03 42.99 -28.83
CA SER C 139 -23.66 44.21 -28.14
C SER C 139 -22.52 43.97 -27.16
N SER C 140 -22.41 42.76 -26.62
CA SER C 140 -21.28 42.42 -25.75
C SER C 140 -20.06 41.99 -26.53
N ASN C 141 -20.22 41.53 -27.77
CA ASN C 141 -19.06 41.18 -28.57
C ASN C 141 -18.35 42.43 -29.08
N LEU C 142 -19.12 43.45 -29.45
CA LEU C 142 -18.53 44.68 -29.95
C LEU C 142 -17.81 45.45 -28.85
N ASN C 143 -18.19 45.27 -27.59
CA ASN C 143 -17.39 45.82 -26.51
C ASN C 143 -16.15 45.00 -26.23
N ALA C 144 -16.13 43.74 -26.65
CA ALA C 144 -14.96 42.91 -26.43
C ALA C 144 -13.88 43.15 -27.47
N VAL C 145 -14.25 43.63 -28.65
CA VAL C 145 -13.26 43.99 -29.65
C VAL C 145 -12.79 45.43 -29.47
N MET C 146 -13.72 46.33 -29.12
CA MET C 146 -13.34 47.71 -28.90
C MET C 146 -12.48 47.90 -27.65
N PHE C 147 -12.60 46.99 -26.68
CA PHE C 147 -11.65 46.99 -25.58
C PHE C 147 -10.27 46.61 -26.07
N TRP C 148 -10.20 45.64 -26.98
CA TRP C 148 -8.91 45.22 -27.50
C TRP C 148 -8.32 46.25 -28.43
N LEU C 149 -9.16 46.99 -29.15
CA LEU C 149 -8.67 47.94 -30.13
C LEU C 149 -8.28 49.28 -29.53
N GLU C 150 -8.39 49.44 -28.21
CA GLU C 150 -7.82 50.59 -27.54
C GLU C 150 -6.66 50.25 -26.62
N LYS C 151 -6.55 48.99 -26.19
CA LYS C 151 -5.39 48.59 -25.41
C LYS C 151 -4.15 48.48 -26.29
N HIS C 152 -4.31 47.97 -27.51
CA HIS C 152 -3.20 47.77 -28.43
C HIS C 152 -3.14 48.84 -29.50
N GLU C 153 -3.48 50.08 -29.16
CA GLU C 153 -3.38 51.17 -30.13
C GLU C 153 -1.93 51.59 -30.31
N ASN C 154 -1.24 51.86 -29.21
CA ASN C 154 0.18 52.24 -29.26
C ASN C 154 1.00 50.96 -29.11
N ASP C 155 1.58 50.51 -30.21
CA ASP C 155 2.32 49.26 -30.23
C ASP C 155 3.67 49.44 -30.91
N VAL C 156 4.53 48.45 -30.71
CA VAL C 156 5.83 48.40 -31.36
C VAL C 156 5.65 48.00 -32.81
N ALA C 157 6.74 48.09 -33.60
CA ALA C 157 6.67 47.95 -35.04
C ALA C 157 6.29 46.56 -35.53
N GLU C 158 6.32 45.53 -34.68
CA GLU C 158 5.85 44.20 -35.05
C GLU C 158 4.40 43.96 -34.62
N LYS C 159 4.07 44.26 -33.37
CA LYS C 159 2.72 44.07 -32.87
C LYS C 159 1.73 45.06 -33.45
N LEU C 160 2.20 46.11 -34.11
CA LEU C 160 1.29 47.04 -34.78
C LEU C 160 0.62 46.40 -35.97
N LYS C 161 1.34 45.55 -36.70
CA LYS C 161 0.76 44.92 -37.88
C LYS C 161 -0.26 43.84 -37.53
N ILE C 162 -0.19 43.29 -36.31
CA ILE C 162 -1.31 42.47 -35.84
C ILE C 162 -2.50 43.36 -35.51
N TYR C 163 -2.24 44.52 -34.90
CA TYR C 163 -3.32 45.46 -34.61
C TYR C 163 -3.90 46.08 -35.87
N LYS C 164 -3.06 46.33 -36.87
CA LYS C 164 -3.57 46.98 -38.08
C LYS C 164 -4.43 46.03 -38.90
N ARG C 165 -4.05 44.75 -38.98
CA ARG C 165 -4.84 43.79 -39.72
C ARG C 165 -6.12 43.41 -39.00
N ARG C 166 -6.20 43.62 -37.69
CA ARG C 166 -7.43 43.43 -36.95
C ARG C 166 -8.24 44.72 -36.86
N LEU C 167 -7.87 45.73 -37.63
CA LEU C 167 -8.64 46.97 -37.69
C LEU C 167 -9.30 47.20 -39.04
N ASP C 168 -8.59 46.95 -40.14
CA ASP C 168 -9.24 47.00 -41.44
C ASP C 168 -10.25 45.89 -41.63
N LEU C 169 -10.12 44.79 -40.88
CA LEU C 169 -11.17 43.79 -40.83
C LEU C 169 -12.26 44.14 -39.84
N PHE C 170 -12.06 45.14 -39.00
CA PHE C 170 -13.14 45.60 -38.13
C PHE C 170 -13.96 46.70 -38.77
N THR C 171 -13.38 47.48 -39.67
CA THR C 171 -14.15 48.49 -40.40
C THR C 171 -15.11 47.86 -41.39
N ILE C 172 -14.87 46.61 -41.80
CA ILE C 172 -15.85 45.88 -42.59
C ILE C 172 -17.04 45.50 -41.72
N VAL C 173 -16.78 45.13 -40.47
CA VAL C 173 -17.86 44.72 -39.56
C VAL C 173 -18.60 45.92 -39.01
N ALA C 174 -17.86 46.93 -38.53
CA ALA C 174 -18.49 48.01 -37.81
C ALA C 174 -19.24 48.96 -38.73
N SER C 175 -18.82 49.11 -39.97
CA SER C 175 -19.54 49.99 -40.89
C SER C 175 -20.79 49.33 -41.48
N THR C 176 -20.96 48.03 -41.29
CA THR C 176 -22.18 47.36 -41.70
C THR C 176 -23.18 47.31 -40.55
N VAL C 177 -22.70 47.09 -39.33
CA VAL C 177 -23.58 47.06 -38.17
C VAL C 177 -24.13 48.45 -37.86
N ASN C 178 -23.30 49.49 -38.03
CA ASN C 178 -23.73 50.85 -37.73
C ASN C 178 -24.75 51.38 -38.73
N LYS C 179 -24.79 50.84 -39.95
CA LYS C 179 -25.79 51.27 -40.93
C LYS C 179 -27.20 50.90 -40.48
N TYR C 180 -27.36 49.73 -39.85
CA TYR C 180 -28.66 49.29 -39.38
C TYR C 180 -28.80 49.40 -37.87
N GLY C 181 -27.73 49.64 -37.15
CA GLY C 181 -27.82 49.74 -35.70
C GLY C 181 -27.63 48.40 -35.03
N VAL C 182 -27.04 48.45 -33.84
CA VAL C 182 -26.77 47.21 -33.09
C VAL C 182 -28.08 46.65 -32.56
N PRO C 183 -28.38 45.36 -32.80
CA PRO C 183 -29.65 44.81 -32.33
C PRO C 183 -29.69 44.64 -30.83
N ARG C 184 -30.85 44.93 -30.26
CA ARG C 184 -31.08 44.85 -28.83
C ARG C 184 -31.82 43.56 -28.51
N HIS C 185 -31.17 42.70 -27.73
CA HIS C 185 -31.69 41.39 -27.36
C HIS C 185 -32.59 41.49 -26.14
N ASN C 186 -33.20 40.36 -25.77
CA ASN C 186 -33.97 40.28 -24.55
C ASN C 186 -33.08 39.75 -23.43
N ALA C 187 -33.69 39.34 -22.31
CA ALA C 187 -32.95 38.76 -21.22
C ALA C 187 -32.60 37.30 -21.43
N LYS C 188 -33.18 36.65 -22.44
CA LYS C 188 -32.89 35.25 -22.74
C LYS C 188 -31.88 35.10 -23.86
N TYR C 189 -31.27 36.20 -24.30
CA TYR C 189 -30.29 36.24 -25.40
C TYR C 189 -30.88 35.68 -26.70
N ARG C 190 -32.10 36.13 -26.99
CA ARG C 190 -32.84 35.71 -28.17
C ARG C 190 -33.32 36.96 -28.90
N TYR C 191 -32.96 37.08 -30.17
CA TYR C 191 -33.21 38.31 -30.90
C TYR C 191 -34.64 38.29 -31.43
N GLU C 192 -35.46 39.21 -30.93
CA GLU C 192 -36.89 39.20 -31.19
C GLU C 192 -37.20 39.77 -32.58
N TYR C 193 -38.49 39.88 -32.90
CA TYR C 193 -38.89 40.37 -34.21
C TYR C 193 -38.93 41.89 -34.25
N GLU C 194 -39.35 42.52 -33.15
CA GLU C 194 -39.53 43.97 -33.12
C GLU C 194 -38.23 44.73 -33.26
N VAL C 195 -37.09 44.10 -32.98
CA VAL C 195 -35.80 44.73 -33.22
C VAL C 195 -35.25 44.36 -34.59
N MET C 196 -35.52 43.16 -35.09
CA MET C 196 -35.03 42.75 -36.41
C MET C 196 -35.98 43.12 -37.54
N LYS C 197 -36.80 44.15 -37.35
CA LYS C 197 -37.75 44.54 -38.40
C LYS C 197 -37.04 45.17 -39.59
N ASP C 198 -36.06 46.04 -39.32
CA ASP C 198 -35.35 46.72 -40.39
C ASP C 198 -33.95 46.17 -40.64
N LYS C 199 -33.40 45.43 -39.69
CA LYS C 199 -32.07 44.85 -39.85
C LYS C 199 -32.11 43.72 -40.88
N PRO C 200 -31.02 43.47 -41.59
CA PRO C 200 -30.99 42.31 -42.47
C PRO C 200 -30.90 41.02 -41.67
N TYR C 201 -31.57 40.00 -42.18
CA TYR C 201 -31.50 38.68 -41.58
C TYR C 201 -30.09 38.13 -41.78
N TYR C 202 -29.65 37.29 -40.85
CA TYR C 202 -28.25 36.87 -40.72
C TYR C 202 -27.32 38.07 -40.63
N LEU C 203 -27.63 39.00 -39.72
CA LEU C 203 -26.66 40.01 -39.32
C LEU C 203 -26.02 39.68 -37.99
N VAL C 204 -26.79 39.09 -37.07
CA VAL C 204 -26.21 38.67 -35.80
C VAL C 204 -25.28 37.48 -36.00
N THR C 205 -25.74 36.44 -36.70
CA THR C 205 -24.89 35.28 -36.92
C THR C 205 -23.80 35.54 -37.94
N TRP C 206 -23.86 36.64 -38.69
CA TRP C 206 -22.71 37.00 -39.51
C TRP C 206 -21.68 37.74 -38.70
N ALA C 207 -22.10 38.75 -37.93
CA ALA C 207 -21.16 39.53 -37.14
C ALA C 207 -20.65 38.77 -35.93
N ASN C 208 -21.31 37.69 -35.53
CA ASN C 208 -20.73 36.83 -34.49
C ASN C 208 -19.66 35.93 -35.08
N SER C 209 -19.89 35.39 -36.29
CA SER C 209 -18.89 34.59 -36.96
C SER C 209 -17.76 35.43 -37.54
N SER C 210 -18.00 36.72 -37.76
CA SER C 210 -16.94 37.60 -38.27
C SER C 210 -16.01 38.07 -37.16
N ILE C 211 -16.54 38.30 -35.96
CA ILE C 211 -15.72 38.75 -34.86
C ILE C 211 -14.82 37.62 -34.37
N GLU C 212 -15.31 36.38 -34.46
CA GLU C 212 -14.50 35.21 -34.17
C GLU C 212 -13.33 35.07 -35.14
N MET C 213 -13.49 35.54 -36.36
CA MET C 213 -12.41 35.44 -37.34
C MET C 213 -11.35 36.51 -37.13
N LEU C 214 -11.76 37.77 -36.96
CA LEU C 214 -10.79 38.85 -36.84
C LEU C 214 -10.12 38.92 -35.47
N MET C 215 -10.44 38.02 -34.55
CA MET C 215 -9.61 37.79 -33.39
C MET C 215 -8.75 36.55 -33.56
N SER C 216 -8.45 36.19 -34.79
CA SER C 216 -7.51 35.12 -35.08
C SER C 216 -6.56 35.48 -36.22
N VAL C 217 -6.57 36.73 -36.67
CA VAL C 217 -5.75 37.17 -37.79
C VAL C 217 -4.40 37.61 -37.23
N PHE C 218 -3.41 36.74 -37.35
CA PHE C 218 -2.08 37.02 -36.85
C PHE C 218 -1.10 37.42 -37.95
N SER C 219 -1.02 36.65 -39.01
CA SER C 219 -0.06 36.89 -40.08
C SER C 219 -0.77 37.34 -41.34
N HIS C 220 0.03 37.72 -42.33
CA HIS C 220 -0.52 38.17 -43.61
C HIS C 220 -1.12 37.01 -44.40
N GLU C 221 -0.71 35.78 -44.13
CA GLU C 221 -1.40 34.64 -44.71
C GLU C 221 -2.78 34.45 -44.10
N ASP C 222 -3.01 34.93 -42.88
CA ASP C 222 -4.33 34.88 -42.28
C ASP C 222 -5.22 36.01 -42.77
N TYR C 223 -4.63 37.16 -43.12
CA TYR C 223 -5.43 38.32 -43.47
C TYR C 223 -6.09 38.17 -44.82
N LEU C 224 -5.43 37.52 -45.78
CA LEU C 224 -6.04 37.34 -47.10
C LEU C 224 -7.19 36.35 -47.05
N ILE C 225 -7.20 35.44 -46.07
CA ILE C 225 -8.34 34.54 -45.93
C ILE C 225 -9.49 35.24 -45.23
N ALA C 226 -9.19 35.98 -44.16
CA ALA C 226 -10.24 36.65 -43.42
C ALA C 226 -10.80 37.86 -44.15
N ARG C 227 -10.10 38.37 -45.16
CA ARG C 227 -10.69 39.42 -45.96
C ARG C 227 -11.64 38.87 -47.01
N GLU C 228 -11.41 37.66 -47.49
CA GLU C 228 -12.25 37.07 -48.53
C GLU C 228 -13.28 36.12 -47.98
N LEU C 229 -13.38 35.98 -46.67
CA LEU C 229 -14.47 35.24 -46.06
C LEU C 229 -15.44 36.11 -45.29
N ILE C 230 -14.97 37.24 -44.76
CA ILE C 230 -15.88 38.15 -44.07
C ILE C 230 -16.80 38.86 -45.07
N VAL C 231 -16.24 39.25 -46.22
CA VAL C 231 -17.03 39.91 -47.24
C VAL C 231 -17.99 38.93 -47.90
N LEU C 232 -17.57 37.69 -48.08
CA LEU C 232 -18.41 36.74 -48.81
C LEU C 232 -19.49 36.11 -47.94
N SER C 233 -19.21 35.86 -46.65
CA SER C 233 -20.21 35.25 -45.78
C SER C 233 -21.38 36.16 -45.46
N TYR C 234 -21.33 37.43 -45.87
CA TYR C 234 -22.50 38.28 -45.87
C TYR C 234 -23.44 37.97 -47.03
N SER C 235 -22.95 37.33 -48.08
CA SER C 235 -23.74 37.10 -49.29
C SER C 235 -24.29 35.68 -49.37
N ASN C 236 -23.42 34.67 -49.42
CA ASN C 236 -23.86 33.29 -49.60
C ASN C 236 -23.61 32.51 -48.32
N ARG C 237 -24.69 32.18 -47.62
CA ARG C 237 -24.59 31.40 -46.39
C ARG C 237 -24.53 29.90 -46.65
N SER C 238 -24.85 29.46 -47.87
CA SER C 238 -24.94 28.04 -48.18
C SER C 238 -23.67 27.47 -48.81
N THR C 239 -23.29 27.96 -49.98
CA THR C 239 -22.23 27.31 -50.74
C THR C 239 -20.83 27.60 -50.24
N LEU C 240 -20.64 28.60 -49.39
CA LEU C 240 -19.29 29.10 -49.11
C LEU C 240 -18.49 28.13 -48.26
N ALA C 241 -19.13 27.46 -47.30
CA ALA C 241 -18.39 26.60 -46.39
C ALA C 241 -17.92 25.33 -47.06
N LYS C 242 -18.52 24.93 -48.18
CA LYS C 242 -18.13 23.71 -48.86
C LYS C 242 -17.24 23.93 -50.06
N LEU C 243 -17.24 25.13 -50.63
CA LEU C 243 -16.38 25.39 -51.78
C LEU C 243 -14.93 25.55 -51.34
N VAL C 244 -14.69 26.19 -50.19
CA VAL C 244 -13.33 26.37 -49.71
C VAL C 244 -12.81 25.06 -49.12
N SER C 245 -13.66 24.33 -48.42
CA SER C 245 -13.31 23.05 -47.79
C SER C 245 -13.33 21.88 -48.74
N SER C 246 -13.49 22.11 -50.04
CA SER C 246 -13.55 21.01 -51.01
C SER C 246 -12.19 20.39 -51.37
N PRO C 247 -11.15 21.11 -51.79
CA PRO C 247 -9.97 20.42 -52.33
C PRO C 247 -9.09 19.76 -51.28
N MET C 248 -9.36 19.94 -49.99
CA MET C 248 -8.57 19.31 -48.95
C MET C 248 -8.75 17.79 -48.93
N SER C 249 -9.84 17.28 -49.47
CA SER C 249 -9.95 15.85 -49.70
C SER C 249 -9.07 15.39 -50.85
N ILE C 250 -8.75 16.28 -51.77
CA ILE C 250 -7.89 15.94 -52.90
C ILE C 250 -6.44 16.27 -52.61
N LEU C 251 -6.17 17.41 -51.98
CA LEU C 251 -4.82 17.90 -51.71
C LEU C 251 -4.03 17.04 -50.74
N VAL C 252 -4.69 16.10 -50.05
CA VAL C 252 -3.99 15.21 -49.12
C VAL C 252 -3.25 14.11 -49.85
N ALA C 253 -3.46 13.96 -51.16
CA ALA C 253 -2.90 12.88 -51.94
C ALA C 253 -1.71 13.32 -52.78
N LEU C 254 -1.25 14.55 -52.64
CA LEU C 254 -0.18 15.06 -53.49
C LEU C 254 1.18 15.09 -52.81
N VAL C 255 1.23 15.07 -51.49
CA VAL C 255 2.48 15.27 -50.76
C VAL C 255 3.22 13.95 -50.61
N ASP C 256 4.55 14.01 -50.65
CA ASP C 256 5.35 12.81 -50.56
C ASP C 256 5.51 12.40 -49.10
N ILE C 257 6.00 11.19 -48.88
CA ILE C 257 6.27 10.68 -47.54
C ILE C 257 7.78 10.58 -47.37
N ASN C 258 8.34 11.33 -46.42
CA ASN C 258 9.75 11.23 -46.09
C ASN C 258 10.00 10.34 -44.88
N GLY C 259 9.43 10.69 -43.74
CA GLY C 259 9.53 9.86 -42.57
C GLY C 259 8.23 9.91 -41.83
N THR C 260 7.61 8.77 -41.61
CA THR C 260 6.24 8.77 -41.11
C THR C 260 6.13 7.95 -39.84
N PHE C 261 5.08 8.24 -39.09
CA PHE C 261 4.74 7.39 -37.96
C PHE C 261 4.03 6.13 -38.45
N ILE C 262 3.84 5.20 -37.52
CA ILE C 262 3.22 3.91 -37.83
C ILE C 262 2.74 3.35 -36.50
N THR C 263 1.68 2.55 -36.53
CA THR C 263 1.27 1.80 -35.35
C THR C 263 1.23 0.32 -35.70
N ASN C 264 1.87 -0.51 -34.88
CA ASN C 264 1.89 -1.94 -35.15
C ASN C 264 0.57 -2.58 -34.70
N GLU C 265 0.51 -3.92 -34.82
CA GLU C 265 -0.77 -4.62 -34.82
C GLU C 265 -1.45 -4.57 -33.46
N GLU C 266 -0.74 -4.92 -32.39
CA GLU C 266 -1.20 -4.54 -31.07
C GLU C 266 -0.85 -3.07 -30.88
N LEU C 267 -1.86 -2.24 -30.62
CA LEU C 267 -1.81 -0.83 -30.96
C LEU C 267 -0.81 -0.07 -30.11
N GLU C 268 0.33 0.23 -30.70
CA GLU C 268 1.47 0.86 -30.06
C GLU C 268 2.22 1.58 -31.16
N LEU C 269 3.00 2.59 -30.81
CA LEU C 269 3.50 3.52 -31.81
C LEU C 269 4.95 3.20 -32.10
N GLU C 270 5.27 3.06 -33.37
CA GLU C 270 6.65 3.03 -33.85
C GLU C 270 6.87 4.18 -34.83
N PHE C 271 8.10 4.35 -35.23
CA PHE C 271 8.47 5.36 -36.20
C PHE C 271 9.12 4.66 -37.39
N SER C 272 8.73 5.08 -38.59
CA SER C 272 9.24 4.48 -39.81
C SER C 272 9.92 5.57 -40.63
N ASN C 273 10.79 5.15 -41.55
CA ASN C 273 11.61 6.08 -42.31
C ASN C 273 11.37 5.99 -43.80
N LYS C 274 10.34 5.29 -44.25
CA LYS C 274 10.21 4.92 -45.65
C LYS C 274 9.91 6.11 -46.54
N TYR C 275 10.41 6.07 -47.75
CA TYR C 275 10.19 7.11 -48.74
C TYR C 275 9.24 6.57 -49.80
N VAL C 276 8.03 7.14 -49.87
CA VAL C 276 7.00 6.74 -50.81
C VAL C 276 6.65 7.94 -51.67
N ARG C 277 6.70 7.77 -52.98
CA ARG C 277 6.29 8.84 -53.87
C ARG C 277 4.78 9.02 -53.82
N ALA C 278 4.32 10.19 -54.25
CA ALA C 278 2.91 10.46 -54.39
C ALA C 278 2.57 10.40 -55.86
N ILE C 279 1.67 9.49 -56.22
CA ILE C 279 1.37 9.18 -57.61
C ILE C 279 -0.08 9.56 -57.86
N VAL C 280 -0.28 10.65 -58.57
CA VAL C 280 -1.64 11.09 -58.92
C VAL C 280 -1.75 11.18 -60.44
N PRO C 281 -2.86 10.76 -61.02
CA PRO C 281 -3.00 10.80 -62.47
C PRO C 281 -3.32 12.21 -62.94
N ASP C 282 -3.57 12.33 -64.25
CA ASP C 282 -3.94 13.63 -64.79
C ASP C 282 -5.40 13.96 -64.54
N GLN C 283 -6.22 12.97 -64.19
CA GLN C 283 -7.62 13.23 -63.87
C GLN C 283 -7.82 13.71 -62.43
N THR C 284 -6.75 13.80 -61.64
CA THR C 284 -6.83 14.50 -60.37
C THR C 284 -6.55 15.99 -60.55
N PHE C 285 -5.57 16.33 -61.39
CA PHE C 285 -5.31 17.72 -61.71
C PHE C 285 -6.33 18.31 -62.69
N ASP C 286 -7.23 17.50 -63.25
CA ASP C 286 -8.40 18.04 -63.93
C ASP C 286 -9.62 18.09 -63.03
N GLU C 287 -9.63 17.32 -61.94
CA GLU C 287 -10.65 17.43 -60.92
C GLU C 287 -10.29 18.48 -59.88
N LEU C 288 -9.03 18.89 -59.81
CA LEU C 288 -8.62 19.97 -58.94
C LEU C 288 -8.76 21.34 -59.60
N LYS C 289 -8.64 21.40 -60.93
CA LYS C 289 -8.90 22.65 -61.61
C LYS C 289 -10.38 22.99 -61.63
N GLN C 290 -11.24 21.98 -61.67
CA GLN C 290 -12.67 22.23 -61.56
C GLN C 290 -13.11 22.48 -60.13
N MET C 291 -12.28 22.13 -59.15
CA MET C 291 -12.53 22.56 -57.78
C MET C 291 -11.96 23.95 -57.51
N LEU C 292 -11.10 24.46 -58.38
CA LEU C 292 -10.58 25.81 -58.27
C LEU C 292 -11.24 26.78 -59.23
N ASP C 293 -12.13 26.31 -60.10
CA ASP C 293 -12.99 27.21 -60.85
C ASP C 293 -14.34 27.40 -60.19
N ASN C 294 -14.77 26.45 -59.35
CA ASN C 294 -15.95 26.68 -58.54
C ASN C 294 -15.69 27.65 -57.40
N MET C 295 -14.43 27.84 -57.02
CA MET C 295 -14.07 28.86 -56.05
C MET C 295 -13.81 30.21 -56.69
N ARG C 296 -13.71 30.29 -58.01
CA ARG C 296 -13.57 31.59 -58.65
C ARG C 296 -14.90 32.18 -59.09
N LYS C 297 -15.89 31.35 -59.38
CA LYS C 297 -17.23 31.86 -59.67
C LYS C 297 -17.93 32.35 -58.42
N ALA C 298 -17.53 31.88 -57.25
CA ALA C 298 -18.11 32.30 -55.99
C ALA C 298 -17.59 33.64 -55.51
N GLY C 299 -16.62 34.24 -56.21
CA GLY C 299 -16.16 35.57 -55.92
C GLY C 299 -14.78 35.65 -55.30
N LEU C 300 -14.41 34.65 -54.50
CA LEU C 300 -13.13 34.72 -53.79
C LEU C 300 -11.97 34.46 -54.73
N THR C 301 -10.94 35.30 -54.65
CA THR C 301 -9.81 35.21 -55.55
C THR C 301 -8.45 35.18 -54.87
N ASP C 302 -8.39 35.39 -53.57
CA ASP C 302 -7.11 35.34 -52.87
C ASP C 302 -6.81 33.96 -52.30
N ILE C 303 -7.80 33.08 -52.23
CA ILE C 303 -7.58 31.70 -51.81
C ILE C 303 -7.03 30.81 -52.94
N PRO C 304 -7.60 30.75 -54.15
CA PRO C 304 -6.98 29.87 -55.16
C PRO C 304 -5.65 30.37 -55.69
N LYS C 305 -5.28 31.62 -55.45
CA LYS C 305 -3.92 32.03 -55.72
C LYS C 305 -2.97 31.43 -54.70
N MET C 306 -3.45 31.17 -53.47
CA MET C 306 -2.62 30.50 -52.47
C MET C 306 -2.44 29.03 -52.82
N ILE C 307 -3.49 28.39 -53.35
CA ILE C 307 -3.42 26.97 -53.66
C ILE C 307 -2.57 26.73 -54.90
N GLN C 308 -2.77 27.54 -55.94
CA GLN C 308 -1.99 27.39 -57.16
C GLN C 308 -0.54 27.80 -57.00
N ASP C 309 -0.20 28.58 -55.96
CA ASP C 309 1.19 28.80 -55.63
C ASP C 309 1.76 27.69 -54.77
N TRP C 310 0.93 26.77 -54.31
CA TRP C 310 1.38 25.59 -53.58
C TRP C 310 1.45 24.35 -54.45
N LEU C 311 0.66 24.29 -55.52
CA LEU C 311 0.66 23.13 -56.40
C LEU C 311 1.95 22.98 -57.18
N VAL C 312 2.72 24.05 -57.36
CA VAL C 312 4.02 23.93 -57.99
C VAL C 312 5.08 23.40 -57.04
N ASP C 313 4.81 23.40 -55.73
CA ASP C 313 5.73 22.85 -54.74
C ASP C 313 5.37 21.41 -54.40
N CYS C 314 4.13 21.20 -53.95
CA CYS C 314 3.62 19.93 -53.42
C CYS C 314 4.51 19.40 -52.30
N SER C 315 4.77 20.26 -51.32
CA SER C 315 5.70 19.96 -50.26
C SER C 315 5.04 20.07 -48.90
N ILE C 316 5.50 19.26 -47.95
CA ILE C 316 4.92 19.22 -46.61
C ILE C 316 5.34 20.41 -45.76
N GLU C 317 6.34 21.17 -46.19
CA GLU C 317 6.76 22.33 -45.41
C GLU C 317 5.74 23.46 -45.48
N LYS C 318 5.06 23.61 -46.61
CA LYS C 318 4.04 24.63 -46.78
C LYS C 318 2.62 24.07 -46.66
N PHE C 319 2.47 22.81 -46.32
CA PHE C 319 1.15 22.26 -46.06
C PHE C 319 0.44 22.79 -44.80
N PRO C 320 1.14 23.27 -43.76
CA PRO C 320 0.42 24.06 -42.72
C PRO C 320 -0.31 25.29 -43.24
N LEU C 321 0.04 25.84 -44.39
CA LEU C 321 -0.79 26.88 -44.98
C LEU C 321 -2.06 26.30 -45.58
N MET C 322 -1.97 25.12 -46.20
CA MET C 322 -3.16 24.54 -46.82
C MET C 322 -4.12 23.97 -45.79
N ALA C 323 -3.61 23.51 -44.65
CA ALA C 323 -4.49 23.09 -43.57
C ALA C 323 -5.11 24.28 -42.85
N LYS C 324 -4.51 25.46 -42.98
CA LYS C 324 -5.09 26.66 -42.39
C LYS C 324 -6.28 27.15 -43.20
N ILE C 325 -6.20 27.03 -44.54
CA ILE C 325 -7.27 27.48 -45.41
C ILE C 325 -8.50 26.60 -45.23
N TYR C 326 -8.28 25.29 -45.08
CA TYR C 326 -9.39 24.37 -44.88
C TYR C 326 -10.04 24.58 -43.52
N SER C 327 -9.28 24.99 -42.51
CA SER C 327 -9.86 25.18 -41.19
C SER C 327 -10.57 26.52 -41.04
N TRP C 328 -10.15 27.55 -41.77
CA TRP C 328 -10.87 28.81 -41.71
C TRP C 328 -12.20 28.75 -42.43
N SER C 329 -12.44 27.71 -43.24
CA SER C 329 -13.70 27.60 -43.96
C SER C 329 -14.87 27.27 -43.05
N PHE C 330 -14.64 26.54 -41.97
CA PHE C 330 -15.73 26.11 -41.11
C PHE C 330 -16.10 27.16 -40.07
N HIS C 331 -15.44 28.30 -40.07
CA HIS C 331 -15.74 29.35 -39.12
C HIS C 331 -16.74 30.37 -39.64
N VAL C 332 -17.30 30.15 -40.83
CA VAL C 332 -18.27 31.11 -41.36
C VAL C 332 -19.63 31.00 -40.69
N GLY C 333 -19.85 29.99 -39.87
CA GLY C 333 -21.12 29.79 -39.22
C GLY C 333 -21.83 28.55 -39.74
N PHE C 334 -22.86 28.15 -39.01
CA PHE C 334 -23.59 26.94 -39.35
C PHE C 334 -24.48 27.17 -40.56
N ARG C 335 -24.83 26.08 -41.22
CA ARG C 335 -25.79 26.10 -42.32
C ARG C 335 -27.11 25.55 -41.78
N LYS C 336 -27.87 26.42 -41.12
CA LYS C 336 -29.19 26.06 -40.63
C LYS C 336 -30.23 26.40 -41.69
N GLN C 337 -31.13 25.47 -41.96
CA GLN C 337 -32.23 25.72 -42.87
C GLN C 337 -33.50 25.11 -42.29
N LYS C 338 -34.58 25.21 -43.06
CA LYS C 338 -35.89 24.81 -42.58
C LYS C 338 -35.99 23.30 -42.42
N MET C 339 -36.86 22.88 -41.51
CA MET C 339 -37.03 21.47 -41.23
C MET C 339 -37.66 20.74 -42.41
N LEU C 340 -38.46 21.43 -43.22
CA LEU C 340 -39.07 20.81 -44.37
C LEU C 340 -38.08 20.62 -45.51
N ASP C 341 -37.26 21.62 -45.80
CA ASP C 341 -36.33 21.53 -46.92
C ASP C 341 -35.11 20.68 -46.60
N ALA C 342 -34.85 20.42 -45.32
CA ALA C 342 -33.73 19.54 -44.98
C ALA C 342 -34.12 18.08 -45.08
N ALA C 343 -35.37 17.75 -44.76
CA ALA C 343 -35.83 16.37 -44.89
C ALA C 343 -36.16 16.03 -46.33
N LEU C 344 -36.95 16.87 -47.00
CA LEU C 344 -37.43 16.55 -48.34
C LEU C 344 -36.32 16.60 -49.39
N ASP C 345 -35.18 17.20 -49.09
CA ASP C 345 -34.00 17.04 -49.94
C ASP C 345 -33.14 15.86 -49.53
N GLN C 346 -33.39 15.29 -48.35
CA GLN C 346 -32.69 14.08 -47.90
C GLN C 346 -33.49 12.82 -48.21
N LEU C 347 -34.80 12.86 -47.96
CA LEU C 347 -35.68 11.72 -48.18
C LEU C 347 -36.11 11.57 -49.62
N LYS C 348 -35.51 12.34 -50.54
CA LYS C 348 -35.70 12.16 -51.97
C LYS C 348 -34.55 11.34 -52.50
N THR C 349 -34.86 10.17 -53.07
CA THR C 349 -33.84 9.32 -53.67
C THR C 349 -34.48 8.54 -54.81
N GLU C 350 -33.64 8.15 -55.77
CA GLU C 350 -34.10 7.49 -56.99
C GLU C 350 -33.63 6.05 -56.96
N TYR C 351 -34.56 5.14 -56.72
CA TYR C 351 -34.28 3.71 -56.78
C TYR C 351 -34.48 3.19 -58.20
N THR C 352 -33.89 2.02 -58.46
CA THR C 352 -33.91 1.47 -59.80
C THR C 352 -33.97 -0.05 -59.71
N GLU C 353 -34.92 -0.64 -60.44
CA GLU C 353 -35.10 -2.09 -60.46
C GLU C 353 -34.09 -2.79 -61.35
N ASP C 354 -33.29 -2.06 -62.12
CA ASP C 354 -32.25 -2.62 -62.98
C ASP C 354 -30.90 -2.73 -62.28
N VAL C 355 -30.91 -2.85 -60.96
CA VAL C 355 -29.68 -3.01 -60.19
C VAL C 355 -29.20 -4.45 -60.35
N ASP C 356 -27.90 -4.67 -60.18
CA ASP C 356 -27.31 -6.00 -60.36
C ASP C 356 -27.68 -6.87 -59.17
N ASP C 357 -28.66 -7.76 -59.37
CA ASP C 357 -29.12 -8.64 -58.30
C ASP C 357 -28.14 -9.75 -57.98
N GLU C 358 -27.17 -10.01 -58.87
CA GLU C 358 -26.14 -10.99 -58.58
C GLU C 358 -25.17 -10.51 -57.51
N MET C 359 -25.09 -9.20 -57.30
CA MET C 359 -24.21 -8.61 -56.30
C MET C 359 -24.90 -8.42 -54.96
N TYR C 360 -26.22 -8.40 -54.93
CA TYR C 360 -26.94 -8.22 -53.68
C TYR C 360 -27.06 -9.52 -52.89
N ARG C 361 -27.17 -10.65 -53.56
CA ARG C 361 -27.28 -11.92 -52.84
C ARG C 361 -25.96 -12.34 -52.21
N GLU C 362 -24.86 -11.75 -52.64
CA GLU C 362 -23.60 -11.88 -51.93
C GLU C 362 -23.45 -10.82 -50.85
N TYR C 363 -24.04 -9.64 -51.05
CA TYR C 363 -23.99 -8.60 -50.04
C TYR C 363 -24.93 -8.91 -48.88
N THR C 364 -26.06 -9.56 -49.16
CA THR C 364 -26.95 -10.00 -48.09
C THR C 364 -26.32 -11.10 -47.26
N MET C 365 -25.65 -12.05 -47.92
CA MET C 365 -25.02 -13.17 -47.22
C MET C 365 -23.85 -12.71 -46.36
N LEU C 366 -23.12 -11.69 -46.80
CA LEU C 366 -22.00 -11.21 -45.99
C LEU C 366 -22.46 -10.43 -44.77
N ILE C 367 -23.69 -9.92 -44.76
CA ILE C 367 -24.25 -9.38 -43.52
C ILE C 367 -24.74 -10.52 -42.64
N ARG C 368 -25.26 -11.58 -43.26
CA ARG C 368 -25.74 -12.74 -42.52
C ARG C 368 -24.59 -13.41 -41.78
N ASP C 369 -23.47 -13.63 -42.47
CA ASP C 369 -22.33 -14.30 -41.88
C ASP C 369 -21.54 -13.42 -40.94
N GLU C 370 -21.87 -12.13 -40.82
CA GLU C 370 -21.25 -11.29 -39.82
C GLU C 370 -22.09 -11.14 -38.57
N VAL C 371 -23.42 -11.18 -38.68
CA VAL C 371 -24.26 -11.11 -37.50
C VAL C 371 -24.17 -12.41 -36.70
N VAL C 372 -24.15 -13.55 -37.40
CA VAL C 372 -23.97 -14.84 -36.75
C VAL C 372 -22.58 -14.93 -36.11
N LYS C 373 -21.57 -14.38 -36.78
CA LYS C 373 -20.21 -14.40 -36.26
C LYS C 373 -20.04 -13.54 -35.02
N MET C 374 -20.91 -12.56 -34.79
CA MET C 374 -20.82 -11.71 -33.62
C MET C 374 -21.58 -12.27 -32.43
N LEU C 375 -22.57 -13.14 -32.66
CA LEU C 375 -23.39 -13.67 -31.58
C LEU C 375 -23.40 -15.19 -31.54
N GLU C 376 -22.44 -15.86 -32.17
CA GLU C 376 -22.43 -17.31 -32.04
C GLU C 376 -21.94 -17.74 -30.67
N GLU C 377 -21.09 -16.96 -30.04
CA GLU C 377 -20.60 -17.30 -28.71
C GLU C 377 -21.54 -16.89 -27.56
N PRO C 378 -22.11 -15.68 -27.50
CA PRO C 378 -23.01 -15.39 -26.39
C PRO C 378 -24.43 -15.93 -26.54
N VAL C 379 -24.71 -16.76 -27.55
CA VAL C 379 -26.01 -17.41 -27.68
C VAL C 379 -25.91 -18.91 -27.47
N LYS C 380 -24.83 -19.53 -27.97
CA LYS C 380 -24.60 -20.95 -27.71
C LYS C 380 -24.34 -21.21 -26.23
N HIS C 381 -23.52 -20.39 -25.59
CA HIS C 381 -23.52 -20.27 -24.15
C HIS C 381 -24.55 -19.22 -23.78
N ASP C 382 -25.53 -19.60 -22.96
CA ASP C 382 -26.66 -18.74 -22.64
C ASP C 382 -26.18 -17.62 -21.74
N ASP C 383 -26.00 -16.42 -22.32
CA ASP C 383 -25.33 -15.36 -21.59
C ASP C 383 -26.27 -14.68 -20.61
N HIS C 384 -25.68 -14.06 -19.59
CA HIS C 384 -26.44 -13.46 -18.51
C HIS C 384 -27.09 -12.14 -18.90
N LEU C 385 -26.72 -11.58 -20.04
CA LEU C 385 -27.29 -10.31 -20.46
C LEU C 385 -28.35 -10.47 -21.54
N LEU C 386 -28.26 -11.53 -22.35
CA LEU C 386 -29.33 -11.79 -23.31
C LEU C 386 -30.56 -12.39 -22.64
N GLN C 387 -30.38 -13.09 -21.52
CA GLN C 387 -31.52 -13.64 -20.81
C GLN C 387 -32.30 -12.58 -20.05
N ASP C 388 -31.77 -11.37 -19.93
CA ASP C 388 -32.41 -10.28 -19.20
C ASP C 388 -32.50 -9.04 -20.08
N SER C 389 -32.98 -9.22 -21.31
CA SER C 389 -33.00 -8.12 -22.27
C SER C 389 -34.05 -7.07 -21.92
N GLU C 390 -35.15 -7.49 -21.30
CA GLU C 390 -36.14 -6.52 -20.87
C GLU C 390 -35.62 -5.67 -19.73
N LEU C 391 -34.79 -6.24 -18.87
CA LEU C 391 -34.34 -5.50 -17.70
C LEU C 391 -33.06 -4.73 -17.96
N ALA C 392 -32.07 -5.34 -18.62
CA ALA C 392 -30.82 -4.65 -18.88
C ALA C 392 -30.97 -3.52 -19.88
N GLY C 393 -32.01 -3.56 -20.71
CA GLY C 393 -32.33 -2.42 -21.55
C GLY C 393 -33.08 -1.33 -20.84
N LEU C 394 -33.78 -1.67 -19.76
CA LEU C 394 -34.60 -0.72 -19.02
C LEU C 394 -33.89 -0.13 -17.82
N LEU C 395 -33.05 -0.91 -17.16
CA LEU C 395 -32.35 -0.41 -15.98
C LEU C 395 -31.23 0.54 -16.38
N SER C 396 -30.59 0.29 -17.52
CA SER C 396 -29.64 1.23 -18.10
C SER C 396 -30.31 1.79 -19.35
N MET C 397 -31.14 2.81 -19.15
CA MET C 397 -31.94 3.39 -20.20
C MET C 397 -31.47 4.81 -20.44
N SER C 398 -31.15 5.13 -21.70
CA SER C 398 -30.78 6.48 -22.07
C SER C 398 -31.98 7.39 -21.90
N SER C 399 -31.74 8.55 -21.31
CA SER C 399 -32.79 9.49 -20.94
C SER C 399 -32.69 10.79 -21.73
N ALA C 400 -32.46 10.69 -23.04
CA ALA C 400 -32.27 11.90 -23.83
C ALA C 400 -33.61 12.51 -24.25
N SER C 401 -34.38 11.80 -25.06
CA SER C 401 -35.70 12.25 -25.49
C SER C 401 -36.48 11.12 -26.11
N ASN C 402 -37.78 11.33 -26.21
CA ASN C 402 -38.71 10.47 -26.93
C ASN C 402 -39.27 11.28 -28.09
N GLY C 403 -40.30 10.74 -28.75
CA GLY C 403 -40.82 11.41 -29.92
C GLY C 403 -41.65 12.63 -29.58
N GLU C 404 -42.62 12.47 -28.69
CA GLU C 404 -43.65 13.47 -28.49
C GLU C 404 -43.53 14.11 -27.12
N SER C 405 -44.32 15.16 -26.91
CA SER C 405 -44.47 15.81 -25.63
C SER C 405 -45.70 15.24 -24.94
N ARG C 406 -45.53 14.66 -23.77
CA ARG C 406 -46.62 14.04 -23.04
C ARG C 406 -46.81 14.74 -21.70
N GLN C 407 -48.08 14.93 -21.33
CA GLN C 407 -48.44 15.58 -20.08
C GLN C 407 -48.26 14.58 -18.95
N LEU C 408 -47.07 14.55 -18.37
CA LEU C 408 -46.76 13.61 -17.30
C LEU C 408 -47.20 14.17 -15.96
N LYS C 409 -47.80 13.33 -15.13
CA LYS C 409 -48.31 13.74 -13.83
C LYS C 409 -47.62 12.90 -12.76
N PHE C 410 -46.81 13.55 -11.93
CA PHE C 410 -46.01 12.89 -10.91
C PHE C 410 -46.49 13.35 -9.56
N GLY C 411 -47.51 12.69 -9.02
CA GLY C 411 -48.09 13.10 -7.75
C GLY C 411 -48.87 14.38 -7.87
N ARG C 412 -48.31 15.47 -7.33
CA ARG C 412 -48.94 16.78 -7.40
C ARG C 412 -48.40 17.63 -8.53
N LYS C 413 -47.09 17.70 -8.68
CA LYS C 413 -46.45 18.55 -9.68
C LYS C 413 -46.55 17.87 -11.04
N THR C 414 -47.38 18.40 -11.92
CA THR C 414 -47.44 17.91 -13.29
C THR C 414 -46.43 18.66 -14.15
N ILE C 415 -45.80 17.93 -15.07
CA ILE C 415 -44.71 18.47 -15.88
C ILE C 415 -44.86 18.02 -17.32
N PHE C 416 -44.47 18.91 -18.24
CA PHE C 416 -44.43 18.61 -19.67
C PHE C 416 -43.00 18.22 -20.02
N SER C 417 -42.73 16.92 -20.06
CA SER C 417 -41.38 16.45 -20.36
C SER C 417 -41.42 15.52 -21.56
N THR C 418 -40.24 15.34 -22.17
CA THR C 418 -40.07 14.46 -23.31
C THR C 418 -39.02 13.39 -23.07
N LYS C 419 -38.44 13.34 -21.88
CA LYS C 419 -37.31 12.45 -21.62
C LYS C 419 -37.75 10.99 -21.62
N LYS C 420 -36.83 10.12 -22.02
CA LYS C 420 -37.20 8.75 -22.35
C LYS C 420 -37.46 7.90 -21.12
N ASN C 421 -36.69 8.08 -20.06
CA ASN C 421 -36.95 7.29 -18.85
C ASN C 421 -38.12 7.82 -18.05
N MET C 422 -38.56 9.05 -18.33
CA MET C 422 -39.78 9.55 -17.70
C MET C 422 -41.02 8.99 -18.38
N HIS C 423 -40.93 8.62 -19.65
CA HIS C 423 -42.05 7.96 -20.31
C HIS C 423 -42.23 6.54 -19.81
N VAL C 424 -41.13 5.90 -19.39
CA VAL C 424 -41.21 4.54 -18.87
C VAL C 424 -41.91 4.54 -17.52
N MET C 425 -41.67 5.57 -16.71
CA MET C 425 -42.29 5.66 -15.39
C MET C 425 -43.79 5.92 -15.48
N ASP C 426 -44.24 6.65 -16.49
CA ASP C 426 -45.67 6.88 -16.64
C ASP C 426 -46.38 5.62 -17.11
N ASP C 427 -45.85 4.97 -18.14
CA ASP C 427 -46.54 3.83 -18.72
C ASP C 427 -46.47 2.59 -17.84
N MET C 428 -45.47 2.48 -16.97
CA MET C 428 -45.48 1.43 -15.97
C MET C 428 -46.39 1.73 -14.79
N ALA C 429 -46.88 2.96 -14.68
CA ALA C 429 -47.83 3.30 -13.63
C ALA C 429 -49.27 3.14 -14.09
N ASN C 430 -49.58 3.54 -15.31
CA ASN C 430 -50.93 3.44 -15.85
C ASN C 430 -51.20 2.10 -16.52
N GLY C 431 -50.23 1.18 -16.52
CA GLY C 431 -50.43 -0.13 -17.08
C GLY C 431 -50.43 -0.21 -18.60
N ARG C 432 -50.19 0.90 -19.29
CA ARG C 432 -50.14 0.90 -20.75
C ARG C 432 -48.73 0.71 -21.27
N TYR C 433 -48.08 -0.34 -20.79
CA TYR C 433 -46.70 -0.65 -21.17
C TYR C 433 -46.62 -2.15 -21.40
N THR C 434 -46.36 -2.54 -22.63
CA THR C 434 -46.26 -3.95 -22.97
C THR C 434 -44.80 -4.32 -23.20
N PRO C 435 -44.30 -5.36 -22.53
CA PRO C 435 -42.87 -5.66 -22.64
C PRO C 435 -42.48 -6.34 -23.95
N GLY C 436 -43.33 -7.23 -24.45
CA GLY C 436 -42.98 -8.02 -25.62
C GLY C 436 -43.55 -7.50 -26.93
N ILE C 437 -44.42 -6.49 -26.86
CA ILE C 437 -45.01 -5.90 -28.04
C ILE C 437 -44.29 -4.59 -28.33
N ILE C 438 -43.74 -4.46 -29.53
CA ILE C 438 -43.13 -3.20 -29.96
C ILE C 438 -44.07 -2.56 -30.97
N PRO C 439 -44.26 -1.25 -30.95
CA PRO C 439 -45.30 -0.63 -31.76
C PRO C 439 -44.86 -0.50 -33.20
N PRO C 440 -45.79 -0.60 -34.15
CA PRO C 440 -45.38 -0.56 -35.56
C PRO C 440 -45.26 0.87 -36.06
N VAL C 441 -44.12 1.18 -36.67
CA VAL C 441 -43.91 2.46 -37.33
C VAL C 441 -44.29 2.36 -38.81
N ASN C 442 -45.58 2.51 -39.09
CA ASN C 442 -46.09 2.41 -40.45
C ASN C 442 -46.89 3.69 -40.70
N VAL C 443 -47.74 3.66 -41.73
CA VAL C 443 -48.56 4.81 -42.13
C VAL C 443 -49.42 5.35 -40.98
N ASP C 444 -49.84 4.49 -40.06
CA ASP C 444 -50.32 4.93 -38.76
C ASP C 444 -49.17 4.88 -37.76
N LYS C 445 -49.11 5.89 -36.90
CA LYS C 445 -48.03 6.17 -35.94
C LYS C 445 -46.66 6.22 -36.58
N PRO C 446 -46.33 7.27 -37.34
CA PRO C 446 -45.01 7.35 -37.98
C PRO C 446 -43.90 7.75 -37.01
N ILE C 447 -42.69 7.96 -37.54
CA ILE C 447 -41.52 8.32 -36.76
C ILE C 447 -41.37 9.83 -36.70
N PRO C 448 -41.19 10.44 -35.54
CA PRO C 448 -40.89 11.87 -35.49
C PRO C 448 -39.45 12.14 -35.89
N LEU C 449 -39.13 13.42 -36.06
CA LEU C 449 -37.83 13.81 -36.60
C LEU C 449 -37.10 14.76 -35.66
N GLY C 450 -35.77 14.76 -35.76
CA GLY C 450 -34.94 15.76 -35.14
C GLY C 450 -33.84 16.16 -36.09
N ARG C 451 -33.13 17.23 -35.75
CA ARG C 451 -32.11 17.76 -36.62
C ARG C 451 -30.80 17.94 -35.87
N ARG C 452 -29.70 17.84 -36.61
CA ARG C 452 -28.36 18.08 -36.08
C ARG C 452 -27.62 18.94 -37.09
N ASP C 453 -26.98 20.01 -36.65
CA ASP C 453 -26.38 21.00 -37.52
C ASP C 453 -24.87 20.86 -37.53
N VAL C 454 -24.29 20.83 -38.73
CA VAL C 454 -22.86 20.62 -38.94
C VAL C 454 -22.32 21.95 -39.46
N PRO C 455 -21.11 22.38 -39.05
CA PRO C 455 -20.65 23.73 -39.43
C PRO C 455 -20.40 23.96 -40.91
N GLY C 456 -20.30 22.91 -41.74
CA GLY C 456 -20.09 23.13 -43.15
C GLY C 456 -21.01 22.36 -44.05
N ARG C 457 -21.70 21.38 -43.49
CA ARG C 457 -22.56 20.47 -44.22
C ARG C 457 -23.99 20.97 -44.23
N ARG C 458 -24.75 20.48 -45.22
CA ARG C 458 -26.19 20.70 -45.28
C ARG C 458 -26.85 20.12 -44.03
N THR C 459 -27.85 20.83 -43.51
CA THR C 459 -28.58 20.42 -42.32
C THR C 459 -29.25 19.08 -42.52
N ARG C 460 -28.91 18.13 -41.67
CA ARG C 460 -29.41 16.77 -41.77
C ARG C 460 -30.53 16.53 -40.77
N ILE C 461 -31.33 15.50 -41.04
CA ILE C 461 -32.37 15.10 -40.15
C ILE C 461 -31.93 13.88 -39.37
N ILE C 462 -32.67 13.53 -38.32
CA ILE C 462 -32.34 12.40 -37.48
C ILE C 462 -33.65 11.85 -36.92
N PHE C 463 -33.64 10.59 -36.52
CA PHE C 463 -34.86 9.87 -36.20
C PHE C 463 -34.95 9.61 -34.71
N ILE C 464 -36.11 9.90 -34.12
CA ILE C 464 -36.32 9.65 -32.71
C ILE C 464 -37.33 8.53 -32.55
N LEU C 465 -36.85 7.30 -32.42
CA LEU C 465 -37.72 6.15 -32.27
C LEU C 465 -38.32 6.10 -30.88
N PRO C 466 -39.44 5.40 -30.69
CA PRO C 466 -40.00 5.23 -29.34
C PRO C 466 -39.08 4.44 -28.42
N TYR C 467 -39.43 4.46 -27.14
CA TYR C 467 -38.60 3.82 -26.13
C TYR C 467 -38.67 2.31 -26.21
N GLU C 468 -39.72 1.76 -26.80
CA GLU C 468 -39.81 0.31 -26.95
C GLU C 468 -38.92 -0.23 -28.05
N TYR C 469 -38.34 0.64 -28.88
CA TYR C 469 -37.29 0.26 -29.82
C TYR C 469 -35.90 0.39 -29.22
N PHE C 470 -35.80 0.68 -27.93
CA PHE C 470 -34.54 0.66 -27.21
C PHE C 470 -34.40 -0.57 -26.33
N ILE C 471 -35.49 -1.01 -25.71
CA ILE C 471 -35.43 -2.20 -24.87
C ILE C 471 -35.30 -3.45 -25.74
N ALA C 472 -35.84 -3.40 -26.95
CA ALA C 472 -35.71 -4.55 -27.85
C ALA C 472 -34.30 -4.66 -28.41
N GLN C 473 -33.59 -3.55 -28.53
CA GLN C 473 -32.30 -3.50 -29.22
C GLN C 473 -31.12 -3.25 -28.29
N HIS C 474 -31.32 -3.24 -26.97
CA HIS C 474 -30.17 -2.90 -26.14
C HIS C 474 -29.28 -4.11 -25.91
N ALA C 475 -29.87 -5.25 -25.59
CA ALA C 475 -29.08 -6.40 -25.17
C ALA C 475 -28.35 -7.06 -26.33
N VAL C 476 -28.96 -7.07 -27.51
CA VAL C 476 -28.29 -7.69 -28.66
C VAL C 476 -27.16 -6.80 -29.15
N VAL C 477 -27.37 -5.50 -29.21
CA VAL C 477 -26.35 -4.60 -29.72
C VAL C 477 -25.25 -4.33 -28.70
N GLU C 478 -25.52 -4.52 -27.41
CA GLU C 478 -24.41 -4.51 -26.46
C GLU C 478 -23.53 -5.75 -26.60
N LYS C 479 -24.03 -6.82 -27.19
CA LYS C 479 -23.18 -7.96 -27.54
C LYS C 479 -22.49 -7.80 -28.88
N MET C 480 -22.92 -6.85 -29.72
CA MET C 480 -22.21 -6.60 -30.96
C MET C 480 -21.14 -5.53 -30.82
N LEU C 481 -21.19 -4.68 -29.80
CA LEU C 481 -20.10 -3.77 -29.54
C LEU C 481 -18.92 -4.44 -28.85
N ILE C 482 -19.13 -5.62 -28.26
CA ILE C 482 -18.01 -6.35 -27.68
C ILE C 482 -17.17 -7.00 -28.77
N TYR C 483 -17.82 -7.52 -29.83
CA TYR C 483 -17.05 -8.04 -30.95
C TYR C 483 -16.43 -6.95 -31.79
N ALA C 484 -16.97 -5.73 -31.77
CA ALA C 484 -16.34 -4.64 -32.50
C ALA C 484 -15.11 -4.10 -31.80
N LYS C 485 -14.83 -4.54 -30.57
CA LYS C 485 -13.61 -4.16 -29.87
C LYS C 485 -12.57 -5.25 -29.87
N HIS C 486 -12.80 -6.34 -30.61
CA HIS C 486 -11.83 -7.42 -30.70
C HIS C 486 -11.62 -7.83 -32.15
N THR C 487 -11.97 -6.97 -33.09
CA THR C 487 -11.76 -7.22 -34.51
C THR C 487 -10.94 -6.08 -35.08
N ARG C 488 -9.98 -6.42 -35.93
CA ARG C 488 -9.09 -5.40 -36.49
C ARG C 488 -9.75 -4.55 -37.56
N GLU C 489 -10.96 -4.90 -38.00
CA GLU C 489 -11.61 -4.15 -39.07
C GLU C 489 -12.47 -3.00 -38.55
N TYR C 490 -13.30 -3.24 -37.55
CA TYR C 490 -14.22 -2.20 -37.10
C TYR C 490 -13.49 -1.15 -36.28
N ALA C 491 -13.89 0.10 -36.44
CA ALA C 491 -13.17 1.22 -35.86
C ALA C 491 -13.62 1.53 -34.43
N GLU C 492 -14.30 0.62 -33.76
CA GLU C 492 -14.38 0.67 -32.31
C GLU C 492 -13.13 0.09 -31.66
N PHE C 493 -12.29 -0.58 -32.44
CA PHE C 493 -11.04 -1.12 -31.93
C PHE C 493 -9.98 -0.03 -31.79
N TYR C 494 -9.72 0.71 -32.87
CA TYR C 494 -8.78 1.83 -32.82
C TYR C 494 -9.51 3.08 -32.32
N SER C 495 -9.82 3.08 -31.03
CA SER C 495 -10.44 4.24 -30.39
C SER C 495 -9.79 4.40 -29.02
N GLN C 496 -8.75 5.20 -28.97
CA GLN C 496 -8.00 5.45 -27.75
C GLN C 496 -8.03 6.94 -27.45
N SER C 497 -7.27 7.35 -26.44
CA SER C 497 -7.21 8.76 -26.07
C SER C 497 -6.35 9.54 -27.04
N ASN C 498 -5.13 9.07 -27.29
CA ASN C 498 -4.26 9.71 -28.26
C ASN C 498 -4.77 9.47 -29.67
N GLN C 499 -4.40 10.36 -30.59
CA GLN C 499 -4.82 10.25 -31.97
C GLN C 499 -3.76 9.67 -32.89
N LEU C 500 -2.49 9.69 -32.47
CA LEU C 500 -1.45 9.06 -33.26
C LEU C 500 -1.57 7.53 -33.21
N LEU C 501 -2.06 7.00 -32.09
CA LEU C 501 -2.16 5.55 -31.94
C LEU C 501 -3.34 4.99 -32.72
N SER C 502 -4.47 5.69 -32.69
CA SER C 502 -5.70 5.12 -33.25
C SER C 502 -5.74 5.28 -34.77
N TYR C 503 -5.45 6.46 -35.29
CA TYR C 503 -5.48 6.68 -36.73
C TYR C 503 -4.09 6.57 -37.36
N GLY C 504 -3.21 5.78 -36.75
CA GLY C 504 -1.88 5.56 -37.28
C GLY C 504 -1.65 4.20 -37.88
N ASP C 505 -2.70 3.38 -38.05
CA ASP C 505 -2.59 2.16 -38.81
C ASP C 505 -2.84 2.38 -40.28
N VAL C 506 -3.16 3.62 -40.67
CA VAL C 506 -3.23 3.99 -42.08
C VAL C 506 -1.87 3.83 -42.73
N THR C 507 -0.83 4.31 -42.05
CA THR C 507 0.51 4.35 -42.60
C THR C 507 1.33 3.13 -42.19
N ARG C 508 0.69 1.97 -42.07
CA ARG C 508 1.46 0.77 -41.81
C ARG C 508 1.86 0.06 -43.08
N PHE C 509 0.94 -0.05 -44.04
CA PHE C 509 1.17 -0.79 -45.26
C PHE C 509 1.40 0.12 -46.46
N LEU C 510 1.59 1.41 -46.24
CA LEU C 510 1.84 2.34 -47.34
C LEU C 510 3.27 2.18 -47.83
N SER C 511 3.42 1.74 -49.06
CA SER C 511 4.73 1.62 -49.69
C SER C 511 4.57 2.02 -51.15
N ASN C 512 5.58 1.71 -51.96
CA ASN C 512 5.54 2.05 -53.36
C ASN C 512 4.95 0.94 -54.22
N ASN C 513 4.61 -0.20 -53.63
CA ASN C 513 3.87 -1.24 -54.33
C ASN C 513 2.45 -1.36 -53.82
N SER C 514 1.97 -0.36 -53.09
CA SER C 514 0.69 -0.43 -52.40
C SER C 514 -0.16 0.78 -52.77
N MET C 515 -1.46 0.61 -52.65
CA MET C 515 -2.44 1.61 -53.06
C MET C 515 -3.53 1.69 -52.01
N VAL C 516 -3.69 2.84 -51.40
CA VAL C 516 -4.73 3.01 -50.39
C VAL C 516 -5.97 3.53 -51.10
N LEU C 517 -7.14 3.28 -50.53
CA LEU C 517 -8.40 3.50 -51.21
C LEU C 517 -9.43 3.99 -50.20
N TYR C 518 -9.75 5.27 -50.22
CA TYR C 518 -10.70 5.85 -49.27
C TYR C 518 -11.90 6.38 -50.05
N THR C 519 -13.08 5.88 -49.71
CA THR C 519 -14.32 6.23 -50.40
C THR C 519 -15.35 6.74 -49.40
N ASP C 520 -16.07 7.78 -49.77
CA ASP C 520 -17.16 8.30 -48.97
C ASP C 520 -18.42 8.28 -49.82
N VAL C 521 -19.39 7.46 -49.43
CA VAL C 521 -20.70 7.43 -50.06
C VAL C 521 -21.37 8.78 -49.84
N SER C 522 -22.10 9.27 -50.87
CA SER C 522 -22.70 10.60 -50.83
C SER C 522 -23.74 10.72 -49.72
N GLN C 523 -24.51 9.66 -49.49
CA GLN C 523 -25.37 9.60 -48.32
C GLN C 523 -25.54 8.14 -47.91
N TRP C 524 -25.16 7.82 -46.67
CA TRP C 524 -25.23 6.44 -46.24
C TRP C 524 -26.66 6.06 -45.88
N ASP C 525 -27.40 6.94 -45.24
CA ASP C 525 -28.84 6.79 -45.18
C ASP C 525 -29.41 7.03 -46.57
N SER C 526 -30.56 6.39 -46.83
CA SER C 526 -31.33 6.54 -48.06
C SER C 526 -30.54 6.10 -49.30
N SER C 527 -29.72 5.08 -49.17
CA SER C 527 -29.11 4.45 -50.34
C SER C 527 -29.96 3.26 -50.75
N GLN C 528 -29.78 2.84 -52.01
CA GLN C 528 -30.56 1.73 -52.53
C GLN C 528 -30.18 0.42 -51.87
N HIS C 529 -28.90 0.23 -51.58
CA HIS C 529 -28.39 -0.99 -50.97
C HIS C 529 -28.67 -1.07 -49.47
N ASN C 530 -29.50 -0.20 -48.92
CA ASN C 530 -29.73 -0.18 -47.49
C ASN C 530 -31.19 -0.41 -47.11
N THR C 531 -32.11 -0.43 -48.08
CA THR C 531 -33.52 -0.59 -47.71
C THR C 531 -33.88 -2.05 -47.50
N GLN C 532 -33.91 -2.82 -48.58
CA GLN C 532 -34.21 -4.25 -48.51
C GLN C 532 -33.00 -5.15 -48.21
N PRO C 533 -31.85 -5.06 -48.89
CA PRO C 533 -30.82 -6.07 -48.65
C PRO C 533 -30.05 -5.91 -47.36
N PHE C 534 -30.32 -4.88 -46.58
CA PHE C 534 -29.64 -4.73 -45.29
C PHE C 534 -30.48 -5.28 -44.15
N ARG C 535 -31.80 -5.08 -44.21
CA ARG C 535 -32.66 -5.66 -43.17
C ARG C 535 -32.73 -7.16 -43.33
N LYS C 536 -33.00 -7.65 -44.55
CA LYS C 536 -33.15 -9.07 -44.79
C LYS C 536 -31.84 -9.85 -44.69
N GLY C 537 -30.69 -9.17 -44.61
CA GLY C 537 -29.48 -9.86 -44.24
C GLY C 537 -29.36 -10.07 -42.75
N ILE C 538 -30.00 -9.21 -41.95
CA ILE C 538 -29.94 -9.33 -40.50
C ILE C 538 -31.03 -10.26 -39.98
N ILE C 539 -32.21 -10.22 -40.60
CA ILE C 539 -33.31 -11.12 -40.24
C ILE C 539 -32.94 -12.56 -40.54
N MET C 540 -32.17 -12.79 -41.61
CA MET C 540 -31.66 -14.13 -41.86
C MET C 540 -30.61 -14.53 -40.85
N GLY C 541 -29.86 -13.57 -40.30
CA GLY C 541 -28.87 -13.88 -39.30
C GLY C 541 -29.44 -14.23 -37.95
N LEU C 542 -30.70 -13.86 -37.70
CA LEU C 542 -31.38 -14.22 -36.47
C LEU C 542 -32.25 -15.45 -36.63
N ASP C 543 -32.34 -15.99 -37.85
CA ASP C 543 -32.94 -17.30 -38.03
C ASP C 543 -31.93 -18.40 -37.75
N MET C 544 -30.69 -18.23 -38.21
CA MET C 544 -29.63 -19.18 -37.89
C MET C 544 -29.18 -19.06 -36.45
N LEU C 545 -29.48 -17.96 -35.77
CA LEU C 545 -29.19 -17.80 -34.36
C LEU C 545 -30.32 -18.24 -33.46
N ALA C 546 -31.52 -18.42 -34.00
CA ALA C 546 -32.60 -18.99 -33.21
C ALA C 546 -32.47 -20.51 -33.12
N ASN C 547 -31.58 -21.11 -33.89
CA ASN C 547 -31.29 -22.53 -33.79
C ASN C 547 -30.05 -22.83 -32.95
N MET C 548 -29.29 -21.80 -32.58
CA MET C 548 -28.07 -22.04 -31.83
C MET C 548 -28.34 -22.35 -30.37
N THR C 549 -29.38 -21.76 -29.81
CA THR C 549 -29.64 -21.89 -28.39
C THR C 549 -30.82 -22.82 -28.12
N ASN C 550 -31.20 -22.90 -26.85
CA ASN C 550 -32.27 -23.78 -26.43
C ASN C 550 -33.24 -23.14 -25.45
N ASP C 551 -32.96 -21.95 -24.93
CA ASP C 551 -33.81 -21.35 -23.91
C ASP C 551 -35.09 -20.79 -24.53
N ALA C 552 -36.09 -20.63 -23.67
CA ALA C 552 -37.27 -19.87 -24.06
C ALA C 552 -37.07 -18.38 -23.90
N ARG C 553 -35.93 -17.95 -23.36
CA ARG C 553 -35.68 -16.54 -23.10
C ARG C 553 -34.59 -15.94 -23.98
N VAL C 554 -33.64 -16.74 -24.47
CA VAL C 554 -32.69 -16.20 -25.43
C VAL C 554 -33.29 -16.21 -26.83
N ILE C 555 -34.25 -17.10 -27.10
CA ILE C 555 -34.98 -17.01 -28.36
C ILE C 555 -35.93 -15.82 -28.34
N GLN C 556 -36.54 -15.54 -27.19
CA GLN C 556 -37.56 -14.50 -27.13
C GLN C 556 -36.96 -13.11 -27.27
N THR C 557 -35.76 -12.88 -26.73
CA THR C 557 -35.10 -11.61 -27.00
C THR C 557 -34.53 -11.54 -28.40
N LEU C 558 -34.42 -12.66 -29.09
CA LEU C 558 -33.90 -12.70 -30.43
C LEU C 558 -35.03 -12.78 -31.44
N ASN C 559 -36.26 -12.88 -30.95
CA ASN C 559 -37.47 -12.69 -31.74
C ASN C 559 -38.05 -11.30 -31.54
N LEU C 560 -37.47 -10.49 -30.66
CA LEU C 560 -37.78 -9.07 -30.60
C LEU C 560 -36.83 -8.25 -31.44
N TYR C 561 -35.55 -8.61 -31.43
CA TYR C 561 -34.59 -7.93 -32.29
C TYR C 561 -34.81 -8.28 -33.77
N LYS C 562 -35.55 -9.36 -34.04
CA LYS C 562 -36.00 -9.60 -35.40
C LYS C 562 -37.26 -8.82 -35.71
N GLN C 563 -38.11 -8.59 -34.70
CA GLN C 563 -39.36 -7.88 -34.94
C GLN C 563 -39.14 -6.39 -35.16
N THR C 564 -38.06 -5.83 -34.62
CA THR C 564 -37.77 -4.43 -34.93
C THR C 564 -37.19 -4.24 -36.31
N GLN C 565 -36.72 -5.30 -36.96
CA GLN C 565 -36.27 -5.16 -38.35
C GLN C 565 -37.39 -5.43 -39.35
N ILE C 566 -38.37 -6.25 -38.99
CA ILE C 566 -39.54 -6.42 -39.83
C ILE C 566 -40.34 -5.12 -39.87
N ASN C 567 -40.45 -4.44 -38.73
CA ASN C 567 -41.24 -3.22 -38.64
C ASN C 567 -40.56 -2.03 -39.28
N LEU C 568 -39.24 -2.05 -39.46
CA LEU C 568 -38.54 -0.94 -40.09
C LEU C 568 -38.29 -1.15 -41.57
N MET C 569 -38.72 -2.28 -42.15
CA MET C 569 -38.56 -2.46 -43.59
C MET C 569 -39.45 -1.52 -44.37
N ASP C 570 -40.63 -1.20 -43.82
CA ASP C 570 -41.41 -0.06 -44.26
C ASP C 570 -41.54 0.87 -43.06
N SER C 571 -41.30 2.16 -43.29
CA SER C 571 -41.39 3.12 -42.22
C SER C 571 -41.98 4.40 -42.77
N TYR C 572 -42.40 5.27 -41.86
CA TYR C 572 -42.93 6.57 -42.25
C TYR C 572 -42.40 7.60 -41.28
N VAL C 573 -42.08 8.77 -41.79
CA VAL C 573 -41.60 9.87 -40.98
C VAL C 573 -42.69 10.92 -40.88
N GLN C 574 -42.81 11.51 -39.70
CA GLN C 574 -43.86 12.48 -39.42
C GLN C 574 -43.21 13.85 -39.36
N ILE C 575 -43.35 14.62 -40.43
CA ILE C 575 -42.81 15.97 -40.52
C ILE C 575 -43.97 16.92 -40.86
N PRO C 576 -44.23 17.94 -40.05
CA PRO C 576 -45.31 18.87 -40.36
C PRO C 576 -44.81 20.09 -41.13
N ASP C 577 -45.74 20.72 -41.83
CA ASP C 577 -45.48 21.98 -42.52
C ASP C 577 -46.77 22.76 -42.64
N GLY C 578 -46.72 24.04 -42.26
CA GLY C 578 -47.91 24.86 -42.22
C GLY C 578 -48.91 24.37 -41.20
N ASN C 579 -50.00 23.78 -41.68
CA ASN C 579 -50.97 23.13 -40.82
C ASN C 579 -51.17 21.65 -41.16
N VAL C 580 -50.67 21.18 -42.30
CA VAL C 580 -50.79 19.79 -42.69
C VAL C 580 -49.59 19.03 -42.15
N ILE C 581 -49.80 17.74 -41.89
CA ILE C 581 -48.71 16.84 -41.52
C ILE C 581 -48.39 15.97 -42.72
N LYS C 582 -47.13 15.87 -43.07
CA LYS C 582 -46.69 15.14 -44.25
C LYS C 582 -46.04 13.84 -43.81
N LYS C 583 -46.61 12.71 -44.23
CA LYS C 583 -46.07 11.39 -43.92
C LYS C 583 -45.34 10.88 -45.15
N ILE C 584 -44.02 10.75 -45.04
CA ILE C 584 -43.17 10.34 -46.14
C ILE C 584 -42.70 8.92 -45.90
N GLN C 585 -42.86 8.05 -46.90
CA GLN C 585 -42.38 6.68 -46.77
C GLN C 585 -40.87 6.66 -46.86
N TYR C 586 -40.24 5.94 -45.95
CA TYR C 586 -38.77 5.88 -45.89
C TYR C 586 -38.37 4.54 -45.32
N GLY C 587 -38.14 3.57 -46.20
CA GLY C 587 -37.80 2.24 -45.77
C GLY C 587 -36.34 1.98 -45.52
N ALA C 588 -35.50 3.00 -45.67
CA ALA C 588 -34.06 2.83 -45.56
C ALA C 588 -33.60 2.79 -44.11
N VAL C 589 -32.30 2.92 -43.88
CA VAL C 589 -31.75 2.78 -42.54
C VAL C 589 -32.15 4.00 -41.71
N ALA C 590 -32.28 3.79 -40.40
CA ALA C 590 -32.78 4.80 -39.48
C ALA C 590 -31.62 5.28 -38.64
N SER C 591 -31.04 6.42 -39.00
CA SER C 591 -29.97 7.00 -38.21
C SER C 591 -30.58 7.53 -36.92
N GLY C 592 -30.39 6.81 -35.82
CA GLY C 592 -31.02 7.19 -34.58
C GLY C 592 -31.49 6.03 -33.74
N GLU C 593 -31.33 4.81 -34.24
CA GLU C 593 -31.59 3.63 -33.44
C GLU C 593 -30.43 3.39 -32.48
N LYS C 594 -30.53 2.32 -31.70
CA LYS C 594 -29.34 1.78 -31.05
C LYS C 594 -28.42 1.14 -32.07
N GLN C 595 -28.98 0.66 -33.17
CA GLN C 595 -28.30 -0.11 -34.19
C GLN C 595 -27.46 0.73 -35.14
N THR C 596 -27.52 2.06 -35.06
CA THR C 596 -27.08 2.90 -36.17
C THR C 596 -25.57 2.99 -36.33
N LYS C 597 -24.79 2.51 -35.38
CA LYS C 597 -23.34 2.46 -35.56
C LYS C 597 -22.80 1.04 -35.56
N ALA C 598 -23.44 0.12 -34.84
CA ALA C 598 -23.01 -1.27 -34.90
C ALA C 598 -23.43 -1.94 -36.19
N ALA C 599 -24.40 -1.39 -36.90
CA ALA C 599 -24.84 -1.95 -38.18
C ALA C 599 -24.58 -0.99 -39.33
N ASN C 600 -23.84 0.08 -39.10
CA ASN C 600 -23.19 0.80 -40.18
C ASN C 600 -21.73 0.38 -40.33
N SER C 601 -21.21 -0.38 -39.37
CA SER C 601 -19.92 -1.01 -39.54
C SER C 601 -20.03 -2.41 -40.10
N ILE C 602 -21.21 -3.03 -40.02
CA ILE C 602 -21.43 -4.30 -40.70
C ILE C 602 -21.78 -4.07 -42.16
N ALA C 603 -22.76 -3.21 -42.41
CA ALA C 603 -23.29 -2.99 -43.75
C ALA C 603 -22.31 -2.29 -44.67
N ASN C 604 -21.27 -1.67 -44.12
CA ASN C 604 -20.26 -1.02 -44.94
C ASN C 604 -19.01 -1.85 -45.10
N LEU C 605 -18.71 -2.72 -44.14
CA LEU C 605 -17.65 -3.71 -44.34
C LEU C 605 -18.10 -4.79 -45.31
N ALA C 606 -19.32 -5.29 -45.13
CA ALA C 606 -19.86 -6.31 -46.03
C ALA C 606 -20.20 -5.77 -47.41
N LEU C 607 -20.25 -4.45 -47.59
CA LEU C 607 -20.38 -3.89 -48.92
C LEU C 607 -19.02 -3.76 -49.59
N ILE C 608 -18.03 -3.25 -48.86
CA ILE C 608 -16.72 -3.05 -49.46
C ILE C 608 -15.92 -4.34 -49.56
N LYS C 609 -16.35 -5.41 -48.87
CA LYS C 609 -15.77 -6.72 -49.14
C LYS C 609 -16.28 -7.28 -50.45
N THR C 610 -17.37 -6.75 -50.97
CA THR C 610 -17.90 -7.17 -52.26
C THR C 610 -17.37 -6.31 -53.40
N VAL C 611 -17.26 -5.00 -53.21
CA VAL C 611 -16.76 -4.15 -54.29
C VAL C 611 -15.25 -4.28 -54.45
N LEU C 612 -14.56 -4.82 -53.44
CA LEU C 612 -13.15 -5.19 -53.62
C LEU C 612 -12.99 -6.55 -54.27
N SER C 613 -14.07 -7.32 -54.37
CA SER C 613 -14.00 -8.59 -55.05
C SER C 613 -14.20 -8.45 -56.55
N ARG C 614 -14.97 -7.45 -56.97
CA ARG C 614 -15.29 -7.29 -58.38
C ARG C 614 -14.20 -6.57 -59.15
N ILE C 615 -13.37 -5.76 -58.49
CA ILE C 615 -12.25 -5.12 -59.18
C ILE C 615 -11.04 -6.04 -59.29
N SER C 616 -11.11 -7.24 -58.74
CA SER C 616 -10.04 -8.22 -58.89
C SER C 616 -10.22 -9.10 -60.11
N ASN C 617 -11.07 -8.72 -61.06
CA ASN C 617 -11.07 -9.38 -62.36
C ASN C 617 -10.04 -8.78 -63.30
N LYS C 618 -9.56 -7.58 -63.00
CA LYS C 618 -8.63 -6.87 -63.88
C LYS C 618 -7.26 -6.69 -63.24
N TYR C 619 -7.20 -6.27 -62.00
CA TYR C 619 -5.94 -6.11 -61.28
C TYR C 619 -5.91 -7.13 -60.15
N SER C 620 -4.85 -7.93 -60.12
CA SER C 620 -4.69 -8.92 -59.05
C SER C 620 -3.81 -8.34 -57.95
N PHE C 621 -4.39 -8.23 -56.77
CA PHE C 621 -3.74 -7.57 -55.65
C PHE C 621 -3.89 -8.42 -54.40
N ALA C 622 -3.56 -7.86 -53.25
CA ALA C 622 -3.69 -8.59 -51.99
C ALA C 622 -3.98 -7.55 -50.92
N THR C 623 -5.25 -7.45 -50.53
CA THR C 623 -5.66 -6.43 -49.58
C THR C 623 -5.13 -6.73 -48.19
N LYS C 624 -4.87 -5.67 -47.43
CA LYS C 624 -4.13 -5.78 -46.19
C LYS C 624 -4.99 -5.43 -44.97
N ILE C 625 -5.60 -4.26 -44.95
CA ILE C 625 -6.58 -3.94 -43.92
C ILE C 625 -7.80 -3.36 -44.60
N ILE C 626 -8.96 -3.59 -44.00
CA ILE C 626 -10.18 -2.89 -44.35
C ILE C 626 -10.71 -2.33 -43.05
N ARG C 627 -10.38 -1.08 -42.76
CA ARG C 627 -10.92 -0.41 -41.60
C ARG C 627 -12.17 0.32 -42.02
N VAL C 628 -13.23 0.21 -41.23
CA VAL C 628 -14.51 0.82 -41.56
C VAL C 628 -15.08 1.51 -40.33
N ASP C 629 -15.57 2.74 -40.51
CA ASP C 629 -16.14 3.55 -39.44
C ASP C 629 -17.43 4.17 -39.96
N GLY C 630 -18.54 3.44 -39.87
CA GLY C 630 -19.77 3.91 -40.45
C GLY C 630 -19.63 4.02 -41.96
N ASP C 631 -19.78 5.23 -42.49
CA ASP C 631 -19.57 5.44 -43.90
C ASP C 631 -18.08 5.53 -44.23
N ASP C 632 -17.32 6.21 -43.38
CA ASP C 632 -15.94 6.56 -43.68
C ASP C 632 -15.03 5.35 -43.51
N ASN C 633 -14.51 4.83 -44.62
CA ASN C 633 -13.70 3.62 -44.59
C ASN C 633 -12.56 3.74 -45.58
N TYR C 634 -11.47 3.06 -45.28
CA TYR C 634 -10.38 2.88 -46.24
C TYR C 634 -10.01 1.41 -46.31
N ALA C 635 -9.29 1.04 -47.36
CA ALA C 635 -8.92 -0.36 -47.56
C ALA C 635 -7.64 -0.40 -48.38
N VAL C 636 -6.53 -0.77 -47.75
CA VAL C 636 -5.23 -0.75 -48.38
C VAL C 636 -5.10 -1.95 -49.31
N LEU C 637 -4.63 -1.72 -50.53
CA LEU C 637 -4.43 -2.78 -51.52
C LEU C 637 -2.94 -2.85 -51.86
N GLN C 638 -2.35 -4.03 -51.70
CA GLN C 638 -0.95 -4.25 -52.01
C GLN C 638 -0.82 -5.05 -53.29
N PHE C 639 -0.06 -4.52 -54.25
CA PHE C 639 -0.03 -5.00 -55.62
C PHE C 639 1.18 -5.92 -55.83
N ASN C 640 1.46 -6.22 -57.10
CA ASN C 640 2.69 -6.91 -57.50
C ASN C 640 3.74 -5.93 -58.00
N THR C 641 3.42 -5.16 -59.02
CA THR C 641 4.35 -4.17 -59.55
C THR C 641 4.36 -2.93 -58.66
N GLU C 642 5.22 -1.98 -58.98
CA GLU C 642 5.10 -0.65 -58.39
C GLU C 642 3.86 0.03 -58.94
N VAL C 643 3.19 0.80 -58.10
CA VAL C 643 1.96 1.47 -58.50
C VAL C 643 2.31 2.64 -59.40
N THR C 644 1.66 2.72 -60.56
CA THR C 644 1.95 3.76 -61.52
C THR C 644 0.75 4.70 -61.65
N LYS C 645 0.86 5.66 -62.56
CA LYS C 645 -0.19 6.65 -62.75
C LYS C 645 -1.42 6.10 -63.47
N GLN C 646 -1.36 4.89 -63.99
CA GLN C 646 -2.49 4.28 -64.68
C GLN C 646 -3.22 3.26 -63.82
N MET C 647 -2.53 2.60 -62.89
CA MET C 647 -3.22 1.70 -61.98
C MET C 647 -4.00 2.47 -60.93
N VAL C 648 -3.59 3.70 -60.63
CA VAL C 648 -4.37 4.56 -59.75
C VAL C 648 -5.64 5.03 -60.46
N GLN C 649 -5.52 5.39 -61.73
CA GLN C 649 -6.68 5.88 -62.48
C GLN C 649 -7.65 4.75 -62.79
N ASP C 650 -7.16 3.56 -63.10
CA ASP C 650 -8.05 2.48 -63.47
C ASP C 650 -8.59 1.71 -62.28
N VAL C 651 -8.18 2.02 -61.06
CA VAL C 651 -8.87 1.51 -59.89
C VAL C 651 -9.93 2.51 -59.42
N SER C 652 -9.61 3.80 -59.48
CA SER C 652 -10.60 4.83 -59.19
C SER C 652 -11.72 4.90 -60.21
N ASN C 653 -11.53 4.35 -61.40
CA ASN C 653 -12.62 4.18 -62.35
C ASN C 653 -13.31 2.84 -62.22
N ASP C 654 -12.77 1.91 -61.43
CA ASP C 654 -13.38 0.60 -61.25
C ASP C 654 -13.98 0.42 -59.88
N VAL C 655 -13.70 1.30 -58.93
CA VAL C 655 -14.43 1.30 -57.67
C VAL C 655 -15.61 2.24 -57.74
N ARG C 656 -15.49 3.33 -58.50
CA ARG C 656 -16.62 4.24 -58.70
C ARG C 656 -17.70 3.60 -59.55
N GLU C 657 -17.32 2.86 -60.59
CA GLU C 657 -18.32 2.28 -61.47
C GLU C 657 -18.96 1.05 -60.85
N THR C 658 -18.22 0.27 -60.08
CA THR C 658 -18.79 -0.94 -59.50
C THR C 658 -19.72 -0.61 -58.33
N TYR C 659 -19.41 0.45 -57.58
CA TYR C 659 -20.39 1.01 -56.65
C TYR C 659 -21.63 1.53 -57.35
N ALA C 660 -21.49 2.03 -58.58
CA ALA C 660 -22.66 2.44 -59.34
C ALA C 660 -23.46 1.26 -59.87
N ARG C 661 -22.89 0.06 -59.85
CA ARG C 661 -23.64 -1.13 -60.24
C ARG C 661 -24.59 -1.58 -59.13
N MET C 662 -24.35 -1.17 -57.89
CA MET C 662 -25.30 -1.39 -56.81
C MET C 662 -26.14 -0.16 -56.51
N ASN C 663 -26.22 0.78 -57.47
CA ASN C 663 -27.00 2.02 -57.39
C ASN C 663 -26.61 2.87 -56.19
N THR C 664 -25.35 2.83 -55.81
CA THR C 664 -24.80 3.62 -54.71
C THR C 664 -23.90 4.69 -55.32
N LYS C 665 -24.37 5.93 -55.31
CA LYS C 665 -23.60 7.04 -55.89
C LYS C 665 -22.46 7.40 -54.94
N VAL C 666 -21.24 7.46 -55.47
CA VAL C 666 -20.05 7.61 -54.65
C VAL C 666 -19.04 8.42 -55.45
N LYS C 667 -18.04 8.98 -54.75
CA LYS C 667 -16.78 9.33 -55.36
C LYS C 667 -15.69 8.47 -54.72
N ALA C 668 -14.81 7.93 -55.55
CA ALA C 668 -13.80 6.97 -55.11
C ALA C 668 -12.43 7.59 -55.34
N LEU C 669 -11.72 7.87 -54.27
CA LEU C 669 -10.40 8.45 -54.33
C LEU C 669 -9.37 7.43 -53.90
N VAL C 670 -8.27 7.37 -54.64
CA VAL C 670 -7.16 6.49 -54.32
C VAL C 670 -5.88 7.32 -54.29
N SER C 671 -4.97 6.91 -53.43
CA SER C 671 -3.67 7.54 -53.33
C SER C 671 -2.68 6.48 -52.87
N THR C 672 -1.44 6.89 -52.65
CA THR C 672 -0.46 6.02 -52.03
C THR C 672 0.17 6.62 -50.80
N VAL C 673 -0.19 7.85 -50.41
CA VAL C 673 0.51 8.58 -49.36
C VAL C 673 -0.37 8.89 -48.17
N GLY C 674 -1.64 9.22 -48.37
CA GLY C 674 -2.43 9.69 -47.26
C GLY C 674 -3.89 9.75 -47.62
N ILE C 675 -4.73 9.65 -46.59
CA ILE C 675 -6.18 9.61 -46.76
C ILE C 675 -6.82 10.71 -45.94
N GLU C 676 -8.15 10.77 -45.95
CA GLU C 676 -8.95 11.57 -45.04
C GLU C 676 -10.08 10.70 -44.48
N ILE C 677 -9.77 9.93 -43.43
CA ILE C 677 -10.73 8.92 -43.00
C ILE C 677 -11.85 9.54 -42.18
N ALA C 678 -11.53 10.06 -41.02
CA ALA C 678 -12.43 10.92 -40.26
C ALA C 678 -12.11 12.35 -40.71
N LYS C 679 -12.47 13.35 -39.90
CA LYS C 679 -11.92 14.67 -40.18
C LYS C 679 -10.42 14.78 -39.85
N ARG C 680 -9.80 13.73 -39.32
CA ARG C 680 -8.36 13.70 -39.04
C ARG C 680 -7.61 13.23 -40.27
N TYR C 681 -6.66 14.04 -40.74
CA TYR C 681 -6.09 13.90 -42.08
C TYR C 681 -4.63 13.47 -41.98
N ILE C 682 -4.31 12.31 -42.53
CA ILE C 682 -2.93 11.85 -42.65
C ILE C 682 -2.38 12.43 -43.94
N ALA C 683 -1.39 13.30 -43.85
CA ALA C 683 -0.83 13.96 -45.04
C ALA C 683 0.67 13.97 -44.95
N GLY C 684 1.33 13.17 -45.80
CA GLY C 684 2.78 13.16 -45.83
C GLY C 684 3.44 12.53 -44.64
N GLY C 685 2.72 11.71 -43.90
CA GLY C 685 3.24 11.18 -42.65
C GLY C 685 3.08 12.08 -41.46
N LYS C 686 2.14 13.01 -41.51
CA LYS C 686 1.91 13.94 -40.41
C LYS C 686 0.41 14.14 -40.29
N ILE C 687 -0.15 13.80 -39.13
CA ILE C 687 -1.59 13.89 -38.93
C ILE C 687 -2.02 15.34 -38.74
N PHE C 688 -2.98 15.77 -39.56
CA PHE C 688 -3.51 17.13 -39.56
C PHE C 688 -4.99 17.06 -39.21
N PHE C 689 -5.45 18.01 -38.41
CA PHE C 689 -6.81 17.95 -37.89
C PHE C 689 -7.69 19.02 -38.51
N ARG C 690 -8.98 18.95 -38.18
CA ARG C 690 -9.98 19.83 -38.77
C ARG C 690 -9.90 21.24 -38.22
N ALA C 691 -9.79 21.36 -36.88
CA ALA C 691 -9.56 22.62 -36.16
C ALA C 691 -10.67 23.65 -36.35
N GLY C 692 -11.86 23.22 -36.71
CA GLY C 692 -12.95 24.17 -36.81
C GLY C 692 -14.02 23.93 -35.77
N ILE C 693 -14.04 24.77 -34.74
CA ILE C 693 -15.07 24.75 -33.71
C ILE C 693 -15.56 26.18 -33.57
N ASN C 694 -16.85 26.39 -33.74
CA ASN C 694 -17.39 27.73 -33.65
C ASN C 694 -17.46 28.17 -32.19
N LEU C 695 -16.69 29.19 -31.84
CA LEU C 695 -16.71 29.69 -30.48
C LEU C 695 -18.00 30.42 -30.18
N LEU C 696 -18.32 31.43 -30.97
CA LEU C 696 -19.43 32.33 -30.70
C LEU C 696 -20.72 31.91 -31.38
N ASN C 697 -20.83 30.66 -31.81
CA ASN C 697 -22.04 30.16 -32.44
C ASN C 697 -22.24 28.71 -32.03
N ASN C 698 -23.33 28.44 -31.33
CA ASN C 698 -23.71 27.07 -31.00
C ASN C 698 -24.75 26.59 -31.99
N GLU C 699 -24.78 25.28 -32.22
CA GLU C 699 -25.75 24.71 -33.15
C GLU C 699 -27.15 24.65 -32.56
N LYS C 700 -27.28 24.63 -31.24
CA LYS C 700 -28.56 24.56 -30.58
C LYS C 700 -28.40 25.11 -29.17
N LYS C 701 -29.47 25.68 -28.62
CA LYS C 701 -29.40 26.16 -27.25
C LYS C 701 -29.40 24.99 -26.29
N GLY C 702 -28.61 25.11 -25.23
CA GLY C 702 -28.37 24.01 -24.32
C GLY C 702 -29.18 24.10 -23.05
N GLN C 703 -28.87 23.18 -22.13
CA GLN C 703 -29.49 23.14 -20.81
C GLN C 703 -28.57 23.76 -19.76
N SER C 704 -27.74 24.72 -20.15
CA SER C 704 -26.70 25.24 -19.28
C SER C 704 -26.82 26.74 -19.12
N THR C 705 -26.19 27.25 -18.06
CA THR C 705 -26.21 28.66 -17.72
C THR C 705 -24.98 29.35 -18.31
N GLN C 706 -24.75 30.61 -17.94
CA GLN C 706 -23.60 31.33 -18.46
C GLN C 706 -22.30 30.87 -17.84
N TRP C 707 -22.31 30.52 -16.55
CA TRP C 707 -21.10 30.05 -15.87
C TRP C 707 -20.62 28.71 -16.39
N ASP C 708 -21.48 27.94 -17.04
CA ASP C 708 -21.07 26.71 -17.70
C ASP C 708 -20.85 26.89 -19.19
N GLN C 709 -21.51 27.86 -19.81
CA GLN C 709 -21.22 28.17 -21.20
C GLN C 709 -19.98 29.03 -21.35
N ALA C 710 -19.48 29.64 -20.27
CA ALA C 710 -18.20 30.30 -20.34
C ALA C 710 -17.05 29.32 -20.23
N ALA C 711 -17.30 28.13 -19.68
CA ALA C 711 -16.28 27.09 -19.66
C ALA C 711 -16.15 26.43 -21.02
N VAL C 712 -17.26 26.25 -21.73
CA VAL C 712 -17.18 25.67 -23.07
C VAL C 712 -16.79 26.67 -24.12
N LEU C 713 -16.72 27.96 -23.79
CA LEU C 713 -16.05 28.89 -24.68
C LEU C 713 -14.54 28.73 -24.57
N TYR C 714 -14.04 28.48 -23.35
CA TYR C 714 -12.61 28.25 -23.21
C TYR C 714 -12.23 26.84 -23.63
N SER C 715 -13.10 25.86 -23.40
CA SER C 715 -12.78 24.50 -23.80
C SER C 715 -12.84 24.33 -25.31
N ASN C 716 -13.61 25.16 -26.00
CA ASN C 716 -13.57 25.18 -27.45
C ASN C 716 -12.44 26.02 -27.99
N TYR C 717 -11.69 26.70 -27.13
CA TYR C 717 -10.53 27.47 -27.56
C TYR C 717 -9.24 26.69 -27.43
N ILE C 718 -9.08 25.92 -26.36
CA ILE C 718 -7.87 25.14 -26.17
C ILE C 718 -7.81 23.99 -27.16
N VAL C 719 -8.97 23.47 -27.59
CA VAL C 719 -8.97 22.48 -28.66
C VAL C 719 -8.70 23.17 -29.99
N ASN C 720 -9.18 24.39 -30.16
CA ASN C 720 -8.88 25.15 -31.37
C ASN C 720 -7.42 25.58 -31.42
N ARG C 721 -6.78 25.75 -30.28
CA ARG C 721 -5.38 26.19 -30.31
C ARG C 721 -4.43 25.03 -30.53
N LEU C 722 -4.71 23.88 -29.93
CA LEU C 722 -3.87 22.71 -30.14
C LEU C 722 -4.00 22.16 -31.55
N ARG C 723 -5.13 22.40 -32.19
CA ARG C 723 -5.33 21.90 -33.54
C ARG C 723 -4.89 22.90 -34.60
N GLY C 724 -4.48 24.10 -34.23
CA GLY C 724 -3.80 24.97 -35.18
C GLY C 724 -4.52 26.24 -35.58
N PHE C 725 -5.53 26.64 -34.82
CA PHE C 725 -6.31 27.84 -35.09
C PHE C 725 -6.13 28.76 -33.87
N GLU C 726 -5.20 29.70 -33.97
CA GLU C 726 -4.83 30.52 -32.82
C GLU C 726 -5.78 31.69 -32.69
N THR C 727 -6.68 31.62 -31.71
CA THR C 727 -7.51 32.75 -31.35
C THR C 727 -6.81 33.52 -30.22
N ASP C 728 -7.00 34.83 -30.20
CA ASP C 728 -6.26 35.67 -29.25
C ASP C 728 -6.75 35.41 -27.83
N ARG C 729 -5.81 35.17 -26.92
CA ARG C 729 -6.16 34.91 -25.54
C ARG C 729 -6.68 36.15 -24.83
N GLU C 730 -6.30 37.34 -25.30
CA GLU C 730 -6.84 38.56 -24.73
C GLU C 730 -8.29 38.81 -25.14
N PHE C 731 -8.78 38.12 -26.17
CA PHE C 731 -10.20 38.18 -26.52
C PHE C 731 -11.00 37.11 -25.80
N ILE C 732 -10.44 35.94 -25.58
CA ILE C 732 -11.13 34.89 -24.84
C ILE C 732 -11.28 35.31 -23.39
N LEU C 733 -10.22 35.90 -22.82
CA LEU C 733 -10.30 36.41 -21.45
C LEU C 733 -11.24 37.60 -21.34
N THR C 734 -11.36 38.40 -22.40
CA THR C 734 -12.35 39.46 -22.38
C THR C 734 -13.76 38.89 -22.48
N LYS C 735 -13.92 37.75 -23.14
CA LYS C 735 -15.24 37.15 -23.24
C LYS C 735 -15.61 36.30 -22.03
N ILE C 736 -14.67 36.03 -21.14
CA ILE C 736 -15.05 35.36 -19.90
C ILE C 736 -15.47 36.39 -18.85
N MET C 737 -14.90 37.60 -18.88
CA MET C 737 -15.28 38.65 -17.96
C MET C 737 -16.66 39.22 -18.22
N GLN C 738 -17.31 38.86 -19.32
CA GLN C 738 -18.68 39.25 -19.58
C GLN C 738 -19.66 38.11 -19.37
N MET C 739 -19.25 36.87 -19.60
CA MET C 739 -20.17 35.76 -19.42
C MET C 739 -20.31 35.41 -17.94
N THR C 740 -19.21 35.47 -17.18
CA THR C 740 -19.25 35.27 -15.74
C THR C 740 -19.69 36.50 -14.97
N SER C 741 -20.05 37.58 -15.66
CA SER C 741 -20.72 38.71 -15.04
C SER C 741 -22.05 38.27 -14.44
N VAL C 742 -22.37 38.82 -13.27
CA VAL C 742 -23.65 38.60 -12.63
C VAL C 742 -24.17 39.94 -12.09
N ALA C 743 -25.44 40.22 -12.33
CA ALA C 743 -26.06 41.46 -11.87
C ALA C 743 -26.75 41.19 -10.54
N ILE C 744 -26.22 41.76 -9.47
CA ILE C 744 -26.82 41.56 -8.15
C ILE C 744 -28.12 42.34 -8.03
N THR C 745 -28.03 43.66 -8.10
CA THR C 745 -29.18 44.54 -8.17
C THR C 745 -29.13 45.26 -9.51
N GLY C 746 -30.01 46.24 -9.68
CA GLY C 746 -29.84 47.19 -10.76
C GLY C 746 -28.60 48.03 -10.51
N SER C 747 -27.83 48.26 -11.58
CA SER C 747 -26.64 49.11 -11.61
C SER C 747 -25.56 48.63 -10.65
N LEU C 748 -25.39 47.32 -10.50
CA LEU C 748 -24.32 46.76 -9.69
C LEU C 748 -23.97 45.37 -10.21
N ARG C 749 -22.77 45.22 -10.76
CA ARG C 749 -22.30 43.96 -11.31
C ARG C 749 -21.16 43.42 -10.47
N LEU C 750 -21.13 42.11 -10.31
CA LEU C 750 -20.10 41.41 -9.53
C LEU C 750 -19.22 40.63 -10.49
N PHE C 751 -17.91 40.87 -10.43
CA PHE C 751 -16.96 40.19 -11.30
C PHE C 751 -16.02 39.33 -10.46
N PRO C 752 -15.98 38.02 -10.68
CA PRO C 752 -15.04 37.19 -9.93
C PRO C 752 -13.62 37.37 -10.42
N SER C 753 -12.68 37.08 -9.54
CA SER C 753 -11.27 37.30 -9.82
C SER C 753 -10.67 36.09 -10.52
N GLU C 754 -9.35 36.05 -10.59
CA GLU C 754 -8.67 34.90 -11.15
C GLU C 754 -8.81 33.68 -10.26
N ARG C 755 -8.86 33.87 -8.94
CA ARG C 755 -8.87 32.72 -8.05
C ARG C 755 -10.22 32.03 -7.97
N VAL C 756 -11.30 32.69 -8.36
CA VAL C 756 -12.60 32.03 -8.38
C VAL C 756 -12.77 31.18 -9.63
N LEU C 757 -12.26 31.66 -10.76
CA LEU C 757 -12.45 30.94 -12.01
C LEU C 757 -11.41 29.85 -12.22
N THR C 758 -10.13 30.15 -11.98
CA THR C 758 -9.08 29.21 -12.35
C THR C 758 -8.81 28.14 -11.31
N THR C 759 -9.52 28.13 -10.19
CA THR C 759 -9.22 27.12 -9.19
C THR C 759 -9.91 25.81 -9.55
N ASN C 760 -9.47 24.73 -8.90
CA ASN C 760 -9.91 23.38 -9.23
C ASN C 760 -11.12 23.04 -8.38
N SER C 761 -12.31 23.26 -8.92
CA SER C 761 -13.54 23.03 -8.17
C SER C 761 -14.67 22.83 -9.17
N THR C 762 -15.91 22.91 -8.67
CA THR C 762 -17.06 22.85 -9.55
C THR C 762 -17.17 24.10 -10.40
N PHE C 763 -16.78 25.25 -9.86
CA PHE C 763 -16.88 26.52 -10.57
C PHE C 763 -15.57 26.85 -11.28
N LYS C 764 -15.21 25.99 -12.23
CA LYS C 764 -14.00 26.19 -13.01
C LYS C 764 -14.38 26.67 -14.41
N VAL C 765 -13.64 27.67 -14.90
CA VAL C 765 -13.91 28.20 -16.23
C VAL C 765 -12.69 28.01 -17.13
N PHE C 766 -11.55 28.53 -16.72
CA PHE C 766 -10.36 28.48 -17.55
C PHE C 766 -9.12 28.27 -16.69
N ASP C 767 -8.14 27.58 -17.26
CA ASP C 767 -6.87 27.39 -16.57
C ASP C 767 -6.04 28.66 -16.64
N SER C 768 -5.15 28.82 -15.65
CA SER C 768 -4.37 30.06 -15.54
C SER C 768 -3.40 30.21 -16.70
N GLU C 769 -2.50 29.25 -16.86
CA GLU C 769 -1.72 29.11 -18.07
C GLU C 769 -2.27 27.94 -18.86
N ASP C 770 -2.30 28.07 -20.18
CA ASP C 770 -3.02 27.15 -21.05
C ASP C 770 -2.39 25.76 -21.02
N PHE C 771 -3.21 24.77 -21.41
CA PHE C 771 -2.86 23.37 -21.65
C PHE C 771 -2.49 22.58 -20.41
N ILE C 772 -2.52 23.16 -19.21
CA ILE C 772 -2.08 22.47 -18.01
C ILE C 772 -3.07 22.69 -16.89
N ILE C 773 -3.22 21.68 -16.05
CA ILE C 773 -3.91 21.83 -14.78
C ILE C 773 -2.90 22.17 -13.71
N GLU C 774 -3.25 23.13 -12.87
CA GLU C 774 -2.38 23.57 -11.78
C GLU C 774 -3.17 23.50 -10.49
N TYR C 775 -2.81 22.56 -9.63
CA TYR C 775 -3.42 22.44 -8.32
C TYR C 775 -2.64 23.33 -7.36
N GLY C 776 -3.26 24.43 -6.96
CA GLY C 776 -2.55 25.42 -6.18
C GLY C 776 -2.30 25.02 -4.75
N THR C 777 -1.04 24.76 -4.41
CA THR C 777 -0.71 24.24 -3.10
C THR C 777 -0.47 25.32 -2.06
N THR C 778 -0.50 26.60 -2.44
CA THR C 778 -0.31 27.65 -1.45
C THR C 778 -1.53 27.77 -0.57
N ASP C 779 -1.33 28.33 0.62
CA ASP C 779 -2.34 28.27 1.67
C ASP C 779 -3.53 29.18 1.40
N ASP C 780 -3.38 30.20 0.58
CA ASP C 780 -4.51 31.05 0.23
C ASP C 780 -5.36 30.46 -0.88
N GLU C 781 -4.92 29.38 -1.51
CA GLU C 781 -5.61 28.79 -2.65
C GLU C 781 -6.18 27.42 -2.37
N VAL C 782 -5.59 26.66 -1.45
CA VAL C 782 -6.22 25.43 -0.98
C VAL C 782 -7.36 25.75 -0.01
N TYR C 783 -7.31 26.92 0.63
CA TYR C 783 -8.34 27.33 1.57
C TYR C 783 -9.62 27.76 0.87
N ILE C 784 -9.51 28.31 -0.34
CA ILE C 784 -10.70 28.67 -1.09
C ILE C 784 -11.26 27.48 -1.87
N GLN C 785 -10.48 26.41 -2.06
CA GLN C 785 -11.01 25.24 -2.72
C GLN C 785 -12.02 24.52 -1.83
N ARG C 786 -11.78 24.48 -0.53
CA ARG C 786 -12.77 23.96 0.40
C ARG C 786 -13.96 24.89 0.52
N ALA C 787 -13.77 26.18 0.25
CA ALA C 787 -14.89 27.10 0.25
C ALA C 787 -15.78 26.88 -0.96
N PHE C 788 -15.24 26.34 -2.04
CA PHE C 788 -16.05 26.03 -3.22
C PHE C 788 -16.53 24.59 -3.24
N MET C 789 -15.85 23.69 -2.53
CA MET C 789 -16.28 22.31 -2.44
C MET C 789 -17.32 22.10 -1.35
N SER C 790 -17.71 23.15 -0.63
CA SER C 790 -18.69 23.02 0.44
C SER C 790 -20.11 23.25 -0.04
N LEU C 791 -20.29 23.99 -1.13
CA LEU C 791 -21.61 24.35 -1.61
C LEU C 791 -21.98 23.65 -2.92
N SER C 792 -21.17 22.70 -3.37
CA SER C 792 -21.49 21.97 -4.59
C SER C 792 -22.60 20.96 -4.39
N SER C 793 -22.88 20.56 -3.15
CA SER C 793 -23.94 19.60 -2.86
C SER C 793 -25.24 20.37 -2.65
N GLN C 794 -26.05 20.46 -3.70
CA GLN C 794 -27.31 21.17 -3.62
C GLN C 794 -28.46 20.21 -3.94
N LYS C 795 -29.65 20.56 -3.47
CA LYS C 795 -30.85 19.80 -3.74
C LYS C 795 -31.80 20.63 -4.57
N SER C 796 -32.44 19.98 -5.54
CA SER C 796 -33.42 20.62 -6.40
C SER C 796 -34.82 20.17 -5.97
N GLY C 797 -35.73 21.13 -5.87
CA GLY C 797 -37.06 20.84 -5.38
C GLY C 797 -37.92 20.06 -6.36
N ILE C 798 -37.58 20.11 -7.65
CA ILE C 798 -38.33 19.35 -8.63
C ILE C 798 -38.01 17.86 -8.53
N ALA C 799 -36.74 17.53 -8.34
CA ALA C 799 -36.32 16.13 -8.30
C ALA C 799 -36.73 15.45 -7.01
N ASP C 800 -37.04 16.20 -5.95
CA ASP C 800 -37.51 15.60 -4.72
C ASP C 800 -39.03 15.60 -4.61
N GLU C 801 -39.72 16.37 -5.44
CA GLU C 801 -41.17 16.24 -5.55
C GLU C 801 -41.55 15.07 -6.44
N ILE C 802 -40.64 14.67 -7.32
CA ILE C 802 -40.91 13.55 -8.21
C ILE C 802 -40.42 12.23 -7.60
N ALA C 803 -39.45 12.27 -6.68
CA ALA C 803 -38.91 11.05 -6.11
C ALA C 803 -39.77 10.50 -4.99
N ALA C 804 -40.68 11.30 -4.45
CA ALA C 804 -41.60 10.86 -3.42
C ALA C 804 -43.00 10.63 -3.95
N SER C 805 -43.16 10.55 -5.27
CA SER C 805 -44.49 10.34 -5.84
C SER C 805 -44.86 8.86 -5.78
N SER C 806 -46.14 8.59 -6.06
CA SER C 806 -46.61 7.22 -6.12
C SER C 806 -46.31 6.55 -7.46
N THR C 807 -45.83 7.32 -8.44
CA THR C 807 -45.46 6.78 -9.74
C THR C 807 -44.00 6.35 -9.78
N PHE C 808 -43.10 7.19 -9.26
CA PHE C 808 -41.68 6.85 -9.23
C PHE C 808 -41.38 5.71 -8.26
N LYS C 809 -42.12 5.63 -7.16
CA LYS C 809 -41.95 4.49 -6.26
C LYS C 809 -42.53 3.21 -6.86
N ASN C 810 -43.58 3.35 -7.69
CA ASN C 810 -44.14 2.20 -8.39
C ASN C 810 -43.27 1.75 -9.55
N TYR C 811 -42.30 2.56 -9.96
CA TYR C 811 -41.36 2.14 -10.99
C TYR C 811 -40.15 1.45 -10.39
N VAL C 812 -39.67 1.91 -9.24
CA VAL C 812 -38.54 1.26 -8.58
C VAL C 812 -38.95 -0.08 -7.99
N SER C 813 -40.14 -0.14 -7.38
CA SER C 813 -40.61 -1.40 -6.80
C SER C 813 -41.01 -2.40 -7.87
N ARG C 814 -41.34 -1.96 -9.08
CA ARG C 814 -41.55 -2.89 -10.18
C ARG C 814 -40.25 -3.26 -10.87
N LEU C 815 -39.19 -2.48 -10.67
CA LEU C 815 -37.88 -2.82 -11.20
C LEU C 815 -37.05 -3.62 -10.20
N SER C 816 -37.25 -3.39 -8.91
CA SER C 816 -36.56 -4.19 -7.91
C SER C 816 -37.16 -5.57 -7.76
N GLU C 817 -38.45 -5.73 -8.06
CA GLU C 817 -39.06 -7.05 -8.00
C GLU C 817 -38.65 -7.90 -9.19
N GLN C 818 -38.43 -7.27 -10.35
CA GLN C 818 -38.03 -8.02 -11.54
C GLN C 818 -36.58 -8.46 -11.46
N LEU C 819 -35.74 -7.70 -10.76
CA LEU C 819 -34.33 -8.04 -10.69
C LEU C 819 -34.07 -9.14 -9.68
N LEU C 820 -34.35 -8.88 -8.41
CA LEU C 820 -33.95 -9.73 -7.31
C LEU C 820 -35.14 -10.50 -6.75
N PHE C 821 -34.94 -11.79 -6.51
CA PHE C 821 -35.97 -12.62 -5.90
C PHE C 821 -35.73 -12.78 -4.40
N SER C 822 -35.65 -11.63 -3.74
CA SER C 822 -35.41 -11.58 -2.30
C SER C 822 -36.04 -10.31 -1.76
N LYS C 823 -35.59 -9.86 -0.59
CA LYS C 823 -36.24 -8.79 0.15
C LYS C 823 -35.39 -7.54 0.31
N ASN C 824 -34.07 -7.62 0.10
CA ASN C 824 -33.11 -6.66 0.66
C ASN C 824 -33.29 -5.25 0.09
N ASN C 825 -33.14 -4.27 0.97
CA ASN C 825 -33.38 -2.87 0.66
C ASN C 825 -32.11 -2.11 0.32
N ILE C 826 -30.96 -2.76 0.32
CA ILE C 826 -29.72 -2.09 -0.07
C ILE C 826 -29.59 -1.95 -1.58
N VAL C 827 -30.49 -2.58 -2.34
CA VAL C 827 -30.57 -2.39 -3.78
C VAL C 827 -31.73 -1.47 -4.17
N SER C 828 -32.86 -1.59 -3.46
CA SER C 828 -33.97 -0.68 -3.71
C SER C 828 -33.62 0.76 -3.34
N ARG C 829 -32.82 0.94 -2.29
CA ARG C 829 -32.21 2.23 -1.98
C ARG C 829 -30.99 2.51 -2.83
N GLY C 830 -30.60 1.58 -3.70
CA GLY C 830 -29.45 1.76 -4.57
C GLY C 830 -29.87 1.85 -6.02
N ILE C 831 -31.05 1.32 -6.35
CA ILE C 831 -31.62 1.59 -7.67
C ILE C 831 -32.26 2.98 -7.68
N ALA C 832 -32.95 3.34 -6.61
CA ALA C 832 -33.64 4.63 -6.55
C ALA C 832 -32.67 5.81 -6.52
N LEU C 833 -31.44 5.59 -6.06
CA LEU C 833 -30.40 6.61 -6.19
C LEU C 833 -29.82 6.69 -7.58
N THR C 834 -30.08 5.69 -8.43
CA THR C 834 -29.63 5.78 -9.82
C THR C 834 -30.61 6.56 -10.67
N GLU C 835 -31.92 6.32 -10.52
CA GLU C 835 -32.88 7.09 -11.31
C GLU C 835 -33.08 8.50 -10.79
N LYS C 836 -32.80 8.79 -9.52
CA LYS C 836 -32.74 10.19 -9.12
C LYS C 836 -31.54 10.88 -9.75
N ALA C 837 -30.43 10.15 -9.91
CA ALA C 837 -29.32 10.70 -10.65
C ALA C 837 -29.58 10.72 -12.15
N LYS C 838 -30.43 9.82 -12.65
CA LYS C 838 -30.74 9.80 -14.08
C LYS C 838 -31.67 10.93 -14.48
N LEU C 839 -32.39 11.53 -13.53
CA LEU C 839 -33.31 12.61 -13.85
C LEU C 839 -32.63 13.97 -13.95
N ASN C 840 -31.31 14.03 -13.92
CA ASN C 840 -30.60 15.28 -14.15
C ASN C 840 -30.62 15.69 -15.62
N SER C 841 -30.99 14.79 -16.53
CA SER C 841 -31.07 15.17 -17.93
C SER C 841 -32.28 16.03 -18.24
N TYR C 842 -33.27 16.03 -17.36
CA TYR C 842 -34.38 16.96 -17.49
C TYR C 842 -33.87 18.38 -17.28
N ALA C 843 -34.39 19.31 -18.07
CA ALA C 843 -33.81 20.66 -18.08
C ALA C 843 -34.12 21.48 -16.83
N PRO C 844 -35.37 21.59 -16.33
CA PRO C 844 -35.56 22.41 -15.12
C PRO C 844 -35.08 21.75 -13.83
N ILE C 845 -34.66 20.48 -13.86
CA ILE C 845 -34.06 19.89 -12.68
C ILE C 845 -32.60 20.31 -12.58
N SER C 846 -31.83 20.13 -13.66
CA SER C 846 -30.41 20.48 -13.63
C SER C 846 -30.18 21.98 -13.63
N LEU C 847 -31.13 22.76 -14.13
CA LEU C 847 -30.98 24.20 -14.06
C LEU C 847 -31.20 24.69 -12.63
N GLU C 848 -32.13 24.07 -11.91
CA GLU C 848 -32.31 24.42 -10.51
C GLU C 848 -31.27 23.78 -9.61
N LYS C 849 -30.47 22.85 -10.13
CA LYS C 849 -29.25 22.46 -9.43
C LYS C 849 -28.18 23.52 -9.59
N ARG C 850 -27.89 23.93 -10.83
CA ARG C 850 -26.77 24.82 -11.10
C ARG C 850 -27.06 26.25 -10.67
N ARG C 851 -28.32 26.68 -10.71
CA ARG C 851 -28.62 28.03 -10.25
C ARG C 851 -28.56 28.12 -8.74
N ALA C 852 -28.76 27.01 -8.03
CA ALA C 852 -28.53 26.98 -6.59
C ALA C 852 -27.07 26.81 -6.23
N GLN C 853 -26.21 26.52 -7.22
CA GLN C 853 -24.77 26.59 -7.01
C GLN C 853 -24.27 28.02 -7.08
N ILE C 854 -24.75 28.78 -8.05
CA ILE C 854 -24.21 30.11 -8.35
C ILE C 854 -24.85 31.18 -7.47
N SER C 855 -26.15 31.09 -7.20
CA SER C 855 -26.79 32.04 -6.30
C SER C 855 -26.34 31.86 -4.87
N ALA C 856 -25.83 30.69 -4.50
CA ALA C 856 -25.14 30.52 -3.24
C ALA C 856 -23.67 30.90 -3.31
N LEU C 857 -23.13 31.12 -4.51
CA LEU C 857 -21.77 31.64 -4.62
C LEU C 857 -21.73 33.14 -4.44
N LEU C 858 -22.83 33.83 -4.75
CA LEU C 858 -22.88 35.28 -4.61
C LEU C 858 -22.83 35.71 -3.16
N THR C 859 -23.40 34.91 -2.26
CA THR C 859 -23.27 35.17 -0.84
C THR C 859 -21.83 34.91 -0.37
N MET C 860 -21.08 34.10 -1.10
CA MET C 860 -19.70 33.84 -0.76
C MET C 860 -18.74 34.84 -1.39
N LEU C 861 -19.13 35.52 -2.46
CA LEU C 861 -18.22 36.43 -3.15
C LEU C 861 -18.36 37.89 -2.76
N GLN C 862 -19.53 38.31 -2.26
CA GLN C 862 -19.67 39.70 -1.83
C GLN C 862 -19.04 39.95 -0.47
N LYS C 863 -18.72 38.90 0.27
CA LYS C 863 -18.06 38.97 1.56
C LYS C 863 -16.72 38.25 1.47
N PRO C 864 -15.77 38.60 2.33
CA PRO C 864 -14.59 37.76 2.48
C PRO C 864 -14.96 36.42 3.08
N VAL C 865 -14.35 35.35 2.57
CA VAL C 865 -14.74 34.01 3.00
C VAL C 865 -14.14 33.72 4.36
N THR C 866 -14.95 33.11 5.23
CA THR C 866 -14.53 32.69 6.56
C THR C 866 -14.73 31.20 6.78
N PHE C 867 -15.10 30.45 5.74
CA PHE C 867 -15.39 29.04 5.88
C PHE C 867 -14.09 28.27 6.06
N LYS C 868 -13.88 27.73 7.26
CA LYS C 868 -12.71 26.93 7.57
C LYS C 868 -13.14 25.49 7.81
N SER C 869 -12.63 24.57 7.01
CA SER C 869 -12.97 23.17 7.13
C SER C 869 -11.71 22.34 6.91
N SER C 870 -11.67 21.17 7.54
CA SER C 870 -10.51 20.28 7.50
C SER C 870 -10.74 19.12 6.54
N LYS C 871 -11.41 19.36 5.42
CA LYS C 871 -11.65 18.31 4.44
C LYS C 871 -10.36 17.98 3.70
N ILE C 872 -10.14 16.70 3.45
CA ILE C 872 -9.02 16.26 2.63
C ILE C 872 -9.43 16.38 1.16
N THR C 873 -8.72 17.21 0.42
CA THR C 873 -8.94 17.39 -1.00
C THR C 873 -7.78 16.80 -1.79
N ILE C 874 -7.88 16.84 -3.11
CA ILE C 874 -6.71 16.60 -3.95
C ILE C 874 -5.68 17.69 -3.74
N ASN C 875 -6.12 18.92 -3.50
CA ASN C 875 -5.19 20.01 -3.33
C ASN C 875 -4.57 20.06 -1.93
N ASP C 876 -5.03 19.20 -1.02
CA ASP C 876 -4.39 19.03 0.27
C ASP C 876 -3.37 17.91 0.28
N ILE C 877 -3.50 16.93 -0.61
CA ILE C 877 -2.44 15.93 -0.75
C ILE C 877 -1.19 16.58 -1.31
N LEU C 878 -1.34 17.46 -2.29
CA LEU C 878 -0.20 18.07 -2.94
C LEU C 878 0.42 19.19 -2.14
N ARG C 879 -0.22 19.64 -1.05
CA ARG C 879 0.45 20.57 -0.15
C ARG C 879 1.46 19.86 0.74
N ASP C 880 1.26 18.57 0.99
CA ASP C 880 2.19 17.81 1.81
C ASP C 880 3.34 17.22 1.01
N ILE C 881 3.18 17.07 -0.31
CA ILE C 881 4.26 16.56 -1.14
C ILE C 881 5.20 17.68 -1.55
N LYS C 882 4.66 18.88 -1.74
CA LYS C 882 5.40 19.97 -2.39
C LYS C 882 6.65 20.49 -1.68
N PRO C 883 6.73 20.62 -0.34
CA PRO C 883 8.00 21.11 0.24
C PRO C 883 9.13 20.10 0.19
N PHE C 884 8.89 18.86 -0.18
CA PHE C 884 9.93 17.85 -0.24
C PHE C 884 10.50 17.66 -1.65
N PHE C 885 10.08 18.48 -2.61
CA PHE C 885 10.68 18.49 -3.94
C PHE C 885 11.83 19.49 -3.95
N THR C 886 12.95 19.09 -4.54
CA THR C 886 14.07 19.99 -4.78
C THR C 886 14.33 20.05 -6.27
N VAL C 887 14.18 21.23 -6.84
CA VAL C 887 14.37 21.40 -8.28
C VAL C 887 15.83 21.70 -8.55
N ASN C 888 16.27 21.32 -9.76
CA ASN C 888 17.59 21.66 -10.28
C ASN C 888 17.47 21.76 -11.78
N GLU C 889 18.08 22.79 -12.36
CA GLU C 889 17.98 22.99 -13.80
C GLU C 889 18.79 21.92 -14.53
N ALA C 890 18.19 21.35 -15.58
CA ALA C 890 18.82 20.28 -16.32
C ALA C 890 18.54 20.43 -17.81
N HIS C 891 19.50 20.06 -18.62
CA HIS C 891 19.43 20.16 -20.07
C HIS C 891 19.00 18.82 -20.65
N LEU C 892 18.20 18.87 -21.72
CA LEU C 892 17.73 17.64 -22.31
C LEU C 892 17.61 17.89 -23.80
N PRO C 893 18.16 17.01 -24.63
CA PRO C 893 18.23 17.30 -26.06
C PRO C 893 16.91 17.02 -26.77
N ILE C 894 16.89 17.36 -28.06
CA ILE C 894 15.72 17.07 -28.90
C ILE C 894 16.03 15.81 -29.72
N GLN C 895 15.40 14.71 -29.33
CA GLN C 895 15.60 13.43 -30.00
C GLN C 895 14.46 13.10 -30.95
N TYR C 896 13.25 13.01 -30.44
CA TYR C 896 12.15 12.44 -31.18
C TYR C 896 11.61 13.45 -32.18
N GLN C 897 10.83 12.95 -33.14
CA GLN C 897 10.33 13.76 -34.24
C GLN C 897 8.92 14.24 -33.94
N LYS C 898 8.58 15.43 -34.44
CA LYS C 898 7.25 15.95 -34.31
C LYS C 898 6.34 15.38 -35.39
N PHE C 899 5.16 14.95 -34.98
CA PHE C 899 4.22 14.32 -35.91
C PHE C 899 3.00 15.17 -36.22
N MET C 900 2.73 16.19 -35.42
CA MET C 900 1.61 17.11 -35.68
C MET C 900 2.21 18.50 -35.84
N PRO C 901 2.30 19.04 -37.05
CA PRO C 901 2.95 20.34 -37.23
C PRO C 901 2.11 21.53 -36.81
N THR C 902 0.82 21.36 -36.58
CA THR C 902 -0.03 22.50 -36.24
C THR C 902 -0.01 22.83 -34.75
N LEU C 903 0.70 22.05 -33.95
CA LEU C 903 0.75 22.26 -32.51
C LEU C 903 1.50 23.56 -32.19
N PRO C 904 1.21 24.20 -31.06
CA PRO C 904 1.94 25.41 -30.69
C PRO C 904 3.38 25.09 -30.29
N ASP C 905 4.18 26.15 -30.17
CA ASP C 905 5.60 25.96 -29.95
C ASP C 905 5.91 25.50 -28.53
N ASN C 906 5.13 25.92 -27.54
CA ASN C 906 5.42 25.51 -26.18
C ASN C 906 4.93 24.10 -25.87
N VAL C 907 4.12 23.51 -26.73
CA VAL C 907 3.72 22.11 -26.60
C VAL C 907 4.59 21.21 -27.47
N GLN C 908 4.97 21.68 -28.65
CA GLN C 908 5.76 20.87 -29.58
C GLN C 908 7.16 20.64 -29.06
N TYR C 909 7.69 21.54 -28.24
CA TYR C 909 9.00 21.34 -27.64
C TYR C 909 8.99 20.22 -26.61
N ILE C 910 7.85 19.93 -25.99
CA ILE C 910 7.78 18.80 -25.08
C ILE C 910 7.77 17.50 -25.86
N ILE C 911 7.10 17.48 -27.02
CA ILE C 911 7.03 16.27 -27.83
C ILE C 911 8.37 15.98 -28.46
N GLN C 912 9.10 17.01 -28.89
CA GLN C 912 10.39 16.79 -29.50
C GLN C 912 11.46 16.37 -28.49
N CYS C 913 11.22 16.50 -27.19
CA CYS C 913 12.20 16.12 -26.18
C CYS C 913 11.91 14.78 -25.53
N ILE C 914 10.66 14.49 -25.17
CA ILE C 914 10.33 13.23 -24.50
C ILE C 914 9.51 12.29 -25.37
N GLY C 915 8.99 12.75 -26.50
CA GLY C 915 8.38 11.82 -27.43
C GLY C 915 6.87 11.80 -27.35
N SER C 916 6.23 11.53 -28.48
CA SER C 916 4.81 11.26 -28.51
C SER C 916 4.52 9.94 -27.80
N ARG C 917 3.24 9.76 -27.45
CA ARG C 917 2.85 8.64 -26.60
C ARG C 917 2.99 7.31 -27.33
N THR C 918 3.61 6.35 -26.67
CA THR C 918 3.87 5.06 -27.29
C THR C 918 2.74 4.07 -27.06
N TYR C 919 2.08 4.12 -25.90
CA TYR C 919 1.05 3.16 -25.57
C TYR C 919 0.16 3.77 -24.50
N GLN C 920 -1.11 3.41 -24.54
CA GLN C 920 -2.07 3.96 -23.58
C GLN C 920 -1.90 3.28 -22.24
N ILE C 921 -1.50 4.04 -21.23
CA ILE C 921 -1.23 3.50 -19.91
C ILE C 921 -2.54 3.18 -19.21
N GLU C 922 -2.67 1.95 -18.70
CA GLU C 922 -3.84 1.52 -17.95
C GLU C 922 -3.38 1.07 -16.57
N ASP C 923 -3.54 1.95 -15.59
CA ASP C 923 -3.09 1.71 -14.22
C ASP C 923 -4.25 1.89 -13.24
N ASP C 924 -5.40 1.31 -13.55
CA ASP C 924 -6.60 1.49 -12.75
C ASP C 924 -6.72 0.50 -11.59
N GLY C 925 -5.59 -0.06 -11.15
CA GLY C 925 -5.60 -0.87 -9.93
C GLY C 925 -6.24 -2.22 -10.17
N SER C 926 -7.19 -2.56 -9.32
CA SER C 926 -7.95 -3.79 -9.48
C SER C 926 -9.40 -3.54 -9.12
N LYS C 927 -10.30 -4.08 -9.94
CA LYS C 927 -11.69 -4.14 -9.58
C LYS C 927 -11.86 -5.08 -8.40
N SER C 928 -12.87 -4.82 -7.57
CA SER C 928 -13.11 -5.65 -6.41
C SER C 928 -13.64 -7.01 -6.82
N ALA C 929 -13.47 -7.99 -5.92
CA ALA C 929 -13.92 -9.34 -6.20
C ALA C 929 -15.42 -9.52 -6.04
N ILE C 930 -16.14 -8.55 -5.48
CA ILE C 930 -17.60 -8.65 -5.50
C ILE C 930 -18.13 -8.23 -6.86
N SER C 931 -17.56 -7.18 -7.44
CA SER C 931 -18.08 -6.68 -8.71
C SER C 931 -17.75 -7.59 -9.89
N ARG C 932 -16.83 -8.54 -9.72
CA ARG C 932 -16.67 -9.61 -10.69
C ARG C 932 -17.60 -10.78 -10.39
N LEU C 933 -18.23 -10.79 -9.22
CA LEU C 933 -19.18 -11.83 -8.86
C LEU C 933 -20.62 -11.40 -9.06
N ILE C 934 -20.89 -10.11 -8.99
CA ILE C 934 -22.25 -9.61 -9.23
C ILE C 934 -22.50 -9.34 -10.70
N SER C 935 -21.54 -8.70 -11.38
CA SER C 935 -21.69 -8.37 -12.80
C SER C 935 -21.58 -9.58 -13.71
N LYS C 936 -21.26 -10.76 -13.18
CA LYS C 936 -21.21 -11.97 -13.98
C LYS C 936 -22.52 -12.76 -13.93
N TYR C 937 -23.30 -12.60 -12.86
CA TYR C 937 -24.59 -13.26 -12.74
C TYR C 937 -25.76 -12.33 -13.03
N SER C 938 -25.81 -11.20 -12.32
CA SER C 938 -26.87 -10.23 -12.51
C SER C 938 -26.39 -9.09 -13.39
N VAL C 939 -27.36 -8.35 -13.94
CA VAL C 939 -27.05 -7.24 -14.83
C VAL C 939 -27.11 -5.93 -14.06
N TYR C 940 -27.10 -6.01 -12.74
CA TYR C 940 -27.09 -4.83 -11.89
C TYR C 940 -25.64 -4.48 -11.54
N LYS C 941 -25.18 -3.32 -12.00
CA LYS C 941 -23.83 -2.87 -11.71
C LYS C 941 -23.87 -1.91 -10.53
N PRO C 942 -23.42 -2.32 -9.34
CA PRO C 942 -23.51 -1.43 -8.19
C PRO C 942 -22.35 -0.45 -8.11
N SER C 943 -22.61 0.67 -7.46
CA SER C 943 -21.56 1.66 -7.24
C SER C 943 -20.61 1.18 -6.16
N ILE C 944 -19.37 1.66 -6.24
CA ILE C 944 -18.33 1.20 -5.31
C ILE C 944 -18.46 1.78 -3.92
N GLU C 945 -19.36 2.73 -3.70
CA GLU C 945 -19.72 3.15 -2.36
C GLU C 945 -20.83 2.29 -1.76
N GLU C 946 -21.43 1.42 -2.56
CA GLU C 946 -22.40 0.43 -2.09
C GLU C 946 -21.74 -0.89 -1.76
N LEU C 947 -20.72 -1.28 -2.53
CA LEU C 947 -19.98 -2.50 -2.23
C LEU C 947 -19.09 -2.35 -1.00
N TYR C 948 -18.71 -1.13 -0.63
CA TYR C 948 -18.06 -0.97 0.66
C TYR C 948 -19.07 -1.03 1.80
N LYS C 949 -20.30 -0.58 1.55
CA LYS C 949 -21.32 -0.69 2.59
C LYS C 949 -21.72 -2.13 2.83
N VAL C 950 -21.59 -2.98 1.82
CA VAL C 950 -21.93 -4.39 1.97
C VAL C 950 -20.88 -5.12 2.80
N ILE C 951 -19.60 -4.82 2.56
CA ILE C 951 -18.49 -5.52 3.22
C ILE C 951 -18.50 -5.26 4.72
N SER C 952 -18.78 -4.01 5.13
CA SER C 952 -18.81 -3.68 6.55
C SER C 952 -20.01 -4.26 7.29
N LEU C 953 -20.95 -4.92 6.61
CA LEU C 953 -22.02 -5.63 7.27
C LEU C 953 -21.52 -6.94 7.86
N HIS C 954 -22.44 -7.72 8.41
CA HIS C 954 -22.13 -9.00 9.03
C HIS C 954 -21.71 -10.02 7.96
N GLU C 955 -21.11 -11.11 8.44
CA GLU C 955 -20.80 -12.23 7.55
C GLU C 955 -22.07 -12.87 6.98
N ASN C 956 -23.12 -12.97 7.79
CA ASN C 956 -24.37 -13.53 7.34
C ASN C 956 -25.24 -12.54 6.58
N GLU C 957 -24.85 -11.27 6.51
CA GLU C 957 -25.56 -10.29 5.71
C GLU C 957 -24.85 -9.95 4.41
N ILE C 958 -23.61 -10.39 4.22
CA ILE C 958 -23.01 -10.39 2.89
C ILE C 958 -23.60 -11.51 2.06
N GLN C 959 -23.75 -12.70 2.67
CA GLN C 959 -24.27 -13.86 1.96
C GLN C 959 -25.73 -13.67 1.57
N LEU C 960 -26.52 -12.99 2.40
CA LEU C 960 -27.89 -12.69 2.03
C LEU C 960 -27.95 -11.69 0.88
N TYR C 961 -26.96 -10.79 0.79
CA TYR C 961 -26.95 -9.83 -0.31
C TYR C 961 -26.53 -10.48 -1.61
N LEU C 962 -25.58 -11.41 -1.56
CA LEU C 962 -25.11 -12.04 -2.79
C LEU C 962 -26.15 -12.98 -3.36
N ILE C 963 -26.84 -13.75 -2.50
CA ILE C 963 -27.93 -14.62 -2.93
C ILE C 963 -29.11 -13.80 -3.44
N SER C 964 -29.26 -12.56 -2.95
CA SER C 964 -30.36 -11.68 -3.38
C SER C 964 -30.25 -11.34 -4.86
N LEU C 965 -29.04 -11.04 -5.35
CA LEU C 965 -28.87 -10.65 -6.75
C LEU C 965 -29.10 -11.81 -7.70
N GLY C 966 -28.75 -13.03 -7.29
CA GLY C 966 -28.94 -14.17 -8.16
C GLY C 966 -27.78 -15.15 -8.12
N ILE C 967 -26.77 -14.84 -7.32
CA ILE C 967 -25.59 -15.72 -7.17
C ILE C 967 -26.01 -17.00 -6.47
N PRO C 968 -25.55 -18.17 -6.90
CA PRO C 968 -25.89 -19.41 -6.20
C PRO C 968 -25.24 -19.48 -4.83
N LYS C 969 -25.67 -20.48 -4.06
CA LYS C 969 -25.26 -20.56 -2.66
C LYS C 969 -23.82 -21.03 -2.53
N ILE C 970 -23.38 -21.97 -3.35
CA ILE C 970 -22.01 -22.47 -3.23
C ILE C 970 -20.99 -21.47 -3.73
N ASP C 971 -21.41 -20.47 -4.52
CA ASP C 971 -20.46 -19.47 -4.98
C ASP C 971 -20.29 -18.36 -3.98
N ALA C 972 -21.37 -17.93 -3.31
CA ALA C 972 -21.25 -16.93 -2.27
C ALA C 972 -20.57 -17.50 -1.03
N ASP C 973 -20.86 -18.75 -0.71
CA ASP C 973 -20.22 -19.39 0.45
C ASP C 973 -18.76 -19.78 0.18
N THR C 974 -18.34 -19.77 -1.07
CA THR C 974 -16.92 -19.85 -1.37
C THR C 974 -16.28 -18.47 -1.31
N TYR C 975 -17.05 -17.43 -1.62
CA TYR C 975 -16.58 -16.06 -1.42
C TYR C 975 -16.46 -15.76 0.07
N VAL C 976 -17.57 -15.83 0.78
CA VAL C 976 -17.66 -15.38 2.17
C VAL C 976 -16.81 -16.25 3.08
N GLY C 977 -16.77 -17.56 2.80
CA GLY C 977 -16.00 -18.46 3.64
C GLY C 977 -14.50 -18.33 3.50
N SER C 978 -14.04 -17.86 2.35
CA SER C 978 -12.61 -17.66 2.14
C SER C 978 -12.11 -16.32 2.65
N LYS C 979 -13.01 -15.49 3.21
CA LYS C 979 -12.71 -14.19 3.81
C LYS C 979 -12.01 -13.25 2.84
N ILE C 980 -12.42 -13.31 1.57
CA ILE C 980 -11.93 -12.37 0.57
C ILE C 980 -12.81 -11.13 0.49
N TYR C 981 -13.89 -11.08 1.29
CA TYR C 981 -14.53 -9.80 1.58
C TYR C 981 -13.64 -8.91 2.44
N SER C 982 -12.71 -9.51 3.18
CA SER C 982 -11.78 -8.74 4.00
C SER C 982 -10.66 -8.16 3.18
N GLN C 983 -10.28 -8.80 2.09
CA GLN C 983 -9.25 -8.27 1.21
C GLN C 983 -9.79 -7.15 0.33
N ASP C 984 -11.09 -7.13 0.08
CA ASP C 984 -11.70 -6.11 -0.77
C ASP C 984 -11.91 -4.78 -0.07
N LYS C 985 -11.57 -4.66 1.21
CA LYS C 985 -11.52 -3.34 1.82
C LYS C 985 -10.32 -2.56 1.31
N TYR C 986 -9.26 -3.25 0.91
CA TYR C 986 -8.03 -2.61 0.49
C TYR C 986 -7.88 -2.58 -1.03
N ARG C 987 -8.94 -2.88 -1.77
CA ARG C 987 -8.98 -2.68 -3.20
C ARG C 987 -10.07 -1.73 -3.64
N ILE C 988 -11.10 -1.50 -2.82
CA ILE C 988 -12.02 -0.40 -3.04
C ILE C 988 -11.38 0.93 -2.66
N LEU C 989 -10.72 0.95 -1.50
CA LEU C 989 -10.09 2.19 -1.00
C LEU C 989 -8.89 2.60 -1.84
N GLU C 990 -8.22 1.65 -2.49
CA GLU C 990 -7.16 1.99 -3.42
C GLU C 990 -7.67 2.27 -4.82
N SER C 991 -8.94 2.02 -5.10
CA SER C 991 -9.48 2.34 -6.42
C SER C 991 -9.76 3.83 -6.60
N TYR C 992 -9.77 4.60 -5.52
CA TYR C 992 -9.94 6.04 -5.59
C TYR C 992 -8.62 6.78 -5.74
N VAL C 993 -7.49 6.09 -5.68
CA VAL C 993 -6.20 6.74 -5.86
C VAL C 993 -5.87 6.88 -7.33
N TYR C 994 -6.09 5.83 -8.12
CA TYR C 994 -5.83 5.90 -9.55
C TYR C 994 -6.89 6.71 -10.30
N ASN C 995 -8.04 6.93 -9.68
CA ASN C 995 -9.08 7.78 -10.22
C ASN C 995 -8.72 9.26 -10.07
N LEU C 996 -7.80 9.56 -9.16
CA LEU C 996 -7.61 10.94 -8.68
C LEU C 996 -6.99 11.84 -9.74
N LEU C 997 -5.76 11.54 -10.13
CA LEU C 997 -4.97 12.46 -10.94
C LEU C 997 -4.92 11.96 -12.37
N SER C 998 -4.99 12.88 -13.32
CA SER C 998 -5.26 12.56 -14.71
C SER C 998 -4.00 12.69 -15.55
N ILE C 999 -3.60 11.58 -16.20
CA ILE C 999 -2.56 11.64 -17.22
C ILE C 999 -3.13 11.97 -18.59
N ASN C 1000 -4.46 11.98 -18.73
CA ASN C 1000 -5.14 12.44 -19.93
C ASN C 1000 -5.75 13.80 -19.65
N TYR C 1001 -5.68 14.67 -20.63
CA TYR C 1001 -6.32 15.98 -20.57
C TYR C 1001 -6.48 16.44 -22.01
N GLY C 1002 -6.72 17.73 -22.21
CA GLY C 1002 -6.65 18.29 -23.54
C GLY C 1002 -5.26 18.21 -24.13
N CYS C 1003 -4.23 18.35 -23.30
CA CYS C 1003 -2.85 18.39 -23.78
C CYS C 1003 -2.01 17.21 -23.35
N TYR C 1004 -2.25 16.64 -22.16
CA TYR C 1004 -1.38 15.61 -21.61
C TYR C 1004 -1.47 14.27 -22.35
N GLN C 1005 -2.42 14.10 -23.24
CA GLN C 1005 -2.51 12.85 -23.99
C GLN C 1005 -1.42 12.73 -25.03
N LEU C 1006 -0.84 13.86 -25.46
CA LEU C 1006 0.09 13.81 -26.58
C LEU C 1006 1.46 13.30 -26.16
N PHE C 1007 1.83 13.45 -24.89
CA PHE C 1007 3.17 13.15 -24.44
C PHE C 1007 3.30 11.70 -23.99
N ASP C 1008 4.53 11.26 -23.86
CA ASP C 1008 4.86 9.91 -23.42
C ASP C 1008 5.31 9.98 -21.96
N PHE C 1009 4.47 9.51 -21.05
CA PHE C 1009 4.76 9.67 -19.64
C PHE C 1009 5.73 8.62 -19.11
N ASN C 1010 5.85 7.47 -19.78
CA ASN C 1010 6.82 6.45 -19.42
C ASN C 1010 8.07 6.53 -20.27
N SER C 1011 8.44 7.74 -20.70
CA SER C 1011 9.59 7.91 -21.56
C SER C 1011 10.88 7.73 -20.77
N PRO C 1012 11.95 7.25 -21.41
CA PRO C 1012 13.25 7.21 -20.74
C PRO C 1012 13.97 8.55 -20.70
N ASP C 1013 13.32 9.65 -21.10
CA ASP C 1013 13.85 10.98 -20.87
C ASP C 1013 13.12 11.75 -19.78
N LEU C 1014 11.89 11.36 -19.43
CA LEU C 1014 11.29 11.86 -18.20
C LEU C 1014 11.70 11.06 -16.98
N GLU C 1015 12.01 9.77 -17.15
CA GLU C 1015 12.46 9.00 -16.01
C GLU C 1015 13.90 9.31 -15.64
N LYS C 1016 14.63 10.02 -16.50
CA LYS C 1016 15.98 10.44 -16.16
C LYS C 1016 15.98 11.66 -15.26
N LEU C 1017 15.02 12.57 -15.44
CA LEU C 1017 14.95 13.76 -14.60
C LEU C 1017 14.31 13.46 -13.26
N ILE C 1018 13.36 12.54 -13.19
CA ILE C 1018 12.67 12.20 -11.95
C ILE C 1018 13.54 11.24 -11.16
N ARG C 1019 14.10 11.70 -10.06
CA ARG C 1019 14.99 10.91 -9.23
C ARG C 1019 14.40 10.81 -7.84
N ILE C 1020 13.59 9.78 -7.61
CA ILE C 1020 12.89 9.58 -6.35
C ILE C 1020 13.38 8.26 -5.77
N PRO C 1021 13.85 8.24 -4.52
CA PRO C 1021 14.26 6.98 -3.90
C PRO C 1021 13.07 6.08 -3.64
N PHE C 1022 13.31 4.77 -3.60
CA PHE C 1022 12.18 3.81 -3.52
C PHE C 1022 12.00 3.16 -2.15
N LYS C 1023 10.74 3.18 -1.67
CA LYS C 1023 10.31 2.53 -0.40
C LYS C 1023 9.34 1.39 -0.79
N GLY C 1024 9.61 0.16 -0.33
CA GLY C 1024 8.82 -1.03 -0.70
C GLY C 1024 7.36 -1.00 -0.29
N LYS C 1025 7.06 -0.53 0.93
CA LYS C 1025 5.67 -0.50 1.45
C LYS C 1025 4.97 0.81 1.06
N ILE C 1026 3.76 1.04 1.58
CA ILE C 1026 2.98 2.28 1.27
C ILE C 1026 2.89 2.41 -0.25
N PRO C 1027 2.34 1.41 -0.98
CA PRO C 1027 2.25 1.43 -2.44
C PRO C 1027 1.41 2.60 -2.96
N ALA C 1028 0.35 2.97 -2.24
CA ALA C 1028 -0.53 4.08 -2.68
C ALA C 1028 0.29 5.37 -2.82
N VAL C 1029 1.17 5.65 -1.86
CA VAL C 1029 2.02 6.88 -1.91
C VAL C 1029 3.01 6.82 -3.09
N THR C 1030 3.51 5.63 -3.44
CA THR C 1030 4.50 5.49 -4.53
C THR C 1030 3.90 5.95 -5.86
N PHE C 1031 2.64 5.57 -6.15
CA PHE C 1031 2.00 5.98 -7.38
C PHE C 1031 1.86 7.50 -7.46
N ILE C 1032 1.38 8.12 -6.38
CA ILE C 1032 1.14 9.55 -6.41
C ILE C 1032 2.42 10.37 -6.34
N LEU C 1033 3.55 9.75 -6.00
CA LEU C 1033 4.81 10.47 -6.07
C LEU C 1033 5.35 10.49 -7.49
N HIS C 1034 5.40 9.33 -8.14
CA HIS C 1034 5.92 9.28 -9.51
C HIS C 1034 4.96 9.85 -10.52
N LEU C 1035 3.69 10.07 -10.17
CA LEU C 1035 2.78 10.76 -11.06
C LEU C 1035 2.83 12.26 -10.88
N TYR C 1036 2.89 12.75 -9.64
CA TYR C 1036 2.98 14.19 -9.45
C TYR C 1036 4.36 14.72 -9.83
N ALA C 1037 5.39 13.88 -9.74
CA ALA C 1037 6.70 14.34 -10.19
C ALA C 1037 6.77 14.40 -11.71
N LYS C 1038 6.16 13.44 -12.39
CA LYS C 1038 6.12 13.46 -13.85
C LYS C 1038 5.23 14.57 -14.39
N LEU C 1039 4.29 15.06 -13.60
CA LEU C 1039 3.46 16.18 -14.00
C LEU C 1039 4.09 17.52 -13.66
N GLU C 1040 4.94 17.58 -12.64
CA GLU C 1040 5.51 18.86 -12.23
C GLU C 1040 6.61 19.31 -13.19
N VAL C 1041 7.31 18.37 -13.81
CA VAL C 1041 8.35 18.73 -14.77
C VAL C 1041 7.72 19.25 -16.06
N ILE C 1042 6.64 18.62 -16.52
CA ILE C 1042 5.97 19.07 -17.73
C ILE C 1042 5.24 20.39 -17.50
N ASN C 1043 4.64 20.57 -16.32
CA ASN C 1043 4.00 21.85 -16.01
C ASN C 1043 5.01 22.97 -15.82
N HIS C 1044 6.27 22.64 -15.59
CA HIS C 1044 7.31 23.66 -15.63
C HIS C 1044 7.87 23.83 -17.03
N ALA C 1045 8.01 22.75 -17.79
CA ALA C 1045 8.62 22.84 -19.09
C ALA C 1045 7.68 23.39 -20.16
N ILE C 1046 6.40 23.51 -19.87
CA ILE C 1046 5.48 24.18 -20.79
C ILE C 1046 5.49 25.69 -20.55
N LYS C 1047 5.53 26.10 -19.28
CA LYS C 1047 5.44 27.52 -18.95
C LYS C 1047 6.71 28.27 -19.32
N ASN C 1048 7.87 27.64 -19.15
CA ASN C 1048 9.13 28.35 -19.30
C ASN C 1048 10.06 27.77 -20.35
N GLY C 1049 9.74 26.63 -20.95
CA GLY C 1049 10.57 26.07 -21.99
C GLY C 1049 11.87 25.45 -21.54
N SER C 1050 12.04 25.25 -20.24
CA SER C 1050 13.26 24.66 -19.71
C SER C 1050 12.92 23.46 -18.86
N TRP C 1051 13.86 22.54 -18.74
CA TRP C 1051 13.64 21.29 -18.02
C TRP C 1051 14.27 21.35 -16.65
N ILE C 1052 13.58 20.80 -15.66
CA ILE C 1052 14.11 20.71 -14.30
C ILE C 1052 14.09 19.25 -13.89
N SER C 1053 14.94 18.91 -12.93
CA SER C 1053 15.09 17.54 -12.47
C SER C 1053 14.86 17.48 -10.98
N LEU C 1054 13.85 16.72 -10.57
CA LEU C 1054 13.40 16.69 -9.19
C LEU C 1054 14.20 15.69 -8.37
N PHE C 1055 14.06 15.82 -7.05
CA PHE C 1055 14.62 14.86 -6.10
C PHE C 1055 13.73 14.87 -4.87
N CYS C 1056 13.01 13.80 -4.63
CA CYS C 1056 12.05 13.72 -3.53
C CYS C 1056 12.47 12.64 -2.55
N ASN C 1057 13.35 12.98 -1.60
CA ASN C 1057 13.67 12.07 -0.51
C ASN C 1057 12.57 12.19 0.53
N TYR C 1058 11.44 11.57 0.20
CA TYR C 1058 10.25 11.66 1.04
C TYR C 1058 10.45 10.75 2.25
N PRO C 1059 10.42 11.27 3.47
CA PRO C 1059 10.81 10.47 4.63
C PRO C 1059 9.76 9.44 4.98
N LYS C 1060 10.19 8.44 5.75
CA LYS C 1060 9.30 7.35 6.13
C LYS C 1060 8.22 7.82 7.09
N SER C 1061 8.49 8.86 7.87
CA SER C 1061 7.49 9.37 8.80
C SER C 1061 6.40 10.17 8.12
N GLU C 1062 6.68 10.70 6.93
CA GLU C 1062 5.70 11.47 6.18
C GLU C 1062 4.96 10.64 5.14
N MET C 1063 5.46 9.45 4.83
CA MET C 1063 4.73 8.57 3.92
C MET C 1063 3.50 7.98 4.59
N ILE C 1064 3.66 7.53 5.84
CA ILE C 1064 2.56 6.94 6.58
C ILE C 1064 1.54 7.99 7.00
N LYS C 1065 1.96 9.25 7.10
CA LYS C 1065 0.97 10.31 7.28
C LYS C 1065 0.19 10.57 5.99
N LEU C 1066 0.83 10.39 4.83
CA LEU C 1066 0.16 10.57 3.56
C LEU C 1066 -0.58 9.34 3.10
N TRP C 1067 -0.21 8.17 3.58
CA TRP C 1067 -0.91 6.94 3.22
C TRP C 1067 -2.32 6.93 3.77
N LYS C 1068 -2.54 7.52 4.94
CA LYS C 1068 -3.89 7.63 5.46
C LYS C 1068 -4.63 8.85 4.93
N LYS C 1069 -3.93 9.83 4.37
CA LYS C 1069 -4.63 10.90 3.68
C LYS C 1069 -5.18 10.46 2.34
N MET C 1070 -4.50 9.53 1.67
CA MET C 1070 -4.98 9.02 0.39
C MET C 1070 -6.14 8.06 0.54
N TRP C 1071 -6.30 7.45 1.71
CA TRP C 1071 -7.40 6.53 1.96
C TRP C 1071 -8.59 7.19 2.63
N ASN C 1072 -8.51 8.48 2.92
CA ASN C 1072 -9.59 9.21 3.58
C ASN C 1072 -10.08 10.38 2.75
N ILE C 1073 -9.91 10.31 1.44
CA ILE C 1073 -10.55 11.29 0.56
C ILE C 1073 -12.06 11.05 0.52
N THR C 1074 -12.45 9.79 0.42
CA THR C 1074 -13.84 9.41 0.28
C THR C 1074 -14.60 9.57 1.60
N SER C 1075 -15.92 9.55 1.50
CA SER C 1075 -16.79 9.66 2.66
C SER C 1075 -17.25 8.27 3.12
N LEU C 1076 -16.29 7.42 3.43
CA LEU C 1076 -16.60 6.10 3.98
C LEU C 1076 -15.50 5.70 4.95
N ARG C 1077 -15.80 4.68 5.75
CA ARG C 1077 -15.00 4.34 6.92
C ARG C 1077 -13.75 3.58 6.49
N SER C 1078 -12.63 4.29 6.42
CA SER C 1078 -11.36 3.63 6.18
C SER C 1078 -10.72 3.24 7.51
N PRO C 1079 -10.04 2.09 7.59
CA PRO C 1079 -9.52 1.63 8.88
C PRO C 1079 -8.35 2.44 9.41
N TYR C 1080 -7.65 3.19 8.56
CA TYR C 1080 -6.46 3.92 8.95
C TYR C 1080 -6.67 5.41 8.73
N THR C 1081 -6.73 6.17 9.81
CA THR C 1081 -6.85 7.63 9.77
C THR C 1081 -5.69 8.27 10.52
N ASN C 1082 -5.52 9.58 10.30
CA ASN C 1082 -4.48 10.31 11.01
C ASN C 1082 -4.93 10.71 12.41
N ALA C 1083 -5.96 11.54 12.49
CA ALA C 1083 -6.43 12.05 13.78
C ALA C 1083 -7.92 12.41 13.70
N GLN D 94 -55.45 16.34 -40.28
CA GLN D 94 -55.16 16.82 -41.62
C GLN D 94 -53.79 16.33 -42.07
N TYR D 95 -53.76 15.21 -42.79
CA TYR D 95 -52.51 14.57 -43.19
C TYR D 95 -52.38 14.59 -44.71
N GLU D 96 -51.21 14.12 -45.17
CA GLU D 96 -50.93 13.95 -46.58
C GLU D 96 -49.83 12.92 -46.72
N ILE D 97 -50.04 11.92 -47.56
CA ILE D 97 -49.18 10.74 -47.65
C ILE D 97 -48.33 10.83 -48.91
N LEU D 98 -47.01 10.75 -48.76
CA LEU D 98 -46.06 10.75 -49.87
C LEU D 98 -45.29 9.43 -49.85
N GLN D 99 -45.71 8.49 -50.69
CA GLN D 99 -45.15 7.15 -50.70
C GLN D 99 -44.44 6.87 -52.01
N LYS D 100 -43.32 6.14 -51.93
CA LYS D 100 -42.46 5.89 -53.08
C LYS D 100 -42.30 4.39 -53.29
N THR D 101 -41.70 4.04 -54.42
CA THR D 101 -41.55 2.64 -54.82
C THR D 101 -40.20 2.12 -54.34
N ILE D 102 -40.25 1.19 -53.40
CA ILE D 102 -39.06 0.48 -52.92
C ILE D 102 -38.95 -0.83 -53.71
N PRO D 103 -37.81 -1.14 -54.32
CA PRO D 103 -37.72 -2.35 -55.14
C PRO D 103 -37.73 -3.60 -54.28
N THR D 104 -38.52 -4.59 -54.70
CA THR D 104 -38.68 -5.81 -53.93
C THR D 104 -37.45 -6.69 -54.09
N PHE D 105 -37.01 -7.28 -52.98
CA PHE D 105 -35.81 -8.12 -52.97
C PHE D 105 -36.08 -9.33 -52.10
N GLU D 106 -36.22 -10.50 -52.73
CA GLU D 106 -36.49 -11.74 -52.02
C GLU D 106 -35.25 -12.61 -52.09
N PRO D 107 -34.50 -12.76 -51.00
CA PRO D 107 -33.30 -13.58 -51.06
C PRO D 107 -33.64 -15.06 -50.99
N LYS D 108 -32.76 -15.87 -51.56
CA LYS D 108 -32.96 -17.32 -51.56
C LYS D 108 -32.70 -17.85 -50.16
N GLU D 109 -33.71 -18.46 -49.56
CA GLU D 109 -33.58 -19.02 -48.22
C GLU D 109 -34.62 -20.11 -48.03
N SER D 110 -34.51 -20.77 -46.88
CA SER D 110 -35.49 -21.77 -46.45
C SER D 110 -35.42 -21.87 -44.94
N ILE D 111 -36.52 -22.33 -44.34
CA ILE D 111 -36.62 -22.41 -42.89
C ILE D 111 -35.83 -23.60 -42.38
N LEU D 112 -35.18 -23.43 -41.24
CA LEU D 112 -34.36 -24.47 -40.62
C LEU D 112 -34.90 -24.74 -39.23
N LYS D 113 -35.29 -25.98 -38.98
CA LYS D 113 -35.72 -26.39 -37.65
C LYS D 113 -34.59 -27.15 -36.97
N LYS D 114 -34.58 -27.10 -35.64
CA LYS D 114 -33.65 -27.91 -34.88
C LYS D 114 -34.13 -29.34 -34.85
N LEU D 115 -33.36 -30.22 -34.20
CA LEU D 115 -33.84 -31.59 -34.06
C LEU D 115 -34.93 -31.73 -33.02
N GLU D 116 -35.14 -30.71 -32.18
CA GLU D 116 -36.12 -30.82 -31.12
C GLU D 116 -37.55 -30.79 -31.67
N ASP D 117 -37.78 -30.00 -32.71
CA ASP D 117 -39.10 -29.92 -33.32
C ASP D 117 -39.00 -30.25 -34.81
N ILE D 118 -38.95 -31.53 -35.10
CA ILE D 118 -39.19 -32.08 -36.42
C ILE D 118 -40.41 -32.97 -36.28
N LYS D 119 -41.47 -32.64 -37.01
CA LYS D 119 -42.68 -33.43 -36.92
C LYS D 119 -42.47 -34.80 -37.57
N PRO D 120 -42.93 -35.88 -36.93
CA PRO D 120 -42.83 -37.19 -37.56
C PRO D 120 -43.76 -37.30 -38.76
N GLU D 121 -43.49 -38.30 -39.59
CA GLU D 121 -44.24 -38.48 -40.82
C GLU D 121 -45.68 -38.86 -40.52
N GLN D 122 -46.62 -38.01 -40.95
CA GLN D 122 -48.03 -38.27 -40.77
C GLN D 122 -48.44 -39.46 -41.62
N VAL D 123 -49.03 -40.47 -40.98
CA VAL D 123 -49.25 -41.76 -41.63
C VAL D 123 -50.39 -41.63 -42.64
N LYS D 124 -50.21 -42.29 -43.79
CA LYS D 124 -51.17 -42.20 -44.88
C LYS D 124 -52.04 -43.44 -44.88
N LYS D 125 -53.35 -43.25 -44.85
CA LYS D 125 -54.31 -44.31 -45.10
C LYS D 125 -55.24 -43.87 -46.22
N GLN D 126 -55.53 -44.78 -47.14
CA GLN D 126 -56.26 -44.37 -48.32
C GLN D 126 -57.76 -44.46 -48.07
N THR D 127 -58.50 -43.68 -48.84
CA THR D 127 -59.94 -43.55 -48.72
C THR D 127 -60.71 -44.28 -49.81
N LYS D 128 -60.27 -44.17 -51.05
CA LYS D 128 -60.85 -44.94 -52.14
C LYS D 128 -59.74 -45.73 -52.83
N LEU D 129 -60.14 -46.67 -53.67
CA LEU D 129 -59.16 -47.51 -54.34
C LEU D 129 -58.43 -46.71 -55.41
N PHE D 130 -57.25 -47.19 -55.77
CA PHE D 130 -56.47 -46.55 -56.82
C PHE D 130 -57.04 -47.00 -58.16
N ARG D 131 -57.76 -46.11 -58.83
CA ARG D 131 -58.41 -46.42 -60.08
C ARG D 131 -57.78 -45.63 -61.21
N ILE D 132 -57.47 -46.31 -62.31
CA ILE D 132 -56.91 -45.65 -63.48
C ILE D 132 -57.68 -46.10 -64.71
N PHE D 133 -58.50 -47.14 -64.57
CA PHE D 133 -59.38 -47.59 -65.63
C PHE D 133 -60.83 -47.56 -65.17
N GLU D 134 -61.73 -47.26 -66.09
CA GLU D 134 -63.14 -47.06 -65.80
C GLU D 134 -63.99 -47.64 -66.93
N PRO D 135 -65.04 -48.39 -66.62
CA PRO D 135 -65.90 -48.91 -67.68
C PRO D 135 -66.73 -47.81 -68.30
N ARG D 136 -66.93 -47.92 -69.61
CA ARG D 136 -67.63 -46.88 -70.36
C ARG D 136 -68.58 -47.54 -71.35
N GLN D 137 -69.65 -46.82 -71.68
CA GLN D 137 -70.70 -47.32 -72.56
C GLN D 137 -70.41 -46.86 -73.98
N LEU D 138 -70.22 -47.81 -74.88
CA LEU D 138 -69.95 -47.49 -76.28
C LEU D 138 -70.96 -48.17 -77.18
N PRO D 139 -71.35 -47.54 -78.29
CA PRO D 139 -72.14 -48.24 -79.30
C PRO D 139 -71.33 -49.35 -79.96
N VAL D 140 -72.04 -50.32 -80.50
CA VAL D 140 -71.40 -51.47 -81.12
C VAL D 140 -71.92 -51.60 -82.55
N TYR D 141 -71.04 -52.05 -83.45
CA TYR D 141 -71.36 -52.18 -84.86
C TYR D 141 -71.01 -53.58 -85.30
N ARG D 142 -71.87 -54.18 -86.13
CA ARG D 142 -71.69 -55.56 -86.53
C ARG D 142 -70.66 -55.64 -87.65
N ALA D 143 -70.55 -56.82 -88.27
CA ALA D 143 -69.53 -57.01 -89.31
C ALA D 143 -69.88 -56.28 -90.59
N ASN D 144 -71.16 -56.02 -90.84
CA ASN D 144 -71.56 -55.23 -92.00
C ASN D 144 -71.14 -53.77 -91.83
N GLY D 145 -71.20 -53.26 -90.61
CA GLY D 145 -71.06 -51.84 -90.34
C GLY D 145 -72.30 -51.21 -89.76
N GLU D 146 -73.44 -51.89 -89.79
CA GLU D 146 -74.68 -51.35 -89.27
C GLU D 146 -74.66 -51.32 -87.74
N LYS D 147 -75.38 -50.35 -87.19
CA LYS D 147 -75.49 -50.21 -85.75
C LYS D 147 -76.40 -51.30 -85.19
N GLU D 148 -75.97 -51.96 -84.12
CA GLU D 148 -76.78 -52.97 -83.48
C GLU D 148 -77.64 -52.36 -82.38
N LEU D 149 -78.70 -53.10 -82.01
CA LEU D 149 -79.66 -52.59 -81.05
C LEU D 149 -79.07 -52.50 -79.65
N ARG D 150 -78.29 -53.50 -79.26
CA ARG D 150 -77.67 -53.50 -77.95
C ARG D 150 -76.44 -52.59 -77.96
N ASN D 151 -75.92 -52.32 -76.77
CA ASN D 151 -74.66 -51.62 -76.62
C ASN D 151 -73.65 -52.54 -75.94
N ARG D 152 -72.48 -52.01 -75.66
CA ARG D 152 -71.40 -52.82 -75.11
C ARG D 152 -70.58 -51.93 -74.19
N TRP D 153 -70.00 -52.55 -73.17
CA TRP D 153 -69.20 -51.85 -72.18
C TRP D 153 -67.72 -52.07 -72.46
N TYR D 154 -66.90 -51.05 -72.21
CA TYR D 154 -65.48 -51.13 -72.48
C TYR D 154 -64.68 -50.38 -71.43
N TRP D 155 -63.47 -50.88 -71.15
CA TRP D 155 -62.55 -50.23 -70.23
C TRP D 155 -61.85 -49.09 -70.94
N LYS D 156 -62.04 -47.87 -70.46
CA LYS D 156 -61.27 -46.73 -70.92
C LYS D 156 -60.62 -46.07 -69.71
N LEU D 157 -59.69 -45.16 -69.95
CA LEU D 157 -59.01 -44.52 -68.84
C LEU D 157 -59.89 -43.46 -68.18
N LYS D 158 -59.63 -43.23 -66.91
CA LYS D 158 -60.12 -42.04 -66.23
C LYS D 158 -59.07 -40.94 -66.42
N ARG D 159 -59.54 -39.77 -66.86
CA ARG D 159 -58.75 -38.59 -67.26
C ARG D 159 -57.55 -38.95 -68.13
N ASP D 160 -57.80 -39.46 -69.32
CA ASP D 160 -56.74 -39.83 -70.23
C ASP D 160 -56.04 -38.62 -70.84
N THR D 161 -55.08 -38.07 -70.11
CA THR D 161 -54.30 -36.92 -70.55
C THR D 161 -52.87 -37.41 -70.78
N LEU D 162 -52.62 -37.94 -71.97
CA LEU D 162 -51.30 -38.42 -72.34
C LEU D 162 -50.63 -37.39 -73.23
N PRO D 163 -49.48 -36.86 -72.85
CA PRO D 163 -48.80 -35.91 -73.72
C PRO D 163 -48.19 -36.60 -74.92
N ASP D 164 -48.00 -35.84 -75.99
CA ASP D 164 -47.60 -36.39 -77.27
C ASP D 164 -46.09 -36.36 -77.42
N GLY D 165 -45.58 -37.24 -78.29
CA GLY D 165 -44.16 -37.42 -78.43
C GLY D 165 -43.68 -38.51 -77.49
N ASP D 166 -42.75 -39.34 -77.94
CA ASP D 166 -42.40 -40.53 -77.18
C ASP D 166 -41.54 -40.23 -75.96
N TYR D 167 -41.01 -39.01 -75.83
CA TYR D 167 -40.30 -38.65 -74.61
C TYR D 167 -41.25 -38.11 -73.55
N ASP D 168 -42.29 -37.40 -73.96
CA ASP D 168 -43.23 -36.86 -72.98
C ASP D 168 -44.09 -37.94 -72.35
N VAL D 169 -44.22 -39.10 -73.00
CA VAL D 169 -44.94 -40.22 -72.40
C VAL D 169 -44.13 -40.82 -71.26
N ARG D 170 -42.81 -40.96 -71.43
CA ARG D 170 -41.99 -41.45 -70.34
C ARG D 170 -41.88 -40.42 -69.21
N GLU D 171 -42.03 -39.13 -69.53
CA GLU D 171 -42.09 -38.13 -68.47
C GLU D 171 -43.42 -38.16 -67.75
N TYR D 172 -44.46 -38.70 -68.39
CA TYR D 172 -45.74 -38.90 -67.71
C TYR D 172 -45.67 -40.07 -66.75
N PHE D 173 -44.95 -41.12 -67.11
CA PHE D 173 -44.94 -42.33 -66.30
C PHE D 173 -44.00 -42.24 -65.12
N LEU D 174 -43.03 -41.32 -65.13
CA LEU D 174 -42.38 -40.96 -63.89
C LEU D 174 -43.33 -40.19 -62.99
N ASN D 175 -44.17 -39.35 -63.60
CA ASN D 175 -45.16 -38.61 -62.83
C ASN D 175 -46.26 -39.50 -62.30
N LEU D 176 -46.60 -40.58 -63.01
CA LEU D 176 -47.52 -41.57 -62.46
C LEU D 176 -46.89 -42.33 -61.31
N TYR D 177 -45.59 -42.58 -61.39
CA TYR D 177 -44.90 -43.33 -60.34
C TYR D 177 -44.79 -42.51 -59.07
N ASP D 178 -44.77 -41.19 -59.17
CA ASP D 178 -44.80 -40.35 -57.99
C ASP D 178 -46.21 -40.17 -57.47
N GLN D 179 -47.22 -40.60 -58.23
CA GLN D 179 -48.61 -40.50 -57.81
C GLN D 179 -49.09 -41.74 -57.08
N VAL D 180 -48.55 -42.91 -57.41
CA VAL D 180 -48.91 -44.12 -56.69
C VAL D 180 -48.22 -44.16 -55.33
N LEU D 181 -47.03 -43.56 -55.21
CA LEU D 181 -46.30 -43.62 -53.95
C LEU D 181 -46.95 -42.79 -52.85
N THR D 182 -47.49 -41.62 -53.20
CA THR D 182 -48.17 -40.83 -52.17
C THR D 182 -49.55 -41.37 -51.86
N GLU D 183 -50.13 -42.19 -52.73
CA GLU D 183 -51.42 -42.81 -52.46
C GLU D 183 -51.28 -44.16 -51.78
N MET D 184 -50.08 -44.72 -51.75
CA MET D 184 -49.82 -46.01 -51.12
C MET D 184 -49.98 -45.93 -49.61
N PRO D 185 -50.92 -46.65 -49.01
CA PRO D 185 -51.21 -46.48 -47.59
C PRO D 185 -50.29 -47.29 -46.69
N ASP D 186 -50.22 -46.85 -45.44
CA ASP D 186 -49.45 -47.56 -44.43
C ASP D 186 -50.28 -48.67 -43.80
N TYR D 187 -51.48 -48.35 -43.34
CA TYR D 187 -52.43 -49.36 -42.89
C TYR D 187 -53.76 -49.13 -43.58
N LEU D 188 -54.34 -50.20 -44.10
CA LEU D 188 -55.59 -50.10 -44.85
C LEU D 188 -56.62 -51.01 -44.23
N LEU D 189 -57.67 -50.41 -43.67
CA LEU D 189 -58.84 -51.12 -43.18
C LEU D 189 -59.95 -50.98 -44.21
N LEU D 190 -60.77 -52.01 -44.35
CA LEU D 190 -61.85 -51.95 -45.31
C LEU D 190 -63.19 -51.60 -44.70
N LYS D 191 -63.30 -51.58 -43.37
CA LYS D 191 -64.55 -51.15 -42.74
C LYS D 191 -64.76 -49.65 -42.89
N ASP D 192 -63.69 -48.89 -43.14
CA ASP D 192 -63.82 -47.45 -43.35
C ASP D 192 -64.36 -47.14 -44.74
N MET D 193 -63.97 -47.94 -45.73
CA MET D 193 -64.38 -47.78 -47.11
C MET D 193 -65.14 -49.04 -47.54
N ALA D 194 -66.43 -49.05 -47.27
CA ALA D 194 -67.30 -50.14 -47.69
C ALA D 194 -68.71 -49.58 -47.70
N VAL D 195 -69.30 -49.47 -48.88
CA VAL D 195 -70.63 -48.91 -49.00
C VAL D 195 -71.62 -50.02 -49.32
N GLU D 196 -72.89 -49.75 -49.05
CA GLU D 196 -73.91 -50.78 -49.16
C GLU D 196 -74.25 -51.05 -50.62
N ASN D 197 -74.35 -52.34 -50.96
CA ASN D 197 -74.93 -52.71 -52.24
C ASN D 197 -76.42 -52.42 -52.23
N LYS D 198 -76.90 -51.73 -53.26
CA LYS D 198 -78.31 -51.33 -53.29
C LYS D 198 -79.23 -52.52 -53.47
N ASN D 199 -78.78 -53.54 -54.20
CA ASN D 199 -79.61 -54.70 -54.47
C ASN D 199 -78.78 -55.96 -54.49
N SER D 200 -79.06 -56.85 -53.54
CA SER D 200 -78.36 -58.12 -53.43
C SER D 200 -79.33 -59.13 -52.85
N ARG D 201 -78.83 -60.35 -52.64
CA ARG D 201 -79.66 -61.40 -52.04
C ARG D 201 -79.93 -61.08 -50.58
N ASP D 202 -78.88 -60.93 -49.80
CA ASP D 202 -78.94 -60.27 -48.51
C ASP D 202 -78.11 -59.00 -48.57
N ALA D 203 -78.50 -57.99 -47.78
CA ALA D 203 -77.98 -56.65 -47.96
C ALA D 203 -76.54 -56.59 -47.48
N GLY D 204 -75.60 -56.84 -48.40
CA GLY D 204 -74.19 -56.83 -48.11
C GLY D 204 -73.53 -55.56 -48.62
N LYS D 205 -72.22 -55.52 -48.47
CA LYS D 205 -71.44 -54.34 -48.80
C LYS D 205 -70.41 -54.64 -49.87
N VAL D 206 -70.20 -53.67 -50.75
CA VAL D 206 -69.13 -53.70 -51.74
C VAL D 206 -68.11 -52.68 -51.26
N VAL D 207 -66.92 -52.66 -51.87
CA VAL D 207 -65.76 -52.05 -51.21
C VAL D 207 -65.56 -50.57 -51.53
N ASP D 208 -66.29 -50.00 -52.48
CA ASP D 208 -66.08 -48.59 -52.79
C ASP D 208 -67.35 -47.97 -53.33
N SER D 209 -67.40 -46.64 -53.27
CA SER D 209 -68.54 -45.92 -53.81
C SER D 209 -68.58 -45.98 -55.33
N GLU D 210 -67.43 -46.16 -55.98
CA GLU D 210 -67.40 -46.29 -57.43
C GLU D 210 -67.85 -47.67 -57.88
N THR D 211 -67.35 -48.72 -57.21
CA THR D 211 -67.73 -50.08 -57.57
C THR D 211 -69.13 -50.46 -57.12
N ALA D 212 -69.80 -49.61 -56.34
CA ALA D 212 -71.23 -49.72 -56.19
C ALA D 212 -71.97 -48.94 -57.26
N ALA D 213 -71.38 -47.84 -57.75
CA ALA D 213 -71.99 -47.10 -58.84
C ALA D 213 -71.89 -47.87 -60.15
N ILE D 214 -70.90 -48.75 -60.29
CA ILE D 214 -70.82 -49.59 -61.47
C ILE D 214 -71.88 -50.68 -61.41
N CYS D 215 -71.99 -51.37 -60.26
CA CYS D 215 -72.87 -52.52 -60.19
C CYS D 215 -74.34 -52.14 -60.16
N ASP D 216 -74.68 -50.90 -59.83
CA ASP D 216 -76.04 -50.43 -60.05
C ASP D 216 -76.25 -49.88 -61.46
N ALA D 217 -75.18 -49.57 -62.19
CA ALA D 217 -75.35 -49.16 -63.57
C ALA D 217 -75.65 -50.35 -64.47
N ILE D 218 -75.18 -51.54 -64.08
CA ILE D 218 -75.46 -52.73 -64.89
C ILE D 218 -76.84 -53.29 -64.58
N PHE D 219 -77.35 -53.06 -63.36
CA PHE D 219 -78.61 -53.68 -62.96
C PHE D 219 -79.80 -53.02 -63.67
N GLN D 220 -79.87 -51.69 -63.64
CA GLN D 220 -80.99 -51.01 -64.28
C GLN D 220 -80.83 -50.86 -65.78
N ASP D 221 -79.69 -51.23 -66.35
CA ASP D 221 -79.53 -51.22 -67.79
C ASP D 221 -80.29 -52.39 -68.39
N GLU D 222 -81.32 -52.09 -69.18
CA GLU D 222 -82.21 -53.13 -69.68
C GLU D 222 -81.53 -54.02 -70.70
N GLU D 223 -80.51 -53.51 -71.37
CA GLU D 223 -79.81 -54.25 -72.41
C GLU D 223 -78.84 -55.29 -71.87
N THR D 224 -78.62 -55.35 -70.57
CA THR D 224 -77.66 -56.31 -70.03
C THR D 224 -78.26 -57.72 -70.05
N GLU D 225 -77.39 -58.71 -69.95
CA GLU D 225 -77.84 -60.08 -69.93
C GLU D 225 -78.40 -60.43 -68.55
N GLY D 226 -79.03 -61.58 -68.46
CA GLY D 226 -79.59 -61.98 -67.19
C GLY D 226 -78.55 -62.52 -66.22
N VAL D 227 -77.59 -63.29 -66.74
CA VAL D 227 -76.61 -63.92 -65.88
C VAL D 227 -75.56 -62.96 -65.37
N VAL D 228 -75.48 -61.75 -65.93
CA VAL D 228 -74.69 -60.69 -65.31
C VAL D 228 -75.45 -60.10 -64.15
N ARG D 229 -76.78 -59.98 -64.29
CA ARG D 229 -77.60 -59.41 -63.23
C ARG D 229 -77.72 -60.36 -62.04
N ARG D 230 -77.70 -61.67 -62.29
CA ARG D 230 -77.76 -62.64 -61.20
C ARG D 230 -76.47 -62.67 -60.41
N PHE D 231 -75.35 -62.27 -61.01
CA PHE D 231 -74.08 -62.27 -60.30
C PHE D 231 -73.99 -61.12 -59.32
N ILE D 232 -74.67 -60.00 -59.58
CA ILE D 232 -74.65 -58.88 -58.66
C ILE D 232 -75.48 -59.19 -57.42
N ALA D 233 -76.47 -60.07 -57.54
CA ALA D 233 -77.30 -60.41 -56.39
C ALA D 233 -76.52 -61.20 -55.35
N GLU D 234 -75.75 -62.19 -55.79
CA GLU D 234 -74.93 -62.97 -54.86
C GLU D 234 -73.54 -62.38 -54.72
N MET D 235 -73.47 -61.08 -54.43
CA MET D 235 -72.22 -60.35 -54.29
C MET D 235 -72.27 -59.65 -52.94
N ARG D 236 -71.89 -60.35 -51.89
CA ARG D 236 -71.91 -59.83 -50.53
C ARG D 236 -70.55 -60.05 -49.90
N GLN D 237 -70.38 -59.53 -48.69
CA GLN D 237 -69.13 -59.68 -47.97
C GLN D 237 -69.12 -60.98 -47.18
N ARG D 238 -67.93 -61.43 -46.83
CA ARG D 238 -67.75 -62.60 -45.98
C ARG D 238 -66.87 -62.18 -44.82
N VAL D 239 -67.40 -62.30 -43.61
CA VAL D 239 -66.73 -61.78 -42.43
C VAL D 239 -66.44 -62.93 -41.47
N GLN D 240 -65.22 -62.95 -40.94
CA GLN D 240 -64.78 -64.01 -40.03
C GLN D 240 -64.25 -63.34 -38.77
N ALA D 241 -64.89 -63.59 -37.64
CA ALA D 241 -64.58 -62.88 -36.42
C ALA D 241 -63.39 -63.44 -35.67
N ASP D 242 -63.11 -64.73 -35.82
CA ASP D 242 -62.08 -65.36 -35.00
C ASP D 242 -60.67 -65.01 -35.47
N ARG D 243 -60.49 -64.74 -36.76
CA ARG D 243 -59.22 -64.29 -37.28
C ARG D 243 -59.24 -62.81 -37.66
N ASN D 244 -60.38 -62.14 -37.44
CA ASN D 244 -60.70 -60.76 -37.83
C ASN D 244 -60.18 -60.38 -39.22
N VAL D 245 -60.53 -61.17 -40.23
CA VAL D 245 -60.38 -60.76 -41.61
C VAL D 245 -61.74 -60.76 -42.27
N VAL D 246 -61.87 -59.95 -43.32
CA VAL D 246 -63.08 -59.85 -44.12
C VAL D 246 -62.74 -60.10 -45.58
N ASN D 247 -63.77 -60.16 -46.41
CA ASN D 247 -63.60 -60.39 -47.85
C ASN D 247 -64.63 -59.55 -48.59
N TYR D 248 -64.24 -58.33 -48.93
CA TYR D 248 -65.23 -57.54 -49.65
C TYR D 248 -65.06 -57.72 -51.15
N PRO D 249 -66.15 -57.79 -51.92
CA PRO D 249 -66.02 -57.85 -53.37
C PRO D 249 -65.61 -56.52 -53.96
N SER D 250 -65.26 -56.55 -55.24
CA SER D 250 -64.83 -55.37 -55.98
C SER D 250 -65.24 -55.54 -57.42
N ILE D 251 -65.11 -54.46 -58.19
CA ILE D 251 -65.12 -54.51 -59.64
C ILE D 251 -63.95 -53.64 -60.06
N LEU D 252 -62.81 -54.27 -60.36
CA LEU D 252 -61.59 -53.56 -60.67
C LEU D 252 -61.00 -54.08 -61.97
N HIS D 253 -60.33 -53.18 -62.69
CA HIS D 253 -59.52 -53.59 -63.82
C HIS D 253 -58.34 -54.42 -63.33
N PRO D 254 -57.87 -55.39 -64.13
CA PRO D 254 -56.72 -56.21 -63.70
C PRO D 254 -55.43 -55.44 -63.52
N ILE D 255 -55.26 -54.29 -64.16
CA ILE D 255 -54.14 -53.41 -63.79
C ILE D 255 -54.46 -52.70 -62.49
N ASP D 256 -55.70 -52.24 -62.34
CA ASP D 256 -56.15 -51.60 -61.11
C ASP D 256 -56.17 -52.58 -59.95
N HIS D 257 -56.41 -53.86 -60.23
CA HIS D 257 -56.44 -54.86 -59.16
C HIS D 257 -55.05 -55.16 -58.66
N ALA D 258 -54.05 -55.21 -59.54
CA ALA D 258 -52.69 -55.50 -59.12
C ALA D 258 -52.06 -54.34 -58.35
N PHE D 259 -52.62 -53.15 -58.44
CA PHE D 259 -52.18 -52.04 -57.62
C PHE D 259 -52.88 -52.01 -56.27
N ASN D 260 -54.12 -52.47 -56.20
CA ASN D 260 -54.82 -52.51 -54.92
C ASN D 260 -54.52 -53.77 -54.13
N GLU D 261 -54.28 -54.88 -54.81
CA GLU D 261 -53.88 -56.10 -54.12
C GLU D 261 -52.51 -55.94 -53.49
N TYR D 262 -51.63 -55.15 -54.11
CA TYR D 262 -50.33 -54.92 -53.50
C TYR D 262 -50.43 -53.98 -52.30
N PHE D 263 -51.42 -53.09 -52.27
CA PHE D 263 -51.55 -52.21 -51.12
C PHE D 263 -52.06 -52.94 -49.89
N LEU D 264 -52.75 -54.08 -50.06
CA LEU D 264 -53.37 -54.77 -48.94
C LEU D 264 -52.44 -55.78 -48.27
N GLN D 265 -51.66 -56.53 -49.05
CA GLN D 265 -50.79 -57.52 -48.46
C GLN D 265 -49.48 -56.94 -47.93
N HIS D 266 -49.08 -55.76 -48.40
CA HIS D 266 -47.81 -55.19 -47.99
C HIS D 266 -48.10 -53.91 -47.20
N GLN D 267 -48.33 -54.09 -45.91
CA GLN D 267 -48.64 -52.99 -45.01
C GLN D 267 -47.56 -52.89 -43.95
N LEU D 268 -47.35 -51.68 -43.45
CA LEU D 268 -46.34 -51.44 -42.42
C LEU D 268 -46.93 -51.49 -41.01
N VAL D 269 -47.69 -52.53 -40.68
CA VAL D 269 -48.21 -52.68 -39.33
C VAL D 269 -47.78 -54.03 -38.77
N GLU D 270 -47.09 -53.98 -37.65
CA GLU D 270 -46.68 -55.11 -36.84
C GLU D 270 -47.48 -55.11 -35.55
N PRO D 271 -47.79 -56.29 -34.99
CA PRO D 271 -48.56 -56.32 -33.75
C PRO D 271 -47.77 -55.79 -32.57
N LEU D 272 -48.50 -55.42 -31.52
CA LEU D 272 -47.95 -54.66 -30.41
C LEU D 272 -48.62 -55.12 -29.12
N ASN D 273 -47.81 -55.31 -28.09
CA ASN D 273 -48.29 -55.75 -26.78
C ASN D 273 -47.31 -55.24 -25.73
N ASN D 274 -47.43 -55.74 -24.50
CA ASN D 274 -46.59 -55.24 -23.41
C ASN D 274 -45.14 -55.67 -23.57
N ASP D 275 -44.91 -56.89 -24.04
CA ASP D 275 -43.55 -57.41 -24.14
C ASP D 275 -42.79 -56.89 -25.35
N ILE D 276 -43.40 -56.01 -26.14
CA ILE D 276 -42.71 -55.37 -27.26
C ILE D 276 -42.61 -53.86 -27.09
N ILE D 277 -43.28 -53.27 -26.10
CA ILE D 277 -43.00 -51.89 -25.72
C ILE D 277 -41.67 -51.81 -24.98
N PHE D 278 -41.38 -52.79 -24.14
CA PHE D 278 -40.12 -52.78 -23.39
C PHE D 278 -38.92 -53.08 -24.28
N ASN D 279 -39.12 -53.66 -25.46
CA ASN D 279 -38.01 -53.81 -26.38
C ASN D 279 -37.74 -52.54 -27.18
N TYR D 280 -38.62 -51.55 -27.10
CA TYR D 280 -38.37 -50.28 -27.77
C TYR D 280 -37.35 -49.45 -27.01
N ILE D 281 -37.29 -49.60 -25.69
CA ILE D 281 -36.32 -48.90 -24.85
C ILE D 281 -34.97 -49.56 -25.08
N PRO D 282 -33.87 -48.81 -25.22
CA PRO D 282 -32.58 -49.44 -25.51
C PRO D 282 -32.05 -50.22 -24.31
N GLU D 283 -31.07 -51.08 -24.61
CA GLU D 283 -30.68 -52.11 -23.65
C GLU D 283 -29.89 -51.54 -22.48
N ARG D 284 -29.21 -50.42 -22.67
CA ARG D 284 -28.45 -49.85 -21.57
C ARG D 284 -29.28 -48.98 -20.63
N ILE D 285 -30.60 -48.99 -20.73
CA ILE D 285 -31.47 -48.26 -19.81
C ILE D 285 -32.39 -49.20 -19.04
N ARG D 286 -33.01 -50.15 -19.73
CA ARG D 286 -33.85 -51.10 -19.01
C ARG D 286 -33.03 -52.13 -18.25
N ASN D 287 -31.76 -52.34 -18.63
CA ASN D 287 -30.84 -53.14 -17.84
C ASN D 287 -29.95 -52.26 -16.97
N ASP D 288 -30.47 -51.13 -16.51
CA ASP D 288 -29.77 -50.23 -15.61
C ASP D 288 -30.48 -50.23 -14.27
N VAL D 289 -29.70 -50.12 -13.19
CA VAL D 289 -30.24 -50.27 -11.85
C VAL D 289 -31.00 -49.01 -11.43
N ASN D 290 -30.49 -47.83 -11.78
CA ASN D 290 -31.01 -46.58 -11.25
C ASN D 290 -32.39 -46.21 -11.77
N TYR D 291 -32.80 -46.71 -12.93
CA TYR D 291 -34.09 -46.36 -13.51
C TYR D 291 -35.06 -47.52 -13.37
N ILE D 292 -36.25 -47.24 -12.85
CA ILE D 292 -37.25 -48.27 -12.58
C ILE D 292 -38.48 -47.99 -13.44
N LEU D 293 -38.82 -48.95 -14.30
CA LEU D 293 -39.74 -48.73 -15.41
C LEU D 293 -41.09 -49.33 -15.08
N ASN D 294 -42.14 -48.55 -15.32
CA ASN D 294 -43.47 -48.85 -14.82
C ASN D 294 -44.49 -48.49 -15.89
N MET D 295 -45.58 -49.24 -15.94
CA MET D 295 -46.66 -48.91 -16.88
C MET D 295 -47.98 -49.39 -16.31
N ASP D 296 -49.05 -48.69 -16.69
CA ASP D 296 -50.36 -48.97 -16.13
C ASP D 296 -51.17 -49.92 -17.00
N ARG D 297 -51.39 -49.56 -18.25
CA ARG D 297 -52.32 -50.27 -19.12
C ARG D 297 -51.60 -51.28 -19.99
N ASN D 298 -52.24 -52.41 -20.21
CA ASN D 298 -51.76 -53.42 -21.16
C ASN D 298 -52.57 -53.36 -22.44
N LEU D 299 -51.88 -53.45 -23.55
CA LEU D 299 -52.50 -53.26 -24.85
C LEU D 299 -53.15 -54.56 -25.32
N PRO D 300 -54.22 -54.48 -26.11
CA PRO D 300 -54.94 -55.70 -26.48
C PRO D 300 -54.21 -56.54 -27.52
N SER D 301 -54.88 -57.59 -28.00
CA SER D 301 -54.37 -58.41 -29.08
C SER D 301 -54.67 -57.85 -30.46
N THR D 302 -55.15 -56.60 -30.50
CA THR D 302 -55.49 -55.92 -31.75
C THR D 302 -54.46 -54.87 -32.13
N ALA D 303 -53.97 -54.10 -31.18
CA ALA D 303 -53.27 -52.85 -31.42
C ALA D 303 -51.95 -53.06 -32.16
N ARG D 304 -51.71 -52.22 -33.17
CA ARG D 304 -50.53 -52.33 -34.01
C ARG D 304 -49.75 -51.02 -33.99
N TYR D 305 -48.51 -51.09 -34.47
CA TYR D 305 -47.62 -49.95 -34.49
C TYR D 305 -46.74 -50.05 -35.72
N ILE D 306 -46.25 -48.89 -36.19
CA ILE D 306 -45.49 -48.81 -37.43
C ILE D 306 -44.02 -48.63 -37.07
N ARG D 307 -43.24 -49.67 -37.29
CA ARG D 307 -41.84 -49.66 -36.88
C ARG D 307 -41.03 -48.78 -37.83
N PRO D 308 -40.14 -47.94 -37.34
CA PRO D 308 -39.33 -47.11 -38.23
C PRO D 308 -38.11 -47.84 -38.74
N ASN D 309 -37.74 -47.56 -39.99
CA ASN D 309 -36.59 -48.22 -40.60
C ASN D 309 -35.31 -47.57 -40.07
N LEU D 310 -34.82 -48.12 -38.98
CA LEU D 310 -33.64 -47.61 -38.29
C LEU D 310 -32.42 -48.43 -38.71
N LEU D 311 -32.04 -48.27 -39.96
CA LEU D 311 -30.78 -48.79 -40.46
C LEU D 311 -29.85 -47.62 -40.73
N GLN D 312 -28.55 -47.87 -40.58
CA GLN D 312 -27.55 -46.81 -40.56
C GLN D 312 -27.43 -46.12 -41.91
N ASP D 313 -26.79 -44.96 -41.90
CA ASP D 313 -26.81 -44.04 -43.05
C ASP D 313 -26.06 -44.65 -44.23
N ARG D 314 -26.80 -44.99 -45.28
CA ARG D 314 -26.20 -45.58 -46.47
C ARG D 314 -25.32 -44.59 -47.20
N LEU D 315 -25.65 -43.31 -47.13
CA LEU D 315 -24.68 -42.29 -47.50
C LEU D 315 -23.65 -42.17 -46.39
N ASN D 316 -22.38 -42.11 -46.79
CA ASN D 316 -21.32 -41.84 -45.83
C ASN D 316 -21.10 -40.34 -45.82
N LEU D 317 -21.98 -39.64 -45.12
CA LEU D 317 -21.94 -38.18 -45.10
C LEU D 317 -20.82 -37.63 -44.24
N HIS D 318 -20.04 -38.46 -43.56
CA HIS D 318 -18.80 -38.01 -42.96
C HIS D 318 -17.61 -38.21 -43.89
N ASP D 319 -17.76 -39.01 -44.93
CA ASP D 319 -16.71 -39.30 -45.89
C ASP D 319 -16.84 -38.32 -47.04
N ASN D 320 -15.86 -37.42 -47.15
CA ASN D 320 -15.67 -36.38 -48.17
C ASN D 320 -16.69 -35.25 -48.12
N PHE D 321 -17.70 -35.33 -47.25
CA PHE D 321 -18.71 -34.29 -47.11
C PHE D 321 -18.41 -33.57 -45.80
N GLU D 322 -17.55 -32.58 -45.88
CA GLU D 322 -17.14 -31.86 -44.69
C GLU D 322 -17.91 -30.56 -44.49
N SER D 323 -18.84 -30.23 -45.39
CA SER D 323 -19.73 -29.11 -45.17
C SER D 323 -21.13 -29.55 -44.80
N LEU D 324 -21.49 -30.81 -45.10
CA LEU D 324 -22.76 -31.36 -44.65
C LEU D 324 -22.62 -32.08 -43.32
N TRP D 325 -21.46 -32.63 -43.02
CA TRP D 325 -21.25 -33.21 -41.70
C TRP D 325 -21.00 -32.14 -40.64
N ASP D 326 -20.61 -30.93 -41.03
CA ASP D 326 -20.50 -29.87 -40.04
C ASP D 326 -21.87 -29.41 -39.56
N THR D 327 -22.85 -29.35 -40.45
CA THR D 327 -24.17 -28.90 -40.05
C THR D 327 -25.07 -30.02 -39.57
N ILE D 328 -24.67 -31.28 -39.70
CA ILE D 328 -25.44 -32.38 -39.14
C ILE D 328 -24.92 -32.76 -37.77
N THR D 329 -23.76 -32.22 -37.37
CA THR D 329 -23.29 -32.35 -36.00
C THR D 329 -23.44 -31.09 -35.18
N THR D 330 -23.51 -29.91 -35.80
CA THR D 330 -23.91 -28.75 -35.02
C THR D 330 -25.40 -28.75 -34.76
N SER D 331 -26.16 -29.59 -35.45
CA SER D 331 -27.57 -29.80 -35.15
C SER D 331 -27.78 -30.88 -34.11
N ASN D 332 -26.77 -31.72 -33.90
CA ASN D 332 -26.80 -32.72 -32.85
C ASN D 332 -26.14 -32.26 -31.58
N TYR D 333 -25.22 -31.30 -31.66
CA TYR D 333 -24.56 -30.81 -30.46
C TYR D 333 -25.49 -29.91 -29.66
N ILE D 334 -26.40 -29.22 -30.34
CA ILE D 334 -27.33 -28.33 -29.65
C ILE D 334 -28.53 -29.11 -29.13
N LEU D 335 -28.84 -30.25 -29.74
CA LEU D 335 -29.81 -31.15 -29.14
C LEU D 335 -29.24 -31.82 -27.89
N ALA D 336 -27.99 -32.28 -27.96
CA ALA D 336 -27.39 -32.97 -26.83
C ALA D 336 -27.13 -32.04 -25.66
N ARG D 337 -26.85 -30.76 -25.94
CA ARG D 337 -26.72 -29.75 -24.88
C ARG D 337 -28.02 -29.54 -24.12
N SER D 338 -29.16 -29.74 -24.78
CA SER D 338 -30.46 -29.58 -24.12
C SER D 338 -30.72 -30.64 -23.07
N VAL D 339 -30.27 -31.88 -23.29
CA VAL D 339 -30.63 -32.97 -22.38
C VAL D 339 -29.59 -33.24 -21.30
N VAL D 340 -28.41 -32.65 -21.39
CA VAL D 340 -27.41 -32.78 -20.33
C VAL D 340 -27.89 -32.00 -19.13
N PRO D 341 -27.99 -32.61 -17.95
CA PRO D 341 -28.66 -31.96 -16.83
C PRO D 341 -27.78 -30.94 -16.10
N ASP D 342 -28.45 -30.00 -15.44
CA ASP D 342 -27.76 -28.97 -14.67
C ASP D 342 -27.22 -29.55 -13.38
N LEU D 343 -26.10 -28.99 -12.93
CA LEU D 343 -25.50 -29.41 -11.67
C LEU D 343 -26.35 -29.00 -10.47
N LYS D 344 -26.34 -29.85 -9.45
CA LYS D 344 -27.18 -29.61 -8.27
C LYS D 344 -26.62 -28.51 -7.37
N GLU D 345 -25.35 -28.11 -7.54
CA GLU D 345 -24.85 -26.99 -6.77
C GLU D 345 -25.32 -25.65 -7.30
N LEU D 346 -25.69 -25.57 -8.57
CA LEU D 346 -26.17 -24.31 -9.14
C LEU D 346 -27.67 -24.15 -8.99
N VAL D 347 -28.44 -25.11 -9.51
CA VAL D 347 -29.85 -24.90 -9.80
C VAL D 347 -30.70 -25.18 -8.58
N SER D 348 -31.72 -24.35 -8.41
CA SER D 348 -32.82 -24.52 -7.45
C SER D 348 -33.94 -23.61 -7.90
N THR D 349 -35.13 -23.81 -7.34
CA THR D 349 -36.27 -23.00 -7.74
C THR D 349 -36.18 -21.61 -7.11
N GLU D 350 -37.03 -20.71 -7.60
CA GLU D 350 -37.00 -19.31 -7.17
C GLU D 350 -37.49 -19.17 -5.73
N ALA D 351 -38.53 -19.92 -5.35
CA ALA D 351 -39.09 -19.80 -4.02
C ALA D 351 -38.18 -20.42 -2.95
N GLN D 352 -37.30 -21.35 -3.33
CA GLN D 352 -36.37 -21.91 -2.36
C GLN D 352 -35.34 -20.88 -1.90
N ILE D 353 -35.06 -19.87 -2.74
CA ILE D 353 -34.26 -18.75 -2.30
C ILE D 353 -34.98 -17.98 -1.19
N GLN D 354 -36.30 -17.83 -1.33
CA GLN D 354 -37.09 -17.29 -0.23
C GLN D 354 -37.20 -18.28 0.91
N LYS D 355 -37.21 -19.58 0.61
CA LYS D 355 -37.26 -20.58 1.67
C LYS D 355 -35.92 -20.74 2.40
N MET D 356 -34.82 -20.37 1.75
CA MET D 356 -33.52 -20.43 2.41
C MET D 356 -33.09 -19.08 3.00
N SER D 357 -33.78 -18.00 2.67
CA SER D 357 -33.46 -16.71 3.27
C SER D 357 -34.12 -16.49 4.62
N GLN D 358 -35.26 -17.15 4.87
CA GLN D 358 -35.98 -16.92 6.12
C GLN D 358 -35.43 -17.75 7.27
N ASP D 359 -34.50 -18.66 7.01
CA ASP D 359 -33.87 -19.45 8.07
C ASP D 359 -32.34 -19.38 8.03
N LEU D 360 -31.78 -18.50 7.19
CA LEU D 360 -30.32 -18.37 7.11
C LEU D 360 -29.75 -17.75 8.37
N GLN D 361 -30.47 -16.79 8.95
CA GLN D 361 -30.01 -16.16 10.19
C GLN D 361 -30.16 -17.08 11.38
N LEU D 362 -30.97 -18.14 11.27
CA LEU D 362 -31.16 -19.11 12.35
C LEU D 362 -30.07 -20.18 12.35
N GLU D 363 -29.86 -20.82 11.22
CA GLU D 363 -28.89 -21.92 11.08
C GLU D 363 -27.68 -21.39 10.31
N ALA D 364 -26.63 -21.05 11.05
CA ALA D 364 -25.44 -20.42 10.46
C ALA D 364 -24.56 -21.48 9.83
N LEU D 365 -24.76 -21.74 8.53
CA LEU D 365 -23.95 -22.66 7.75
C LEU D 365 -23.38 -21.87 6.58
N THR D 366 -22.15 -21.35 6.76
CA THR D 366 -21.56 -20.42 5.81
C THR D 366 -20.28 -20.91 5.15
N ILE D 367 -19.50 -21.78 5.79
CA ILE D 367 -18.27 -22.27 5.17
C ILE D 367 -18.41 -23.79 5.04
N GLN D 368 -19.64 -24.24 4.83
CA GLN D 368 -19.88 -25.66 4.62
C GLN D 368 -19.37 -26.11 3.24
N SER D 369 -19.26 -25.17 2.30
CA SER D 369 -18.88 -25.51 0.93
C SER D 369 -17.41 -25.89 0.79
N GLU D 370 -16.56 -25.50 1.75
CA GLU D 370 -15.16 -25.92 1.93
C GLU D 370 -14.31 -25.82 0.65
N THR D 371 -14.18 -24.58 0.18
CA THR D 371 -13.38 -24.31 -1.00
C THR D 371 -12.56 -23.04 -0.77
N GLN D 372 -11.37 -22.97 -1.36
CA GLN D 372 -10.63 -21.72 -1.45
C GLN D 372 -11.05 -20.99 -2.71
N PHE D 373 -11.43 -19.73 -2.56
CA PHE D 373 -11.91 -18.93 -3.68
C PHE D 373 -10.76 -18.52 -4.59
N LEU D 374 -11.06 -18.37 -5.87
CA LEU D 374 -10.14 -17.79 -6.83
C LEU D 374 -10.90 -16.81 -7.70
N THR D 375 -10.19 -15.79 -8.19
CA THR D 375 -10.81 -14.82 -9.06
C THR D 375 -11.00 -15.43 -10.44
N GLY D 376 -12.22 -15.36 -10.96
CA GLY D 376 -12.57 -16.03 -12.19
C GLY D 376 -13.29 -17.35 -12.02
N ILE D 377 -13.75 -17.65 -10.82
CA ILE D 377 -14.45 -18.89 -10.50
C ILE D 377 -15.91 -18.57 -10.26
N ASN D 378 -16.79 -19.15 -11.07
CA ASN D 378 -18.22 -19.01 -10.85
C ASN D 378 -18.87 -20.35 -11.08
N SER D 379 -20.13 -20.47 -10.66
CA SER D 379 -20.84 -21.72 -10.84
C SER D 379 -21.54 -21.82 -12.17
N GLN D 380 -21.75 -20.70 -12.86
CA GLN D 380 -22.35 -20.70 -14.18
C GLN D 380 -21.39 -21.21 -15.25
N ALA D 381 -20.10 -21.34 -14.94
CA ALA D 381 -19.15 -21.97 -15.83
C ALA D 381 -18.90 -23.43 -15.50
N ALA D 382 -19.18 -23.85 -14.27
CA ALA D 382 -19.18 -25.28 -13.99
C ALA D 382 -20.34 -25.97 -14.67
N ASN D 383 -21.50 -25.33 -14.62
CA ASN D 383 -22.68 -25.84 -15.32
C ASN D 383 -22.50 -25.76 -16.82
N ASP D 384 -21.69 -24.81 -17.29
CA ASP D 384 -21.44 -24.71 -18.73
C ASP D 384 -20.43 -25.73 -19.20
N CYS D 385 -19.36 -25.95 -18.46
CA CYS D 385 -18.33 -26.88 -18.89
C CYS D 385 -18.75 -28.33 -18.71
N PHE D 386 -19.72 -28.60 -17.83
CA PHE D 386 -20.29 -29.93 -17.76
C PHE D 386 -21.13 -30.24 -18.97
N LYS D 387 -21.67 -29.22 -19.64
CA LYS D 387 -22.52 -29.45 -20.81
C LYS D 387 -21.74 -29.41 -22.10
N THR D 388 -20.63 -28.70 -22.18
CA THR D 388 -19.83 -28.69 -23.40
C THR D 388 -18.71 -29.70 -23.35
N LEU D 389 -18.68 -30.57 -22.35
CA LEU D 389 -17.85 -31.76 -22.35
C LEU D 389 -18.64 -33.00 -22.70
N ILE D 390 -19.90 -33.06 -22.28
CA ILE D 390 -20.74 -34.19 -22.61
C ILE D 390 -21.34 -34.06 -24.00
N ALA D 391 -21.86 -32.88 -24.34
CA ALA D 391 -22.53 -32.75 -25.60
C ALA D 391 -21.58 -32.56 -26.77
N ALA D 392 -20.30 -32.31 -26.52
CA ALA D 392 -19.34 -32.36 -27.61
C ALA D 392 -18.75 -33.73 -27.80
N MET D 393 -19.01 -34.67 -26.89
CA MET D 393 -18.63 -36.07 -27.07
C MET D 393 -19.73 -36.87 -27.77
N LEU D 394 -21.00 -36.60 -27.42
CA LEU D 394 -22.10 -37.35 -27.98
C LEU D 394 -22.39 -36.98 -29.43
N SER D 395 -21.97 -35.81 -29.87
CA SER D 395 -22.16 -35.40 -31.25
C SER D 395 -20.86 -35.37 -32.04
N GLN D 396 -19.72 -35.60 -31.38
CA GLN D 396 -18.39 -35.65 -31.97
C GLN D 396 -17.98 -34.34 -32.64
N ARG D 397 -18.31 -33.22 -32.01
CA ARG D 397 -17.63 -31.99 -32.37
C ARG D 397 -16.20 -32.05 -31.89
N THR D 398 -15.34 -31.25 -32.49
CA THR D 398 -13.99 -31.08 -32.01
C THR D 398 -13.92 -29.80 -31.21
N MET D 399 -13.61 -29.92 -29.93
CA MET D 399 -13.50 -28.70 -29.14
C MET D 399 -12.19 -28.00 -29.44
N SER D 400 -12.15 -26.71 -29.11
CA SER D 400 -10.95 -25.92 -29.26
C SER D 400 -10.69 -25.25 -27.93
N LEU D 401 -9.49 -25.47 -27.38
CA LEU D 401 -9.18 -24.91 -26.08
C LEU D 401 -8.85 -23.43 -26.20
N ASP D 402 -9.35 -22.66 -25.24
CA ASP D 402 -9.08 -21.24 -25.17
C ASP D 402 -8.60 -20.93 -23.76
N PHE D 403 -7.43 -20.31 -23.65
CA PHE D 403 -6.80 -20.07 -22.36
C PHE D 403 -5.78 -18.96 -22.52
N VAL D 404 -5.23 -18.54 -21.39
CA VAL D 404 -4.11 -17.60 -21.35
C VAL D 404 -2.95 -18.31 -20.66
N THR D 405 -1.73 -18.02 -21.14
CA THR D 405 -0.56 -18.71 -20.62
C THR D 405 -0.23 -18.25 -19.20
N THR D 406 -0.55 -17.01 -18.87
CA THR D 406 -0.21 -16.41 -17.58
C THR D 406 -1.17 -16.78 -16.45
N ASN D 407 -1.95 -17.85 -16.58
CA ASN D 407 -2.81 -18.33 -15.50
C ASN D 407 -2.29 -19.72 -15.11
N TYR D 408 -1.59 -19.79 -13.98
CA TYR D 408 -0.99 -21.06 -13.57
C TYR D 408 -1.99 -22.06 -13.04
N MET D 409 -3.24 -21.65 -12.79
CA MET D 409 -4.25 -22.60 -12.33
C MET D 409 -5.05 -23.17 -13.48
N SER D 410 -5.28 -22.40 -14.55
CA SER D 410 -5.99 -22.95 -15.70
C SER D 410 -5.16 -23.99 -16.44
N LEU D 411 -3.84 -23.92 -16.33
CA LEU D 411 -2.98 -24.95 -16.92
C LEU D 411 -2.92 -26.20 -16.05
N ILE D 412 -3.07 -26.06 -14.74
CA ILE D 412 -3.12 -27.25 -13.87
C ILE D 412 -4.46 -27.96 -14.05
N SER D 413 -5.55 -27.21 -14.17
CA SER D 413 -6.84 -27.81 -14.44
C SER D 413 -6.95 -28.37 -15.85
N GLY D 414 -6.09 -27.93 -16.76
CA GLY D 414 -6.00 -28.58 -18.05
C GLY D 414 -5.35 -29.94 -18.01
N MET D 415 -4.60 -30.24 -16.94
CA MET D 415 -4.03 -31.57 -16.81
C MET D 415 -5.10 -32.62 -16.55
N TRP D 416 -6.16 -32.24 -15.82
CA TRP D 416 -7.29 -33.15 -15.65
C TRP D 416 -8.07 -33.28 -16.94
N LEU D 417 -8.07 -32.26 -17.79
CA LEU D 417 -8.92 -32.29 -18.97
C LEU D 417 -8.37 -33.22 -20.03
N LEU D 418 -7.07 -33.20 -20.27
CA LEU D 418 -6.47 -34.05 -21.29
C LEU D 418 -6.41 -35.50 -20.86
N THR D 419 -6.52 -35.77 -19.56
CA THR D 419 -6.40 -37.14 -19.09
C THR D 419 -7.75 -37.85 -19.00
N VAL D 420 -8.85 -37.14 -19.21
CA VAL D 420 -10.18 -37.73 -19.24
C VAL D 420 -10.76 -37.71 -20.65
N VAL D 421 -10.88 -36.53 -21.24
CA VAL D 421 -11.30 -36.45 -22.65
C VAL D 421 -10.14 -36.90 -23.54
N PRO D 422 -10.36 -37.81 -24.48
CA PRO D 422 -9.28 -38.24 -25.35
C PRO D 422 -8.83 -37.13 -26.29
N ASN D 423 -7.53 -37.09 -26.55
CA ASN D 423 -6.92 -35.99 -27.30
C ASN D 423 -7.26 -35.99 -28.77
N ASP D 424 -7.97 -36.99 -29.27
CA ASP D 424 -8.41 -36.97 -30.65
C ASP D 424 -9.53 -35.96 -30.85
N MET D 425 -10.18 -35.53 -29.77
CA MET D 425 -11.26 -34.56 -29.89
C MET D 425 -10.77 -33.12 -29.87
N PHE D 426 -9.76 -32.81 -29.06
CA PHE D 426 -9.21 -31.46 -29.07
C PHE D 426 -8.44 -31.23 -30.36
N ILE D 427 -8.63 -30.05 -30.93
CA ILE D 427 -8.11 -29.78 -32.26
C ILE D 427 -6.60 -29.58 -32.18
N ARG D 428 -5.88 -30.06 -33.20
CA ARG D 428 -4.43 -30.23 -33.14
C ARG D 428 -3.69 -28.90 -33.00
N GLU D 429 -4.20 -27.83 -33.61
CA GLU D 429 -3.56 -26.53 -33.48
C GLU D 429 -3.74 -25.93 -32.09
N SER D 430 -4.70 -26.43 -31.30
CA SER D 430 -4.97 -25.89 -29.98
C SER D 430 -4.84 -26.90 -28.86
N LEU D 431 -4.78 -28.20 -29.17
CA LEU D 431 -4.33 -29.16 -28.17
C LEU D 431 -2.85 -29.00 -27.89
N VAL D 432 -2.07 -28.79 -28.95
CA VAL D 432 -0.62 -28.71 -28.85
C VAL D 432 -0.18 -27.48 -28.06
N ALA D 433 -0.83 -26.33 -28.29
CA ALA D 433 -0.47 -25.12 -27.57
C ALA D 433 -0.87 -25.16 -26.11
N CYS D 434 -1.75 -26.08 -25.71
CA CYS D 434 -2.04 -26.31 -24.31
C CYS D 434 -1.20 -27.44 -23.73
N GLN D 435 -0.92 -28.46 -24.55
CA GLN D 435 -0.07 -29.55 -24.10
C GLN D 435 1.38 -29.13 -23.97
N LEU D 436 1.80 -28.11 -24.72
CA LEU D 436 3.15 -27.57 -24.57
C LEU D 436 3.24 -26.60 -23.40
N ALA D 437 2.16 -25.87 -23.11
CA ALA D 437 2.19 -24.90 -22.03
C ALA D 437 2.26 -25.56 -20.66
N ILE D 438 1.75 -26.78 -20.52
CA ILE D 438 1.94 -27.52 -19.28
C ILE D 438 3.39 -27.97 -19.15
N ILE D 439 4.03 -28.30 -20.26
CA ILE D 439 5.41 -28.79 -20.23
C ILE D 439 6.36 -27.66 -19.86
N ASN D 440 6.27 -26.54 -20.56
CA ASN D 440 7.23 -25.45 -20.35
C ASN D 440 7.01 -24.67 -19.06
N THR D 441 5.93 -24.92 -18.31
CA THR D 441 5.65 -24.13 -17.12
C THR D 441 5.63 -24.96 -15.86
N ILE D 442 4.97 -26.12 -15.87
CA ILE D 442 4.72 -26.90 -14.66
C ILE D 442 5.60 -28.13 -14.58
N ILE D 443 5.74 -28.87 -15.68
CA ILE D 443 6.47 -30.13 -15.61
C ILE D 443 7.97 -29.91 -15.70
N TYR D 444 8.45 -29.25 -16.75
CA TYR D 444 9.89 -29.12 -16.95
C TYR D 444 10.62 -28.17 -15.99
N PRO D 445 10.05 -27.06 -15.49
CA PRO D 445 10.72 -26.37 -14.38
C PRO D 445 10.72 -27.14 -13.08
N ALA D 446 9.81 -28.10 -12.89
CA ALA D 446 9.81 -28.87 -11.66
C ALA D 446 11.02 -29.79 -11.59
N PHE D 447 11.46 -30.31 -12.72
CA PHE D 447 12.63 -31.18 -12.76
C PHE D 447 13.90 -30.43 -13.09
N GLY D 448 13.81 -29.13 -13.36
CA GLY D 448 14.97 -28.34 -13.70
C GLY D 448 15.50 -28.54 -15.09
N MET D 449 14.76 -29.21 -15.96
CA MET D 449 15.21 -29.43 -17.32
C MET D 449 15.08 -28.16 -18.14
N GLN D 450 15.75 -28.15 -19.29
CA GLN D 450 15.64 -27.02 -20.19
C GLN D 450 14.29 -27.07 -20.90
N ARG D 451 13.65 -25.91 -20.99
CA ARG D 451 12.33 -25.83 -21.63
C ARG D 451 12.46 -26.12 -23.12
N MET D 452 11.50 -26.87 -23.65
CA MET D 452 11.68 -27.55 -24.92
C MET D 452 11.53 -26.58 -26.08
N HIS D 453 12.40 -26.72 -27.08
CA HIS D 453 12.23 -26.05 -28.36
C HIS D 453 11.21 -26.85 -29.14
N TYR D 454 9.98 -26.39 -29.17
CA TYR D 454 8.95 -27.06 -29.93
C TYR D 454 8.61 -26.21 -31.15
N ARG D 455 9.11 -26.63 -32.31
CA ARG D 455 8.84 -25.93 -33.55
C ARG D 455 7.41 -26.15 -34.00
N ASN D 456 6.93 -25.27 -34.87
CA ASN D 456 5.58 -25.40 -35.41
C ASN D 456 5.47 -26.61 -36.31
N GLY D 457 4.45 -27.42 -36.09
CA GLY D 457 4.15 -28.48 -37.03
C GLY D 457 4.99 -29.73 -36.91
N ASP D 458 5.64 -29.93 -35.78
CA ASP D 458 6.31 -31.21 -35.53
C ASP D 458 5.27 -32.31 -35.43
N PRO D 459 5.54 -33.50 -35.99
CA PRO D 459 4.54 -34.57 -35.97
C PRO D 459 4.31 -35.18 -34.60
N GLN D 460 5.18 -34.94 -33.62
CA GLN D 460 5.04 -35.47 -32.28
C GLN D 460 4.51 -34.38 -31.37
N THR D 461 3.37 -34.63 -30.73
CA THR D 461 2.80 -33.68 -29.78
C THR D 461 3.68 -33.63 -28.53
N PRO D 462 3.78 -32.47 -27.88
CA PRO D 462 4.77 -32.31 -26.79
C PRO D 462 4.51 -33.06 -25.49
N PHE D 463 3.49 -33.91 -25.42
CA PHE D 463 3.48 -34.94 -24.39
C PHE D 463 4.07 -36.25 -24.91
N GLN D 464 3.96 -36.49 -26.21
CA GLN D 464 4.56 -37.66 -26.83
C GLN D 464 6.06 -37.50 -27.04
N ILE D 465 6.58 -36.30 -26.87
CA ILE D 465 8.01 -36.03 -26.96
C ILE D 465 8.60 -35.74 -25.60
N ALA D 466 7.78 -35.67 -24.56
CA ALA D 466 8.26 -35.50 -23.19
C ALA D 466 8.01 -36.72 -22.31
N GLU D 467 7.48 -37.82 -22.85
CA GLU D 467 7.59 -39.08 -22.12
C GLU D 467 8.88 -39.80 -22.44
N GLN D 468 9.58 -39.39 -23.48
CA GLN D 468 10.89 -39.95 -23.79
C GLN D 468 12.01 -39.16 -23.17
N GLN D 469 11.82 -37.85 -23.01
CA GLN D 469 12.86 -36.97 -22.50
C GLN D 469 12.83 -36.84 -20.98
N ILE D 470 11.82 -37.39 -20.33
CA ILE D 470 11.72 -37.27 -18.87
C ILE D 470 12.17 -38.59 -18.26
N GLN D 471 12.69 -38.52 -17.04
CA GLN D 471 13.33 -39.67 -16.43
C GLN D 471 12.65 -40.10 -15.13
N ASN D 472 11.57 -39.44 -14.74
CA ASN D 472 10.78 -39.91 -13.62
C ASN D 472 9.98 -41.15 -14.03
N PHE D 473 9.30 -41.76 -13.06
CA PHE D 473 8.45 -42.90 -13.33
C PHE D 473 6.97 -42.61 -13.15
N GLN D 474 6.61 -41.76 -12.20
CA GLN D 474 5.20 -41.51 -11.96
C GLN D 474 4.64 -40.42 -12.84
N VAL D 475 5.42 -39.42 -13.22
CA VAL D 475 4.97 -38.43 -14.20
C VAL D 475 5.32 -38.87 -15.62
N ALA D 476 6.01 -39.98 -15.79
CA ALA D 476 6.12 -40.61 -17.10
C ALA D 476 5.14 -41.74 -17.26
N ASN D 477 4.33 -42.01 -16.24
CA ASN D 477 3.23 -42.95 -16.36
C ASN D 477 1.91 -42.25 -16.62
N TRP D 478 1.78 -41.01 -16.19
CA TRP D 478 0.61 -40.22 -16.57
C TRP D 478 0.75 -39.71 -18.00
N LEU D 479 1.96 -39.28 -18.39
CA LEU D 479 2.20 -38.89 -19.78
C LEU D 479 2.11 -40.04 -20.76
N HIS D 480 2.13 -41.28 -20.29
CA HIS D 480 1.84 -42.37 -21.20
C HIS D 480 0.34 -42.58 -21.36
N PHE D 481 -0.45 -42.25 -20.34
CA PHE D 481 -1.89 -42.42 -20.49
C PHE D 481 -2.47 -41.34 -21.38
N VAL D 482 -1.97 -40.11 -21.28
CA VAL D 482 -2.49 -39.03 -22.11
C VAL D 482 -2.09 -39.24 -23.57
N ASN D 483 -0.91 -39.81 -23.81
CA ASN D 483 -0.51 -40.08 -25.18
C ASN D 483 -1.27 -41.25 -25.79
N ASN D 484 -1.92 -42.07 -24.99
CA ASN D 484 -2.64 -43.22 -25.52
C ASN D 484 -4.03 -43.29 -24.94
N ASN D 485 -4.65 -42.14 -24.74
CA ASN D 485 -6.05 -42.06 -24.37
C ASN D 485 -6.87 -41.93 -25.65
N GLN D 486 -7.60 -42.99 -26.00
CA GLN D 486 -8.33 -42.99 -27.25
C GLN D 486 -9.73 -43.58 -27.03
N PHE D 487 -10.65 -43.16 -27.88
CA PHE D 487 -11.96 -43.77 -27.90
C PHE D 487 -11.87 -45.18 -28.45
N ARG D 488 -12.77 -46.04 -28.01
CA ARG D 488 -12.73 -47.45 -28.35
C ARG D 488 -13.99 -47.77 -29.14
N GLN D 489 -13.88 -47.76 -30.46
CA GLN D 489 -15.04 -47.89 -31.34
C GLN D 489 -15.59 -49.30 -31.30
N VAL D 490 -16.64 -49.50 -30.52
CA VAL D 490 -17.31 -50.79 -30.43
C VAL D 490 -18.74 -50.61 -30.93
N VAL D 491 -19.31 -51.67 -31.48
CA VAL D 491 -20.69 -51.65 -31.95
C VAL D 491 -21.57 -52.32 -30.90
N ILE D 492 -22.55 -51.60 -30.41
CA ILE D 492 -23.42 -52.07 -29.34
C ILE D 492 -24.86 -51.87 -29.77
N ASP D 493 -25.64 -52.96 -29.79
CA ASP D 493 -27.06 -52.98 -30.17
C ASP D 493 -27.25 -52.47 -31.59
N GLY D 494 -26.32 -52.80 -32.48
CA GLY D 494 -26.37 -52.37 -33.85
C GLY D 494 -25.94 -50.95 -34.11
N VAL D 495 -25.54 -50.22 -33.09
CA VAL D 495 -25.18 -48.81 -33.21
C VAL D 495 -23.74 -48.67 -32.77
N LEU D 496 -22.86 -48.32 -33.70
CA LEU D 496 -21.45 -48.14 -33.34
C LEU D 496 -21.32 -46.84 -32.57
N ASN D 497 -20.92 -46.95 -31.30
CA ASN D 497 -20.69 -45.76 -30.48
C ASN D 497 -19.43 -45.95 -29.66
N GLN D 498 -18.78 -44.84 -29.35
CA GLN D 498 -17.40 -44.82 -28.93
C GLN D 498 -17.32 -44.71 -27.41
N VAL D 499 -17.20 -45.86 -26.75
CA VAL D 499 -17.12 -45.86 -25.29
C VAL D 499 -15.73 -45.40 -24.85
N LEU D 500 -15.68 -44.87 -23.64
CA LEU D 500 -14.44 -44.39 -23.05
C LEU D 500 -13.60 -45.57 -22.58
N ASN D 501 -12.38 -45.26 -22.17
CA ASN D 501 -11.51 -46.28 -21.58
C ASN D 501 -12.07 -46.72 -20.23
N ASP D 502 -11.75 -47.95 -19.84
CA ASP D 502 -12.35 -48.52 -18.65
C ASP D 502 -11.84 -47.87 -17.37
N ASN D 503 -10.63 -47.32 -17.39
CA ASN D 503 -10.12 -46.65 -16.21
C ASN D 503 -10.79 -45.29 -16.01
N ILE D 504 -11.32 -44.67 -17.07
CA ILE D 504 -11.92 -43.35 -16.93
C ILE D 504 -13.31 -43.45 -16.31
N ARG D 505 -14.07 -44.48 -16.67
CA ARG D 505 -15.37 -44.71 -16.03
C ARG D 505 -15.20 -45.08 -14.57
N ASN D 506 -14.09 -45.73 -14.20
CA ASN D 506 -13.85 -46.09 -12.81
C ASN D 506 -13.53 -44.86 -11.98
N GLY D 507 -12.68 -43.99 -12.49
CA GLY D 507 -12.09 -42.92 -11.73
C GLY D 507 -10.62 -43.08 -11.48
N HIS D 508 -10.05 -44.25 -11.81
CA HIS D 508 -8.66 -44.58 -11.51
C HIS D 508 -7.66 -43.71 -12.24
N VAL D 509 -8.07 -42.95 -13.25
CA VAL D 509 -7.14 -42.07 -13.93
C VAL D 509 -6.74 -40.91 -13.04
N VAL D 510 -7.64 -40.47 -12.16
CA VAL D 510 -7.30 -39.42 -11.22
C VAL D 510 -6.28 -39.93 -10.20
N ASN D 511 -6.39 -41.19 -9.80
CA ASN D 511 -5.37 -41.78 -8.95
C ASN D 511 -4.07 -42.07 -9.70
N GLN D 512 -4.06 -41.94 -11.03
CA GLN D 512 -2.81 -41.90 -11.78
C GLN D 512 -2.30 -40.48 -11.95
N LEU D 513 -3.19 -39.50 -11.95
CA LEU D 513 -2.76 -38.11 -12.08
C LEU D 513 -2.30 -37.56 -10.73
N MET D 514 -3.09 -37.76 -9.68
CA MET D 514 -2.73 -37.19 -8.39
C MET D 514 -1.60 -37.95 -7.73
N GLU D 515 -1.29 -39.15 -8.20
CA GLU D 515 -0.04 -39.79 -7.82
C GLU D 515 1.13 -39.16 -8.56
N ALA D 516 0.88 -38.61 -9.75
CA ALA D 516 1.90 -37.90 -10.52
C ALA D 516 1.94 -36.42 -10.20
N LEU D 517 0.83 -35.85 -9.75
CA LEU D 517 0.79 -34.45 -9.37
C LEU D 517 1.33 -34.21 -7.98
N MET D 518 1.64 -35.28 -7.24
CA MET D 518 2.24 -35.20 -5.92
C MET D 518 3.75 -35.31 -5.98
N GLN D 519 4.27 -36.17 -6.86
CA GLN D 519 5.71 -36.25 -7.05
C GLN D 519 6.25 -35.00 -7.71
N LEU D 520 5.43 -34.36 -8.54
CA LEU D 520 5.85 -33.12 -9.17
C LEU D 520 5.80 -31.95 -8.19
N SER D 521 5.07 -32.09 -7.10
CA SER D 521 5.04 -31.05 -6.07
C SER D 521 6.11 -31.20 -5.01
N ARG D 522 6.67 -32.40 -4.85
CA ARG D 522 7.79 -32.63 -3.94
C ARG D 522 9.14 -32.43 -4.60
N GLN D 523 9.17 -31.90 -5.83
CA GLN D 523 10.44 -31.59 -6.45
C GLN D 523 10.92 -30.22 -5.99
N GLN D 524 12.15 -29.89 -6.39
CA GLN D 524 12.86 -28.75 -5.81
C GLN D 524 12.75 -27.47 -6.63
N PHE D 525 12.42 -27.56 -7.92
CA PHE D 525 12.44 -26.48 -8.91
C PHE D 525 13.79 -25.78 -8.89
N PRO D 526 14.86 -26.41 -9.40
CA PRO D 526 16.21 -25.87 -9.15
C PRO D 526 16.54 -24.60 -9.91
N THR D 527 16.13 -24.49 -11.18
CA THR D 527 16.48 -23.30 -11.95
C THR D 527 15.66 -22.10 -11.51
N MET D 528 14.36 -22.28 -11.33
CA MET D 528 13.44 -21.20 -11.08
C MET D 528 13.62 -20.65 -9.66
N PRO D 529 13.24 -19.38 -9.43
CA PRO D 529 13.29 -18.85 -8.06
C PRO D 529 12.28 -19.48 -7.11
N VAL D 530 12.29 -19.05 -5.86
CA VAL D 530 11.50 -19.73 -4.84
C VAL D 530 10.03 -19.32 -4.92
N ASP D 531 9.73 -18.07 -5.30
CA ASP D 531 8.34 -17.64 -5.37
C ASP D 531 7.63 -18.28 -6.55
N TYR D 532 8.35 -18.59 -7.63
CA TYR D 532 7.75 -19.40 -8.69
C TYR D 532 7.46 -20.81 -8.21
N LYS D 533 8.31 -21.35 -7.34
CA LYS D 533 8.02 -22.64 -6.72
C LYS D 533 6.83 -22.53 -5.78
N ARG D 534 6.71 -21.42 -5.06
CA ARG D 534 5.58 -21.22 -4.17
C ARG D 534 4.30 -20.90 -4.94
N SER D 535 4.40 -20.47 -6.21
CA SER D 535 3.19 -20.14 -6.95
C SER D 535 2.54 -21.37 -7.55
N ILE D 536 3.32 -22.42 -7.84
CA ILE D 536 2.74 -23.68 -8.31
C ILE D 536 2.34 -24.57 -7.16
N GLN D 537 3.22 -24.70 -6.15
CA GLN D 537 2.94 -25.54 -4.99
C GLN D 537 1.77 -25.04 -4.15
N ARG D 538 1.34 -23.79 -4.33
CA ARG D 538 0.07 -23.34 -3.77
C ARG D 538 -1.10 -23.69 -4.66
N GLY D 539 -0.86 -23.80 -5.96
CA GLY D 539 -1.93 -24.03 -6.92
C GLY D 539 -2.09 -25.49 -7.31
N ILE D 540 -1.01 -26.26 -7.21
CA ILE D 540 -1.07 -27.69 -7.46
C ILE D 540 -1.58 -28.45 -6.26
N LEU D 541 -1.70 -27.77 -5.13
CA LEU D 541 -2.23 -28.34 -3.89
C LEU D 541 -3.69 -27.99 -3.67
N LEU D 542 -4.22 -27.00 -4.39
CA LEU D 542 -5.66 -26.82 -4.45
C LEU D 542 -6.34 -27.89 -5.29
N LEU D 543 -5.58 -28.67 -6.06
CA LEU D 543 -6.12 -29.76 -6.84
C LEU D 543 -5.81 -31.13 -6.26
N SER D 544 -4.74 -31.26 -5.48
CA SER D 544 -4.48 -32.51 -4.79
C SER D 544 -5.27 -32.62 -3.49
N ASN D 545 -5.78 -31.51 -2.98
CA ASN D 545 -6.70 -31.54 -1.86
C ASN D 545 -8.10 -31.98 -2.28
N ARG D 546 -8.38 -31.95 -3.58
CA ARG D 546 -9.70 -32.27 -4.10
C ARG D 546 -9.76 -33.66 -4.73
N LEU D 547 -8.94 -34.61 -4.25
CA LEU D 547 -8.86 -35.92 -4.89
C LEU D 547 -10.17 -36.67 -4.78
N GLY D 548 -10.83 -36.58 -3.63
CA GLY D 548 -12.11 -37.26 -3.47
C GLY D 548 -13.21 -36.63 -4.27
N GLN D 549 -13.12 -35.33 -4.54
CA GLN D 549 -14.08 -34.64 -5.37
C GLN D 549 -13.69 -34.62 -6.85
N LEU D 550 -12.48 -35.08 -7.19
CA LEU D 550 -12.07 -35.16 -8.58
C LEU D 550 -12.00 -36.59 -9.10
N VAL D 551 -11.87 -37.58 -8.22
CA VAL D 551 -12.03 -38.97 -8.61
C VAL D 551 -13.49 -39.28 -8.83
N ASP D 552 -14.38 -38.39 -8.41
CA ASP D 552 -15.80 -38.59 -8.55
C ASP D 552 -16.44 -37.75 -9.63
N LEU D 553 -15.86 -36.59 -9.96
CA LEU D 553 -16.29 -35.89 -11.16
C LEU D 553 -16.02 -36.73 -12.40
N THR D 554 -14.91 -37.46 -12.41
CA THR D 554 -14.59 -38.35 -13.51
C THR D 554 -15.58 -39.50 -13.59
N ARG D 555 -16.09 -39.96 -12.44
CA ARG D 555 -17.13 -40.98 -12.45
C ARG D 555 -18.44 -40.44 -12.98
N LEU D 556 -18.80 -39.21 -12.59
CA LEU D 556 -20.07 -38.63 -12.97
C LEU D 556 -20.05 -38.14 -14.41
N LEU D 557 -18.93 -37.61 -14.87
CA LEU D 557 -18.81 -37.14 -16.24
C LEU D 557 -18.80 -38.31 -17.22
N ALA D 558 -18.34 -39.47 -16.79
CA ALA D 558 -18.32 -40.64 -17.65
C ALA D 558 -19.50 -41.55 -17.40
N TYR D 559 -20.43 -41.14 -16.54
CA TYR D 559 -21.72 -41.81 -16.40
C TYR D 559 -22.85 -41.06 -17.07
N ASN D 560 -22.82 -39.73 -17.04
CA ASN D 560 -23.77 -38.97 -17.84
C ASN D 560 -23.51 -39.15 -19.33
N TYR D 561 -22.26 -39.29 -19.72
CA TYR D 561 -21.98 -39.59 -21.12
C TYR D 561 -22.37 -41.02 -21.45
N GLU D 562 -22.21 -41.95 -20.52
CA GLU D 562 -22.54 -43.35 -20.80
C GLU D 562 -24.04 -43.59 -20.82
N THR D 563 -24.80 -42.87 -19.99
CA THR D 563 -26.25 -43.05 -19.95
C THR D 563 -26.92 -42.44 -21.17
N LEU D 564 -26.58 -41.18 -21.48
CA LEU D 564 -27.18 -40.48 -22.61
C LEU D 564 -26.80 -41.09 -23.94
N MET D 565 -25.67 -41.81 -24.02
CA MET D 565 -25.26 -42.44 -25.27
C MET D 565 -26.13 -43.64 -25.62
N ALA D 566 -26.89 -44.17 -24.67
CA ALA D 566 -27.83 -45.22 -25.00
C ALA D 566 -29.02 -44.70 -25.79
N CYS D 567 -29.26 -43.40 -25.75
CA CYS D 567 -30.43 -42.82 -26.39
C CYS D 567 -30.19 -42.40 -27.82
N ILE D 568 -28.95 -42.43 -28.32
CA ILE D 568 -28.73 -42.12 -29.72
C ILE D 568 -29.19 -43.30 -30.57
N THR D 569 -29.34 -43.05 -31.84
CA THR D 569 -29.61 -44.14 -32.75
C THR D 569 -28.70 -44.12 -33.96
N MET D 570 -28.39 -42.94 -34.49
CA MET D 570 -27.53 -42.86 -35.66
C MET D 570 -26.09 -43.17 -35.28
N ASN D 571 -25.35 -43.65 -36.26
CA ASN D 571 -23.99 -44.12 -36.07
C ASN D 571 -23.06 -42.94 -35.82
N MET D 572 -22.52 -42.81 -34.61
CA MET D 572 -21.57 -41.74 -34.34
C MET D 572 -20.20 -42.13 -34.85
N GLN D 573 -19.69 -41.37 -35.81
CA GLN D 573 -18.36 -41.55 -36.36
C GLN D 573 -17.43 -40.48 -35.83
N HIS D 574 -16.15 -40.82 -35.70
CA HIS D 574 -15.16 -39.91 -35.15
C HIS D 574 -14.33 -39.34 -36.29
N VAL D 575 -14.78 -38.21 -36.82
CA VAL D 575 -14.09 -37.49 -37.89
C VAL D 575 -14.02 -36.03 -37.47
N GLN D 576 -12.84 -35.42 -37.62
CA GLN D 576 -12.65 -34.02 -37.27
C GLN D 576 -13.52 -33.11 -38.13
N THR D 577 -14.37 -32.32 -37.48
CA THR D 577 -15.28 -31.42 -38.16
C THR D 577 -14.60 -30.10 -38.47
N LEU D 578 -15.25 -29.31 -39.32
CA LEU D 578 -14.75 -27.97 -39.66
C LEU D 578 -14.75 -27.00 -38.49
N THR D 579 -15.92 -26.64 -38.01
CA THR D 579 -16.03 -25.59 -37.00
C THR D 579 -15.94 -26.22 -35.61
N THR D 580 -15.32 -25.49 -34.70
CA THR D 580 -15.00 -25.98 -33.38
C THR D 580 -15.86 -25.30 -32.33
N GLU D 581 -15.93 -25.92 -31.15
CA GLU D 581 -16.68 -25.43 -30.03
C GLU D 581 -15.72 -24.97 -28.94
N LYS D 582 -15.74 -23.68 -28.64
CA LYS D 582 -14.77 -23.10 -27.74
C LYS D 582 -15.07 -23.52 -26.30
N LEU D 583 -14.18 -24.31 -25.72
CA LEU D 583 -14.20 -24.64 -24.31
C LEU D 583 -13.11 -23.83 -23.63
N GLN D 584 -13.52 -22.90 -22.76
CA GLN D 584 -12.55 -22.07 -22.06
C GLN D 584 -11.90 -22.86 -20.95
N LEU D 585 -10.57 -22.83 -20.90
CA LEU D 585 -9.87 -23.58 -19.87
C LEU D 585 -9.97 -22.92 -18.51
N THR D 586 -10.37 -21.65 -18.44
CA THR D 586 -10.73 -21.04 -17.17
C THR D 586 -12.12 -21.41 -16.72
N SER D 587 -12.81 -22.26 -17.48
CA SER D 587 -14.09 -22.81 -17.08
C SER D 587 -14.01 -24.29 -16.75
N VAL D 588 -12.88 -24.95 -16.97
CA VAL D 588 -12.67 -26.26 -16.37
C VAL D 588 -12.25 -26.10 -14.92
N THR D 589 -11.52 -25.01 -14.61
CA THR D 589 -11.16 -24.74 -13.22
C THR D 589 -12.41 -24.47 -12.38
N SER D 590 -13.41 -23.82 -12.96
CA SER D 590 -14.66 -23.66 -12.24
C SER D 590 -15.42 -24.98 -12.12
N LEU D 591 -15.13 -25.97 -12.95
CA LEU D 591 -15.75 -27.27 -12.77
C LEU D 591 -14.98 -28.14 -11.78
N CYS D 592 -13.65 -28.09 -11.83
CA CYS D 592 -12.85 -29.05 -11.06
C CYS D 592 -12.92 -28.80 -9.57
N MET D 593 -13.13 -27.57 -9.14
CA MET D 593 -13.13 -27.27 -7.71
C MET D 593 -14.40 -26.54 -7.29
N LEU D 594 -15.54 -26.91 -7.84
CA LEU D 594 -16.79 -26.34 -7.34
C LEU D 594 -17.92 -27.37 -7.36
N ILE D 595 -17.61 -28.65 -7.57
CA ILE D 595 -18.61 -29.70 -7.54
C ILE D 595 -18.58 -30.33 -6.16
N GLY D 596 -19.62 -31.10 -5.82
CA GLY D 596 -19.57 -31.83 -4.57
C GLY D 596 -20.80 -32.60 -4.15
N ASN D 597 -20.57 -33.84 -3.68
CA ASN D 597 -21.45 -34.72 -2.90
C ASN D 597 -22.93 -34.78 -3.29
N ALA D 598 -23.24 -34.56 -4.57
CA ALA D 598 -24.64 -34.58 -5.01
C ALA D 598 -24.65 -35.07 -6.45
N THR D 599 -25.04 -36.32 -6.64
CA THR D 599 -25.12 -36.89 -7.98
C THR D 599 -26.21 -36.20 -8.76
N VAL D 600 -25.87 -35.72 -9.95
CA VAL D 600 -26.87 -35.34 -10.92
C VAL D 600 -26.92 -36.44 -11.99
N ILE D 601 -28.03 -37.16 -12.00
CA ILE D 601 -28.23 -38.30 -12.90
C ILE D 601 -29.32 -37.85 -13.86
N PRO D 602 -29.24 -38.16 -15.15
CA PRO D 602 -30.24 -37.63 -16.08
C PRO D 602 -31.56 -38.36 -15.92
N SER D 603 -32.62 -37.59 -15.64
CA SER D 603 -33.91 -38.14 -15.32
C SER D 603 -34.50 -38.86 -16.52
N PRO D 604 -35.30 -39.91 -16.32
CA PRO D 604 -35.72 -40.72 -17.46
C PRO D 604 -36.75 -40.08 -18.33
N GLN D 605 -37.34 -38.96 -17.94
CA GLN D 605 -38.24 -38.26 -18.84
C GLN D 605 -37.47 -37.46 -19.88
N THR D 606 -36.20 -37.13 -19.65
CA THR D 606 -35.36 -36.50 -20.65
C THR D 606 -34.33 -37.45 -21.24
N LEU D 607 -34.49 -38.75 -21.00
CA LEU D 607 -33.86 -39.76 -21.85
C LEU D 607 -34.81 -40.25 -22.91
N PHE D 608 -36.10 -40.35 -22.59
CA PHE D 608 -37.10 -40.75 -23.56
C PHE D 608 -37.37 -39.65 -24.57
N HIS D 609 -37.04 -38.40 -24.24
CA HIS D 609 -37.19 -37.32 -25.20
C HIS D 609 -35.97 -37.21 -26.10
N TYR D 610 -34.78 -37.50 -25.58
CA TYR D 610 -33.59 -37.54 -26.42
C TYR D 610 -33.59 -38.75 -27.34
N TYR D 611 -34.33 -39.79 -27.00
CA TYR D 611 -34.42 -40.96 -27.86
C TYR D 611 -35.53 -40.82 -28.88
N ASN D 612 -36.60 -40.09 -28.56
CA ASN D 612 -37.69 -39.92 -29.51
C ASN D 612 -37.46 -38.79 -30.49
N VAL D 613 -36.36 -38.06 -30.38
CA VAL D 613 -35.96 -37.11 -31.41
C VAL D 613 -34.74 -37.57 -32.18
N ASN D 614 -34.05 -38.61 -31.71
CA ASN D 614 -33.06 -39.29 -32.52
C ASN D 614 -33.65 -40.46 -33.29
N VAL D 615 -34.89 -40.84 -33.01
CA VAL D 615 -35.60 -41.75 -33.91
C VAL D 615 -36.37 -40.95 -34.95
N ASN D 616 -36.99 -39.83 -34.53
CA ASN D 616 -37.78 -39.02 -35.44
C ASN D 616 -36.95 -38.27 -36.47
N PHE D 617 -35.64 -38.15 -36.26
CA PHE D 617 -34.75 -37.66 -37.29
C PHE D 617 -34.11 -38.78 -38.09
N HIS D 618 -33.79 -39.90 -37.45
CA HIS D 618 -33.21 -41.01 -38.19
C HIS D 618 -34.23 -41.73 -39.04
N SER D 619 -35.50 -41.73 -38.66
CA SER D 619 -36.52 -42.28 -39.53
C SER D 619 -37.01 -41.27 -40.57
N ASN D 620 -36.72 -39.99 -40.37
CA ASN D 620 -36.91 -38.97 -41.37
C ASN D 620 -35.69 -38.83 -42.26
N TYR D 621 -34.68 -39.66 -42.05
CA TYR D 621 -33.52 -39.73 -42.92
C TYR D 621 -33.69 -40.86 -43.93
N ASN D 622 -33.93 -42.07 -43.45
CA ASN D 622 -34.03 -43.23 -44.32
C ASN D 622 -35.35 -43.29 -45.08
N GLU D 623 -36.31 -42.44 -44.78
CA GLU D 623 -37.49 -42.30 -45.61
C GLU D 623 -37.38 -41.13 -46.56
N ARG D 624 -36.26 -40.42 -46.56
CA ARG D 624 -35.92 -39.47 -47.61
C ARG D 624 -34.81 -39.96 -48.52
N ILE D 625 -33.96 -40.87 -48.04
CA ILE D 625 -33.06 -41.58 -48.95
C ILE D 625 -33.88 -42.41 -49.91
N ASN D 626 -34.75 -43.27 -49.37
CA ASN D 626 -35.51 -44.20 -50.19
C ASN D 626 -36.55 -43.50 -51.05
N ASP D 627 -36.94 -42.28 -50.70
CA ASP D 627 -37.84 -41.53 -51.56
C ASP D 627 -37.09 -40.85 -52.69
N ALA D 628 -35.80 -40.59 -52.50
CA ALA D 628 -34.99 -39.94 -53.51
C ALA D 628 -34.07 -40.89 -54.24
N VAL D 629 -33.97 -42.15 -53.82
CA VAL D 629 -33.33 -43.17 -54.64
C VAL D 629 -34.33 -43.75 -55.64
N ALA D 630 -35.60 -43.87 -55.22
CA ALA D 630 -36.62 -44.44 -56.07
C ALA D 630 -37.00 -43.56 -57.24
N ILE D 631 -36.56 -42.30 -57.28
CA ILE D 631 -36.82 -41.45 -58.44
C ILE D 631 -35.58 -41.38 -59.32
N ILE D 632 -34.40 -41.44 -58.69
CA ILE D 632 -33.15 -41.44 -59.46
C ILE D 632 -33.00 -42.73 -60.25
N THR D 633 -33.33 -43.86 -59.63
CA THR D 633 -33.27 -45.13 -60.36
C THR D 633 -34.42 -45.25 -61.35
N ALA D 634 -35.58 -44.68 -61.05
CA ALA D 634 -36.67 -44.70 -62.03
C ALA D 634 -36.49 -43.65 -63.11
N ALA D 635 -35.57 -42.71 -62.96
CA ALA D 635 -35.27 -41.82 -64.08
C ALA D 635 -34.37 -42.49 -65.09
N ASN D 636 -33.37 -43.24 -64.62
CA ASN D 636 -32.48 -43.94 -65.53
C ASN D 636 -33.13 -45.15 -66.17
N ARG D 637 -34.07 -45.78 -65.46
CA ARG D 637 -34.74 -46.95 -66.02
C ARG D 637 -35.78 -46.58 -67.06
N LEU D 638 -36.37 -45.40 -66.94
CA LEU D 638 -37.38 -44.95 -67.90
C LEU D 638 -36.79 -44.21 -69.08
N ASN D 639 -35.45 -44.11 -69.15
CA ASN D 639 -34.72 -43.44 -70.23
C ASN D 639 -35.14 -41.97 -70.36
N LEU D 640 -34.84 -41.23 -69.31
CA LEU D 640 -34.99 -39.77 -69.31
C LEU D 640 -33.59 -39.19 -69.40
N TYR D 641 -33.12 -38.94 -70.62
CA TYR D 641 -31.78 -38.40 -70.82
C TYR D 641 -31.73 -36.89 -70.65
N GLN D 642 -32.87 -36.24 -70.51
CA GLN D 642 -32.94 -34.79 -70.53
C GLN D 642 -33.22 -34.19 -69.16
N LYS D 643 -33.54 -35.01 -68.17
CA LYS D 643 -33.90 -34.53 -66.85
C LYS D 643 -32.65 -34.23 -66.04
N LYS D 644 -32.46 -32.98 -65.66
CA LYS D 644 -31.37 -32.61 -64.76
C LYS D 644 -31.77 -32.98 -63.34
N MET D 645 -31.03 -33.91 -62.73
CA MET D 645 -31.40 -34.48 -61.46
C MET D 645 -30.85 -33.72 -60.27
N LYS D 646 -30.63 -32.42 -60.42
CA LYS D 646 -30.37 -31.56 -59.28
C LYS D 646 -31.64 -31.32 -58.47
N SER D 647 -32.81 -31.37 -59.11
CA SER D 647 -34.05 -30.99 -58.46
C SER D 647 -34.52 -32.03 -57.46
N ILE D 648 -34.28 -33.31 -57.73
CA ILE D 648 -34.79 -34.37 -56.87
C ILE D 648 -33.72 -34.78 -55.86
N VAL D 649 -32.63 -34.03 -55.82
CA VAL D 649 -31.75 -34.01 -54.67
C VAL D 649 -31.89 -32.69 -53.91
N GLU D 650 -32.37 -31.63 -54.58
CA GLU D 650 -32.66 -30.37 -53.92
C GLU D 650 -33.76 -30.50 -52.87
N ASP D 651 -34.78 -31.31 -53.15
CA ASP D 651 -35.83 -31.52 -52.15
C ASP D 651 -35.52 -32.66 -51.18
N PHE D 652 -34.55 -33.52 -51.48
CA PHE D 652 -34.10 -34.47 -50.47
C PHE D 652 -33.38 -33.75 -49.35
N LEU D 653 -32.56 -32.76 -49.67
CA LEU D 653 -31.91 -31.98 -48.62
C LEU D 653 -32.87 -31.01 -47.95
N LYS D 654 -34.00 -30.73 -48.59
CA LYS D 654 -35.00 -29.83 -48.00
C LYS D 654 -35.81 -30.52 -46.92
N ARG D 655 -36.21 -31.78 -47.16
CA ARG D 655 -37.10 -32.45 -46.24
C ARG D 655 -36.38 -32.90 -44.97
N LEU D 656 -35.08 -33.15 -45.05
CA LEU D 656 -34.26 -33.06 -43.86
C LEU D 656 -34.26 -31.60 -43.45
N GLN D 657 -34.93 -31.27 -42.35
CA GLN D 657 -35.28 -29.89 -42.08
C GLN D 657 -34.13 -29.04 -41.58
N ILE D 658 -32.90 -29.57 -41.50
CA ILE D 658 -31.81 -28.85 -40.86
C ILE D 658 -30.81 -28.25 -41.84
N PHE D 659 -30.93 -28.51 -43.14
CA PHE D 659 -30.00 -27.98 -44.13
C PHE D 659 -30.59 -26.74 -44.78
N ASP D 660 -29.74 -25.77 -45.08
CA ASP D 660 -30.11 -24.66 -45.94
C ASP D 660 -29.70 -25.01 -47.37
N ILE D 661 -30.66 -24.95 -48.29
CA ILE D 661 -30.41 -25.45 -49.63
C ILE D 661 -29.55 -24.48 -50.42
N SER D 662 -29.90 -23.20 -50.39
CA SER D 662 -29.34 -22.22 -51.31
C SER D 662 -27.89 -21.88 -51.00
N ARG D 663 -27.33 -22.37 -49.90
CA ARG D 663 -25.91 -22.26 -49.63
C ARG D 663 -25.20 -23.60 -49.81
N VAL D 664 -25.85 -24.55 -50.46
CA VAL D 664 -25.25 -25.81 -50.86
C VAL D 664 -25.25 -25.84 -52.39
N PRO D 665 -24.09 -25.79 -53.04
CA PRO D 665 -24.05 -25.57 -54.48
C PRO D 665 -24.34 -26.82 -55.29
N ASP D 666 -24.16 -26.74 -56.60
CA ASP D 666 -24.34 -27.91 -57.46
C ASP D 666 -23.22 -28.92 -57.30
N ASP D 667 -22.09 -28.53 -56.70
CA ASP D 667 -21.00 -29.46 -56.45
C ASP D 667 -21.41 -30.50 -55.42
N GLN D 668 -22.04 -30.08 -54.33
CA GLN D 668 -22.47 -30.98 -53.28
C GLN D 668 -23.89 -31.46 -53.47
N MET D 669 -24.40 -31.41 -54.69
CA MET D 669 -25.69 -32.01 -55.01
C MET D 669 -25.63 -32.91 -56.22
N TYR D 670 -24.52 -32.90 -56.97
CA TYR D 670 -24.29 -33.86 -58.04
C TYR D 670 -23.24 -34.89 -57.68
N ARG D 671 -22.45 -34.67 -56.62
CA ARG D 671 -21.70 -35.76 -56.03
C ARG D 671 -22.62 -36.69 -55.26
N LEU D 672 -23.65 -36.12 -54.64
CA LEU D 672 -24.63 -36.90 -53.91
C LEU D 672 -25.51 -37.73 -54.81
N ARG D 673 -25.66 -37.33 -56.08
CA ARG D 673 -26.40 -38.16 -57.03
C ARG D 673 -25.62 -39.40 -57.40
N ASP D 674 -24.29 -39.32 -57.42
CA ASP D 674 -23.51 -40.52 -57.70
C ASP D 674 -23.47 -41.49 -56.54
N ARG D 675 -23.88 -41.07 -55.33
CA ARG D 675 -24.00 -42.00 -54.22
C ARG D 675 -25.40 -42.58 -54.11
N LEU D 676 -26.44 -41.76 -54.29
CA LEU D 676 -27.81 -42.26 -54.27
C LEU D 676 -28.13 -43.18 -55.44
N ARG D 677 -27.39 -43.11 -56.53
CA ARG D 677 -27.66 -43.99 -57.66
C ARG D 677 -27.24 -45.43 -57.35
N LEU D 678 -26.15 -45.61 -56.60
CA LEU D 678 -25.57 -46.92 -56.34
C LEU D 678 -26.31 -47.72 -55.28
N LEU D 679 -27.28 -47.16 -54.63
CA LEU D 679 -28.02 -47.81 -53.56
C LEU D 679 -29.17 -48.64 -54.12
N PRO D 680 -29.53 -49.73 -53.44
CA PRO D 680 -30.72 -50.48 -53.83
C PRO D 680 -31.98 -49.80 -53.31
N VAL D 681 -32.95 -49.63 -54.19
CA VAL D 681 -34.23 -49.02 -53.81
C VAL D 681 -35.02 -49.98 -52.94
N GLU D 682 -35.66 -49.44 -51.91
CA GLU D 682 -36.38 -50.22 -50.90
C GLU D 682 -37.52 -51.01 -51.53
N ILE D 683 -37.85 -52.15 -50.91
CA ILE D 683 -38.62 -53.23 -51.55
C ILE D 683 -40.05 -52.81 -51.87
N ARG D 684 -40.64 -51.89 -51.11
CA ARG D 684 -41.98 -51.43 -51.44
C ARG D 684 -41.99 -50.56 -52.69
N ARG D 685 -40.92 -49.81 -52.95
CA ARG D 685 -40.86 -49.00 -54.15
C ARG D 685 -40.37 -49.78 -55.35
N LEU D 686 -39.59 -50.84 -55.13
CA LEU D 686 -39.12 -51.64 -56.26
C LEU D 686 -40.23 -52.52 -56.78
N ASP D 687 -41.05 -53.08 -55.89
CA ASP D 687 -42.14 -53.96 -56.30
C ASP D 687 -43.30 -53.20 -56.89
N ILE D 688 -43.34 -51.88 -56.77
CA ILE D 688 -44.41 -51.10 -57.36
C ILE D 688 -43.95 -50.34 -58.60
N PHE D 689 -42.64 -50.21 -58.81
CA PHE D 689 -42.19 -49.67 -60.09
C PHE D 689 -42.24 -50.74 -61.17
N ASN D 690 -42.02 -52.01 -60.81
CA ASN D 690 -42.21 -53.07 -61.77
C ASN D 690 -43.67 -53.25 -62.14
N LEU D 691 -44.58 -52.86 -61.25
CA LEU D 691 -46.00 -52.89 -61.57
C LEU D 691 -46.43 -51.71 -62.42
N ILE D 692 -45.53 -50.77 -62.70
CA ILE D 692 -45.74 -49.77 -63.73
C ILE D 692 -44.97 -50.11 -64.99
N LEU D 693 -43.75 -50.61 -64.84
CA LEU D 693 -42.89 -50.85 -65.98
C LEU D 693 -43.33 -52.05 -66.80
N MET D 694 -44.02 -53.01 -66.18
CA MET D 694 -44.50 -54.16 -66.95
C MET D 694 -45.66 -53.80 -67.85
N ASN D 695 -46.46 -52.82 -67.44
CA ASN D 695 -47.63 -52.41 -68.21
C ASN D 695 -47.70 -50.88 -68.30
N MET D 696 -46.57 -50.27 -68.63
CA MET D 696 -46.58 -48.90 -69.12
C MET D 696 -46.86 -48.85 -70.62
N GLU D 697 -47.01 -50.01 -71.27
CA GLU D 697 -47.48 -50.06 -72.64
C GLU D 697 -48.94 -50.47 -72.74
N GLN D 698 -49.55 -50.92 -71.65
CA GLN D 698 -50.98 -51.20 -71.68
C GLN D 698 -51.80 -50.00 -71.24
N ILE D 699 -51.22 -49.13 -70.41
CA ILE D 699 -51.88 -47.87 -70.09
C ILE D 699 -51.78 -46.92 -71.28
N GLU D 700 -50.63 -46.91 -71.96
CA GLU D 700 -50.41 -45.99 -73.06
C GLU D 700 -51.21 -46.37 -74.30
N ARG D 701 -51.41 -47.66 -74.55
CA ARG D 701 -52.05 -48.07 -75.79
C ARG D 701 -53.57 -48.00 -75.73
N ALA D 702 -54.16 -48.11 -74.54
CA ALA D 702 -55.61 -48.16 -74.44
C ALA D 702 -56.21 -46.79 -74.14
N SER D 703 -55.79 -45.75 -74.87
CA SER D 703 -56.32 -44.41 -74.62
C SER D 703 -56.44 -43.67 -75.93
N ASP D 704 -57.45 -42.80 -76.01
CA ASP D 704 -57.64 -41.97 -77.18
C ASP D 704 -56.68 -40.80 -77.15
N LYS D 705 -56.80 -39.94 -78.17
CA LYS D 705 -56.04 -38.68 -78.38
C LYS D 705 -54.52 -38.87 -78.39
N ILE D 706 -54.04 -40.10 -78.58
CA ILE D 706 -52.63 -40.40 -78.81
C ILE D 706 -52.53 -41.74 -79.52
N ALA D 707 -51.80 -41.79 -80.61
CA ALA D 707 -51.65 -43.00 -81.40
C ALA D 707 -50.17 -43.23 -81.65
N GLN D 708 -49.75 -44.48 -81.55
CA GLN D 708 -48.32 -44.78 -81.47
C GLN D 708 -47.66 -44.88 -82.85
N GLY D 709 -47.86 -43.88 -83.68
CA GLY D 709 -47.22 -43.89 -84.98
C GLY D 709 -48.17 -44.33 -86.08
N VAL D 710 -47.97 -43.78 -87.26
CA VAL D 710 -48.80 -44.10 -88.42
C VAL D 710 -47.91 -44.81 -89.43
N ILE D 711 -48.50 -45.73 -90.18
CA ILE D 711 -47.77 -46.44 -91.23
C ILE D 711 -48.33 -45.98 -92.56
N ILE D 712 -47.46 -45.96 -93.57
CA ILE D 712 -47.80 -45.48 -94.91
C ILE D 712 -47.47 -46.59 -95.88
N ALA D 713 -48.33 -46.81 -96.88
CA ALA D 713 -48.12 -47.97 -97.73
C ALA D 713 -48.09 -47.64 -99.21
N TYR D 714 -48.79 -46.57 -99.61
CA TYR D 714 -48.97 -46.18 -101.01
C TYR D 714 -49.55 -47.31 -101.86
N ARG D 715 -50.48 -48.06 -101.27
CA ARG D 715 -51.19 -49.12 -101.98
C ARG D 715 -52.51 -49.36 -101.29
N ASP D 716 -53.51 -49.77 -102.07
CA ASP D 716 -54.83 -50.01 -101.50
C ASP D 716 -54.83 -51.31 -100.72
N MET D 717 -55.19 -51.24 -99.45
CA MET D 717 -55.34 -52.44 -98.64
C MET D 717 -56.57 -52.31 -97.75
N GLN D 718 -57.24 -53.44 -97.57
CA GLN D 718 -58.52 -53.47 -96.88
C GLN D 718 -58.34 -53.15 -95.40
N LEU D 719 -59.18 -52.26 -94.89
CA LEU D 719 -59.12 -51.90 -93.48
C LEU D 719 -60.08 -52.79 -92.68
N GLU D 720 -59.61 -53.21 -91.50
CA GLU D 720 -60.22 -54.33 -90.81
C GLU D 720 -61.45 -53.90 -90.02
N ARG D 721 -62.44 -54.80 -89.97
CA ARG D 721 -63.71 -54.52 -89.32
C ARG D 721 -63.62 -54.83 -87.83
N ASP D 722 -64.01 -53.86 -87.02
CA ASP D 722 -64.07 -54.02 -85.57
C ASP D 722 -65.51 -53.79 -85.10
N GLU D 723 -65.75 -54.04 -83.82
CA GLU D 723 -67.09 -53.90 -83.31
C GLU D 723 -67.33 -52.57 -82.61
N MET D 724 -66.30 -51.91 -82.09
CA MET D 724 -66.52 -50.60 -81.49
C MET D 724 -66.28 -49.46 -82.46
N TYR D 725 -65.59 -49.70 -83.57
CA TYR D 725 -65.37 -48.69 -84.59
C TYR D 725 -66.15 -48.94 -85.86
N GLY D 726 -66.54 -50.17 -86.15
CA GLY D 726 -67.15 -50.45 -87.43
C GLY D 726 -66.13 -50.83 -88.47
N TYR D 727 -65.69 -49.85 -89.26
CA TYR D 727 -64.66 -50.00 -90.27
C TYR D 727 -63.59 -48.97 -89.99
N VAL D 728 -62.38 -49.40 -89.68
CA VAL D 728 -61.34 -48.47 -89.24
C VAL D 728 -60.01 -48.85 -89.88
N ASN D 729 -59.25 -47.85 -90.36
CA ASN D 729 -57.91 -48.10 -90.88
C ASN D 729 -56.96 -48.20 -89.69
N ILE D 730 -57.00 -49.35 -89.03
CA ILE D 730 -56.17 -49.60 -87.87
C ILE D 730 -55.17 -50.68 -88.22
N ALA D 731 -54.06 -50.70 -87.50
CA ALA D 731 -53.05 -51.74 -87.64
C ALA D 731 -52.60 -52.13 -86.24
N ARG D 732 -52.79 -53.40 -85.89
CA ARG D 732 -52.45 -53.79 -84.54
C ARG D 732 -50.97 -54.12 -84.40
N ASN D 733 -50.32 -54.55 -85.47
CA ASN D 733 -48.90 -54.85 -85.44
C ASN D 733 -48.14 -54.02 -86.46
N LEU D 734 -46.97 -53.53 -86.05
CA LEU D 734 -46.14 -52.66 -86.87
C LEU D 734 -45.09 -53.52 -87.59
N ASP D 735 -45.58 -54.37 -88.48
CA ASP D 735 -44.74 -55.42 -89.03
C ASP D 735 -44.70 -55.35 -90.54
N GLY D 736 -43.50 -55.55 -91.09
CA GLY D 736 -43.29 -55.55 -92.52
C GLY D 736 -42.80 -54.24 -93.10
N PHE D 737 -42.55 -53.24 -92.27
CA PHE D 737 -42.22 -51.90 -92.74
C PHE D 737 -41.01 -51.35 -92.00
N GLN D 738 -40.24 -50.53 -92.70
CA GLN D 738 -39.10 -49.86 -92.09
C GLN D 738 -39.58 -48.77 -91.14
N GLN D 739 -38.95 -48.69 -89.98
CA GLN D 739 -39.42 -47.82 -88.91
C GLN D 739 -38.52 -46.59 -88.78
N ILE D 740 -39.15 -45.45 -88.49
CA ILE D 740 -38.45 -44.22 -88.15
C ILE D 740 -38.89 -43.81 -86.76
N ASN D 741 -37.93 -43.58 -85.87
CA ASN D 741 -38.23 -43.23 -84.49
C ASN D 741 -38.37 -41.72 -84.38
N LEU D 742 -39.58 -41.25 -84.15
CA LEU D 742 -39.83 -39.82 -84.09
C LEU D 742 -39.42 -39.20 -82.76
N GLU D 743 -39.02 -40.00 -81.78
CA GLU D 743 -38.34 -39.43 -80.63
C GLU D 743 -36.93 -38.99 -81.01
N GLU D 744 -36.30 -39.73 -81.92
CA GLU D 744 -34.95 -39.43 -82.40
C GLU D 744 -34.96 -38.44 -83.55
N LEU D 745 -36.02 -38.42 -84.36
CA LEU D 745 -36.11 -37.47 -85.46
C LEU D 745 -36.30 -36.04 -84.98
N MET D 746 -36.85 -35.86 -83.77
CA MET D 746 -36.88 -34.55 -83.14
C MET D 746 -35.63 -34.27 -82.33
N ARG D 747 -34.94 -35.30 -81.86
CA ARG D 747 -33.76 -35.11 -81.04
C ARG D 747 -32.57 -34.67 -81.89
N THR D 748 -32.15 -35.49 -82.84
CA THR D 748 -31.06 -35.11 -83.72
C THR D 748 -31.50 -34.04 -84.72
N GLY D 749 -32.72 -34.16 -85.21
CA GLY D 749 -33.25 -33.17 -86.12
C GLY D 749 -32.79 -33.28 -87.55
N ASP D 750 -32.09 -34.35 -87.91
CA ASP D 750 -31.66 -34.54 -89.30
C ASP D 750 -32.77 -35.24 -90.05
N TYR D 751 -33.56 -34.46 -90.79
CA TYR D 751 -34.71 -34.96 -91.51
C TYR D 751 -34.36 -35.50 -92.89
N ALA D 752 -33.08 -35.65 -93.20
CA ALA D 752 -32.67 -36.05 -94.55
C ALA D 752 -33.05 -37.50 -94.88
N GLN D 753 -33.30 -38.33 -93.86
CA GLN D 753 -33.75 -39.69 -94.14
C GLN D 753 -35.21 -39.71 -94.57
N ILE D 754 -36.07 -38.99 -93.85
CA ILE D 754 -37.50 -39.11 -94.10
C ILE D 754 -37.90 -38.33 -95.35
N THR D 755 -37.34 -37.12 -95.55
CA THR D 755 -37.75 -36.34 -96.70
C THR D 755 -37.15 -36.84 -98.01
N ASN D 756 -36.21 -37.76 -97.96
CA ASN D 756 -35.80 -38.49 -99.15
C ASN D 756 -36.56 -39.80 -99.31
N MET D 757 -37.27 -40.22 -98.26
CA MET D 757 -38.06 -41.44 -98.29
C MET D 757 -39.55 -41.13 -98.40
N LEU D 758 -39.93 -39.85 -98.36
CA LEU D 758 -41.30 -39.43 -98.49
C LEU D 758 -41.62 -38.87 -99.87
N LEU D 759 -40.60 -38.45 -100.63
CA LEU D 759 -40.79 -38.02 -101.99
C LEU D 759 -40.77 -39.18 -102.98
N ASN D 760 -40.06 -40.26 -102.65
CA ASN D 760 -39.92 -41.40 -103.53
C ASN D 760 -41.01 -42.44 -103.34
N ASN D 761 -41.93 -42.21 -102.38
CA ASN D 761 -43.04 -43.10 -102.06
C ASN D 761 -42.58 -44.49 -101.64
N GLN D 762 -41.64 -44.54 -100.68
CA GLN D 762 -41.36 -45.82 -100.05
C GLN D 762 -42.33 -46.06 -98.90
N PRO D 763 -42.74 -47.33 -98.68
CA PRO D 763 -43.58 -47.65 -97.53
C PRO D 763 -42.82 -47.45 -96.23
N VAL D 764 -43.34 -46.56 -95.39
CA VAL D 764 -42.66 -46.11 -94.18
C VAL D 764 -43.64 -46.25 -93.02
N ALA D 765 -43.17 -46.78 -91.90
CA ALA D 765 -43.96 -46.83 -90.68
C ALA D 765 -43.32 -45.88 -89.67
N LEU D 766 -43.91 -44.70 -89.51
CA LEU D 766 -43.43 -43.76 -88.50
C LEU D 766 -43.76 -44.29 -87.12
N VAL D 767 -42.87 -44.08 -86.16
CA VAL D 767 -43.02 -44.58 -84.81
C VAL D 767 -42.90 -43.42 -83.84
N GLY D 768 -43.88 -43.28 -82.95
CA GLY D 768 -43.83 -42.23 -81.96
C GLY D 768 -45.07 -42.20 -81.10
N ALA D 769 -45.65 -41.02 -80.92
CA ALA D 769 -46.91 -40.89 -80.20
C ALA D 769 -47.66 -39.71 -80.83
N LEU D 770 -48.49 -40.01 -81.81
CA LEU D 770 -49.06 -38.88 -82.54
C LEU D 770 -50.49 -38.63 -82.10
N PRO D 771 -50.90 -37.37 -82.01
CA PRO D 771 -52.33 -37.07 -81.81
C PRO D 771 -53.09 -37.28 -83.10
N PHE D 772 -54.07 -38.17 -83.07
CA PHE D 772 -54.82 -38.54 -84.26
C PHE D 772 -56.20 -37.89 -84.23
N ILE D 773 -56.73 -37.59 -85.40
CA ILE D 773 -58.09 -37.07 -85.51
C ILE D 773 -58.97 -38.12 -86.18
N THR D 774 -60.27 -38.01 -85.92
CA THR D 774 -61.24 -38.97 -86.41
C THR D 774 -62.05 -38.34 -87.53
N ASP D 775 -62.08 -39.00 -88.68
CA ASP D 775 -62.80 -38.49 -89.84
C ASP D 775 -63.87 -39.51 -90.19
N SER D 776 -65.03 -39.39 -89.56
CA SER D 776 -66.07 -40.40 -89.66
C SER D 776 -66.77 -40.45 -91.01
N SER D 777 -66.58 -39.46 -91.86
CA SER D 777 -67.26 -39.46 -93.15
C SER D 777 -66.60 -40.45 -94.10
N VAL D 778 -67.41 -41.05 -94.96
CA VAL D 778 -66.92 -42.03 -95.91
C VAL D 778 -66.43 -41.37 -97.20
N ILE D 779 -67.02 -40.23 -97.59
CA ILE D 779 -66.60 -39.59 -98.83
C ILE D 779 -65.29 -38.84 -98.69
N SER D 780 -64.77 -38.71 -97.48
CA SER D 780 -63.38 -38.32 -97.29
C SER D 780 -62.43 -39.48 -97.53
N LEU D 781 -62.89 -40.72 -97.37
CA LEU D 781 -62.03 -41.88 -97.59
C LEU D 781 -61.85 -42.14 -99.09
N VAL D 782 -62.91 -41.96 -99.88
CA VAL D 782 -62.81 -42.19 -101.31
C VAL D 782 -62.00 -41.07 -101.96
N ALA D 783 -62.03 -39.88 -101.38
CA ALA D 783 -61.23 -38.76 -101.87
C ALA D 783 -59.77 -38.82 -101.41
N LYS D 784 -59.39 -39.83 -100.63
CA LYS D 784 -58.03 -40.10 -100.18
C LYS D 784 -57.45 -38.93 -99.39
N LEU D 785 -58.16 -38.55 -98.34
CA LEU D 785 -57.68 -37.48 -97.47
C LEU D 785 -56.54 -37.94 -96.60
N ASP D 786 -56.45 -39.24 -96.31
CA ASP D 786 -55.47 -39.76 -95.36
C ASP D 786 -54.04 -39.69 -95.87
N ALA D 787 -53.84 -39.55 -97.17
CA ALA D 787 -52.50 -39.49 -97.73
C ALA D 787 -51.96 -38.07 -97.82
N THR D 788 -52.82 -37.06 -97.76
CA THR D 788 -52.40 -35.68 -98.01
C THR D 788 -51.85 -34.99 -96.77
N VAL D 789 -51.74 -35.67 -95.63
CA VAL D 789 -51.33 -35.01 -94.41
C VAL D 789 -49.82 -35.04 -94.17
N PHE D 790 -49.08 -35.87 -94.90
CA PHE D 790 -47.66 -36.04 -94.62
C PHE D 790 -46.76 -35.10 -95.41
N ALA D 791 -47.30 -34.37 -96.38
CA ALA D 791 -46.45 -33.52 -97.22
C ALA D 791 -45.98 -32.25 -96.52
N GLN D 792 -46.44 -31.99 -95.30
CA GLN D 792 -45.95 -30.88 -94.50
C GLN D 792 -44.68 -31.21 -93.75
N ILE D 793 -44.06 -32.37 -94.02
CA ILE D 793 -42.76 -32.71 -93.47
C ILE D 793 -41.64 -32.33 -94.44
N VAL D 794 -41.96 -32.12 -95.71
CA VAL D 794 -40.98 -31.81 -96.73
C VAL D 794 -40.75 -30.31 -96.85
N LYS D 795 -41.84 -29.55 -97.03
CA LYS D 795 -41.75 -28.09 -97.11
C LYS D 795 -41.35 -27.49 -95.77
N LEU D 796 -42.00 -27.91 -94.70
CA LEU D 796 -41.71 -27.46 -93.35
C LEU D 796 -41.03 -28.60 -92.60
N ARG D 797 -39.92 -28.28 -91.91
CA ARG D 797 -39.14 -29.32 -91.26
C ARG D 797 -39.88 -29.97 -90.09
N LYS D 798 -40.78 -29.23 -89.44
CA LYS D 798 -41.41 -29.66 -88.19
C LYS D 798 -42.25 -30.92 -88.36
N VAL D 799 -42.10 -31.85 -87.42
CA VAL D 799 -42.82 -33.10 -87.44
C VAL D 799 -43.83 -33.21 -86.30
N ASP D 800 -43.79 -32.31 -85.31
CA ASP D 800 -44.77 -32.36 -84.23
C ASP D 800 -46.16 -31.94 -84.66
N THR D 801 -46.28 -31.20 -85.76
CA THR D 801 -47.58 -30.83 -86.33
C THR D 801 -48.13 -31.90 -87.26
N LEU D 802 -48.10 -33.15 -86.82
CA LEU D 802 -48.57 -34.28 -87.60
C LEU D 802 -49.87 -34.80 -87.01
N LYS D 803 -50.87 -34.98 -87.84
CA LYS D 803 -52.18 -35.48 -87.44
C LYS D 803 -52.59 -36.56 -88.43
N PRO D 804 -52.29 -37.82 -88.13
CA PRO D 804 -52.77 -38.90 -88.98
C PRO D 804 -54.29 -39.06 -88.90
N ILE D 805 -54.86 -39.58 -89.97
CA ILE D 805 -56.30 -39.73 -90.11
C ILE D 805 -56.67 -41.16 -89.74
N LEU D 806 -57.62 -41.31 -88.83
CA LEU D 806 -58.20 -42.60 -88.48
C LEU D 806 -59.66 -42.60 -88.90
N TYR D 807 -59.97 -43.31 -89.97
CA TYR D 807 -61.34 -43.35 -90.45
C TYR D 807 -62.21 -44.20 -89.55
N LYS D 808 -63.51 -43.93 -89.58
CA LYS D 808 -64.52 -44.73 -88.91
C LYS D 808 -65.74 -44.73 -89.81
N ILE D 809 -66.03 -45.86 -90.46
CA ILE D 809 -67.17 -45.96 -91.36
C ILE D 809 -68.19 -46.91 -90.73
N ASN D 810 -69.39 -46.38 -90.49
CA ASN D 810 -70.42 -47.12 -89.78
C ASN D 810 -71.78 -46.51 -90.15
N SER D 811 -72.84 -46.99 -89.49
CA SER D 811 -74.19 -46.63 -89.92
C SER D 811 -74.53 -45.20 -89.57
N ASP D 812 -74.06 -44.70 -88.43
CA ASP D 812 -74.40 -43.33 -88.05
C ASP D 812 -73.65 -42.30 -88.88
N SER D 813 -72.55 -42.69 -89.51
CA SER D 813 -71.86 -41.84 -90.45
C SER D 813 -72.73 -41.55 -91.66
N ASN D 814 -72.59 -40.34 -92.19
CA ASN D 814 -73.36 -39.96 -93.36
C ASN D 814 -72.80 -40.61 -94.61
N ASP D 815 -73.63 -40.65 -95.66
CA ASP D 815 -73.32 -41.26 -96.96
C ASP D 815 -72.96 -42.74 -96.83
N PHE D 816 -73.55 -43.42 -95.84
CA PHE D 816 -73.21 -44.81 -95.56
C PHE D 816 -73.70 -45.77 -96.63
N TYR D 817 -74.71 -45.38 -97.42
CA TYR D 817 -75.32 -46.28 -98.41
C TYR D 817 -74.37 -46.70 -99.52
N LEU D 818 -73.21 -46.08 -99.65
CA LEU D 818 -72.18 -46.55 -100.58
C LEU D 818 -71.66 -47.91 -100.18
N VAL D 819 -71.52 -48.15 -98.87
CA VAL D 819 -71.09 -49.47 -98.41
C VAL D 819 -72.24 -50.47 -98.50
N ALA D 820 -73.47 -50.01 -98.31
CA ALA D 820 -74.61 -50.93 -98.27
C ALA D 820 -74.99 -51.44 -99.66
N ASN D 821 -75.21 -50.53 -100.61
CA ASN D 821 -75.67 -50.94 -101.93
C ASN D 821 -74.54 -51.60 -102.72
N TYR D 822 -73.41 -50.92 -102.87
CA TYR D 822 -72.31 -51.45 -103.64
C TYR D 822 -71.52 -52.45 -102.81
N ASP D 823 -71.22 -53.61 -103.40
CA ASP D 823 -70.48 -54.65 -102.71
C ASP D 823 -68.99 -54.32 -102.78
N TRP D 824 -68.56 -53.46 -101.86
CA TRP D 824 -67.15 -53.12 -101.74
C TRP D 824 -66.78 -53.06 -100.27
N VAL D 825 -65.56 -53.47 -99.96
CA VAL D 825 -65.02 -53.27 -98.63
C VAL D 825 -64.15 -52.01 -98.70
N PRO D 826 -64.12 -51.19 -97.66
CA PRO D 826 -63.39 -49.92 -97.75
C PRO D 826 -61.88 -50.13 -97.72
N THR D 827 -61.18 -49.46 -98.62
CA THR D 827 -59.74 -49.59 -98.77
C THR D 827 -59.09 -48.25 -98.48
N SER D 828 -58.06 -48.26 -97.65
CA SER D 828 -57.30 -47.07 -97.31
C SER D 828 -55.89 -47.19 -97.86
N THR D 829 -55.13 -46.11 -97.75
CA THR D 829 -53.72 -46.10 -98.11
C THR D 829 -52.82 -46.17 -96.88
N THR D 830 -53.07 -45.33 -95.88
CA THR D 830 -52.33 -45.31 -94.64
C THR D 830 -53.24 -45.75 -93.50
N LYS D 831 -52.72 -46.59 -92.61
CA LYS D 831 -53.49 -46.99 -91.45
C LYS D 831 -52.71 -46.66 -90.18
N VAL D 832 -53.45 -46.46 -89.10
CA VAL D 832 -52.90 -45.97 -87.85
C VAL D 832 -52.56 -47.16 -86.95
N TYR D 833 -51.36 -47.17 -86.38
CA TYR D 833 -50.95 -48.22 -85.46
C TYR D 833 -51.56 -47.92 -84.10
N LYS D 834 -52.78 -48.43 -83.88
CA LYS D 834 -53.58 -48.12 -82.70
C LYS D 834 -54.14 -49.43 -82.17
N GLN D 835 -54.32 -49.51 -80.86
CA GLN D 835 -54.78 -50.72 -80.22
C GLN D 835 -56.25 -50.61 -79.82
N ILE D 836 -56.94 -51.73 -79.86
CA ILE D 836 -58.37 -51.83 -79.58
C ILE D 836 -58.58 -51.83 -78.07
N PRO D 837 -59.57 -51.10 -77.54
CA PRO D 837 -59.82 -51.16 -76.10
C PRO D 837 -60.43 -52.49 -75.69
N GLN D 838 -60.12 -52.91 -74.47
CA GLN D 838 -60.59 -54.19 -73.97
C GLN D 838 -62.08 -54.15 -73.64
N GLN D 839 -62.70 -55.31 -73.64
CA GLN D 839 -64.11 -55.43 -73.32
C GLN D 839 -64.28 -55.54 -71.81
N PHE D 840 -65.40 -55.03 -71.32
CA PHE D 840 -65.70 -55.05 -69.88
C PHE D 840 -66.52 -56.29 -69.60
N ASP D 841 -65.83 -57.40 -69.35
CA ASP D 841 -66.48 -58.64 -69.01
C ASP D 841 -66.68 -58.66 -67.49
N PHE D 842 -67.93 -58.64 -67.06
CA PHE D 842 -68.24 -58.33 -65.66
C PHE D 842 -67.89 -59.47 -64.73
N ARG D 843 -68.18 -60.70 -65.15
CA ARG D 843 -67.95 -61.84 -64.26
C ARG D 843 -66.48 -62.16 -64.10
N ALA D 844 -65.63 -61.70 -65.01
CA ALA D 844 -64.19 -61.95 -64.92
C ALA D 844 -63.43 -60.83 -64.23
N SER D 845 -64.09 -59.72 -63.92
CA SER D 845 -63.42 -58.57 -63.32
C SER D 845 -63.76 -58.39 -61.85
N MET D 846 -64.60 -59.23 -61.28
CA MET D 846 -64.85 -59.17 -59.84
C MET D 846 -63.66 -59.73 -59.07
N HIS D 847 -63.23 -58.99 -58.07
CA HIS D 847 -62.10 -59.41 -57.25
C HIS D 847 -62.49 -59.31 -55.79
N MET D 848 -62.06 -60.27 -54.99
CA MET D 848 -62.46 -60.34 -53.59
C MET D 848 -61.31 -59.80 -52.75
N LEU D 849 -61.31 -58.49 -52.53
CA LEU D 849 -60.27 -57.84 -51.74
C LEU D 849 -60.43 -58.19 -50.27
N THR D 850 -59.31 -58.50 -49.62
CA THR D 850 -59.30 -58.87 -48.21
C THR D 850 -58.46 -57.92 -47.39
N SER D 851 -58.85 -57.73 -46.13
CA SER D 851 -58.08 -57.00 -45.15
C SER D 851 -58.60 -57.38 -43.77
N ASN D 852 -58.03 -56.75 -42.75
CA ASN D 852 -58.44 -57.05 -41.39
C ASN D 852 -59.67 -56.24 -40.99
N LEU D 853 -60.23 -56.56 -39.83
CA LEU D 853 -61.39 -55.84 -39.34
C LEU D 853 -60.99 -54.57 -38.60
N THR D 854 -60.27 -54.69 -37.49
CA THR D 854 -59.94 -53.54 -36.66
C THR D 854 -58.47 -53.52 -36.29
N PHE D 855 -57.88 -52.33 -36.39
CA PHE D 855 -56.62 -51.98 -35.76
C PHE D 855 -56.88 -50.82 -34.81
N THR D 856 -55.89 -50.53 -33.96
CA THR D 856 -55.76 -49.24 -33.29
C THR D 856 -54.29 -48.86 -33.43
N VAL D 857 -53.93 -48.15 -34.49
CA VAL D 857 -52.53 -47.84 -34.76
C VAL D 857 -52.04 -46.78 -33.78
N TYR D 858 -50.97 -47.09 -33.06
CA TYR D 858 -50.44 -46.23 -32.01
C TYR D 858 -49.19 -45.49 -32.48
N SER D 859 -49.10 -44.21 -32.12
CA SER D 859 -48.10 -43.34 -32.73
C SER D 859 -46.72 -43.53 -32.12
N ASP D 860 -46.55 -43.21 -30.84
CA ASP D 860 -45.32 -43.49 -30.12
C ASP D 860 -45.63 -44.38 -28.92
N LEU D 861 -44.63 -45.17 -28.54
CA LEU D 861 -44.86 -46.20 -27.55
C LEU D 861 -44.34 -45.85 -26.17
N LEU D 862 -43.54 -44.81 -26.04
CA LEU D 862 -43.00 -44.45 -24.73
C LEU D 862 -43.92 -43.50 -23.98
N ALA D 863 -45.14 -43.29 -24.45
CA ALA D 863 -46.13 -42.64 -23.61
C ALA D 863 -46.68 -43.60 -22.57
N PHE D 864 -46.63 -44.90 -22.84
CA PHE D 864 -47.21 -45.87 -21.92
C PHE D 864 -46.30 -46.14 -20.74
N VAL D 865 -45.03 -46.46 -20.99
CA VAL D 865 -44.09 -46.80 -19.93
C VAL D 865 -43.65 -45.52 -19.21
N SER D 866 -43.90 -45.47 -17.92
CA SER D 866 -43.66 -44.28 -17.10
C SER D 866 -42.52 -44.59 -16.14
N ALA D 867 -41.33 -44.09 -16.45
CA ALA D 867 -40.13 -44.43 -15.71
C ALA D 867 -39.83 -43.39 -14.63
N ASP D 868 -38.98 -43.79 -13.69
CA ASP D 868 -38.60 -42.94 -12.58
C ASP D 868 -37.24 -43.39 -12.08
N THR D 869 -36.53 -42.47 -11.43
CA THR D 869 -35.15 -42.71 -11.04
C THR D 869 -35.03 -42.95 -9.54
N VAL D 870 -34.07 -43.81 -9.18
CA VAL D 870 -33.72 -44.02 -7.79
C VAL D 870 -33.01 -42.78 -7.28
N GLU D 871 -33.24 -42.46 -5.98
CA GLU D 871 -32.65 -41.39 -5.18
C GLU D 871 -31.15 -41.24 -5.46
N PRO D 872 -30.70 -40.06 -5.90
CA PRO D 872 -29.32 -39.93 -6.37
C PRO D 872 -28.26 -39.95 -5.27
N ILE D 873 -28.60 -40.05 -3.99
CA ILE D 873 -27.59 -40.30 -2.98
C ILE D 873 -26.95 -41.66 -3.20
N ASN D 874 -27.78 -42.69 -3.42
CA ASN D 874 -27.29 -44.01 -3.78
C ASN D 874 -27.68 -44.32 -5.22
N ALA D 875 -26.86 -43.87 -6.15
CA ALA D 875 -27.01 -44.16 -7.57
C ALA D 875 -25.76 -44.87 -8.05
N VAL D 876 -25.95 -45.93 -8.84
CA VAL D 876 -24.92 -46.93 -9.07
C VAL D 876 -24.36 -46.75 -10.48
N ALA D 877 -23.04 -46.74 -10.58
CA ALA D 877 -22.32 -46.69 -11.86
C ALA D 877 -22.24 -48.06 -12.49
N PHE D 878 -21.35 -48.25 -13.46
CA PHE D 878 -21.18 -49.59 -14.02
C PHE D 878 -20.50 -50.53 -13.02
N ASP D 879 -19.61 -50.00 -12.17
CA ASP D 879 -19.26 -50.69 -10.94
C ASP D 879 -20.47 -50.66 -10.02
N ASN D 880 -20.60 -51.68 -9.18
CA ASN D 880 -21.73 -51.65 -8.27
C ASN D 880 -21.51 -50.76 -7.06
N MET D 881 -20.34 -50.15 -6.93
CA MET D 881 -20.17 -49.04 -6.00
C MET D 881 -20.87 -47.80 -6.54
N ARG D 882 -21.26 -46.92 -5.63
CA ARG D 882 -22.01 -45.76 -6.05
C ARG D 882 -21.07 -44.62 -6.45
N ILE D 883 -21.65 -43.61 -7.08
CA ILE D 883 -20.95 -42.37 -7.38
C ILE D 883 -21.40 -41.32 -6.39
N MET D 884 -20.58 -40.26 -6.28
CA MET D 884 -20.64 -39.27 -5.19
C MET D 884 -20.61 -39.94 -3.81
N ASN D 885 -19.65 -40.84 -3.65
CA ASN D 885 -19.44 -41.52 -2.38
C ASN D 885 -18.54 -40.75 -1.45
N GLU D 886 -17.84 -39.73 -1.94
CA GLU D 886 -16.90 -39.00 -1.11
C GLU D 886 -17.65 -38.11 -0.12
N LEU D 887 -17.18 -38.15 1.13
CA LEU D 887 -17.76 -37.39 2.22
C LEU D 887 -17.61 -35.88 1.99
N THR E 85 1.33 19.12 -63.11
CA THR E 85 1.40 17.71 -63.47
C THR E 85 2.74 17.14 -63.01
N LYS E 86 2.70 15.99 -62.34
CA LYS E 86 3.91 15.38 -61.82
C LYS E 86 4.67 14.65 -62.93
N GLU E 87 5.93 14.32 -62.63
CA GLU E 87 6.74 13.56 -63.57
C GLU E 87 6.24 12.13 -63.64
N GLU E 88 6.18 11.57 -64.84
CA GLU E 88 5.64 10.24 -65.06
C GLU E 88 6.52 9.18 -64.42
N HIS E 89 5.89 8.06 -64.04
CA HIS E 89 6.60 6.95 -63.45
C HIS E 89 7.50 6.29 -64.48
N GLN E 90 8.55 5.63 -64.00
CA GLN E 90 9.48 4.99 -64.91
C GLN E 90 8.93 3.71 -65.51
N LYS E 91 7.88 3.15 -64.92
CA LYS E 91 7.27 1.96 -65.48
C LYS E 91 6.33 2.31 -66.64
N GLU E 92 5.53 3.35 -66.47
CA GLU E 92 4.58 3.73 -67.51
C GLU E 92 5.26 4.41 -68.69
N VAL E 93 6.46 4.93 -68.50
CA VAL E 93 7.13 5.54 -69.64
C VAL E 93 7.83 4.47 -70.48
N GLN E 94 8.21 3.33 -69.89
CA GLN E 94 8.95 2.32 -70.62
C GLN E 94 8.10 1.19 -71.16
N TYR E 95 6.81 1.16 -70.86
CA TYR E 95 5.91 0.43 -71.74
C TYR E 95 5.50 1.29 -72.93
N GLU E 96 5.71 2.59 -72.85
CA GLU E 96 5.33 3.49 -73.94
C GLU E 96 6.42 3.61 -74.99
N ILE E 97 7.69 3.41 -74.62
CA ILE E 97 8.70 3.29 -75.68
C ILE E 97 8.53 1.99 -76.42
N LEU E 98 7.99 0.97 -75.75
CA LEU E 98 7.70 -0.29 -76.42
C LEU E 98 6.48 -0.16 -77.32
N GLN E 99 5.37 0.37 -76.77
CA GLN E 99 4.10 0.39 -77.48
C GLN E 99 4.09 1.34 -78.67
N LYS E 100 5.04 2.28 -78.74
CA LYS E 100 5.12 3.14 -79.90
C LYS E 100 5.73 2.46 -81.12
N THR E 101 6.17 1.22 -81.01
CA THR E 101 6.62 0.44 -82.14
C THR E 101 5.60 -0.60 -82.61
N ILE E 102 4.54 -0.84 -81.84
CA ILE E 102 3.51 -1.81 -82.18
C ILE E 102 2.32 -1.05 -82.77
N PRO E 103 1.86 -1.39 -83.96
CA PRO E 103 0.83 -0.57 -84.63
C PRO E 103 -0.61 -0.84 -84.22
N THR E 104 -0.90 -1.48 -83.09
CA THR E 104 -2.29 -1.61 -82.68
C THR E 104 -2.84 -0.27 -82.23
N PHE E 105 -4.16 -0.11 -82.36
CA PHE E 105 -4.81 1.12 -81.98
C PHE E 105 -4.84 1.28 -80.47
N GLU E 106 -4.99 2.52 -80.02
CA GLU E 106 -4.89 2.82 -78.60
C GLU E 106 -6.09 2.35 -77.77
N PRO E 107 -7.36 2.41 -78.25
CA PRO E 107 -8.37 1.55 -77.61
C PRO E 107 -8.39 0.19 -78.25
N LYS E 108 -8.20 -0.87 -77.45
CA LYS E 108 -8.02 -2.20 -78.02
C LYS E 108 -9.32 -2.80 -78.51
N GLU E 109 -10.45 -2.43 -77.92
CA GLU E 109 -11.73 -2.97 -78.37
C GLU E 109 -12.27 -2.25 -79.59
N SER E 110 -11.72 -1.09 -79.93
CA SER E 110 -12.17 -0.34 -81.09
C SER E 110 -11.62 -0.87 -82.40
N ILE E 111 -10.76 -1.88 -82.36
CA ILE E 111 -10.29 -2.50 -83.59
C ILE E 111 -11.30 -3.53 -84.10
N LEU E 112 -12.28 -3.89 -83.25
CA LEU E 112 -13.28 -4.88 -83.63
C LEU E 112 -14.17 -4.38 -84.76
N LYS E 113 -14.46 -3.08 -84.79
CA LYS E 113 -15.31 -2.55 -85.85
C LYS E 113 -14.59 -2.54 -87.18
N LYS E 114 -13.28 -2.32 -87.17
CA LYS E 114 -12.54 -2.17 -88.41
C LYS E 114 -12.37 -3.49 -89.17
N LEU E 115 -12.46 -4.63 -88.49
CA LEU E 115 -12.47 -5.89 -89.22
C LEU E 115 -13.84 -6.18 -89.81
N GLU E 116 -14.92 -5.73 -89.16
CA GLU E 116 -16.25 -6.08 -89.63
C GLU E 116 -16.68 -5.24 -90.84
N ASP E 117 -16.18 -4.02 -90.98
CA ASP E 117 -16.62 -3.17 -92.07
C ASP E 117 -15.92 -3.45 -93.39
N ILE E 118 -15.07 -4.47 -93.45
CA ILE E 118 -14.36 -4.78 -94.69
C ILE E 118 -15.31 -5.49 -95.63
N LYS E 119 -15.72 -4.79 -96.69
CA LYS E 119 -16.48 -5.44 -97.75
C LYS E 119 -15.54 -6.37 -98.51
N PRO E 120 -16.08 -7.46 -99.12
CA PRO E 120 -15.21 -8.39 -99.84
C PRO E 120 -14.52 -7.79 -101.05
N GLU E 121 -15.30 -7.31 -102.02
CA GLU E 121 -14.82 -6.62 -103.20
C GLU E 121 -15.88 -5.62 -103.60
N GLN E 122 -15.72 -5.03 -104.76
CA GLN E 122 -16.84 -4.39 -105.47
C GLN E 122 -16.80 -4.89 -106.90
N VAL E 123 -17.84 -5.62 -107.30
CA VAL E 123 -17.90 -6.15 -108.65
C VAL E 123 -18.15 -5.00 -109.62
N LYS E 124 -17.30 -4.88 -110.63
CA LYS E 124 -17.29 -3.73 -111.52
C LYS E 124 -17.77 -4.16 -112.89
N LYS E 125 -18.82 -3.49 -113.37
CA LYS E 125 -19.26 -3.63 -114.75
C LYS E 125 -18.99 -2.31 -115.46
N GLN E 126 -18.56 -2.38 -116.72
CA GLN E 126 -18.30 -1.18 -117.48
C GLN E 126 -19.44 -0.95 -118.46
N THR E 127 -19.79 0.33 -118.66
CA THR E 127 -20.92 0.70 -119.49
C THR E 127 -20.55 1.30 -120.82
N LYS E 128 -19.31 1.73 -121.00
CA LYS E 128 -18.81 2.15 -122.29
C LYS E 128 -17.62 1.28 -122.67
N LEU E 129 -17.38 1.14 -123.97
CA LEU E 129 -16.19 0.46 -124.43
C LEU E 129 -14.97 1.31 -124.10
N PHE E 130 -13.89 0.65 -123.70
CA PHE E 130 -12.67 1.36 -123.34
C PHE E 130 -12.03 1.89 -124.61
N ARG E 131 -12.19 3.19 -124.86
CA ARG E 131 -11.65 3.80 -126.06
C ARG E 131 -10.60 4.83 -125.69
N ILE E 132 -9.43 4.74 -126.34
CA ILE E 132 -8.41 5.77 -126.26
C ILE E 132 -8.37 6.60 -127.53
N PHE E 133 -8.63 5.98 -128.67
CA PHE E 133 -8.41 6.57 -129.98
C PHE E 133 -9.75 6.88 -130.63
N GLU E 134 -9.93 8.13 -131.07
CA GLU E 134 -11.13 8.49 -131.82
C GLU E 134 -10.74 8.87 -133.24
N PRO E 135 -11.62 8.62 -134.22
CA PRO E 135 -11.30 9.02 -135.59
C PRO E 135 -11.70 10.47 -135.85
N ARG E 136 -10.71 11.31 -136.11
CA ARG E 136 -10.91 12.73 -136.32
C ARG E 136 -10.79 13.08 -137.80
N GLN E 137 -11.40 14.19 -138.17
CA GLN E 137 -11.38 14.69 -139.53
C GLN E 137 -10.26 15.72 -139.65
N LEU E 138 -9.20 15.37 -140.36
CA LEU E 138 -8.07 16.26 -140.53
C LEU E 138 -7.94 16.68 -141.99
N PRO E 139 -7.51 17.91 -142.26
CA PRO E 139 -7.32 18.33 -143.66
C PRO E 139 -6.09 17.68 -144.26
N VAL E 140 -6.11 17.56 -145.59
CA VAL E 140 -5.06 16.88 -146.33
C VAL E 140 -4.56 17.83 -147.40
N TYR E 141 -3.25 18.06 -147.43
CA TYR E 141 -2.62 18.96 -148.38
C TYR E 141 -1.95 18.16 -149.48
N ARG E 142 -2.14 18.60 -150.72
CA ARG E 142 -1.46 17.98 -151.85
C ARG E 142 0.02 18.31 -151.79
N ALA E 143 0.85 17.32 -152.13
CA ALA E 143 2.29 17.55 -152.20
C ALA E 143 2.61 18.54 -153.31
N ASN E 144 3.35 19.59 -152.94
CA ASN E 144 3.57 20.80 -153.75
C ASN E 144 2.22 21.38 -154.18
N GLY E 145 1.45 21.79 -153.19
CA GLY E 145 0.10 22.22 -153.47
C GLY E 145 -0.58 22.88 -152.29
N GLU E 146 -1.91 22.94 -152.39
CA GLU E 146 -2.76 23.74 -151.55
C GLU E 146 -3.59 22.84 -150.64
N LYS E 147 -4.52 23.44 -149.91
CA LYS E 147 -5.51 22.70 -149.15
C LYS E 147 -6.42 21.96 -150.10
N GLU E 148 -6.30 20.64 -150.16
CA GLU E 148 -7.09 19.85 -151.07
C GLU E 148 -8.53 19.77 -150.57
N LEU E 149 -9.47 19.49 -151.48
CA LEU E 149 -10.89 19.45 -151.17
C LEU E 149 -11.26 18.26 -150.29
N ARG E 150 -10.40 17.24 -150.26
CA ARG E 150 -10.68 15.98 -149.58
C ARG E 150 -10.08 16.00 -148.18
N ASN E 151 -10.93 15.94 -147.15
CA ASN E 151 -10.47 15.88 -145.77
C ASN E 151 -10.53 14.43 -145.30
N ARG E 152 -9.37 13.80 -145.19
CA ARG E 152 -9.32 12.39 -144.88
C ARG E 152 -9.21 12.17 -143.37
N TRP E 153 -9.77 11.05 -142.91
CA TRP E 153 -9.78 10.71 -141.50
C TRP E 153 -8.39 10.35 -141.01
N TYR E 154 -8.19 10.51 -139.70
CA TYR E 154 -6.99 10.01 -139.02
C TYR E 154 -7.39 9.56 -137.63
N TRP E 155 -6.43 9.06 -136.87
CA TRP E 155 -6.72 8.41 -135.59
C TRP E 155 -6.15 9.18 -134.41
N LYS E 156 -6.35 10.49 -134.38
CA LYS E 156 -5.82 11.33 -133.29
C LYS E 156 -6.48 10.96 -131.97
N LEU E 157 -5.69 10.73 -130.94
CA LEU E 157 -6.22 10.24 -129.68
C LEU E 157 -6.85 11.36 -128.89
N LYS E 158 -7.95 11.07 -128.21
CA LYS E 158 -8.67 12.07 -127.44
C LYS E 158 -8.09 12.19 -126.05
N ARG E 159 -8.20 13.39 -125.48
CA ARG E 159 -7.56 13.82 -124.23
C ARG E 159 -6.05 13.56 -124.29
N ASP E 160 -5.41 14.25 -125.24
CA ASP E 160 -3.97 14.10 -125.46
C ASP E 160 -3.20 15.09 -124.58
N THR E 161 -3.26 14.82 -123.28
CA THR E 161 -2.55 15.61 -122.28
C THR E 161 -1.34 14.79 -121.84
N LEU E 162 -0.27 14.86 -122.64
CA LEU E 162 0.96 14.17 -122.33
C LEU E 162 1.98 15.19 -121.83
N PRO E 163 2.55 15.00 -120.65
CA PRO E 163 3.56 15.96 -120.17
C PRO E 163 4.84 15.83 -120.97
N ASP E 164 5.59 16.93 -121.03
CA ASP E 164 6.84 16.92 -121.76
C ASP E 164 7.98 16.43 -120.89
N GLY E 165 9.05 16.01 -121.55
CA GLY E 165 10.16 15.37 -120.86
C GLY E 165 9.98 13.87 -120.90
N ASP E 166 11.07 13.13 -121.11
CA ASP E 166 10.94 11.68 -121.29
C ASP E 166 10.61 10.98 -119.98
N TYR E 167 10.95 11.57 -118.85
CA TYR E 167 10.58 10.96 -117.57
C TYR E 167 9.12 11.20 -117.24
N ASP E 168 8.55 12.30 -117.70
CA ASP E 168 7.17 12.60 -117.34
C ASP E 168 6.16 11.82 -118.16
N VAL E 169 6.53 11.34 -119.35
CA VAL E 169 5.62 10.45 -120.06
C VAL E 169 5.61 9.06 -119.44
N ARG E 170 6.63 8.70 -118.67
CA ARG E 170 6.67 7.40 -118.01
C ARG E 170 6.09 7.43 -116.61
N GLU E 171 5.83 8.61 -116.05
CA GLU E 171 4.95 8.68 -114.89
C GLU E 171 3.51 8.89 -115.30
N TYR E 172 3.26 9.32 -116.53
CA TYR E 172 1.90 9.33 -117.07
C TYR E 172 1.48 7.92 -117.46
N PHE E 173 2.40 7.09 -117.92
CA PHE E 173 2.04 5.73 -118.30
C PHE E 173 1.96 4.79 -117.12
N LEU E 174 2.33 5.23 -115.92
CA LEU E 174 1.95 4.47 -114.74
C LEU E 174 0.57 4.88 -114.27
N ASN E 175 0.23 6.16 -114.39
CA ASN E 175 -1.11 6.62 -114.02
C ASN E 175 -2.17 6.14 -115.02
N LEU E 176 -1.77 5.78 -116.23
CA LEU E 176 -2.70 5.08 -117.11
C LEU E 176 -2.92 3.66 -116.62
N TYR E 177 -1.87 3.02 -116.13
CA TYR E 177 -1.96 1.66 -115.66
C TYR E 177 -2.75 1.56 -114.35
N ASP E 178 -2.73 2.60 -113.53
CA ASP E 178 -3.58 2.63 -112.36
C ASP E 178 -4.99 3.07 -112.69
N GLN E 179 -5.20 3.68 -113.85
CA GLN E 179 -6.55 4.01 -114.29
C GLN E 179 -7.24 2.80 -114.89
N VAL E 180 -6.50 1.96 -115.61
CA VAL E 180 -7.10 0.78 -116.21
C VAL E 180 -7.39 -0.28 -115.15
N LEU E 181 -6.55 -0.38 -114.12
CA LEU E 181 -6.82 -1.34 -113.06
C LEU E 181 -8.00 -0.93 -112.19
N THR E 182 -8.19 0.37 -111.97
CA THR E 182 -9.35 0.81 -111.22
C THR E 182 -10.62 0.69 -112.06
N GLU E 183 -10.52 0.99 -113.35
CA GLU E 183 -11.63 0.82 -114.29
C GLU E 183 -11.59 -0.52 -115.01
N MET E 184 -11.09 -1.57 -114.37
CA MET E 184 -11.11 -2.90 -114.98
C MET E 184 -12.41 -3.60 -114.64
N PRO E 185 -13.24 -3.94 -115.62
CA PRO E 185 -14.50 -4.62 -115.34
C PRO E 185 -14.28 -6.07 -114.94
N ASP E 186 -15.32 -6.64 -114.34
CA ASP E 186 -15.33 -8.05 -113.97
C ASP E 186 -16.22 -8.90 -114.85
N TYR E 187 -17.37 -8.38 -115.28
CA TYR E 187 -18.18 -9.08 -116.26
C TYR E 187 -18.77 -8.07 -117.23
N LEU E 188 -18.81 -8.45 -118.51
CA LEU E 188 -19.35 -7.61 -119.57
C LEU E 188 -20.56 -8.28 -120.17
N LEU E 189 -21.70 -7.62 -120.09
CA LEU E 189 -22.91 -8.04 -120.77
C LEU E 189 -23.16 -7.07 -121.90
N LEU E 190 -22.99 -7.53 -123.14
CA LEU E 190 -23.08 -6.66 -124.30
C LEU E 190 -24.50 -6.37 -124.73
N LYS E 191 -25.51 -6.88 -124.02
CA LYS E 191 -26.88 -6.56 -124.39
C LYS E 191 -27.24 -5.13 -123.97
N ASP E 192 -26.80 -4.72 -122.78
CA ASP E 192 -27.12 -3.38 -122.30
C ASP E 192 -26.20 -2.31 -122.87
N MET E 193 -25.08 -2.70 -123.49
CA MET E 193 -24.29 -1.82 -124.33
C MET E 193 -24.69 -2.10 -125.77
N ALA E 194 -25.74 -1.43 -126.22
CA ALA E 194 -26.24 -1.66 -127.57
C ALA E 194 -26.98 -0.42 -128.02
N VAL E 195 -26.74 -0.02 -129.26
CA VAL E 195 -27.47 1.06 -129.89
C VAL E 195 -27.86 0.61 -131.28
N GLU E 196 -28.88 1.26 -131.82
CA GLU E 196 -29.42 0.88 -133.12
C GLU E 196 -28.55 1.44 -134.23
N ASN E 197 -28.33 0.63 -135.26
CA ASN E 197 -27.74 1.11 -136.50
C ASN E 197 -28.83 1.85 -137.27
N LYS E 198 -28.70 3.18 -137.37
CA LYS E 198 -29.78 4.02 -137.83
C LYS E 198 -29.99 3.96 -139.35
N ASN E 199 -29.19 3.21 -140.09
CA ASN E 199 -29.39 3.10 -141.53
C ASN E 199 -29.22 1.68 -142.04
N SER E 200 -29.43 0.67 -141.20
CA SER E 200 -29.37 -0.72 -141.62
C SER E 200 -30.72 -1.16 -142.15
N ARG E 201 -30.68 -2.05 -143.16
CA ARG E 201 -31.91 -2.51 -143.78
C ARG E 201 -32.69 -3.42 -142.84
N ASP E 202 -32.12 -4.56 -142.50
CA ASP E 202 -32.68 -5.35 -141.42
C ASP E 202 -32.22 -4.79 -140.08
N ALA E 203 -32.95 -5.11 -139.02
CA ALA E 203 -32.71 -4.50 -137.72
C ALA E 203 -31.42 -5.05 -137.14
N GLY E 204 -30.35 -4.29 -137.27
CA GLY E 204 -29.06 -4.66 -136.72
C GLY E 204 -28.59 -3.62 -135.73
N LYS E 205 -27.74 -4.03 -134.80
CA LYS E 205 -27.27 -3.15 -133.75
C LYS E 205 -25.75 -3.16 -133.69
N VAL E 206 -25.21 -2.09 -133.10
CA VAL E 206 -23.77 -1.92 -132.92
C VAL E 206 -23.55 -1.80 -131.42
N VAL E 207 -22.30 -2.01 -130.99
CA VAL E 207 -22.06 -2.28 -129.57
C VAL E 207 -22.02 -0.98 -128.75
N ASP E 208 -21.52 0.12 -129.31
CA ASP E 208 -21.40 1.32 -128.49
C ASP E 208 -21.92 2.56 -129.19
N SER E 209 -22.22 3.58 -128.39
CA SER E 209 -22.84 4.79 -128.91
C SER E 209 -21.86 5.64 -129.71
N GLU E 210 -20.58 5.69 -129.29
CA GLU E 210 -19.57 6.35 -130.11
C GLU E 210 -19.31 5.57 -131.39
N THR E 211 -19.45 4.24 -131.31
CA THR E 211 -19.27 3.39 -132.48
C THR E 211 -20.38 3.60 -133.50
N ALA E 212 -21.60 3.90 -133.05
CA ALA E 212 -22.69 4.17 -133.98
C ALA E 212 -22.51 5.51 -134.67
N ALA E 213 -21.82 6.45 -134.03
CA ALA E 213 -21.56 7.75 -134.64
C ALA E 213 -20.47 7.69 -135.71
N ILE E 214 -19.72 6.61 -135.80
CA ILE E 214 -18.82 6.42 -136.92
C ILE E 214 -19.53 5.74 -138.08
N CYS E 215 -20.52 4.90 -137.80
CA CYS E 215 -21.19 4.16 -138.85
C CYS E 215 -22.06 5.07 -139.72
N ASP E 216 -22.66 6.11 -139.12
CA ASP E 216 -23.37 7.06 -139.96
C ASP E 216 -22.46 8.13 -140.54
N ALA E 217 -21.19 8.14 -140.18
CA ALA E 217 -20.24 9.06 -140.81
C ALA E 217 -19.56 8.45 -142.01
N ILE E 218 -19.34 7.13 -142.00
CA ILE E 218 -18.80 6.46 -143.17
C ILE E 218 -19.88 6.28 -144.23
N PHE E 219 -21.12 6.06 -143.81
CA PHE E 219 -22.22 5.85 -144.74
C PHE E 219 -22.51 7.10 -145.56
N GLN E 220 -22.44 8.27 -144.94
CA GLN E 220 -22.87 9.49 -145.62
C GLN E 220 -21.79 10.07 -146.52
N ASP E 221 -20.53 9.74 -146.28
CA ASP E 221 -19.41 10.33 -147.02
C ASP E 221 -19.40 9.85 -148.48
N GLU E 222 -19.15 10.78 -149.40
CA GLU E 222 -18.97 10.42 -150.81
C GLU E 222 -17.63 9.76 -151.04
N GLU E 223 -16.65 10.01 -150.17
CA GLU E 223 -15.29 9.53 -150.35
C GLU E 223 -15.17 8.02 -150.22
N THR E 224 -16.01 7.39 -149.39
CA THR E 224 -15.82 6.00 -149.03
C THR E 224 -16.18 5.06 -150.18
N GLU E 225 -15.74 3.82 -150.05
CA GLU E 225 -15.94 2.82 -151.10
C GLU E 225 -17.38 2.35 -151.13
N GLY E 226 -17.81 1.89 -152.31
CA GLY E 226 -19.17 1.42 -152.47
C GLY E 226 -19.47 0.14 -151.72
N VAL E 227 -18.45 -0.66 -151.46
CA VAL E 227 -18.65 -1.89 -150.69
C VAL E 227 -18.93 -1.55 -149.23
N VAL E 228 -18.20 -0.57 -148.68
CA VAL E 228 -18.34 -0.23 -147.26
C VAL E 228 -19.66 0.52 -147.01
N ARG E 229 -20.24 1.15 -148.02
CA ARG E 229 -21.59 1.70 -147.87
C ARG E 229 -22.62 0.60 -147.66
N ARG E 230 -22.63 -0.40 -148.54
CA ARG E 230 -23.63 -1.46 -148.46
C ARG E 230 -23.27 -2.53 -147.44
N PHE E 231 -22.12 -2.45 -146.79
CA PHE E 231 -21.82 -3.43 -145.73
C PHE E 231 -22.41 -3.00 -144.40
N ILE E 232 -22.35 -1.70 -144.08
CA ILE E 232 -22.90 -1.22 -142.82
C ILE E 232 -24.41 -1.34 -142.81
N ALA E 233 -25.05 -1.32 -143.98
CA ALA E 233 -26.47 -1.63 -144.05
C ALA E 233 -26.75 -3.11 -143.83
N GLU E 234 -25.72 -3.97 -143.90
CA GLU E 234 -25.90 -5.40 -143.72
C GLU E 234 -25.12 -5.95 -142.53
N MET E 235 -24.59 -5.09 -141.66
CA MET E 235 -23.96 -5.55 -140.43
C MET E 235 -25.02 -6.13 -139.52
N ARG E 236 -24.91 -7.41 -139.21
CA ARG E 236 -25.92 -8.11 -138.44
C ARG E 236 -25.27 -8.71 -137.21
N GLN E 237 -25.88 -8.48 -136.05
CA GLN E 237 -25.47 -9.17 -134.84
C GLN E 237 -26.18 -10.52 -134.79
N ARG E 238 -25.69 -11.39 -133.90
CA ARG E 238 -26.33 -12.68 -133.68
C ARG E 238 -26.63 -12.83 -132.20
N VAL E 239 -27.88 -13.12 -131.87
CA VAL E 239 -28.32 -13.32 -130.50
C VAL E 239 -28.80 -14.75 -130.39
N GLN E 240 -28.00 -15.59 -129.73
CA GLN E 240 -28.37 -16.96 -129.43
C GLN E 240 -28.84 -17.00 -127.99
N ALA E 241 -30.16 -17.04 -127.80
CA ALA E 241 -30.72 -16.94 -126.46
C ALA E 241 -30.55 -18.25 -125.69
N ASP E 242 -30.61 -19.39 -126.36
CA ASP E 242 -30.48 -20.65 -125.66
C ASP E 242 -29.02 -20.96 -125.33
N ARG E 243 -28.10 -20.57 -126.20
CA ARG E 243 -26.67 -20.77 -125.96
C ARG E 243 -26.09 -19.66 -125.08
N ASN E 244 -26.90 -18.67 -124.70
CA ASN E 244 -26.56 -17.61 -123.75
C ASN E 244 -25.39 -16.75 -124.24
N VAL E 245 -25.27 -16.57 -125.56
CA VAL E 245 -24.16 -15.83 -126.13
C VAL E 245 -24.68 -14.84 -127.15
N VAL E 246 -23.99 -13.70 -127.27
CA VAL E 246 -24.29 -12.66 -128.25
C VAL E 246 -22.98 -12.18 -128.83
N ASN E 247 -23.04 -11.67 -130.06
CA ASN E 247 -21.89 -11.00 -130.65
C ASN E 247 -22.34 -9.86 -131.55
N TYR E 248 -22.01 -8.64 -131.15
CA TYR E 248 -22.36 -7.39 -131.78
C TYR E 248 -21.19 -6.81 -132.54
N PRO E 249 -21.42 -6.21 -133.70
CA PRO E 249 -20.32 -5.59 -134.45
C PRO E 249 -19.79 -4.34 -133.77
N SER E 250 -18.63 -3.89 -134.23
CA SER E 250 -17.88 -2.86 -133.53
C SER E 250 -16.86 -2.24 -134.47
N ILE E 251 -16.43 -1.03 -134.12
CA ILE E 251 -15.31 -0.35 -134.75
C ILE E 251 -14.36 0.03 -133.63
N LEU E 252 -13.14 -0.49 -133.67
CA LEU E 252 -12.18 -0.18 -132.63
C LEU E 252 -10.78 -0.12 -133.23
N HIS E 253 -9.97 0.78 -132.69
CA HIS E 253 -8.58 0.88 -133.08
C HIS E 253 -7.81 -0.32 -132.51
N PRO E 254 -6.73 -0.76 -133.17
CA PRO E 254 -5.99 -1.92 -132.66
C PRO E 254 -5.26 -1.69 -131.34
N ILE E 255 -5.09 -0.45 -130.86
CA ILE E 255 -4.52 -0.24 -129.53
C ILE E 255 -5.51 -0.66 -128.46
N ASP E 256 -6.76 -0.19 -128.57
CA ASP E 256 -7.79 -0.50 -127.60
C ASP E 256 -8.70 -1.64 -128.03
N HIS E 257 -8.33 -2.39 -129.06
CA HIS E 257 -9.02 -3.66 -129.28
C HIS E 257 -8.44 -4.73 -128.37
N ALA E 258 -7.11 -4.75 -128.23
CA ALA E 258 -6.48 -5.68 -127.31
C ALA E 258 -6.76 -5.33 -125.86
N PHE E 259 -7.21 -4.11 -125.57
CA PHE E 259 -7.71 -3.79 -124.25
C PHE E 259 -9.10 -4.39 -124.04
N ASN E 260 -9.99 -4.21 -125.00
CA ASN E 260 -11.37 -4.67 -124.83
C ASN E 260 -11.50 -6.17 -125.01
N GLU E 261 -10.67 -6.78 -125.86
CA GLU E 261 -10.67 -8.23 -125.95
C GLU E 261 -10.10 -8.88 -124.70
N TYR E 262 -9.28 -8.16 -123.94
CA TYR E 262 -8.80 -8.73 -122.69
C TYR E 262 -9.88 -8.69 -121.62
N PHE E 263 -10.70 -7.64 -121.58
CA PHE E 263 -11.80 -7.61 -120.64
C PHE E 263 -12.89 -8.60 -121.01
N LEU E 264 -13.00 -8.93 -122.30
CA LEU E 264 -14.07 -9.78 -122.77
C LEU E 264 -13.75 -11.25 -122.55
N GLN E 265 -12.55 -11.69 -122.93
CA GLN E 265 -12.21 -13.10 -122.84
C GLN E 265 -11.86 -13.51 -121.41
N HIS E 266 -11.04 -12.71 -120.74
CA HIS E 266 -10.54 -13.06 -119.40
C HIS E 266 -11.48 -12.49 -118.34
N GLN E 267 -12.65 -13.11 -118.24
CA GLN E 267 -13.67 -12.71 -117.29
C GLN E 267 -13.26 -13.13 -115.88
N LEU E 268 -14.01 -12.62 -114.89
CA LEU E 268 -13.83 -13.02 -113.52
C LEU E 268 -14.99 -13.81 -112.95
N VAL E 269 -16.02 -14.07 -113.72
CA VAL E 269 -17.15 -14.82 -113.22
C VAL E 269 -16.95 -16.29 -113.50
N GLU E 270 -17.41 -17.13 -112.57
CA GLU E 270 -17.43 -18.57 -112.72
C GLU E 270 -18.83 -19.07 -112.45
N PRO E 271 -19.29 -20.13 -113.14
CA PRO E 271 -20.64 -20.63 -112.91
C PRO E 271 -20.78 -21.24 -111.53
N LEU E 272 -22.02 -21.19 -111.02
CA LEU E 272 -22.33 -21.54 -109.64
C LEU E 272 -23.39 -22.62 -109.62
N ASN E 273 -23.18 -23.63 -108.79
CA ASN E 273 -24.18 -24.68 -108.59
C ASN E 273 -24.46 -24.84 -107.11
N ASN E 274 -25.28 -25.82 -106.75
CA ASN E 274 -25.61 -26.06 -105.35
C ASN E 274 -24.50 -26.77 -104.59
N ASP E 275 -23.46 -27.26 -105.26
CA ASP E 275 -22.36 -27.90 -104.56
C ASP E 275 -21.19 -26.96 -104.29
N ILE E 276 -21.05 -25.87 -105.05
CA ILE E 276 -20.06 -24.86 -104.70
C ILE E 276 -20.47 -24.14 -103.42
N ILE E 277 -21.78 -23.93 -103.24
CA ILE E 277 -22.31 -23.45 -101.97
C ILE E 277 -22.05 -24.47 -100.86
N PHE E 278 -22.20 -25.75 -101.19
CA PHE E 278 -22.02 -26.79 -100.18
C PHE E 278 -20.56 -27.01 -99.85
N ASN E 279 -19.67 -26.79 -100.81
CA ASN E 279 -18.24 -26.90 -100.55
C ASN E 279 -17.67 -25.66 -99.90
N TYR E 280 -18.44 -24.57 -99.82
CA TYR E 280 -17.93 -23.34 -99.23
C TYR E 280 -17.96 -23.41 -97.71
N ILE E 281 -18.88 -24.17 -97.14
CA ILE E 281 -18.89 -24.44 -95.69
C ILE E 281 -17.65 -25.25 -95.35
N PRO E 282 -16.97 -25.00 -94.24
CA PRO E 282 -15.80 -25.81 -93.88
C PRO E 282 -16.19 -27.26 -93.58
N GLU E 283 -15.18 -28.13 -93.66
CA GLU E 283 -15.43 -29.56 -93.59
C GLU E 283 -15.82 -30.00 -92.18
N ARG E 284 -15.33 -29.32 -91.15
CA ARG E 284 -15.63 -29.73 -89.79
C ARG E 284 -17.04 -29.36 -89.36
N ILE E 285 -17.71 -28.46 -90.07
CA ILE E 285 -19.06 -28.08 -89.70
C ILE E 285 -20.11 -28.84 -90.50
N ARG E 286 -19.92 -29.00 -91.81
CA ARG E 286 -20.88 -29.75 -92.61
C ARG E 286 -20.83 -31.25 -92.32
N ASN E 287 -19.75 -31.74 -91.71
CA ASN E 287 -19.67 -33.11 -91.23
C ASN E 287 -19.88 -33.20 -89.72
N ASP E 288 -20.29 -32.11 -89.08
CA ASP E 288 -20.65 -32.15 -87.68
C ASP E 288 -22.09 -32.61 -87.52
N VAL E 289 -22.38 -33.18 -86.35
CA VAL E 289 -23.69 -33.76 -86.10
C VAL E 289 -24.67 -32.75 -85.53
N ASN E 290 -24.18 -31.87 -84.63
CA ASN E 290 -25.05 -30.94 -83.92
C ASN E 290 -25.24 -29.62 -84.66
N TYR E 291 -25.07 -29.60 -85.98
CA TYR E 291 -25.47 -28.47 -86.81
C TYR E 291 -26.20 -29.01 -88.02
N ILE E 292 -27.47 -28.65 -88.15
CA ILE E 292 -28.31 -29.15 -89.24
C ILE E 292 -28.22 -28.15 -90.38
N LEU E 293 -27.67 -28.59 -91.51
CA LEU E 293 -27.41 -27.70 -92.65
C LEU E 293 -28.20 -28.20 -93.85
N ASN E 294 -29.21 -27.43 -94.26
CA ASN E 294 -29.96 -27.74 -95.46
C ASN E 294 -30.03 -26.51 -96.35
N MET E 295 -30.29 -26.73 -97.63
CA MET E 295 -30.40 -25.66 -98.60
C MET E 295 -31.82 -25.65 -99.16
N ASP E 296 -32.49 -24.51 -99.06
CA ASP E 296 -33.84 -24.38 -99.60
C ASP E 296 -33.90 -23.63 -100.91
N ARG E 297 -33.05 -22.63 -101.11
CA ARG E 297 -33.14 -21.79 -102.29
C ARG E 297 -32.64 -22.52 -103.52
N ASN E 298 -33.19 -22.15 -104.67
CA ASN E 298 -32.80 -22.73 -105.95
C ASN E 298 -31.85 -21.79 -106.67
N LEU E 299 -30.79 -22.34 -107.24
CA LEU E 299 -29.82 -21.56 -108.01
C LEU E 299 -29.97 -21.87 -109.48
N PRO E 300 -30.29 -20.90 -110.33
CA PRO E 300 -30.49 -21.17 -111.75
C PRO E 300 -29.20 -21.48 -112.48
N SER E 301 -29.30 -21.82 -113.76
CA SER E 301 -28.12 -22.18 -114.53
C SER E 301 -27.24 -20.98 -114.87
N THR E 302 -27.78 -19.76 -114.80
CA THR E 302 -27.05 -18.56 -115.16
C THR E 302 -26.38 -17.87 -113.98
N ALA E 303 -26.50 -18.42 -112.78
CA ALA E 303 -25.94 -17.76 -111.60
C ALA E 303 -24.43 -17.89 -111.60
N ARG E 304 -23.74 -16.76 -111.45
CA ARG E 304 -22.29 -16.74 -111.39
C ARG E 304 -21.84 -16.08 -110.10
N TYR E 305 -20.59 -16.35 -109.69
CA TYR E 305 -20.05 -15.77 -108.48
C TYR E 305 -18.58 -15.46 -108.66
N ILE E 306 -18.06 -14.62 -107.77
CA ILE E 306 -16.67 -14.16 -107.83
C ILE E 306 -15.87 -14.91 -106.79
N ARG E 307 -14.91 -15.70 -107.24
CA ARG E 307 -14.15 -16.56 -106.35
C ARG E 307 -13.16 -15.74 -105.54
N PRO E 308 -13.14 -15.85 -104.22
CA PRO E 308 -12.24 -15.03 -103.42
C PRO E 308 -10.82 -15.57 -103.44
N ASN E 309 -9.86 -14.65 -103.52
CA ASN E 309 -8.44 -15.02 -103.66
C ASN E 309 -7.93 -15.48 -102.30
N LEU E 310 -8.08 -16.78 -102.04
CA LEU E 310 -7.78 -17.38 -100.75
C LEU E 310 -6.54 -18.26 -100.88
N LEU E 311 -5.38 -17.65 -100.74
CA LEU E 311 -4.14 -18.40 -100.58
C LEU E 311 -3.37 -17.77 -99.43
N GLN E 312 -2.49 -18.56 -98.83
CA GLN E 312 -1.85 -18.19 -97.58
C GLN E 312 -0.90 -17.02 -97.76
N ASP E 313 -0.46 -16.45 -96.64
CA ASP E 313 0.30 -15.21 -96.63
C ASP E 313 1.67 -15.46 -97.25
N ARG E 314 1.83 -15.04 -98.51
CA ARG E 314 3.08 -15.25 -99.20
C ARG E 314 4.16 -14.28 -98.77
N LEU E 315 3.81 -13.22 -98.05
CA LEU E 315 4.74 -12.56 -97.15
C LEU E 315 4.78 -13.37 -95.87
N ASN E 316 5.95 -13.90 -95.52
CA ASN E 316 6.07 -14.63 -94.27
C ASN E 316 6.09 -13.62 -93.14
N LEU E 317 4.89 -13.24 -92.71
CA LEU E 317 4.75 -12.23 -91.66
C LEU E 317 4.97 -12.78 -90.27
N HIS E 318 5.19 -14.09 -90.12
CA HIS E 318 5.25 -14.67 -88.79
C HIS E 318 6.65 -14.82 -88.24
N ASP E 319 7.69 -14.69 -89.06
CA ASP E 319 9.03 -15.04 -88.59
C ASP E 319 9.86 -13.84 -88.18
N ASN E 320 9.94 -12.82 -89.02
CA ASN E 320 10.93 -11.77 -88.85
C ASN E 320 10.33 -10.43 -88.47
N PHE E 321 9.02 -10.27 -88.57
CA PHE E 321 8.32 -9.04 -88.18
C PHE E 321 7.84 -9.20 -86.76
N GLU E 322 8.61 -8.68 -85.81
CA GLU E 322 8.23 -8.82 -84.40
C GLU E 322 7.12 -7.88 -84.02
N SER E 323 6.97 -6.76 -84.72
CA SER E 323 5.97 -5.77 -84.39
C SER E 323 4.81 -5.68 -85.37
N LEU E 324 5.05 -5.96 -86.65
CA LEU E 324 3.96 -5.95 -87.62
C LEU E 324 3.06 -7.17 -87.47
N TRP E 325 3.54 -8.24 -86.86
CA TRP E 325 2.74 -9.43 -86.66
C TRP E 325 1.94 -9.37 -85.37
N ASP E 326 2.43 -8.64 -84.36
CA ASP E 326 1.73 -8.53 -83.09
C ASP E 326 0.39 -7.83 -83.24
N THR E 327 0.23 -6.99 -84.25
CA THR E 327 -1.08 -6.44 -84.55
C THR E 327 -2.01 -7.51 -85.12
N ILE E 328 -1.49 -8.37 -86.00
CA ILE E 328 -2.32 -9.39 -86.63
C ILE E 328 -2.76 -10.48 -85.65
N THR E 329 -2.08 -10.61 -84.51
CA THR E 329 -2.65 -11.46 -83.48
C THR E 329 -3.64 -10.72 -82.60
N THR E 330 -3.38 -9.44 -82.29
CA THR E 330 -4.31 -8.67 -81.49
C THR E 330 -5.59 -8.37 -82.26
N SER E 331 -5.46 -8.02 -83.56
CA SER E 331 -6.65 -7.78 -84.36
C SER E 331 -7.44 -9.05 -84.62
N ASN E 332 -6.82 -10.21 -84.51
CA ASN E 332 -7.52 -11.48 -84.61
C ASN E 332 -7.93 -12.02 -83.24
N TYR E 333 -7.49 -11.40 -82.15
CA TYR E 333 -7.92 -11.79 -80.82
C TYR E 333 -9.18 -11.05 -80.40
N ILE E 334 -9.32 -9.77 -80.77
CA ILE E 334 -10.54 -9.03 -80.46
C ILE E 334 -11.71 -9.58 -81.27
N LEU E 335 -11.44 -10.07 -82.47
CA LEU E 335 -12.51 -10.61 -83.30
C LEU E 335 -12.99 -11.96 -82.76
N ALA E 336 -12.07 -12.82 -82.36
CA ALA E 336 -12.45 -14.12 -81.82
C ALA E 336 -13.05 -14.01 -80.43
N ARG E 337 -12.81 -12.91 -79.72
CA ARG E 337 -13.40 -12.71 -78.41
C ARG E 337 -14.87 -12.36 -78.52
N SER E 338 -15.28 -11.74 -79.62
CA SER E 338 -16.66 -11.34 -79.80
C SER E 338 -17.51 -12.43 -80.45
N VAL E 339 -16.97 -13.63 -80.63
CA VAL E 339 -17.68 -14.72 -81.26
C VAL E 339 -17.89 -15.90 -80.30
N VAL E 340 -16.89 -16.18 -79.47
CA VAL E 340 -16.96 -17.32 -78.53
C VAL E 340 -18.08 -17.10 -77.52
N PRO E 341 -18.99 -18.05 -77.35
CA PRO E 341 -20.22 -17.76 -76.59
C PRO E 341 -20.01 -17.72 -75.10
N ASP E 342 -20.86 -16.94 -74.43
CA ASP E 342 -20.79 -16.76 -73.00
C ASP E 342 -21.63 -17.81 -72.29
N LEU E 343 -21.19 -18.19 -71.10
CA LEU E 343 -21.80 -19.27 -70.36
C LEU E 343 -23.15 -18.85 -69.79
N LYS E 344 -24.00 -19.84 -69.53
CA LYS E 344 -25.29 -19.61 -68.91
C LYS E 344 -25.57 -20.72 -67.91
N GLU E 345 -26.47 -20.43 -66.98
CA GLU E 345 -26.89 -21.31 -65.88
C GLU E 345 -25.70 -21.72 -65.01
N LEU E 346 -24.95 -20.72 -64.54
CA LEU E 346 -23.82 -20.97 -63.68
C LEU E 346 -24.28 -21.30 -62.27
N VAL E 347 -23.35 -21.81 -61.45
CA VAL E 347 -23.59 -21.95 -60.03
C VAL E 347 -23.68 -20.57 -59.41
N SER E 348 -24.65 -20.37 -58.53
CA SER E 348 -24.87 -19.07 -57.91
C SER E 348 -23.70 -18.67 -57.04
N THR E 349 -23.41 -17.37 -57.00
CA THR E 349 -22.23 -16.88 -56.30
C THR E 349 -22.42 -16.92 -54.80
N GLU E 350 -23.65 -16.77 -54.31
CA GLU E 350 -23.92 -16.85 -52.88
C GLU E 350 -23.72 -18.25 -52.34
N ALA E 351 -23.77 -19.27 -53.20
CA ALA E 351 -23.61 -20.65 -52.76
C ALA E 351 -22.15 -21.05 -52.70
N GLN E 352 -21.40 -20.79 -53.77
CA GLN E 352 -20.04 -21.29 -53.86
C GLN E 352 -19.10 -20.55 -52.93
N ILE E 353 -19.38 -19.29 -52.62
CA ILE E 353 -18.50 -18.55 -51.73
C ILE E 353 -18.65 -19.03 -50.30
N GLN E 354 -19.88 -19.36 -49.89
CA GLN E 354 -20.09 -19.80 -48.51
C GLN E 354 -19.59 -21.22 -48.29
N LYS E 355 -19.42 -22.00 -49.36
CA LYS E 355 -18.71 -23.27 -49.24
C LYS E 355 -17.22 -23.10 -49.34
N MET E 356 -16.74 -22.09 -50.05
CA MET E 356 -15.32 -21.87 -50.20
C MET E 356 -14.73 -21.06 -49.06
N SER E 357 -15.51 -20.21 -48.41
CA SER E 357 -14.99 -19.45 -47.28
C SER E 357 -15.16 -20.15 -45.96
N GLN E 358 -15.80 -21.32 -45.95
CA GLN E 358 -15.89 -22.11 -44.74
C GLN E 358 -15.09 -23.39 -44.80
N ASP E 359 -14.67 -23.81 -45.99
CA ASP E 359 -13.72 -24.90 -46.12
C ASP E 359 -12.28 -24.42 -46.08
N LEU E 360 -11.99 -23.28 -46.68
CA LEU E 360 -10.66 -22.70 -46.56
C LEU E 360 -10.43 -22.17 -45.15
N GLN E 361 -11.40 -21.41 -44.63
CA GLN E 361 -11.34 -20.74 -43.34
C GLN E 361 -10.12 -19.83 -43.23
N LEU E 362 -10.08 -18.84 -44.13
CA LEU E 362 -8.94 -17.93 -44.16
C LEU E 362 -8.93 -16.96 -42.99
N GLU E 363 -10.07 -16.77 -42.33
CA GLU E 363 -10.11 -15.80 -41.24
C GLU E 363 -9.49 -16.35 -39.97
N ALA E 364 -9.62 -17.65 -39.73
CA ALA E 364 -9.11 -18.26 -38.51
C ALA E 364 -7.71 -18.83 -38.67
N LEU E 365 -6.92 -18.32 -39.60
CA LEU E 365 -5.57 -18.81 -39.79
C LEU E 365 -4.63 -18.22 -38.73
N THR E 366 -3.39 -18.72 -38.73
CA THR E 366 -2.40 -18.26 -37.77
C THR E 366 -1.93 -16.85 -38.07
N ILE E 367 -1.98 -16.43 -39.32
CA ILE E 367 -1.52 -15.11 -39.70
C ILE E 367 -2.67 -14.12 -39.55
N GLN E 368 -2.38 -12.98 -38.91
CA GLN E 368 -3.34 -11.90 -38.78
C GLN E 368 -2.70 -10.57 -39.12
N SER E 369 -1.63 -10.59 -39.90
CA SER E 369 -1.03 -9.37 -40.40
C SER E 369 -1.79 -8.78 -41.58
N GLU E 370 -2.72 -9.53 -42.16
CA GLU E 370 -3.54 -9.03 -43.25
C GLU E 370 -4.98 -9.49 -43.07
N THR E 371 -5.91 -8.71 -43.61
CA THR E 371 -7.31 -9.11 -43.66
C THR E 371 -7.50 -10.04 -44.85
N GLN E 372 -7.83 -11.30 -44.57
CA GLN E 372 -7.98 -12.31 -45.59
C GLN E 372 -9.45 -12.63 -45.78
N PHE E 373 -9.91 -12.51 -47.02
CA PHE E 373 -11.23 -12.96 -47.40
C PHE E 373 -11.13 -13.55 -48.80
N LEU E 374 -12.27 -13.97 -49.35
CA LEU E 374 -12.30 -14.66 -50.62
C LEU E 374 -12.60 -13.67 -51.74
N THR E 375 -11.70 -13.56 -52.69
CA THR E 375 -11.77 -12.55 -53.74
C THR E 375 -11.87 -13.18 -55.12
N GLY E 376 -12.61 -12.52 -55.99
CA GLY E 376 -12.67 -12.87 -57.39
C GLY E 376 -13.37 -14.17 -57.72
N ILE E 377 -14.48 -14.48 -57.06
CA ILE E 377 -15.25 -15.68 -57.38
C ILE E 377 -16.59 -15.20 -57.92
N ASN E 378 -16.58 -14.06 -58.59
CA ASN E 378 -17.80 -13.53 -59.18
C ASN E 378 -18.15 -14.25 -60.47
N SER E 379 -19.31 -13.91 -61.03
CA SER E 379 -19.80 -14.49 -62.27
C SER E 379 -19.42 -13.69 -63.50
N GLN E 380 -18.55 -12.69 -63.34
CA GLN E 380 -18.06 -11.90 -64.46
C GLN E 380 -16.65 -12.30 -64.87
N ALA E 381 -15.87 -12.84 -63.93
CA ALA E 381 -14.56 -13.35 -64.30
C ALA E 381 -14.61 -14.76 -64.87
N ALA E 382 -15.55 -15.60 -64.40
CA ALA E 382 -15.70 -16.91 -65.01
C ALA E 382 -16.26 -16.81 -66.41
N ASN E 383 -17.01 -15.76 -66.69
CA ASN E 383 -17.47 -15.50 -68.04
C ASN E 383 -16.40 -14.82 -68.88
N ASP E 384 -15.37 -14.26 -68.23
CA ASP E 384 -14.29 -13.59 -68.93
C ASP E 384 -13.11 -14.54 -69.17
N CYS E 385 -12.89 -15.50 -68.29
CA CYS E 385 -11.89 -16.51 -68.56
C CYS E 385 -12.33 -17.48 -69.63
N PHE E 386 -13.63 -17.58 -69.89
CA PHE E 386 -14.05 -18.39 -71.03
C PHE E 386 -13.80 -17.66 -72.34
N LYS E 387 -13.88 -16.34 -72.35
CA LYS E 387 -13.64 -15.60 -73.57
C LYS E 387 -12.15 -15.50 -73.86
N THR E 388 -11.33 -15.28 -72.85
CA THR E 388 -9.90 -15.08 -73.06
C THR E 388 -9.21 -16.38 -73.46
N LEU E 389 -9.61 -17.49 -72.83
CA LEU E 389 -8.89 -18.74 -73.00
C LEU E 389 -9.23 -19.43 -74.31
N ILE E 390 -10.25 -18.95 -75.03
CA ILE E 390 -10.56 -19.44 -76.36
C ILE E 390 -10.06 -18.48 -77.44
N ALA E 391 -10.15 -17.18 -77.19
CA ALA E 391 -9.76 -16.22 -78.21
C ALA E 391 -8.25 -16.02 -78.26
N ALA E 392 -7.56 -16.16 -77.13
CA ALA E 392 -6.10 -16.16 -77.17
C ALA E 392 -5.54 -17.50 -77.59
N MET E 393 -6.39 -18.48 -77.82
CA MET E 393 -6.00 -19.77 -78.36
C MET E 393 -6.33 -19.92 -79.83
N LEU E 394 -7.39 -19.26 -80.29
CA LEU E 394 -7.73 -19.28 -81.71
C LEU E 394 -6.76 -18.43 -82.52
N SER E 395 -6.70 -17.15 -82.22
CA SER E 395 -5.60 -16.34 -82.70
C SER E 395 -4.40 -16.60 -81.81
N GLN E 396 -3.27 -16.97 -82.41
CA GLN E 396 -2.14 -17.49 -81.63
C GLN E 396 -1.43 -16.35 -80.92
N ARG E 397 -2.09 -15.82 -79.88
CA ARG E 397 -1.56 -14.73 -79.10
C ARG E 397 -1.11 -15.26 -77.76
N THR E 398 0.11 -14.91 -77.37
CA THR E 398 0.70 -15.48 -76.17
C THR E 398 0.06 -14.86 -74.95
N MET E 399 -0.62 -15.68 -74.17
CA MET E 399 -1.20 -15.28 -72.91
C MET E 399 -0.11 -15.05 -71.87
N SER E 400 -0.47 -14.43 -70.76
CA SER E 400 0.45 -14.24 -69.66
C SER E 400 -0.29 -14.33 -68.35
N LEU E 401 0.32 -14.98 -67.37
CA LEU E 401 -0.36 -15.19 -66.10
C LEU E 401 -0.09 -14.04 -65.15
N ASP E 402 -0.99 -13.88 -64.19
CA ASP E 402 -0.89 -12.82 -63.19
C ASP E 402 -1.66 -13.29 -61.98
N PHE E 403 -1.05 -13.16 -60.80
CA PHE E 403 -1.65 -13.64 -59.57
C PHE E 403 -0.88 -13.03 -58.41
N VAL E 404 -1.39 -13.27 -57.21
CA VAL E 404 -0.64 -13.07 -55.98
C VAL E 404 -0.37 -14.44 -55.39
N THR E 405 0.87 -14.69 -54.99
CA THR E 405 1.22 -16.02 -54.54
C THR E 405 0.97 -16.24 -53.06
N THR E 406 0.48 -15.24 -52.34
CA THR E 406 0.18 -15.42 -50.93
C THR E 406 -1.11 -16.19 -50.70
N ASN E 407 -1.97 -16.31 -51.71
CA ASN E 407 -3.09 -17.22 -51.59
C ASN E 407 -2.88 -18.43 -52.49
N TYR E 408 -3.48 -19.54 -52.08
CA TYR E 408 -3.31 -20.82 -52.73
C TYR E 408 -4.54 -21.26 -53.48
N MET E 409 -5.69 -20.64 -53.25
CA MET E 409 -6.88 -20.98 -54.01
C MET E 409 -6.83 -20.42 -55.43
N SER E 410 -6.00 -19.40 -55.68
CA SER E 410 -5.74 -18.99 -57.05
C SER E 410 -4.59 -19.76 -57.65
N LEU E 411 -3.89 -20.56 -56.86
CA LEU E 411 -2.75 -21.33 -57.30
C LEU E 411 -3.07 -22.81 -57.50
N ILE E 412 -4.02 -23.34 -56.74
CA ILE E 412 -4.50 -24.70 -56.97
C ILE E 412 -5.26 -24.77 -58.29
N SER E 413 -6.07 -23.77 -58.56
CA SER E 413 -6.75 -23.69 -59.86
C SER E 413 -5.80 -23.33 -60.99
N GLY E 414 -4.59 -22.88 -60.69
CA GLY E 414 -3.58 -22.76 -61.73
C GLY E 414 -3.15 -24.10 -62.28
N MET E 415 -3.28 -25.17 -61.49
CA MET E 415 -2.96 -26.51 -61.98
C MET E 415 -3.92 -26.96 -63.07
N TRP E 416 -5.18 -26.54 -62.99
CA TRP E 416 -6.10 -26.87 -64.09
C TRP E 416 -5.77 -26.05 -65.33
N LEU E 417 -5.22 -24.85 -65.17
CA LEU E 417 -4.95 -24.02 -66.33
C LEU E 417 -3.78 -24.58 -67.14
N LEU E 418 -2.77 -25.11 -66.46
CA LEU E 418 -1.61 -25.64 -67.16
C LEU E 418 -1.88 -26.97 -67.84
N THR E 419 -2.86 -27.74 -67.35
CA THR E 419 -3.11 -29.06 -67.88
C THR E 419 -4.05 -29.07 -69.06
N VAL E 420 -4.70 -27.96 -69.38
CA VAL E 420 -5.62 -27.86 -70.50
C VAL E 420 -5.11 -26.93 -71.58
N VAL E 421 -4.74 -25.71 -71.20
CA VAL E 421 -4.10 -24.81 -72.14
C VAL E 421 -2.67 -25.27 -72.39
N PRO E 422 -2.25 -25.44 -73.63
CA PRO E 422 -0.91 -25.96 -73.89
C PRO E 422 0.19 -24.99 -73.47
N ASN E 423 1.26 -25.55 -72.91
CA ASN E 423 2.24 -24.77 -72.17
C ASN E 423 3.07 -23.86 -73.06
N ASP E 424 3.08 -24.06 -74.37
CA ASP E 424 3.83 -23.14 -75.21
C ASP E 424 3.08 -21.83 -75.45
N MET E 425 1.84 -21.73 -74.99
CA MET E 425 1.06 -20.52 -75.21
C MET E 425 1.54 -19.40 -74.29
N PHE E 426 1.84 -19.71 -73.05
CA PHE E 426 2.23 -18.69 -72.09
C PHE E 426 3.64 -18.18 -72.38
N ILE E 427 3.86 -16.90 -72.10
CA ILE E 427 5.22 -16.36 -72.16
C ILE E 427 6.05 -17.01 -71.08
N ARG E 428 7.26 -17.44 -71.46
CA ARG E 428 8.01 -18.45 -70.70
C ARG E 428 8.43 -17.96 -69.31
N GLU E 429 8.65 -16.66 -69.16
CA GLU E 429 9.05 -16.16 -67.85
C GLU E 429 7.89 -16.06 -66.87
N SER E 430 6.67 -16.37 -67.28
CA SER E 430 5.51 -16.48 -66.40
C SER E 430 5.05 -17.91 -66.21
N LEU E 431 5.17 -18.73 -67.26
CA LEU E 431 4.97 -20.17 -67.12
C LEU E 431 5.95 -20.76 -66.12
N VAL E 432 7.19 -20.28 -66.14
CA VAL E 432 8.16 -20.65 -65.10
C VAL E 432 7.72 -20.13 -63.75
N ALA E 433 7.34 -18.85 -63.68
CA ALA E 433 7.00 -18.25 -62.40
C ALA E 433 5.64 -18.66 -61.88
N CYS E 434 4.88 -19.47 -62.60
CA CYS E 434 3.72 -20.13 -62.04
C CYS E 434 3.99 -21.59 -61.71
N GLN E 435 4.81 -22.27 -62.51
CA GLN E 435 5.18 -23.65 -62.18
C GLN E 435 6.13 -23.69 -60.99
N LEU E 436 7.03 -22.72 -60.89
CA LEU E 436 7.87 -22.63 -59.69
C LEU E 436 7.06 -22.20 -58.49
N ALA E 437 6.00 -21.42 -58.71
CA ALA E 437 5.20 -20.97 -57.58
C ALA E 437 4.32 -22.08 -57.03
N ILE E 438 3.89 -23.01 -57.89
CA ILE E 438 3.13 -24.16 -57.42
C ILE E 438 4.04 -25.11 -56.65
N ILE E 439 5.26 -25.32 -57.16
CA ILE E 439 6.16 -26.33 -56.63
C ILE E 439 6.68 -25.93 -55.26
N ASN E 440 7.13 -24.69 -55.11
CA ASN E 440 7.72 -24.28 -53.84
C ASN E 440 6.71 -24.04 -52.73
N THR E 441 5.41 -24.18 -52.96
CA THR E 441 4.49 -23.98 -51.85
C THR E 441 3.37 -25.02 -51.74
N ILE E 442 3.15 -25.87 -52.74
CA ILE E 442 2.10 -26.88 -52.65
C ILE E 442 2.68 -28.27 -52.88
N ILE E 443 3.40 -28.46 -53.98
CA ILE E 443 3.86 -29.81 -54.34
C ILE E 443 5.06 -30.22 -53.50
N TYR E 444 6.12 -29.40 -53.46
CA TYR E 444 7.28 -29.79 -52.66
C TYR E 444 7.15 -29.67 -51.15
N PRO E 445 6.37 -28.74 -50.56
CA PRO E 445 6.08 -28.90 -49.14
C PRO E 445 5.18 -30.08 -48.81
N ALA E 446 4.50 -30.68 -49.78
CA ALA E 446 3.68 -31.85 -49.49
C ALA E 446 4.55 -33.06 -49.20
N PHE E 447 5.42 -33.41 -50.13
CA PHE E 447 6.29 -34.56 -49.94
C PHE E 447 7.45 -34.26 -49.01
N GLY E 448 7.63 -33.01 -48.62
CA GLY E 448 8.61 -32.67 -47.62
C GLY E 448 10.02 -32.56 -48.12
N MET E 449 10.22 -32.47 -49.43
CA MET E 449 11.56 -32.35 -49.95
C MET E 449 11.97 -30.89 -50.00
N GLN E 450 13.21 -30.64 -50.40
CA GLN E 450 13.75 -29.29 -50.32
C GLN E 450 13.16 -28.41 -51.41
N ARG E 451 13.08 -27.12 -51.11
CA ARG E 451 12.54 -26.14 -52.04
C ARG E 451 13.45 -26.00 -53.26
N MET E 452 12.86 -25.53 -54.35
CA MET E 452 13.52 -25.60 -55.64
C MET E 452 14.30 -24.32 -55.90
N HIS E 453 15.61 -24.35 -55.64
CA HIS E 453 16.48 -23.26 -56.03
C HIS E 453 16.65 -23.30 -57.55
N TYR E 454 15.98 -22.38 -58.25
CA TYR E 454 15.84 -22.50 -59.70
C TYR E 454 16.60 -21.37 -60.39
N ARG E 455 17.60 -21.75 -61.18
CA ARG E 455 18.27 -20.81 -62.07
C ARG E 455 17.38 -20.54 -63.27
N ASN E 456 17.17 -19.26 -63.59
CA ASN E 456 16.17 -18.94 -64.61
C ASN E 456 16.68 -19.20 -66.02
N GLY E 457 17.97 -19.02 -66.27
CA GLY E 457 18.50 -19.35 -67.58
C GLY E 457 18.71 -20.84 -67.75
N ASP E 458 17.63 -21.60 -67.82
CA ASP E 458 17.65 -23.05 -67.84
C ASP E 458 16.75 -23.55 -68.95
N PRO E 459 17.19 -24.53 -69.74
CA PRO E 459 16.31 -25.06 -70.80
C PRO E 459 15.18 -25.95 -70.31
N GLN E 460 15.02 -26.15 -69.01
CA GLN E 460 13.95 -26.96 -68.47
C GLN E 460 13.04 -26.11 -67.59
N THR E 461 11.75 -26.17 -67.87
CA THR E 461 10.75 -25.61 -66.96
C THR E 461 10.74 -26.41 -65.66
N PRO E 462 10.34 -25.79 -64.54
CA PRO E 462 10.36 -26.52 -63.27
C PRO E 462 9.42 -27.72 -63.19
N PHE E 463 8.41 -27.81 -64.04
CA PHE E 463 7.67 -29.06 -64.15
C PHE E 463 8.41 -30.11 -64.97
N GLN E 464 9.58 -29.80 -65.52
CA GLN E 464 10.42 -30.81 -66.17
C GLN E 464 11.57 -31.27 -65.27
N ILE E 465 11.80 -30.60 -64.15
CA ILE E 465 12.79 -31.03 -63.18
C ILE E 465 12.14 -31.79 -62.03
N ALA E 466 11.01 -31.30 -61.54
CA ALA E 466 10.25 -32.05 -60.55
C ALA E 466 9.47 -33.21 -61.15
N GLU E 467 9.48 -33.38 -62.46
CA GLU E 467 8.87 -34.57 -63.05
C GLU E 467 9.77 -35.77 -62.85
N GLN E 468 11.07 -35.56 -62.67
CA GLN E 468 12.02 -36.64 -62.45
C GLN E 468 12.49 -36.75 -61.00
N GLN E 469 12.65 -35.63 -60.30
CA GLN E 469 13.15 -35.69 -58.94
C GLN E 469 12.07 -36.01 -57.91
N ILE E 470 10.82 -36.12 -58.31
CA ILE E 470 9.79 -36.46 -57.35
C ILE E 470 9.61 -37.97 -57.37
N GLN E 471 9.17 -38.52 -56.25
CA GLN E 471 9.18 -39.97 -56.08
C GLN E 471 7.78 -40.57 -55.96
N ASN E 472 6.74 -39.75 -55.99
CA ASN E 472 5.40 -40.27 -56.17
C ASN E 472 5.18 -40.63 -57.64
N PHE E 473 4.07 -41.30 -57.92
CA PHE E 473 3.73 -41.60 -59.30
C PHE E 473 2.46 -40.92 -59.79
N GLN E 474 1.46 -40.77 -58.91
CA GLN E 474 0.23 -40.11 -59.31
C GLN E 474 0.47 -38.63 -59.62
N VAL E 475 1.34 -37.97 -58.85
CA VAL E 475 1.68 -36.59 -59.12
C VAL E 475 2.83 -36.47 -60.09
N ALA E 476 3.47 -37.57 -60.46
CA ALA E 476 4.51 -37.49 -61.48
C ALA E 476 4.01 -37.86 -62.87
N ASN E 477 2.90 -38.57 -62.97
CA ASN E 477 2.32 -38.85 -64.26
C ASN E 477 1.34 -37.77 -64.70
N TRP E 478 1.07 -36.80 -63.84
CA TRP E 478 0.40 -35.58 -64.29
C TRP E 478 1.41 -34.54 -64.72
N LEU E 479 2.54 -34.42 -64.02
CA LEU E 479 3.64 -33.59 -64.48
C LEU E 479 4.23 -34.06 -65.80
N HIS E 480 4.08 -35.34 -66.13
CA HIS E 480 4.47 -35.79 -67.46
C HIS E 480 3.51 -35.31 -68.52
N PHE E 481 2.28 -34.93 -68.15
CA PHE E 481 1.41 -34.37 -69.17
C PHE E 481 1.60 -32.88 -69.37
N VAL E 482 1.90 -32.13 -68.30
CA VAL E 482 2.05 -30.68 -68.44
C VAL E 482 3.30 -30.34 -69.24
N ASN E 483 4.30 -31.20 -69.22
CA ASN E 483 5.47 -30.97 -70.04
C ASN E 483 5.27 -31.36 -71.48
N ASN E 484 4.23 -32.13 -71.80
CA ASN E 484 4.09 -32.67 -73.13
C ASN E 484 2.71 -32.43 -73.72
N ASN E 485 2.04 -31.34 -73.33
CA ASN E 485 0.87 -30.88 -74.06
C ASN E 485 1.25 -29.58 -74.75
N GLN E 486 1.46 -29.66 -76.05
CA GLN E 486 1.66 -28.49 -76.87
C GLN E 486 0.82 -28.67 -78.12
N PHE E 487 0.81 -27.66 -78.96
CA PHE E 487 -0.04 -27.70 -80.13
C PHE E 487 0.62 -28.57 -81.21
N ARG E 488 -0.14 -29.53 -81.70
CA ARG E 488 0.34 -30.48 -82.70
C ARG E 488 -0.12 -29.99 -84.06
N GLN E 489 0.83 -29.61 -84.90
CA GLN E 489 0.52 -28.97 -86.17
C GLN E 489 -0.07 -29.97 -87.16
N VAL E 490 -1.08 -29.52 -87.91
CA VAL E 490 -1.72 -30.34 -88.93
C VAL E 490 -2.25 -29.42 -90.02
N VAL E 491 -2.15 -29.86 -91.27
CA VAL E 491 -2.67 -29.09 -92.39
C VAL E 491 -3.95 -29.78 -92.85
N ILE E 492 -5.09 -29.15 -92.59
CA ILE E 492 -6.39 -29.66 -93.00
C ILE E 492 -7.10 -28.61 -93.83
N ASP E 493 -7.59 -29.02 -95.00
CA ASP E 493 -8.19 -28.15 -96.02
C ASP E 493 -7.26 -27.02 -96.43
N GLY E 494 -5.98 -27.33 -96.55
CA GLY E 494 -5.00 -26.34 -96.97
C GLY E 494 -4.69 -25.27 -95.96
N VAL E 495 -5.17 -25.38 -94.72
CA VAL E 495 -5.00 -24.38 -93.68
C VAL E 495 -4.36 -25.07 -92.49
N LEU E 496 -3.16 -24.65 -92.13
CA LEU E 496 -2.52 -25.17 -90.93
C LEU E 496 -3.23 -24.60 -89.70
N ASN E 497 -3.62 -25.47 -88.79
CA ASN E 497 -4.23 -25.01 -87.55
C ASN E 497 -3.74 -25.82 -86.36
N GLN E 498 -3.26 -25.10 -85.36
CA GLN E 498 -2.68 -25.70 -84.16
C GLN E 498 -3.78 -26.35 -83.34
N VAL E 499 -3.79 -27.68 -83.28
CA VAL E 499 -4.89 -28.42 -82.69
C VAL E 499 -4.41 -29.15 -81.44
N LEU E 500 -5.32 -29.36 -80.49
CA LEU E 500 -4.99 -30.01 -79.23
C LEU E 500 -4.90 -31.51 -79.44
N ASN E 501 -4.41 -32.21 -78.41
CA ASN E 501 -4.36 -33.66 -78.49
C ASN E 501 -5.69 -34.26 -78.08
N ASP E 502 -5.77 -35.58 -78.13
CA ASP E 502 -7.04 -36.24 -77.92
C ASP E 502 -7.40 -36.36 -76.46
N ASN E 503 -6.43 -36.32 -75.55
CA ASN E 503 -6.72 -36.54 -74.14
C ASN E 503 -7.22 -35.30 -73.43
N ILE E 504 -7.29 -34.15 -74.11
CA ILE E 504 -7.89 -32.95 -73.54
C ILE E 504 -9.23 -32.72 -74.22
N ARG E 505 -9.34 -33.13 -75.48
CA ARG E 505 -10.58 -32.92 -76.21
C ARG E 505 -11.73 -33.79 -75.70
N ASN E 506 -11.42 -34.95 -75.13
CA ASN E 506 -12.45 -35.75 -74.49
C ASN E 506 -12.42 -35.63 -72.98
N GLY E 507 -11.58 -34.74 -72.45
CA GLY E 507 -11.62 -34.41 -71.05
C GLY E 507 -11.00 -35.42 -70.11
N HIS E 508 -10.36 -36.46 -70.64
CA HIS E 508 -9.87 -37.55 -69.81
C HIS E 508 -8.67 -37.16 -68.95
N VAL E 509 -8.01 -36.04 -69.25
CA VAL E 509 -6.77 -35.72 -68.54
C VAL E 509 -7.05 -35.19 -67.14
N VAL E 510 -8.19 -34.53 -66.92
CA VAL E 510 -8.43 -34.01 -65.58
C VAL E 510 -8.88 -35.10 -64.63
N ASN E 511 -9.18 -36.30 -65.13
CA ASN E 511 -9.24 -37.46 -64.26
C ASN E 511 -7.86 -37.79 -63.71
N GLN E 512 -6.81 -37.60 -64.51
CA GLN E 512 -5.45 -37.82 -64.04
C GLN E 512 -5.00 -36.71 -63.12
N LEU E 513 -5.50 -35.49 -63.32
CA LEU E 513 -5.21 -34.42 -62.37
C LEU E 513 -5.92 -34.66 -61.05
N MET E 514 -7.11 -35.27 -61.07
CA MET E 514 -7.83 -35.56 -59.85
C MET E 514 -7.05 -36.52 -58.96
N GLU E 515 -6.52 -37.58 -59.55
CA GLU E 515 -5.70 -38.51 -58.78
C GLU E 515 -4.35 -37.92 -58.40
N ALA E 516 -3.88 -36.92 -59.14
CA ALA E 516 -2.70 -36.20 -58.69
C ALA E 516 -3.04 -35.24 -57.58
N LEU E 517 -4.24 -34.69 -57.58
CA LEU E 517 -4.63 -33.70 -56.59
C LEU E 517 -5.25 -34.35 -55.36
N MET E 518 -5.79 -35.56 -55.49
CA MET E 518 -6.34 -36.22 -54.32
C MET E 518 -5.24 -36.76 -53.42
N GLN E 519 -4.16 -37.32 -54.01
CA GLN E 519 -3.04 -37.75 -53.19
C GLN E 519 -2.18 -36.58 -52.73
N LEU E 520 -2.34 -35.42 -53.34
CA LEU E 520 -1.71 -34.23 -52.78
C LEU E 520 -2.42 -33.74 -51.53
N SER E 521 -3.63 -34.23 -51.26
CA SER E 521 -4.41 -33.83 -50.10
C SER E 521 -4.40 -34.86 -48.99
N ARG E 522 -3.64 -35.94 -49.14
CA ARG E 522 -3.42 -36.87 -48.03
C ARG E 522 -2.05 -36.73 -47.42
N GLN E 523 -1.07 -36.24 -48.19
CA GLN E 523 0.31 -36.19 -47.74
C GLN E 523 0.46 -35.17 -46.63
N GLN E 524 1.02 -35.60 -45.50
CA GLN E 524 1.22 -34.69 -44.40
C GLN E 524 2.34 -33.72 -44.75
N PHE E 525 2.03 -32.44 -44.69
CA PHE E 525 3.01 -31.40 -44.96
C PHE E 525 3.87 -31.33 -43.70
N PRO E 526 5.09 -31.86 -43.73
CA PRO E 526 5.73 -32.31 -42.48
C PRO E 526 6.24 -31.21 -41.55
N THR E 527 6.54 -30.03 -42.07
CA THR E 527 6.97 -28.93 -41.21
C THR E 527 6.03 -27.73 -41.32
N MET E 528 4.94 -27.87 -42.06
CA MET E 528 4.00 -26.77 -42.19
C MET E 528 3.16 -26.66 -40.92
N PRO E 529 2.80 -25.44 -40.49
CA PRO E 529 1.87 -25.29 -39.37
C PRO E 529 0.54 -25.95 -39.64
N VAL E 530 -0.13 -26.36 -38.56
CA VAL E 530 -1.25 -27.28 -38.72
C VAL E 530 -2.48 -26.54 -39.25
N ASP E 531 -2.70 -25.31 -38.82
CA ASP E 531 -3.85 -24.57 -39.32
C ASP E 531 -3.62 -24.03 -40.73
N TYR E 532 -2.39 -24.04 -41.22
CA TYR E 532 -2.12 -23.76 -42.61
C TYR E 532 -2.07 -25.02 -43.46
N LYS E 533 -2.02 -26.19 -42.83
CA LYS E 533 -2.05 -27.45 -43.57
C LYS E 533 -3.47 -27.84 -43.94
N ARG E 534 -4.38 -27.76 -42.97
CA ARG E 534 -5.77 -28.11 -43.25
C ARG E 534 -6.49 -27.04 -44.06
N SER E 535 -5.96 -25.82 -44.11
CA SER E 535 -6.49 -24.81 -45.01
C SER E 535 -5.95 -24.95 -46.42
N ILE E 536 -4.94 -25.78 -46.63
CA ILE E 536 -4.40 -26.03 -47.97
C ILE E 536 -4.70 -27.43 -48.46
N GLN E 537 -5.18 -28.31 -47.60
CA GLN E 537 -5.73 -29.60 -48.02
C GLN E 537 -7.20 -29.50 -48.33
N ARG E 538 -7.96 -28.70 -47.58
CA ARG E 538 -9.36 -28.52 -47.90
C ARG E 538 -9.53 -27.63 -49.12
N GLY E 539 -8.58 -26.73 -49.36
CA GLY E 539 -8.61 -25.93 -50.56
C GLY E 539 -8.31 -26.71 -51.82
N ILE E 540 -7.66 -27.86 -51.67
CA ILE E 540 -7.48 -28.78 -52.78
C ILE E 540 -8.76 -29.57 -53.03
N LEU E 541 -9.44 -30.00 -51.96
CA LEU E 541 -10.68 -30.75 -52.10
C LEU E 541 -11.88 -29.92 -52.56
N LEU E 542 -11.72 -28.61 -52.78
CA LEU E 542 -12.72 -27.85 -53.49
C LEU E 542 -12.49 -27.85 -54.99
N LEU E 543 -11.43 -28.49 -55.45
CA LEU E 543 -11.19 -28.69 -56.87
C LEU E 543 -11.17 -30.15 -57.27
N SER E 544 -10.72 -31.05 -56.40
CA SER E 544 -10.73 -32.46 -56.73
C SER E 544 -12.09 -33.10 -56.54
N ASN E 545 -12.95 -32.51 -55.71
CA ASN E 545 -14.32 -33.00 -55.59
C ASN E 545 -15.20 -32.53 -56.73
N ARG E 546 -14.76 -31.51 -57.47
CA ARG E 546 -15.52 -30.97 -58.58
C ARG E 546 -15.18 -31.64 -59.89
N LEU E 547 -14.80 -32.91 -59.85
CA LEU E 547 -14.23 -33.59 -61.01
C LEU E 547 -15.22 -33.72 -62.15
N GLY E 548 -16.41 -34.23 -61.84
CA GLY E 548 -17.40 -34.54 -62.87
C GLY E 548 -17.92 -33.33 -63.62
N GLN E 549 -17.88 -32.16 -63.01
CA GLN E 549 -18.23 -30.92 -63.69
C GLN E 549 -16.99 -30.20 -64.21
N LEU E 550 -15.83 -30.84 -64.14
CA LEU E 550 -14.60 -30.29 -64.68
C LEU E 550 -14.01 -31.16 -65.79
N VAL E 551 -14.39 -32.43 -65.86
CA VAL E 551 -14.26 -33.18 -67.11
C VAL E 551 -15.18 -32.57 -68.15
N ASP E 552 -16.31 -32.04 -67.72
CA ASP E 552 -17.32 -31.47 -68.59
C ASP E 552 -17.05 -30.02 -68.95
N LEU E 553 -16.02 -29.42 -68.39
CA LEU E 553 -15.64 -28.08 -68.85
C LEU E 553 -14.62 -28.16 -69.96
N THR E 554 -13.61 -29.03 -69.82
CA THR E 554 -12.62 -29.15 -70.86
C THR E 554 -13.15 -29.89 -72.08
N ARG E 555 -14.25 -30.63 -71.93
CA ARG E 555 -14.94 -31.13 -73.12
C ARG E 555 -15.63 -29.99 -73.86
N LEU E 556 -15.96 -28.93 -73.15
CA LEU E 556 -16.59 -27.74 -73.73
C LEU E 556 -15.55 -26.72 -74.18
N LEU E 557 -14.49 -26.53 -73.39
CA LEU E 557 -13.43 -25.59 -73.73
C LEU E 557 -12.65 -26.04 -74.95
N ALA E 558 -12.63 -27.34 -75.22
CA ALA E 558 -12.02 -27.87 -76.42
C ALA E 558 -13.03 -28.30 -77.46
N TYR E 559 -14.30 -27.92 -77.29
CA TYR E 559 -15.27 -27.98 -78.37
C TYR E 559 -15.62 -26.61 -78.92
N ASN E 560 -15.68 -25.58 -78.07
CA ASN E 560 -15.80 -24.22 -78.58
C ASN E 560 -14.50 -23.72 -79.18
N TYR E 561 -13.39 -24.39 -78.93
CA TYR E 561 -12.19 -24.16 -79.73
C TYR E 561 -12.23 -24.98 -81.00
N GLU E 562 -12.79 -26.18 -80.95
CA GLU E 562 -12.65 -27.12 -82.06
C GLU E 562 -13.51 -26.72 -83.24
N THR E 563 -14.72 -26.21 -82.99
CA THR E 563 -15.59 -25.80 -84.09
C THR E 563 -15.49 -24.33 -84.43
N LEU E 564 -14.86 -23.52 -83.58
CA LEU E 564 -14.53 -22.16 -84.00
C LEU E 564 -13.30 -22.15 -84.88
N MET E 565 -12.41 -23.14 -84.72
CA MET E 565 -11.21 -23.22 -85.53
C MET E 565 -11.51 -23.64 -86.96
N ALA E 566 -12.68 -24.22 -87.21
CA ALA E 566 -13.06 -24.52 -88.58
C ALA E 566 -13.38 -23.26 -89.37
N CYS E 567 -13.73 -22.17 -88.71
CA CYS E 567 -13.93 -20.89 -89.39
C CYS E 567 -12.67 -20.04 -89.36
N ILE E 568 -11.53 -20.64 -89.71
CA ILE E 568 -10.25 -19.95 -89.71
C ILE E 568 -9.64 -20.19 -91.08
N THR E 569 -9.54 -19.12 -91.88
CA THR E 569 -9.00 -19.22 -93.22
C THR E 569 -7.55 -18.77 -93.29
N MET E 570 -7.19 -17.76 -92.48
CA MET E 570 -5.81 -17.36 -92.33
C MET E 570 -4.99 -18.49 -91.71
N ASN E 571 -3.69 -18.48 -91.99
CA ASN E 571 -2.82 -19.52 -91.48
C ASN E 571 -2.60 -19.31 -89.99
N MET E 572 -2.61 -20.39 -89.22
CA MET E 572 -2.48 -20.28 -87.76
C MET E 572 -1.03 -20.54 -87.34
N GLN E 573 -0.18 -19.57 -87.64
CA GLN E 573 1.22 -19.66 -87.25
C GLN E 573 1.39 -19.25 -85.80
N HIS E 574 2.28 -19.92 -85.10
CA HIS E 574 2.46 -19.74 -83.65
C HIS E 574 3.88 -19.28 -83.38
N VAL E 575 4.03 -18.00 -83.04
CA VAL E 575 5.29 -17.44 -82.59
C VAL E 575 5.02 -16.57 -81.38
N GLN E 576 6.09 -16.21 -80.67
CA GLN E 576 5.95 -15.43 -79.46
C GLN E 576 5.78 -13.97 -79.81
N THR E 577 4.63 -13.39 -79.45
CA THR E 577 4.30 -12.01 -79.71
C THR E 577 4.88 -11.13 -78.63
N LEU E 578 4.99 -9.83 -78.93
CA LEU E 578 5.60 -8.88 -77.99
C LEU E 578 4.67 -8.59 -76.82
N THR E 579 3.52 -8.00 -77.10
CA THR E 579 2.57 -7.66 -76.06
C THR E 579 1.67 -8.86 -75.79
N THR E 580 1.47 -9.16 -74.52
CA THR E 580 0.74 -10.35 -74.11
C THR E 580 -0.59 -9.95 -73.49
N GLU E 581 -1.65 -10.65 -73.86
CA GLU E 581 -2.94 -10.47 -73.22
C GLU E 581 -2.95 -11.15 -71.87
N LYS E 582 -3.09 -10.37 -70.80
CA LYS E 582 -2.88 -10.84 -69.44
C LYS E 582 -4.08 -11.61 -68.93
N LEU E 583 -3.82 -12.76 -68.31
CA LEU E 583 -4.85 -13.62 -67.73
C LEU E 583 -4.63 -13.72 -66.23
N GLN E 584 -5.68 -13.45 -65.45
CA GLN E 584 -5.59 -13.50 -64.00
C GLN E 584 -5.97 -14.88 -63.51
N LEU E 585 -5.13 -15.46 -62.64
CA LEU E 585 -5.45 -16.74 -62.04
C LEU E 585 -6.57 -16.63 -61.00
N THR E 586 -6.89 -15.43 -60.53
CA THR E 586 -8.09 -15.26 -59.73
C THR E 586 -9.34 -15.30 -60.61
N SER E 587 -9.19 -15.14 -61.91
CA SER E 587 -10.26 -15.38 -62.85
C SER E 587 -10.27 -16.80 -63.38
N VAL E 588 -9.25 -17.61 -63.10
CA VAL E 588 -9.31 -19.02 -63.44
C VAL E 588 -9.92 -19.81 -62.29
N THR E 589 -9.71 -19.38 -61.05
CA THR E 589 -10.37 -20.01 -59.91
C THR E 589 -11.84 -19.65 -59.80
N SER E 590 -12.36 -18.83 -60.70
CA SER E 590 -13.78 -18.66 -60.82
C SER E 590 -14.38 -19.60 -61.86
N LEU E 591 -13.65 -19.91 -62.93
CA LEU E 591 -14.22 -20.79 -63.95
C LEU E 591 -14.24 -22.24 -63.50
N CYS E 592 -13.27 -22.66 -62.69
CA CYS E 592 -13.21 -24.05 -62.26
C CYS E 592 -14.33 -24.39 -61.29
N MET E 593 -14.80 -23.43 -60.50
CA MET E 593 -15.84 -23.69 -59.53
C MET E 593 -16.98 -22.71 -59.64
N LEU E 594 -17.45 -22.44 -60.85
CA LEU E 594 -18.74 -21.79 -61.00
C LEU E 594 -19.46 -22.28 -62.25
N ILE E 595 -18.93 -23.26 -62.96
CA ILE E 595 -19.59 -23.80 -64.15
C ILE E 595 -20.72 -24.71 -63.73
N GLY E 596 -21.68 -24.90 -64.64
CA GLY E 596 -22.82 -25.76 -64.37
C GLY E 596 -22.96 -26.83 -65.42
N ASN E 597 -24.07 -27.56 -65.40
CA ASN E 597 -24.32 -28.60 -66.40
C ASN E 597 -25.26 -28.09 -67.49
N ALA E 598 -24.85 -27.00 -68.13
CA ALA E 598 -25.64 -26.39 -69.20
C ALA E 598 -24.68 -25.83 -70.24
N THR E 599 -24.53 -26.56 -71.35
CA THR E 599 -23.50 -26.26 -72.31
C THR E 599 -23.89 -25.10 -73.21
N VAL E 600 -22.87 -24.46 -73.78
CA VAL E 600 -23.05 -23.38 -74.73
C VAL E 600 -22.40 -23.78 -76.05
N ILE E 601 -23.01 -23.36 -77.14
CA ILE E 601 -22.58 -23.75 -78.48
C ILE E 601 -22.55 -22.47 -79.31
N PRO E 602 -21.53 -22.25 -80.13
CA PRO E 602 -21.60 -21.15 -81.10
C PRO E 602 -22.72 -21.41 -82.09
N SER E 603 -23.74 -20.56 -82.04
CA SER E 603 -24.90 -20.73 -82.89
C SER E 603 -24.50 -20.49 -84.35
N PRO E 604 -25.15 -21.16 -85.31
CA PRO E 604 -24.67 -21.10 -86.70
C PRO E 604 -24.85 -19.75 -87.36
N GLN E 605 -25.62 -18.83 -86.78
CA GLN E 605 -25.64 -17.47 -87.31
C GLN E 605 -24.35 -16.73 -86.99
N THR E 606 -23.80 -16.91 -85.79
CA THR E 606 -22.52 -16.32 -85.44
C THR E 606 -21.35 -17.24 -85.72
N LEU E 607 -21.58 -18.35 -86.41
CA LEU E 607 -20.51 -19.17 -86.92
C LEU E 607 -20.23 -18.92 -88.38
N PHE E 608 -21.22 -18.43 -89.12
CA PHE E 608 -21.01 -18.03 -90.50
C PHE E 608 -20.56 -16.57 -90.59
N HIS E 609 -20.91 -15.75 -89.62
CA HIS E 609 -20.42 -14.39 -89.60
C HIS E 609 -18.94 -14.33 -89.23
N TYR E 610 -18.49 -15.24 -88.36
CA TYR E 610 -17.06 -15.34 -88.07
C TYR E 610 -16.29 -15.90 -89.24
N TYR E 611 -16.94 -16.71 -90.07
CA TYR E 611 -16.28 -17.21 -91.27
C TYR E 611 -16.24 -16.15 -92.35
N ASN E 612 -17.32 -15.41 -92.53
CA ASN E 612 -17.38 -14.40 -93.57
C ASN E 612 -16.72 -13.09 -93.17
N VAL E 613 -16.10 -13.01 -91.99
CA VAL E 613 -15.24 -11.90 -91.66
C VAL E 613 -13.77 -12.32 -91.64
N ASN E 614 -13.48 -13.62 -91.55
CA ASN E 614 -12.12 -14.12 -91.72
C ASN E 614 -11.78 -14.41 -93.16
N VAL E 615 -12.76 -14.73 -94.00
CA VAL E 615 -12.51 -14.81 -95.43
C VAL E 615 -12.37 -13.42 -96.01
N ASN E 616 -13.25 -12.49 -95.61
CA ASN E 616 -13.27 -11.15 -96.18
C ASN E 616 -12.06 -10.32 -95.76
N PHE E 617 -11.35 -10.70 -94.70
CA PHE E 617 -10.08 -10.09 -94.40
C PHE E 617 -8.94 -10.79 -95.13
N HIS E 618 -9.02 -12.11 -95.25
CA HIS E 618 -8.00 -12.85 -95.98
C HIS E 618 -8.07 -12.60 -97.48
N SER E 619 -9.27 -12.39 -98.02
CA SER E 619 -9.38 -12.00 -99.42
C SER E 619 -9.12 -10.53 -99.65
N ASN E 620 -9.07 -9.72 -98.59
CA ASN E 620 -8.62 -8.35 -98.70
C ASN E 620 -7.13 -8.22 -98.50
N TYR E 621 -6.55 -9.07 -97.67
CA TYR E 621 -5.11 -9.03 -97.46
C TYR E 621 -4.37 -9.52 -98.68
N ASN E 622 -4.92 -10.51 -99.38
CA ASN E 622 -4.28 -11.00 -100.60
C ASN E 622 -4.56 -10.13 -101.80
N GLU E 623 -5.61 -9.32 -101.77
CA GLU E 623 -5.90 -8.46 -102.90
C GLU E 623 -5.18 -7.12 -102.81
N ARG E 624 -4.55 -6.82 -101.68
CA ARG E 624 -3.72 -5.64 -101.58
C ARG E 624 -2.23 -5.94 -101.69
N ILE E 625 -1.82 -7.20 -101.54
CA ILE E 625 -0.47 -7.57 -101.95
C ILE E 625 -0.39 -7.56 -103.46
N ASN E 626 -1.42 -8.07 -104.14
CA ASN E 626 -1.41 -8.11 -105.60
C ASN E 626 -1.53 -6.73 -106.22
N ASP E 627 -2.07 -5.75 -105.50
CA ASP E 627 -2.08 -4.39 -106.03
C ASP E 627 -0.75 -3.69 -105.80
N ALA E 628 -0.14 -3.92 -104.63
CA ALA E 628 1.10 -3.24 -104.31
C ALA E 628 2.29 -3.86 -105.02
N VAL E 629 2.23 -5.14 -105.37
CA VAL E 629 3.29 -5.74 -106.15
C VAL E 629 3.21 -5.29 -107.59
N ALA E 630 2.00 -5.17 -108.13
CA ALA E 630 1.81 -4.80 -109.53
C ALA E 630 2.10 -3.34 -109.81
N ILE E 631 2.33 -2.52 -108.79
CA ILE E 631 2.77 -1.15 -108.98
C ILE E 631 4.27 -1.01 -108.74
N ILE E 632 4.81 -1.76 -107.77
CA ILE E 632 6.25 -1.81 -107.54
C ILE E 632 6.96 -2.37 -108.76
N THR E 633 6.42 -3.45 -109.32
CA THR E 633 7.04 -4.07 -110.49
C THR E 633 6.84 -3.21 -111.73
N ALA E 634 5.70 -2.55 -111.86
CA ALA E 634 5.47 -1.67 -113.00
C ALA E 634 6.25 -0.36 -112.88
N ALA E 635 6.73 -0.01 -111.70
CA ALA E 635 7.64 1.10 -111.55
C ALA E 635 9.09 0.72 -111.84
N ASN E 636 9.35 -0.55 -112.11
CA ASN E 636 10.70 -1.02 -112.42
C ASN E 636 10.89 -1.37 -113.88
N ARG E 637 9.88 -1.97 -114.52
CA ARG E 637 9.95 -2.17 -115.96
C ARG E 637 9.91 -0.85 -116.70
N LEU E 638 9.23 0.15 -116.15
CA LEU E 638 9.13 1.46 -116.76
C LEU E 638 10.33 2.33 -116.46
N ASN E 639 11.26 1.84 -115.62
CA ASN E 639 12.48 2.54 -115.19
C ASN E 639 12.12 3.88 -114.54
N LEU E 640 11.41 3.78 -113.43
CA LEU E 640 10.99 4.95 -112.66
C LEU E 640 11.84 5.05 -111.41
N TYR E 641 12.94 5.78 -111.51
CA TYR E 641 13.58 6.33 -110.34
C TYR E 641 12.79 7.55 -109.86
N GLN E 642 13.21 8.10 -108.73
CA GLN E 642 12.54 9.17 -107.97
C GLN E 642 11.13 8.78 -107.52
N LYS E 643 10.81 7.48 -107.51
CA LYS E 643 9.54 7.00 -106.98
C LYS E 643 9.84 6.39 -105.62
N LYS E 644 9.37 7.05 -104.56
CA LYS E 644 9.59 6.57 -103.21
C LYS E 644 8.73 5.34 -102.98
N MET E 645 9.35 4.16 -102.99
CA MET E 645 8.65 2.91 -102.73
C MET E 645 8.30 2.72 -101.26
N LYS E 646 8.70 3.65 -100.38
CA LYS E 646 8.21 3.67 -99.02
C LYS E 646 6.77 4.18 -98.95
N SER E 647 6.33 4.95 -99.93
CA SER E 647 4.96 5.46 -99.94
C SER E 647 3.98 4.50 -100.59
N ILE E 648 4.44 3.65 -101.50
CA ILE E 648 3.57 2.63 -102.11
C ILE E 648 3.38 1.44 -101.18
N VAL E 649 4.17 1.33 -100.11
CA VAL E 649 3.91 0.36 -99.06
C VAL E 649 3.20 1.00 -97.87
N GLU E 650 3.13 2.33 -97.81
CA GLU E 650 2.41 2.97 -96.72
C GLU E 650 0.90 2.88 -96.92
N ASP E 651 0.43 2.93 -98.17
CA ASP E 651 -0.99 2.69 -98.39
C ASP E 651 -1.34 1.21 -98.47
N PHE E 652 -0.34 0.33 -98.60
CA PHE E 652 -0.61 -1.09 -98.46
C PHE E 652 -1.01 -1.44 -97.03
N LEU E 653 -0.43 -0.76 -96.06
CA LEU E 653 -0.88 -0.93 -94.67
C LEU E 653 -2.08 -0.06 -94.34
N LYS E 654 -2.51 0.80 -95.26
CA LYS E 654 -3.73 1.57 -95.03
C LYS E 654 -4.97 0.78 -95.45
N ARG E 655 -4.89 0.06 -96.56
CA ARG E 655 -6.05 -0.70 -97.03
C ARG E 655 -6.35 -1.88 -96.12
N LEU E 656 -5.32 -2.47 -95.52
CA LEU E 656 -5.55 -3.35 -94.38
C LEU E 656 -5.95 -2.45 -93.22
N GLN E 657 -7.20 -2.56 -92.78
CA GLN E 657 -7.74 -1.56 -91.87
C GLN E 657 -7.22 -1.67 -90.44
N ILE E 658 -6.44 -2.71 -90.12
CA ILE E 658 -6.06 -2.92 -88.73
C ILE E 658 -4.80 -2.17 -88.31
N PHE E 659 -3.94 -1.78 -89.24
CA PHE E 659 -2.70 -1.11 -88.92
C PHE E 659 -2.86 0.40 -88.99
N ASP E 660 -1.93 1.10 -88.34
CA ASP E 660 -1.71 2.52 -88.61
C ASP E 660 -0.24 2.71 -88.97
N ILE E 661 0.09 3.91 -89.44
CA ILE E 661 1.34 4.08 -90.17
C ILE E 661 2.40 4.72 -89.29
N SER E 662 1.99 5.59 -88.38
CA SER E 662 2.94 6.38 -87.62
C SER E 662 3.68 5.58 -86.56
N ARG E 663 3.30 4.33 -86.30
CA ARG E 663 3.92 3.55 -85.24
C ARG E 663 4.78 2.40 -85.72
N VAL E 664 4.61 1.92 -86.94
CA VAL E 664 5.43 0.81 -87.43
C VAL E 664 6.86 1.30 -87.69
N PRO E 665 7.88 0.61 -87.18
CA PRO E 665 9.24 1.14 -87.24
C PRO E 665 9.80 1.15 -88.66
N ASP E 666 10.89 1.90 -88.82
CA ASP E 666 11.52 2.03 -90.12
C ASP E 666 12.28 0.78 -90.54
N ASP E 667 12.54 -0.13 -89.62
CA ASP E 667 13.11 -1.42 -89.99
C ASP E 667 12.10 -2.25 -90.78
N GLN E 668 10.91 -2.45 -90.21
CA GLN E 668 9.95 -3.40 -90.76
C GLN E 668 9.19 -2.87 -91.96
N MET E 669 9.36 -1.61 -92.32
CA MET E 669 8.79 -1.13 -93.57
C MET E 669 9.80 -1.15 -94.70
N TYR E 670 11.08 -1.39 -94.40
CA TYR E 670 12.07 -1.59 -95.45
C TYR E 670 12.28 -3.06 -95.76
N ARG E 671 11.95 -3.96 -94.83
CA ARG E 671 11.82 -5.36 -95.19
C ARG E 671 10.64 -5.57 -96.13
N LEU E 672 9.54 -4.88 -95.85
CA LEU E 672 8.31 -5.08 -96.61
C LEU E 672 8.41 -4.51 -98.01
N ARG E 673 9.27 -3.52 -98.23
CA ARG E 673 9.57 -3.11 -99.60
C ARG E 673 10.39 -4.17 -100.32
N ASP E 674 11.25 -4.87 -99.58
CA ASP E 674 12.09 -5.89 -100.18
C ASP E 674 11.30 -7.17 -100.42
N ARG E 675 10.44 -7.56 -99.47
CA ARG E 675 9.68 -8.78 -99.63
C ARG E 675 8.60 -8.66 -100.68
N LEU E 676 8.09 -7.45 -100.91
CA LEU E 676 7.12 -7.24 -101.97
C LEU E 676 7.76 -7.23 -103.35
N ARG E 677 9.08 -7.07 -103.44
CA ARG E 677 9.69 -7.04 -104.75
C ARG E 677 9.89 -8.44 -105.32
N LEU E 678 10.19 -9.41 -104.47
CA LEU E 678 10.50 -10.75 -104.95
C LEU E 678 9.27 -11.55 -105.37
N LEU E 679 8.08 -11.09 -105.05
CA LEU E 679 6.88 -11.83 -105.40
C LEU E 679 6.56 -11.65 -106.88
N PRO E 680 5.94 -12.64 -107.51
CA PRO E 680 5.51 -12.47 -108.89
C PRO E 680 4.17 -11.77 -108.98
N VAL E 681 3.95 -11.10 -110.09
CA VAL E 681 2.72 -10.36 -110.32
C VAL E 681 1.61 -11.34 -110.67
N GLU E 682 0.40 -11.08 -110.18
CA GLU E 682 -0.79 -11.82 -110.58
C GLU E 682 -1.00 -11.68 -112.09
N ILE E 683 -1.39 -12.78 -112.73
CA ILE E 683 -1.46 -12.87 -114.19
C ILE E 683 -2.51 -11.93 -114.77
N ARG E 684 -3.54 -11.56 -114.01
CA ARG E 684 -4.53 -10.62 -114.51
C ARG E 684 -4.02 -9.19 -114.52
N ARG E 685 -2.91 -8.91 -113.84
CA ARG E 685 -2.31 -7.58 -113.84
C ARG E 685 -1.03 -7.50 -114.65
N LEU E 686 -0.25 -8.58 -114.71
CA LEU E 686 0.96 -8.57 -115.51
C LEU E 686 0.64 -8.64 -116.99
N ASP E 687 -0.52 -9.18 -117.36
CA ASP E 687 -0.87 -9.25 -118.77
C ASP E 687 -1.43 -7.94 -119.27
N ILE E 688 -2.00 -7.12 -118.39
CA ILE E 688 -2.52 -5.83 -118.82
C ILE E 688 -1.47 -4.74 -118.65
N PHE E 689 -0.39 -5.01 -117.92
CA PHE E 689 0.75 -4.11 -117.98
C PHE E 689 1.56 -4.32 -119.24
N ASN E 690 1.65 -5.56 -119.72
CA ASN E 690 2.30 -5.81 -121.01
C ASN E 690 1.50 -5.29 -122.18
N LEU E 691 0.23 -4.93 -121.98
CA LEU E 691 -0.56 -4.31 -123.03
C LEU E 691 -0.23 -2.83 -123.22
N ILE E 692 0.31 -2.17 -122.20
CA ILE E 692 0.75 -0.79 -122.33
C ILE E 692 2.26 -0.69 -122.53
N LEU E 693 3.00 -1.77 -122.33
CA LEU E 693 4.45 -1.71 -122.51
C LEU E 693 4.82 -1.77 -123.98
N MET E 694 4.07 -2.50 -124.78
CA MET E 694 4.26 -2.49 -126.22
C MET E 694 3.53 -1.33 -126.88
N ASN E 695 2.68 -0.64 -126.15
CA ASN E 695 1.87 0.45 -126.70
C ASN E 695 2.19 1.79 -126.06
N MET E 696 3.21 1.88 -125.21
CA MET E 696 3.66 3.19 -124.78
C MET E 696 4.43 3.90 -125.86
N GLU E 697 4.87 3.20 -126.90
CA GLU E 697 5.40 3.87 -128.08
C GLU E 697 4.28 4.54 -128.85
N GLN E 698 3.32 3.76 -129.35
CA GLN E 698 2.33 4.25 -130.31
C GLN E 698 1.36 5.27 -129.74
N ILE E 699 1.25 5.38 -128.42
CA ILE E 699 0.47 6.47 -127.85
C ILE E 699 1.28 7.78 -127.88
N GLU E 700 2.57 7.71 -127.54
CA GLU E 700 3.40 8.91 -127.55
C GLU E 700 3.70 9.37 -128.97
N ARG E 701 3.74 8.45 -129.94
CA ARG E 701 3.96 8.86 -131.33
C ARG E 701 2.73 9.58 -131.89
N ALA E 702 1.53 9.09 -131.55
CA ALA E 702 0.31 9.64 -132.12
C ALA E 702 -0.16 10.90 -131.42
N SER E 703 0.33 11.17 -130.21
CA SER E 703 -0.08 12.37 -129.49
C SER E 703 0.51 13.62 -130.12
N ASP E 704 -0.30 14.65 -130.21
CA ASP E 704 0.18 15.97 -130.61
C ASP E 704 0.85 16.65 -129.42
N LYS E 705 1.35 17.86 -129.66
CA LYS E 705 2.00 18.75 -128.70
C LYS E 705 3.27 18.17 -128.05
N ILE E 706 3.76 17.02 -128.51
CA ILE E 706 4.96 16.40 -127.99
C ILE E 706 5.83 15.98 -129.17
N ALA E 707 7.03 16.55 -129.26
CA ALA E 707 8.00 16.20 -130.28
C ALA E 707 9.12 15.43 -129.61
N GLN E 708 9.39 14.23 -130.12
CA GLN E 708 10.29 13.27 -129.50
C GLN E 708 11.70 13.30 -130.10
N GLY E 709 12.29 14.47 -130.21
CA GLY E 709 13.64 14.58 -130.74
C GLY E 709 13.86 15.69 -131.75
N VAL E 710 14.97 16.40 -131.65
CA VAL E 710 15.35 17.45 -132.58
C VAL E 710 16.66 17.06 -133.25
N ILE E 711 16.73 17.20 -134.56
CA ILE E 711 17.95 16.96 -135.31
C ILE E 711 18.56 18.30 -135.68
N ILE E 712 19.76 18.58 -135.22
CA ILE E 712 20.50 19.78 -135.59
C ILE E 712 21.57 19.36 -136.60
N ALA E 713 21.69 20.10 -137.69
CA ALA E 713 22.54 19.62 -138.77
C ALA E 713 23.57 20.62 -139.26
N TYR E 714 23.27 21.92 -139.12
CA TYR E 714 24.12 23.03 -139.58
C TYR E 714 24.42 22.96 -141.07
N ARG E 715 23.48 22.44 -141.86
CA ARG E 715 23.56 22.45 -143.31
C ARG E 715 22.16 22.63 -143.85
N ASP E 716 22.06 22.97 -145.13
CA ASP E 716 20.78 23.28 -145.76
C ASP E 716 20.25 22.03 -146.43
N MET E 717 19.29 21.38 -145.79
CA MET E 717 18.55 20.27 -146.37
C MET E 717 17.09 20.67 -146.52
N GLN E 718 16.47 20.20 -147.60
CA GLN E 718 15.16 20.69 -148.00
C GLN E 718 14.07 20.16 -147.08
N LEU E 719 12.89 20.76 -147.22
CA LEU E 719 11.73 20.38 -146.42
C LEU E 719 10.96 19.28 -147.14
N GLU E 720 10.62 18.23 -146.40
CA GLU E 720 9.98 17.08 -147.01
C GLU E 720 8.50 17.35 -147.24
N ARG E 721 8.05 17.18 -148.48
CA ARG E 721 6.64 17.40 -148.83
C ARG E 721 5.79 16.28 -148.25
N ASP E 722 4.92 16.63 -147.31
CA ASP E 722 4.08 15.66 -146.64
C ASP E 722 2.61 15.93 -146.97
N GLU E 723 1.80 14.88 -146.91
CA GLU E 723 0.40 14.95 -147.28
C GLU E 723 -0.47 15.61 -146.22
N MET E 724 0.02 15.76 -144.99
CA MET E 724 -0.77 16.34 -143.92
C MET E 724 -0.31 17.73 -143.50
N TYR E 725 1.00 17.96 -143.47
CA TYR E 725 1.55 19.24 -143.07
C TYR E 725 1.92 20.12 -144.25
N GLY E 726 1.86 19.62 -145.47
CA GLY E 726 2.34 20.40 -146.61
C GLY E 726 3.83 20.36 -146.67
N TYR E 727 4.47 21.53 -146.71
CA TYR E 727 5.91 21.62 -146.51
C TYR E 727 6.19 21.56 -145.02
N VAL E 728 7.19 20.77 -144.62
CA VAL E 728 7.44 20.53 -143.20
C VAL E 728 8.89 20.09 -143.05
N ASN E 729 9.49 20.41 -141.90
CA ASN E 729 10.80 19.88 -141.54
C ASN E 729 10.56 18.78 -140.52
N ILE E 730 10.27 17.59 -141.02
CA ILE E 730 10.02 16.44 -140.16
C ILE E 730 11.14 15.43 -140.40
N ALA E 731 11.47 14.69 -139.36
CA ALA E 731 12.49 13.65 -139.43
C ALA E 731 11.82 12.30 -139.30
N ARG E 732 12.19 11.37 -140.18
CA ARG E 732 11.64 10.03 -140.11
C ARG E 732 12.43 9.13 -139.17
N ASN E 733 13.72 9.40 -139.01
CA ASN E 733 14.60 8.55 -138.22
C ASN E 733 15.77 9.38 -137.72
N LEU E 734 16.65 8.74 -136.95
CA LEU E 734 17.85 9.37 -136.42
C LEU E 734 19.04 8.58 -136.94
N ASP E 735 19.50 8.89 -138.14
CA ASP E 735 20.54 8.14 -138.82
C ASP E 735 21.72 9.05 -139.11
N GLY E 736 22.90 8.69 -138.61
CA GLY E 736 24.08 9.49 -138.84
C GLY E 736 24.23 10.65 -137.89
N PHE E 737 23.47 10.68 -136.80
CA PHE E 737 23.55 11.74 -135.82
C PHE E 737 23.72 11.13 -134.44
N GLN E 738 24.50 11.80 -133.60
CA GLN E 738 24.65 11.36 -132.22
C GLN E 738 23.40 11.75 -131.41
N GLN E 739 22.83 10.78 -130.72
CA GLN E 739 21.58 10.98 -130.00
C GLN E 739 21.88 11.22 -128.53
N ILE E 740 21.73 12.46 -128.08
CA ILE E 740 21.96 12.84 -126.70
C ILE E 740 20.64 12.73 -125.94
N ASN E 741 20.62 11.92 -124.89
CA ASN E 741 19.43 11.79 -124.07
C ASN E 741 19.25 13.04 -123.22
N LEU E 742 18.17 13.78 -123.46
CA LEU E 742 17.91 14.98 -122.67
C LEU E 742 17.42 14.64 -121.27
N GLU E 743 16.90 13.44 -121.06
CA GLU E 743 16.53 13.02 -119.71
C GLU E 743 17.77 12.78 -118.86
N GLU E 744 18.78 12.13 -119.42
CA GLU E 744 20.02 11.91 -118.68
C GLU E 744 20.78 13.21 -118.48
N LEU E 745 20.76 14.10 -119.47
CA LEU E 745 21.46 15.37 -119.36
C LEU E 745 20.78 16.30 -118.36
N MET E 746 19.52 16.06 -118.02
CA MET E 746 18.86 16.84 -116.98
C MET E 746 19.29 16.38 -115.59
N ARG E 747 19.46 15.08 -115.39
CA ARG E 747 19.75 14.57 -114.06
C ARG E 747 21.19 14.84 -113.63
N THR E 748 22.14 14.67 -114.55
CA THR E 748 23.54 14.89 -114.20
C THR E 748 23.86 16.36 -114.05
N GLY E 749 23.53 17.15 -115.05
CA GLY E 749 23.95 18.53 -115.09
C GLY E 749 25.26 18.76 -115.80
N ASP E 750 25.91 17.70 -116.29
CA ASP E 750 27.13 17.85 -117.07
C ASP E 750 26.75 18.30 -118.47
N TYR E 751 26.65 19.61 -118.64
CA TYR E 751 26.36 20.21 -119.93
C TYR E 751 27.61 20.45 -120.75
N ALA E 752 28.74 19.84 -120.37
CA ALA E 752 29.99 20.08 -121.06
C ALA E 752 30.06 19.38 -122.40
N GLN E 753 29.20 18.40 -122.66
CA GLN E 753 29.22 17.70 -123.92
C GLN E 753 28.21 18.25 -124.92
N ILE E 754 27.24 19.03 -124.46
CA ILE E 754 26.27 19.65 -125.35
C ILE E 754 26.70 21.08 -125.64
N THR E 755 27.40 21.72 -124.70
CA THR E 755 27.90 23.07 -124.94
C THR E 755 29.00 23.05 -125.99
N ASN E 756 29.89 22.06 -125.93
CA ASN E 756 30.97 21.98 -126.89
C ASN E 756 30.50 21.52 -128.26
N MET E 757 29.26 21.05 -128.40
CA MET E 757 28.71 20.72 -129.70
C MET E 757 27.79 21.80 -130.25
N LEU E 758 27.44 22.79 -129.43
CA LEU E 758 26.63 23.91 -129.89
C LEU E 758 27.45 25.15 -130.22
N LEU E 759 28.58 25.34 -129.53
CA LEU E 759 29.47 26.44 -129.88
C LEU E 759 30.22 26.17 -131.18
N ASN E 760 30.31 24.91 -131.58
CA ASN E 760 30.95 24.53 -132.82
C ASN E 760 29.88 24.28 -133.89
N ASN E 761 30.33 23.91 -135.09
CA ASN E 761 29.42 23.52 -136.17
C ASN E 761 29.29 21.99 -136.24
N GLN E 762 28.78 21.41 -135.16
CA GLN E 762 28.71 19.97 -135.07
C GLN E 762 27.27 19.50 -135.11
N PRO E 763 26.92 18.57 -136.00
CA PRO E 763 25.55 18.06 -136.03
C PRO E 763 25.29 17.14 -134.85
N VAL E 764 24.18 17.37 -134.16
CA VAL E 764 23.82 16.61 -132.97
C VAL E 764 22.31 16.42 -132.98
N ALA E 765 21.85 15.33 -132.40
CA ALA E 765 20.43 15.03 -132.28
C ALA E 765 20.09 14.90 -130.79
N LEU E 766 19.02 15.54 -130.38
CA LEU E 766 18.65 15.64 -128.97
C LEU E 766 17.32 14.92 -128.77
N VAL E 767 17.37 13.70 -128.25
CA VAL E 767 16.16 12.90 -128.13
C VAL E 767 15.52 13.16 -126.77
N GLY E 768 14.22 12.90 -126.70
CA GLY E 768 13.47 13.11 -125.47
C GLY E 768 11.99 13.23 -125.74
N ALA E 769 11.34 14.22 -125.13
CA ALA E 769 9.93 14.52 -125.39
C ALA E 769 9.73 16.01 -125.18
N LEU E 770 9.81 16.77 -126.27
CA LEU E 770 9.81 18.21 -126.15
C LEU E 770 8.55 18.81 -126.78
N PRO E 771 8.03 19.90 -126.21
CA PRO E 771 6.86 20.55 -126.83
C PRO E 771 7.31 21.46 -127.97
N PHE E 772 6.78 21.19 -129.16
CA PHE E 772 7.15 21.95 -130.34
C PHE E 772 6.18 23.11 -130.55
N ILE E 773 6.59 24.05 -131.40
CA ILE E 773 5.78 25.21 -131.74
C ILE E 773 5.63 25.23 -133.26
N THR E 774 4.40 25.43 -133.72
CA THR E 774 4.08 25.39 -135.14
C THR E 774 4.11 26.81 -135.70
N ASP E 775 4.98 27.05 -136.67
CA ASP E 775 5.16 28.37 -137.26
C ASP E 775 4.80 28.24 -138.74
N SER E 776 3.78 28.98 -139.17
CA SER E 776 3.27 28.83 -140.51
C SER E 776 3.85 29.83 -141.50
N SER E 777 4.43 30.92 -141.04
CA SER E 777 4.90 31.96 -141.95
C SER E 777 6.19 31.52 -142.64
N VAL E 778 6.29 31.81 -143.93
CA VAL E 778 7.48 31.40 -144.68
C VAL E 778 8.58 32.44 -144.56
N ILE E 779 8.26 33.66 -144.14
CA ILE E 779 9.30 34.66 -143.87
C ILE E 779 10.13 34.24 -142.67
N SER E 780 9.50 33.59 -141.68
CA SER E 780 10.24 33.00 -140.58
C SER E 780 11.14 31.84 -141.01
N LEU E 781 10.84 31.21 -142.14
CA LEU E 781 11.74 30.19 -142.68
C LEU E 781 12.98 30.83 -143.29
N VAL E 782 12.80 31.87 -144.10
CA VAL E 782 13.95 32.55 -144.73
C VAL E 782 14.74 33.33 -143.69
N ALA E 783 14.09 33.76 -142.62
CA ALA E 783 14.82 34.41 -141.53
C ALA E 783 15.57 33.42 -140.65
N LYS E 784 15.33 32.11 -140.83
CA LYS E 784 16.03 31.02 -140.17
C LYS E 784 15.90 31.09 -138.64
N LEU E 785 14.66 31.01 -138.19
CA LEU E 785 14.37 30.95 -136.76
C LEU E 785 14.29 29.54 -136.22
N ASP E 786 14.86 28.57 -136.93
CA ASP E 786 14.91 27.21 -136.41
C ASP E 786 16.16 26.92 -135.61
N ALA E 787 17.28 27.53 -135.96
CA ALA E 787 18.53 27.33 -135.25
C ALA E 787 18.71 28.25 -134.06
N THR E 788 17.82 29.23 -133.89
CA THR E 788 17.98 30.23 -132.84
C THR E 788 17.43 29.78 -131.50
N VAL E 789 16.84 28.59 -131.41
CA VAL E 789 16.16 28.20 -130.18
C VAL E 789 17.02 27.36 -129.24
N PHE E 790 18.19 26.91 -129.67
CA PHE E 790 19.04 26.07 -128.83
C PHE E 790 20.07 26.85 -128.04
N ALA E 791 20.21 28.15 -128.29
CA ALA E 791 21.27 28.93 -127.65
C ALA E 791 20.99 29.19 -126.17
N GLN E 792 19.74 29.04 -125.71
CA GLN E 792 19.43 29.26 -124.31
C GLN E 792 19.93 28.15 -123.41
N ILE E 793 20.27 26.99 -123.98
CA ILE E 793 20.79 25.88 -123.18
C ILE E 793 22.17 26.21 -122.64
N VAL E 794 23.02 26.85 -123.44
CA VAL E 794 24.39 27.10 -122.99
C VAL E 794 24.44 28.27 -122.01
N LYS E 795 23.46 29.17 -122.04
CA LYS E 795 23.47 30.32 -121.14
C LYS E 795 23.02 29.90 -119.73
N LEU E 796 21.82 29.34 -119.63
CA LEU E 796 21.32 28.76 -118.40
C LEU E 796 21.12 27.28 -118.64
N ARG E 797 21.70 26.45 -117.78
CA ARG E 797 21.74 25.01 -118.03
C ARG E 797 20.45 24.36 -117.55
N LYS E 798 19.38 24.66 -118.29
CA LYS E 798 18.07 24.06 -118.07
C LYS E 798 17.60 23.51 -119.40
N VAL E 799 17.35 22.19 -119.45
CA VAL E 799 16.80 21.57 -120.65
C VAL E 799 15.29 21.52 -120.61
N ASP E 800 14.67 21.91 -119.49
CA ASP E 800 13.22 21.86 -119.34
C ASP E 800 12.52 22.86 -120.26
N THR E 801 13.15 23.99 -120.55
CA THR E 801 12.57 24.99 -121.43
C THR E 801 13.23 24.88 -122.79
N LEU E 802 12.59 24.13 -123.69
CA LEU E 802 13.07 24.00 -125.06
C LEU E 802 11.86 23.87 -125.97
N LYS E 803 11.80 24.72 -126.99
CA LYS E 803 10.67 24.78 -127.91
C LYS E 803 11.23 24.73 -129.34
N PRO E 804 11.50 23.53 -129.85
CA PRO E 804 11.98 23.43 -131.23
C PRO E 804 10.87 23.77 -132.22
N ILE E 805 11.20 24.58 -133.20
CA ILE E 805 10.17 25.10 -134.10
C ILE E 805 9.86 24.04 -135.14
N LEU E 806 8.64 24.10 -135.68
CA LEU E 806 8.19 23.14 -136.69
C LEU E 806 7.45 23.91 -137.76
N TYR E 807 8.07 24.05 -138.93
CA TYR E 807 7.47 24.81 -140.01
C TYR E 807 6.34 24.01 -140.64
N LYS E 808 5.19 24.65 -140.82
CA LYS E 808 4.05 24.07 -141.51
C LYS E 808 3.66 25.07 -142.59
N ILE E 809 4.21 24.89 -143.78
CA ILE E 809 4.07 25.84 -144.87
C ILE E 809 3.16 25.25 -145.93
N ASN E 810 2.07 25.95 -146.22
CA ASN E 810 1.02 25.46 -147.12
C ASN E 810 0.20 26.66 -147.55
N SER E 811 -0.93 26.41 -148.22
CA SER E 811 -1.79 27.49 -148.65
C SER E 811 -2.66 28.04 -147.54
N ASP E 812 -2.70 27.39 -146.38
CA ASP E 812 -3.45 27.92 -145.25
C ASP E 812 -2.79 29.18 -144.70
N SER E 813 -1.46 29.20 -144.69
CA SER E 813 -0.72 30.36 -144.22
C SER E 813 -0.74 31.47 -145.27
N ASN E 814 -0.45 32.68 -144.83
CA ASN E 814 -0.15 33.76 -145.74
C ASN E 814 1.30 33.63 -146.21
N ASP E 815 1.70 34.56 -147.08
CA ASP E 815 3.01 34.62 -147.75
C ASP E 815 3.30 33.36 -148.58
N PHE E 816 2.29 32.59 -148.97
CA PHE E 816 2.55 31.42 -149.79
C PHE E 816 2.86 31.77 -151.24
N TYR E 817 2.69 33.03 -151.65
CA TYR E 817 3.16 33.46 -152.96
C TYR E 817 4.67 33.37 -153.07
N LEU E 818 5.37 33.46 -151.93
CA LEU E 818 6.82 33.42 -151.90
C LEU E 818 7.38 32.05 -152.25
N VAL E 819 6.56 30.99 -152.15
CA VAL E 819 6.97 29.66 -152.53
C VAL E 819 6.54 29.33 -153.97
N ALA E 820 5.32 29.70 -154.33
CA ALA E 820 4.78 29.30 -155.63
C ALA E 820 5.34 30.15 -156.75
N ASN E 821 5.33 31.49 -156.60
CA ASN E 821 5.71 32.37 -157.68
C ASN E 821 7.21 32.38 -157.93
N TYR E 822 8.02 32.26 -156.88
CA TYR E 822 9.46 32.31 -157.01
C TYR E 822 10.03 30.91 -157.18
N ASP E 823 11.23 30.84 -157.74
CA ASP E 823 11.88 29.57 -158.04
C ASP E 823 12.98 29.31 -157.02
N TRP E 824 12.61 28.62 -155.94
CA TRP E 824 13.55 28.28 -154.89
C TRP E 824 13.04 27.06 -154.16
N VAL E 825 13.96 26.31 -153.56
CA VAL E 825 13.57 25.17 -152.75
C VAL E 825 13.64 25.56 -151.28
N PRO E 826 12.65 25.21 -150.47
CA PRO E 826 12.66 25.64 -149.07
C PRO E 826 13.58 24.75 -148.23
N THR E 827 14.55 25.37 -147.59
CA THR E 827 15.59 24.65 -146.86
C THR E 827 15.60 25.07 -145.39
N SER E 828 15.88 24.11 -144.52
CA SER E 828 16.00 24.37 -143.09
C SER E 828 17.26 23.70 -142.57
N THR E 829 17.82 24.27 -141.51
CA THR E 829 19.02 23.69 -140.92
C THR E 829 18.69 22.60 -139.90
N THR E 830 17.47 22.57 -139.39
CA THR E 830 17.05 21.53 -138.45
C THR E 830 15.80 20.85 -138.98
N LYS E 831 15.48 19.72 -138.36
CA LYS E 831 14.19 19.07 -138.54
C LYS E 831 13.85 18.33 -137.26
N VAL E 832 12.59 18.36 -136.90
CA VAL E 832 12.14 17.74 -135.66
C VAL E 832 11.69 16.32 -135.96
N TYR E 833 11.71 15.46 -134.96
CA TYR E 833 11.38 14.04 -135.10
C TYR E 833 9.93 13.84 -134.68
N LYS E 834 9.11 13.38 -135.62
CA LYS E 834 7.66 13.29 -135.41
C LYS E 834 7.11 12.22 -136.34
N GLN E 835 6.07 11.54 -135.89
CA GLN E 835 5.46 10.45 -136.64
C GLN E 835 4.07 10.84 -137.13
N ILE E 836 3.75 10.43 -138.34
CA ILE E 836 2.46 10.75 -138.95
C ILE E 836 1.40 9.81 -138.38
N PRO E 837 0.24 10.32 -137.95
CA PRO E 837 -0.81 9.44 -137.45
C PRO E 837 -1.45 8.64 -138.57
N GLN E 838 -1.83 7.41 -138.23
CA GLN E 838 -2.27 6.45 -139.23
C GLN E 838 -3.69 6.75 -139.70
N GLN E 839 -3.97 6.36 -140.93
CA GLN E 839 -5.24 6.62 -141.58
C GLN E 839 -6.33 5.73 -140.98
N PHE E 840 -7.58 6.05 -141.29
CA PHE E 840 -8.69 5.18 -140.94
C PHE E 840 -8.87 4.14 -142.05
N ASP E 841 -8.63 2.87 -141.70
CA ASP E 841 -8.93 1.75 -142.58
C ASP E 841 -10.03 0.95 -141.91
N PHE E 842 -11.17 0.81 -142.60
CA PHE E 842 -12.34 0.18 -142.00
C PHE E 842 -12.11 -1.30 -141.74
N ARG E 843 -11.53 -2.00 -142.72
CA ARG E 843 -11.43 -3.45 -142.67
C ARG E 843 -10.47 -3.91 -141.58
N ALA E 844 -9.45 -3.11 -141.29
CA ALA E 844 -8.55 -3.43 -140.19
C ALA E 844 -9.19 -3.15 -138.84
N SER E 845 -10.11 -2.19 -138.78
CA SER E 845 -10.63 -1.69 -137.51
C SER E 845 -12.03 -2.17 -137.18
N MET E 846 -12.63 -3.02 -138.01
CA MET E 846 -13.94 -3.59 -137.73
C MET E 846 -13.75 -5.02 -137.25
N HIS E 847 -14.33 -5.35 -136.10
CA HIS E 847 -14.32 -6.72 -135.60
C HIS E 847 -15.47 -6.91 -134.63
N MET E 848 -15.90 -8.16 -134.49
CA MET E 848 -17.10 -8.50 -133.75
C MET E 848 -16.74 -8.94 -132.35
N LEU E 849 -17.35 -8.30 -131.35
CA LEU E 849 -17.10 -8.58 -129.95
C LEU E 849 -18.17 -9.51 -129.41
N THR E 850 -17.74 -10.63 -128.82
CA THR E 850 -18.65 -11.69 -128.38
C THR E 850 -18.62 -11.85 -126.87
N SER E 851 -19.80 -11.89 -126.25
CA SER E 851 -19.90 -12.08 -124.81
C SER E 851 -21.24 -12.72 -124.51
N ASN E 852 -21.56 -12.82 -123.22
CA ASN E 852 -22.75 -13.53 -122.80
C ASN E 852 -23.95 -12.59 -122.77
N LEU E 853 -25.12 -13.14 -122.42
CA LEU E 853 -26.37 -12.42 -122.45
C LEU E 853 -26.85 -11.99 -121.06
N THR E 854 -26.83 -12.90 -120.08
CA THR E 854 -27.36 -12.59 -118.76
C THR E 854 -26.63 -13.38 -117.68
N PHE E 855 -26.15 -12.68 -116.66
CA PHE E 855 -25.79 -13.28 -115.38
C PHE E 855 -26.68 -12.70 -114.30
N THR E 856 -26.70 -13.37 -113.14
CA THR E 856 -27.22 -12.80 -111.90
C THR E 856 -26.14 -13.05 -110.87
N VAL E 857 -25.18 -12.14 -110.78
CA VAL E 857 -23.99 -12.36 -109.96
C VAL E 857 -24.35 -12.23 -108.48
N TYR E 858 -24.11 -13.29 -107.72
CA TYR E 858 -24.36 -13.30 -106.29
C TYR E 858 -23.06 -13.09 -105.54
N SER E 859 -23.12 -12.31 -104.47
CA SER E 859 -21.92 -11.94 -103.72
C SER E 859 -21.77 -12.72 -102.42
N ASP E 860 -22.87 -13.07 -101.76
CA ASP E 860 -22.84 -13.81 -100.51
C ASP E 860 -23.34 -15.22 -100.80
N LEU E 861 -22.51 -16.22 -100.51
CA LEU E 861 -22.88 -17.61 -100.72
C LEU E 861 -23.39 -18.29 -99.46
N LEU E 862 -22.95 -17.85 -98.29
CA LEU E 862 -23.42 -18.45 -97.06
C LEU E 862 -24.72 -17.85 -96.57
N ALA E 863 -25.36 -17.00 -97.36
CA ALA E 863 -26.74 -16.62 -97.14
C ALA E 863 -27.71 -17.54 -97.87
N PHE E 864 -27.21 -18.65 -98.41
CA PHE E 864 -28.06 -19.57 -99.15
C PHE E 864 -28.42 -20.82 -98.37
N VAL E 865 -27.53 -21.32 -97.51
CA VAL E 865 -27.88 -22.46 -96.69
C VAL E 865 -28.77 -22.02 -95.54
N SER E 866 -29.58 -22.94 -95.04
CA SER E 866 -30.53 -22.65 -93.98
C SER E 866 -30.03 -23.39 -92.74
N ALA E 867 -29.35 -22.66 -91.86
CA ALA E 867 -28.62 -23.26 -90.76
C ALA E 867 -29.46 -23.23 -89.49
N ASP E 868 -29.63 -24.38 -88.86
CA ASP E 868 -30.39 -24.49 -87.64
C ASP E 868 -29.65 -25.39 -86.67
N THR E 869 -29.39 -24.90 -85.47
CA THR E 869 -28.70 -25.71 -84.49
C THR E 869 -29.62 -26.77 -83.90
N VAL E 870 -29.02 -27.75 -83.24
CA VAL E 870 -29.74 -28.76 -82.49
C VAL E 870 -30.05 -28.14 -81.14
N GLU E 871 -30.95 -28.75 -80.37
CA GLU E 871 -31.15 -28.33 -78.98
C GLU E 871 -29.85 -28.52 -78.21
N PRO E 872 -29.46 -27.54 -77.38
CA PRO E 872 -28.12 -27.58 -76.78
C PRO E 872 -27.94 -28.69 -75.77
N ILE E 873 -29.02 -29.19 -75.16
CA ILE E 873 -28.87 -30.23 -74.14
C ILE E 873 -28.49 -31.57 -74.77
N ASN E 874 -28.70 -31.74 -76.07
CA ASN E 874 -28.20 -32.90 -76.81
C ASN E 874 -27.18 -32.40 -77.82
N ALA E 875 -25.94 -32.23 -77.37
CA ALA E 875 -24.87 -31.75 -78.22
C ALA E 875 -23.67 -32.63 -78.02
N VAL E 876 -23.08 -33.10 -79.12
CA VAL E 876 -22.07 -34.15 -79.07
C VAL E 876 -20.73 -33.61 -79.54
N ALA E 877 -19.65 -34.10 -78.92
CA ALA E 877 -18.28 -33.72 -79.26
C ALA E 877 -17.79 -34.48 -80.47
N PHE E 878 -16.46 -34.52 -80.66
CA PHE E 878 -15.88 -35.43 -81.64
C PHE E 878 -16.18 -36.88 -81.28
N ASP E 879 -16.20 -37.19 -79.99
CA ASP E 879 -16.74 -38.45 -79.52
C ASP E 879 -18.26 -38.41 -79.66
N ASN E 880 -18.87 -39.57 -79.82
CA ASN E 880 -20.32 -39.55 -80.00
C ASN E 880 -21.08 -39.32 -78.71
N MET E 881 -20.41 -39.32 -77.57
CA MET E 881 -21.07 -38.96 -76.33
C MET E 881 -21.26 -37.45 -76.25
N ARG E 882 -22.13 -37.03 -75.36
CA ARG E 882 -22.48 -35.63 -75.25
C ARG E 882 -21.46 -34.86 -74.43
N ILE E 883 -21.24 -33.60 -74.80
CA ILE E 883 -20.51 -32.70 -73.93
C ILE E 883 -21.40 -32.35 -72.75
N MET E 884 -20.76 -32.05 -71.61
CA MET E 884 -21.41 -31.71 -70.34
C MET E 884 -22.39 -32.81 -69.90
N ASN E 885 -21.81 -33.98 -69.63
CA ASN E 885 -22.57 -35.17 -69.28
C ASN E 885 -22.69 -35.34 -67.77
N GLU E 886 -23.21 -34.30 -67.12
CA GLU E 886 -23.46 -34.30 -65.68
C GLU E 886 -24.89 -33.91 -65.41
N LEU E 887 -25.82 -34.56 -66.11
CA LEU E 887 -27.23 -34.35 -65.90
C LEU E 887 -27.80 -35.38 -64.94
N ASN F 72 -13.24 62.19 -11.91
CA ASN F 72 -12.86 61.77 -13.24
C ASN F 72 -12.13 60.43 -13.23
N LYS F 73 -11.36 60.16 -14.27
CA LYS F 73 -10.64 58.90 -14.42
C LYS F 73 -9.22 58.97 -13.83
N GLU F 74 -8.99 59.88 -12.89
CA GLU F 74 -7.74 59.87 -12.14
C GLU F 74 -7.70 58.76 -11.11
N GLU F 75 -8.86 58.20 -10.75
CA GLU F 75 -8.91 57.16 -9.73
C GLU F 75 -8.45 55.81 -10.28
N SER F 76 -8.64 55.58 -11.58
CA SER F 76 -8.35 54.27 -12.16
C SER F 76 -6.85 54.04 -12.31
N LYS F 77 -6.11 55.07 -12.73
CA LYS F 77 -4.66 54.94 -12.84
C LYS F 77 -3.99 54.83 -11.48
N GLN F 78 -4.65 55.25 -10.40
CA GLN F 78 -4.20 54.97 -9.05
C GLN F 78 -4.75 53.64 -8.52
N LEU F 79 -5.77 53.08 -9.17
CA LEU F 79 -6.31 51.78 -8.76
C LEU F 79 -5.78 50.64 -9.62
N LEU F 80 -5.43 50.91 -10.87
CA LEU F 80 -4.84 49.87 -11.72
C LEU F 80 -3.46 49.47 -11.21
N GLU F 81 -2.64 50.44 -10.82
CA GLU F 81 -1.30 50.15 -10.32
C GLU F 81 -1.31 49.62 -8.89
N VAL F 82 -2.45 49.66 -8.21
CA VAL F 82 -2.62 48.87 -7.00
C VAL F 82 -2.55 47.39 -7.32
N LEU F 83 -3.24 46.97 -8.37
CA LEU F 83 -3.17 45.57 -8.81
C LEU F 83 -1.86 45.25 -9.52
N LYS F 84 -1.14 46.26 -9.99
CA LYS F 84 0.19 46.07 -10.56
C LYS F 84 1.25 46.54 -9.57
N PRO F 107 18.36 17.23 -39.94
CA PRO F 107 17.49 17.10 -41.10
C PRO F 107 17.75 15.82 -41.88
N LYS F 108 17.49 14.68 -41.24
CA LYS F 108 17.73 13.38 -41.87
C LYS F 108 16.82 13.12 -43.06
N GLU F 109 15.68 13.81 -43.15
CA GLU F 109 14.83 13.68 -44.32
C GLU F 109 15.36 14.44 -45.52
N SER F 110 16.39 15.26 -45.35
CA SER F 110 16.95 15.99 -46.47
C SER F 110 18.10 15.25 -47.13
N ILE F 111 18.86 14.48 -46.37
CA ILE F 111 19.91 13.67 -46.98
C ILE F 111 19.32 12.44 -47.64
N LEU F 112 18.15 11.99 -47.19
CA LEU F 112 17.47 10.90 -47.89
C LEU F 112 16.87 11.39 -49.19
N LYS F 113 16.39 12.63 -49.24
CA LYS F 113 15.74 13.12 -50.45
C LYS F 113 16.74 13.43 -51.55
N LYS F 114 18.00 13.69 -51.20
CA LYS F 114 19.02 13.86 -52.23
C LYS F 114 19.34 12.55 -52.92
N LEU F 115 19.15 11.42 -52.24
CA LEU F 115 19.49 10.12 -52.81
C LEU F 115 18.40 9.64 -53.78
N GLU F 116 17.14 9.90 -53.46
CA GLU F 116 16.05 9.56 -54.35
C GLU F 116 15.95 10.50 -55.54
N ASP F 117 16.66 11.62 -55.52
CA ASP F 117 16.62 12.62 -56.59
C ASP F 117 17.72 12.38 -57.62
N ILE F 118 18.66 11.49 -57.35
CA ILE F 118 19.71 11.19 -58.32
C ILE F 118 19.11 10.32 -59.41
N LYS F 119 18.85 10.91 -60.56
CA LYS F 119 18.35 10.18 -61.70
C LYS F 119 19.51 9.48 -62.38
N PRO F 120 19.25 8.46 -63.20
CA PRO F 120 20.34 7.86 -63.99
C PRO F 120 20.89 8.86 -65.00
N GLU F 121 22.08 8.54 -65.50
CA GLU F 121 22.90 9.48 -66.26
C GLU F 121 22.21 9.93 -67.53
N GLN F 122 22.25 11.23 -67.79
CA GLN F 122 21.49 11.84 -68.88
C GLN F 122 22.06 11.40 -70.21
N VAL F 123 21.33 10.51 -70.88
CA VAL F 123 21.76 10.01 -72.18
C VAL F 123 21.63 11.12 -73.21
N LYS F 124 22.72 11.40 -73.92
CA LYS F 124 22.75 12.46 -74.91
C LYS F 124 22.76 11.83 -76.30
N LYS F 125 21.89 12.32 -77.17
CA LYS F 125 21.97 12.03 -78.59
C LYS F 125 22.09 13.35 -79.33
N GLN F 126 22.93 13.38 -80.36
CA GLN F 126 23.16 14.62 -81.07
C GLN F 126 22.25 14.71 -82.28
N THR F 127 21.94 15.93 -82.68
CA THR F 127 21.01 16.20 -83.76
C THR F 127 21.65 16.85 -84.97
N LYS F 128 22.91 17.25 -84.89
CA LYS F 128 23.65 17.73 -86.04
C LYS F 128 25.08 17.25 -85.93
N LEU F 129 25.75 17.12 -87.08
CA LEU F 129 27.12 16.63 -87.08
C LEU F 129 28.05 17.67 -86.47
N PHE F 130 29.07 17.18 -85.78
CA PHE F 130 30.05 18.06 -85.16
C PHE F 130 30.94 18.65 -86.24
N ARG F 131 30.89 19.96 -86.40
CA ARG F 131 31.56 20.65 -87.49
C ARG F 131 32.49 21.72 -86.94
N ILE F 132 33.73 21.73 -87.42
CA ILE F 132 34.67 22.80 -87.16
C ILE F 132 34.94 23.62 -88.42
N PHE F 133 35.03 22.97 -89.57
CA PHE F 133 35.43 23.61 -90.81
C PHE F 133 34.24 23.71 -91.75
N GLU F 134 34.17 24.81 -92.50
CA GLU F 134 33.19 24.94 -93.57
C GLU F 134 33.88 25.46 -94.82
N PRO F 135 33.42 25.07 -95.99
CA PRO F 135 33.99 25.62 -97.23
C PRO F 135 33.47 27.02 -97.46
N ARG F 136 34.39 27.93 -97.77
CA ARG F 136 34.05 29.32 -98.02
C ARG F 136 34.52 29.68 -99.42
N GLN F 137 34.01 30.80 -99.91
CA GLN F 137 34.28 31.25 -101.26
C GLN F 137 35.37 32.31 -101.23
N LEU F 138 36.56 31.96 -101.70
CA LEU F 138 37.66 32.90 -101.74
C LEU F 138 38.08 33.13 -103.18
N PRO F 139 38.39 34.37 -103.56
CA PRO F 139 38.84 34.63 -104.93
C PRO F 139 40.24 34.08 -105.16
N VAL F 140 40.56 33.86 -106.43
CA VAL F 140 41.83 33.23 -106.78
C VAL F 140 42.55 34.08 -107.81
N TYR F 141 43.88 34.06 -107.75
CA TYR F 141 44.71 34.88 -108.62
C TYR F 141 45.77 34.02 -109.28
N ARG F 142 46.14 34.38 -110.49
CA ARG F 142 47.15 33.62 -111.22
C ARG F 142 48.54 34.04 -110.76
N ALA F 143 49.57 33.59 -111.47
CA ALA F 143 50.94 33.85 -111.03
C ALA F 143 51.36 35.29 -111.29
N ASN F 144 50.79 35.93 -112.31
CA ASN F 144 51.16 37.30 -112.62
C ASN F 144 50.60 38.27 -111.59
N GLY F 145 49.39 38.01 -111.11
CA GLY F 145 48.79 38.86 -110.09
C GLY F 145 47.30 39.09 -110.29
N GLU F 146 46.84 39.05 -111.53
CA GLU F 146 45.46 39.42 -111.80
C GLU F 146 44.50 38.30 -111.45
N LYS F 147 43.22 38.61 -111.47
CA LYS F 147 42.18 37.65 -111.12
C LYS F 147 41.98 36.65 -112.25
N GLU F 148 41.66 35.41 -111.87
CA GLU F 148 41.57 34.30 -112.81
C GLU F 148 40.21 34.21 -113.49
N LEU F 149 39.25 35.07 -113.09
CA LEU F 149 37.82 34.97 -113.46
C LEU F 149 37.31 33.58 -113.06
N ARG F 150 37.62 33.21 -111.83
CA ARG F 150 37.17 31.97 -111.21
C ARG F 150 37.16 32.18 -109.70
N ASN F 151 36.59 31.22 -109.00
CA ASN F 151 36.53 31.28 -107.54
C ASN F 151 36.65 29.86 -107.03
N ARG F 152 37.76 29.54 -106.37
CA ARG F 152 37.94 28.22 -105.79
C ARG F 152 37.49 28.24 -104.35
N TRP F 153 36.88 27.15 -103.92
CA TRP F 153 36.41 27.07 -102.54
C TRP F 153 37.55 26.68 -101.62
N TYR F 154 37.51 27.16 -100.38
CA TYR F 154 38.60 26.92 -99.44
C TYR F 154 38.05 26.58 -98.07
N TRP F 155 38.79 25.74 -97.35
CA TRP F 155 38.36 25.22 -96.04
C TRP F 155 38.76 26.21 -94.96
N LYS F 156 37.94 27.25 -94.80
CA LYS F 156 38.18 28.16 -93.69
C LYS F 156 37.56 27.60 -92.41
N LEU F 157 37.87 28.25 -91.29
CA LEU F 157 37.24 27.83 -90.05
C LEU F 157 35.83 28.38 -89.94
N LYS F 158 35.09 27.82 -89.00
CA LYS F 158 33.75 28.25 -88.65
C LYS F 158 33.77 28.62 -87.17
N ARG F 159 33.43 29.88 -86.88
CA ARG F 159 33.49 30.46 -85.53
C ARG F 159 34.89 30.33 -84.94
N ASP F 160 35.82 31.04 -85.56
CA ASP F 160 37.22 31.06 -85.10
C ASP F 160 37.36 32.16 -84.06
N THR F 161 37.39 31.77 -82.79
CA THR F 161 37.71 32.69 -81.69
C THR F 161 39.01 32.19 -81.10
N LEU F 162 40.13 32.57 -81.72
CA LEU F 162 41.42 32.10 -81.30
C LEU F 162 42.13 33.20 -80.53
N PRO F 163 42.36 33.05 -79.23
CA PRO F 163 43.03 34.10 -78.47
C PRO F 163 44.50 34.18 -78.82
N ASP F 164 45.10 35.30 -78.46
CA ASP F 164 46.48 35.59 -78.85
C ASP F 164 47.44 35.31 -77.70
N GLY F 165 48.66 34.98 -78.06
CA GLY F 165 49.63 34.51 -77.09
C GLY F 165 49.63 33.00 -77.08
N ASP F 166 50.80 32.41 -76.88
CA ASP F 166 50.92 30.97 -77.02
C ASP F 166 50.32 30.20 -75.86
N TYR F 167 50.16 30.84 -74.69
CA TYR F 167 49.53 30.14 -73.58
C TYR F 167 48.01 30.13 -73.73
N ASP F 168 47.45 31.16 -74.37
CA ASP F 168 45.99 31.23 -74.44
C ASP F 168 45.41 30.22 -75.43
N VAL F 169 46.18 29.83 -76.45
CA VAL F 169 45.71 28.79 -77.35
C VAL F 169 45.88 27.40 -76.76
N ARG F 170 46.71 27.23 -75.73
CA ARG F 170 46.66 25.99 -74.97
C ARG F 170 45.48 25.95 -74.02
N GLU F 171 44.99 27.12 -73.61
CA GLU F 171 43.78 27.19 -72.81
C GLU F 171 42.53 27.06 -73.66
N TYR F 172 42.62 27.39 -74.95
CA TYR F 172 41.47 27.27 -75.84
C TYR F 172 41.21 25.82 -76.22
N PHE F 173 42.26 25.01 -76.33
CA PHE F 173 42.05 23.63 -76.72
C PHE F 173 41.62 22.74 -75.56
N LEU F 174 41.82 23.20 -74.32
CA LEU F 174 41.11 22.58 -73.22
C LEU F 174 39.65 23.03 -73.19
N ASN F 175 39.39 24.27 -73.62
CA ASN F 175 38.02 24.75 -73.75
C ASN F 175 37.30 24.00 -74.88
N LEU F 176 38.03 23.66 -75.95
CA LEU F 176 37.42 22.86 -77.01
C LEU F 176 37.15 21.44 -76.56
N TYR F 177 38.01 20.90 -75.68
CA TYR F 177 37.87 19.51 -75.25
C TYR F 177 36.64 19.32 -74.37
N ASP F 178 36.20 20.36 -73.67
CA ASP F 178 34.91 20.29 -72.99
C ASP F 178 33.74 20.59 -73.92
N GLN F 179 34.01 21.11 -75.12
CA GLN F 179 32.97 21.35 -76.10
C GLN F 179 32.74 20.18 -77.03
N VAL F 180 33.60 19.17 -76.98
CA VAL F 180 33.41 17.94 -77.76
C VAL F 180 32.85 16.82 -76.89
N LEU F 181 33.28 16.75 -75.62
CA LEU F 181 32.71 15.80 -74.69
C LEU F 181 31.25 16.10 -74.36
N THR F 182 30.81 17.34 -74.52
CA THR F 182 29.39 17.63 -74.35
C THR F 182 28.58 17.13 -75.53
N GLU F 183 29.11 17.28 -76.75
CA GLU F 183 28.43 16.81 -77.95
C GLU F 183 28.78 15.36 -78.30
N MET F 184 29.25 14.57 -77.34
CA MET F 184 29.45 13.15 -77.57
C MET F 184 28.12 12.43 -77.42
N PRO F 185 27.62 11.79 -78.47
CA PRO F 185 26.34 11.08 -78.35
C PRO F 185 26.51 9.67 -77.83
N ASP F 186 25.53 9.25 -77.04
CA ASP F 186 25.55 7.88 -76.55
C ASP F 186 24.94 6.92 -77.55
N TYR F 187 23.98 7.38 -78.34
CA TYR F 187 23.51 6.58 -79.47
C TYR F 187 23.09 7.52 -80.59
N LEU F 188 23.44 7.13 -81.81
CA LEU F 188 23.15 7.90 -83.01
C LEU F 188 22.28 7.11 -83.96
N LEU F 189 21.17 7.70 -84.39
CA LEU F 189 20.38 7.18 -85.50
C LEU F 189 20.50 8.19 -86.64
N LEU F 190 20.97 7.74 -87.78
CA LEU F 190 21.16 8.66 -88.90
C LEU F 190 19.89 8.83 -89.73
N LYS F 191 18.80 8.17 -89.38
CA LYS F 191 17.54 8.51 -90.03
C LYS F 191 16.89 9.73 -89.41
N ASP F 192 17.41 10.21 -88.27
CA ASP F 192 16.89 11.42 -87.67
C ASP F 192 17.51 12.66 -88.32
N MET F 193 18.81 12.62 -88.58
CA MET F 193 19.47 13.69 -89.33
C MET F 193 19.54 13.24 -90.80
N ALA F 194 18.64 13.76 -91.60
CA ALA F 194 18.58 13.45 -93.03
C ALA F 194 17.74 14.51 -93.69
N VAL F 195 18.27 15.14 -94.73
CA VAL F 195 17.52 16.12 -95.48
C VAL F 195 17.53 15.71 -96.95
N GLU F 196 16.38 15.90 -97.59
CA GLU F 196 16.16 15.41 -98.95
C GLU F 196 16.99 16.24 -99.91
N ASN F 197 17.99 15.61 -100.52
CA ASN F 197 18.83 16.26 -101.51
C ASN F 197 18.01 16.59 -102.75
N LYS F 198 18.03 17.87 -103.15
CA LYS F 198 17.23 18.29 -104.29
C LYS F 198 17.79 17.75 -105.59
N ASN F 199 19.03 18.11 -105.90
CA ASN F 199 19.64 17.78 -107.17
C ASN F 199 20.25 16.39 -107.08
N SER F 200 19.48 15.38 -107.47
CA SER F 200 19.92 14.00 -107.37
C SER F 200 19.30 13.18 -108.50
N ARG F 201 19.90 12.03 -108.76
CA ARG F 201 19.36 11.11 -109.76
C ARG F 201 17.99 10.61 -109.32
N ASP F 202 17.95 9.89 -108.21
CA ASP F 202 16.72 9.65 -107.48
C ASP F 202 16.81 10.40 -106.16
N ALA F 203 15.65 10.80 -105.64
CA ALA F 203 15.62 11.71 -104.50
C ALA F 203 16.06 11.00 -103.23
N GLY F 204 17.36 11.04 -102.94
CA GLY F 204 17.92 10.42 -101.76
C GLY F 204 18.26 11.46 -100.70
N LYS F 205 18.82 10.97 -99.60
CA LYS F 205 19.04 11.78 -98.42
C LYS F 205 20.51 11.77 -98.05
N VAL F 206 21.11 12.96 -97.97
CA VAL F 206 22.40 13.17 -97.35
C VAL F 206 22.17 13.33 -95.85
N VAL F 207 23.24 13.37 -95.06
CA VAL F 207 23.11 13.11 -93.63
C VAL F 207 22.93 14.35 -92.78
N ASP F 208 23.17 15.55 -93.30
CA ASP F 208 23.00 16.72 -92.46
C ASP F 208 22.50 17.89 -93.29
N SER F 209 21.91 18.87 -92.60
CA SER F 209 21.40 20.05 -93.29
C SER F 209 22.52 20.91 -93.85
N GLU F 210 23.66 20.97 -93.15
CA GLU F 210 24.80 21.69 -93.69
C GLU F 210 25.49 20.92 -94.80
N THR F 211 25.26 19.61 -94.87
CA THR F 211 25.77 18.83 -96.01
C THR F 211 25.03 19.20 -97.29
N ALA F 212 23.70 19.31 -97.23
CA ALA F 212 22.94 19.67 -98.41
C ALA F 212 23.09 21.15 -98.76
N ALA F 213 23.45 21.99 -97.79
CA ALA F 213 23.66 23.40 -98.11
C ALA F 213 24.91 23.62 -98.95
N ILE F 214 25.86 22.68 -98.93
CA ILE F 214 27.02 22.76 -99.81
C ILE F 214 26.71 22.13 -101.16
N CYS F 215 25.88 21.08 -101.19
CA CYS F 215 25.44 20.53 -102.47
C CYS F 215 24.52 21.49 -103.21
N ASP F 216 23.65 22.20 -102.48
CA ASP F 216 22.79 23.18 -103.13
C ASP F 216 23.52 24.44 -103.54
N ALA F 217 24.73 24.65 -103.05
CA ALA F 217 25.50 25.82 -103.46
C ALA F 217 26.38 25.52 -104.67
N ILE F 218 27.09 24.39 -104.66
CA ILE F 218 28.02 24.11 -105.75
C ILE F 218 27.36 23.37 -106.91
N PHE F 219 26.07 23.04 -106.80
CA PHE F 219 25.30 22.69 -107.99
C PHE F 219 24.76 23.93 -108.68
N GLN F 220 24.49 24.98 -107.90
CA GLN F 220 23.85 26.20 -108.36
C GLN F 220 24.89 27.29 -108.64
N ASP F 221 26.03 26.88 -109.18
CA ASP F 221 27.12 27.79 -109.46
C ASP F 221 27.35 27.87 -110.96
N GLU F 222 28.28 28.75 -111.34
CA GLU F 222 28.68 28.89 -112.73
C GLU F 222 30.14 28.53 -112.98
N GLU F 223 31.00 28.67 -111.96
CA GLU F 223 32.41 28.40 -112.15
C GLU F 223 32.76 26.93 -111.93
N THR F 224 31.87 26.15 -111.34
CA THR F 224 32.20 24.76 -111.03
C THR F 224 32.20 23.92 -112.30
N GLU F 225 33.16 23.01 -112.38
CA GLU F 225 33.21 22.12 -113.52
C GLU F 225 32.11 21.07 -113.41
N GLY F 226 31.77 20.48 -114.54
CA GLY F 226 30.59 19.63 -114.61
C GLY F 226 30.73 18.30 -113.90
N VAL F 227 31.96 17.86 -113.65
CA VAL F 227 32.16 16.56 -113.01
C VAL F 227 31.85 16.65 -111.52
N VAL F 228 32.11 17.81 -110.91
CA VAL F 228 31.69 18.06 -109.53
C VAL F 228 30.17 18.14 -109.47
N ARG F 229 29.54 18.69 -110.51
CA ARG F 229 28.09 18.73 -110.58
C ARG F 229 27.51 17.34 -110.84
N ARG F 230 28.20 16.54 -111.63
CA ARG F 230 27.73 15.19 -111.96
C ARG F 230 27.84 14.26 -110.76
N PHE F 231 28.73 14.55 -109.83
CA PHE F 231 28.91 13.70 -108.66
C PHE F 231 27.77 13.83 -107.66
N ILE F 232 27.10 14.99 -107.64
CA ILE F 232 26.00 15.18 -106.69
C ILE F 232 24.78 14.38 -107.13
N ALA F 233 24.64 14.14 -108.43
CA ALA F 233 23.56 13.27 -108.89
C ALA F 233 23.82 11.81 -108.54
N GLU F 234 25.09 11.38 -108.56
CA GLU F 234 25.47 10.04 -108.15
C GLU F 234 25.71 10.01 -106.63
N MET F 235 24.69 10.38 -105.88
CA MET F 235 24.83 10.55 -104.43
C MET F 235 23.47 10.34 -103.78
N ARG F 236 23.34 9.28 -103.00
CA ARG F 236 22.07 8.93 -102.38
C ARG F 236 22.36 8.00 -101.21
N GLN F 237 21.32 7.69 -100.44
CA GLN F 237 21.47 6.80 -99.31
C GLN F 237 21.39 5.35 -99.76
N ARG F 238 21.94 4.46 -98.94
CA ARG F 238 21.79 3.02 -99.13
C ARG F 238 21.32 2.43 -97.82
N VAL F 239 20.22 1.69 -97.87
CA VAL F 239 19.55 1.16 -96.68
C VAL F 239 19.41 -0.34 -96.84
N GLN F 240 19.82 -1.08 -95.81
CA GLN F 240 19.74 -2.53 -95.80
C GLN F 240 18.80 -2.94 -94.68
N ALA F 241 17.88 -3.85 -94.97
CA ALA F 241 16.83 -4.18 -94.02
C ALA F 241 17.05 -5.50 -93.31
N ASP F 242 17.87 -6.39 -93.85
CA ASP F 242 18.13 -7.67 -93.18
C ASP F 242 18.91 -7.47 -91.89
N ARG F 243 20.06 -6.82 -91.99
CA ARG F 243 20.74 -6.23 -90.85
C ARG F 243 20.49 -4.73 -90.88
N ASN F 244 20.00 -4.16 -89.78
CA ASN F 244 19.55 -2.78 -89.79
C ASN F 244 20.78 -1.86 -89.77
N VAL F 245 21.35 -1.65 -90.95
CA VAL F 245 22.44 -0.72 -91.13
C VAL F 245 22.09 0.15 -92.32
N VAL F 246 22.61 1.38 -92.33
CA VAL F 246 22.26 2.37 -93.34
C VAL F 246 23.51 3.16 -93.69
N ASN F 247 23.58 3.65 -94.93
CA ASN F 247 24.76 4.36 -95.41
C ASN F 247 24.32 5.70 -95.99
N TYR F 248 24.67 6.79 -95.31
CA TYR F 248 24.26 8.13 -95.73
C TYR F 248 25.46 8.93 -96.22
N PRO F 249 25.40 9.50 -97.41
CA PRO F 249 26.55 10.26 -97.92
C PRO F 249 26.65 11.63 -97.27
N SER F 250 27.84 11.96 -96.80
CA SER F 250 28.12 13.18 -96.06
C SER F 250 29.15 14.02 -96.81
N ILE F 251 29.46 15.19 -96.26
CA ILE F 251 30.56 16.03 -96.69
C ILE F 251 31.20 16.57 -95.42
N LEU F 252 32.43 16.17 -95.14
CA LEU F 252 33.10 16.62 -93.94
C LEU F 252 34.56 16.90 -94.25
N HIS F 253 35.13 17.83 -93.51
CA HIS F 253 36.57 17.99 -93.49
C HIS F 253 37.20 16.74 -92.86
N PRO F 254 38.41 16.35 -93.29
CA PRO F 254 39.04 15.16 -92.69
C PRO F 254 39.37 15.29 -91.20
N ILE F 255 39.47 16.50 -90.66
CA ILE F 255 39.49 16.63 -89.20
C ILE F 255 38.09 16.47 -88.65
N ASP F 256 37.09 17.00 -89.35
CA ASP F 256 35.71 16.83 -88.95
C ASP F 256 35.25 15.39 -89.13
N HIS F 257 35.82 14.67 -90.09
CA HIS F 257 35.42 13.29 -90.32
C HIS F 257 35.95 12.37 -89.23
N ALA F 258 37.11 12.68 -88.66
CA ALA F 258 37.62 11.87 -87.56
C ALA F 258 36.83 12.05 -86.29
N PHE F 259 36.07 13.12 -86.15
CA PHE F 259 35.25 13.33 -84.97
C PHE F 259 33.85 12.76 -85.14
N ASN F 260 33.21 13.00 -86.29
CA ASN F 260 31.83 12.57 -86.48
C ASN F 260 31.71 11.08 -86.71
N GLU F 261 32.74 10.46 -87.29
CA GLU F 261 32.72 9.01 -87.51
C GLU F 261 33.13 8.26 -86.25
N TYR F 262 33.95 8.87 -85.40
CA TYR F 262 34.27 8.24 -84.13
C TYR F 262 33.07 8.19 -83.20
N PHE F 263 32.12 9.12 -83.35
CA PHE F 263 30.89 9.05 -82.58
C PHE F 263 30.02 7.89 -83.02
N LEU F 264 30.13 7.47 -84.28
CA LEU F 264 29.29 6.40 -84.80
C LEU F 264 29.77 5.03 -84.33
N GLN F 265 31.08 4.81 -84.34
CA GLN F 265 31.60 3.47 -84.12
C GLN F 265 31.72 3.13 -82.64
N HIS F 266 31.91 4.12 -81.78
CA HIS F 266 32.05 3.89 -80.35
C HIS F 266 30.81 4.45 -79.66
N GLN F 267 29.76 3.65 -79.62
CA GLN F 267 28.52 4.02 -78.97
C GLN F 267 28.31 3.17 -77.73
N LEU F 268 27.58 3.71 -76.76
CA LEU F 268 27.32 2.99 -75.52
C LEU F 268 25.99 2.25 -75.57
N VAL F 269 25.74 1.45 -76.60
CA VAL F 269 24.53 0.67 -76.71
C VAL F 269 24.87 -0.80 -76.87
N GLU F 270 24.23 -1.65 -76.09
CA GLU F 270 24.34 -3.09 -76.18
C GLU F 270 22.95 -3.67 -76.39
N PRO F 271 22.83 -4.80 -77.10
CA PRO F 271 21.50 -5.38 -77.33
C PRO F 271 20.89 -5.90 -76.05
N LEU F 272 19.56 -6.02 -76.06
CA LEU F 272 18.79 -6.26 -74.85
C LEU F 272 17.65 -7.21 -75.14
N ASN F 273 17.44 -8.18 -74.26
CA ASN F 273 16.33 -9.12 -74.36
C ASN F 273 15.98 -9.56 -72.95
N ASN F 274 15.24 -10.66 -72.82
CA ASN F 274 14.77 -11.10 -71.51
C ASN F 274 15.84 -11.75 -70.66
N ASP F 275 16.96 -12.14 -71.24
CA ASP F 275 18.02 -12.74 -70.45
C ASP F 275 18.97 -11.70 -69.89
N ILE F 276 18.82 -10.43 -70.25
CA ILE F 276 19.63 -9.35 -69.71
C ILE F 276 18.84 -8.50 -68.72
N ILE F 277 17.52 -8.58 -68.72
CA ILE F 277 16.74 -8.03 -67.61
C ILE F 277 16.92 -8.89 -66.37
N PHE F 278 16.81 -10.21 -66.53
CA PHE F 278 16.90 -11.09 -65.37
C PHE F 278 18.29 -11.16 -64.79
N ASN F 279 19.32 -10.93 -65.60
CA ASN F 279 20.66 -10.87 -65.04
C ASN F 279 20.98 -9.51 -64.43
N TYR F 280 20.11 -8.51 -64.60
CA TYR F 280 20.33 -7.23 -63.94
C TYR F 280 20.00 -7.32 -62.46
N ILE F 281 19.11 -8.22 -62.08
CA ILE F 281 18.76 -8.49 -60.69
C ILE F 281 19.98 -9.13 -60.03
N PRO F 282 20.26 -8.89 -58.76
CA PRO F 282 21.40 -9.56 -58.11
C PRO F 282 21.19 -11.05 -57.97
N GLU F 283 22.27 -11.74 -57.59
CA GLU F 283 22.23 -13.19 -57.55
C GLU F 283 21.43 -13.71 -56.36
N ARG F 284 21.58 -13.10 -55.19
CA ARG F 284 20.89 -13.61 -54.01
C ARG F 284 19.42 -13.21 -53.93
N ILE F 285 18.85 -12.67 -54.99
CA ILE F 285 17.41 -12.44 -55.07
C ILE F 285 16.75 -13.37 -56.07
N ARG F 286 17.32 -13.48 -57.28
CA ARG F 286 16.70 -14.34 -58.27
C ARG F 286 17.02 -15.80 -58.06
N ASN F 287 18.03 -16.12 -57.26
CA ASN F 287 18.35 -17.49 -56.88
C ASN F 287 17.95 -17.71 -55.43
N ASP F 288 16.83 -17.12 -55.05
CA ASP F 288 16.26 -17.26 -53.71
C ASP F 288 14.89 -17.92 -53.81
N VAL F 289 14.51 -18.60 -52.74
CA VAL F 289 13.26 -19.34 -52.73
C VAL F 289 12.07 -18.40 -52.54
N ASN F 290 12.23 -17.36 -51.73
CA ASN F 290 11.08 -16.60 -51.22
C ASN F 290 10.42 -15.75 -52.31
N TYR F 291 11.22 -15.09 -53.15
CA TYR F 291 10.66 -14.15 -54.10
C TYR F 291 10.38 -14.84 -55.43
N ILE F 292 9.10 -14.87 -55.83
CA ILE F 292 8.70 -15.35 -57.14
C ILE F 292 8.77 -14.18 -58.12
N LEU F 293 9.41 -14.39 -59.27
CA LEU F 293 9.76 -13.31 -60.18
C LEU F 293 9.09 -13.52 -61.52
N ASN F 294 8.19 -12.61 -61.89
CA ASN F 294 7.38 -12.72 -63.09
C ASN F 294 7.59 -11.49 -63.96
N MET F 295 7.45 -11.66 -65.27
CA MET F 295 7.49 -10.53 -66.17
C MET F 295 6.59 -10.80 -67.37
N ASP F 296 6.11 -9.72 -67.98
CA ASP F 296 5.03 -9.81 -68.95
C ASP F 296 5.50 -9.76 -70.39
N ARG F 297 6.19 -8.70 -70.78
CA ARG F 297 6.55 -8.50 -72.17
C ARG F 297 7.92 -9.05 -72.47
N ASN F 298 8.10 -9.52 -73.70
CA ASN F 298 9.39 -9.97 -74.22
C ASN F 298 9.86 -9.00 -75.28
N LEU F 299 11.01 -8.40 -75.05
CA LEU F 299 11.50 -7.28 -75.85
C LEU F 299 12.03 -7.78 -77.19
N PRO F 300 11.87 -7.02 -78.27
CA PRO F 300 12.23 -7.50 -79.60
C PRO F 300 13.74 -7.49 -79.80
N SER F 301 14.14 -7.84 -81.02
CA SER F 301 15.55 -7.99 -81.34
C SER F 301 16.28 -6.66 -81.47
N THR F 302 15.56 -5.55 -81.66
CA THR F 302 16.17 -4.25 -81.87
C THR F 302 16.01 -3.32 -80.68
N ALA F 303 16.04 -3.87 -79.46
CA ALA F 303 15.98 -3.08 -78.25
C ALA F 303 17.36 -3.02 -77.62
N ARG F 304 17.79 -1.82 -77.23
CA ARG F 304 19.12 -1.62 -76.67
C ARG F 304 19.01 -0.94 -75.32
N TYR F 305 20.05 -1.09 -74.51
CA TYR F 305 20.09 -0.49 -73.19
C TYR F 305 21.50 -0.04 -72.89
N ILE F 306 21.63 0.95 -72.00
CA ILE F 306 22.91 1.59 -71.71
C ILE F 306 23.44 1.00 -70.41
N ARG F 307 24.56 0.29 -70.48
CA ARG F 307 25.08 -0.38 -69.31
C ARG F 307 25.87 0.60 -68.46
N PRO F 308 25.54 0.76 -67.17
CA PRO F 308 26.27 1.73 -66.35
C PRO F 308 27.54 1.13 -65.78
N ASN F 309 28.61 1.93 -65.76
CA ASN F 309 29.91 1.42 -65.32
C ASN F 309 29.96 1.38 -63.80
N LEU F 310 29.78 0.19 -63.26
CA LEU F 310 29.78 -0.08 -61.83
C LEU F 310 31.06 -0.82 -61.51
N LEU F 311 32.13 -0.06 -61.29
CA LEU F 311 33.39 -0.63 -60.88
C LEU F 311 33.82 0.09 -59.61
N GLN F 312 34.42 -0.65 -58.68
CA GLN F 312 34.55 -0.21 -57.30
C GLN F 312 35.47 1.00 -57.19
N ASP F 313 35.34 1.72 -56.07
CA ASP F 313 35.76 3.11 -55.99
C ASP F 313 37.27 3.25 -56.12
N ARG F 314 37.70 4.12 -57.03
CA ARG F 314 39.08 4.22 -57.44
C ARG F 314 39.86 5.26 -56.67
N LEU F 315 39.21 6.00 -55.78
CA LEU F 315 39.95 6.98 -54.98
C LEU F 315 40.41 6.42 -53.66
N ASN F 316 39.80 5.32 -53.20
CA ASN F 316 39.94 4.80 -51.84
C ASN F 316 39.67 5.88 -50.82
N LEU F 317 38.42 6.36 -50.81
CA LEU F 317 38.00 7.43 -49.92
C LEU F 317 37.91 7.00 -48.46
N HIS F 318 38.12 5.73 -48.14
CA HIS F 318 38.20 5.32 -46.76
C HIS F 318 39.62 5.34 -46.22
N ASP F 319 40.59 5.74 -47.03
CA ASP F 319 42.00 5.67 -46.70
C ASP F 319 42.53 7.10 -46.61
N ASN F 320 42.72 7.57 -45.39
CA ASN F 320 43.20 8.90 -44.97
C ASN F 320 42.21 10.02 -45.26
N PHE F 321 41.08 9.74 -45.92
CA PHE F 321 40.04 10.73 -46.12
C PHE F 321 38.98 10.49 -45.05
N GLU F 322 39.30 10.92 -43.84
CA GLU F 322 38.48 10.59 -42.69
C GLU F 322 37.20 11.41 -42.63
N SER F 323 37.21 12.63 -43.16
CA SER F 323 36.02 13.46 -43.08
C SER F 323 35.07 13.24 -44.25
N LEU F 324 35.59 12.86 -45.41
CA LEU F 324 34.70 12.56 -46.53
C LEU F 324 34.05 11.19 -46.37
N TRP F 325 34.72 10.25 -45.70
CA TRP F 325 34.09 8.98 -45.40
C TRP F 325 33.07 9.09 -44.27
N ASP F 326 33.10 10.17 -43.48
CA ASP F 326 32.08 10.33 -42.46
C ASP F 326 30.71 10.62 -43.07
N THR F 327 30.68 11.38 -44.17
CA THR F 327 29.42 11.76 -44.78
C THR F 327 29.11 11.01 -46.05
N ILE F 328 29.98 10.09 -46.49
CA ILE F 328 29.64 9.20 -47.59
C ILE F 328 29.08 7.89 -47.06
N THR F 329 29.20 7.65 -45.76
CA THR F 329 28.53 6.53 -45.12
C THR F 329 27.49 6.95 -44.09
N THR F 330 27.38 8.24 -43.76
CA THR F 330 26.14 8.74 -43.20
C THR F 330 25.04 8.68 -44.24
N SER F 331 25.40 8.99 -45.49
CA SER F 331 24.45 8.92 -46.59
C SER F 331 23.99 7.51 -46.89
N ASN F 332 24.86 6.52 -46.75
CA ASN F 332 24.45 5.13 -46.89
C ASN F 332 23.87 4.54 -45.62
N TYR F 333 23.91 5.26 -44.51
CA TYR F 333 23.23 4.79 -43.32
C TYR F 333 21.78 5.23 -43.32
N ILE F 334 21.49 6.43 -43.83
CA ILE F 334 20.12 6.91 -43.86
C ILE F 334 19.33 6.19 -44.95
N LEU F 335 19.98 5.89 -46.08
CA LEU F 335 19.29 5.22 -47.17
C LEU F 335 18.97 3.77 -46.81
N ALA F 336 19.89 3.08 -46.14
CA ALA F 336 19.60 1.71 -45.72
C ALA F 336 18.62 1.67 -44.57
N ARG F 337 18.47 2.77 -43.83
CA ARG F 337 17.52 2.82 -42.74
C ARG F 337 16.09 2.95 -43.25
N SER F 338 15.91 3.48 -44.45
CA SER F 338 14.59 3.66 -45.03
C SER F 338 14.15 2.48 -45.86
N VAL F 339 14.89 1.38 -45.83
CA VAL F 339 14.60 0.21 -46.64
C VAL F 339 14.32 -1.02 -45.77
N VAL F 340 15.09 -1.19 -44.70
CA VAL F 340 14.97 -2.29 -43.74
C VAL F 340 13.56 -2.34 -43.17
N PRO F 341 12.86 -3.46 -43.32
CA PRO F 341 11.43 -3.48 -43.03
C PRO F 341 11.16 -3.43 -41.54
N ASP F 342 10.07 -2.77 -41.20
CA ASP F 342 9.77 -2.44 -39.82
C ASP F 342 8.88 -3.49 -39.19
N LEU F 343 9.10 -3.71 -37.90
CA LEU F 343 8.44 -4.78 -37.16
C LEU F 343 6.97 -4.46 -36.96
N LYS F 344 6.12 -5.22 -37.62
CA LYS F 344 4.72 -5.30 -37.23
C LYS F 344 4.53 -6.51 -36.34
N GLU F 345 3.42 -6.49 -35.58
CA GLU F 345 2.98 -7.58 -34.71
C GLU F 345 4.05 -7.90 -33.66
N LEU F 346 4.22 -6.93 -32.79
CA LEU F 346 4.98 -7.11 -31.57
C LEU F 346 4.03 -7.50 -30.43
N VAL F 347 4.59 -8.15 -29.41
CA VAL F 347 3.86 -8.35 -28.18
C VAL F 347 3.64 -6.99 -27.53
N SER F 348 2.40 -6.71 -27.14
CA SER F 348 2.05 -5.41 -26.59
C SER F 348 2.77 -5.18 -25.26
N THR F 349 3.32 -3.98 -25.09
CA THR F 349 4.16 -3.75 -23.93
C THR F 349 3.37 -3.54 -22.64
N GLU F 350 2.05 -3.38 -22.72
CA GLU F 350 1.25 -3.45 -21.51
C GLU F 350 1.14 -4.89 -21.03
N ALA F 351 0.94 -5.83 -21.95
CA ALA F 351 0.91 -7.25 -21.62
C ALA F 351 2.29 -7.86 -21.53
N GLN F 352 3.36 -7.07 -21.63
CA GLN F 352 4.72 -7.56 -21.48
C GLN F 352 5.45 -6.96 -20.30
N ILE F 353 5.16 -5.71 -19.94
CA ILE F 353 5.69 -5.16 -18.69
C ILE F 353 4.95 -5.77 -17.49
N GLN F 354 3.64 -5.93 -17.61
CA GLN F 354 2.85 -6.51 -16.52
C GLN F 354 3.09 -8.01 -16.35
N LYS F 355 3.74 -8.67 -17.31
CA LYS F 355 4.26 -10.01 -17.07
C LYS F 355 5.71 -9.97 -16.61
N MET F 356 6.40 -8.86 -16.85
CA MET F 356 7.75 -8.69 -16.37
C MET F 356 7.78 -8.19 -14.93
N SER F 357 6.63 -7.77 -14.40
CA SER F 357 6.52 -7.44 -12.99
C SER F 357 6.08 -8.64 -12.16
N GLN F 358 5.24 -9.52 -12.72
CA GLN F 358 4.89 -10.76 -12.05
C GLN F 358 6.06 -11.73 -11.97
N ASP F 359 7.08 -11.55 -12.80
CA ASP F 359 8.22 -12.45 -12.82
C ASP F 359 9.35 -11.94 -11.93
N LEU F 360 9.64 -10.65 -11.98
CA LEU F 360 10.71 -10.09 -11.15
C LEU F 360 10.29 -9.90 -9.70
N GLN F 361 9.01 -10.13 -9.39
CA GLN F 361 8.42 -9.95 -8.06
C GLN F 361 8.62 -8.52 -7.56
N LEU F 362 8.45 -7.56 -8.46
CA LEU F 362 8.46 -6.16 -8.12
C LEU F 362 7.02 -5.65 -8.08
N GLU F 363 6.67 -4.96 -7.00
CA GLU F 363 5.53 -4.06 -7.09
C GLU F 363 6.07 -2.85 -7.85
N ALA F 364 5.89 -2.91 -9.17
CA ALA F 364 6.32 -1.84 -10.07
C ALA F 364 5.12 -1.55 -10.95
N LEU F 365 4.58 -0.36 -10.82
CA LEU F 365 3.40 -0.01 -11.58
C LEU F 365 3.79 0.26 -13.04
N THR F 366 2.78 0.55 -13.86
CA THR F 366 3.07 0.89 -15.24
C THR F 366 3.72 2.26 -15.36
N ILE F 367 3.49 3.15 -14.38
CA ILE F 367 3.97 4.53 -14.48
C ILE F 367 5.15 4.79 -13.54
N GLN F 368 5.51 3.85 -12.69
CA GLN F 368 6.67 4.01 -11.81
C GLN F 368 7.96 4.00 -12.63
N SER F 369 8.84 4.96 -12.35
CA SER F 369 10.16 5.02 -12.97
C SER F 369 11.05 3.95 -12.36
N GLU F 370 10.92 2.72 -12.86
CA GLU F 370 11.69 1.59 -12.37
C GLU F 370 13.01 1.57 -13.12
N THR F 371 13.99 2.29 -12.60
CA THR F 371 15.27 2.45 -13.26
C THR F 371 16.18 1.25 -13.12
N GLN F 372 15.77 0.22 -12.39
CA GLN F 372 16.63 -0.94 -12.23
C GLN F 372 16.41 -1.99 -13.32
N PHE F 373 15.16 -2.19 -13.73
CA PHE F 373 14.90 -3.19 -14.76
C PHE F 373 14.02 -2.70 -15.89
N LEU F 374 13.00 -1.90 -15.60
CA LEU F 374 11.88 -1.72 -16.52
C LEU F 374 11.85 -0.38 -17.21
N THR F 375 12.93 0.40 -17.15
CA THR F 375 12.91 1.70 -17.80
C THR F 375 12.99 1.53 -19.32
N GLY F 376 12.25 2.37 -20.02
CA GLY F 376 12.36 2.51 -21.46
C GLY F 376 11.99 1.31 -22.29
N ILE F 377 11.12 0.44 -21.80
CA ILE F 377 10.63 -0.69 -22.62
C ILE F 377 9.42 -0.15 -23.38
N ASN F 378 9.71 0.50 -24.50
CA ASN F 378 8.72 1.09 -25.37
C ASN F 378 8.36 0.10 -26.47
N SER F 379 7.71 0.59 -27.52
CA SER F 379 7.69 -0.09 -28.80
C SER F 379 8.21 0.75 -29.93
N GLN F 380 8.34 2.07 -29.74
CA GLN F 380 9.03 2.93 -30.70
C GLN F 380 10.50 2.62 -30.73
N ALA F 381 11.07 2.22 -29.58
CA ALA F 381 12.45 1.80 -29.48
C ALA F 381 12.61 0.30 -29.60
N ALA F 382 11.65 -0.38 -30.23
CA ALA F 382 11.79 -1.77 -30.60
C ALA F 382 12.03 -1.91 -32.08
N ASN F 383 11.24 -1.21 -32.89
CA ASN F 383 11.54 -1.07 -34.31
C ASN F 383 12.80 -0.27 -34.53
N ASP F 384 13.14 0.64 -33.62
CA ASP F 384 14.31 1.48 -33.81
C ASP F 384 15.60 0.68 -33.66
N CYS F 385 15.64 -0.25 -32.70
CA CYS F 385 16.85 -1.06 -32.52
C CYS F 385 16.99 -2.09 -33.62
N PHE F 386 15.88 -2.54 -34.20
CA PHE F 386 15.96 -3.39 -35.38
C PHE F 386 16.52 -2.64 -36.57
N LYS F 387 16.24 -1.35 -36.68
CA LYS F 387 16.67 -0.61 -37.86
C LYS F 387 18.12 -0.18 -37.76
N THR F 388 18.56 0.28 -36.59
CA THR F 388 19.93 0.74 -36.44
C THR F 388 20.90 -0.40 -36.12
N LEU F 389 20.42 -1.64 -36.11
CA LEU F 389 21.31 -2.80 -36.14
C LEU F 389 21.49 -3.36 -37.53
N ILE F 390 20.47 -3.29 -38.37
CA ILE F 390 20.59 -3.75 -39.74
C ILE F 390 21.25 -2.70 -40.61
N ALA F 391 20.80 -1.45 -40.51
CA ALA F 391 21.31 -0.42 -41.39
C ALA F 391 22.66 0.12 -40.97
N ALA F 392 23.09 -0.12 -39.75
CA ALA F 392 24.48 0.20 -39.43
C ALA F 392 25.43 -0.86 -39.96
N MET F 393 24.98 -2.10 -40.08
CA MET F 393 25.83 -3.14 -40.66
C MET F 393 25.96 -2.99 -42.16
N LEU F 394 24.91 -2.50 -42.84
CA LEU F 394 24.95 -2.37 -44.28
C LEU F 394 25.76 -1.19 -44.75
N SER F 395 26.00 -0.20 -43.89
CA SER F 395 26.78 0.95 -44.25
C SER F 395 28.14 1.01 -43.57
N GLN F 396 28.42 0.07 -42.66
CA GLN F 396 29.62 0.04 -41.82
C GLN F 396 29.78 1.33 -41.03
N ARG F 397 28.68 1.81 -40.47
CA ARG F 397 28.65 2.99 -39.62
C ARG F 397 28.71 2.51 -38.17
N THR F 398 29.82 2.80 -37.49
CA THR F 398 30.08 2.20 -36.18
C THR F 398 29.19 2.82 -35.12
N MET F 399 28.58 1.98 -34.29
CA MET F 399 27.65 2.46 -33.27
C MET F 399 28.41 2.94 -32.05
N SER F 400 27.68 3.28 -31.01
CA SER F 400 28.26 3.74 -29.76
C SER F 400 27.21 3.51 -28.69
N LEU F 401 27.45 2.59 -27.77
CA LEU F 401 26.43 2.22 -26.82
C LEU F 401 26.21 3.32 -25.78
N ASP F 402 24.96 3.49 -25.37
CA ASP F 402 24.60 4.45 -24.34
C ASP F 402 23.64 3.75 -23.40
N PHE F 403 23.95 3.75 -22.11
CA PHE F 403 23.21 2.98 -21.13
C PHE F 403 23.47 3.57 -19.75
N VAL F 404 22.84 2.98 -18.74
CA VAL F 404 23.06 3.33 -17.34
C VAL F 404 23.55 2.07 -16.66
N THR F 405 24.57 2.20 -15.80
CA THR F 405 25.20 1.03 -15.19
C THR F 405 24.27 0.35 -14.19
N THR F 406 23.43 1.12 -13.51
CA THR F 406 22.57 0.56 -12.47
C THR F 406 21.29 -0.04 -13.02
N ASN F 407 21.19 -0.24 -14.33
CA ASN F 407 20.01 -0.81 -14.98
C ASN F 407 20.40 -2.23 -15.40
N TYR F 408 20.08 -3.21 -14.54
CA TYR F 408 20.61 -4.56 -14.72
C TYR F 408 19.96 -5.29 -15.88
N MET F 409 18.80 -4.86 -16.36
CA MET F 409 18.20 -5.52 -17.50
C MET F 409 18.87 -5.11 -18.81
N SER F 410 19.38 -3.88 -18.88
CA SER F 410 20.09 -3.48 -20.09
C SER F 410 21.48 -4.07 -20.18
N LEU F 411 21.95 -4.70 -19.13
CA LEU F 411 23.21 -5.44 -19.16
C LEU F 411 23.01 -6.92 -19.43
N ILE F 412 21.85 -7.46 -19.05
CA ILE F 412 21.50 -8.82 -19.44
C ILE F 412 21.23 -8.88 -20.94
N SER F 413 20.39 -7.99 -21.44
CA SER F 413 20.13 -7.90 -22.87
C SER F 413 21.26 -7.23 -23.62
N GLY F 414 22.21 -6.62 -22.93
CA GLY F 414 23.44 -6.19 -23.57
C GLY F 414 24.40 -7.31 -23.86
N MET F 415 24.23 -8.46 -23.20
CA MET F 415 25.01 -9.66 -23.52
C MET F 415 24.59 -10.28 -24.84
N TRP F 416 23.46 -9.85 -25.40
CA TRP F 416 23.00 -10.38 -26.67
C TRP F 416 23.53 -9.62 -27.88
N LEU F 417 23.87 -8.33 -27.73
CA LEU F 417 24.47 -7.61 -28.85
C LEU F 417 25.85 -8.14 -29.18
N LEU F 418 26.67 -8.36 -28.16
CA LEU F 418 28.05 -8.74 -28.41
C LEU F 418 28.17 -10.16 -28.91
N THR F 419 27.18 -11.00 -28.66
CA THR F 419 27.17 -12.36 -29.18
C THR F 419 26.53 -12.46 -30.55
N VAL F 420 26.02 -11.35 -31.10
CA VAL F 420 25.46 -11.36 -32.45
C VAL F 420 26.26 -10.40 -33.34
N VAL F 421 26.30 -9.13 -32.98
CA VAL F 421 27.01 -8.13 -33.77
C VAL F 421 28.50 -8.23 -33.46
N PRO F 422 29.37 -8.26 -34.47
CA PRO F 422 30.81 -8.35 -34.20
C PRO F 422 31.35 -7.12 -33.52
N ASN F 423 32.18 -7.35 -32.49
CA ASN F 423 32.65 -6.28 -31.60
C ASN F 423 33.70 -5.38 -32.23
N ASP F 424 34.09 -5.60 -33.49
CA ASP F 424 34.91 -4.63 -34.19
C ASP F 424 34.09 -3.49 -34.77
N MET F 425 32.81 -3.41 -34.41
CA MET F 425 31.88 -2.46 -34.96
C MET F 425 31.34 -1.49 -33.93
N PHE F 426 31.33 -1.85 -32.65
CA PHE F 426 31.09 -0.85 -31.63
C PHE F 426 32.36 -0.05 -31.39
N ILE F 427 32.19 1.21 -31.00
CA ILE F 427 33.35 2.05 -30.78
C ILE F 427 34.03 1.62 -29.48
N ARG F 428 35.36 1.71 -29.45
CA ARG F 428 36.12 1.02 -28.43
C ARG F 428 36.02 1.66 -27.06
N GLU F 429 35.81 2.97 -26.98
CA GLU F 429 35.63 3.60 -25.68
C GLU F 429 34.25 3.33 -25.10
N SER F 430 33.33 2.74 -25.87
CA SER F 430 32.01 2.37 -25.39
C SER F 430 31.74 0.87 -25.46
N LEU F 431 32.56 0.11 -26.17
CA LEU F 431 32.51 -1.33 -26.06
C LEU F 431 33.14 -1.80 -24.76
N VAL F 432 34.28 -1.20 -24.40
CA VAL F 432 35.01 -1.56 -23.21
C VAL F 432 34.23 -1.20 -21.95
N ALA F 433 33.55 -0.06 -21.95
CA ALA F 433 32.74 0.30 -20.79
C ALA F 433 31.43 -0.47 -20.71
N CYS F 434 31.07 -1.27 -21.72
CA CYS F 434 29.93 -2.16 -21.64
C CYS F 434 30.34 -3.60 -21.37
N GLN F 435 31.49 -4.03 -21.89
CA GLN F 435 31.98 -5.36 -21.53
C GLN F 435 32.45 -5.40 -20.08
N LEU F 436 32.98 -4.29 -19.57
CA LEU F 436 33.40 -4.25 -18.17
C LEU F 436 32.20 -4.20 -17.23
N ALA F 437 31.13 -3.52 -17.63
CA ALA F 437 29.97 -3.42 -16.76
C ALA F 437 29.23 -4.74 -16.64
N ILE F 438 29.35 -5.62 -17.64
CA ILE F 438 28.77 -6.95 -17.53
C ILE F 438 29.61 -7.81 -16.60
N ILE F 439 30.94 -7.67 -16.67
CA ILE F 439 31.84 -8.51 -15.89
C ILE F 439 31.74 -8.19 -14.40
N ASN F 440 31.82 -6.92 -14.04
CA ASN F 440 31.81 -6.54 -12.65
C ASN F 440 30.43 -6.56 -12.00
N THR F 441 29.39 -6.97 -12.71
CA THR F 441 28.04 -7.03 -12.15
C THR F 441 27.46 -8.43 -12.19
N ILE F 442 27.57 -9.12 -13.32
CA ILE F 442 26.82 -10.35 -13.56
C ILE F 442 27.71 -11.58 -13.55
N ILE F 443 28.92 -11.49 -14.09
CA ILE F 443 29.78 -12.67 -14.23
C ILE F 443 30.75 -12.81 -13.08
N TYR F 444 31.42 -11.74 -12.67
CA TYR F 444 32.35 -11.89 -11.55
C TYR F 444 31.70 -11.97 -10.18
N PRO F 445 30.54 -11.35 -9.89
CA PRO F 445 29.79 -11.78 -8.71
C PRO F 445 29.13 -13.15 -8.83
N ALA F 446 29.23 -13.83 -9.97
CA ALA F 446 28.68 -15.18 -10.02
C ALA F 446 29.63 -16.19 -9.40
N PHE F 447 30.89 -16.15 -9.80
CA PHE F 447 31.88 -17.07 -9.29
C PHE F 447 32.60 -16.53 -8.07
N GLY F 448 32.15 -15.37 -7.56
CA GLY F 448 32.63 -14.87 -6.30
C GLY F 448 34.04 -14.32 -6.31
N MET F 449 34.67 -14.20 -7.46
CA MET F 449 36.03 -13.69 -7.52
C MET F 449 36.03 -12.18 -7.32
N GLN F 450 37.23 -11.61 -7.26
CA GLN F 450 37.38 -10.19 -7.04
C GLN F 450 36.89 -9.41 -8.26
N ARG F 451 36.26 -8.27 -8.01
CA ARG F 451 35.81 -7.41 -9.10
C ARG F 451 37.03 -6.89 -9.87
N MET F 452 36.81 -6.60 -11.15
CA MET F 452 37.92 -6.50 -12.08
C MET F 452 38.71 -5.22 -11.87
N HIS F 453 40.04 -5.37 -11.76
CA HIS F 453 40.93 -4.22 -11.61
C HIS F 453 41.37 -3.76 -13.00
N TYR F 454 40.44 -3.10 -13.68
CA TYR F 454 40.64 -2.70 -15.06
C TYR F 454 41.01 -1.23 -15.12
N ARG F 455 42.09 -0.92 -15.83
CA ARG F 455 42.55 0.44 -16.02
C ARG F 455 42.22 0.91 -17.42
N ASN F 456 42.19 2.23 -17.60
CA ASN F 456 41.82 2.82 -18.88
C ASN F 456 42.90 2.54 -19.92
N GLY F 457 42.45 2.23 -21.14
CA GLY F 457 43.36 2.07 -22.24
C GLY F 457 44.20 0.80 -22.24
N ASP F 458 43.86 -0.16 -21.40
CA ASP F 458 44.51 -1.47 -21.43
C ASP F 458 44.21 -2.14 -22.77
N PRO F 459 45.22 -2.58 -23.53
CA PRO F 459 44.97 -3.08 -24.89
C PRO F 459 44.23 -4.41 -25.00
N GLN F 460 43.74 -4.96 -23.90
CA GLN F 460 42.86 -6.11 -23.92
C GLN F 460 41.48 -5.70 -23.41
N THR F 461 40.45 -6.06 -24.16
CA THR F 461 39.08 -5.79 -23.76
C THR F 461 38.73 -6.65 -22.54
N PRO F 462 37.79 -6.19 -21.70
CA PRO F 462 37.50 -6.93 -20.46
C PRO F 462 36.82 -8.28 -20.66
N PHE F 463 36.31 -8.61 -21.84
CA PHE F 463 35.99 -10.00 -22.11
C PHE F 463 37.20 -10.79 -22.54
N GLN F 464 38.20 -10.13 -23.12
CA GLN F 464 39.41 -10.81 -23.54
C GLN F 464 40.31 -11.14 -22.36
N ILE F 465 40.09 -10.50 -21.22
CA ILE F 465 40.82 -10.83 -20.00
C ILE F 465 40.07 -11.88 -19.21
N ALA F 466 38.78 -11.70 -19.02
CA ALA F 466 37.97 -12.58 -18.18
C ALA F 466 37.63 -13.91 -18.85
N GLU F 467 38.23 -14.26 -19.98
CA GLU F 467 38.21 -15.65 -20.42
C GLU F 467 39.45 -16.41 -20.01
N GLN F 468 40.50 -15.71 -19.57
CA GLN F 468 41.66 -16.35 -18.99
C GLN F 468 41.54 -16.44 -17.47
N GLN F 469 40.96 -15.42 -16.86
CA GLN F 469 40.81 -15.36 -15.42
C GLN F 469 39.63 -16.19 -14.92
N ILE F 470 38.84 -16.77 -15.80
CA ILE F 470 37.68 -17.53 -15.40
C ILE F 470 37.98 -19.01 -15.55
N GLN F 471 37.26 -19.84 -14.80
CA GLN F 471 37.53 -21.27 -14.74
C GLN F 471 36.39 -22.13 -15.26
N ASN F 472 35.23 -21.54 -15.53
CA ASN F 472 34.09 -22.31 -16.01
C ASN F 472 34.29 -22.70 -17.47
N PHE F 473 33.42 -23.57 -17.97
CA PHE F 473 33.49 -24.01 -19.36
C PHE F 473 32.35 -23.49 -20.21
N GLN F 474 31.15 -23.38 -19.66
CA GLN F 474 30.04 -22.89 -20.47
C GLN F 474 30.10 -21.38 -20.67
N VAL F 475 30.67 -20.64 -19.71
CA VAL F 475 30.78 -19.19 -19.82
C VAL F 475 32.22 -18.77 -20.14
N ALA F 476 33.07 -19.70 -20.53
CA ALA F 476 34.29 -19.39 -21.24
C ALA F 476 34.28 -19.95 -22.65
N ASN F 477 33.20 -20.63 -23.04
CA ASN F 477 32.95 -20.98 -24.43
C ASN F 477 32.13 -19.92 -25.13
N TRP F 478 31.18 -19.30 -24.43
CA TRP F 478 30.48 -18.16 -25.00
C TRP F 478 31.38 -16.94 -25.02
N LEU F 479 32.14 -16.73 -23.96
CA LEU F 479 32.99 -15.56 -23.82
C LEU F 479 34.19 -15.61 -24.75
N HIS F 480 34.46 -16.75 -25.36
CA HIS F 480 35.43 -16.83 -26.43
C HIS F 480 34.83 -16.53 -27.78
N PHE F 481 33.53 -16.78 -27.96
CA PHE F 481 32.89 -16.38 -29.21
C PHE F 481 32.79 -14.87 -29.32
N VAL F 482 32.59 -14.17 -28.20
CA VAL F 482 32.47 -12.73 -28.24
C VAL F 482 33.81 -12.08 -28.57
N ASN F 483 34.90 -12.63 -28.02
CA ASN F 483 36.22 -12.12 -28.35
C ASN F 483 36.68 -12.52 -29.74
N ASN F 484 36.01 -13.45 -30.40
CA ASN F 484 36.39 -13.90 -31.73
C ASN F 484 35.19 -13.92 -32.66
N ASN F 485 34.42 -12.85 -32.62
CA ASN F 485 33.32 -12.65 -33.56
C ASN F 485 33.73 -11.53 -34.51
N GLN F 486 33.85 -11.86 -35.78
CA GLN F 486 34.29 -10.87 -36.76
C GLN F 486 33.57 -11.08 -38.07
N PHE F 487 33.41 -9.99 -38.81
CA PHE F 487 32.90 -10.05 -40.16
C PHE F 487 33.90 -10.77 -41.05
N ARG F 488 33.39 -11.52 -42.02
CA ARG F 488 34.24 -12.32 -42.90
C ARG F 488 34.19 -11.69 -44.29
N GLN F 489 35.30 -11.08 -44.70
CA GLN F 489 35.34 -10.34 -45.96
C GLN F 489 35.44 -11.30 -47.13
N VAL F 490 34.36 -11.43 -47.88
CA VAL F 490 34.34 -12.24 -49.09
C VAL F 490 33.90 -11.37 -50.26
N VAL F 491 34.54 -11.55 -51.40
CA VAL F 491 34.19 -10.82 -52.61
C VAL F 491 33.17 -11.65 -53.35
N ILE F 492 31.91 -11.23 -53.35
CA ILE F 492 30.84 -11.97 -53.99
C ILE F 492 30.25 -11.14 -55.12
N ASP F 493 30.23 -11.71 -56.32
CA ASP F 493 29.60 -11.13 -57.52
C ASP F 493 30.21 -9.78 -57.89
N GLY F 494 31.51 -9.61 -57.69
CA GLY F 494 32.19 -8.40 -58.07
C GLY F 494 32.34 -7.39 -56.96
N VAL F 495 31.47 -7.40 -55.96
CA VAL F 495 31.58 -6.47 -54.84
C VAL F 495 32.09 -7.23 -53.63
N LEU F 496 32.72 -6.50 -52.73
CA LEU F 496 33.15 -7.04 -51.45
C LEU F 496 32.10 -6.67 -50.43
N ASN F 497 31.42 -7.67 -49.89
CA ASN F 497 30.51 -7.44 -48.77
C ASN F 497 30.85 -8.42 -47.67
N GLN F 498 30.54 -8.02 -46.45
CA GLN F 498 31.08 -8.65 -45.26
C GLN F 498 29.98 -9.48 -44.60
N VAL F 499 29.99 -10.78 -44.89
CA VAL F 499 28.96 -11.65 -44.35
C VAL F 499 29.22 -11.92 -42.87
N LEU F 500 28.20 -12.37 -42.19
CA LEU F 500 28.31 -12.77 -40.80
C LEU F 500 28.89 -14.18 -40.71
N ASN F 501 29.15 -14.62 -39.49
CA ASN F 501 29.50 -16.02 -39.28
C ASN F 501 28.28 -16.90 -39.52
N ASP F 502 28.51 -18.16 -39.86
CA ASP F 502 27.40 -19.07 -40.11
C ASP F 502 26.69 -19.49 -38.84
N ASN F 503 27.34 -19.35 -37.68
CA ASN F 503 26.68 -19.66 -36.43
C ASN F 503 25.86 -18.49 -35.89
N ILE F 504 25.81 -17.36 -36.59
CA ILE F 504 24.93 -16.26 -36.20
C ILE F 504 23.75 -16.24 -37.15
N ARG F 505 23.93 -16.75 -38.36
CA ARG F 505 22.80 -16.93 -39.25
C ARG F 505 21.87 -18.04 -38.76
N ASN F 506 22.43 -19.10 -38.16
CA ASN F 506 21.61 -20.19 -37.68
C ASN F 506 20.82 -19.81 -36.45
N GLY F 507 21.33 -18.88 -35.67
CA GLY F 507 20.81 -18.67 -34.35
C GLY F 507 21.44 -19.56 -33.30
N HIS F 508 22.36 -20.44 -33.70
CA HIS F 508 23.00 -21.36 -32.77
C HIS F 508 23.89 -20.66 -31.77
N VAL F 509 24.26 -19.40 -32.01
CA VAL F 509 25.07 -18.67 -31.06
C VAL F 509 24.26 -18.33 -29.81
N VAL F 510 22.93 -18.21 -29.93
CA VAL F 510 22.09 -18.05 -28.75
C VAL F 510 22.08 -19.35 -27.96
N ASN F 511 22.12 -20.49 -28.64
CA ASN F 511 22.27 -21.77 -27.95
C ASN F 511 23.65 -21.97 -27.36
N GLN F 512 24.63 -21.13 -27.69
CA GLN F 512 25.86 -21.01 -26.91
C GLN F 512 25.75 -20.00 -25.80
N LEU F 513 24.68 -19.20 -25.78
CA LEU F 513 24.49 -18.17 -24.76
C LEU F 513 23.50 -18.60 -23.70
N MET F 514 22.36 -19.19 -24.08
CA MET F 514 21.39 -19.65 -23.11
C MET F 514 21.76 -20.98 -22.50
N GLU F 515 22.89 -21.56 -22.92
CA GLU F 515 23.58 -22.60 -22.19
C GLU F 515 24.62 -22.01 -21.25
N ALA F 516 25.12 -20.81 -21.57
CA ALA F 516 26.06 -20.12 -20.69
C ALA F 516 25.33 -19.46 -19.52
N LEU F 517 24.39 -18.56 -19.81
CA LEU F 517 23.73 -17.84 -18.71
C LEU F 517 22.60 -18.64 -18.07
N MET F 518 22.38 -19.89 -18.47
CA MET F 518 21.58 -20.77 -17.64
C MET F 518 22.42 -21.32 -16.50
N GLN F 519 23.69 -21.62 -16.77
CA GLN F 519 24.59 -22.08 -15.74
C GLN F 519 24.97 -20.96 -14.78
N LEU F 520 24.90 -19.72 -15.25
CA LEU F 520 25.27 -18.59 -14.41
C LEU F 520 24.19 -18.27 -13.39
N SER F 521 22.95 -18.70 -13.63
CA SER F 521 21.91 -18.57 -12.63
C SER F 521 21.91 -19.71 -11.62
N ARG F 522 22.79 -20.69 -11.77
CA ARG F 522 22.91 -21.78 -10.80
C ARG F 522 23.99 -21.53 -9.77
N GLN F 523 24.76 -20.46 -9.89
CA GLN F 523 25.79 -20.18 -8.92
C GLN F 523 25.20 -19.62 -7.63
N GLN F 524 26.02 -19.59 -6.59
CA GLN F 524 25.55 -19.24 -5.27
C GLN F 524 25.69 -17.77 -4.93
N PHE F 525 26.56 -17.05 -5.66
CA PHE F 525 26.97 -15.66 -5.44
C PHE F 525 27.47 -15.50 -4.01
N PRO F 526 28.67 -15.96 -3.68
CA PRO F 526 29.07 -16.00 -2.26
C PRO F 526 29.30 -14.63 -1.64
N THR F 527 29.95 -13.71 -2.33
CA THR F 527 30.27 -12.43 -1.73
C THR F 527 29.12 -11.44 -1.73
N MET F 528 28.10 -11.68 -2.54
CA MET F 528 26.94 -10.80 -2.67
C MET F 528 25.84 -11.24 -1.71
N PRO F 529 24.91 -10.32 -1.35
CA PRO F 529 23.82 -10.72 -0.45
C PRO F 529 22.80 -11.64 -1.09
N VAL F 530 21.77 -12.00 -0.33
CA VAL F 530 20.70 -12.84 -0.86
C VAL F 530 19.85 -12.04 -1.85
N ASP F 531 19.64 -10.75 -1.57
CA ASP F 531 18.77 -9.96 -2.43
C ASP F 531 19.45 -9.59 -3.75
N TYR F 532 20.76 -9.39 -3.75
CA TYR F 532 21.45 -9.11 -5.00
C TYR F 532 21.49 -10.33 -5.91
N LYS F 533 21.45 -11.53 -5.33
CA LYS F 533 21.37 -12.73 -6.15
C LYS F 533 19.98 -12.85 -6.77
N ARG F 534 18.95 -12.87 -5.93
CA ARG F 534 17.58 -13.06 -6.40
C ARG F 534 17.05 -11.88 -7.20
N SER F 535 17.76 -10.75 -7.23
CA SER F 535 17.41 -9.69 -8.18
C SER F 535 17.89 -10.03 -9.58
N ILE F 536 19.09 -10.58 -9.70
CA ILE F 536 19.70 -10.77 -11.02
C ILE F 536 19.76 -12.25 -11.43
N GLN F 537 19.49 -13.17 -10.50
CA GLN F 537 19.13 -14.53 -10.91
C GLN F 537 17.72 -14.57 -11.45
N ARG F 538 16.87 -13.61 -11.07
CA ARG F 538 15.57 -13.45 -11.69
C ARG F 538 15.65 -12.65 -12.98
N GLY F 539 16.59 -11.71 -13.06
CA GLY F 539 16.70 -10.90 -14.26
C GLY F 539 17.33 -11.65 -15.42
N ILE F 540 18.26 -12.56 -15.12
CA ILE F 540 18.91 -13.36 -16.15
C ILE F 540 18.04 -14.53 -16.60
N LEU F 541 16.94 -14.78 -15.89
CA LEU F 541 15.99 -15.81 -16.24
C LEU F 541 14.84 -15.27 -17.07
N LEU F 542 14.67 -13.95 -17.11
CA LEU F 542 13.75 -13.35 -18.07
C LEU F 542 14.22 -13.53 -19.49
N LEU F 543 15.53 -13.65 -19.70
CA LEU F 543 16.10 -13.83 -21.02
C LEU F 543 16.24 -15.30 -21.40
N SER F 544 16.48 -16.17 -20.42
CA SER F 544 16.55 -17.59 -20.73
C SER F 544 15.18 -18.20 -20.96
N ASN F 545 14.10 -17.53 -20.54
CA ASN F 545 12.76 -17.95 -20.92
C ASN F 545 12.41 -17.51 -22.32
N ARG F 546 13.12 -16.54 -22.88
CA ARG F 546 12.92 -16.09 -24.25
C ARG F 546 13.91 -16.74 -25.20
N LEU F 547 14.41 -17.93 -24.87
CA LEU F 547 15.30 -18.65 -25.76
C LEU F 547 14.61 -19.08 -27.04
N GLY F 548 13.29 -19.26 -27.01
CA GLY F 548 12.56 -19.57 -28.22
C GLY F 548 12.51 -18.40 -29.17
N GLN F 549 12.33 -17.19 -28.65
CA GLN F 549 12.20 -16.01 -29.49
C GLN F 549 13.54 -15.37 -29.85
N LEU F 550 14.58 -15.58 -29.05
CA LEU F 550 15.87 -15.00 -29.40
C LEU F 550 16.63 -15.83 -30.43
N VAL F 551 16.34 -17.13 -30.52
CA VAL F 551 16.90 -17.92 -31.62
C VAL F 551 16.12 -17.67 -32.90
N ASP F 552 14.96 -17.03 -32.81
CA ASP F 552 14.25 -16.58 -33.99
C ASP F 552 14.54 -15.14 -34.33
N LEU F 553 15.06 -14.37 -33.39
CA LEU F 553 15.44 -12.99 -33.67
C LEU F 553 16.82 -12.91 -34.31
N THR F 554 17.73 -13.80 -33.93
CA THR F 554 19.04 -13.84 -34.55
C THR F 554 18.96 -14.34 -35.98
N ARG F 555 17.98 -15.21 -36.28
CA ARG F 555 17.76 -15.63 -37.66
C ARG F 555 17.09 -14.55 -38.48
N LEU F 556 16.31 -13.68 -37.85
CA LEU F 556 15.63 -12.63 -38.59
C LEU F 556 16.58 -11.51 -38.98
N LEU F 557 17.40 -11.03 -38.02
CA LEU F 557 18.38 -10.00 -38.31
C LEU F 557 19.41 -10.47 -39.32
N ALA F 558 19.88 -11.70 -39.19
CA ALA F 558 20.89 -12.18 -40.11
C ALA F 558 20.30 -12.54 -41.46
N TYR F 559 18.98 -12.68 -41.60
CA TYR F 559 18.39 -12.84 -42.92
C TYR F 559 17.98 -11.52 -43.53
N ASN F 560 17.44 -10.60 -42.74
CA ASN F 560 17.17 -9.26 -43.22
C ASN F 560 18.44 -8.51 -43.56
N TYR F 561 19.58 -8.89 -43.00
CA TYR F 561 20.82 -8.29 -43.44
C TYR F 561 21.37 -8.98 -44.68
N GLU F 562 21.04 -10.26 -44.92
CA GLU F 562 21.51 -10.93 -46.14
C GLU F 562 20.88 -10.35 -47.39
N THR F 563 19.55 -10.26 -47.43
CA THR F 563 18.90 -9.88 -48.68
C THR F 563 19.05 -8.40 -48.98
N LEU F 564 19.21 -7.56 -47.96
CA LEU F 564 19.55 -6.17 -48.22
C LEU F 564 21.00 -6.00 -48.63
N MET F 565 21.87 -6.93 -48.26
CA MET F 565 23.27 -6.87 -48.67
C MET F 565 23.42 -7.16 -50.15
N ALA F 566 22.48 -7.89 -50.74
CA ALA F 566 22.56 -8.22 -52.15
C ALA F 566 22.27 -7.04 -53.04
N CYS F 567 21.58 -6.03 -52.53
CA CYS F 567 21.12 -4.91 -53.32
C CYS F 567 22.07 -3.74 -53.32
N ILE F 568 23.27 -3.88 -52.79
CA ILE F 568 24.23 -2.80 -52.82
C ILE F 568 25.26 -3.10 -53.89
N THR F 569 25.94 -2.05 -54.36
CA THR F 569 26.95 -2.23 -55.39
C THR F 569 28.27 -1.56 -55.09
N MET F 570 28.32 -0.59 -54.19
CA MET F 570 29.60 0.00 -53.83
C MET F 570 30.34 -0.95 -52.91
N ASN F 571 31.66 -0.99 -53.07
CA ASN F 571 32.56 -1.85 -52.31
C ASN F 571 32.53 -1.46 -50.85
N MET F 572 31.85 -2.24 -50.00
CA MET F 572 31.73 -1.84 -48.61
C MET F 572 33.02 -2.17 -47.86
N GLN F 573 33.46 -1.23 -47.02
CA GLN F 573 34.74 -1.32 -46.36
C GLN F 573 34.53 -1.16 -44.87
N HIS F 574 35.31 -1.89 -44.08
CA HIS F 574 35.16 -1.88 -42.63
C HIS F 574 36.25 -0.99 -42.04
N VAL F 575 35.98 0.30 -42.00
CA VAL F 575 36.89 1.31 -41.48
C VAL F 575 36.12 2.14 -40.47
N GLN F 576 36.72 2.36 -39.30
CA GLN F 576 36.09 3.14 -38.24
C GLN F 576 35.85 4.58 -38.67
N THR F 577 34.62 5.03 -38.54
CA THR F 577 34.21 6.38 -38.93
C THR F 577 34.38 7.34 -37.77
N LEU F 578 34.28 8.63 -38.06
CA LEU F 578 34.39 9.65 -37.02
C LEU F 578 33.17 9.72 -36.15
N THR F 579 32.05 10.13 -36.73
CA THR F 579 30.83 10.34 -35.97
C THR F 579 30.06 9.03 -35.90
N THR F 580 29.68 8.63 -34.70
CA THR F 580 29.11 7.33 -34.45
C THR F 580 27.61 7.46 -34.24
N GLU F 581 26.84 6.62 -34.91
CA GLU F 581 25.39 6.66 -34.80
C GLU F 581 24.97 5.89 -33.57
N LYS F 582 24.39 6.58 -32.60
CA LYS F 582 24.23 6.06 -31.25
C LYS F 582 23.12 5.02 -31.19
N LEU F 583 23.38 3.94 -30.47
CA LEU F 583 22.41 2.89 -30.20
C LEU F 583 22.18 2.84 -28.70
N GLN F 584 20.97 3.16 -28.27
CA GLN F 584 20.64 3.04 -26.85
C GLN F 584 20.52 1.57 -26.48
N LEU F 585 21.19 1.18 -25.40
CA LEU F 585 21.13 -0.21 -24.96
C LEU F 585 19.80 -0.58 -24.36
N THR F 586 18.98 0.41 -24.00
CA THR F 586 17.62 0.14 -23.57
C THR F 586 16.78 -0.37 -24.73
N SER F 587 17.09 0.07 -25.95
CA SER F 587 16.36 -0.36 -27.13
C SER F 587 16.63 -1.83 -27.48
N VAL F 588 17.76 -2.38 -27.06
CA VAL F 588 17.99 -3.81 -27.26
C VAL F 588 17.13 -4.63 -26.33
N THR F 589 16.90 -4.13 -25.12
CA THR F 589 15.96 -4.78 -24.22
C THR F 589 14.53 -4.67 -24.74
N SER F 590 14.21 -3.59 -25.44
CA SER F 590 12.90 -3.48 -26.08
C SER F 590 12.76 -4.37 -27.30
N LEU F 591 13.85 -4.97 -27.78
CA LEU F 591 13.78 -5.87 -28.92
C LEU F 591 13.87 -7.33 -28.50
N CYS F 592 14.68 -7.63 -27.48
CA CYS F 592 14.91 -9.01 -27.08
C CYS F 592 13.67 -9.62 -26.46
N MET F 593 12.86 -8.83 -25.75
CA MET F 593 11.68 -9.36 -25.09
C MET F 593 10.45 -8.54 -25.43
N LEU F 594 10.26 -8.27 -26.72
CA LEU F 594 8.99 -7.76 -27.17
C LEU F 594 8.54 -8.35 -28.50
N ILE F 595 9.35 -9.19 -29.12
CA ILE F 595 9.06 -9.71 -30.45
C ILE F 595 8.50 -11.13 -30.33
N GLY F 596 7.68 -11.52 -31.30
CA GLY F 596 7.25 -12.90 -31.33
C GLY F 596 6.47 -13.34 -32.55
N ASN F 597 6.91 -14.45 -33.16
CA ASN F 597 6.14 -15.31 -34.06
C ASN F 597 5.74 -14.64 -35.38
N ALA F 598 6.22 -13.44 -35.67
CA ALA F 598 5.76 -12.70 -36.85
C ALA F 598 6.96 -12.35 -37.70
N THR F 599 7.10 -13.04 -38.83
CA THR F 599 8.23 -12.82 -39.71
C THR F 599 8.01 -11.57 -40.56
N VAL F 600 8.94 -10.64 -40.50
CA VAL F 600 9.01 -9.53 -41.46
C VAL F 600 10.12 -9.84 -42.45
N ILE F 601 9.88 -9.49 -43.70
CA ILE F 601 10.76 -9.85 -44.81
C ILE F 601 10.58 -8.73 -45.83
N PRO F 602 11.65 -8.17 -46.40
CA PRO F 602 11.47 -6.95 -47.20
C PRO F 602 10.85 -7.27 -48.55
N SER F 603 9.73 -6.62 -48.83
CA SER F 603 9.01 -6.84 -50.07
C SER F 603 9.87 -6.36 -51.24
N PRO F 604 9.87 -7.08 -52.37
CA PRO F 604 10.93 -6.90 -53.36
C PRO F 604 10.85 -5.63 -54.15
N GLN F 605 9.79 -4.83 -53.99
CA GLN F 605 9.80 -3.49 -54.53
C GLN F 605 10.38 -2.47 -53.56
N THR F 606 10.97 -2.94 -52.46
CA THR F 606 11.94 -2.16 -51.70
C THR F 606 13.32 -2.77 -51.79
N LEU F 607 13.46 -3.92 -52.44
CA LEU F 607 14.78 -4.36 -52.89
C LEU F 607 15.09 -3.81 -54.26
N PHE F 608 14.11 -3.78 -55.16
CA PHE F 608 14.33 -3.21 -56.48
C PHE F 608 14.44 -1.69 -56.46
N HIS F 609 14.10 -1.05 -55.35
CA HIS F 609 14.33 0.38 -55.19
C HIS F 609 15.61 0.68 -54.42
N TYR F 610 15.97 -0.15 -53.44
CA TYR F 610 17.27 -0.02 -52.80
C TYR F 610 18.40 -0.44 -53.73
N TYR F 611 18.11 -1.25 -54.74
CA TYR F 611 19.15 -1.57 -55.72
C TYR F 611 19.24 -0.51 -56.79
N ASN F 612 18.10 0.02 -57.25
CA ASN F 612 18.11 1.01 -58.31
C ASN F 612 18.58 2.38 -57.85
N VAL F 613 18.76 2.58 -56.55
CA VAL F 613 19.36 3.80 -56.04
C VAL F 613 20.84 3.60 -55.69
N ASN F 614 21.27 2.35 -55.51
CA ASN F 614 22.70 2.08 -55.38
C ASN F 614 23.37 1.81 -56.71
N VAL F 615 22.63 1.75 -57.80
CA VAL F 615 23.23 1.86 -59.13
C VAL F 615 23.26 3.30 -59.57
N ASN F 616 22.24 4.10 -59.23
CA ASN F 616 22.19 5.47 -59.67
C ASN F 616 23.17 6.36 -58.92
N PHE F 617 23.50 6.01 -57.67
CA PHE F 617 24.53 6.78 -56.98
C PHE F 617 25.92 6.28 -57.35
N HIS F 618 26.09 4.98 -57.53
CA HIS F 618 27.41 4.46 -57.86
C HIS F 618 27.80 4.74 -59.30
N SER F 619 26.84 4.97 -60.19
CA SER F 619 27.19 5.38 -61.54
C SER F 619 27.23 6.89 -61.71
N ASN F 620 26.68 7.65 -60.76
CA ASN F 620 26.94 9.07 -60.74
C ASN F 620 28.29 9.37 -60.11
N TYR F 621 28.72 8.52 -59.19
CA TYR F 621 30.04 8.68 -58.59
C TYR F 621 31.13 8.38 -59.61
N ASN F 622 30.97 7.34 -60.41
CA ASN F 622 32.02 6.95 -61.33
C ASN F 622 32.09 7.84 -62.55
N GLU F 623 30.97 8.36 -63.03
CA GLU F 623 31.01 9.27 -64.16
C GLU F 623 31.20 10.72 -63.74
N ARG F 624 31.56 10.97 -62.47
CA ARG F 624 32.12 12.24 -62.07
C ARG F 624 33.61 12.15 -61.76
N ILE F 625 34.12 10.94 -61.47
CA ILE F 625 35.56 10.72 -61.53
C ILE F 625 36.05 10.97 -62.94
N ASN F 626 35.43 10.29 -63.92
CA ASN F 626 35.90 10.32 -65.30
C ASN F 626 35.71 11.67 -65.96
N ASP F 627 34.75 12.48 -65.52
CA ASP F 627 34.67 13.85 -66.04
C ASP F 627 35.70 14.75 -65.42
N ALA F 628 36.31 14.34 -64.30
CA ALA F 628 37.28 15.19 -63.63
C ALA F 628 38.72 14.76 -63.87
N VAL F 629 38.99 13.46 -64.00
CA VAL F 629 40.33 13.03 -64.36
C VAL F 629 40.62 13.38 -65.82
N ALA F 630 39.58 13.48 -66.65
CA ALA F 630 39.79 13.85 -68.04
C ALA F 630 40.15 15.32 -68.21
N ILE F 631 39.88 16.15 -67.21
CA ILE F 631 40.29 17.54 -67.26
C ILE F 631 41.65 17.73 -66.61
N ILE F 632 41.94 16.98 -65.56
CA ILE F 632 43.24 17.06 -64.89
C ILE F 632 44.35 16.51 -65.79
N THR F 633 44.07 15.41 -66.49
CA THR F 633 45.07 14.85 -67.39
C THR F 633 45.24 15.71 -68.64
N ALA F 634 44.15 16.24 -69.17
CA ALA F 634 44.26 17.09 -70.36
C ALA F 634 44.67 18.52 -70.03
N ALA F 635 44.86 18.87 -68.76
CA ALA F 635 45.46 20.16 -68.46
C ALA F 635 46.97 20.05 -68.26
N ASN F 636 47.43 18.95 -67.65
CA ASN F 636 48.86 18.75 -67.48
C ASN F 636 49.54 18.42 -68.80
N ARG F 637 48.84 17.73 -69.70
CA ARG F 637 49.47 17.35 -70.97
C ARG F 637 49.47 18.50 -71.96
N LEU F 638 48.53 19.43 -71.83
CA LEU F 638 48.49 20.63 -72.64
C LEU F 638 49.42 21.71 -72.12
N ASN F 639 50.10 21.47 -71.00
CA ASN F 639 51.03 22.39 -70.34
C ASN F 639 50.35 23.71 -69.96
N LEU F 640 49.38 23.60 -69.05
CA LEU F 640 48.76 24.75 -68.42
C LEU F 640 49.36 24.90 -67.03
N TYR F 641 50.50 25.59 -66.98
CA TYR F 641 51.24 25.78 -65.75
C TYR F 641 50.69 26.91 -64.90
N GLN F 642 49.80 27.73 -65.44
CA GLN F 642 49.34 28.93 -64.76
C GLN F 642 47.89 28.78 -64.28
N LYS F 643 47.40 27.55 -64.22
CA LYS F 643 46.03 27.26 -63.84
C LYS F 643 46.04 26.31 -62.64
N LYS F 644 45.23 26.61 -61.64
CA LYS F 644 45.17 25.79 -60.43
C LYS F 644 43.90 24.95 -60.43
N MET F 645 44.04 23.67 -60.06
CA MET F 645 42.97 22.69 -60.20
C MET F 645 42.11 22.58 -58.96
N LYS F 646 41.93 23.67 -58.21
CA LYS F 646 40.99 23.61 -57.10
C LYS F 646 39.55 23.68 -57.59
N SER F 647 39.31 24.41 -58.67
CA SER F 647 37.94 24.64 -59.13
C SER F 647 37.34 23.40 -59.77
N ILE F 648 38.14 22.59 -60.45
CA ILE F 648 37.63 21.40 -61.12
C ILE F 648 37.55 20.19 -60.22
N VAL F 649 37.92 20.32 -58.95
CA VAL F 649 37.62 19.29 -57.96
C VAL F 649 36.48 19.81 -57.10
N GLU F 650 36.36 21.14 -57.01
CA GLU F 650 35.20 21.75 -56.35
C GLU F 650 33.92 21.46 -57.10
N ASP F 651 33.99 21.32 -58.43
CA ASP F 651 32.84 20.81 -59.16
C ASP F 651 32.61 19.34 -58.90
N PHE F 652 33.67 18.56 -58.69
CA PHE F 652 33.53 17.13 -58.48
C PHE F 652 32.90 16.84 -57.11
N LEU F 653 33.19 17.66 -56.09
CA LEU F 653 32.49 17.49 -54.82
C LEU F 653 31.08 18.06 -54.84
N LYS F 654 30.71 18.79 -55.89
CA LYS F 654 29.41 19.43 -55.98
C LYS F 654 28.42 18.62 -56.80
N ARG F 655 28.86 17.99 -57.89
CA ARG F 655 27.97 17.15 -58.67
C ARG F 655 27.60 15.88 -57.92
N LEU F 656 28.50 15.37 -57.09
CA LEU F 656 28.12 14.43 -56.05
C LEU F 656 27.20 15.15 -55.08
N GLN F 657 25.99 14.64 -54.92
CA GLN F 657 24.96 15.44 -54.27
C GLN F 657 25.13 15.55 -52.77
N ILE F 658 25.83 14.61 -52.14
CA ILE F 658 25.80 14.53 -50.68
C ILE F 658 26.81 15.44 -49.99
N PHE F 659 27.92 15.76 -50.64
CA PHE F 659 28.93 16.58 -49.98
C PHE F 659 28.55 18.05 -50.03
N ASP F 660 29.27 18.86 -49.25
CA ASP F 660 29.08 20.29 -49.22
C ASP F 660 30.43 20.98 -49.37
N ILE F 661 30.43 22.12 -50.06
CA ILE F 661 31.68 22.79 -50.36
C ILE F 661 32.17 23.63 -49.19
N SER F 662 31.25 24.23 -48.42
CA SER F 662 31.64 25.11 -47.32
C SER F 662 32.22 24.38 -46.11
N ARG F 663 32.41 23.06 -46.18
CA ARG F 663 33.08 22.32 -45.12
C ARG F 663 34.49 21.89 -45.51
N VAL F 664 34.74 21.56 -46.76
CA VAL F 664 36.03 21.00 -47.17
C VAL F 664 37.01 22.15 -47.43
N PRO F 665 38.22 22.08 -46.90
CA PRO F 665 39.19 23.15 -47.13
C PRO F 665 39.92 23.01 -48.45
N ASP F 666 40.95 23.81 -48.64
CA ASP F 666 41.80 23.70 -49.83
C ASP F 666 42.95 22.73 -49.64
N ASP F 667 42.95 21.95 -48.55
CA ASP F 667 43.95 20.90 -48.40
C ASP F 667 43.36 19.51 -48.52
N GLN F 668 42.05 19.38 -48.35
CA GLN F 668 41.33 18.13 -48.61
C GLN F 668 40.74 18.13 -50.00
N MET F 669 41.19 19.03 -50.85
CA MET F 669 40.64 19.21 -52.18
C MET F 669 41.78 19.20 -53.20
N TYR F 670 42.97 19.60 -52.75
CA TYR F 670 44.18 19.39 -53.53
C TYR F 670 44.84 18.06 -53.24
N ARG F 671 44.61 17.50 -52.05
CA ARG F 671 45.05 16.14 -51.79
C ARG F 671 44.20 15.14 -52.56
N LEU F 672 42.97 15.52 -52.87
CA LEU F 672 42.11 14.65 -53.66
C LEU F 672 42.53 14.64 -55.11
N ARG F 673 42.99 15.79 -55.63
CA ARG F 673 43.50 15.86 -57.00
C ARG F 673 44.73 14.99 -57.18
N ASP F 674 45.59 14.91 -56.16
CA ASP F 674 46.78 14.08 -56.19
C ASP F 674 46.47 12.59 -56.35
N ARG F 675 45.27 12.15 -55.98
CA ARG F 675 44.84 10.79 -56.31
C ARG F 675 44.21 10.71 -57.69
N LEU F 676 43.42 11.72 -58.07
CA LEU F 676 42.80 11.71 -59.39
C LEU F 676 43.83 11.85 -60.49
N ARG F 677 44.98 12.48 -60.23
CA ARG F 677 45.96 12.66 -61.29
C ARG F 677 46.62 11.37 -61.71
N LEU F 678 46.59 10.34 -60.87
CA LEU F 678 47.26 9.07 -61.15
C LEU F 678 46.35 8.01 -61.77
N LEU F 679 45.07 8.28 -61.92
CA LEU F 679 44.17 7.30 -62.51
C LEU F 679 44.30 7.30 -64.03
N PRO F 680 44.07 6.14 -64.66
CA PRO F 680 43.97 6.11 -66.12
C PRO F 680 42.60 6.61 -66.56
N VAL F 681 42.59 7.52 -67.54
CA VAL F 681 41.35 8.11 -68.01
C VAL F 681 40.57 7.10 -68.86
N GLU F 682 39.27 7.30 -68.98
CA GLU F 682 38.39 6.39 -69.70
C GLU F 682 38.74 6.36 -71.18
N ILE F 683 38.42 5.23 -71.83
CA ILE F 683 38.88 5.00 -73.21
C ILE F 683 38.14 5.88 -74.20
N ARG F 684 36.86 6.18 -73.96
CA ARG F 684 36.12 7.08 -74.84
C ARG F 684 36.57 8.52 -74.71
N ARG F 685 37.18 8.88 -73.59
CA ARG F 685 37.71 10.22 -73.40
C ARG F 685 39.18 10.33 -73.73
N LEU F 686 39.89 9.22 -73.81
CA LEU F 686 41.31 9.24 -74.17
C LEU F 686 41.49 9.26 -75.67
N ASP F 687 40.64 8.54 -76.40
CA ASP F 687 40.72 8.51 -77.85
C ASP F 687 40.18 9.77 -78.50
N ILE F 688 39.55 10.65 -77.73
CA ILE F 688 39.05 11.90 -78.26
C ILE F 688 39.89 13.09 -77.81
N PHE F 689 40.74 12.90 -76.81
CA PHE F 689 41.76 13.88 -76.51
C PHE F 689 43.04 13.62 -77.28
N ASN F 690 43.35 12.35 -77.56
CA ASN F 690 44.42 12.04 -78.48
C ASN F 690 44.05 12.35 -79.93
N LEU F 691 42.78 12.57 -80.20
CA LEU F 691 42.32 13.02 -81.50
C LEU F 691 42.30 14.54 -81.60
N ILE F 692 42.55 15.24 -80.51
CA ILE F 692 42.74 16.69 -80.55
C ILE F 692 44.21 17.02 -80.73
N LEU F 693 45.08 16.40 -79.92
CA LEU F 693 46.51 16.71 -79.94
C LEU F 693 47.19 16.28 -81.22
N MET F 694 46.63 15.30 -81.93
CA MET F 694 47.20 14.89 -83.21
C MET F 694 47.05 15.99 -84.25
N ASN F 695 45.99 16.78 -84.17
CA ASN F 695 45.78 17.87 -85.12
C ASN F 695 45.22 19.12 -84.44
N MET F 696 45.79 19.48 -83.29
CA MET F 696 45.61 20.83 -82.78
C MET F 696 46.66 21.78 -83.32
N GLU F 697 47.53 21.30 -84.22
CA GLU F 697 48.37 22.19 -84.99
C GLU F 697 47.74 22.55 -86.32
N GLN F 698 46.69 21.85 -86.74
CA GLN F 698 45.98 22.18 -87.96
C GLN F 698 44.77 23.08 -87.73
N ILE F 699 44.29 23.15 -86.49
CA ILE F 699 43.24 24.10 -86.16
C ILE F 699 43.85 25.47 -85.88
N GLU F 700 44.97 25.52 -85.15
CA GLU F 700 45.57 26.79 -84.80
C GLU F 700 46.20 27.47 -86.00
N ARG F 701 46.76 26.70 -86.93
CA ARG F 701 47.46 27.31 -88.05
C ARG F 701 46.52 27.81 -89.13
N ALA F 702 45.36 27.21 -89.29
CA ALA F 702 44.45 27.56 -90.37
C ALA F 702 43.38 28.50 -89.83
N SER F 703 43.79 29.77 -89.65
CA SER F 703 42.89 30.78 -89.13
C SER F 703 43.22 32.12 -89.78
N ASP F 704 42.54 33.17 -89.32
CA ASP F 704 42.78 34.52 -89.80
C ASP F 704 43.00 35.53 -88.69
N LYS F 705 42.71 35.19 -87.44
CA LYS F 705 42.88 36.09 -86.31
C LYS F 705 44.20 35.85 -85.57
N ILE F 706 45.14 35.14 -86.19
CA ILE F 706 46.33 34.71 -85.48
C ILE F 706 47.43 34.46 -86.50
N ALA F 707 48.68 34.53 -86.06
CA ALA F 707 49.83 34.19 -86.89
C ALA F 707 50.90 33.67 -85.97
N GLN F 708 51.55 32.58 -86.37
CA GLN F 708 52.43 31.85 -85.45
C GLN F 708 53.85 32.36 -85.47
N GLY F 709 54.02 33.67 -85.35
CA GLY F 709 55.33 34.28 -85.32
C GLY F 709 55.64 35.02 -86.60
N VAL F 710 56.70 35.83 -86.53
CA VAL F 710 57.11 36.67 -87.65
C VAL F 710 58.62 36.56 -87.83
N ILE F 711 59.06 36.42 -89.06
CA ILE F 711 60.47 36.38 -89.40
C ILE F 711 60.94 37.82 -89.52
N ILE F 712 62.15 38.12 -89.05
CA ILE F 712 62.80 39.39 -89.33
C ILE F 712 64.13 39.06 -89.99
N ALA F 713 64.30 39.44 -91.25
CA ALA F 713 65.43 38.96 -92.04
C ALA F 713 66.48 40.00 -92.37
N TYR F 714 66.06 41.27 -92.48
CA TYR F 714 66.98 42.40 -92.79
C TYR F 714 67.67 42.17 -94.13
N ARG F 715 66.96 41.59 -95.10
CA ARG F 715 67.52 41.35 -96.46
C ARG F 715 66.39 41.45 -97.48
N ASP F 716 66.73 41.69 -98.76
CA ASP F 716 65.69 41.84 -99.82
C ASP F 716 65.28 40.46 -100.32
N MET F 717 64.53 39.70 -99.52
CA MET F 717 64.07 38.38 -99.93
C MET F 717 62.72 38.53 -100.61
N GLN F 718 62.58 37.92 -101.78
CA GLN F 718 61.34 37.98 -102.52
C GLN F 718 60.26 37.20 -101.79
N LEU F 719 59.01 37.58 -102.04
CA LEU F 719 57.88 37.01 -101.33
C LEU F 719 57.09 36.10 -102.27
N GLU F 720 56.67 34.96 -101.74
CA GLU F 720 56.19 33.86 -102.56
C GLU F 720 54.81 34.14 -103.12
N ARG F 721 54.53 33.60 -104.29
CA ARG F 721 53.24 33.78 -104.93
C ARG F 721 52.33 32.62 -104.60
N ASP F 722 51.11 32.94 -104.16
CA ASP F 722 50.08 31.96 -103.89
C ASP F 722 48.87 32.25 -104.77
N GLU F 723 48.01 31.25 -104.92
CA GLU F 723 46.90 31.41 -105.84
C GLU F 723 45.75 32.18 -105.19
N MET F 724 45.50 31.96 -103.91
CA MET F 724 44.39 32.60 -103.23
C MET F 724 44.76 33.95 -102.63
N TYR F 725 46.05 34.25 -102.54
CA TYR F 725 46.55 35.49 -101.98
C TYR F 725 47.20 36.41 -102.98
N GLY F 726 47.59 35.92 -104.15
CA GLY F 726 48.35 36.73 -105.08
C GLY F 726 49.81 36.73 -104.72
N TYR F 727 50.27 37.81 -104.09
CA TYR F 727 51.65 37.96 -103.67
C TYR F 727 51.67 38.21 -102.16
N VAL F 728 52.25 37.29 -101.40
CA VAL F 728 52.33 37.44 -99.95
C VAL F 728 53.71 37.06 -99.43
N ASN F 729 54.05 37.63 -98.27
CA ASN F 729 55.28 37.28 -97.56
C ASN F 729 54.92 36.26 -96.49
N ILE F 730 54.86 35.00 -96.90
CA ILE F 730 54.54 33.90 -96.00
C ILE F 730 55.77 33.02 -95.89
N ALA F 731 56.19 32.73 -94.67
CA ALA F 731 57.20 31.73 -94.40
C ALA F 731 56.50 30.49 -93.88
N ARG F 732 56.42 29.46 -94.72
CA ARG F 732 55.76 28.24 -94.28
C ARG F 732 56.61 27.47 -93.29
N ASN F 733 57.91 27.35 -93.57
CA ASN F 733 58.83 26.71 -92.66
C ASN F 733 59.83 27.75 -92.14
N LEU F 734 60.34 27.50 -90.94
CA LEU F 734 61.12 28.47 -90.19
C LEU F 734 62.51 27.88 -89.99
N ASP F 735 63.39 28.08 -90.96
CA ASP F 735 64.72 27.51 -90.91
C ASP F 735 65.77 28.60 -91.13
N GLY F 736 66.95 28.40 -90.55
CA GLY F 736 68.00 29.37 -90.69
C GLY F 736 67.79 30.64 -89.91
N PHE F 737 66.99 30.58 -88.84
CA PHE F 737 66.69 31.75 -88.02
C PHE F 737 66.60 31.32 -86.56
N GLN F 738 67.11 32.18 -85.68
CA GLN F 738 67.00 31.92 -84.25
C GLN F 738 65.57 32.17 -83.79
N GLN F 739 65.14 31.41 -82.80
CA GLN F 739 63.78 31.50 -82.28
C GLN F 739 63.77 32.13 -80.90
N ILE F 740 62.85 33.06 -80.69
CA ILE F 740 62.59 33.64 -79.37
C ILE F 740 61.14 33.32 -79.05
N ASN F 741 60.92 32.42 -78.10
CA ASN F 741 59.57 32.03 -77.73
C ASN F 741 58.92 33.18 -76.98
N LEU F 742 57.87 33.77 -77.56
CA LEU F 742 57.21 34.90 -76.92
C LEU F 742 56.34 34.51 -75.74
N GLU F 743 56.04 33.23 -75.58
CA GLU F 743 55.46 32.80 -74.31
C GLU F 743 56.49 32.87 -73.20
N GLU F 744 57.74 32.53 -73.51
CA GLU F 744 58.80 32.65 -72.53
C GLU F 744 59.28 34.07 -72.35
N LEU F 745 59.19 34.90 -73.38
CA LEU F 745 59.59 36.29 -73.25
C LEU F 745 58.58 37.07 -72.44
N MET F 746 57.31 36.66 -72.46
CA MET F 746 56.30 37.25 -71.59
C MET F 746 56.32 36.67 -70.19
N ARG F 747 56.84 35.45 -70.02
CA ARG F 747 56.78 34.79 -68.73
C ARG F 747 57.81 35.35 -67.77
N THR F 748 59.10 35.23 -68.11
CA THR F 748 60.15 35.66 -67.20
C THR F 748 60.42 37.16 -67.27
N GLY F 749 59.88 37.85 -68.27
CA GLY F 749 60.02 39.28 -68.35
C GLY F 749 61.41 39.79 -68.67
N ASP F 750 62.31 38.93 -69.15
CA ASP F 750 63.68 39.30 -69.44
C ASP F 750 63.79 39.69 -70.90
N TYR F 751 63.60 40.98 -71.20
CA TYR F 751 63.73 41.47 -72.56
C TYR F 751 65.15 41.90 -72.90
N ALA F 752 66.15 41.35 -72.21
CA ALA F 752 67.53 41.72 -72.47
C ALA F 752 68.07 41.13 -73.75
N GLN F 753 67.45 40.09 -74.28
CA GLN F 753 67.94 39.47 -75.51
C GLN F 753 67.37 40.14 -76.75
N ILE F 754 66.06 40.36 -76.78
CA ILE F 754 65.44 40.94 -77.96
C ILE F 754 65.77 42.43 -78.09
N THR F 755 66.10 43.10 -76.98
CA THR F 755 66.51 44.50 -77.07
C THR F 755 67.91 44.61 -77.66
N ASN F 756 68.84 43.76 -77.22
CA ASN F 756 70.19 43.76 -77.75
C ASN F 756 70.30 43.06 -79.10
N MET F 757 69.18 42.63 -79.68
CA MET F 757 69.16 42.04 -81.01
C MET F 757 68.47 42.92 -82.04
N LEU F 758 67.54 43.77 -81.63
CA LEU F 758 66.91 44.71 -82.55
C LEU F 758 67.82 45.90 -82.84
N LEU F 759 68.67 46.28 -81.89
CA LEU F 759 69.55 47.42 -82.12
C LEU F 759 70.75 47.04 -82.98
N ASN F 760 71.24 45.81 -82.86
CA ASN F 760 72.39 45.38 -83.64
C ASN F 760 72.03 44.90 -85.03
N ASN F 761 70.73 44.84 -85.37
CA ASN F 761 70.20 44.36 -86.64
C ASN F 761 70.65 42.93 -86.93
N GLN F 762 70.19 42.00 -86.09
CA GLN F 762 70.48 40.60 -86.33
C GLN F 762 69.24 39.87 -86.81
N PRO F 763 69.38 38.94 -87.76
CA PRO F 763 68.20 38.21 -88.25
C PRO F 763 67.65 37.25 -87.22
N VAL F 764 66.44 37.52 -86.73
CA VAL F 764 65.83 36.74 -85.68
C VAL F 764 64.38 36.45 -86.08
N ALA F 765 63.87 35.30 -85.68
CA ALA F 765 62.48 34.93 -85.92
C ALA F 765 61.77 34.78 -84.59
N LEU F 766 60.92 35.74 -84.25
CA LEU F 766 60.06 35.59 -83.09
C LEU F 766 59.01 34.53 -83.39
N VAL F 767 58.78 33.62 -82.46
CA VAL F 767 57.75 32.61 -82.63
C VAL F 767 56.70 32.84 -81.55
N GLY F 768 55.48 32.40 -81.82
CA GLY F 768 54.38 32.60 -80.89
C GLY F 768 53.16 33.12 -81.60
N ALA F 769 51.99 33.02 -80.97
CA ALA F 769 50.75 33.46 -81.59
C ALA F 769 50.67 34.98 -81.60
N LEU F 770 50.59 35.57 -82.79
CA LEU F 770 50.58 37.00 -82.96
C LEU F 770 49.41 37.41 -83.84
N PRO F 771 48.70 38.49 -83.49
CA PRO F 771 47.70 39.03 -84.42
C PRO F 771 48.37 39.95 -85.43
N PHE F 772 47.91 39.85 -86.67
CA PHE F 772 48.59 40.50 -87.78
C PHE F 772 47.65 41.49 -88.49
N ILE F 773 48.24 42.38 -89.26
CA ILE F 773 47.53 43.39 -90.01
C ILE F 773 47.77 43.14 -91.49
N THR F 774 46.70 43.03 -92.26
CA THR F 774 46.82 42.91 -93.71
C THR F 774 46.76 44.29 -94.33
N ASP F 775 47.51 44.50 -95.40
CA ASP F 775 47.30 45.66 -96.25
C ASP F 775 47.67 45.32 -97.68
N SER F 776 47.05 46.03 -98.61
CA SER F 776 47.22 45.72 -100.02
C SER F 776 47.96 46.80 -100.78
N SER F 777 48.40 47.86 -100.11
CA SER F 777 49.01 48.98 -100.82
C SER F 777 50.43 48.62 -101.24
N VAL F 778 50.73 48.80 -102.52
CA VAL F 778 52.07 48.53 -103.03
C VAL F 778 53.05 49.59 -102.53
N ILE F 779 52.57 50.81 -102.30
CA ILE F 779 53.43 51.86 -101.77
C ILE F 779 53.79 51.56 -100.32
N SER F 780 52.87 50.96 -99.56
CA SER F 780 53.21 50.54 -98.20
C SER F 780 54.17 49.36 -98.16
N LEU F 781 54.40 48.69 -99.30
CA LEU F 781 55.47 47.71 -99.42
C LEU F 781 56.77 48.35 -99.88
N VAL F 782 56.70 49.33 -100.78
CA VAL F 782 57.90 49.98 -101.29
C VAL F 782 58.50 50.89 -100.23
N ALA F 783 57.65 51.58 -99.47
CA ALA F 783 58.13 52.45 -98.40
C ALA F 783 58.49 51.69 -97.12
N LYS F 784 58.40 50.36 -97.14
CA LYS F 784 58.86 49.47 -96.07
C LYS F 784 58.17 49.74 -94.74
N LEU F 785 56.85 49.58 -94.75
CA LEU F 785 56.06 49.68 -93.53
C LEU F 785 55.98 48.36 -92.78
N ASP F 786 56.82 47.39 -93.09
CA ASP F 786 56.89 46.13 -92.36
C ASP F 786 57.98 46.14 -91.30
N ALA F 787 59.11 46.79 -91.59
CA ALA F 787 60.23 46.81 -90.66
C ALA F 787 60.04 47.80 -89.53
N THR F 788 59.12 48.75 -89.66
CA THR F 788 58.96 49.81 -88.67
C THR F 788 58.05 49.43 -87.51
N VAL F 789 57.64 48.16 -87.42
CA VAL F 789 56.73 47.78 -86.35
C VAL F 789 57.46 47.18 -85.14
N PHE F 790 58.69 46.70 -85.32
CA PHE F 790 59.41 46.05 -84.24
C PHE F 790 60.21 47.02 -83.39
N ALA F 791 60.17 48.32 -83.68
CA ALA F 791 60.90 49.28 -82.87
C ALA F 791 60.19 49.57 -81.55
N GLN F 792 58.93 49.16 -81.41
CA GLN F 792 58.20 49.41 -80.17
C GLN F 792 58.68 48.54 -79.04
N ILE F 793 59.34 47.41 -79.35
CA ILE F 793 59.81 46.49 -78.31
C ILE F 793 60.94 47.11 -77.51
N VAL F 794 61.76 47.95 -78.14
CA VAL F 794 62.87 48.58 -77.44
C VAL F 794 62.35 49.65 -76.48
N LYS F 795 61.47 50.53 -76.97
CA LYS F 795 61.02 51.69 -76.20
C LYS F 795 60.09 51.27 -75.05
N LEU F 796 59.13 50.41 -75.34
CA LEU F 796 58.26 49.83 -74.33
C LEU F 796 58.54 48.34 -74.28
N ARG F 797 58.76 47.81 -73.08
CA ARG F 797 59.15 46.42 -72.98
C ARG F 797 58.03 45.44 -73.30
N LYS F 798 56.78 45.89 -73.36
CA LYS F 798 55.67 44.99 -73.61
C LYS F 798 55.64 44.52 -75.06
N VAL F 799 55.45 43.22 -75.25
CA VAL F 799 55.32 42.63 -76.58
C VAL F 799 53.88 42.24 -76.88
N ASP F 800 52.92 42.68 -76.07
CA ASP F 800 51.52 42.40 -76.35
C ASP F 800 51.03 43.16 -77.57
N THR F 801 51.53 44.37 -77.77
CA THR F 801 51.12 45.19 -78.90
C THR F 801 52.10 45.01 -80.05
N LEU F 802 52.07 43.82 -80.64
CA LEU F 802 52.86 43.51 -81.82
C LEU F 802 51.91 43.08 -82.93
N LYS F 803 51.93 43.79 -84.05
CA LYS F 803 51.10 43.51 -85.20
C LYS F 803 51.99 43.48 -86.43
N PRO F 804 52.47 42.30 -86.81
CA PRO F 804 53.27 42.21 -88.05
C PRO F 804 52.41 42.42 -89.28
N ILE F 805 52.97 43.10 -90.26
CA ILE F 805 52.26 43.46 -91.48
C ILE F 805 52.36 42.29 -92.46
N LEU F 806 51.22 41.86 -92.97
CA LEU F 806 51.15 40.86 -94.04
C LEU F 806 50.76 41.60 -95.31
N TYR F 807 51.69 41.71 -96.25
CA TYR F 807 51.38 42.35 -97.51
C TYR F 807 50.53 41.41 -98.36
N LYS F 808 49.80 41.99 -99.31
CA LYS F 808 48.93 41.19 -100.17
C LYS F 808 48.74 41.98 -101.47
N ILE F 809 49.51 41.64 -102.49
CA ILE F 809 49.57 42.42 -103.72
C ILE F 809 48.76 41.69 -104.78
N ASN F 810 47.61 42.26 -105.15
CA ASN F 810 46.71 41.66 -106.13
C ASN F 810 46.29 42.72 -107.13
N SER F 811 45.41 42.32 -108.07
CA SER F 811 44.90 43.28 -109.03
C SER F 811 43.79 44.15 -108.45
N ASP F 812 43.06 43.66 -107.45
CA ASP F 812 42.06 44.51 -106.81
C ASP F 812 42.69 45.57 -105.92
N SER F 813 43.95 45.40 -105.55
CA SER F 813 44.69 46.42 -104.82
C SER F 813 44.93 47.63 -105.70
N ASN F 814 44.88 48.81 -105.10
CA ASN F 814 45.22 50.02 -105.82
C ASN F 814 46.73 50.07 -106.06
N ASP F 815 47.11 50.83 -107.09
CA ASP F 815 48.51 51.00 -107.52
C ASP F 815 49.17 49.68 -107.88
N PHE F 816 48.43 48.82 -108.60
CA PHE F 816 48.97 47.53 -109.01
C PHE F 816 49.88 47.64 -110.22
N TYR F 817 49.76 48.70 -111.03
CA TYR F 817 50.48 48.78 -112.30
C TYR F 817 51.99 48.87 -112.17
N LEU F 818 52.51 49.10 -110.95
CA LEU F 818 53.96 49.04 -110.76
C LEU F 818 54.49 47.63 -110.95
N VAL F 819 53.69 46.62 -110.64
CA VAL F 819 54.10 45.24 -110.90
C VAL F 819 53.98 44.93 -112.39
N ALA F 820 53.01 45.52 -113.08
CA ALA F 820 52.72 45.14 -114.46
C ALA F 820 53.76 45.69 -115.44
N ASN F 821 53.94 47.00 -115.47
CA ASN F 821 54.84 47.59 -116.46
C ASN F 821 56.30 47.35 -116.13
N TYR F 822 56.66 47.36 -114.85
CA TYR F 822 58.04 47.21 -114.43
C TYR F 822 58.32 45.75 -114.09
N ASP F 823 59.38 45.22 -114.67
CA ASP F 823 59.77 43.83 -114.49
C ASP F 823 60.39 43.68 -113.11
N TRP F 824 59.56 43.45 -112.10
CA TRP F 824 60.07 43.22 -110.76
C TRP F 824 59.12 42.32 -109.99
N VAL F 825 59.68 41.46 -109.17
CA VAL F 825 58.92 40.64 -108.22
C VAL F 825 59.03 41.34 -106.87
N PRO F 826 57.94 41.49 -106.12
CA PRO F 826 57.98 42.28 -104.89
C PRO F 826 58.84 41.64 -103.81
N THR F 827 59.64 42.47 -103.15
CA THR F 827 60.60 42.05 -102.14
C THR F 827 60.22 42.65 -100.80
N SER F 828 60.29 41.84 -99.75
CA SER F 828 59.96 42.30 -98.41
C SER F 828 61.10 41.98 -97.46
N THR F 829 61.32 42.87 -96.50
CA THR F 829 62.36 42.64 -95.50
C THR F 829 61.95 41.54 -94.54
N THR F 830 60.74 41.62 -93.99
CA THR F 830 60.23 40.63 -93.06
C THR F 830 59.20 39.75 -93.74
N LYS F 831 58.84 38.67 -93.06
CA LYS F 831 57.75 37.83 -93.50
C LYS F 831 57.12 37.15 -92.28
N VAL F 832 55.87 36.73 -92.44
CA VAL F 832 55.06 36.25 -91.34
C VAL F 832 54.88 34.74 -91.50
N TYR F 833 54.88 34.02 -90.38
CA TYR F 833 54.83 32.55 -90.35
C TYR F 833 53.37 32.11 -90.30
N LYS F 834 52.79 31.91 -91.47
CA LYS F 834 51.38 31.57 -91.62
C LYS F 834 51.28 30.33 -92.50
N GLN F 835 50.12 29.68 -92.51
CA GLN F 835 49.89 28.51 -93.34
C GLN F 835 48.73 28.74 -94.28
N ILE F 836 48.92 28.35 -95.53
CA ILE F 836 47.90 28.51 -96.57
C ILE F 836 46.79 27.49 -96.35
N PRO F 837 45.51 27.89 -96.37
CA PRO F 837 44.44 26.91 -96.15
C PRO F 837 44.24 26.01 -97.35
N GLN F 838 43.86 24.76 -97.05
CA GLN F 838 43.69 23.74 -98.06
C GLN F 838 42.48 24.02 -98.93
N GLN F 839 42.44 23.37 -100.08
CA GLN F 839 41.37 23.58 -101.04
C GLN F 839 40.20 22.64 -100.74
N PHE F 840 38.99 23.10 -101.04
CA PHE F 840 37.80 22.29 -100.91
C PHE F 840 37.68 21.41 -102.15
N ASP F 841 38.48 20.34 -102.17
CA ASP F 841 38.35 19.32 -103.19
C ASP F 841 37.12 18.51 -102.85
N PHE F 842 36.07 18.64 -103.68
CA PHE F 842 34.76 18.14 -103.31
C PHE F 842 34.71 16.62 -103.31
N ARG F 843 35.25 16.02 -104.37
CA ARG F 843 35.11 14.58 -104.58
C ARG F 843 35.96 13.78 -103.61
N ALA F 844 37.02 14.37 -103.08
CA ALA F 844 37.88 13.71 -102.11
C ALA F 844 37.45 13.97 -100.67
N SER F 845 36.40 14.75 -100.46
CA SER F 845 35.99 15.12 -99.12
C SER F 845 34.59 14.65 -98.75
N MET F 846 33.92 13.89 -99.61
CA MET F 846 32.69 13.29 -99.14
C MET F 846 33.00 12.04 -98.33
N HIS F 847 32.02 11.59 -97.55
CA HIS F 847 32.21 10.46 -96.67
C HIS F 847 30.89 9.73 -96.50
N MET F 848 30.96 8.41 -96.34
CA MET F 848 29.77 7.59 -96.12
C MET F 848 29.69 7.26 -94.64
N LEU F 849 28.71 7.83 -93.97
CA LEU F 849 28.52 7.65 -92.54
C LEU F 849 27.57 6.49 -92.32
N THR F 850 28.07 5.39 -91.75
CA THR F 850 27.30 4.16 -91.59
C THR F 850 26.87 4.01 -90.14
N SER F 851 25.56 4.06 -89.90
CA SER F 851 25.00 3.78 -88.58
C SER F 851 23.79 2.89 -88.78
N ASN F 852 23.03 2.70 -87.70
CA ASN F 852 21.94 1.73 -87.73
C ASN F 852 20.63 2.40 -88.15
N LEU F 853 19.61 1.58 -88.37
CA LEU F 853 18.31 2.10 -88.79
C LEU F 853 17.44 2.50 -87.61
N THR F 854 17.18 1.57 -86.69
CA THR F 854 16.36 1.91 -85.54
C THR F 854 16.80 1.15 -84.30
N PHE F 855 16.67 1.81 -83.17
CA PHE F 855 16.82 1.25 -81.84
C PHE F 855 15.52 1.44 -81.09
N THR F 856 15.51 0.99 -79.84
CA THR F 856 14.48 1.40 -78.88
C THR F 856 15.18 1.40 -77.52
N VAL F 857 15.72 2.55 -77.15
CA VAL F 857 16.62 2.63 -75.99
C VAL F 857 15.81 2.64 -74.71
N TYR F 858 16.00 1.61 -73.89
CA TYR F 858 15.33 1.50 -72.59
C TYR F 858 16.33 1.82 -71.50
N SER F 859 16.00 2.78 -70.65
CA SER F 859 16.95 3.22 -69.62
C SER F 859 16.92 2.31 -68.40
N ASP F 860 15.79 2.24 -67.73
CA ASP F 860 15.62 1.44 -66.52
C ASP F 860 15.04 0.08 -66.86
N LEU F 861 15.61 -0.96 -66.27
CA LEU F 861 15.27 -2.32 -66.64
C LEU F 861 14.38 -3.03 -65.64
N LEU F 862 14.44 -2.68 -64.36
CA LEU F 862 13.61 -3.36 -63.38
C LEU F 862 12.19 -2.82 -63.31
N ALA F 863 11.78 -2.03 -64.29
CA ALA F 863 10.37 -1.68 -64.45
C ALA F 863 9.60 -2.76 -65.21
N PHE F 864 10.26 -3.82 -65.63
CA PHE F 864 9.61 -4.89 -66.38
C PHE F 864 9.25 -6.09 -65.52
N VAL F 865 10.15 -6.52 -64.63
CA VAL F 865 9.81 -7.65 -63.78
C VAL F 865 8.84 -7.21 -62.70
N SER F 866 8.08 -8.17 -62.19
CA SER F 866 7.05 -7.92 -61.18
C SER F 866 7.18 -9.01 -60.13
N ALA F 867 7.97 -8.74 -59.11
CA ALA F 867 8.30 -9.78 -58.16
C ALA F 867 7.20 -9.94 -57.12
N ASP F 868 7.24 -11.08 -56.43
CA ASP F 868 6.26 -11.39 -55.41
C ASP F 868 6.96 -11.86 -54.15
N THR F 869 6.20 -12.28 -53.15
CA THR F 869 6.76 -12.86 -51.94
C THR F 869 5.84 -13.97 -51.48
N VAL F 870 6.40 -15.12 -51.11
CA VAL F 870 5.59 -16.17 -50.50
C VAL F 870 5.14 -15.72 -49.12
N GLU F 871 4.16 -16.45 -48.57
CA GLU F 871 3.55 -16.08 -47.30
C GLU F 871 4.60 -16.07 -46.20
N PRO F 872 4.75 -14.97 -45.46
CA PRO F 872 5.94 -14.80 -44.61
C PRO F 872 6.04 -15.79 -43.47
N ILE F 873 5.00 -16.55 -43.15
CA ILE F 873 5.21 -17.65 -42.22
C ILE F 873 5.94 -18.81 -42.89
N ASN F 874 5.86 -18.92 -44.23
CA ASN F 874 6.73 -19.83 -44.96
C ASN F 874 7.92 -19.09 -45.57
N ALA F 875 8.67 -18.39 -44.75
CA ALA F 875 9.85 -17.67 -45.21
C ALA F 875 11.09 -18.48 -44.85
N VAL F 876 11.95 -18.72 -45.83
CA VAL F 876 13.03 -19.70 -45.71
C VAL F 876 14.37 -18.99 -45.66
N ALA F 877 15.20 -19.37 -44.68
CA ALA F 877 16.55 -18.82 -44.53
C ALA F 877 17.53 -19.49 -45.47
N PHE F 878 18.83 -19.32 -45.23
CA PHE F 878 19.83 -19.94 -46.11
C PHE F 878 19.85 -21.46 -45.96
N ASP F 879 19.55 -21.98 -44.77
CA ASP F 879 19.25 -23.39 -44.63
C ASP F 879 17.73 -23.54 -44.67
N ASN F 880 17.28 -24.71 -45.11
CA ASN F 880 15.90 -24.77 -45.57
C ASN F 880 14.88 -24.96 -44.46
N MET F 881 15.24 -24.76 -43.20
CA MET F 881 14.22 -24.51 -42.20
C MET F 881 13.75 -23.06 -42.31
N ARG F 882 12.67 -22.74 -41.63
CA ARG F 882 12.10 -21.41 -41.76
C ARG F 882 12.55 -20.50 -40.62
N ILE F 883 12.71 -19.22 -40.93
CA ILE F 883 12.94 -18.23 -39.89
C ILE F 883 11.68 -18.03 -39.08
N MET F 884 11.86 -17.77 -37.79
CA MET F 884 10.80 -17.69 -36.79
C MET F 884 9.94 -18.96 -36.78
N ASN F 885 10.63 -20.09 -36.59
CA ASN F 885 9.95 -21.38 -36.63
C ASN F 885 9.31 -21.72 -35.29
N GLU F 886 9.87 -21.23 -34.19
CA GLU F 886 9.49 -21.72 -32.89
C GLU F 886 8.17 -21.12 -32.43
N LEU F 887 7.65 -21.68 -31.35
CA LEU F 887 6.30 -21.42 -30.88
C LEU F 887 6.35 -20.97 -29.43
N PRO G 107 37.14 33.58 13.66
CA PRO G 107 36.69 33.50 12.26
C PRO G 107 37.77 32.95 11.35
N LYS G 108 37.37 32.34 10.23
CA LYS G 108 38.30 31.80 9.26
C LYS G 108 38.77 32.82 8.23
N GLU G 109 38.47 34.10 8.44
CA GLU G 109 38.93 35.17 7.57
C GLU G 109 39.92 36.11 8.25
N SER G 110 39.66 36.49 9.50
CA SER G 110 40.57 37.40 10.19
C SER G 110 41.86 36.73 10.61
N ILE G 111 41.91 35.39 10.64
CA ILE G 111 43.17 34.69 10.84
C ILE G 111 43.92 34.56 9.52
N LEU G 112 43.18 34.27 8.43
CA LEU G 112 43.82 34.12 7.13
C LEU G 112 44.33 35.44 6.59
N LYS G 113 43.67 36.55 6.93
CA LYS G 113 44.11 37.84 6.42
C LYS G 113 45.43 38.27 7.04
N LYS G 114 45.73 37.82 8.24
CA LYS G 114 47.01 38.16 8.88
C LYS G 114 48.20 37.43 8.27
N LEU G 115 47.98 36.45 7.39
CA LEU G 115 49.09 35.79 6.70
C LEU G 115 49.38 36.42 5.35
N GLU G 116 48.34 36.80 4.61
CA GLU G 116 48.54 37.51 3.35
C GLU G 116 48.96 38.95 3.57
N ASP G 117 48.78 39.49 4.77
CA ASP G 117 49.13 40.88 5.05
C ASP G 117 50.64 41.05 5.12
N ILE G 118 51.36 39.99 5.49
CA ILE G 118 52.78 40.07 5.85
C ILE G 118 53.59 40.37 4.60
N LYS G 119 54.08 41.61 4.51
CA LYS G 119 54.92 42.02 3.42
C LYS G 119 56.31 41.41 3.58
N PRO G 120 57.07 41.26 2.51
CA PRO G 120 58.48 40.90 2.65
C PRO G 120 59.24 42.04 3.32
N GLU G 121 60.41 41.68 3.87
CA GLU G 121 61.22 42.62 4.64
C GLU G 121 61.68 43.77 3.76
N GLN G 122 61.25 44.97 4.11
CA GLN G 122 61.35 46.12 3.21
C GLN G 122 62.79 46.57 3.06
N VAL G 123 63.14 46.95 1.82
CA VAL G 123 64.50 47.37 1.52
C VAL G 123 64.78 48.73 2.17
N LYS G 124 66.05 49.00 2.39
CA LYS G 124 66.48 50.27 2.95
C LYS G 124 67.64 50.79 2.14
N LYS G 125 67.47 51.93 1.49
CA LYS G 125 68.59 52.70 0.97
C LYS G 125 68.91 53.78 1.98
N GLN G 126 70.15 54.23 1.99
CA GLN G 126 70.47 55.43 2.74
C GLN G 126 70.74 56.58 1.79
N THR G 127 70.20 57.75 2.13
CA THR G 127 70.30 58.93 1.29
C THR G 127 71.37 59.90 1.76
N LYS G 128 71.75 59.84 3.03
CA LYS G 128 72.91 60.56 3.51
C LYS G 128 73.81 59.59 4.25
N LEU G 129 75.08 59.93 4.34
CA LEU G 129 76.02 59.13 5.11
C LEU G 129 75.71 59.25 6.60
N PHE G 130 75.95 58.16 7.31
CA PHE G 130 75.73 58.17 8.76
C PHE G 130 76.78 59.03 9.42
N ARG G 131 76.36 60.11 10.07
CA ARG G 131 77.28 61.05 10.68
C ARG G 131 76.93 61.29 12.13
N ILE G 132 77.94 61.29 12.98
CA ILE G 132 77.79 61.71 14.37
C ILE G 132 78.77 62.79 14.78
N PHE G 133 79.92 62.92 14.12
CA PHE G 133 80.88 63.98 14.39
C PHE G 133 80.91 64.96 13.22
N GLU G 134 80.94 66.26 13.55
CA GLU G 134 81.02 67.30 12.53
C GLU G 134 82.02 68.36 12.99
N PRO G 135 82.73 68.99 12.07
CA PRO G 135 83.70 70.01 12.47
C PRO G 135 83.05 71.36 12.75
N ARG G 136 83.64 72.07 13.71
CA ARG G 136 83.22 73.41 14.07
C ARG G 136 84.45 74.27 14.25
N GLN G 137 84.26 75.58 14.14
CA GLN G 137 85.36 76.53 14.26
C GLN G 137 85.43 77.06 15.68
N LEU G 138 86.61 76.95 16.29
CA LEU G 138 86.85 77.44 17.63
C LEU G 138 88.00 78.43 17.61
N PRO G 139 88.00 79.45 18.45
CA PRO G 139 89.14 80.36 18.51
C PRO G 139 90.31 79.69 19.21
N VAL G 140 91.51 80.11 18.84
CA VAL G 140 92.74 79.48 19.32
C VAL G 140 93.52 80.49 20.14
N TYR G 141 93.88 80.08 21.36
CA TYR G 141 94.67 80.89 22.27
C TYR G 141 96.06 80.27 22.38
N ARG G 142 97.08 81.11 22.47
CA ARG G 142 98.46 80.62 22.45
C ARG G 142 98.84 80.13 23.85
N ALA G 143 100.14 79.91 24.07
CA ALA G 143 100.59 79.37 25.34
C ALA G 143 100.48 80.40 26.47
N ASN G 144 100.62 81.68 26.15
CA ASN G 144 100.53 82.72 27.16
C ASN G 144 99.09 82.94 27.62
N GLY G 145 98.12 82.78 26.72
CA GLY G 145 96.74 83.11 26.99
C GLY G 145 96.13 84.07 25.98
N GLU G 146 96.94 84.76 25.20
CA GLU G 146 96.44 85.70 24.20
C GLU G 146 95.83 84.96 23.02
N LYS G 147 94.91 85.64 22.33
CA LYS G 147 94.30 85.08 21.13
C LYS G 147 95.30 85.03 19.99
N GLU G 148 95.34 83.89 19.29
CA GLU G 148 96.32 83.70 18.23
C GLU G 148 95.95 84.46 16.97
N LEU G 149 94.68 84.80 16.79
CA LEU G 149 93.95 85.48 15.70
C LEU G 149 93.70 84.52 14.53
N ARG G 150 94.07 83.26 14.64
CA ARG G 150 93.73 82.25 13.65
C ARG G 150 92.80 81.24 14.31
N ASN G 151 91.71 80.92 13.64
CA ASN G 151 90.75 79.96 14.15
C ASN G 151 91.05 78.59 13.56
N ARG G 152 91.06 77.57 14.40
CA ARG G 152 91.21 76.20 13.93
C ARG G 152 89.90 75.45 14.05
N TRP G 153 89.83 74.33 13.33
CA TRP G 153 88.62 73.52 13.27
C TRP G 153 88.76 72.31 14.19
N TYR G 154 87.68 71.97 14.89
CA TYR G 154 87.70 70.90 15.87
C TYR G 154 86.49 69.99 15.70
N TRP G 155 86.70 68.70 15.91
CA TRP G 155 85.64 67.71 15.76
C TRP G 155 84.75 67.76 16.99
N LYS G 156 83.61 68.43 16.89
CA LYS G 156 82.62 68.41 17.95
C LYS G 156 81.53 67.40 17.60
N LEU G 157 80.73 67.07 18.60
CA LEU G 157 79.61 66.17 18.37
C LEU G 157 78.48 66.90 17.67
N LYS G 158 77.94 66.29 16.63
CA LYS G 158 76.65 66.71 16.12
C LYS G 158 75.58 66.12 17.01
N ARG G 159 74.56 66.92 17.29
CA ARG G 159 73.41 66.65 18.19
C ARG G 159 73.86 66.00 19.51
N ASP G 160 74.70 66.73 20.25
CA ASP G 160 75.21 66.23 21.52
C ASP G 160 74.15 66.41 22.60
N THR G 161 73.37 65.36 22.83
CA THR G 161 72.43 65.30 23.96
C THR G 161 72.82 64.11 24.80
N LEU G 162 73.80 64.29 25.68
CA LEU G 162 74.23 63.22 26.55
C LEU G 162 73.65 63.44 27.94
N PRO G 163 72.81 62.54 28.44
CA PRO G 163 72.24 62.74 29.77
C PRO G 163 73.26 62.53 30.86
N ASP G 164 73.05 63.21 31.98
CA ASP G 164 73.93 63.10 33.11
C ASP G 164 73.74 61.75 33.81
N GLY G 165 74.68 61.42 34.69
CA GLY G 165 74.62 60.16 35.40
C GLY G 165 75.18 59.02 34.59
N ASP G 166 75.88 58.08 35.24
CA ASP G 166 76.57 57.05 34.47
C ASP G 166 75.62 56.01 33.91
N TYR G 167 74.51 55.74 34.57
CA TYR G 167 73.59 54.73 34.05
C TYR G 167 72.80 55.25 32.86
N ASP G 168 72.54 56.55 32.81
CA ASP G 168 71.79 57.10 31.68
C ASP G 168 72.62 57.21 30.42
N VAL G 169 73.95 57.17 30.52
CA VAL G 169 74.78 57.16 29.32
C VAL G 169 74.74 55.78 28.67
N ARG G 170 74.73 54.72 29.47
CA ARG G 170 74.54 53.38 28.90
C ARG G 170 73.13 53.18 28.38
N GLU G 171 72.16 53.97 28.84
CA GLU G 171 70.84 53.94 28.22
C GLU G 171 70.79 54.75 26.93
N TYR G 172 71.76 55.64 26.72
CA TYR G 172 71.84 56.38 25.47
C TYR G 172 72.41 55.52 24.36
N PHE G 173 73.42 54.71 24.68
CA PHE G 173 74.08 53.88 23.67
C PHE G 173 73.30 52.63 23.33
N LEU G 174 72.27 52.29 24.10
CA LEU G 174 71.29 51.34 23.58
C LEU G 174 70.34 52.01 22.62
N ASN G 175 70.04 53.29 22.84
CA ASN G 175 69.23 54.06 21.90
C ASN G 175 70.05 54.66 20.77
N LEU G 176 71.37 54.52 20.80
CA LEU G 176 72.18 54.79 19.62
C LEU G 176 72.35 53.54 18.78
N TYR G 177 72.47 52.38 19.44
CA TYR G 177 72.61 51.13 18.73
C TYR G 177 71.33 50.72 18.02
N ASP G 178 70.18 51.14 18.54
CA ASP G 178 68.95 50.96 17.78
C ASP G 178 68.88 51.95 16.63
N GLN G 179 69.54 53.10 16.75
CA GLN G 179 69.48 54.12 15.71
C GLN G 179 70.31 53.73 14.49
N VAL G 180 71.42 53.03 14.68
CA VAL G 180 72.22 52.59 13.53
C VAL G 180 71.53 51.43 12.81
N LEU G 181 70.83 50.56 13.54
CA LEU G 181 70.19 49.42 12.91
C LEU G 181 69.01 49.81 12.03
N THR G 182 68.32 50.91 12.35
CA THR G 182 67.28 51.38 11.45
C THR G 182 67.85 52.25 10.33
N GLU G 183 69.09 52.71 10.44
CA GLU G 183 69.72 53.53 9.42
C GLU G 183 70.70 52.74 8.57
N MET G 184 70.91 51.47 8.85
CA MET G 184 71.82 50.74 7.99
C MET G 184 71.11 50.31 6.71
N PRO G 185 71.78 50.33 5.56
CA PRO G 185 71.12 50.02 4.31
C PRO G 185 71.28 48.56 3.90
N ASP G 186 70.37 48.13 3.02
CA ASP G 186 70.43 46.80 2.44
C ASP G 186 71.19 46.79 1.12
N TYR G 187 71.04 47.83 0.31
CA TYR G 187 71.88 48.02 -0.87
C TYR G 187 72.21 49.49 -1.02
N LEU G 188 73.44 49.78 -1.38
CA LEU G 188 73.92 51.15 -1.43
C LEU G 188 74.50 51.44 -2.80
N LEU G 189 74.08 52.54 -3.40
CA LEU G 189 74.62 53.00 -4.67
C LEU G 189 75.15 54.41 -4.48
N LEU G 190 76.42 54.62 -4.78
CA LEU G 190 77.02 55.92 -4.60
C LEU G 190 76.76 56.86 -5.77
N LYS G 191 76.05 56.41 -6.81
CA LYS G 191 75.64 57.32 -7.87
C LYS G 191 74.56 58.28 -7.40
N ASP G 192 73.86 57.95 -6.31
CA ASP G 192 72.74 58.74 -5.82
C ASP G 192 73.18 59.83 -4.86
N MET G 193 74.13 59.54 -3.99
CA MET G 193 74.70 60.55 -3.09
C MET G 193 75.95 61.07 -3.76
N ALA G 194 75.81 62.15 -4.52
CA ALA G 194 76.94 62.76 -5.21
C ALA G 194 76.56 64.18 -5.52
N VAL G 195 77.28 65.13 -4.94
CA VAL G 195 77.04 66.53 -5.24
C VAL G 195 78.29 67.11 -5.88
N GLU G 196 78.09 68.10 -6.73
CA GLU G 196 79.19 68.65 -7.50
C GLU G 196 80.10 69.49 -6.61
N ASN G 197 81.39 69.21 -6.64
CA ASN G 197 82.37 70.08 -6.02
C ASN G 197 82.43 71.37 -6.82
N LYS G 198 82.27 72.50 -6.13
CA LYS G 198 82.21 73.78 -6.84
C LYS G 198 83.57 74.17 -7.43
N ASN G 199 84.65 73.82 -6.74
CA ASN G 199 85.98 74.32 -7.05
C ASN G 199 86.98 73.17 -7.06
N SER G 200 87.25 72.65 -8.25
CA SER G 200 88.23 71.60 -8.45
C SER G 200 88.85 71.79 -9.82
N ARG G 201 89.85 70.96 -10.12
CA ARG G 201 90.41 70.94 -11.47
C ARG G 201 89.38 70.41 -12.46
N ASP G 202 88.73 69.31 -12.10
CA ASP G 202 87.67 68.72 -12.89
C ASP G 202 86.40 68.83 -12.07
N ALA G 203 85.29 69.16 -12.73
CA ALA G 203 84.01 69.26 -12.03
C ALA G 203 83.55 67.84 -11.70
N GLY G 204 84.07 67.32 -10.59
CA GLY G 204 83.77 65.99 -10.14
C GLY G 204 82.84 66.02 -8.94
N LYS G 205 82.38 64.83 -8.57
CA LYS G 205 81.39 64.69 -7.52
C LYS G 205 82.04 64.14 -6.26
N VAL G 206 81.87 64.86 -5.15
CA VAL G 206 82.22 64.38 -3.82
C VAL G 206 80.98 63.62 -3.33
N VAL G 207 81.08 62.88 -2.22
CA VAL G 207 80.12 61.83 -1.91
C VAL G 207 78.88 62.31 -1.16
N ASP G 208 78.89 63.50 -0.58
CA ASP G 208 77.73 63.89 0.22
C ASP G 208 77.60 65.40 0.22
N SER G 209 76.36 65.87 0.37
CA SER G 209 76.13 67.31 0.37
C SER G 209 76.64 67.96 1.65
N GLU G 210 76.78 67.21 2.74
CA GLU G 210 77.44 67.74 3.92
C GLU G 210 78.95 67.79 3.72
N THR G 211 79.49 66.91 2.87
CA THR G 211 80.93 66.92 2.61
C THR G 211 81.34 68.13 1.77
N ALA G 212 80.57 68.43 0.73
CA ALA G 212 80.85 69.63 -0.05
C ALA G 212 80.42 70.90 0.68
N ALA G 213 79.65 70.79 1.76
CA ALA G 213 79.37 71.95 2.59
C ALA G 213 80.53 72.28 3.51
N ILE G 214 81.43 71.34 3.77
CA ILE G 214 82.67 71.62 4.48
C ILE G 214 83.89 71.41 3.60
N CYS G 215 83.70 71.38 2.28
CA CYS G 215 84.80 71.52 1.34
C CYS G 215 84.92 72.96 0.86
N ASP G 216 83.80 73.63 0.59
CA ASP G 216 83.86 75.02 0.17
C ASP G 216 84.04 75.97 1.34
N ALA G 217 83.56 75.58 2.53
CA ALA G 217 83.76 76.40 3.71
C ALA G 217 85.22 76.38 4.16
N ILE G 218 85.95 75.34 3.81
CA ILE G 218 87.39 75.33 4.01
C ILE G 218 88.08 76.14 2.92
N PHE G 219 87.60 76.02 1.67
CA PHE G 219 88.21 76.71 0.55
C PHE G 219 88.01 78.22 0.63
N GLN G 220 86.77 78.66 0.76
CA GLN G 220 86.48 80.09 0.73
C GLN G 220 86.91 80.82 1.98
N ASP G 221 87.30 80.10 3.03
CA ASP G 221 87.82 80.72 4.24
C ASP G 221 89.22 81.26 3.97
N GLU G 222 89.58 82.31 4.70
CA GLU G 222 90.86 82.98 4.44
C GLU G 222 92.03 82.28 5.13
N GLU G 223 91.88 81.91 6.40
CA GLU G 223 93.01 81.43 7.18
C GLU G 223 93.41 79.99 6.86
N THR G 224 92.66 79.30 6.01
CA THR G 224 93.07 77.97 5.57
C THR G 224 94.32 78.08 4.72
N GLU G 225 95.36 77.35 5.10
CA GLU G 225 96.62 77.36 4.38
C GLU G 225 96.44 76.78 2.99
N GLY G 226 97.25 77.28 2.05
CA GLY G 226 97.10 76.95 0.65
C GLY G 226 97.42 75.50 0.29
N VAL G 227 98.02 74.74 1.20
CA VAL G 227 98.24 73.32 0.94
C VAL G 227 96.93 72.56 1.07
N VAL G 228 96.11 72.90 2.08
CA VAL G 228 94.79 72.31 2.20
C VAL G 228 93.89 72.80 1.07
N ARG G 229 94.02 74.07 0.70
CA ARG G 229 93.22 74.63 -0.38
C ARG G 229 93.58 74.02 -1.72
N ARG G 230 94.84 73.62 -1.90
CA ARG G 230 95.24 72.91 -3.12
C ARG G 230 94.69 71.49 -3.11
N PHE G 231 94.50 70.91 -1.93
CA PHE G 231 94.07 69.53 -1.82
C PHE G 231 92.59 69.36 -2.16
N ILE G 232 91.79 70.41 -1.99
CA ILE G 232 90.39 70.33 -2.38
C ILE G 232 90.27 70.34 -3.89
N ALA G 233 91.22 70.97 -4.58
CA ALA G 233 91.15 71.05 -6.03
C ALA G 233 91.43 69.70 -6.68
N GLU G 234 92.33 68.92 -6.10
CA GLU G 234 92.63 67.58 -6.63
C GLU G 234 91.78 66.52 -5.94
N MET G 235 90.47 66.73 -5.91
CA MET G 235 89.56 65.87 -5.17
C MET G 235 88.34 65.62 -6.03
N ARG G 236 88.33 64.49 -6.73
CA ARG G 236 87.26 64.15 -7.65
C ARG G 236 87.01 62.65 -7.57
N GLN G 237 86.02 62.17 -8.31
CA GLN G 237 85.69 60.76 -8.31
C GLN G 237 86.55 60.04 -9.35
N ARG G 238 86.66 58.72 -9.17
CA ARG G 238 87.26 57.86 -10.18
C ARG G 238 86.28 56.74 -10.46
N VAL G 239 86.01 56.50 -11.74
CA VAL G 239 84.97 55.58 -12.17
C VAL G 239 85.58 54.54 -13.10
N GLN G 240 85.17 53.29 -12.93
CA GLN G 240 85.59 52.19 -13.79
C GLN G 240 84.33 51.52 -14.31
N ALA G 241 84.27 51.33 -15.63
CA ALA G 241 83.05 50.84 -16.25
C ALA G 241 83.04 49.35 -16.50
N ASP G 242 84.20 48.74 -16.74
CA ASP G 242 84.25 47.32 -17.05
C ASP G 242 83.92 46.48 -15.82
N ARG G 243 84.57 46.77 -14.70
CA ARG G 243 84.09 46.35 -13.39
C ARG G 243 83.47 47.58 -12.75
N ASN G 244 82.16 47.55 -12.53
CA ASN G 244 81.41 48.77 -12.18
C ASN G 244 81.68 49.12 -10.73
N VAL G 245 82.75 49.88 -10.49
CA VAL G 245 83.02 50.48 -9.20
C VAL G 245 83.22 51.98 -9.39
N VAL G 246 83.01 52.72 -8.32
CA VAL G 246 83.32 54.14 -8.24
C VAL G 246 84.13 54.40 -6.98
N ASN G 247 84.95 55.43 -7.02
CA ASN G 247 85.74 55.84 -5.86
C ASN G 247 85.42 57.30 -5.59
N TYR G 248 84.45 57.56 -4.72
CA TYR G 248 84.04 58.91 -4.38
C TYR G 248 84.74 59.36 -3.11
N PRO G 249 85.41 60.51 -3.11
CA PRO G 249 86.06 60.97 -1.89
C PRO G 249 85.06 61.47 -0.87
N SER G 250 85.42 61.37 0.40
CA SER G 250 84.57 61.76 1.51
C SER G 250 85.29 62.78 2.37
N ILE G 251 84.62 63.19 3.45
CA ILE G 251 85.25 63.73 4.65
C ILE G 251 84.46 63.10 5.79
N LEU G 252 85.09 62.20 6.53
CA LEU G 252 84.42 61.56 7.65
C LEU G 252 85.37 61.51 8.83
N HIS G 253 84.80 61.60 10.02
CA HIS G 253 85.54 61.26 11.23
C HIS G 253 85.92 59.78 11.18
N PRO G 254 87.05 59.40 11.76
CA PRO G 254 87.39 57.96 11.77
C PRO G 254 86.41 57.07 12.52
N ILE G 255 85.65 57.60 13.48
CA ILE G 255 84.52 56.83 14.01
C ILE G 255 83.40 56.79 12.99
N ASP G 256 83.13 57.90 12.32
CA ASP G 256 82.17 57.96 11.24
C ASP G 256 82.60 57.13 10.06
N HIS G 257 83.91 56.98 9.86
CA HIS G 257 84.41 56.23 8.71
C HIS G 257 84.23 54.74 8.90
N ALA G 258 84.35 54.26 10.13
CA ALA G 258 84.15 52.83 10.39
C ALA G 258 82.68 52.44 10.31
N PHE G 259 81.76 53.40 10.44
CA PHE G 259 80.35 53.06 10.37
C PHE G 259 79.87 52.99 8.93
N ASN G 260 80.38 53.84 8.05
CA ASN G 260 79.93 53.80 6.66
C ASN G 260 80.69 52.76 5.85
N GLU G 261 81.93 52.45 6.21
CA GLU G 261 82.62 51.38 5.52
C GLU G 261 82.00 50.03 5.83
N TYR G 262 81.41 49.88 7.02
CA TYR G 262 80.72 48.63 7.29
C TYR G 262 79.42 48.54 6.51
N PHE G 263 78.82 49.67 6.15
CA PHE G 263 77.61 49.61 5.34
C PHE G 263 77.91 49.32 3.88
N LEU G 264 79.12 49.60 3.41
CA LEU G 264 79.49 49.37 2.03
C LEU G 264 79.94 47.95 1.78
N GLN G 265 80.83 47.43 2.64
CA GLN G 265 81.38 46.10 2.42
C GLN G 265 80.38 44.99 2.72
N HIS G 266 79.35 45.27 3.51
CA HIS G 266 78.41 44.23 3.94
C HIS G 266 77.01 44.68 3.55
N GLN G 267 76.61 44.38 2.33
CA GLN G 267 75.26 44.66 1.86
C GLN G 267 74.55 43.34 1.56
N LEU G 268 73.24 43.37 1.63
CA LEU G 268 72.44 42.17 1.40
C LEU G 268 71.98 42.04 -0.05
N VAL G 269 72.88 42.12 -1.03
CA VAL G 269 72.52 41.88 -2.41
C VAL G 269 73.46 40.84 -2.99
N GLU G 270 72.90 39.77 -3.52
CA GLU G 270 73.61 38.75 -4.26
C GLU G 270 73.24 38.85 -5.73
N PRO G 271 74.14 38.49 -6.64
CA PRO G 271 73.82 38.56 -8.08
C PRO G 271 72.73 37.56 -8.46
N LEU G 272 72.08 37.86 -9.58
CA LEU G 272 70.85 37.18 -9.97
C LEU G 272 70.83 36.97 -11.46
N ASN G 273 70.60 35.73 -11.88
CA ASN G 273 70.43 35.39 -13.29
C ASN G 273 69.36 34.32 -13.38
N ASN G 274 69.24 33.68 -14.55
CA ASN G 274 68.15 32.73 -14.75
C ASN G 274 68.39 31.39 -14.07
N ASP G 275 69.59 31.12 -13.59
CA ASP G 275 69.83 29.90 -12.84
C ASP G 275 69.46 30.03 -11.37
N ILE G 276 69.11 31.24 -10.92
CA ILE G 276 68.74 31.48 -9.54
C ILE G 276 67.23 31.76 -9.40
N ILE G 277 66.56 32.10 -10.49
CA ILE G 277 65.10 32.13 -10.45
C ILE G 277 64.55 30.70 -10.40
N PHE G 278 65.09 29.80 -11.20
CA PHE G 278 64.68 28.41 -11.16
C PHE G 278 65.17 27.68 -9.93
N ASN G 279 66.20 28.17 -9.26
CA ASN G 279 66.57 27.59 -7.97
C ASN G 279 65.72 28.11 -6.83
N TYR G 280 64.91 29.15 -7.06
CA TYR G 280 64.01 29.61 -6.03
C TYR G 280 62.80 28.69 -5.89
N ILE G 281 62.39 28.06 -6.98
CA ILE G 281 61.30 27.08 -6.96
C ILE G 281 61.76 25.85 -6.19
N PRO G 282 60.90 25.19 -5.41
CA PRO G 282 61.32 23.98 -4.69
C PRO G 282 61.70 22.84 -5.62
N GLU G 283 62.51 21.93 -5.09
CA GLU G 283 63.07 20.87 -5.91
C GLU G 283 62.00 19.86 -6.31
N ARG G 284 61.05 19.59 -5.44
CA ARG G 284 60.03 18.60 -5.73
C ARG G 284 58.94 19.13 -6.65
N ILE G 285 58.96 20.43 -6.97
CA ILE G 285 58.00 20.99 -7.93
C ILE G 285 58.61 21.03 -9.34
N ARG G 286 59.85 21.48 -9.46
CA ARG G 286 60.45 21.59 -10.78
C ARG G 286 61.03 20.27 -11.29
N ASN G 287 61.26 19.30 -10.42
CA ASN G 287 61.51 17.92 -10.86
C ASN G 287 60.26 17.08 -10.83
N ASP G 288 59.10 17.70 -11.08
CA ASP G 288 57.84 17.01 -11.25
C ASP G 288 57.45 17.05 -12.72
N VAL G 289 56.75 16.01 -13.15
CA VAL G 289 56.40 15.88 -14.55
C VAL G 289 55.27 16.83 -14.92
N ASN G 290 54.34 17.07 -13.99
CA ASN G 290 53.07 17.69 -14.34
C ASN G 290 53.18 19.18 -14.66
N TYR G 291 54.10 19.89 -14.04
CA TYR G 291 54.18 21.34 -14.19
C TYR G 291 55.28 21.70 -15.18
N ILE G 292 54.92 22.36 -16.27
CA ILE G 292 55.86 22.82 -17.28
C ILE G 292 56.18 24.28 -17.01
N LEU G 293 57.46 24.56 -16.77
CA LEU G 293 57.91 25.86 -16.27
C LEU G 293 58.46 26.68 -17.43
N ASN G 294 57.92 27.87 -17.63
CA ASN G 294 58.20 28.67 -18.81
C ASN G 294 58.40 30.12 -18.39
N MET G 295 59.52 30.70 -18.80
CA MET G 295 59.81 32.11 -18.57
C MET G 295 60.27 32.74 -19.87
N ASP G 296 60.12 34.06 -19.95
CA ASP G 296 60.32 34.77 -21.20
C ASP G 296 61.53 35.69 -21.20
N ARG G 297 61.73 36.48 -20.17
CA ARG G 297 62.80 37.46 -20.14
C ARG G 297 64.00 36.93 -19.36
N ASN G 298 65.19 37.22 -19.86
CA ASN G 298 66.42 36.90 -19.15
C ASN G 298 67.04 38.18 -18.58
N LEU G 299 67.52 38.07 -17.38
CA LEU G 299 67.97 39.22 -16.61
C LEU G 299 69.41 39.57 -16.96
N PRO G 300 69.83 40.85 -16.81
CA PRO G 300 71.18 41.21 -17.20
C PRO G 300 72.24 40.73 -16.23
N SER G 301 73.48 41.15 -16.45
CA SER G 301 74.54 40.82 -15.50
C SER G 301 74.56 41.73 -14.29
N THR G 302 73.74 42.79 -14.28
CA THR G 302 73.71 43.76 -13.20
C THR G 302 72.42 43.69 -12.40
N ALA G 303 71.78 42.52 -12.35
CA ALA G 303 70.55 42.35 -11.59
C ALA G 303 70.86 41.67 -10.27
N ARG G 304 70.36 42.24 -9.17
CA ARG G 304 70.61 41.71 -7.85
C ARG G 304 69.29 41.43 -7.14
N TYR G 305 69.33 40.50 -6.20
CA TYR G 305 68.18 40.11 -5.41
C TYR G 305 68.62 39.93 -3.97
N ILE G 306 67.66 39.96 -3.05
CA ILE G 306 67.94 39.91 -1.62
C ILE G 306 67.42 38.61 -1.07
N ARG G 307 68.32 37.74 -0.65
CA ARG G 307 67.94 36.38 -0.27
C ARG G 307 67.36 36.37 1.13
N PRO G 308 66.15 35.82 1.33
CA PRO G 308 65.57 35.80 2.67
C PRO G 308 66.19 34.70 3.52
N ASN G 309 66.41 35.02 4.79
CA ASN G 309 67.05 34.06 5.69
C ASN G 309 66.01 33.07 6.20
N LEU G 310 65.91 31.94 5.51
CA LEU G 310 65.01 30.86 5.87
C LEU G 310 65.82 29.77 6.57
N LEU G 311 66.05 29.97 7.86
CA LEU G 311 66.63 28.93 8.69
C LEU G 311 65.62 28.54 9.75
N GLN G 312 65.63 27.25 10.11
CA GLN G 312 64.56 26.66 10.91
C GLN G 312 64.53 27.27 12.31
N ASP G 313 63.36 27.15 12.95
CA ASP G 313 63.01 27.98 14.10
C ASP G 313 63.91 27.71 15.29
N ARG G 314 64.67 28.72 15.69
CA ARG G 314 65.65 28.63 16.75
C ARG G 314 65.06 28.75 18.14
N LEU G 315 63.74 28.70 18.28
CA LEU G 315 63.12 28.80 19.59
C LEU G 315 62.54 27.49 20.08
N ASN G 316 62.22 26.56 19.16
CA ASN G 316 61.43 25.37 19.42
C ASN G 316 60.11 25.74 20.11
N LEU G 317 59.28 26.48 19.37
CA LEU G 317 57.98 26.88 19.88
C LEU G 317 56.99 25.74 19.95
N HIS G 318 57.34 24.57 19.40
CA HIS G 318 56.53 23.36 19.61
C HIS G 318 56.86 22.66 20.92
N ASP G 319 57.91 23.09 21.61
CA ASP G 319 58.39 22.44 22.82
C ASP G 319 58.11 23.35 24.00
N ASN G 320 57.16 22.93 24.84
CA ASN G 320 56.72 23.55 26.09
C ASN G 320 55.98 24.86 25.90
N PHE G 321 55.74 25.28 24.67
CA PHE G 321 54.94 26.47 24.38
C PHE G 321 53.64 25.99 23.75
N GLU G 322 52.66 25.72 24.59
CA GLU G 322 51.42 25.13 24.12
C GLU G 322 50.39 26.17 23.71
N SER G 323 50.39 27.33 24.34
CA SER G 323 49.45 28.38 23.98
C SER G 323 49.89 29.14 22.74
N LEU G 324 51.16 28.99 22.33
CA LEU G 324 51.65 29.65 21.12
C LEU G 324 51.74 28.72 19.93
N TRP G 325 51.95 27.42 20.15
CA TRP G 325 51.91 26.48 19.04
C TRP G 325 50.49 26.18 18.61
N ASP G 326 49.50 26.44 19.47
CA ASP G 326 48.12 26.27 19.03
C ASP G 326 47.70 27.40 18.11
N THR G 327 48.19 28.61 18.34
CA THR G 327 47.85 29.74 17.48
C THR G 327 48.89 29.99 16.40
N ILE G 328 49.82 29.06 16.20
CA ILE G 328 50.72 29.10 15.05
C ILE G 328 50.50 27.92 14.11
N THR G 329 49.74 26.90 14.52
CA THR G 329 49.22 25.92 13.59
C THR G 329 47.79 26.19 13.19
N THR G 330 47.03 26.98 13.95
CA THR G 330 45.75 27.41 13.42
C THR G 330 45.90 28.53 12.41
N SER G 331 47.07 29.13 12.29
CA SER G 331 47.37 30.04 11.21
C SER G 331 47.89 29.31 9.99
N ASN G 332 48.51 28.15 10.19
CA ASN G 332 48.99 27.32 9.09
C ASN G 332 47.97 26.30 8.64
N TYR G 333 46.86 26.17 9.37
CA TYR G 333 45.77 25.32 8.91
C TYR G 333 44.84 26.10 7.99
N ILE G 334 44.44 27.30 8.39
CA ILE G 334 43.50 28.09 7.59
C ILE G 334 44.16 28.59 6.32
N LEU G 335 45.47 28.82 6.35
CA LEU G 335 46.17 29.13 5.11
C LEU G 335 46.22 27.92 4.19
N ALA G 336 46.48 26.74 4.75
CA ALA G 336 46.55 25.54 3.92
C ALA G 336 45.19 25.07 3.44
N ARG G 337 44.12 25.48 4.11
CA ARG G 337 42.78 25.08 3.70
C ARG G 337 42.33 25.84 2.46
N SER G 338 42.68 27.12 2.36
CA SER G 338 42.29 27.92 1.21
C SER G 338 43.22 27.76 0.02
N VAL G 339 44.14 26.80 0.06
CA VAL G 339 45.06 26.54 -1.03
C VAL G 339 44.82 25.20 -1.69
N VAL G 340 44.50 24.17 -0.89
CA VAL G 340 44.21 22.83 -1.39
C VAL G 340 42.98 22.86 -2.31
N PRO G 341 43.05 22.32 -3.51
CA PRO G 341 42.01 22.59 -4.51
C PRO G 341 40.77 21.76 -4.28
N ASP G 342 39.62 22.39 -4.48
CA ASP G 342 38.35 21.74 -4.26
C ASP G 342 38.03 20.80 -5.41
N LEU G 343 37.25 19.77 -5.11
CA LEU G 343 36.94 18.72 -6.07
C LEU G 343 36.02 19.23 -7.16
N LYS G 344 36.24 18.71 -8.36
CA LYS G 344 35.39 19.00 -9.51
C LYS G 344 34.92 17.69 -10.13
N GLU G 345 33.78 17.79 -10.83
CA GLU G 345 33.13 16.68 -11.53
C GLU G 345 32.83 15.53 -10.57
N LEU G 346 32.12 15.85 -9.49
CA LEU G 346 31.67 14.81 -8.59
C LEU G 346 30.49 14.06 -9.21
N VAL G 347 30.27 12.85 -8.72
CA VAL G 347 29.01 12.15 -9.01
C VAL G 347 27.89 12.96 -8.38
N SER G 348 26.81 13.15 -9.13
CA SER G 348 25.74 14.05 -8.71
C SER G 348 25.04 13.54 -7.46
N THR G 349 24.92 14.42 -6.46
CA THR G 349 24.41 14.03 -5.15
C THR G 349 22.93 13.69 -5.15
N GLU G 350 22.19 14.04 -6.20
CA GLU G 350 20.83 13.56 -6.31
C GLU G 350 20.76 12.20 -6.98
N ALA G 351 21.74 11.87 -7.81
CA ALA G 351 21.76 10.61 -8.53
C ALA G 351 22.45 9.50 -7.76
N GLN G 352 23.11 9.83 -6.65
CA GLN G 352 23.81 8.85 -5.85
C GLN G 352 22.99 8.34 -4.69
N ILE G 353 22.17 9.20 -4.08
CA ILE G 353 21.29 8.75 -2.99
C ILE G 353 20.16 7.91 -3.54
N GLN G 354 19.79 8.08 -4.81
CA GLN G 354 18.82 7.19 -5.42
C GLN G 354 19.39 5.80 -5.62
N LYS G 355 20.62 5.71 -6.12
CA LYS G 355 21.28 4.42 -6.26
C LYS G 355 21.63 3.81 -4.91
N MET G 356 21.88 4.65 -3.90
CA MET G 356 22.12 4.14 -2.56
C MET G 356 20.83 3.71 -1.87
N SER G 357 19.67 4.14 -2.36
CA SER G 357 18.40 3.68 -1.81
C SER G 357 17.89 2.42 -2.49
N GLN G 358 18.60 1.93 -3.50
CA GLN G 358 18.26 0.67 -4.14
C GLN G 358 19.25 -0.45 -3.83
N ASP G 359 20.49 -0.11 -3.48
CA ASP G 359 21.41 -1.12 -2.97
C ASP G 359 20.96 -1.62 -1.61
N LEU G 360 20.57 -0.70 -0.73
CA LEU G 360 19.86 -1.08 0.47
C LEU G 360 18.43 -1.43 0.11
N GLN G 361 17.72 -2.02 1.08
CA GLN G 361 16.29 -2.22 0.93
C GLN G 361 15.61 -1.24 1.86
N LEU G 362 15.47 -0.01 1.41
CA LEU G 362 14.73 0.98 2.16
C LEU G 362 13.25 0.73 1.94
N GLU G 363 12.54 0.40 3.00
CA GLU G 363 11.11 0.21 2.93
C GLU G 363 10.43 0.93 4.07
N ALA G 364 9.29 1.56 3.78
CA ALA G 364 8.50 2.18 4.82
C ALA G 364 7.72 1.11 5.56
N LEU G 365 6.97 1.54 6.58
CA LEU G 365 6.30 0.68 7.58
C LEU G 365 7.27 -0.23 8.31
N THR G 366 8.55 0.15 8.40
CA THR G 366 9.55 -0.60 9.14
C THR G 366 10.58 0.40 9.64
N ILE G 367 10.97 0.31 10.91
CA ILE G 367 12.05 1.14 11.42
C ILE G 367 13.34 0.37 11.15
N GLN G 368 14.01 0.73 10.08
CA GLN G 368 15.29 0.14 9.75
C GLN G 368 16.43 0.99 10.26
N SER G 369 17.56 0.34 10.49
CA SER G 369 18.82 1.02 10.76
C SER G 369 19.56 1.39 9.49
N GLU G 370 18.94 1.17 8.33
CA GLU G 370 19.49 1.51 7.04
C GLU G 370 18.96 2.82 6.50
N THR G 371 18.06 3.48 7.23
CA THR G 371 17.61 4.79 6.81
C THR G 371 18.68 5.84 7.08
N GLN G 372 19.51 5.61 8.09
CA GLN G 372 20.56 6.56 8.46
C GLN G 372 21.82 6.39 7.63
N PHE G 373 21.83 5.50 6.64
CA PHE G 373 23.00 5.38 5.78
C PHE G 373 23.10 6.52 4.77
N LEU G 374 22.11 7.41 4.72
CA LEU G 374 22.02 8.43 3.69
C LEU G 374 22.19 9.84 4.23
N THR G 375 22.26 10.02 5.54
CA THR G 375 22.34 11.36 6.08
C THR G 375 23.74 11.94 5.91
N GLY G 376 23.79 13.25 5.68
CA GLY G 376 25.06 13.93 5.55
C GLY G 376 25.81 13.65 4.28
N ILE G 377 25.13 13.29 3.20
CA ILE G 377 25.76 13.07 1.90
C ILE G 377 25.36 14.24 1.00
N ASN G 378 26.32 15.10 0.69
CA ASN G 378 26.12 16.19 -0.26
C ASN G 378 27.50 16.65 -0.72
N SER G 379 27.52 17.52 -1.74
CA SER G 379 28.77 17.98 -2.31
C SER G 379 29.45 19.06 -1.50
N GLN G 380 28.73 19.69 -0.57
CA GLN G 380 29.36 20.67 0.30
C GLN G 380 30.23 19.99 1.36
N ALA G 381 29.88 18.78 1.74
CA ALA G 381 30.66 18.01 2.69
C ALA G 381 31.68 17.11 2.02
N ALA G 382 31.68 17.05 0.69
CA ALA G 382 32.78 16.37 0.00
C ALA G 382 33.97 17.30 -0.15
N ASN G 383 33.74 18.57 -0.44
CA ASN G 383 34.79 19.58 -0.48
C ASN G 383 35.21 20.04 0.89
N ASP G 384 34.57 19.58 1.96
CA ASP G 384 34.96 19.94 3.30
C ASP G 384 35.82 18.88 3.95
N CYS G 385 35.67 17.61 3.58
CA CYS G 385 36.50 16.55 4.12
C CYS G 385 37.76 16.33 3.32
N PHE G 386 37.74 16.62 2.03
CA PHE G 386 38.97 16.60 1.24
C PHE G 386 39.91 17.72 1.67
N LYS G 387 39.37 18.83 2.17
CA LYS G 387 40.21 19.94 2.58
C LYS G 387 40.74 19.75 3.99
N THR G 388 39.90 19.35 4.93
CA THR G 388 40.39 19.22 6.30
C THR G 388 41.20 17.95 6.53
N LEU G 389 41.40 17.12 5.51
CA LEU G 389 42.37 16.04 5.60
C LEU G 389 43.72 16.45 5.06
N ILE G 390 43.75 17.16 3.93
CA ILE G 390 45.01 17.66 3.41
C ILE G 390 45.53 18.80 4.27
N ALA G 391 44.66 19.74 4.65
CA ALA G 391 45.14 20.89 5.39
C ALA G 391 45.40 20.61 6.86
N ALA G 392 44.96 19.48 7.38
CA ALA G 392 45.40 19.10 8.71
C ALA G 392 46.73 18.39 8.69
N MET G 393 47.03 17.62 7.64
CA MET G 393 48.33 16.96 7.56
C MET G 393 49.43 17.96 7.26
N LEU G 394 49.13 19.01 6.51
CA LEU G 394 50.11 20.02 6.15
C LEU G 394 50.43 20.99 7.27
N SER G 395 49.65 21.02 8.33
CA SER G 395 49.92 21.89 9.45
C SER G 395 50.07 21.15 10.75
N GLN G 396 49.89 19.83 10.75
CA GLN G 396 49.93 18.97 11.94
C GLN G 396 48.92 19.41 13.00
N ARG G 397 47.73 19.77 12.56
CA ARG G 397 46.66 20.14 13.47
C ARG G 397 45.85 18.89 13.80
N THR G 398 45.86 18.49 15.06
CA THR G 398 45.31 17.20 15.48
C THR G 398 43.80 17.20 15.36
N MET G 399 43.28 16.42 14.42
CA MET G 399 41.84 16.33 14.21
C MET G 399 41.17 15.56 15.33
N SER G 400 39.86 15.69 15.41
CA SER G 400 39.06 14.85 16.29
C SER G 400 37.83 14.42 15.55
N LEU G 401 37.48 13.14 15.67
CA LEU G 401 36.34 12.59 14.95
C LEU G 401 35.04 12.86 15.68
N ASP G 402 34.02 13.26 14.93
CA ASP G 402 32.69 13.51 15.47
C ASP G 402 31.72 12.67 14.66
N PHE G 403 30.96 11.82 15.33
CA PHE G 403 30.07 10.89 14.66
C PHE G 403 28.99 10.47 15.64
N VAL G 404 28.13 9.56 15.18
CA VAL G 404 27.13 8.93 16.02
C VAL G 404 27.29 7.43 15.90
N THR G 405 27.01 6.73 17.00
CA THR G 405 27.30 5.30 17.05
C THR G 405 26.32 4.50 16.20
N THR G 406 25.06 4.95 16.13
CA THR G 406 24.01 4.22 15.46
C THR G 406 23.98 4.42 13.95
N ASN G 407 25.06 4.90 13.34
CA ASN G 407 25.15 5.08 11.90
C ASN G 407 26.24 4.12 11.42
N TYR G 408 25.83 2.98 10.88
CA TYR G 408 26.83 1.96 10.53
C TYR G 408 27.61 2.31 9.27
N MET G 409 27.18 3.30 8.50
CA MET G 409 27.94 3.70 7.32
C MET G 409 29.10 4.60 7.69
N SER G 410 28.95 5.44 8.72
CA SER G 410 30.07 6.25 9.17
C SER G 410 31.10 5.42 9.91
N LEU G 411 30.75 4.21 10.34
CA LEU G 411 31.71 3.31 10.93
C LEU G 411 32.40 2.43 9.89
N ILE G 412 31.73 2.13 8.79
CA ILE G 412 32.38 1.41 7.69
C ILE G 412 33.30 2.35 6.92
N SER G 413 32.80 3.54 6.59
CA SER G 413 33.64 4.55 5.94
C SER G 413 34.68 5.12 6.87
N GLY G 414 34.47 5.01 8.19
CA GLY G 414 35.51 5.39 9.14
C GLY G 414 36.69 4.46 9.15
N MET G 415 36.53 3.23 8.62
CA MET G 415 37.66 2.35 8.43
C MET G 415 38.60 2.84 7.35
N TRP G 416 38.14 3.74 6.49
CA TRP G 416 39.00 4.26 5.45
C TRP G 416 39.89 5.40 5.94
N LEU G 417 39.45 6.19 6.93
CA LEU G 417 40.33 7.21 7.49
C LEU G 417 41.48 6.59 8.25
N LEU G 418 41.19 5.63 9.12
CA LEU G 418 42.19 5.06 10.01
C LEU G 418 43.26 4.30 9.26
N THR G 419 42.96 3.84 8.05
CA THR G 419 43.93 3.11 7.26
C THR G 419 44.70 4.01 6.30
N VAL G 420 44.30 5.27 6.15
CA VAL G 420 45.01 6.23 5.30
C VAL G 420 45.65 7.32 6.14
N VAL G 421 44.86 8.06 6.91
CA VAL G 421 45.41 9.07 7.81
C VAL G 421 46.14 8.37 8.95
N PRO G 422 47.36 8.76 9.27
CA PRO G 422 48.10 8.09 10.35
C PRO G 422 47.47 8.32 11.71
N ASN G 423 47.51 7.28 12.54
CA ASN G 423 46.82 7.25 13.82
C ASN G 423 47.46 8.14 14.88
N ASP G 424 48.60 8.77 14.62
CA ASP G 424 49.20 9.67 15.58
C ASP G 424 48.60 11.05 15.53
N MET G 425 47.43 11.19 14.98
CA MET G 425 46.89 12.48 14.60
C MET G 425 45.51 12.76 15.17
N PHE G 426 44.63 11.77 15.23
CA PHE G 426 43.37 11.98 15.91
C PHE G 426 43.60 11.99 17.42
N ILE G 427 42.74 12.73 18.12
CA ILE G 427 42.87 12.84 19.56
C ILE G 427 42.42 11.55 20.21
N ARG G 428 43.21 11.07 21.18
CA ARG G 428 43.08 9.72 21.71
C ARG G 428 41.79 9.47 22.47
N GLU G 429 41.04 10.50 22.85
CA GLU G 429 39.71 10.25 23.39
C GLU G 429 38.67 10.07 22.30
N SER G 430 39.04 10.32 21.04
CA SER G 430 38.16 10.14 19.90
C SER G 430 38.68 9.17 18.86
N LEU G 431 39.97 8.88 18.86
CA LEU G 431 40.47 7.77 18.06
C LEU G 431 40.12 6.45 18.70
N VAL G 432 40.09 6.40 20.02
CA VAL G 432 39.75 5.17 20.73
C VAL G 432 38.25 4.91 20.62
N ALA G 433 37.43 5.93 20.84
CA ALA G 433 35.98 5.75 20.78
C ALA G 433 35.44 5.60 19.38
N CYS G 434 36.26 5.80 18.35
CA CYS G 434 35.91 5.43 16.99
C CYS G 434 36.43 4.07 16.60
N GLN G 435 37.61 3.68 17.11
CA GLN G 435 38.09 2.34 16.88
C GLN G 435 37.30 1.31 17.68
N LEU G 436 36.82 1.69 18.87
CA LEU G 436 36.00 0.79 19.65
C LEU G 436 34.62 0.60 19.04
N ALA G 437 34.11 1.62 18.35
CA ALA G 437 32.80 1.48 17.72
C ALA G 437 32.87 0.57 16.50
N ILE G 438 34.01 0.51 15.82
CA ILE G 438 34.16 -0.44 14.73
C ILE G 438 34.28 -1.86 15.27
N ILE G 439 34.96 -2.02 16.41
CA ILE G 439 35.24 -3.34 16.95
C ILE G 439 33.98 -3.98 17.50
N ASN G 440 33.24 -3.26 18.34
CA ASN G 440 32.07 -3.82 18.98
C ASN G 440 30.87 -3.98 18.04
N THR G 441 30.93 -3.47 16.82
CA THR G 441 29.78 -3.50 15.93
C THR G 441 30.01 -4.31 14.66
N ILE G 442 31.11 -4.09 13.96
CA ILE G 442 31.28 -4.60 12.61
C ILE G 442 32.15 -5.84 12.57
N ILE G 443 33.27 -5.86 13.29
CA ILE G 443 34.28 -6.90 13.09
C ILE G 443 34.24 -7.97 14.19
N TYR G 444 33.98 -7.62 15.44
CA TYR G 444 33.75 -8.71 16.40
C TYR G 444 32.42 -9.45 16.28
N PRO G 445 31.27 -8.83 15.97
CA PRO G 445 30.07 -9.66 15.74
C PRO G 445 30.10 -10.47 14.46
N ALA G 446 31.01 -10.18 13.52
CA ALA G 446 31.13 -11.02 12.34
C ALA G 446 31.73 -12.37 12.69
N PHE G 447 32.77 -12.38 13.51
CA PHE G 447 33.40 -13.62 13.92
C PHE G 447 32.75 -14.23 15.15
N GLY G 448 31.69 -13.63 15.65
CA GLY G 448 30.97 -14.19 16.77
C GLY G 448 31.65 -14.10 18.10
N MET G 449 32.72 -13.31 18.22
CA MET G 449 33.38 -13.17 19.50
C MET G 449 32.54 -12.33 20.45
N GLN G 450 32.80 -12.50 21.75
CA GLN G 450 32.17 -11.64 22.74
C GLN G 450 32.71 -10.23 22.58
N ARG G 451 31.81 -9.25 22.61
CA ARG G 451 32.16 -7.87 22.29
C ARG G 451 33.15 -7.32 23.31
N MET G 452 33.89 -6.29 22.88
CA MET G 452 35.15 -5.96 23.53
C MET G 452 34.94 -5.33 24.90
N HIS G 453 35.61 -5.91 25.89
CA HIS G 453 35.55 -5.43 27.26
C HIS G 453 36.67 -4.41 27.45
N TYR G 454 36.41 -3.19 27.00
CA TYR G 454 37.40 -2.13 26.97
C TYR G 454 37.07 -1.12 28.07
N ARG G 455 38.07 -0.81 28.90
CA ARG G 455 37.95 0.15 29.97
C ARG G 455 38.60 1.47 29.55
N ASN G 456 38.10 2.56 30.11
CA ASN G 456 38.64 3.88 29.81
C ASN G 456 40.03 4.03 30.40
N GLY G 457 41.00 4.34 29.54
CA GLY G 457 42.36 4.50 29.99
C GLY G 457 43.21 3.26 29.88
N ASP G 458 42.72 2.22 29.24
CA ASP G 458 43.52 1.05 28.92
C ASP G 458 44.61 1.48 27.95
N PRO G 459 45.90 1.23 28.25
CA PRO G 459 46.98 1.81 27.43
C PRO G 459 47.06 1.33 25.99
N GLN G 460 46.33 0.29 25.60
CA GLN G 460 46.31 -0.18 24.23
C GLN G 460 45.00 0.23 23.57
N THR G 461 45.08 0.72 22.34
CA THR G 461 43.90 1.06 21.57
C THR G 461 43.16 -0.22 21.19
N PRO G 462 41.86 -0.13 20.91
CA PRO G 462 41.12 -1.37 20.59
C PRO G 462 41.51 -2.02 19.28
N PHE G 463 42.12 -1.31 18.34
CA PHE G 463 42.73 -1.99 17.21
C PHE G 463 44.06 -2.61 17.57
N GLN G 464 44.67 -2.21 18.68
CA GLN G 464 45.93 -2.77 19.12
C GLN G 464 45.73 -4.02 19.96
N ILE G 465 44.53 -4.23 20.48
CA ILE G 465 44.21 -5.45 21.21
C ILE G 465 43.64 -6.50 20.28
N ALA G 466 42.72 -6.11 19.41
CA ALA G 466 42.01 -7.07 18.58
C ALA G 466 42.83 -7.59 17.41
N GLU G 467 44.07 -7.17 17.22
CA GLU G 467 44.93 -7.93 16.31
C GLU G 467 45.63 -9.07 17.04
N GLN G 468 45.65 -9.03 18.37
CA GLN G 468 46.21 -10.11 19.18
C GLN G 468 45.15 -11.07 19.65
N GLN G 469 43.92 -10.91 19.17
CA GLN G 469 42.78 -11.63 19.72
C GLN G 469 41.96 -12.25 18.61
N ILE G 470 42.02 -11.68 17.43
CA ILE G 470 41.25 -12.18 16.31
C ILE G 470 42.08 -13.26 15.63
N GLN G 471 41.41 -14.24 15.03
CA GLN G 471 42.09 -15.41 14.50
C GLN G 471 42.15 -15.45 12.98
N ASN G 472 41.50 -14.52 12.30
CA ASN G 472 41.54 -14.47 10.85
C ASN G 472 42.91 -13.97 10.39
N PHE G 473 43.13 -13.96 9.08
CA PHE G 473 44.38 -13.45 8.53
C PHE G 473 44.19 -12.22 7.67
N GLN G 474 43.17 -12.15 6.85
CA GLN G 474 43.00 -11.00 5.99
C GLN G 474 42.35 -9.81 6.69
N VAL G 475 41.84 -9.99 7.91
CA VAL G 475 41.39 -8.88 8.74
C VAL G 475 42.25 -8.71 9.97
N ALA G 476 43.26 -9.55 10.15
CA ALA G 476 44.33 -9.27 11.09
C ALA G 476 45.55 -8.71 10.41
N ASN G 477 45.54 -8.60 9.09
CA ASN G 477 46.61 -7.96 8.36
C ASN G 477 46.31 -6.49 8.13
N TRP G 478 45.05 -6.16 7.84
CA TRP G 478 44.67 -4.76 7.79
C TRP G 478 44.71 -4.13 9.17
N LEU G 479 44.25 -4.87 10.18
CA LEU G 479 44.23 -4.38 11.55
C LEU G 479 45.62 -4.22 12.12
N HIS G 480 46.62 -4.88 11.53
CA HIS G 480 48.01 -4.61 11.87
C HIS G 480 48.51 -3.37 11.16
N PHE G 481 47.93 -3.02 10.02
CA PHE G 481 48.40 -1.84 9.32
C PHE G 481 47.94 -0.57 10.00
N VAL G 482 46.77 -0.58 10.62
CA VAL G 482 46.27 0.61 11.31
C VAL G 482 47.08 0.88 12.57
N ASN G 483 47.60 -0.15 13.22
CA ASN G 483 48.40 0.06 14.41
C ASN G 483 49.78 0.61 14.08
N ASN G 484 50.32 0.28 12.91
CA ASN G 484 51.67 0.66 12.54
C ASN G 484 51.65 1.59 11.32
N ASN G 485 50.73 2.53 11.31
CA ASN G 485 50.66 3.56 10.28
C ASN G 485 51.19 4.84 10.91
N GLN G 486 52.42 5.21 10.57
CA GLN G 486 53.05 6.38 11.16
C GLN G 486 53.61 7.27 10.07
N PHE G 487 53.74 8.55 10.40
CA PHE G 487 54.46 9.46 9.53
C PHE G 487 55.93 9.14 9.55
N ARG G 488 56.63 9.44 8.47
CA ARG G 488 58.04 9.13 8.33
C ARG G 488 58.83 10.43 8.24
N GLN G 489 59.54 10.77 9.31
CA GLN G 489 60.22 12.05 9.38
C GLN G 489 61.52 11.99 8.59
N VAL G 490 61.53 12.63 7.42
CA VAL G 490 62.75 12.77 6.63
C VAL G 490 62.99 14.25 6.39
N VAL G 491 64.26 14.59 6.16
CA VAL G 491 64.61 15.97 5.85
C VAL G 491 64.81 16.08 4.34
N ILE G 492 63.94 16.84 3.69
CA ILE G 492 63.99 17.06 2.25
C ILE G 492 64.21 18.54 2.01
N ASP G 493 65.23 18.87 1.21
CA ASP G 493 65.64 20.25 0.88
C ASP G 493 65.95 21.09 2.11
N GLY G 494 66.41 20.46 3.18
CA GLY G 494 66.74 21.16 4.39
C GLY G 494 65.61 21.27 5.41
N VAL G 495 64.37 21.12 4.99
CA VAL G 495 63.25 21.18 5.91
C VAL G 495 62.84 19.75 6.26
N LEU G 496 62.33 19.57 7.46
CA LEU G 496 61.86 18.27 7.91
C LEU G 496 60.37 18.19 7.65
N ASN G 497 59.98 17.45 6.61
CA ASN G 497 58.57 17.22 6.36
C ASN G 497 58.29 15.74 6.46
N GLN G 498 57.03 15.42 6.73
CA GLN G 498 56.61 14.10 7.17
C GLN G 498 55.85 13.40 6.04
N VAL G 499 56.56 12.59 5.29
CA VAL G 499 55.93 11.88 4.17
C VAL G 499 55.07 10.74 4.70
N LEU G 500 54.14 10.30 3.87
CA LEU G 500 53.30 9.18 4.21
C LEU G 500 54.03 7.88 3.96
N ASN G 501 53.48 6.80 4.48
CA ASN G 501 53.99 5.47 4.18
C ASN G 501 53.78 5.16 2.70
N ASP G 502 54.68 4.35 2.14
CA ASP G 502 54.77 4.19 0.69
C ASP G 502 53.56 3.48 0.09
N ASN G 503 52.72 2.83 0.89
CA ASN G 503 51.54 2.19 0.34
C ASN G 503 50.33 3.10 0.31
N ILE G 504 50.29 4.14 1.14
CA ILE G 504 49.22 5.12 1.01
C ILE G 504 49.37 5.92 -0.27
N ARG G 505 50.61 6.25 -0.64
CA ARG G 505 50.88 6.93 -1.90
C ARG G 505 50.51 6.06 -3.09
N ASN G 506 50.78 4.75 -2.99
CA ASN G 506 50.47 3.84 -4.09
C ASN G 506 48.98 3.62 -4.25
N GLY G 507 48.25 3.61 -3.14
CA GLY G 507 46.89 3.15 -3.14
C GLY G 507 46.74 1.72 -2.69
N HIS G 508 47.85 0.98 -2.54
CA HIS G 508 47.83 -0.43 -2.18
C HIS G 508 47.31 -0.71 -0.78
N VAL G 509 47.02 0.32 0.01
CA VAL G 509 46.41 0.13 1.32
C VAL G 509 44.99 -0.39 1.18
N VAL G 510 44.23 0.16 0.21
CA VAL G 510 42.83 -0.22 0.05
C VAL G 510 42.71 -1.66 -0.42
N ASN G 511 43.70 -2.17 -1.15
CA ASN G 511 43.70 -3.59 -1.51
C ASN G 511 44.02 -4.48 -0.31
N GLN G 512 44.47 -3.93 0.81
CA GLN G 512 44.46 -4.64 2.08
C GLN G 512 43.21 -4.36 2.88
N LEU G 513 42.48 -3.30 2.55
CA LEU G 513 41.20 -3.00 3.20
C LEU G 513 40.05 -3.69 2.50
N MET G 514 40.02 -3.67 1.17
CA MET G 514 38.96 -4.36 0.45
C MET G 514 39.15 -5.86 0.39
N GLU G 515 40.28 -6.37 0.86
CA GLU G 515 40.40 -7.78 1.16
C GLU G 515 40.04 -8.09 2.60
N ALA G 516 39.99 -7.07 3.45
CA ALA G 516 39.55 -7.27 4.83
C ALA G 516 38.03 -7.27 4.92
N LEU G 517 37.40 -6.21 4.42
CA LEU G 517 35.95 -6.11 4.51
C LEU G 517 35.23 -6.84 3.39
N MET G 518 35.93 -7.67 2.62
CA MET G 518 35.27 -8.68 1.80
C MET G 518 35.18 -10.00 2.55
N GLN G 519 36.25 -10.39 3.24
CA GLN G 519 36.22 -11.56 4.10
C GLN G 519 35.33 -11.32 5.31
N LEU G 520 35.19 -10.07 5.73
CA LEU G 520 34.36 -9.77 6.89
C LEU G 520 32.88 -9.83 6.56
N SER G 521 32.50 -9.80 5.28
CA SER G 521 31.11 -9.92 4.89
C SER G 521 30.71 -11.36 4.57
N ARG G 522 31.67 -12.25 4.36
CA ARG G 522 31.38 -13.66 4.14
C ARG G 522 31.28 -14.45 5.43
N GLN G 523 31.44 -13.81 6.59
CA GLN G 523 31.23 -14.51 7.85
C GLN G 523 29.74 -14.65 8.13
N GLN G 524 29.42 -15.37 9.18
CA GLN G 524 28.04 -15.80 9.39
C GLN G 524 27.25 -14.93 10.35
N PHE G 525 27.92 -14.15 11.21
CA PHE G 525 27.36 -13.38 12.31
C PHE G 525 26.47 -14.26 13.18
N PRO G 526 27.05 -15.18 13.97
CA PRO G 526 26.21 -16.22 14.59
C PRO G 526 25.31 -15.73 15.71
N THR G 527 25.80 -14.85 16.59
CA THR G 527 24.95 -14.39 17.69
C THR G 527 23.92 -13.39 17.22
N MET G 528 24.28 -12.55 16.26
CA MET G 528 23.40 -11.47 15.83
C MET G 528 22.27 -12.00 14.97
N PRO G 529 21.09 -11.36 15.01
CA PRO G 529 19.96 -11.82 14.20
C PRO G 529 20.21 -11.60 12.71
N VAL G 530 19.31 -12.18 11.91
CA VAL G 530 19.46 -12.14 10.46
C VAL G 530 19.06 -10.79 9.88
N ASP G 531 18.42 -9.93 10.68
CA ASP G 531 18.19 -8.55 10.26
C ASP G 531 19.36 -7.64 10.60
N TYR G 532 20.43 -8.18 11.16
CA TYR G 532 21.62 -7.41 11.52
C TYR G 532 22.78 -7.67 10.58
N LYS G 533 23.01 -8.93 10.21
CA LYS G 533 24.00 -9.22 9.19
C LYS G 533 23.57 -8.63 7.87
N ARG G 534 22.31 -8.85 7.49
CA ARG G 534 21.78 -8.36 6.23
C ARG G 534 21.58 -6.85 6.21
N SER G 535 21.77 -6.18 7.34
CA SER G 535 21.79 -4.72 7.41
C SER G 535 23.20 -4.14 7.48
N ILE G 536 24.21 -4.96 7.69
CA ILE G 536 25.58 -4.50 7.67
C ILE G 536 26.38 -5.13 6.53
N GLN G 537 25.85 -6.20 5.91
CA GLN G 537 26.44 -6.72 4.69
C GLN G 537 26.07 -5.88 3.48
N ARG G 538 25.05 -5.04 3.61
CA ARG G 538 24.69 -4.12 2.54
C ARG G 538 25.49 -2.83 2.63
N GLY G 539 25.68 -2.31 3.85
CA GLY G 539 26.46 -1.10 4.02
C GLY G 539 27.93 -1.29 3.73
N ILE G 540 28.43 -2.52 3.89
CA ILE G 540 29.82 -2.85 3.56
C ILE G 540 29.98 -3.07 2.07
N LEU G 541 28.89 -3.13 1.33
CA LEU G 541 28.92 -3.31 -0.12
C LEU G 541 28.77 -1.99 -0.86
N LEU G 542 28.23 -0.96 -0.23
CA LEU G 542 28.30 0.38 -0.79
C LEU G 542 29.72 0.91 -0.86
N LEU G 543 30.62 0.37 -0.03
CA LEU G 543 32.03 0.71 -0.07
C LEU G 543 32.85 -0.27 -0.89
N SER G 544 32.50 -1.56 -0.88
CA SER G 544 33.26 -2.54 -1.63
C SER G 544 32.96 -2.50 -3.12
N ASN G 545 31.85 -1.90 -3.53
CA ASN G 545 31.60 -1.65 -4.94
C ASN G 545 32.32 -0.41 -5.44
N ARG G 546 33.00 0.31 -4.58
CA ARG G 546 33.70 1.53 -4.96
C ARG G 546 35.21 1.37 -4.88
N LEU G 547 35.71 0.14 -4.97
CA LEU G 547 37.15 -0.09 -4.84
C LEU G 547 37.92 0.55 -5.98
N GLY G 548 37.31 0.67 -7.16
CA GLY G 548 37.96 1.34 -8.27
C GLY G 548 38.10 2.84 -8.05
N GLN G 549 37.16 3.44 -7.31
CA GLN G 549 37.20 4.86 -7.02
C GLN G 549 37.74 5.14 -5.63
N LEU G 550 38.47 4.20 -5.03
CA LEU G 550 38.93 4.40 -3.67
C LEU G 550 40.40 4.00 -3.55
N VAL G 551 40.89 3.12 -4.43
CA VAL G 551 42.33 3.02 -4.62
C VAL G 551 42.80 4.22 -5.42
N ASP G 552 41.90 4.84 -6.18
CA ASP G 552 42.14 6.14 -6.77
C ASP G 552 42.31 7.24 -5.73
N LEU G 553 41.39 7.31 -4.76
CA LEU G 553 41.28 8.51 -3.93
C LEU G 553 42.46 8.65 -2.99
N THR G 554 43.01 7.53 -2.51
CA THR G 554 44.19 7.64 -1.67
C THR G 554 45.44 7.94 -2.47
N ARG G 555 45.41 7.77 -3.79
CA ARG G 555 46.47 8.32 -4.62
C ARG G 555 46.28 9.82 -4.82
N LEU G 556 45.04 10.29 -4.76
CA LEU G 556 44.78 11.71 -4.97
C LEU G 556 45.04 12.51 -3.71
N LEU G 557 44.71 11.96 -2.54
CA LEU G 557 45.08 12.60 -1.28
C LEU G 557 46.59 12.69 -1.15
N ALA G 558 47.29 11.58 -1.33
CA ALA G 558 48.73 11.60 -1.17
C ALA G 558 49.48 12.18 -2.35
N TYR G 559 48.80 12.80 -3.32
CA TYR G 559 49.43 13.67 -4.30
C TYR G 559 48.99 15.12 -4.19
N ASN G 560 47.77 15.38 -3.77
CA ASN G 560 47.40 16.73 -3.39
C ASN G 560 48.03 17.15 -2.07
N TYR G 561 48.61 16.21 -1.32
CA TYR G 561 49.36 16.53 -0.12
C TYR G 561 50.86 16.57 -0.36
N GLU G 562 51.40 15.74 -1.26
CA GLU G 562 52.83 15.78 -1.53
C GLU G 562 53.23 16.99 -2.35
N THR G 563 52.34 17.49 -3.20
CA THR G 563 52.68 18.66 -4.00
C THR G 563 52.72 19.91 -3.13
N LEU G 564 51.75 20.05 -2.22
CA LEU G 564 51.73 21.23 -1.35
C LEU G 564 52.75 21.15 -0.24
N MET G 565 53.13 19.94 0.19
CA MET G 565 54.16 19.82 1.21
C MET G 565 55.54 20.19 0.68
N ALA G 566 55.72 20.10 -0.63
CA ALA G 566 56.92 20.62 -1.27
C ALA G 566 56.98 22.13 -1.23
N CYS G 567 55.87 22.79 -0.96
CA CYS G 567 55.73 24.22 -1.17
C CYS G 567 55.83 25.00 0.13
N ILE G 568 56.12 24.34 1.24
CA ILE G 568 56.31 25.02 2.49
C ILE G 568 57.81 25.22 2.70
N THR G 569 58.16 26.03 3.70
CA THR G 569 59.56 26.22 4.06
C THR G 569 59.83 26.24 5.55
N MET G 570 58.85 26.55 6.39
CA MET G 570 59.05 26.38 7.81
C MET G 570 58.96 24.90 8.15
N ASN G 571 59.68 24.51 9.20
CA ASN G 571 59.69 23.12 9.64
C ASN G 571 58.32 22.70 10.16
N MET G 572 57.89 21.50 9.79
CA MET G 572 56.65 20.94 10.34
C MET G 572 56.99 19.89 11.41
N GLN G 573 57.10 20.35 12.64
CA GLN G 573 57.21 19.43 13.75
C GLN G 573 55.84 18.84 14.05
N HIS G 574 55.85 17.78 14.87
CA HIS G 574 54.65 16.97 15.08
C HIS G 574 54.42 16.77 16.56
N VAL G 575 53.51 17.56 17.13
CA VAL G 575 53.08 17.40 18.52
C VAL G 575 51.56 17.48 18.55
N GLN G 576 50.99 17.04 19.67
CA GLN G 576 49.57 17.22 19.90
C GLN G 576 49.29 18.65 20.30
N THR G 577 48.25 19.23 19.72
CA THR G 577 47.89 20.61 19.98
C THR G 577 46.70 20.68 20.93
N LEU G 578 46.51 21.85 21.51
CA LEU G 578 45.40 22.08 22.43
C LEU G 578 44.04 21.99 21.74
N THR G 579 43.76 22.93 20.87
CA THR G 579 42.46 23.00 20.21
C THR G 579 42.51 22.23 18.91
N THR G 580 41.41 21.56 18.59
CA THR G 580 41.38 20.51 17.58
C THR G 580 40.39 20.86 16.49
N GLU G 581 40.82 20.76 15.23
CA GLU G 581 39.91 21.03 14.12
C GLU G 581 39.06 19.81 13.84
N LYS G 582 37.76 19.95 14.00
CA LYS G 582 36.86 18.82 14.07
C LYS G 582 36.50 18.31 12.68
N LEU G 583 36.54 17.00 12.51
CA LEU G 583 36.15 16.34 11.28
C LEU G 583 34.90 15.52 11.56
N GLN G 584 33.81 15.80 10.84
CA GLN G 584 32.62 15.00 10.95
C GLN G 584 32.80 13.72 10.14
N LEU G 585 32.54 12.57 10.77
CA LEU G 585 32.77 11.29 10.13
C LEU G 585 31.71 10.95 9.11
N THR G 586 30.55 11.59 9.17
CA THR G 586 29.56 11.45 8.10
C THR G 586 29.86 12.34 6.91
N SER G 587 30.99 13.03 6.91
CA SER G 587 31.49 13.70 5.71
C SER G 587 32.66 12.96 5.08
N VAL G 588 33.20 11.92 5.73
CA VAL G 588 34.06 10.99 5.01
C VAL G 588 33.22 10.05 4.17
N THR G 589 32.01 9.72 4.64
CA THR G 589 31.06 8.98 3.81
C THR G 589 30.68 9.78 2.58
N SER G 590 30.51 11.09 2.73
CA SER G 590 30.13 11.90 1.57
C SER G 590 31.29 12.21 0.66
N LEU G 591 32.49 11.70 0.95
CA LEU G 591 33.63 11.77 0.03
C LEU G 591 33.93 10.43 -0.62
N CYS G 592 33.79 9.34 0.13
CA CYS G 592 34.14 8.02 -0.40
C CYS G 592 33.14 7.55 -1.44
N MET G 593 31.90 7.99 -1.35
CA MET G 593 30.91 7.61 -2.36
C MET G 593 30.22 8.81 -2.99
N LEU G 594 31.02 9.79 -3.38
CA LEU G 594 30.53 10.89 -4.19
C LEU G 594 31.53 11.31 -5.25
N ILE G 595 32.69 10.67 -5.33
CA ILE G 595 33.80 11.11 -6.17
C ILE G 595 33.87 10.22 -7.40
N GLY G 596 34.42 10.75 -8.49
CA GLY G 596 34.73 9.91 -9.62
C GLY G 596 35.43 10.57 -10.79
N ASN G 597 36.55 9.99 -11.22
CA ASN G 597 37.07 10.09 -12.59
C ASN G 597 37.42 11.54 -12.96
N ALA G 598 38.00 12.27 -12.02
CA ALA G 598 38.36 13.67 -12.28
C ALA G 598 39.57 14.03 -11.42
N THR G 599 40.74 14.05 -12.04
CA THR G 599 41.94 14.47 -11.33
C THR G 599 41.85 15.95 -11.01
N VAL G 600 42.06 16.28 -9.75
CA VAL G 600 42.20 17.66 -9.32
C VAL G 600 43.61 17.83 -8.77
N ILE G 601 44.36 18.71 -9.41
CA ILE G 601 45.79 18.88 -9.16
C ILE G 601 45.94 20.38 -8.92
N PRO G 602 46.73 20.83 -7.94
CA PRO G 602 46.72 22.25 -7.60
C PRO G 602 47.47 23.06 -8.64
N SER G 603 46.83 24.12 -9.13
CA SER G 603 47.40 24.89 -10.21
C SER G 603 48.58 25.69 -9.70
N PRO G 604 49.65 25.81 -10.49
CA PRO G 604 50.89 26.43 -9.98
C PRO G 604 50.80 27.91 -9.73
N GLN G 605 49.68 28.56 -10.07
CA GLN G 605 49.44 29.90 -9.55
C GLN G 605 49.07 29.87 -8.08
N THR G 606 48.59 28.74 -7.57
CA THR G 606 48.31 28.58 -6.14
C THR G 606 49.39 27.85 -5.39
N LEU G 607 50.40 27.32 -6.07
CA LEU G 607 51.61 26.91 -5.37
C LEU G 607 52.53 28.10 -5.15
N PHE G 608 52.77 28.89 -6.19
CA PHE G 608 53.67 30.04 -6.08
C PHE G 608 53.09 31.16 -5.22
N HIS G 609 51.82 31.09 -4.86
CA HIS G 609 51.25 31.91 -3.81
C HIS G 609 51.37 31.25 -2.44
N TYR G 610 51.24 29.93 -2.37
CA TYR G 610 51.42 29.24 -1.10
C TYR G 610 52.88 29.16 -0.70
N TYR G 611 53.79 29.21 -1.67
CA TYR G 611 55.20 29.32 -1.32
C TYR G 611 55.57 30.73 -0.92
N ASN G 612 54.84 31.72 -1.42
CA ASN G 612 55.24 33.10 -1.15
C ASN G 612 54.75 33.57 0.20
N VAL G 613 53.67 33.01 0.75
CA VAL G 613 53.27 33.38 2.09
C VAL G 613 53.96 32.53 3.14
N ASN G 614 54.51 31.38 2.77
CA ASN G 614 55.35 30.66 3.71
C ASN G 614 56.73 31.24 3.81
N VAL G 615 57.27 31.80 2.72
CA VAL G 615 58.57 32.45 2.81
C VAL G 615 58.44 33.78 3.53
N ASN G 616 57.36 34.52 3.26
CA ASN G 616 57.17 35.83 3.88
C ASN G 616 56.91 35.74 5.37
N PHE G 617 56.24 34.68 5.83
CA PHE G 617 56.07 34.52 7.27
C PHE G 617 57.34 34.00 7.92
N HIS G 618 58.03 33.06 7.27
CA HIS G 618 59.25 32.52 7.84
C HIS G 618 60.40 33.50 7.79
N SER G 619 60.39 34.47 6.87
CA SER G 619 61.40 35.50 6.89
C SER G 619 61.01 36.70 7.73
N ASN G 620 59.75 36.83 8.09
CA ASN G 620 59.33 37.78 9.12
C ASN G 620 59.30 37.14 10.49
N TYR G 621 59.66 35.87 10.59
CA TYR G 621 59.88 35.24 11.88
C TYR G 621 61.33 35.36 12.28
N ASN G 622 62.26 35.16 11.34
CA ASN G 622 63.67 35.23 11.63
C ASN G 622 64.21 36.64 11.65
N GLU G 623 63.54 37.59 11.02
CA GLU G 623 63.96 38.97 11.09
C GLU G 623 63.33 39.71 12.25
N ARG G 624 62.59 39.01 13.11
CA ARG G 624 62.19 39.54 14.40
C ARG G 624 62.87 38.86 15.57
N ILE G 625 63.34 37.63 15.40
CA ILE G 625 64.28 37.05 16.35
C ILE G 625 65.55 37.89 16.39
N ASN G 626 66.14 38.14 15.22
CA ASN G 626 67.39 38.88 15.14
C ASN G 626 67.24 40.36 15.49
N ASP G 627 66.03 40.89 15.44
CA ASP G 627 65.80 42.25 15.92
C ASP G 627 65.57 42.27 17.42
N ALA G 628 65.23 41.14 18.03
CA ALA G 628 65.02 41.07 19.46
C ALA G 628 66.19 40.47 20.21
N VAL G 629 66.91 39.52 19.61
CA VAL G 629 68.11 38.99 20.24
C VAL G 629 69.24 40.01 20.19
N ALA G 630 69.17 40.99 19.29
CA ALA G 630 70.21 42.01 19.23
C ALA G 630 70.08 43.02 20.35
N ILE G 631 68.89 43.17 20.94
CA ILE G 631 68.71 44.11 22.04
C ILE G 631 68.89 43.43 23.39
N ILE G 632 68.47 42.16 23.51
CA ILE G 632 68.62 41.43 24.77
C ILE G 632 70.08 41.16 25.06
N THR G 633 70.88 40.88 24.03
CA THR G 633 72.31 40.67 24.23
C THR G 633 73.02 41.98 24.50
N ALA G 634 72.62 43.06 23.81
CA ALA G 634 73.24 44.35 24.05
C ALA G 634 72.83 44.96 25.38
N ALA G 635 71.71 44.53 25.96
CA ALA G 635 71.33 45.04 27.27
C ALA G 635 72.21 44.44 28.36
N ASN G 636 72.49 43.14 28.28
CA ASN G 636 73.32 42.51 29.30
C ASN G 636 74.79 42.89 29.17
N ARG G 637 75.23 43.32 28.00
CA ARG G 637 76.64 43.64 27.80
C ARG G 637 76.94 45.10 28.12
N LEU G 638 75.94 45.97 28.03
CA LEU G 638 76.06 47.37 28.41
C LEU G 638 75.74 47.61 29.88
N ASN G 639 75.41 46.55 30.62
CA ASN G 639 75.12 46.59 32.06
C ASN G 639 73.95 47.53 32.37
N LEU G 640 72.78 47.17 31.86
CA LEU G 640 71.51 47.84 32.18
C LEU G 640 70.76 46.91 33.12
N TYR G 641 70.98 47.10 34.42
CA TYR G 641 70.39 46.24 35.44
C TYR G 641 69.03 46.72 35.91
N GLN G 642 68.53 47.83 35.39
CA GLN G 642 67.32 48.44 35.92
C GLN G 642 66.10 48.26 35.04
N LYS G 643 66.27 48.13 33.73
CA LYS G 643 65.13 47.93 32.86
C LYS G 643 64.77 46.46 32.77
N LYS G 644 63.47 46.18 32.74
CA LYS G 644 63.00 44.83 32.55
C LYS G 644 62.71 44.60 31.08
N MET G 645 63.08 43.42 30.58
CA MET G 645 63.04 43.13 29.15
C MET G 645 61.72 42.53 28.73
N LYS G 646 60.63 42.89 29.39
CA LYS G 646 59.31 42.45 28.95
C LYS G 646 58.87 43.18 27.68
N SER G 647 59.28 44.43 27.51
CA SER G 647 58.75 45.24 26.42
C SER G 647 59.38 44.89 25.08
N ILE G 648 60.61 44.39 25.07
CA ILE G 648 61.27 44.08 23.80
C ILE G 648 61.04 42.62 23.44
N VAL G 649 60.22 41.93 24.22
CA VAL G 649 59.61 40.69 23.79
C VAL G 649 58.13 40.89 23.45
N GLU G 650 57.45 41.82 24.13
CA GLU G 650 56.08 42.18 23.78
C GLU G 650 55.98 42.82 22.41
N ASP G 651 57.06 43.42 21.91
CA ASP G 651 57.07 43.88 20.52
C ASP G 651 57.28 42.71 19.57
N PHE G 652 58.12 41.75 19.95
CA PHE G 652 58.43 40.63 19.07
C PHE G 652 57.23 39.71 18.89
N LEU G 653 56.35 39.61 19.88
CA LEU G 653 55.10 38.89 19.66
C LEU G 653 54.10 39.69 18.84
N LYS G 654 54.35 40.99 18.65
CA LYS G 654 53.42 41.84 17.93
C LYS G 654 53.82 42.02 16.47
N ARG G 655 55.11 41.98 16.16
CA ARG G 655 55.53 42.07 14.76
C ARG G 655 55.22 40.79 14.02
N LEU G 656 55.31 39.64 14.69
CA LEU G 656 54.69 38.42 14.20
C LEU G 656 53.20 38.69 14.22
N GLN G 657 52.59 38.89 13.06
CA GLN G 657 51.26 39.47 13.00
C GLN G 657 50.17 38.55 13.51
N ILE G 658 50.45 37.26 13.70
CA ILE G 658 49.37 36.33 14.02
C ILE G 658 49.06 36.32 15.51
N PHE G 659 50.01 36.68 16.36
CA PHE G 659 49.78 36.54 17.80
C PHE G 659 49.05 37.76 18.34
N ASP G 660 48.65 37.64 19.60
CA ASP G 660 48.04 38.75 20.34
C ASP G 660 48.74 38.89 21.67
N ILE G 661 48.58 40.05 22.29
CA ILE G 661 49.24 40.34 23.56
C ILE G 661 48.25 40.12 24.69
N SER G 662 46.97 40.39 24.44
CA SER G 662 45.95 40.27 25.45
C SER G 662 45.61 38.84 25.81
N ARG G 663 46.21 37.85 25.17
CA ARG G 663 46.06 36.46 25.56
C ARG G 663 47.36 35.83 26.03
N VAL G 664 48.47 36.55 25.97
CA VAL G 664 49.77 36.02 26.37
C VAL G 664 50.17 36.70 27.68
N PRO G 665 50.37 35.95 28.76
CA PRO G 665 50.69 36.56 30.05
C PRO G 665 52.12 37.00 30.17
N ASP G 666 52.53 37.39 31.38
CA ASP G 666 53.90 37.80 31.63
C ASP G 666 54.83 36.63 31.88
N ASP G 667 54.33 35.40 31.97
CA ASP G 667 55.19 34.26 32.21
C ASP G 667 55.48 33.45 30.96
N GLN G 668 54.89 33.82 29.82
CA GLN G 668 55.36 33.37 28.52
C GLN G 668 56.13 34.46 27.81
N MET G 669 56.57 35.47 28.54
CA MET G 669 57.20 36.63 27.94
C MET G 669 58.53 36.89 28.62
N TYR G 670 58.62 36.54 29.90
CA TYR G 670 59.90 36.48 30.59
C TYR G 670 60.52 35.09 30.48
N ARG G 671 59.81 34.14 29.90
CA ARG G 671 60.31 32.81 29.63
C ARG G 671 60.66 32.63 28.18
N LEU G 672 59.98 33.37 27.29
CA LEU G 672 60.44 33.46 25.92
C LEU G 672 61.74 34.23 25.83
N ARG G 673 61.96 35.19 26.74
CA ARG G 673 63.24 35.85 26.86
C ARG G 673 64.33 34.91 27.34
N ASP G 674 63.96 33.84 28.03
CA ASP G 674 64.96 32.89 28.52
C ASP G 674 65.55 32.07 27.40
N ARG G 675 64.85 31.93 26.27
CA ARG G 675 65.39 31.20 25.12
C ARG G 675 66.09 32.11 24.14
N LEU G 676 65.62 33.35 23.99
CA LEU G 676 66.31 34.30 23.13
C LEU G 676 67.65 34.72 23.69
N ARG G 677 67.81 34.67 25.02
CA ARG G 677 69.02 35.20 25.63
C ARG G 677 70.25 34.36 25.29
N LEU G 678 70.06 33.08 24.96
CA LEU G 678 71.16 32.16 24.66
C LEU G 678 71.52 32.11 23.19
N LEU G 679 70.71 32.68 22.30
CA LEU G 679 70.98 32.59 20.88
C LEU G 679 72.16 33.50 20.50
N PRO G 680 72.91 33.14 19.45
CA PRO G 680 73.93 34.06 18.94
C PRO G 680 73.30 35.16 18.12
N VAL G 681 73.92 36.33 18.18
CA VAL G 681 73.45 37.49 17.43
C VAL G 681 73.90 37.35 15.97
N GLU G 682 73.03 37.76 15.04
CA GLU G 682 73.35 37.72 13.63
C GLU G 682 74.53 38.63 13.32
N ILE G 683 75.42 38.16 12.42
CA ILE G 683 76.74 38.77 12.21
C ILE G 683 76.69 40.19 11.65
N ARG G 684 75.54 40.64 11.16
CA ARG G 684 75.41 42.06 10.83
C ARG G 684 75.24 42.90 12.08
N ARG G 685 74.50 42.40 13.07
CA ARG G 685 74.30 43.15 14.30
C ARG G 685 75.46 42.99 15.26
N LEU G 686 76.13 41.84 15.24
CA LEU G 686 77.23 41.62 16.17
C LEU G 686 78.47 42.40 15.77
N ASP G 687 78.74 42.50 14.47
CA ASP G 687 79.89 43.26 14.01
C ASP G 687 79.66 44.76 14.06
N ILE G 688 78.43 45.20 14.33
CA ILE G 688 78.15 46.61 14.47
C ILE G 688 77.89 47.02 15.91
N PHE G 689 77.59 46.07 16.81
CA PHE G 689 77.54 46.42 18.21
C PHE G 689 78.93 46.42 18.82
N ASN G 690 79.81 45.53 18.37
CA ASN G 690 81.22 45.59 18.75
C ASN G 690 81.93 46.79 18.16
N LEU G 691 81.33 47.47 17.19
CA LEU G 691 81.84 48.71 16.62
C LEU G 691 81.36 49.93 17.37
N ILE G 692 80.33 49.80 18.20
CA ILE G 692 79.90 50.88 19.10
C ILE G 692 80.58 50.74 20.45
N LEU G 693 80.67 49.52 20.96
CA LEU G 693 81.25 49.25 22.26
C LEU G 693 82.76 49.49 22.28
N MET G 694 83.41 49.45 21.12
CA MET G 694 84.85 49.70 21.06
C MET G 694 85.16 51.17 21.33
N ASN G 695 84.30 52.07 20.85
CA ASN G 695 84.49 53.51 21.05
C ASN G 695 83.20 54.16 21.52
N MET G 696 82.57 53.57 22.53
CA MET G 696 81.51 54.26 23.24
C MET G 696 82.05 55.15 24.34
N GLU G 697 83.36 55.09 24.60
CA GLU G 697 84.00 56.04 25.50
C GLU G 697 84.70 57.16 24.75
N GLN G 698 84.67 57.15 23.42
CA GLN G 698 85.16 58.27 22.64
C GLN G 698 84.05 59.22 22.23
N ILE G 699 82.82 58.73 22.12
CA ILE G 699 81.69 59.60 21.91
C ILE G 699 81.24 60.25 23.21
N GLU G 700 81.34 59.50 24.32
CA GLU G 700 80.95 60.04 25.62
C GLU G 700 81.91 61.12 26.10
N ARG G 701 83.17 61.02 25.74
CA ARG G 701 84.17 61.97 26.21
C ARG G 701 84.26 63.21 25.33
N ALA G 702 83.76 63.16 24.11
CA ALA G 702 83.77 64.34 23.23
C ALA G 702 82.45 65.10 23.28
N SER G 703 81.98 65.44 24.48
CA SER G 703 80.77 66.23 24.65
C SER G 703 81.07 67.39 25.59
N ASP G 704 80.25 68.43 25.50
CA ASP G 704 80.48 69.64 26.29
C ASP G 704 79.32 69.99 27.21
N LYS G 705 78.32 69.12 27.33
CA LYS G 705 77.34 69.23 28.41
C LYS G 705 77.47 68.08 29.39
N ILE G 706 78.68 67.51 29.51
CA ILE G 706 78.92 66.37 30.38
C ILE G 706 80.38 66.43 30.80
N ALA G 707 80.69 65.79 31.92
CA ALA G 707 82.07 65.67 32.37
C ALA G 707 82.25 64.28 32.96
N GLN G 708 83.42 63.69 32.73
CA GLN G 708 83.63 62.32 33.13
C GLN G 708 84.01 62.18 34.59
N GLY G 709 84.14 63.28 35.31
CA GLY G 709 84.44 63.22 36.72
C GLY G 709 85.07 64.50 37.20
N VAL G 710 85.14 64.64 38.52
CA VAL G 710 85.80 65.77 39.16
C VAL G 710 86.70 65.24 40.25
N ILE G 711 87.91 65.77 40.32
CA ILE G 711 88.84 65.39 41.38
C ILE G 711 88.97 66.58 42.33
N ILE G 712 89.18 66.27 43.60
CA ILE G 712 89.46 67.27 44.63
C ILE G 712 90.75 66.88 45.30
N ALA G 713 91.69 67.82 45.41
CA ALA G 713 92.98 67.49 45.98
C ALA G 713 93.44 68.40 47.11
N TYR G 714 92.79 69.55 47.31
CA TYR G 714 93.07 70.49 48.42
C TYR G 714 94.51 71.00 48.40
N ARG G 715 95.12 71.08 47.22
CA ARG G 715 96.41 71.71 47.06
C ARG G 715 96.37 72.58 45.82
N ASP G 716 97.39 73.43 45.66
CA ASP G 716 97.41 74.40 44.57
C ASP G 716 98.01 73.75 43.34
N MET G 717 97.16 73.00 42.62
CA MET G 717 97.57 72.34 41.39
C MET G 717 97.42 73.28 40.21
N GLN G 718 98.40 73.23 39.30
CA GLN G 718 98.48 74.17 38.20
C GLN G 718 97.42 73.88 37.14
N LEU G 719 96.92 74.93 36.51
CA LEU G 719 96.08 74.79 35.33
C LEU G 719 96.95 74.45 34.14
N GLU G 720 96.55 73.45 33.36
CA GLU G 720 97.35 73.06 32.22
C GLU G 720 97.02 73.94 31.01
N ARG G 721 98.02 74.15 30.17
CA ARG G 721 97.91 75.07 29.06
C ARG G 721 97.35 74.34 27.84
N ASP G 722 96.32 74.92 27.24
CA ASP G 722 95.69 74.35 26.07
C ASP G 722 95.59 75.40 24.98
N GLU G 723 95.23 74.97 23.78
CA GLU G 723 95.14 75.88 22.65
C GLU G 723 93.72 76.18 22.23
N MET G 724 92.71 75.55 22.83
CA MET G 724 91.33 75.97 22.61
C MET G 724 90.69 76.59 23.84
N TYR G 725 91.19 76.30 25.03
CA TYR G 725 90.67 76.89 26.25
C TYR G 725 91.59 77.94 26.85
N GLY G 726 92.87 77.93 26.50
CA GLY G 726 93.83 78.73 27.23
C GLY G 726 94.14 78.02 28.52
N TYR G 727 94.28 78.74 29.62
CA TYR G 727 94.45 78.10 30.91
C TYR G 727 93.14 77.44 31.33
N VAL G 728 93.21 76.19 31.76
CA VAL G 728 92.02 75.41 32.06
C VAL G 728 92.37 74.32 33.05
N ASN G 729 91.44 73.99 33.95
CA ASN G 729 91.65 72.90 34.90
C ASN G 729 91.06 71.62 34.33
N ILE G 730 91.86 70.90 33.56
CA ILE G 730 91.51 69.58 33.06
C ILE G 730 92.43 68.57 33.70
N ALA G 731 91.87 67.49 34.22
CA ALA G 731 92.64 66.29 34.53
C ALA G 731 92.38 65.33 33.38
N ARG G 732 93.38 65.19 32.50
CA ARG G 732 93.22 64.30 31.36
C ARG G 732 93.24 62.86 31.81
N ASN G 733 94.23 62.48 32.60
CA ASN G 733 94.21 61.20 33.30
C ASN G 733 93.78 61.44 34.74
N LEU G 734 93.46 60.35 35.43
CA LEU G 734 92.99 60.41 36.81
C LEU G 734 93.80 59.39 37.57
N ASP G 735 94.94 59.80 38.08
CA ASP G 735 95.87 58.89 38.74
C ASP G 735 96.39 59.52 40.02
N GLY G 736 96.40 58.72 41.08
CA GLY G 736 96.85 59.18 42.38
C GLY G 736 95.76 59.52 43.36
N PHE G 737 94.50 59.30 43.02
CA PHE G 737 93.39 59.61 43.91
C PHE G 737 92.44 58.42 43.98
N GLN G 738 91.83 58.25 45.15
CA GLN G 738 90.91 57.14 45.37
C GLN G 738 89.54 57.48 44.78
N GLN G 739 89.07 56.64 43.87
CA GLN G 739 87.81 56.89 43.19
C GLN G 739 86.63 56.46 44.05
N ILE G 740 85.52 57.18 43.94
CA ILE G 740 84.21 56.70 44.36
C ILE G 740 83.23 57.02 43.25
N ASN G 741 82.57 55.99 42.73
CA ASN G 741 81.75 56.18 41.54
C ASN G 741 80.33 56.58 41.91
N LEU G 742 79.81 57.58 41.19
CA LEU G 742 78.55 58.20 41.51
C LEU G 742 77.35 57.42 40.98
N GLU G 743 77.56 56.37 40.22
CA GLU G 743 76.45 55.50 39.85
C GLU G 743 76.12 54.55 40.98
N GLU G 744 77.15 54.04 41.66
CA GLU G 744 76.94 53.16 42.80
C GLU G 744 76.46 53.94 44.03
N LEU G 745 76.82 55.22 44.12
CA LEU G 745 76.41 56.03 45.27
C LEU G 745 74.91 56.31 45.24
N MET G 746 74.36 56.62 44.07
CA MET G 746 72.91 56.80 43.97
C MET G 746 72.18 55.47 43.98
N ARG G 747 72.86 54.38 43.66
CA ARG G 747 72.19 53.08 43.61
C ARG G 747 71.98 52.51 45.01
N THR G 748 73.05 52.43 45.81
CA THR G 748 72.93 51.88 47.15
C THR G 748 72.62 52.92 48.20
N GLY G 749 72.76 54.21 47.89
CA GLY G 749 72.36 55.27 48.78
C GLY G 749 73.17 55.46 50.03
N ASP G 750 74.26 54.73 50.22
CA ASP G 750 75.04 54.83 51.45
C ASP G 750 76.02 55.98 51.24
N TYR G 751 75.63 57.16 51.69
CA TYR G 751 76.45 58.36 51.53
C TYR G 751 77.45 58.54 52.64
N ALA G 752 77.62 57.56 53.53
CA ALA G 752 78.47 57.74 54.70
C ALA G 752 79.96 57.71 54.36
N GLN G 753 80.34 57.33 53.16
CA GLN G 753 81.74 57.41 52.76
C GLN G 753 82.11 58.78 52.22
N ILE G 754 81.26 59.36 51.38
CA ILE G 754 81.58 60.66 50.79
C ILE G 754 81.40 61.77 51.81
N THR G 755 80.40 61.68 52.69
CA THR G 755 80.21 62.74 53.67
C THR G 755 81.23 62.68 54.78
N ASN G 756 82.04 61.63 54.85
CA ASN G 756 83.15 61.61 55.79
C ASN G 756 84.43 62.14 55.16
N MET G 757 84.60 61.98 53.86
CA MET G 757 85.79 62.50 53.19
C MET G 757 85.73 63.99 52.94
N LEU G 758 84.53 64.58 53.00
CA LEU G 758 84.41 66.03 52.84
C LEU G 758 84.63 66.79 54.13
N LEU G 759 84.33 66.18 55.27
CA LEU G 759 84.53 66.87 56.53
C LEU G 759 85.98 66.78 57.01
N ASN G 760 86.64 65.65 56.77
CA ASN G 760 88.03 65.49 57.18
C ASN G 760 89.03 66.06 56.18
N ASN G 761 88.56 66.55 55.03
CA ASN G 761 89.36 67.17 53.98
C ASN G 761 90.43 66.20 53.45
N GLN G 762 89.95 65.15 52.80
CA GLN G 762 90.83 64.19 52.18
C GLN G 762 90.74 64.27 50.66
N PRO G 763 91.83 64.04 49.95
CA PRO G 763 91.80 64.07 48.47
C PRO G 763 91.00 62.90 47.92
N VAL G 764 89.99 63.20 47.13
CA VAL G 764 89.11 62.18 46.56
C VAL G 764 88.83 62.56 45.11
N ALA G 765 88.49 61.57 44.30
CA ALA G 765 88.20 61.76 42.89
C ALA G 765 86.82 61.18 42.59
N LEU G 766 85.83 62.03 42.44
CA LEU G 766 84.48 61.59 42.11
C LEU G 766 84.39 61.34 40.61
N VAL G 767 84.15 60.09 40.21
CA VAL G 767 84.00 59.77 38.81
C VAL G 767 82.52 59.56 38.49
N GLY G 768 82.21 59.45 37.20
CA GLY G 768 80.85 59.37 36.73
C GLY G 768 80.52 60.52 35.81
N ALA G 769 79.42 60.34 35.07
CA ALA G 769 78.95 61.39 34.17
C ALA G 769 78.40 62.55 34.99
N LEU G 770 78.70 63.77 34.55
CA LEU G 770 78.48 64.92 35.39
C LEU G 770 78.27 66.18 34.57
N PRO G 771 77.18 66.91 34.77
CA PRO G 771 77.03 68.21 34.11
C PRO G 771 77.89 69.24 34.81
N PHE G 772 78.39 70.20 34.03
CA PHE G 772 79.35 71.16 34.54
C PHE G 772 79.06 72.54 33.98
N ILE G 773 79.50 73.56 34.70
CA ILE G 773 79.37 74.94 34.26
C ILE G 773 80.76 75.53 34.08
N THR G 774 80.82 76.60 33.29
CA THR G 774 82.08 77.28 33.00
C THR G 774 82.09 78.66 33.64
N ASP G 775 83.23 79.03 34.22
CA ASP G 775 83.43 80.37 34.76
C ASP G 775 84.70 80.93 34.14
N SER G 776 84.54 81.88 33.23
CA SER G 776 85.68 82.41 32.51
C SER G 776 86.38 83.55 33.23
N SER G 777 85.92 83.91 34.42
CA SER G 777 86.46 85.07 35.12
C SER G 777 87.72 84.70 35.89
N VAL G 778 88.56 85.71 36.12
CA VAL G 778 89.78 85.49 36.89
C VAL G 778 89.52 85.65 38.38
N ILE G 779 88.72 86.65 38.76
CA ILE G 779 88.39 86.86 40.17
C ILE G 779 87.50 85.75 40.70
N SER G 780 86.80 85.03 39.83
CA SER G 780 86.11 83.81 40.23
C SER G 780 87.07 82.62 40.39
N LEU G 781 88.36 82.80 40.15
CA LEU G 781 89.37 81.80 40.49
C LEU G 781 90.17 82.17 41.73
N VAL G 782 90.53 83.45 41.89
CA VAL G 782 91.30 83.87 43.05
C VAL G 782 90.45 83.80 44.31
N ALA G 783 89.13 83.96 44.17
CA ALA G 783 88.22 83.79 45.29
C ALA G 783 87.92 82.33 45.59
N LYS G 784 88.49 81.41 44.81
CA LYS G 784 88.36 79.95 45.01
C LYS G 784 86.91 79.49 44.99
N LEU G 785 86.20 79.85 43.93
CA LEU G 785 84.80 79.52 43.80
C LEU G 785 84.60 78.05 43.44
N ASP G 786 85.65 77.35 43.01
CA ASP G 786 85.53 75.98 42.54
C ASP G 786 85.43 74.97 43.68
N ALA G 787 86.06 75.24 44.81
CA ALA G 787 86.11 74.28 45.91
C ALA G 787 84.93 74.41 46.86
N THR G 788 83.97 75.28 46.58
CA THR G 788 82.83 75.50 47.46
C THR G 788 81.59 74.74 47.03
N VAL G 789 81.60 74.07 45.89
CA VAL G 789 80.38 73.47 45.37
C VAL G 789 80.10 72.09 45.94
N PHE G 790 81.05 71.49 46.66
CA PHE G 790 80.88 70.14 47.17
C PHE G 790 80.37 70.09 48.60
N ALA G 791 80.28 71.23 49.29
CA ALA G 791 79.80 71.23 50.67
C ALA G 791 78.30 70.97 50.76
N GLN G 792 77.57 71.11 49.66
CA GLN G 792 76.14 70.84 49.67
C GLN G 792 75.83 69.36 49.76
N ILE G 793 76.79 68.49 49.42
CA ILE G 793 76.59 67.05 49.53
C ILE G 793 76.45 66.61 50.99
N VAL G 794 77.15 67.31 51.89
CA VAL G 794 77.09 66.98 53.31
C VAL G 794 75.71 67.34 53.88
N LYS G 795 75.23 68.54 53.58
CA LYS G 795 74.05 69.07 54.27
C LYS G 795 72.76 68.43 53.75
N LEU G 796 72.66 68.24 52.44
CA LEU G 796 71.57 67.47 51.85
C LEU G 796 72.18 66.37 50.98
N ARG G 797 71.67 65.16 51.12
CA ARG G 797 72.41 63.98 50.66
C ARG G 797 72.41 63.81 49.16
N LYS G 798 71.58 64.53 48.41
CA LYS G 798 71.47 64.30 46.98
C LYS G 798 72.73 64.75 46.24
N VAL G 799 73.23 63.88 45.36
CA VAL G 799 74.47 64.13 44.63
C VAL G 799 74.22 64.41 43.15
N ASP G 800 72.98 64.26 42.67
CA ASP G 800 72.71 64.53 41.26
C ASP G 800 72.75 66.01 40.92
N THR G 801 72.60 66.89 41.91
CA THR G 801 72.72 68.32 41.69
C THR G 801 74.13 68.82 42.00
N LEU G 802 75.10 68.22 41.32
CA LEU G 802 76.50 68.57 41.48
C LEU G 802 77.03 69.15 40.19
N LYS G 803 77.63 70.33 40.27
CA LYS G 803 78.17 71.04 39.11
C LYS G 803 79.61 71.43 39.41
N PRO G 804 80.58 70.65 38.96
CA PRO G 804 81.98 71.07 39.07
C PRO G 804 82.25 72.22 38.13
N ILE G 805 83.16 73.09 38.53
CA ILE G 805 83.41 74.34 37.81
C ILE G 805 84.67 74.17 36.97
N LEU G 806 84.53 74.40 35.67
CA LEU G 806 85.65 74.41 34.73
C LEU G 806 86.03 75.86 34.48
N TYR G 807 87.25 76.22 34.83
CA TYR G 807 87.73 77.56 34.55
C TYR G 807 88.23 77.64 33.12
N LYS G 808 88.20 78.84 32.56
CA LYS G 808 88.67 79.05 31.19
C LYS G 808 89.19 80.49 31.12
N ILE G 809 90.49 80.65 31.33
CA ILE G 809 91.11 81.98 31.39
C ILE G 809 91.75 82.29 30.04
N ASN G 810 91.24 83.33 29.38
CA ASN G 810 91.67 83.70 28.05
C ASN G 810 91.89 85.20 27.98
N SER G 811 92.37 85.67 26.83
CA SER G 811 92.50 87.10 26.62
C SER G 811 91.14 87.79 26.51
N ASP G 812 90.16 87.12 25.93
CA ASP G 812 88.83 87.71 25.83
C ASP G 812 88.07 87.67 27.16
N SER G 813 88.61 87.01 28.18
CA SER G 813 88.01 87.03 29.50
C SER G 813 88.16 88.40 30.13
N ASN G 814 87.21 88.73 31.01
CA ASN G 814 87.29 89.97 31.76
C ASN G 814 88.38 89.85 32.83
N ASP G 815 89.00 90.98 33.15
CA ASP G 815 90.02 91.12 34.19
C ASP G 815 91.21 90.21 33.92
N PHE G 816 91.67 90.18 32.68
CA PHE G 816 92.75 89.27 32.30
C PHE G 816 94.11 89.78 32.72
N TYR G 817 94.26 91.09 32.93
CA TYR G 817 95.56 91.74 33.09
C TYR G 817 96.37 91.24 34.29
N LEU G 818 95.74 90.54 35.24
CA LEU G 818 96.48 89.96 36.35
C LEU G 818 97.40 88.84 35.90
N VAL G 819 97.02 88.09 34.85
CA VAL G 819 97.89 87.04 34.34
C VAL G 819 99.07 87.63 33.58
N ALA G 820 98.84 88.71 32.85
CA ALA G 820 99.89 89.25 31.98
C ALA G 820 100.95 90.01 32.76
N ASN G 821 100.54 90.96 33.61
CA ASN G 821 101.52 91.81 34.28
C ASN G 821 102.24 91.10 35.42
N TYR G 822 101.58 90.16 36.09
CA TYR G 822 102.17 89.43 37.21
C TYR G 822 102.60 88.06 36.71
N ASP G 823 103.85 87.70 36.96
CA ASP G 823 104.40 86.44 36.47
C ASP G 823 103.89 85.31 37.35
N TRP G 824 102.63 84.93 37.13
CA TRP G 824 102.03 83.82 37.84
C TRP G 824 101.19 83.01 36.86
N VAL G 825 101.16 81.70 37.07
CA VAL G 825 100.30 80.81 36.31
C VAL G 825 99.12 80.45 37.22
N PRO G 826 97.92 80.28 36.69
CA PRO G 826 96.77 80.07 37.58
C PRO G 826 96.77 78.68 38.18
N THR G 827 96.34 78.61 39.44
CA THR G 827 96.27 77.37 40.19
C THR G 827 94.87 77.22 40.77
N SER G 828 94.39 76.00 40.84
CA SER G 828 93.06 75.71 41.34
C SER G 828 93.08 74.49 42.23
N THR G 829 92.12 74.41 43.15
CA THR G 829 92.05 73.29 44.06
C THR G 829 91.54 72.04 43.37
N THR G 830 90.42 72.16 42.65
CA THR G 830 89.79 71.02 42.00
C THR G 830 89.98 71.09 40.49
N LYS G 831 90.14 69.92 39.88
CA LYS G 831 90.18 69.79 38.44
C LYS G 831 89.06 68.84 38.00
N VAL G 832 88.58 69.03 36.77
CA VAL G 832 87.58 68.14 36.22
C VAL G 832 88.27 67.11 35.32
N TYR G 833 87.62 65.98 35.15
CA TYR G 833 88.15 64.86 34.37
C TYR G 833 87.50 64.96 32.99
N LYS G 834 88.24 65.48 32.03
CA LYS G 834 87.70 65.86 30.74
C LYS G 834 88.71 65.47 29.66
N GLN G 835 88.23 65.33 28.43
CA GLN G 835 89.10 65.04 27.30
C GLN G 835 89.03 66.15 26.28
N ILE G 836 90.20 66.64 25.90
CA ILE G 836 90.33 67.78 25.00
C ILE G 836 90.03 67.32 23.58
N PRO G 837 89.18 68.01 22.82
CA PRO G 837 88.70 67.45 21.55
C PRO G 837 89.75 67.45 20.46
N GLN G 838 89.60 66.49 19.55
CA GLN G 838 90.60 66.27 18.51
C GLN G 838 90.55 67.37 17.46
N GLN G 839 91.67 67.53 16.77
CA GLN G 839 91.79 68.54 15.74
C GLN G 839 91.26 68.01 14.42
N PHE G 840 90.64 68.89 13.64
CA PHE G 840 90.12 68.53 12.31
C PHE G 840 91.27 68.67 11.31
N ASP G 841 91.93 67.55 11.02
CA ASP G 841 92.95 67.52 9.99
C ASP G 841 92.28 67.14 8.68
N PHE G 842 92.42 68.00 7.67
CA PHE G 842 91.71 67.79 6.42
C PHE G 842 92.29 66.61 5.65
N ARG G 843 93.59 66.62 5.41
CA ARG G 843 94.22 65.63 4.53
C ARG G 843 94.25 64.24 5.14
N ALA G 844 94.08 64.12 6.45
CA ALA G 844 93.98 62.82 7.08
C ALA G 844 92.53 62.38 7.27
N SER G 845 91.57 63.10 6.68
CA SER G 845 90.17 62.75 6.83
C SER G 845 89.43 62.62 5.49
N MET G 846 90.13 62.69 4.36
CA MET G 846 89.52 62.33 3.09
C MET G 846 89.58 60.82 2.92
N HIS G 847 88.44 60.23 2.58
CA HIS G 847 88.27 58.79 2.65
C HIS G 847 87.58 58.30 1.39
N MET G 848 88.31 57.63 0.51
CA MET G 848 87.75 57.19 -0.76
C MET G 848 86.79 56.03 -0.53
N LEU G 849 85.49 56.32 -0.47
CA LEU G 849 84.49 55.28 -0.33
C LEU G 849 84.24 54.63 -1.69
N THR G 850 84.20 53.30 -1.72
CA THR G 850 84.09 52.52 -2.95
C THR G 850 82.80 51.72 -2.94
N SER G 851 81.97 51.90 -3.96
CA SER G 851 80.78 51.08 -4.13
C SER G 851 80.54 50.84 -5.61
N ASN G 852 79.46 50.13 -5.91
CA ASN G 852 79.15 49.78 -7.29
C ASN G 852 78.51 50.95 -8.01
N LEU G 853 78.50 50.87 -9.34
CA LEU G 853 77.80 51.89 -10.13
C LEU G 853 76.30 51.66 -10.15
N THR G 854 75.86 50.55 -10.74
CA THR G 854 74.45 50.33 -11.02
C THR G 854 74.02 48.95 -10.54
N PHE G 855 72.94 48.91 -9.78
CA PHE G 855 72.21 47.70 -9.46
C PHE G 855 70.87 47.75 -10.16
N THR G 856 70.10 46.69 -9.96
CA THR G 856 68.66 46.70 -10.24
C THR G 856 68.07 45.65 -9.32
N VAL G 857 67.52 46.08 -8.20
CA VAL G 857 67.11 45.15 -7.16
C VAL G 857 65.71 44.63 -7.46
N TYR G 858 65.54 43.31 -7.35
CA TYR G 858 64.27 42.66 -7.66
C TYR G 858 63.71 42.01 -6.40
N SER G 859 62.45 42.32 -6.09
CA SER G 859 61.87 41.84 -4.83
C SER G 859 61.36 40.41 -4.95
N ASP G 860 60.35 40.21 -5.80
CA ASP G 860 59.72 38.90 -5.97
C ASP G 860 60.28 38.22 -7.21
N LEU G 861 60.66 36.96 -7.07
CA LEU G 861 61.33 36.25 -8.15
C LEU G 861 60.41 35.33 -8.93
N LEU G 862 59.30 34.90 -8.36
CA LEU G 862 58.35 34.05 -9.07
C LEU G 862 57.33 34.85 -9.87
N ALA G 863 57.57 36.13 -10.07
CA ALA G 863 56.85 36.90 -11.07
C ALA G 863 57.47 36.78 -12.44
N PHE G 864 58.56 36.05 -12.56
CA PHE G 864 59.25 35.87 -13.84
C PHE G 864 58.94 34.53 -14.50
N VAL G 865 58.72 33.47 -13.74
CA VAL G 865 58.33 32.21 -14.33
C VAL G 865 56.83 32.21 -14.55
N SER G 866 56.35 31.29 -15.37
CA SER G 866 54.92 31.20 -15.66
C SER G 866 54.61 29.73 -15.94
N ALA G 867 54.20 29.01 -14.90
CA ALA G 867 54.09 27.56 -14.96
C ALA G 867 52.66 27.16 -15.30
N ASP G 868 52.52 26.36 -16.35
CA ASP G 868 51.24 25.82 -16.75
C ASP G 868 51.03 24.48 -16.06
N THR G 869 50.02 23.73 -16.50
CA THR G 869 49.77 22.39 -15.98
C THR G 869 49.52 21.47 -17.16
N VAL G 870 50.00 20.23 -17.06
CA VAL G 870 49.62 19.22 -18.02
C VAL G 870 48.15 18.86 -17.79
N GLU G 871 47.53 18.25 -18.81
CA GLU G 871 46.12 17.91 -18.75
C GLU G 871 45.87 16.91 -17.62
N PRO G 872 44.89 17.16 -16.75
CA PRO G 872 44.71 16.30 -15.57
C PRO G 872 44.34 14.86 -15.87
N ILE G 873 43.80 14.56 -17.05
CA ILE G 873 43.61 13.16 -17.41
C ILE G 873 44.92 12.46 -17.71
N ASN G 874 46.01 13.20 -17.87
CA ASN G 874 47.36 12.64 -17.87
C ASN G 874 48.12 13.29 -16.74
N ALA G 875 47.95 12.80 -15.52
CA ALA G 875 48.79 13.22 -14.43
C ALA G 875 49.78 12.10 -14.15
N VAL G 876 50.70 12.34 -13.23
CA VAL G 876 51.70 11.33 -12.85
C VAL G 876 51.84 11.37 -11.33
N ALA G 877 51.68 10.22 -10.70
CA ALA G 877 51.84 10.07 -9.25
C ALA G 877 53.32 9.99 -8.88
N PHE G 878 53.62 9.51 -7.68
CA PHE G 878 55.03 9.34 -7.31
C PHE G 878 55.70 8.27 -8.16
N ASP G 879 54.95 7.24 -8.59
CA ASP G 879 55.42 6.36 -9.65
C ASP G 879 54.93 6.91 -10.98
N ASN G 880 55.26 6.26 -12.07
CA ASN G 880 54.91 6.80 -13.37
C ASN G 880 53.54 6.36 -13.87
N MET G 881 52.77 5.66 -13.07
CA MET G 881 51.38 5.38 -13.41
C MET G 881 50.52 6.57 -13.02
N ARG G 882 49.48 6.84 -13.81
CA ARG G 882 48.69 8.03 -13.60
C ARG G 882 47.74 7.85 -12.44
N ILE G 883 47.42 8.95 -11.77
CA ILE G 883 46.32 8.95 -10.82
C ILE G 883 45.01 9.05 -11.58
N MET G 884 43.92 8.67 -10.91
CA MET G 884 42.59 8.50 -11.52
C MET G 884 42.64 7.55 -12.72
N ASN G 885 43.40 6.46 -12.56
CA ASN G 885 43.67 5.58 -13.70
C ASN G 885 42.48 4.71 -14.05
N GLU G 886 41.65 4.37 -13.08
CA GLU G 886 40.58 3.42 -13.32
C GLU G 886 39.31 4.12 -13.74
N LEU G 887 38.55 3.43 -14.57
CA LEU G 887 37.40 3.95 -15.31
C LEU G 887 36.27 4.38 -14.38
N LEU H 83 43.52 36.34 -6.83
CA LEU H 83 44.72 35.73 -7.39
C LEU H 83 44.88 36.07 -8.87
N LYS H 84 43.83 36.61 -9.47
CA LYS H 84 43.90 37.00 -10.88
C LYS H 84 44.52 38.38 -11.03
N THR H 85 44.23 39.30 -10.11
CA THR H 85 44.68 40.67 -10.21
C THR H 85 45.81 40.96 -9.20
N LYS H 86 46.33 39.92 -8.56
CA LYS H 86 47.57 40.07 -7.80
C LYS H 86 48.77 39.49 -8.53
N GLU H 87 48.61 38.35 -9.20
CA GLU H 87 49.71 37.76 -9.95
C GLU H 87 50.05 38.56 -11.20
N GLU H 88 49.07 39.27 -11.75
CA GLU H 88 49.30 40.13 -12.91
C GLU H 88 49.63 41.56 -12.51
N HIS H 89 49.53 41.90 -11.22
CA HIS H 89 50.04 43.16 -10.73
C HIS H 89 51.38 43.03 -10.05
N GLN H 90 51.75 41.82 -9.60
CA GLN H 90 53.10 41.60 -9.13
C GLN H 90 54.08 41.52 -10.31
N LYS H 91 53.59 41.13 -11.48
CA LYS H 91 54.47 41.06 -12.65
C LYS H 91 54.81 42.44 -13.16
N GLU H 92 53.81 43.30 -13.35
CA GLU H 92 54.03 44.59 -13.98
C GLU H 92 54.66 45.62 -13.07
N VAL H 93 54.97 45.28 -11.82
CA VAL H 93 55.84 46.12 -11.01
C VAL H 93 57.26 45.57 -10.98
N GLN H 94 57.47 44.32 -11.40
CA GLN H 94 58.79 43.74 -11.54
C GLN H 94 59.28 43.73 -12.97
N TYR H 95 58.37 43.63 -13.94
CA TYR H 95 58.76 43.78 -15.34
C TYR H 95 59.15 45.21 -15.65
N GLU H 96 58.53 46.18 -14.97
CA GLU H 96 58.79 47.58 -15.23
C GLU H 96 60.07 48.09 -14.59
N ILE H 97 60.67 47.34 -13.67
CA ILE H 97 62.03 47.72 -13.25
C ILE H 97 63.01 47.31 -14.35
N LEU H 98 62.71 46.24 -15.07
CA LEU H 98 63.52 45.84 -16.20
C LEU H 98 63.19 46.64 -17.45
N GLN H 99 62.02 47.25 -17.53
CA GLN H 99 61.70 48.09 -18.67
C GLN H 99 62.28 49.48 -18.54
N LYS H 100 62.55 49.94 -17.31
CA LYS H 100 63.15 51.25 -17.09
C LYS H 100 64.67 51.21 -17.13
N THR H 101 65.25 50.18 -17.74
CA THR H 101 66.64 50.19 -18.13
C THR H 101 66.87 49.85 -19.59
N ILE H 102 65.83 49.49 -20.34
CA ILE H 102 65.91 49.32 -21.80
C ILE H 102 65.55 50.66 -22.43
N PRO H 103 66.35 51.18 -23.35
CA PRO H 103 66.03 52.48 -23.96
C PRO H 103 65.01 52.46 -25.09
N THR H 104 64.22 51.40 -25.22
CA THR H 104 63.13 51.40 -26.19
C THR H 104 62.07 52.42 -25.79
N PHE H 105 61.41 52.99 -26.79
CA PHE H 105 60.31 53.89 -26.52
C PHE H 105 59.11 53.11 -26.01
N GLU H 106 58.24 53.79 -25.27
CA GLU H 106 57.17 53.09 -24.56
C GLU H 106 56.03 52.63 -25.47
N PRO H 107 55.62 53.35 -26.53
CA PRO H 107 54.91 52.66 -27.60
C PRO H 107 55.92 52.00 -28.54
N LYS H 108 55.69 50.72 -28.84
CA LYS H 108 56.64 49.98 -29.66
C LYS H 108 56.62 50.46 -31.11
N GLU H 109 55.42 50.64 -31.66
CA GLU H 109 55.27 50.91 -33.09
C GLU H 109 55.69 52.32 -33.48
N SER H 110 55.96 53.20 -32.52
CA SER H 110 56.33 54.57 -32.82
C SER H 110 57.79 54.72 -33.21
N ILE H 111 58.58 53.64 -33.17
CA ILE H 111 59.95 53.71 -33.66
C ILE H 111 60.00 53.60 -35.17
N LEU H 112 58.92 53.11 -35.80
CA LEU H 112 58.89 52.95 -37.24
C LEU H 112 58.88 54.30 -37.95
N LYS H 113 58.36 55.34 -37.31
CA LYS H 113 58.48 56.68 -37.88
C LYS H 113 59.90 57.19 -37.79
N LYS H 114 60.56 56.99 -36.65
CA LYS H 114 61.87 57.58 -36.41
C LYS H 114 62.98 56.91 -37.20
N LEU H 115 62.73 55.76 -37.82
CA LEU H 115 63.72 55.14 -38.70
C LEU H 115 63.60 55.67 -40.12
N GLU H 116 62.37 55.88 -40.60
CA GLU H 116 62.16 56.41 -41.94
C GLU H 116 62.30 57.92 -42.01
N ASP H 117 62.30 58.60 -40.88
CA ASP H 117 62.45 60.05 -40.86
C ASP H 117 63.92 60.46 -40.89
N ILE H 118 64.85 59.51 -40.84
CA ILE H 118 66.27 59.81 -40.92
C ILE H 118 66.59 60.18 -42.37
N LYS H 119 66.82 61.46 -42.62
CA LYS H 119 67.21 61.91 -43.93
C LYS H 119 68.64 61.45 -44.21
N PRO H 120 68.99 61.19 -45.50
CA PRO H 120 70.29 60.59 -45.81
C PRO H 120 71.50 61.41 -45.40
N GLU H 121 71.63 62.62 -45.92
CA GLU H 121 72.70 63.53 -45.56
C GLU H 121 72.19 64.95 -45.73
N GLN H 122 73.02 65.91 -45.31
CA GLN H 122 72.81 67.31 -45.63
C GLN H 122 74.05 67.77 -46.37
N VAL H 123 73.99 67.71 -47.71
CA VAL H 123 75.08 68.21 -48.53
C VAL H 123 75.11 69.73 -48.46
N LYS H 124 76.29 70.28 -48.18
CA LYS H 124 76.45 71.72 -48.00
C LYS H 124 77.39 72.28 -49.06
N LYS H 125 76.95 73.32 -49.74
CA LYS H 125 77.81 74.11 -50.61
C LYS H 125 77.88 75.52 -50.05
N GLN H 126 79.09 76.00 -49.80
CA GLN H 126 79.23 77.34 -49.25
C GLN H 126 79.22 78.36 -50.37
N THR H 127 78.82 79.58 -50.04
CA THR H 127 78.74 80.65 -51.02
C THR H 127 79.81 81.71 -50.83
N LYS H 128 80.00 82.19 -49.61
CA LYS H 128 81.11 83.09 -49.33
C LYS H 128 82.34 82.27 -48.93
N LEU H 129 83.50 82.75 -49.33
CA LEU H 129 84.74 82.05 -49.04
C LEU H 129 85.08 82.23 -47.56
N PHE H 130 85.50 81.15 -46.91
CA PHE H 130 85.71 81.16 -45.46
C PHE H 130 86.90 82.02 -45.11
N ARG H 131 86.68 83.00 -44.22
CA ARG H 131 87.72 83.94 -43.86
C ARG H 131 87.77 84.13 -42.34
N ILE H 132 88.96 84.50 -41.87
CA ILE H 132 89.20 84.88 -40.48
C ILE H 132 89.73 86.30 -40.39
N PHE H 133 90.71 86.62 -41.24
CA PHE H 133 91.43 87.88 -41.17
C PHE H 133 91.00 88.79 -42.32
N GLU H 134 90.73 90.05 -42.00
CA GLU H 134 90.48 91.06 -43.02
C GLU H 134 91.52 92.17 -42.89
N PRO H 135 91.91 92.81 -43.99
CA PRO H 135 92.93 93.86 -43.87
C PRO H 135 92.31 95.19 -43.47
N ARG H 136 92.82 95.76 -42.40
CA ARG H 136 92.39 97.06 -41.89
C ARG H 136 93.51 98.06 -42.05
N GLN H 137 93.18 99.33 -41.85
CA GLN H 137 94.16 100.40 -41.83
C GLN H 137 94.35 100.89 -40.41
N LEU H 138 95.60 100.90 -39.95
CA LEU H 138 95.95 101.39 -38.64
C LEU H 138 97.03 102.46 -38.79
N PRO H 139 97.00 103.51 -37.97
CA PRO H 139 97.99 104.57 -38.09
C PRO H 139 99.40 104.10 -37.73
N VAL H 140 100.37 104.88 -38.19
CA VAL H 140 101.78 104.55 -38.02
C VAL H 140 102.48 105.75 -37.39
N TYR H 141 103.37 105.48 -36.44
CA TYR H 141 104.18 106.50 -35.81
C TYR H 141 105.66 106.16 -35.98
N ARG H 142 106.48 107.18 -36.12
CA ARG H 142 107.92 106.96 -36.25
C ARG H 142 108.59 107.03 -34.88
N ALA H 143 109.92 107.07 -34.86
CA ALA H 143 110.65 107.34 -33.63
C ALA H 143 110.42 108.79 -33.24
N ASN H 144 110.47 109.05 -31.93
CA ASN H 144 109.94 110.26 -31.30
C ASN H 144 108.49 110.48 -31.76
N GLY H 145 107.65 109.55 -31.30
CA GLY H 145 106.36 109.20 -31.88
C GLY H 145 105.40 110.30 -32.23
N GLU H 146 105.21 110.50 -33.54
CA GLU H 146 104.25 111.45 -34.07
C GLU H 146 103.40 110.76 -35.11
N LYS H 147 102.18 111.28 -35.29
CA LYS H 147 101.28 110.79 -36.32
C LYS H 147 101.89 111.03 -37.70
N GLU H 148 101.85 110.00 -38.54
CA GLU H 148 102.44 110.08 -39.87
C GLU H 148 101.37 110.24 -40.93
N LEU H 149 101.74 110.94 -42.00
CA LEU H 149 100.81 111.23 -43.08
C LEU H 149 100.38 109.96 -43.80
N ARG H 150 101.32 109.06 -44.06
CA ARG H 150 101.01 107.78 -44.67
C ARG H 150 100.30 106.89 -43.66
N ASN H 151 99.45 106.00 -44.18
CA ASN H 151 98.66 105.09 -43.38
C ASN H 151 98.82 103.69 -43.95
N ARG H 152 99.21 102.74 -43.11
CA ARG H 152 99.66 101.43 -43.59
C ARG H 152 98.71 100.34 -43.16
N TRP H 153 98.43 99.42 -44.09
CA TRP H 153 97.53 98.29 -43.84
C TRP H 153 98.10 97.33 -42.81
N TYR H 154 97.21 96.59 -42.15
CA TYR H 154 97.58 95.49 -41.27
C TYR H 154 96.54 94.40 -41.37
N TRP H 155 96.81 93.26 -40.75
CA TRP H 155 96.01 92.04 -40.90
C TRP H 155 95.15 91.75 -39.67
N LYS H 156 94.55 92.78 -39.07
CA LYS H 156 93.78 92.59 -37.85
C LYS H 156 92.51 91.79 -38.10
N LEU H 157 92.31 90.73 -37.34
CA LEU H 157 91.20 89.81 -37.62
C LEU H 157 89.87 90.42 -37.25
N LYS H 158 88.84 90.02 -37.99
CA LYS H 158 87.48 90.44 -37.68
C LYS H 158 86.85 89.45 -36.70
N ARG H 159 85.67 89.83 -36.20
CA ARG H 159 84.88 89.20 -35.14
C ARG H 159 85.74 88.69 -33.97
N ASP H 160 86.70 89.49 -33.52
CA ASP H 160 87.62 89.07 -32.48
C ASP H 160 86.95 89.05 -31.12
N THR H 161 86.30 87.94 -30.81
CA THR H 161 85.67 87.73 -29.51
C THR H 161 86.51 86.68 -28.79
N LEU H 162 87.58 87.13 -28.14
CA LEU H 162 88.46 86.25 -27.40
C LEU H 162 88.20 86.41 -25.92
N PRO H 163 87.73 85.38 -25.24
CA PRO H 163 87.51 85.50 -23.79
C PRO H 163 88.83 85.57 -23.04
N ASP H 164 88.76 86.09 -21.83
CA ASP H 164 89.94 86.19 -20.99
C ASP H 164 90.19 84.88 -20.25
N GLY H 165 91.39 84.75 -19.72
CA GLY H 165 91.74 83.50 -19.06
C GLY H 165 92.32 82.50 -20.03
N ASP H 166 93.20 81.64 -19.51
CA ASP H 166 93.88 80.68 -20.35
C ASP H 166 92.95 79.55 -20.80
N TYR H 167 92.03 79.14 -19.92
CA TYR H 167 91.17 78.01 -20.25
C TYR H 167 90.02 78.41 -21.16
N ASP H 168 89.55 79.64 -21.06
CA ASP H 168 88.42 80.05 -21.90
C ASP H 168 88.85 80.34 -23.33
N VAL H 169 90.13 80.60 -23.58
CA VAL H 169 90.61 80.71 -24.96
C VAL H 169 90.58 79.35 -25.65
N ARG H 170 91.07 78.31 -24.97
CA ARG H 170 91.04 76.97 -25.53
C ARG H 170 89.63 76.41 -25.60
N GLU H 171 88.71 76.90 -24.77
CA GLU H 171 87.31 76.57 -24.95
C GLU H 171 86.73 77.24 -26.19
N TYR H 172 87.21 78.44 -26.51
CA TYR H 172 86.77 79.13 -27.71
C TYR H 172 87.28 78.45 -28.97
N PHE H 173 88.46 77.84 -28.91
CA PHE H 173 88.98 77.15 -30.08
C PHE H 173 88.42 75.75 -30.24
N LEU H 174 87.68 75.24 -29.26
CA LEU H 174 86.90 74.04 -29.50
C LEU H 174 85.56 74.38 -30.12
N ASN H 175 85.06 75.58 -29.85
CA ASN H 175 83.83 76.02 -30.49
C ASN H 175 84.06 76.44 -31.93
N LEU H 176 85.25 76.97 -32.24
CA LEU H 176 85.59 77.26 -33.63
C LEU H 176 85.75 75.98 -34.43
N TYR H 177 86.18 74.91 -33.78
CA TYR H 177 86.29 73.62 -34.44
C TYR H 177 84.92 73.04 -34.75
N ASP H 178 83.91 73.36 -33.94
CA ASP H 178 82.54 73.03 -34.30
C ASP H 178 81.97 74.02 -35.30
N GLN H 179 82.49 75.25 -35.33
CA GLN H 179 82.03 76.24 -36.28
C GLN H 179 82.52 75.93 -37.68
N VAL H 180 83.61 75.17 -37.81
CA VAL H 180 84.13 74.81 -39.13
C VAL H 180 83.54 73.49 -39.62
N LEU H 181 83.42 72.48 -38.75
CA LEU H 181 82.84 71.21 -39.15
C LEU H 181 81.35 71.27 -39.47
N THR H 182 80.66 72.36 -39.12
CA THR H 182 79.35 72.61 -39.69
C THR H 182 79.47 73.35 -41.01
N GLU H 183 80.37 74.33 -41.07
CA GLU H 183 80.56 75.16 -42.26
C GLU H 183 81.29 74.41 -43.38
N MET H 184 81.94 73.27 -43.09
CA MET H 184 82.73 72.48 -44.01
C MET H 184 81.93 72.01 -45.22
N PRO H 185 82.17 72.58 -46.41
CA PRO H 185 81.34 72.26 -47.57
C PRO H 185 81.75 70.94 -48.20
N ASP H 186 80.76 70.26 -48.75
CA ASP H 186 81.05 68.99 -49.42
C ASP H 186 81.56 69.24 -50.84
N TYR H 187 80.74 69.82 -51.69
CA TYR H 187 81.19 70.16 -53.04
C TYR H 187 81.26 71.67 -53.20
N LEU H 188 82.31 72.12 -53.88
CA LEU H 188 82.61 73.54 -53.97
C LEU H 188 82.77 73.93 -55.43
N LEU H 189 81.76 74.58 -55.99
CA LEU H 189 81.95 75.25 -57.26
C LEU H 189 82.61 76.59 -57.03
N LEU H 190 83.21 77.13 -58.07
CA LEU H 190 83.88 78.40 -57.96
C LEU H 190 83.43 79.41 -59.02
N LYS H 191 82.66 78.98 -60.02
CA LYS H 191 82.09 79.92 -60.97
C LYS H 191 81.03 80.79 -60.31
N ASP H 192 80.33 80.27 -59.30
CA ASP H 192 79.23 81.00 -58.69
C ASP H 192 79.73 82.17 -57.85
N MET H 193 80.87 82.01 -57.18
CA MET H 193 81.47 83.12 -56.44
C MET H 193 82.49 83.79 -57.35
N ALA H 194 82.00 84.66 -58.22
CA ALA H 194 82.87 85.33 -59.17
C ALA H 194 82.27 86.66 -59.55
N VAL H 195 82.93 87.75 -59.17
CA VAL H 195 82.46 89.09 -59.52
C VAL H 195 83.48 89.72 -60.46
N GLU H 196 83.07 90.80 -61.09
CA GLU H 196 83.94 91.48 -62.04
C GLU H 196 84.97 92.33 -61.31
N ASN H 197 86.20 92.29 -61.78
CA ASN H 197 87.23 93.22 -61.35
C ASN H 197 86.97 94.55 -62.04
N LYS H 198 86.56 95.56 -61.27
CA LYS H 198 86.03 96.78 -61.84
C LYS H 198 87.12 97.66 -62.46
N ASN H 199 88.38 97.44 -62.11
CA ASN H 199 89.48 98.24 -62.64
C ASN H 199 90.34 97.48 -63.63
N SER H 200 90.05 96.21 -63.90
CA SER H 200 90.84 95.42 -64.83
C SER H 200 90.52 95.79 -66.26
N ARG H 201 91.57 95.92 -67.08
CA ARG H 201 91.38 96.26 -68.49
C ARG H 201 90.75 95.08 -69.23
N ASP H 202 91.36 93.91 -69.13
CA ASP H 202 90.72 92.70 -69.62
C ASP H 202 89.56 92.31 -68.72
N ALA H 203 88.64 91.53 -69.26
CA ALA H 203 87.46 91.11 -68.49
C ALA H 203 87.89 90.05 -67.49
N GLY H 204 88.40 90.51 -66.36
CA GLY H 204 88.89 89.63 -65.32
C GLY H 204 87.88 89.46 -64.21
N LYS H 205 87.93 88.31 -63.55
CA LYS H 205 87.06 88.03 -62.42
C LYS H 205 87.91 87.60 -61.22
N VAL H 206 87.37 87.86 -60.03
CA VAL H 206 88.01 87.47 -58.77
C VAL H 206 87.00 86.58 -58.03
N VAL H 207 87.43 85.99 -56.91
CA VAL H 207 86.58 84.99 -56.27
C VAL H 207 85.50 85.53 -55.34
N ASP H 208 85.55 86.81 -54.96
CA ASP H 208 84.56 87.30 -54.00
C ASP H 208 84.24 88.76 -54.25
N SER H 209 83.11 89.18 -53.69
CA SER H 209 82.86 90.61 -53.52
C SER H 209 83.83 91.21 -52.52
N GLU H 210 84.13 90.48 -51.45
CA GLU H 210 85.04 90.95 -50.41
C GLU H 210 86.52 90.76 -50.77
N THR H 211 86.82 90.05 -51.85
CA THR H 211 88.17 90.03 -52.40
C THR H 211 88.37 91.14 -53.41
N ALA H 212 87.34 91.42 -54.22
CA ALA H 212 87.41 92.55 -55.15
C ALA H 212 87.33 93.89 -54.43
N ALA H 213 86.86 93.90 -53.19
CA ALA H 213 86.86 95.14 -52.41
C ALA H 213 88.27 95.53 -51.99
N ILE H 214 89.16 94.55 -51.82
CA ILE H 214 90.56 94.84 -51.50
C ILE H 214 91.49 94.60 -52.67
N CYS H 215 90.95 94.25 -53.84
CA CYS H 215 91.66 94.43 -55.09
C CYS H 215 91.45 95.83 -55.66
N ASP H 216 90.56 96.61 -55.05
CA ASP H 216 90.29 97.98 -55.47
C ASP H 216 91.10 98.96 -54.64
N ALA H 217 91.21 98.73 -53.33
CA ALA H 217 91.92 99.66 -52.46
C ALA H 217 93.43 99.60 -52.66
N ILE H 218 93.96 98.49 -53.17
CA ILE H 218 95.37 98.44 -53.53
C ILE H 218 95.63 99.30 -54.77
N PHE H 219 94.68 99.31 -55.71
CA PHE H 219 94.85 100.06 -56.94
C PHE H 219 94.76 101.57 -56.69
N GLN H 220 93.92 102.00 -55.75
CA GLN H 220 93.70 103.42 -55.54
C GLN H 220 94.81 104.07 -54.72
N ASP H 221 95.51 103.31 -53.89
CA ASP H 221 96.49 103.85 -52.96
C ASP H 221 97.72 104.37 -53.70
N GLU H 222 98.29 105.46 -53.20
CA GLU H 222 99.57 105.97 -53.70
C GLU H 222 100.75 105.15 -53.18
N GLU H 223 100.56 104.40 -52.09
CA GLU H 223 101.67 103.70 -51.45
C GLU H 223 102.08 102.44 -52.22
N THR H 224 101.16 101.80 -52.91
CA THR H 224 101.46 100.57 -53.62
C THR H 224 102.35 100.82 -54.83
N GLU H 225 103.25 99.88 -55.09
CA GLU H 225 104.25 100.04 -56.13
C GLU H 225 103.63 99.92 -57.52
N GLY H 226 104.30 100.53 -58.50
CA GLY H 226 103.80 100.58 -59.87
C GLY H 226 103.72 99.24 -60.57
N VAL H 227 104.34 98.20 -60.00
CA VAL H 227 104.14 96.86 -60.53
C VAL H 227 102.79 96.31 -60.09
N VAL H 228 102.44 96.48 -58.80
CA VAL H 228 101.20 95.92 -58.29
C VAL H 228 99.99 96.69 -58.81
N ARG H 229 100.13 97.99 -59.06
CA ARG H 229 99.07 98.73 -59.73
C ARG H 229 98.92 98.27 -61.18
N ARG H 230 100.02 97.89 -61.82
CA ARG H 230 99.93 97.38 -63.18
C ARG H 230 99.41 95.94 -63.19
N PHE H 231 99.85 95.12 -62.23
CA PHE H 231 99.53 93.70 -62.26
C PHE H 231 98.07 93.45 -61.90
N ILE H 232 97.52 94.19 -60.93
CA ILE H 232 96.18 93.93 -60.44
C ILE H 232 95.10 94.24 -61.47
N ALA H 233 95.44 94.98 -62.52
CA ALA H 233 94.56 95.15 -63.67
C ALA H 233 94.85 94.15 -64.78
N GLU H 234 95.85 93.28 -64.60
CA GLU H 234 96.20 92.29 -65.61
C GLU H 234 96.07 90.85 -65.15
N MET H 235 95.63 90.60 -63.91
CA MET H 235 95.35 89.24 -63.49
C MET H 235 94.10 88.75 -64.20
N ARG H 236 94.17 87.56 -64.78
CA ARG H 236 93.13 87.06 -65.64
C ARG H 236 92.83 85.61 -65.26
N GLN H 237 91.55 85.32 -65.08
CA GLN H 237 91.14 83.95 -64.82
C GLN H 237 91.24 83.13 -66.09
N ARG H 238 91.20 81.80 -65.93
CA ARG H 238 91.19 80.90 -67.06
C ARG H 238 90.02 79.95 -66.91
N VAL H 239 89.10 79.99 -67.86
CA VAL H 239 88.00 79.03 -67.93
C VAL H 239 88.33 78.00 -69.00
N GLN H 240 88.10 76.73 -68.68
CA GLN H 240 88.29 75.62 -69.60
C GLN H 240 87.07 74.73 -69.45
N ALA H 241 86.02 75.02 -70.20
CA ALA H 241 84.78 74.29 -70.04
C ALA H 241 84.85 72.89 -70.62
N ASP H 242 85.74 72.64 -71.58
CA ASP H 242 85.89 71.29 -72.10
C ASP H 242 86.67 70.41 -71.14
N ARG H 243 87.71 70.96 -70.50
CA ARG H 243 88.46 70.25 -69.47
C ARG H 243 87.78 70.33 -68.11
N ASN H 244 86.71 71.12 -67.99
CA ASN H 244 85.87 71.26 -66.80
C ASN H 244 86.63 71.77 -65.58
N VAL H 245 87.70 72.52 -65.81
CA VAL H 245 88.46 73.13 -64.73
C VAL H 245 88.36 74.64 -64.90
N VAL H 246 88.55 75.35 -63.78
CA VAL H 246 88.47 76.80 -63.77
C VAL H 246 89.32 77.29 -62.61
N ASN H 247 89.96 78.45 -62.78
CA ASN H 247 90.75 79.03 -61.70
C ASN H 247 90.71 80.56 -61.73
N TYR H 248 90.43 81.14 -60.57
CA TYR H 248 90.28 82.57 -60.37
C TYR H 248 91.29 83.08 -59.35
N PRO H 249 91.76 84.31 -59.48
CA PRO H 249 92.67 84.89 -58.48
C PRO H 249 91.94 85.21 -57.18
N SER H 250 92.73 85.49 -56.15
CA SER H 250 92.20 85.70 -54.81
C SER H 250 93.26 86.40 -53.96
N ILE H 251 92.80 87.04 -52.89
CA ILE H 251 93.64 87.63 -51.86
C ILE H 251 93.23 87.01 -50.54
N LEU H 252 94.12 86.23 -49.93
CA LEU H 252 93.77 85.52 -48.71
C LEU H 252 94.92 85.57 -47.73
N HIS H 253 94.58 85.55 -46.44
CA HIS H 253 95.56 85.35 -45.40
C HIS H 253 96.13 83.94 -45.50
N PRO H 254 97.39 83.73 -45.12
CA PRO H 254 97.96 82.37 -45.17
C PRO H 254 97.26 81.36 -44.25
N ILE H 255 96.68 81.81 -43.14
CA ILE H 255 95.79 80.93 -42.38
C ILE H 255 94.48 80.74 -43.13
N ASP H 256 93.99 81.80 -43.77
CA ASP H 256 92.75 81.73 -44.53
C ASP H 256 92.89 80.93 -45.80
N HIS H 257 94.11 80.77 -46.31
CA HIS H 257 94.31 79.98 -47.52
C HIS H 257 94.16 78.50 -47.20
N ALA H 258 94.80 78.03 -46.13
CA ALA H 258 94.83 76.61 -45.80
C ALA H 258 93.46 76.08 -45.38
N PHE H 259 92.52 76.95 -45.06
CA PHE H 259 91.14 76.50 -44.91
C PHE H 259 90.45 76.39 -46.27
N ASN H 260 90.54 77.45 -47.08
CA ASN H 260 89.89 77.46 -48.39
C ASN H 260 90.60 76.61 -49.42
N GLU H 261 91.83 76.18 -49.16
CA GLU H 261 92.46 75.19 -50.02
C GLU H 261 92.11 73.78 -49.60
N TYR H 262 91.84 73.57 -48.31
CA TYR H 262 91.49 72.22 -47.87
C TYR H 262 90.08 71.83 -48.30
N PHE H 263 89.13 72.76 -48.23
CA PHE H 263 87.77 72.44 -48.66
C PHE H 263 87.67 72.34 -50.16
N LEU H 264 88.63 72.88 -50.88
CA LEU H 264 88.60 72.92 -52.34
C LEU H 264 89.31 71.75 -52.97
N GLN H 265 90.27 71.14 -52.27
CA GLN H 265 91.00 70.00 -52.80
C GLN H 265 90.30 68.69 -52.48
N HIS H 266 89.85 68.52 -51.25
CA HIS H 266 89.23 67.27 -50.81
C HIS H 266 87.72 67.45 -50.77
N GLN H 267 87.09 67.35 -51.93
CA GLN H 267 85.64 67.31 -51.89
C GLN H 267 85.17 65.89 -51.62
N LEU H 268 83.92 65.75 -51.19
CA LEU H 268 83.31 64.45 -51.00
C LEU H 268 82.52 63.98 -52.20
N VAL H 269 82.74 64.55 -53.38
CA VAL H 269 82.06 64.11 -54.57
C VAL H 269 82.96 63.19 -55.38
N GLU H 270 82.41 62.07 -55.80
CA GLU H 270 83.05 61.10 -56.68
C GLU H 270 82.24 61.00 -57.96
N PRO H 271 82.88 60.79 -59.12
CA PRO H 271 82.12 60.70 -60.37
C PRO H 271 81.29 59.42 -60.40
N LEU H 272 80.12 59.53 -61.02
CA LEU H 272 79.12 58.47 -61.04
C LEU H 272 78.86 58.05 -62.48
N ASN H 273 78.79 56.74 -62.70
CA ASN H 273 78.46 56.18 -63.99
C ASN H 273 77.30 55.21 -63.86
N ASN H 274 77.01 54.46 -64.91
CA ASN H 274 76.03 53.39 -64.83
C ASN H 274 76.59 52.13 -64.18
N ASP H 275 77.90 52.06 -63.98
CA ASP H 275 78.52 50.92 -63.31
C ASP H 275 78.60 51.09 -61.80
N ILE H 276 78.23 52.25 -61.27
CA ILE H 276 78.15 52.43 -59.82
C ILE H 276 76.73 52.17 -59.33
N ILE H 277 75.73 52.62 -60.09
CA ILE H 277 74.34 52.30 -59.77
C ILE H 277 74.08 50.82 -59.92
N PHE H 278 74.73 50.17 -60.88
CA PHE H 278 74.56 48.74 -61.05
C PHE H 278 75.31 47.94 -60.00
N ASN H 279 76.28 48.55 -59.32
CA ASN H 279 76.95 47.90 -58.20
C ASN H 279 76.42 48.36 -56.86
N TYR H 280 75.50 49.32 -56.85
CA TYR H 280 74.87 49.77 -55.61
C TYR H 280 73.75 48.85 -55.17
N ILE H 281 73.08 48.20 -56.12
CA ILE H 281 72.02 47.23 -55.86
C ILE H 281 72.68 46.03 -55.19
N PRO H 282 72.02 45.36 -54.23
CA PRO H 282 72.62 44.17 -53.63
C PRO H 282 72.79 43.03 -54.63
N GLU H 283 73.63 42.07 -54.26
CA GLU H 283 74.06 41.05 -55.20
C GLU H 283 72.98 40.01 -55.45
N ARG H 284 72.13 39.73 -54.46
CA ARG H 284 71.15 38.67 -54.64
C ARG H 284 69.98 39.14 -55.50
N ILE H 285 69.42 40.32 -55.23
CA ILE H 285 68.28 40.78 -55.99
C ILE H 285 68.66 41.32 -57.36
N ARG H 286 69.96 41.45 -57.64
CA ARG H 286 70.42 41.70 -58.99
C ARG H 286 70.63 40.40 -59.76
N ASN H 287 71.07 39.35 -59.08
CA ASN H 287 71.20 38.02 -59.65
C ASN H 287 69.94 37.18 -59.46
N ASP H 288 68.82 37.81 -59.10
CA ASP H 288 67.56 37.11 -58.93
C ASP H 288 66.83 37.08 -60.27
N VAL H 289 66.16 35.96 -60.54
CA VAL H 289 65.49 35.80 -61.82
C VAL H 289 64.17 36.54 -61.82
N ASN H 290 63.44 36.50 -60.70
CA ASN H 290 62.12 37.08 -60.59
C ASN H 290 62.13 38.54 -60.13
N TYR H 291 63.20 39.28 -60.43
CA TYR H 291 63.24 40.74 -60.28
C TYR H 291 63.93 41.28 -61.52
N ILE H 292 63.17 41.67 -62.52
CA ILE H 292 63.77 42.30 -63.70
C ILE H 292 64.07 43.75 -63.40
N LEU H 293 65.34 44.11 -63.49
CA LEU H 293 65.81 45.48 -63.31
C LEU H 293 66.29 46.02 -64.65
N ASN H 294 66.15 47.33 -64.81
CA ASN H 294 66.55 48.00 -66.05
C ASN H 294 66.86 49.45 -65.73
N MET H 295 67.83 50.01 -66.44
CA MET H 295 68.25 51.39 -66.23
C MET H 295 67.73 52.24 -67.39
N ASP H 296 66.74 53.07 -67.11
CA ASP H 296 66.03 53.84 -68.13
C ASP H 296 66.30 55.34 -68.02
N ARG H 297 67.47 55.72 -67.52
CA ARG H 297 67.82 57.13 -67.42
C ARG H 297 69.29 57.30 -67.79
N ASN H 298 69.58 58.32 -68.58
CA ASN H 298 70.96 58.61 -68.92
C ASN H 298 71.63 59.40 -67.81
N LEU H 299 72.91 59.12 -67.59
CA LEU H 299 73.72 59.85 -66.62
C LEU H 299 74.84 60.55 -67.35
N PRO H 300 74.95 61.88 -67.27
CA PRO H 300 75.97 62.60 -68.04
C PRO H 300 77.36 62.39 -67.44
N SER H 301 78.35 62.93 -68.15
CA SER H 301 79.74 62.82 -67.72
C SER H 301 80.08 63.76 -66.58
N THR H 302 79.17 64.65 -66.19
CA THR H 302 79.43 65.60 -65.12
C THR H 302 78.66 65.29 -63.84
N ALA H 303 78.05 64.12 -63.74
CA ALA H 303 77.29 63.76 -62.56
C ALA H 303 78.20 63.25 -61.47
N ARG H 304 78.03 63.76 -60.25
CA ARG H 304 78.77 63.31 -59.10
C ARG H 304 77.80 62.86 -58.00
N TYR H 305 78.33 62.17 -57.00
CA TYR H 305 77.52 61.72 -55.89
C TYR H 305 78.35 61.62 -54.63
N ILE H 306 77.67 61.43 -53.50
CA ILE H 306 78.30 61.36 -52.19
C ILE H 306 78.32 59.91 -51.74
N ARG H 307 79.51 59.37 -51.51
CA ARG H 307 79.62 57.99 -51.11
C ARG H 307 79.32 57.87 -49.63
N PRO H 308 78.36 57.02 -49.23
CA PRO H 308 78.01 56.93 -47.81
C PRO H 308 79.09 56.21 -47.01
N ASN H 309 79.41 56.77 -45.85
CA ASN H 309 80.44 56.21 -44.99
C ASN H 309 79.93 54.93 -44.36
N LEU H 310 80.23 53.80 -44.99
CA LEU H 310 79.50 52.56 -44.82
C LEU H 310 80.46 51.44 -44.43
N LEU H 311 80.78 51.33 -43.15
CA LEU H 311 81.64 50.26 -42.66
C LEU H 311 81.05 49.72 -41.37
N GLN H 312 81.34 48.46 -41.09
CA GLN H 312 80.72 47.73 -39.98
C GLN H 312 81.11 48.37 -38.65
N ASP H 313 80.26 48.13 -37.65
CA ASP H 313 80.24 48.93 -36.42
C ASP H 313 81.54 48.87 -35.63
N ARG H 314 82.27 49.98 -35.63
CA ARG H 314 83.56 50.04 -34.97
C ARG H 314 83.42 50.06 -33.46
N LEU H 315 82.23 50.35 -32.94
CA LEU H 315 81.87 50.02 -31.57
C LEU H 315 81.21 48.65 -31.58
N ASN H 316 81.80 47.70 -30.88
CA ASN H 316 81.20 46.38 -30.79
C ASN H 316 80.05 46.48 -29.81
N LEU H 317 78.86 46.78 -30.32
CA LEU H 317 77.68 47.02 -29.52
C LEU H 317 76.91 45.76 -29.19
N HIS H 318 77.57 44.60 -29.19
CA HIS H 318 76.87 43.37 -28.86
C HIS H 318 77.53 42.55 -27.76
N ASP H 319 78.76 42.87 -27.36
CA ASP H 319 79.44 42.01 -26.40
C ASP H 319 79.14 42.40 -24.96
N ASN H 320 79.21 43.69 -24.63
CA ASN H 320 79.08 44.12 -23.25
C ASN H 320 77.91 45.08 -23.07
N PHE H 321 77.29 45.55 -24.14
CA PHE H 321 76.13 46.43 -24.05
C PHE H 321 74.88 45.57 -24.13
N GLU H 322 74.42 45.09 -22.98
CA GLU H 322 73.26 44.23 -22.94
C GLU H 322 71.96 44.99 -23.03
N SER H 323 71.96 46.27 -22.68
CA SER H 323 70.76 47.09 -22.75
C SER H 323 70.76 48.04 -23.94
N LEU H 324 71.93 48.49 -24.38
CA LEU H 324 71.99 49.37 -25.54
C LEU H 324 71.82 48.62 -26.85
N TRP H 325 72.01 47.31 -26.84
CA TRP H 325 71.72 46.50 -28.02
C TRP H 325 70.25 46.13 -28.11
N ASP H 326 69.52 46.16 -26.99
CA ASP H 326 68.12 45.74 -26.99
C ASP H 326 67.17 46.76 -27.60
N THR H 327 67.66 47.88 -28.12
CA THR H 327 66.85 48.71 -28.99
C THR H 327 67.31 48.67 -30.44
N ILE H 328 68.57 48.34 -30.68
CA ILE H 328 69.02 48.13 -32.05
C ILE H 328 68.44 46.84 -32.60
N THR H 329 68.14 45.88 -31.72
CA THR H 329 67.44 44.69 -32.14
C THR H 329 65.94 44.79 -32.00
N THR H 330 65.42 45.89 -31.43
CA THR H 330 63.98 46.14 -31.41
C THR H 330 63.56 47.00 -32.57
N SER H 331 64.28 48.10 -32.82
CA SER H 331 63.93 48.98 -33.93
C SER H 331 64.18 48.33 -35.27
N ASN H 332 65.19 47.47 -35.38
CA ASN H 332 65.36 46.70 -36.60
C ASN H 332 64.35 45.59 -36.72
N TYR H 333 63.66 45.24 -35.63
CA TYR H 333 62.55 44.29 -35.71
C TYR H 333 61.27 44.95 -36.16
N ILE H 334 61.04 46.21 -35.78
CA ILE H 334 59.82 46.89 -36.19
C ILE H 334 59.99 47.58 -37.55
N LEU H 335 61.23 47.86 -37.96
CA LEU H 335 61.44 48.28 -39.34
C LEU H 335 61.20 47.12 -40.30
N ALA H 336 61.71 45.93 -39.96
CA ALA H 336 61.52 44.76 -40.81
C ALA H 336 60.15 44.12 -40.68
N ARG H 337 59.33 44.58 -39.75
CA ARG H 337 57.96 44.08 -39.64
C ARG H 337 57.01 44.77 -40.61
N SER H 338 57.41 45.89 -41.18
CA SER H 338 56.58 46.60 -42.15
C SER H 338 57.04 46.38 -43.58
N VAL H 339 57.89 45.38 -43.83
CA VAL H 339 58.40 45.14 -45.17
C VAL H 339 57.96 43.77 -45.66
N VAL H 340 57.81 42.82 -44.74
CA VAL H 340 57.37 41.47 -45.13
C VAL H 340 55.91 41.52 -45.59
N PRO H 341 55.58 40.90 -46.71
CA PRO H 341 54.29 41.15 -47.34
C PRO H 341 53.15 40.42 -46.66
N ASP H 342 51.94 40.91 -46.95
CA ASP H 342 50.73 40.35 -46.38
C ASP H 342 50.30 39.12 -47.17
N LEU H 343 49.91 38.08 -46.45
CA LEU H 343 49.43 36.86 -47.09
C LEU H 343 48.06 37.08 -47.73
N LYS H 344 47.86 36.41 -48.87
CA LYS H 344 46.59 36.50 -49.59
C LYS H 344 46.11 35.10 -49.98
N GLU H 345 44.81 35.04 -50.28
CA GLU H 345 44.11 33.82 -50.71
C GLU H 345 44.26 32.69 -49.70
N LEU H 346 44.06 33.01 -48.43
CA LEU H 346 44.08 32.00 -47.39
C LEU H 346 42.84 31.12 -47.48
N VAL H 347 42.93 29.95 -46.85
CA VAL H 347 41.74 29.12 -46.67
C VAL H 347 40.82 29.82 -45.69
N SER H 348 39.51 29.66 -45.89
CA SER H 348 38.52 30.36 -45.08
C SER H 348 38.56 29.89 -43.64
N THR H 349 38.26 30.82 -42.73
CA THR H 349 38.33 30.54 -41.30
C THR H 349 37.26 29.56 -40.87
N GLU H 350 36.02 29.76 -41.32
CA GLU H 350 34.93 28.88 -40.94
C GLU H 350 34.86 27.62 -41.79
N ALA H 351 35.79 27.43 -42.73
CA ALA H 351 35.86 26.19 -43.49
C ALA H 351 36.82 25.20 -42.86
N GLN H 352 37.92 25.68 -42.29
CA GLN H 352 38.92 24.81 -41.71
C GLN H 352 38.58 24.40 -40.28
N ILE H 353 37.93 25.29 -39.51
CA ILE H 353 37.59 24.97 -38.13
C ILE H 353 36.46 23.95 -38.07
N GLN H 354 35.57 23.95 -39.06
CA GLN H 354 34.44 23.02 -39.02
C GLN H 354 34.83 21.57 -39.23
N LYS H 355 36.05 21.28 -39.68
CA LYS H 355 36.55 19.91 -39.62
C LYS H 355 37.58 19.73 -38.51
N MET H 356 38.22 20.82 -38.06
CA MET H 356 39.10 20.74 -36.91
C MET H 356 38.32 20.57 -35.61
N SER H 357 37.03 20.90 -35.61
CA SER H 357 36.15 20.55 -34.52
C SER H 357 35.45 19.22 -34.73
N GLN H 358 35.58 18.64 -35.92
CA GLN H 358 35.06 17.31 -36.22
C GLN H 358 36.12 16.23 -36.10
N ASP H 359 37.36 16.52 -36.48
CA ASP H 359 38.42 15.52 -36.36
C ASP H 359 38.89 15.37 -34.92
N LEU H 360 38.98 16.47 -34.18
CA LEU H 360 39.45 16.39 -32.81
C LEU H 360 38.38 15.82 -31.88
N GLN H 361 37.10 15.98 -32.23
CA GLN H 361 35.94 15.51 -31.46
C GLN H 361 35.98 16.02 -30.02
N LEU H 362 35.89 17.35 -29.88
CA LEU H 362 36.21 17.99 -28.62
C LEU H 362 35.11 17.82 -27.59
N GLU H 363 33.85 17.82 -28.01
CA GLU H 363 32.76 17.73 -27.05
C GLU H 363 32.61 16.33 -26.48
N ALA H 364 32.91 15.30 -27.27
CA ALA H 364 32.79 13.93 -26.78
C ALA H 364 33.88 13.55 -25.80
N LEU H 365 34.96 14.32 -25.73
CA LEU H 365 36.00 14.06 -24.75
C LEU H 365 35.57 14.52 -23.38
N THR H 366 36.26 14.01 -22.36
CA THR H 366 36.14 14.53 -21.01
C THR H 366 37.31 15.50 -20.74
N ILE H 367 37.27 16.61 -21.46
CA ILE H 367 38.31 17.62 -21.38
C ILE H 367 37.71 18.88 -20.75
N GLN H 368 38.56 19.65 -20.08
CA GLN H 368 38.09 20.81 -19.32
C GLN H 368 38.05 22.08 -20.16
N SER H 369 38.89 22.18 -21.19
CA SER H 369 38.93 23.34 -22.09
C SER H 369 38.39 22.89 -23.44
N GLU H 370 37.09 22.99 -23.63
CA GLU H 370 36.46 22.51 -24.86
C GLU H 370 36.53 23.55 -25.97
N THR H 371 36.05 24.77 -25.70
CA THR H 371 36.07 25.84 -26.68
C THR H 371 37.36 26.66 -26.62
N GLN H 372 38.43 26.12 -26.05
CA GLN H 372 39.69 26.82 -25.95
C GLN H 372 40.79 26.15 -26.77
N PHE H 373 40.41 25.29 -27.72
CA PHE H 373 41.39 24.78 -28.68
C PHE H 373 41.55 25.72 -29.86
N LEU H 374 40.44 26.25 -30.36
CA LEU H 374 40.39 26.91 -31.65
C LEU H 374 40.08 28.39 -31.48
N THR H 375 40.76 29.03 -30.55
CA THR H 375 40.54 30.45 -30.30
C THR H 375 41.45 31.33 -31.14
N GLY H 376 42.73 31.02 -31.20
CA GLY H 376 43.67 31.85 -31.92
C GLY H 376 43.83 31.47 -33.39
N ILE H 377 42.86 30.75 -33.93
CA ILE H 377 42.88 30.40 -35.35
C ILE H 377 42.03 31.45 -36.06
N ASN H 378 42.66 32.57 -36.38
CA ASN H 378 42.06 33.63 -37.17
C ASN H 378 42.87 33.81 -38.43
N SER H 379 42.33 34.57 -39.38
CA SER H 379 43.14 34.95 -40.53
C SER H 379 43.97 36.19 -40.26
N GLN H 380 43.62 36.99 -39.25
CA GLN H 380 44.42 38.14 -38.89
C GLN H 380 45.57 37.78 -37.97
N ALA H 381 45.64 36.54 -37.51
CA ALA H 381 46.80 36.03 -36.79
C ALA H 381 47.67 35.13 -37.66
N ALA H 382 47.17 34.71 -38.82
CA ALA H 382 48.04 34.07 -39.81
C ALA H 382 49.06 35.05 -40.35
N ASN H 383 48.65 36.30 -40.54
CA ASN H 383 49.61 37.33 -40.91
C ASN H 383 50.54 37.65 -39.77
N ASP H 384 50.09 37.48 -38.53
CA ASP H 384 50.91 37.86 -37.39
C ASP H 384 52.05 36.90 -37.16
N CYS H 385 51.88 35.61 -37.46
CA CYS H 385 52.97 34.65 -37.39
C CYS H 385 53.76 34.58 -38.68
N PHE H 386 53.55 35.51 -39.59
CA PHE H 386 54.39 35.67 -40.77
C PHE H 386 55.22 36.93 -40.73
N LYS H 387 54.74 37.98 -40.06
CA LYS H 387 55.60 39.12 -39.80
C LYS H 387 56.58 38.80 -38.67
N THR H 388 56.08 38.18 -37.59
CA THR H 388 56.93 37.91 -36.43
C THR H 388 57.98 36.87 -36.73
N LEU H 389 57.65 35.90 -37.59
CA LEU H 389 58.58 34.80 -37.83
C LEU H 389 59.69 35.20 -38.77
N ILE H 390 59.54 36.28 -39.52
CA ILE H 390 60.59 36.77 -40.40
C ILE H 390 61.32 37.96 -39.81
N ALA H 391 60.58 38.92 -39.25
CA ALA H 391 61.23 40.13 -38.76
C ALA H 391 62.00 39.89 -37.47
N ALA H 392 61.59 38.93 -36.65
CA ALA H 392 62.44 38.54 -35.53
C ALA H 392 63.50 37.53 -35.95
N MET H 393 63.49 37.10 -37.20
CA MET H 393 64.56 36.31 -37.79
C MET H 393 65.49 37.17 -38.65
N LEU H 394 64.97 38.23 -39.24
CA LEU H 394 65.78 39.12 -40.05
C LEU H 394 66.67 39.99 -39.17
N SER H 395 66.07 40.76 -38.28
CA SER H 395 66.82 41.29 -37.17
C SER H 395 66.87 40.25 -36.06
N GLN H 396 67.97 40.22 -35.32
CA GLN H 396 68.26 39.09 -34.46
C GLN H 396 67.62 39.33 -33.10
N ARG H 397 66.33 39.05 -33.03
CA ARG H 397 65.51 39.28 -31.84
C ARG H 397 64.99 37.95 -31.36
N THR H 398 65.39 37.57 -30.14
CA THR H 398 65.00 36.27 -29.61
C THR H 398 63.53 36.25 -29.24
N MET H 399 62.89 35.11 -29.45
CA MET H 399 61.43 34.98 -29.38
C MET H 399 61.07 33.96 -28.31
N SER H 400 60.44 34.41 -27.24
CA SER H 400 59.87 33.48 -26.29
C SER H 400 58.55 32.96 -26.82
N LEU H 401 58.23 31.72 -26.47
CA LEU H 401 56.97 31.10 -26.85
C LEU H 401 55.96 31.20 -25.73
N ASP H 402 54.69 31.33 -26.10
CA ASP H 402 53.58 31.34 -25.16
C ASP H 402 52.58 30.31 -25.65
N PHE H 403 52.27 29.35 -24.80
CA PHE H 403 51.40 28.24 -25.18
C PHE H 403 50.86 27.60 -23.93
N VAL H 404 49.66 27.06 -24.03
CA VAL H 404 49.04 26.29 -22.95
C VAL H 404 49.25 24.81 -23.25
N THR H 405 49.82 24.09 -22.28
CA THR H 405 50.27 22.73 -22.52
C THR H 405 49.14 21.72 -22.58
N THR H 406 47.92 22.10 -22.21
CA THR H 406 46.79 21.20 -22.38
C THR H 406 46.29 21.15 -23.80
N ASN H 407 46.59 22.19 -24.60
CA ASN H 407 46.08 22.31 -25.96
C ASN H 407 47.11 21.71 -26.90
N TYR H 408 46.93 20.44 -27.26
CA TYR H 408 47.92 19.74 -28.07
C TYR H 408 47.89 20.14 -29.53
N MET H 409 46.82 20.80 -30.00
CA MET H 409 46.77 21.22 -31.39
C MET H 409 47.70 22.39 -31.63
N SER H 410 48.01 23.17 -30.59
CA SER H 410 49.07 24.15 -30.70
C SER H 410 50.44 23.53 -30.50
N LEU H 411 50.49 22.33 -29.92
CA LEU H 411 51.73 21.65 -29.63
C LEU H 411 52.20 20.77 -30.77
N ILE H 412 51.25 20.16 -31.50
CA ILE H 412 51.59 19.43 -32.72
C ILE H 412 52.03 20.39 -33.80
N SER H 413 51.35 21.54 -33.92
CA SER H 413 51.80 22.58 -34.83
C SER H 413 53.06 23.27 -34.33
N GLY H 414 53.39 23.13 -33.06
CA GLY H 414 54.68 23.59 -32.59
C GLY H 414 55.85 22.76 -33.07
N MET H 415 55.60 21.52 -33.51
CA MET H 415 56.66 20.70 -34.07
C MET H 415 57.18 21.27 -35.39
N TRP H 416 56.29 21.89 -36.17
CA TRP H 416 56.75 22.55 -37.39
C TRP H 416 57.58 23.79 -37.07
N LEU H 417 57.27 24.47 -35.96
CA LEU H 417 57.94 25.72 -35.65
C LEU H 417 59.41 25.52 -35.33
N LEU H 418 59.74 24.46 -34.58
CA LEU H 418 61.12 24.22 -34.20
C LEU H 418 61.95 23.70 -35.36
N THR H 419 61.32 23.14 -36.39
CA THR H 419 62.06 22.59 -37.51
C THR H 419 62.57 23.68 -38.45
N VAL H 420 61.70 24.60 -38.84
CA VAL H 420 62.08 25.63 -39.80
C VAL H 420 62.81 26.77 -39.11
N VAL H 421 62.23 27.33 -38.08
CA VAL H 421 62.91 28.38 -37.31
C VAL H 421 64.04 27.75 -36.50
N PRO H 422 65.27 28.23 -36.62
CA PRO H 422 66.40 27.58 -35.95
C PRO H 422 66.32 27.74 -34.44
N ASN H 423 66.64 26.65 -33.73
CA ASN H 423 66.33 26.58 -32.31
C ASN H 423 67.22 27.44 -31.43
N ASP H 424 68.26 28.06 -31.98
CA ASP H 424 69.01 29.05 -31.23
C ASP H 424 68.42 30.44 -31.34
N MET H 425 67.29 30.58 -32.04
CA MET H 425 66.59 31.86 -32.06
C MET H 425 65.75 32.05 -30.82
N PHE H 426 65.09 31.00 -30.34
CA PHE H 426 64.26 31.11 -29.16
C PHE H 426 65.12 31.28 -27.91
N ILE H 427 64.52 31.89 -26.89
CA ILE H 427 65.16 31.97 -25.59
C ILE H 427 65.21 30.56 -25.00
N ARG H 428 66.30 30.24 -24.30
CA ARG H 428 66.60 28.85 -23.98
C ARG H 428 65.61 28.29 -22.96
N GLU H 429 65.19 29.09 -22.00
CA GLU H 429 64.29 28.59 -20.97
C GLU H 429 62.88 28.36 -21.48
N SER H 430 62.52 28.89 -22.65
CA SER H 430 61.25 28.62 -23.29
C SER H 430 61.37 27.66 -24.46
N LEU H 431 62.53 27.59 -25.09
CA LEU H 431 62.80 26.54 -26.06
C LEU H 431 62.80 25.17 -25.39
N VAL H 432 63.39 25.09 -24.19
CA VAL H 432 63.36 23.87 -23.41
C VAL H 432 61.95 23.52 -22.98
N ALA H 433 61.20 24.51 -22.50
CA ALA H 433 59.84 24.23 -22.01
C ALA H 433 58.87 23.91 -23.13
N CYS H 434 59.21 24.20 -24.38
CA CYS H 434 58.41 23.76 -25.51
C CYS H 434 58.86 22.39 -26.01
N GLN H 435 60.18 22.15 -26.05
CA GLN H 435 60.67 20.85 -26.48
C GLN H 435 60.38 19.77 -25.46
N LEU H 436 60.38 20.12 -24.17
CA LEU H 436 59.99 19.15 -23.16
C LEU H 436 58.51 18.87 -23.21
N ALA H 437 57.69 19.87 -23.51
CA ALA H 437 56.25 19.66 -23.50
C ALA H 437 55.76 18.88 -24.71
N ILE H 438 56.52 18.86 -25.81
CA ILE H 438 56.19 17.97 -26.92
C ILE H 438 56.54 16.54 -26.56
N ILE H 439 57.70 16.34 -25.94
CA ILE H 439 58.17 15.01 -25.57
C ILE H 439 57.29 14.41 -24.49
N ASN H 440 57.00 15.20 -23.46
CA ASN H 440 56.47 14.62 -22.24
C ASN H 440 54.98 14.32 -22.32
N THR H 441 54.28 14.72 -23.39
CA THR H 441 52.91 14.30 -23.54
C THR H 441 52.51 13.91 -24.95
N ILE H 442 53.42 13.90 -25.93
CA ILE H 442 53.10 13.40 -27.26
C ILE H 442 54.09 12.32 -27.69
N ILE H 443 55.39 12.62 -27.67
CA ILE H 443 56.36 11.67 -28.20
C ILE H 443 56.65 10.54 -27.21
N TYR H 444 57.03 10.86 -25.97
CA TYR H 444 57.27 9.79 -25.02
C TYR H 444 56.06 8.99 -24.53
N PRO H 445 54.84 9.54 -24.43
CA PRO H 445 53.70 8.65 -24.21
C PRO H 445 53.32 7.82 -25.42
N ALA H 446 53.84 8.12 -26.60
CA ALA H 446 53.57 7.28 -27.76
C ALA H 446 54.28 5.94 -27.63
N PHE H 447 55.59 5.97 -27.44
CA PHE H 447 56.36 4.75 -27.46
C PHE H 447 56.27 3.97 -26.16
N GLY H 448 55.60 4.52 -25.16
CA GLY H 448 55.40 3.84 -23.90
C GLY H 448 56.45 4.10 -22.87
N MET H 449 57.57 4.69 -23.26
CA MET H 449 58.65 4.95 -22.32
C MET H 449 58.25 6.07 -21.36
N GLN H 450 59.03 6.18 -20.28
CA GLN H 450 58.62 6.94 -19.12
C GLN H 450 58.62 8.44 -19.41
N ARG H 451 57.97 9.18 -18.52
CA ARG H 451 57.98 10.62 -18.62
C ARG H 451 59.36 11.17 -18.34
N MET H 452 59.68 12.32 -18.93
CA MET H 452 61.04 12.82 -18.96
C MET H 452 61.28 13.75 -17.78
N HIS H 453 61.93 13.23 -16.74
CA HIS H 453 62.40 14.12 -15.67
C HIS H 453 63.60 14.91 -16.16
N TYR H 454 63.56 16.22 -15.97
CA TYR H 454 64.56 17.09 -16.59
C TYR H 454 64.87 18.25 -15.67
N ARG H 455 66.09 18.28 -15.13
CA ARG H 455 66.58 19.45 -14.42
C ARG H 455 66.90 20.56 -15.42
N ASN H 456 66.72 21.80 -15.00
CA ASN H 456 66.88 22.90 -15.95
C ASN H 456 68.33 23.32 -16.13
N GLY H 457 69.23 22.95 -15.22
CA GLY H 457 70.61 23.35 -15.35
C GLY H 457 71.45 22.40 -16.16
N ASP H 458 70.82 21.69 -17.06
CA ASP H 458 71.39 20.64 -17.90
C ASP H 458 71.84 21.24 -19.22
N PRO H 459 73.07 21.00 -19.67
CA PRO H 459 73.53 21.55 -20.95
C PRO H 459 72.98 20.85 -22.19
N GLN H 460 72.05 19.93 -22.03
CA GLN H 460 71.40 19.26 -23.14
C GLN H 460 69.92 19.63 -23.16
N THR H 461 69.46 20.19 -24.28
CA THR H 461 68.04 20.40 -24.48
C THR H 461 67.32 19.06 -24.60
N PRO H 462 66.04 18.98 -24.23
CA PRO H 462 65.36 17.68 -24.21
C PRO H 462 65.25 16.98 -25.56
N PHE H 463 65.30 17.70 -26.67
CA PHE H 463 65.40 17.00 -27.94
C PHE H 463 66.78 16.38 -28.14
N GLN H 464 67.82 16.87 -27.45
CA GLN H 464 69.13 16.22 -27.54
C GLN H 464 69.21 14.96 -26.71
N ILE H 465 68.33 14.78 -25.73
CA ILE H 465 68.35 13.57 -24.91
C ILE H 465 67.45 12.49 -25.49
N ALA H 466 66.31 12.88 -26.04
CA ALA H 466 65.45 11.93 -26.74
C ALA H 466 65.85 11.71 -28.18
N GLU H 467 67.03 12.16 -28.58
CA GLU H 467 67.59 11.73 -29.85
C GLU H 467 68.39 10.45 -29.70
N GLN H 468 68.73 10.08 -28.46
CA GLN H 468 69.46 8.85 -28.19
C GLN H 468 68.67 7.81 -27.41
N GLN H 469 67.68 8.22 -26.64
CA GLN H 469 66.84 7.29 -25.90
C GLN H 469 65.55 6.95 -26.63
N ILE H 470 65.35 7.48 -27.83
CA ILE H 470 64.21 7.09 -28.64
C ILE H 470 64.68 5.94 -29.53
N GLN H 471 63.73 5.13 -30.01
CA GLN H 471 64.12 3.92 -30.73
C GLN H 471 63.43 3.77 -32.07
N ASN H 472 62.83 4.82 -32.61
CA ASN H 472 62.57 4.81 -34.04
C ASN H 472 63.79 5.28 -34.79
N PHE H 473 63.70 5.22 -36.11
CA PHE H 473 64.63 5.96 -36.94
C PHE H 473 64.00 7.19 -37.55
N GLN H 474 62.67 7.25 -37.64
CA GLN H 474 62.04 8.42 -38.24
C GLN H 474 61.95 9.57 -37.25
N VAL H 475 61.49 9.32 -36.02
CA VAL H 475 61.50 10.37 -35.01
C VAL H 475 62.85 10.50 -34.31
N ALA H 476 63.86 9.77 -34.74
CA ALA H 476 65.23 10.07 -34.33
C ALA H 476 65.97 10.90 -35.37
N ASN H 477 65.71 10.65 -36.64
CA ASN H 477 66.32 11.46 -37.69
C ASN H 477 65.60 12.78 -37.89
N TRP H 478 64.44 12.96 -37.28
CA TRP H 478 63.87 14.30 -37.19
C TRP H 478 64.51 15.07 -36.05
N LEU H 479 64.61 14.45 -34.88
CA LEU H 479 65.26 15.07 -33.73
C LEU H 479 66.77 15.23 -33.91
N HIS H 480 67.36 14.60 -34.90
CA HIS H 480 68.73 14.95 -35.27
C HIS H 480 68.78 16.23 -36.08
N PHE H 481 67.65 16.71 -36.58
CA PHE H 481 67.64 17.98 -37.29
C PHE H 481 67.23 19.15 -36.41
N VAL H 482 66.28 18.95 -35.49
CA VAL H 482 65.87 20.03 -34.61
C VAL H 482 66.98 20.39 -33.65
N ASN H 483 67.85 19.43 -33.31
CA ASN H 483 69.04 19.76 -32.55
C ASN H 483 70.08 20.46 -33.39
N ASN H 484 70.34 19.95 -34.60
CA ASN H 484 71.46 20.40 -35.41
C ASN H 484 71.06 21.35 -36.51
N ASN H 485 70.07 22.21 -36.30
CA ASN H 485 69.87 23.35 -37.17
C ASN H 485 70.12 24.61 -36.37
N GLN H 486 70.92 25.50 -36.93
CA GLN H 486 71.16 26.81 -36.36
C GLN H 486 71.60 27.69 -37.50
N PHE H 487 71.79 28.96 -37.20
CA PHE H 487 72.19 29.91 -38.22
C PHE H 487 73.66 29.72 -38.54
N ARG H 488 73.95 29.33 -39.77
CA ARG H 488 75.32 29.11 -40.21
C ARG H 488 75.87 30.42 -40.70
N GLN H 489 76.82 30.99 -39.96
CA GLN H 489 77.31 32.33 -40.24
C GLN H 489 78.15 32.34 -41.51
N VAL H 490 77.81 33.22 -42.44
CA VAL H 490 78.58 33.41 -43.65
C VAL H 490 78.79 34.92 -43.79
N VAL H 491 79.82 35.30 -44.52
CA VAL H 491 80.09 36.70 -44.81
C VAL H 491 80.08 36.89 -46.33
N ILE H 492 79.05 37.58 -46.82
CA ILE H 492 78.87 37.80 -48.24
C ILE H 492 78.61 39.28 -48.47
N ASP H 493 79.23 39.82 -49.54
CA ASP H 493 79.10 41.22 -49.97
C ASP H 493 79.53 42.19 -48.87
N GLY H 494 80.53 41.78 -48.08
CA GLY H 494 81.11 42.64 -47.07
C GLY H 494 80.48 42.57 -45.69
N VAL H 495 79.28 42.00 -45.56
CA VAL H 495 78.59 41.94 -44.27
C VAL H 495 78.43 40.48 -43.88
N LEU H 496 78.19 40.26 -42.59
CA LEU H 496 77.94 38.93 -42.04
C LEU H 496 76.45 38.78 -41.83
N ASN H 497 75.83 37.81 -42.50
CA ASN H 497 74.41 37.58 -42.32
C ASN H 497 74.15 36.12 -42.02
N GLN H 498 73.38 35.87 -40.97
CA GLN H 498 73.05 34.53 -40.51
C GLN H 498 72.10 33.88 -41.49
N VAL H 499 72.59 32.95 -42.30
CA VAL H 499 71.80 32.36 -43.37
C VAL H 499 71.41 30.94 -42.96
N LEU H 500 70.22 30.53 -43.41
CA LEU H 500 69.71 29.18 -43.18
C LEU H 500 70.48 28.16 -44.00
N ASN H 501 70.19 26.88 -43.78
CA ASN H 501 70.86 25.85 -44.55
C ASN H 501 70.07 25.50 -45.79
N ASP H 502 70.70 24.73 -46.68
CA ASP H 502 70.11 24.38 -47.97
C ASP H 502 68.98 23.39 -47.86
N ASN H 503 68.68 22.87 -46.68
CA ASN H 503 67.62 21.88 -46.54
C ASN H 503 66.29 22.51 -46.14
N ILE H 504 66.31 23.50 -45.25
CA ILE H 504 65.08 24.22 -44.91
C ILE H 504 64.71 25.17 -46.03
N ARG H 505 65.71 25.74 -46.70
CA ARG H 505 65.48 26.79 -47.67
C ARG H 505 64.85 26.27 -48.96
N ASN H 506 64.82 24.95 -49.19
CA ASN H 506 64.03 24.38 -50.26
C ASN H 506 62.95 23.44 -49.77
N GLY H 507 62.66 23.43 -48.48
CA GLY H 507 61.49 22.75 -47.98
C GLY H 507 61.64 21.26 -47.77
N HIS H 508 62.78 20.68 -48.09
CA HIS H 508 62.90 19.22 -48.03
C HIS H 508 62.96 18.68 -46.62
N VAL H 509 63.09 19.51 -45.59
CA VAL H 509 63.07 18.98 -44.23
C VAL H 509 61.69 18.54 -43.85
N VAL H 510 60.66 19.24 -44.32
CA VAL H 510 59.33 18.98 -43.81
C VAL H 510 58.74 17.69 -44.37
N ASN H 511 59.38 17.09 -45.38
CA ASN H 511 59.11 15.69 -45.70
C ASN H 511 59.59 14.77 -44.60
N GLN H 512 60.70 15.11 -43.95
CA GLN H 512 61.23 14.28 -42.86
C GLN H 512 60.46 14.50 -41.58
N LEU H 513 59.85 15.69 -41.42
CA LEU H 513 58.90 15.89 -40.32
C LEU H 513 57.69 15.00 -40.50
N MET H 514 57.00 15.15 -41.62
CA MET H 514 55.76 14.40 -41.85
C MET H 514 56.00 12.96 -42.26
N GLU H 515 57.23 12.46 -42.20
CA GLU H 515 57.45 11.02 -42.16
C GLU H 515 57.68 10.57 -40.73
N ALA H 516 58.13 11.46 -39.86
CA ALA H 516 58.18 11.19 -38.43
C ALA H 516 56.86 11.49 -37.76
N LEU H 517 56.00 12.26 -38.42
CA LEU H 517 54.72 12.62 -37.84
C LEU H 517 53.64 11.60 -38.20
N MET H 518 53.77 10.93 -39.35
CA MET H 518 52.81 9.90 -39.71
C MET H 518 52.99 8.64 -38.88
N GLN H 519 54.24 8.25 -38.60
CA GLN H 519 54.48 7.07 -37.77
C GLN H 519 54.01 7.27 -36.35
N LEU H 520 54.11 8.49 -35.85
CA LEU H 520 53.66 8.77 -34.51
C LEU H 520 52.13 8.80 -34.40
N SER H 521 51.43 8.82 -35.52
CA SER H 521 49.97 8.66 -35.51
C SER H 521 49.55 7.20 -35.59
N ARG H 522 50.43 6.30 -36.00
CA ARG H 522 50.11 4.88 -36.02
C ARG H 522 50.32 4.21 -34.67
N GLN H 523 51.11 4.82 -33.80
CA GLN H 523 51.57 4.16 -32.58
C GLN H 523 50.44 4.02 -31.59
N GLN H 524 50.32 2.84 -30.99
CA GLN H 524 49.38 2.68 -29.89
C GLN H 524 49.93 3.41 -28.67
N PHE H 525 49.15 4.33 -28.13
CA PHE H 525 49.68 5.01 -26.97
C PHE H 525 49.27 4.10 -25.81
N PRO H 526 50.20 3.32 -25.24
CA PRO H 526 49.82 2.05 -24.61
C PRO H 526 49.08 2.17 -23.28
N THR H 527 48.98 3.37 -22.70
CA THR H 527 48.23 3.54 -21.48
C THR H 527 47.25 4.70 -21.58
N MET H 528 47.38 5.54 -22.60
CA MET H 528 46.52 6.70 -22.79
C MET H 528 45.08 6.26 -23.02
N PRO H 529 44.09 6.95 -22.45
CA PRO H 529 42.70 6.56 -22.63
C PRO H 529 42.26 6.70 -24.08
N VAL H 530 41.29 5.87 -24.46
CA VAL H 530 40.98 5.71 -25.87
C VAL H 530 40.22 6.92 -26.42
N ASP H 531 39.61 7.71 -25.54
CA ASP H 531 39.06 8.99 -25.94
C ASP H 531 40.16 9.93 -26.41
N TYR H 532 41.20 10.07 -25.60
CA TYR H 532 42.24 11.05 -25.81
C TYR H 532 43.33 10.54 -26.74
N LYS H 533 43.27 9.28 -27.14
CA LYS H 533 44.25 8.72 -28.07
C LYS H 533 43.87 8.96 -29.51
N ARG H 534 42.62 8.67 -29.87
CA ARG H 534 42.16 8.95 -31.23
C ARG H 534 41.89 10.42 -31.45
N SER H 535 41.70 11.18 -30.38
CA SER H 535 41.59 12.63 -30.53
C SER H 535 42.93 13.31 -30.65
N ILE H 536 44.02 12.57 -30.50
CA ILE H 536 45.36 13.10 -30.71
C ILE H 536 46.08 12.40 -31.85
N GLN H 537 45.60 11.25 -32.32
CA GLN H 537 46.08 10.70 -33.57
C GLN H 537 45.41 11.34 -34.76
N ARG H 538 44.25 11.95 -34.57
CA ARG H 538 43.60 12.70 -35.63
C ARG H 538 44.04 14.15 -35.66
N GLY H 539 44.49 14.68 -34.52
CA GLY H 539 45.10 16.00 -34.50
C GLY H 539 46.46 16.04 -35.13
N ILE H 540 47.11 14.88 -35.27
CA ILE H 540 48.36 14.79 -36.01
C ILE H 540 48.09 14.66 -37.50
N LEU H 541 47.04 13.91 -37.87
CA LEU H 541 46.63 13.81 -39.27
C LEU H 541 46.00 15.09 -39.81
N LEU H 542 45.80 16.11 -38.98
CA LEU H 542 45.47 17.44 -39.48
C LEU H 542 46.70 18.21 -39.91
N LEU H 543 47.89 17.80 -39.48
CA LEU H 543 49.12 18.41 -39.93
C LEU H 543 49.90 17.51 -40.89
N SER H 544 49.81 16.21 -40.74
CA SER H 544 50.51 15.33 -41.66
C SER H 544 49.79 15.15 -42.99
N ASN H 545 48.53 15.57 -43.09
CA ASN H 545 47.84 15.56 -44.36
C ASN H 545 48.06 16.83 -45.17
N ARG H 546 48.73 17.82 -44.59
CA ARG H 546 49.02 19.07 -45.27
C ARG H 546 50.46 19.12 -45.76
N LEU H 547 50.95 17.98 -46.27
CA LEU H 547 52.37 17.86 -46.63
C LEU H 547 52.72 18.72 -47.84
N GLY H 548 51.79 18.86 -48.78
CA GLY H 548 52.08 19.65 -49.95
C GLY H 548 52.04 21.15 -49.71
N GLN H 549 51.44 21.57 -48.61
CA GLN H 549 51.30 22.99 -48.31
C GLN H 549 52.10 23.44 -47.10
N LEU H 550 52.78 22.52 -46.42
CA LEU H 550 53.86 22.87 -45.51
C LEU H 550 55.21 22.85 -46.21
N VAL H 551 55.34 22.12 -47.31
CA VAL H 551 56.54 22.20 -48.15
C VAL H 551 56.46 23.39 -49.07
N ASP H 552 55.31 24.05 -49.14
CA ASP H 552 55.16 25.26 -49.90
C ASP H 552 55.07 26.49 -49.03
N LEU H 553 55.03 26.33 -47.71
CA LEU H 553 55.16 27.46 -46.81
C LEU H 553 56.63 27.76 -46.55
N THR H 554 57.39 26.74 -46.16
CA THR H 554 58.79 26.96 -45.81
C THR H 554 59.67 27.19 -47.02
N ARG H 555 59.18 26.93 -48.23
CA ARG H 555 59.87 27.41 -49.42
C ARG H 555 59.65 28.90 -49.60
N LEU H 556 58.53 29.40 -49.10
CA LEU H 556 58.20 30.82 -49.15
C LEU H 556 58.71 31.57 -47.91
N LEU H 557 58.59 30.95 -46.74
CA LEU H 557 59.05 31.55 -45.50
C LEU H 557 60.56 31.71 -45.46
N ALA H 558 61.29 30.89 -46.20
CA ALA H 558 62.73 31.06 -46.32
C ALA H 558 63.13 31.64 -47.65
N TYR H 559 62.19 32.22 -48.39
CA TYR H 559 62.51 33.08 -49.52
C TYR H 559 62.22 34.53 -49.25
N ASN H 560 61.18 34.83 -48.47
CA ASN H 560 61.00 36.19 -47.97
C ASN H 560 62.13 36.56 -47.03
N TYR H 561 62.64 35.60 -46.26
CA TYR H 561 63.82 35.85 -45.46
C TYR H 561 65.07 35.95 -46.31
N GLU H 562 65.11 35.23 -47.42
CA GLU H 562 66.33 35.15 -48.22
C GLU H 562 66.56 36.39 -49.07
N THR H 563 65.50 36.99 -49.61
CA THR H 563 65.65 38.16 -50.46
C THR H 563 65.62 39.45 -49.67
N LEU H 564 65.32 39.39 -48.38
CA LEU H 564 65.42 40.55 -47.51
C LEU H 564 66.71 40.59 -46.72
N MET H 565 67.33 39.43 -46.49
CA MET H 565 68.60 39.39 -45.79
C MET H 565 69.71 40.01 -46.61
N ALA H 566 69.62 39.93 -47.93
CA ALA H 566 70.55 40.63 -48.80
C ALA H 566 70.28 42.12 -48.84
N CYS H 567 69.10 42.54 -48.38
CA CYS H 567 68.76 43.95 -48.28
C CYS H 567 69.05 44.50 -46.89
N ILE H 568 70.24 44.20 -46.35
CA ILE H 568 70.63 44.63 -45.02
C ILE H 568 72.08 45.09 -45.08
N THR H 569 72.34 46.33 -44.70
CA THR H 569 73.68 46.87 -44.78
C THR H 569 74.43 46.76 -43.47
N MET H 570 73.74 46.87 -42.34
CA MET H 570 74.40 46.68 -41.05
C MET H 570 74.77 45.22 -40.86
N ASN H 571 75.61 44.99 -39.86
CA ASN H 571 76.05 43.64 -39.55
C ASN H 571 74.93 42.91 -38.83
N MET H 572 74.91 41.59 -38.95
CA MET H 572 73.86 40.79 -38.33
C MET H 572 74.49 39.90 -37.26
N GLN H 573 74.67 40.47 -36.07
CA GLN H 573 75.19 39.72 -34.94
C GLN H 573 74.03 39.07 -34.21
N HIS H 574 74.25 37.85 -33.75
CA HIS H 574 73.23 37.09 -33.03
C HIS H 574 73.69 36.91 -31.60
N VAL H 575 73.05 37.62 -30.68
CA VAL H 575 73.25 37.43 -29.26
C VAL H 575 71.88 37.25 -28.62
N GLN H 576 71.87 36.62 -27.45
CA GLN H 576 70.64 36.48 -26.70
C GLN H 576 70.22 37.84 -26.16
N THR H 577 69.09 38.34 -26.66
CA THR H 577 68.64 39.66 -26.30
C THR H 577 68.07 39.67 -24.89
N LEU H 578 67.84 40.87 -24.37
CA LEU H 578 67.44 41.00 -22.97
C LEU H 578 65.93 40.91 -22.81
N THR H 579 65.16 41.42 -23.77
CA THR H 579 63.72 41.28 -23.79
C THR H 579 63.31 40.55 -25.05
N THR H 580 62.27 39.74 -24.97
CA THR H 580 61.88 38.86 -26.06
C THR H 580 60.52 39.23 -26.62
N GLU H 581 60.43 39.24 -27.96
CA GLU H 581 59.17 39.49 -28.65
C GLU H 581 58.37 38.19 -28.71
N LYS H 582 57.23 38.17 -28.01
CA LYS H 582 56.50 36.94 -27.75
C LYS H 582 55.84 36.42 -29.02
N LEU H 583 56.00 35.12 -29.26
CA LEU H 583 55.40 34.44 -30.39
C LEU H 583 54.49 33.35 -29.87
N GLN H 584 53.20 33.47 -30.15
CA GLN H 584 52.20 32.58 -29.58
C GLN H 584 52.06 31.34 -30.44
N LEU H 585 52.08 30.17 -29.81
CA LEU H 585 51.82 28.94 -30.53
C LEU H 585 50.34 28.75 -30.84
N THR H 586 49.45 29.51 -30.20
CA THR H 586 48.05 29.47 -30.59
C THR H 586 47.82 30.11 -31.94
N SER H 587 48.75 30.96 -32.39
CA SER H 587 48.62 31.61 -33.68
C SER H 587 49.53 31.02 -34.75
N VAL H 588 50.52 30.21 -34.39
CA VAL H 588 51.28 29.51 -35.42
C VAL H 588 50.53 28.28 -35.89
N THR H 589 49.54 27.81 -35.13
CA THR H 589 48.58 26.86 -35.66
C THR H 589 47.72 27.50 -36.73
N SER H 590 47.46 28.79 -36.62
CA SER H 590 46.73 29.48 -37.67
C SER H 590 47.58 29.80 -38.89
N LEU H 591 48.83 29.34 -38.95
CA LEU H 591 49.65 29.46 -40.14
C LEU H 591 49.87 28.15 -40.87
N CYS H 592 50.02 27.04 -40.13
CA CYS H 592 50.23 25.76 -40.78
C CYS H 592 48.96 25.26 -41.46
N MET H 593 47.82 25.41 -40.80
CA MET H 593 46.58 24.92 -41.37
C MET H 593 45.61 26.05 -41.68
N LEU H 594 46.13 27.13 -42.25
CA LEU H 594 45.24 28.14 -42.85
C LEU H 594 45.88 28.75 -44.09
N ILE H 595 46.94 28.17 -44.61
CA ILE H 595 47.71 28.73 -45.72
C ILE H 595 47.24 28.09 -47.03
N GLY H 596 47.16 28.89 -48.10
CA GLY H 596 46.84 28.40 -49.42
C GLY H 596 48.03 28.52 -50.36
N ASN H 597 47.80 28.12 -51.60
CA ASN H 597 48.86 28.09 -52.60
C ASN H 597 48.88 29.34 -53.48
N ALA H 598 48.99 30.49 -52.82
CA ALA H 598 49.17 31.77 -53.49
C ALA H 598 50.34 32.49 -52.83
N THR H 599 51.43 32.65 -53.56
CA THR H 599 52.66 33.16 -53.01
C THR H 599 52.75 34.68 -53.08
N VAL H 600 53.48 35.23 -52.11
CA VAL H 600 53.68 36.66 -51.97
C VAL H 600 55.17 36.96 -52.06
N ILE H 601 55.49 38.00 -52.82
CA ILE H 601 56.88 38.36 -53.12
C ILE H 601 57.00 39.84 -52.78
N PRO H 602 58.09 40.28 -52.14
CA PRO H 602 58.25 41.71 -51.87
C PRO H 602 58.38 42.50 -53.17
N SER H 603 57.57 43.56 -53.26
CA SER H 603 57.60 44.42 -54.42
C SER H 603 58.93 45.17 -54.48
N PRO H 604 59.48 45.39 -55.66
CA PRO H 604 60.82 45.99 -55.74
C PRO H 604 60.88 47.44 -55.32
N GLN H 605 59.75 48.14 -55.28
CA GLN H 605 59.74 49.47 -54.69
C GLN H 605 59.63 49.43 -53.18
N THR H 606 59.18 48.31 -52.61
CA THR H 606 59.28 48.09 -51.17
C THR H 606 60.68 47.63 -50.80
N LEU H 607 61.25 46.76 -51.63
CA LEU H 607 62.59 46.25 -51.40
C LEU H 607 63.64 47.34 -51.51
N PHE H 608 63.45 48.31 -52.42
CA PHE H 608 64.39 49.43 -52.47
C PHE H 608 64.16 50.41 -51.34
N HIS H 609 62.95 50.46 -50.78
CA HIS H 609 62.71 51.32 -49.64
C HIS H 609 63.32 50.74 -48.36
N TYR H 610 63.36 49.41 -48.25
CA TYR H 610 64.01 48.79 -47.10
C TYR H 610 65.53 48.88 -47.20
N TYR H 611 66.09 49.04 -48.39
CA TYR H 611 67.52 49.27 -48.50
C TYR H 611 67.87 50.69 -48.11
N ASN H 612 67.08 51.66 -48.59
CA ASN H 612 67.39 53.06 -48.36
C ASN H 612 67.13 53.50 -46.93
N VAL H 613 66.58 52.64 -46.08
CA VAL H 613 66.58 52.90 -44.64
C VAL H 613 67.82 52.33 -43.99
N ASN H 614 68.15 51.06 -44.26
CA ASN H 614 69.32 50.44 -43.68
C ASN H 614 70.63 50.95 -44.25
N VAL H 615 70.61 51.73 -45.32
CA VAL H 615 71.80 52.52 -45.65
C VAL H 615 71.77 53.82 -44.86
N ASN H 616 70.62 54.49 -44.82
CA ASN H 616 70.51 55.79 -44.17
C ASN H 616 70.61 55.69 -42.65
N PHE H 617 70.33 54.54 -42.07
CA PHE H 617 70.61 54.38 -40.64
C PHE H 617 72.06 53.99 -40.41
N HIS H 618 72.62 53.16 -41.29
CA HIS H 618 74.00 52.75 -41.10
C HIS H 618 74.98 53.85 -41.48
N SER H 619 74.64 54.70 -42.46
CA SER H 619 75.50 55.83 -42.75
C SER H 619 75.39 56.91 -41.70
N ASN H 620 74.24 57.02 -41.04
CA ASN H 620 74.11 58.00 -39.97
C ASN H 620 74.73 57.50 -38.68
N TYR H 621 74.73 56.20 -38.44
CA TYR H 621 75.36 55.67 -37.23
C TYR H 621 76.87 55.80 -37.31
N ASN H 622 77.43 55.78 -38.51
CA ASN H 622 78.87 55.95 -38.67
C ASN H 622 79.28 57.40 -38.84
N GLU H 623 78.37 58.28 -39.20
CA GLU H 623 78.70 59.70 -39.29
C GLU H 623 78.34 60.46 -38.04
N ARG H 624 77.85 59.77 -37.00
CA ARG H 624 77.73 60.34 -35.67
C ARG H 624 78.74 59.78 -34.68
N ILE H 625 79.32 58.63 -34.97
CA ILE H 625 80.51 58.20 -34.24
C ILE H 625 81.68 59.09 -34.62
N ASN H 626 81.84 59.38 -35.91
CA ASN H 626 82.94 60.23 -36.38
C ASN H 626 82.79 61.67 -35.93
N ASP H 627 81.59 62.13 -35.62
CA ASP H 627 81.42 63.45 -35.05
C ASP H 627 81.58 63.46 -33.53
N ALA H 628 81.39 62.32 -32.87
CA ALA H 628 81.60 62.23 -31.44
C ALA H 628 83.02 61.88 -31.06
N VAL H 629 83.71 61.08 -31.89
CA VAL H 629 85.11 60.78 -31.64
C VAL H 629 85.95 62.02 -31.87
N ALA H 630 85.65 62.79 -32.90
CA ALA H 630 86.44 63.96 -33.23
C ALA H 630 86.19 65.15 -32.31
N ILE H 631 85.34 65.01 -31.30
CA ILE H 631 85.23 66.00 -30.23
C ILE H 631 85.94 65.52 -28.97
N ILE H 632 85.81 64.23 -28.65
CA ILE H 632 86.41 63.66 -27.45
C ILE H 632 87.92 63.72 -27.52
N THR H 633 88.50 63.42 -28.68
CA THR H 633 89.93 63.61 -28.83
C THR H 633 90.31 65.07 -28.96
N ALA H 634 89.47 65.89 -29.60
CA ALA H 634 89.75 67.33 -29.68
C ALA H 634 89.57 68.01 -28.34
N ALA H 635 88.84 67.42 -27.41
CA ALA H 635 88.80 67.92 -26.04
C ALA H 635 90.03 67.51 -25.24
N ASN H 636 90.76 66.49 -25.68
CA ASN H 636 91.92 66.02 -24.94
C ASN H 636 93.24 66.49 -25.53
N ARG H 637 93.32 66.69 -26.85
CA ARG H 637 94.52 67.30 -27.42
C ARG H 637 94.64 68.76 -27.04
N LEU H 638 93.53 69.43 -26.71
CA LEU H 638 93.55 70.84 -26.39
C LEU H 638 93.87 71.10 -24.93
N ASN H 639 94.12 70.05 -24.14
CA ASN H 639 94.24 70.11 -22.68
C ASN H 639 93.03 70.81 -22.07
N LEU H 640 91.86 70.34 -22.44
CA LEU H 640 90.60 70.94 -22.06
C LEU H 640 89.90 69.97 -21.11
N TYR H 641 90.21 70.08 -19.83
CA TYR H 641 89.47 69.35 -18.81
C TYR H 641 88.21 70.13 -18.48
N GLN H 642 87.53 69.74 -17.39
CA GLN H 642 86.30 70.35 -16.89
C GLN H 642 85.18 70.34 -17.93
N LYS H 643 85.23 69.37 -18.84
CA LYS H 643 84.22 69.16 -19.87
C LYS H 643 83.75 67.73 -19.75
N LYS H 644 82.49 67.54 -19.39
CA LYS H 644 82.00 66.22 -19.03
C LYS H 644 81.78 65.39 -20.29
N MET H 645 82.49 64.26 -20.39
CA MET H 645 82.37 63.40 -21.55
C MET H 645 81.06 62.62 -21.60
N LYS H 646 80.27 62.66 -20.53
CA LYS H 646 78.91 62.13 -20.58
C LYS H 646 78.01 63.01 -21.44
N SER H 647 78.37 64.29 -21.60
CA SER H 647 77.56 65.18 -22.42
C SER H 647 77.74 64.90 -23.91
N ILE H 648 78.97 64.58 -24.33
CA ILE H 648 79.21 64.33 -25.75
C ILE H 648 78.65 62.98 -26.16
N VAL H 649 78.61 62.04 -25.23
CA VAL H 649 78.03 60.74 -25.53
C VAL H 649 76.51 60.81 -25.58
N GLU H 650 75.88 61.55 -24.68
CA GLU H 650 74.42 61.55 -24.63
C GLU H 650 73.78 62.30 -25.79
N ASP H 651 74.52 63.18 -26.47
CA ASP H 651 73.97 63.74 -27.70
C ASP H 651 74.40 62.97 -28.94
N PHE H 652 75.38 62.06 -28.81
CA PHE H 652 75.59 61.08 -29.85
C PHE H 652 74.42 60.12 -29.92
N LEU H 653 73.83 59.77 -28.77
CA LEU H 653 72.62 58.97 -28.77
C LEU H 653 71.37 59.77 -29.08
N LYS H 654 71.44 61.09 -29.05
CA LYS H 654 70.28 61.89 -29.45
C LYS H 654 70.19 62.02 -30.96
N ARG H 655 71.33 62.12 -31.64
CA ARG H 655 71.31 62.18 -33.10
C ARG H 655 70.90 60.85 -33.71
N LEU H 656 71.27 59.75 -33.07
CA LEU H 656 70.71 58.45 -33.41
C LEU H 656 69.26 58.44 -32.96
N GLN H 657 68.34 58.30 -33.90
CA GLN H 657 66.95 58.62 -33.65
C GLN H 657 66.19 57.54 -32.90
N ILE H 658 66.85 56.54 -32.33
CA ILE H 658 66.18 55.42 -31.70
C ILE H 658 66.23 55.49 -30.18
N PHE H 659 67.40 55.81 -29.63
CA PHE H 659 67.58 55.76 -28.19
C PHE H 659 66.95 56.98 -27.55
N ASP H 660 66.52 56.81 -26.30
CA ASP H 660 66.26 57.95 -25.44
C ASP H 660 67.24 57.89 -24.28
N ILE H 661 67.47 59.04 -23.67
CA ILE H 661 68.63 59.17 -22.81
C ILE H 661 68.29 58.87 -21.35
N SER H 662 67.03 59.01 -20.97
CA SER H 662 66.63 58.92 -19.57
C SER H 662 66.60 57.49 -19.04
N ARG H 663 66.85 56.48 -19.88
CA ARG H 663 66.80 55.10 -19.45
C ARG H 663 68.12 54.36 -19.56
N VAL H 664 69.12 54.92 -20.22
CA VAL H 664 70.41 54.22 -20.35
C VAL H 664 71.12 54.25 -19.00
N PRO H 665 71.54 53.12 -18.46
CA PRO H 665 72.18 53.12 -17.15
C PRO H 665 73.60 53.65 -17.24
N ASP H 666 74.19 53.88 -16.07
CA ASP H 666 75.48 54.54 -16.01
C ASP H 666 76.66 53.61 -16.27
N ASP H 667 76.46 52.30 -16.28
CA ASP H 667 77.55 51.42 -16.67
C ASP H 667 77.67 51.29 -18.18
N GLN H 668 76.75 51.87 -18.95
CA GLN H 668 76.81 51.78 -20.39
C GLN H 668 77.04 53.11 -21.07
N MET H 669 76.82 54.22 -20.40
CA MET H 669 77.32 55.50 -20.87
C MET H 669 78.73 55.78 -20.37
N TYR H 670 79.32 54.84 -19.63
CA TYR H 670 80.72 54.90 -19.25
C TYR H 670 81.57 53.85 -19.95
N ARG H 671 80.96 52.76 -20.43
CA ARG H 671 81.65 51.94 -21.41
C ARG H 671 81.71 52.67 -22.75
N LEU H 672 80.67 53.42 -23.07
CA LEU H 672 80.58 54.08 -24.37
C LEU H 672 81.53 55.27 -24.46
N ARG H 673 81.74 55.99 -23.37
CA ARG H 673 82.77 57.02 -23.39
C ARG H 673 84.17 56.44 -23.28
N ASP H 674 84.28 55.15 -22.99
CA ASP H 674 85.58 54.49 -22.99
C ASP H 674 85.92 53.95 -24.37
N ARG H 675 84.94 53.38 -25.07
CA ARG H 675 85.19 52.86 -26.40
C ARG H 675 85.27 53.95 -27.45
N LEU H 676 84.69 55.11 -27.19
CA LEU H 676 84.81 56.22 -28.12
C LEU H 676 86.13 56.96 -28.00
N ARG H 677 86.97 56.63 -27.03
CA ARG H 677 88.28 57.24 -26.95
C ARG H 677 89.33 56.46 -27.71
N LEU H 678 89.18 55.14 -27.81
CA LEU H 678 90.20 54.31 -28.43
C LEU H 678 90.18 54.36 -29.94
N LEU H 679 89.09 54.83 -30.54
CA LEU H 679 88.97 54.83 -32.00
C LEU H 679 89.85 55.91 -32.60
N PRO H 680 90.34 55.70 -33.82
CA PRO H 680 91.07 56.77 -34.50
C PRO H 680 90.11 57.81 -35.07
N VAL H 681 90.60 59.03 -35.17
CA VAL H 681 89.82 60.12 -35.73
C VAL H 681 89.80 59.96 -37.24
N GLU H 682 88.68 60.33 -37.87
CA GLU H 682 88.50 60.24 -39.31
C GLU H 682 89.55 61.07 -40.05
N ILE H 683 89.81 60.69 -41.30
CA ILE H 683 90.93 61.24 -42.05
C ILE H 683 90.73 62.71 -42.43
N ARG H 684 89.50 63.21 -42.41
CA ARG H 684 89.27 64.60 -42.76
C ARG H 684 89.01 65.48 -41.53
N ARG H 685 88.32 64.96 -40.52
CA ARG H 685 88.09 65.73 -39.31
C ARG H 685 89.34 65.88 -38.46
N LEU H 686 90.38 65.10 -38.73
CA LEU H 686 91.65 65.26 -38.01
C LEU H 686 92.52 66.33 -38.65
N ASP H 687 92.46 66.47 -39.98
CA ASP H 687 93.35 67.42 -40.63
C ASP H 687 92.86 68.85 -40.45
N ILE H 688 91.56 69.04 -40.25
CA ILE H 688 91.06 70.38 -39.93
C ILE H 688 91.44 70.76 -38.50
N PHE H 689 91.41 69.79 -37.59
CA PHE H 689 91.84 70.04 -36.22
C PHE H 689 93.34 70.31 -36.15
N ASN H 690 94.13 69.68 -37.01
CA ASN H 690 95.54 70.01 -37.07
C ASN H 690 95.80 71.33 -37.77
N LEU H 691 94.79 71.90 -38.44
CA LEU H 691 94.94 73.22 -39.03
C LEU H 691 94.67 74.34 -38.02
N ILE H 692 93.82 74.09 -37.03
CA ILE H 692 93.61 75.08 -35.98
C ILE H 692 94.50 74.86 -34.78
N LEU H 693 95.20 73.73 -34.70
CA LEU H 693 96.10 73.48 -33.59
C LEU H 693 97.47 74.11 -33.81
N MET H 694 97.93 74.15 -35.05
CA MET H 694 99.19 74.82 -35.33
C MET H 694 99.01 76.33 -35.47
N ASN H 695 97.81 76.79 -35.80
CA ASN H 695 97.52 78.20 -35.92
C ASN H 695 96.71 78.73 -34.73
N MET H 696 96.75 78.02 -33.61
CA MET H 696 96.12 78.53 -32.40
C MET H 696 96.92 79.66 -31.78
N GLU H 697 98.20 79.75 -32.06
CA GLU H 697 98.99 80.88 -31.56
C GLU H 697 98.66 82.14 -32.32
N GLN H 698 98.68 82.08 -33.66
CA GLN H 698 98.59 83.29 -34.47
C GLN H 698 97.20 83.93 -34.44
N ILE H 699 96.16 83.20 -34.07
CA ILE H 699 94.87 83.85 -33.86
C ILE H 699 94.84 84.54 -32.50
N GLU H 700 95.35 83.89 -31.46
CA GLU H 700 95.36 84.49 -30.13
C GLU H 700 96.34 85.65 -30.03
N ARG H 701 97.46 85.60 -30.76
CA ARG H 701 98.42 86.69 -30.69
C ARG H 701 97.94 87.92 -31.44
N ALA H 702 97.20 87.73 -32.54
CA ALA H 702 96.75 88.84 -33.36
C ALA H 702 95.48 89.50 -32.83
N SER H 703 94.86 88.93 -31.80
CA SER H 703 93.63 89.49 -31.26
C SER H 703 93.94 90.59 -30.24
N ASP H 704 93.30 91.74 -30.42
CA ASP H 704 93.33 92.76 -29.39
C ASP H 704 92.36 92.39 -28.28
N LYS H 705 92.28 93.27 -27.28
CA LYS H 705 91.47 93.22 -26.06
C LYS H 705 91.92 92.13 -25.07
N ILE H 706 92.87 91.28 -25.45
CA ILE H 706 93.54 90.39 -24.50
C ILE H 706 95.04 90.51 -24.71
N ALA H 707 95.80 90.21 -23.66
CA ALA H 707 97.25 90.17 -23.70
C ALA H 707 97.71 88.90 -23.03
N GLN H 708 98.87 88.40 -23.47
CA GLN H 708 99.33 87.09 -23.03
C GLN H 708 100.26 87.18 -21.81
N GLY H 709 99.81 87.88 -20.79
CA GLY H 709 100.57 87.93 -19.56
C GLY H 709 101.32 89.23 -19.38
N VAL H 710 101.51 89.62 -18.13
CA VAL H 710 102.25 90.83 -17.78
C VAL H 710 103.54 90.39 -17.11
N ILE H 711 104.62 91.10 -17.42
CA ILE H 711 105.95 90.82 -16.88
C ILE H 711 106.32 91.94 -15.92
N ILE H 712 106.36 91.62 -14.64
CA ILE H 712 106.65 92.58 -13.58
C ILE H 712 108.12 92.46 -13.22
N ALA H 713 108.83 93.59 -13.25
CA ALA H 713 110.27 93.57 -13.00
C ALA H 713 110.72 94.40 -11.81
N TYR H 714 109.88 95.31 -11.31
CA TYR H 714 110.16 96.14 -10.13
C TYR H 714 111.43 96.97 -10.26
N ARG H 715 111.76 97.40 -11.48
CA ARG H 715 112.93 98.22 -11.70
C ARG H 715 112.67 99.13 -12.89
N ASP H 716 113.56 100.11 -13.06
CA ASP H 716 113.37 101.15 -14.07
C ASP H 716 113.92 100.65 -15.40
N MET H 717 113.04 100.48 -16.38
CA MET H 717 113.42 100.15 -17.74
C MET H 717 112.59 100.97 -18.71
N GLN H 718 113.23 101.41 -19.79
CA GLN H 718 112.62 102.38 -20.69
C GLN H 718 111.58 101.72 -21.58
N LEU H 719 110.68 102.55 -22.10
CA LEU H 719 109.70 102.10 -23.07
C LEU H 719 110.38 101.82 -24.40
N GLU H 720 109.86 100.84 -25.13
CA GLU H 720 110.38 100.53 -26.45
C GLU H 720 109.59 101.31 -27.49
N ARG H 721 110.31 102.01 -28.36
CA ARG H 721 109.68 102.68 -29.48
C ARG H 721 109.11 101.66 -30.45
N ASP H 722 107.89 101.91 -30.88
CA ASP H 722 107.17 100.98 -31.73
C ASP H 722 106.60 101.74 -32.92
N GLU H 723 106.33 101.01 -33.99
CA GLU H 723 105.93 101.64 -35.24
C GLU H 723 104.44 101.89 -35.32
N MET H 724 103.61 101.12 -34.63
CA MET H 724 102.17 101.35 -34.61
C MET H 724 101.66 101.70 -33.22
N TYR H 725 102.56 102.03 -32.29
CA TYR H 725 102.16 102.41 -30.94
C TYR H 725 102.85 103.66 -30.42
N GLY H 726 103.89 104.16 -31.08
CA GLY H 726 104.66 105.24 -30.49
C GLY H 726 105.51 104.71 -29.37
N TYR H 727 105.50 105.41 -28.23
CA TYR H 727 106.09 104.86 -27.02
C TYR H 727 105.11 103.90 -26.38
N VAL H 728 105.59 102.73 -25.97
CA VAL H 728 104.73 101.68 -25.45
C VAL H 728 105.57 100.81 -24.51
N ASN H 729 104.92 100.25 -23.48
CA ASN H 729 105.57 99.24 -22.63
C ASN H 729 105.16 97.88 -23.18
N ILE H 730 105.98 97.36 -24.08
CA ILE H 730 105.70 96.09 -24.72
C ILE H 730 106.89 95.17 -24.51
N ALA H 731 106.63 93.87 -24.45
CA ALA H 731 107.66 92.87 -24.35
C ALA H 731 107.42 91.82 -25.42
N ARG H 732 108.50 91.31 -26.00
CA ARG H 732 108.37 90.33 -27.07
C ARG H 732 108.69 88.91 -26.63
N ASN H 733 109.26 88.73 -25.43
CA ASN H 733 109.65 87.41 -24.98
C ASN H 733 109.70 87.42 -23.46
N LEU H 734 109.40 86.25 -22.87
CA LEU H 734 109.48 86.09 -21.42
C LEU H 734 110.80 85.41 -21.11
N ASP H 735 111.87 86.20 -21.11
CA ASP H 735 113.22 85.66 -20.99
C ASP H 735 113.93 86.31 -19.81
N GLY H 736 114.55 85.48 -18.97
CA GLY H 736 115.22 85.96 -17.79
C GLY H 736 114.33 86.14 -16.59
N PHE H 737 113.05 85.77 -16.69
CA PHE H 737 112.08 86.00 -15.63
C PHE H 737 111.35 84.69 -15.34
N GLN H 738 110.89 84.55 -14.10
CA GLN H 738 110.18 83.36 -13.69
C GLN H 738 108.78 83.34 -14.28
N GLN H 739 108.40 82.21 -14.87
CA GLN H 739 107.06 82.02 -15.39
C GLN H 739 106.15 81.63 -14.24
N ILE H 740 104.92 82.15 -14.26
CA ILE H 740 103.88 81.66 -13.35
C ILE H 740 102.58 81.57 -14.15
N ASN H 741 101.96 80.41 -14.13
CA ASN H 741 100.82 80.14 -15.00
C ASN H 741 99.54 80.52 -14.28
N LEU H 742 98.77 81.45 -14.86
CA LEU H 742 97.56 81.92 -14.20
C LEU H 742 96.45 80.88 -14.20
N GLU H 743 96.51 79.89 -15.09
CA GLU H 743 95.53 78.82 -15.02
C GLU H 743 95.84 77.88 -13.86
N GLU H 744 97.12 77.60 -13.62
CA GLU H 744 97.49 76.80 -12.46
C GLU H 744 97.37 77.59 -11.16
N LEU H 745 97.36 78.91 -11.24
CA LEU H 745 97.16 79.72 -10.06
C LEU H 745 95.69 79.88 -9.72
N MET H 746 94.80 79.55 -10.66
CA MET H 746 93.36 79.68 -10.46
C MET H 746 92.72 78.38 -10.03
N ARG H 747 93.18 77.25 -10.55
CA ARG H 747 92.57 75.98 -10.20
C ARG H 747 92.98 75.53 -8.81
N THR H 748 94.27 75.64 -8.49
CA THR H 748 94.75 75.12 -7.21
C THR H 748 94.39 76.03 -6.05
N GLY H 749 94.22 77.32 -6.30
CA GLY H 749 93.94 78.25 -5.21
C GLY H 749 95.12 78.48 -4.29
N ASP H 750 96.32 78.09 -4.69
CA ASP H 750 97.53 78.24 -3.87
C ASP H 750 98.20 79.54 -4.24
N TYR H 751 97.82 80.59 -3.54
CA TYR H 751 98.43 81.92 -3.70
C TYR H 751 99.50 82.14 -2.66
N ALA H 752 100.24 81.09 -2.33
CA ALA H 752 101.33 81.20 -1.36
C ALA H 752 102.62 81.68 -2.00
N GLN H 753 102.78 81.51 -3.30
CA GLN H 753 103.98 82.00 -3.98
C GLN H 753 103.78 83.38 -4.59
N ILE H 754 102.63 83.64 -5.20
CA ILE H 754 102.39 84.92 -5.83
C ILE H 754 102.14 86.01 -4.78
N THR H 755 101.77 85.64 -3.55
CA THR H 755 101.75 86.62 -2.48
C THR H 755 103.17 86.95 -2.04
N ASN H 756 103.98 85.92 -1.80
CA ASN H 756 105.34 86.12 -1.30
C ASN H 756 106.26 86.74 -2.34
N MET H 757 105.87 86.74 -3.61
CA MET H 757 106.63 87.39 -4.66
C MET H 757 106.17 88.81 -4.92
N LEU H 758 105.13 89.27 -4.23
CA LEU H 758 104.63 90.64 -4.35
C LEU H 758 104.85 91.49 -3.12
N LEU H 759 104.82 90.90 -1.92
CA LEU H 759 105.21 91.63 -0.73
C LEU H 759 106.71 91.93 -0.76
N ASN H 760 107.52 90.91 -1.09
CA ASN H 760 108.90 91.16 -1.47
C ASN H 760 108.94 91.57 -2.94
N ASN H 761 109.75 92.57 -3.25
CA ASN H 761 109.76 93.15 -4.59
C ASN H 761 110.72 92.34 -5.48
N GLN H 762 110.26 91.13 -5.83
CA GLN H 762 111.02 90.21 -6.67
C GLN H 762 110.38 90.08 -8.04
N PRO H 763 111.17 90.12 -9.11
CA PRO H 763 110.58 90.18 -10.47
C PRO H 763 109.93 88.87 -10.87
N VAL H 764 108.69 88.96 -11.34
CA VAL H 764 107.85 87.81 -11.66
C VAL H 764 107.08 88.11 -12.94
N ALA H 765 107.18 87.21 -13.91
CA ALA H 765 106.48 87.36 -15.18
C ALA H 765 105.24 86.50 -15.15
N LEU H 766 104.08 87.15 -15.02
CA LEU H 766 102.82 86.42 -15.05
C LEU H 766 102.49 86.03 -16.48
N VAL H 767 101.86 84.87 -16.64
CA VAL H 767 101.60 84.31 -17.97
C VAL H 767 100.19 83.74 -18.00
N GLY H 768 99.38 84.21 -18.95
CA GLY H 768 98.03 83.74 -19.11
C GLY H 768 97.36 84.40 -20.31
N ALA H 769 96.11 84.82 -20.14
CA ALA H 769 95.39 85.60 -21.14
C ALA H 769 94.71 86.74 -20.41
N LEU H 770 95.36 87.90 -20.39
CA LEU H 770 94.95 89.02 -19.53
C LEU H 770 94.33 90.13 -20.35
N PRO H 771 93.09 90.54 -20.07
CA PRO H 771 92.50 91.66 -20.80
C PRO H 771 93.08 92.97 -20.29
N PHE H 772 93.80 93.67 -21.16
CA PHE H 772 94.53 94.86 -20.78
C PHE H 772 93.73 96.11 -21.09
N ILE H 773 94.14 97.23 -20.50
CA ILE H 773 93.56 98.53 -20.77
C ILE H 773 94.65 99.43 -21.34
N THR H 774 94.22 100.53 -21.94
CA THR H 774 95.13 101.44 -22.62
C THR H 774 94.88 102.85 -22.12
N ASP H 775 95.95 103.57 -21.81
CA ASP H 775 95.84 104.98 -21.48
C ASP H 775 96.77 105.79 -22.37
N SER H 776 96.35 107.02 -22.65
CA SER H 776 97.10 107.90 -23.54
C SER H 776 97.46 109.18 -22.81
N SER H 777 98.05 109.06 -21.63
CA SER H 777 98.49 110.23 -20.88
C SER H 777 99.85 109.99 -20.28
N VAL H 778 100.71 111.02 -20.34
CA VAL H 778 102.07 110.90 -19.85
C VAL H 778 102.11 111.03 -18.33
N ILE H 779 101.19 111.81 -17.76
CA ILE H 779 101.14 112.00 -16.31
C ILE H 779 100.75 110.70 -15.60
N SER H 780 99.94 109.86 -16.24
CA SER H 780 99.70 108.53 -15.70
C SER H 780 100.90 107.60 -15.81
N LEU H 781 101.92 107.97 -16.58
CA LEU H 781 103.18 107.23 -16.57
C LEU H 781 104.15 107.76 -15.54
N VAL H 782 104.15 109.08 -15.32
CA VAL H 782 105.01 109.67 -14.29
C VAL H 782 104.52 109.29 -12.91
N ALA H 783 103.20 109.20 -12.74
CA ALA H 783 102.61 108.82 -11.47
C ALA H 783 102.67 107.32 -11.21
N LYS H 784 103.15 106.53 -12.19
CA LYS H 784 103.38 105.09 -12.08
C LYS H 784 102.11 104.34 -11.71
N LEU H 785 101.12 104.42 -12.60
CA LEU H 785 99.89 103.66 -12.41
C LEU H 785 100.02 102.22 -12.88
N ASP H 786 101.19 101.82 -13.39
CA ASP H 786 101.38 100.46 -13.87
C ASP H 786 101.57 99.47 -12.73
N ALA H 787 102.07 99.91 -11.59
CA ALA H 787 102.36 99.01 -10.49
C ALA H 787 101.19 98.81 -9.54
N THR H 788 100.20 99.69 -9.57
CA THR H 788 99.13 99.65 -8.57
C THR H 788 98.03 98.66 -8.92
N VAL H 789 98.17 97.88 -9.98
CA VAL H 789 97.09 96.97 -10.38
C VAL H 789 97.28 95.55 -9.87
N PHE H 790 98.48 95.19 -9.41
CA PHE H 790 98.75 93.82 -8.98
C PHE H 790 98.54 93.61 -7.49
N ALA H 791 98.36 94.66 -6.71
CA ALA H 791 98.18 94.52 -5.27
C ALA H 791 96.81 93.99 -4.90
N GLN H 792 95.85 93.94 -5.83
CA GLN H 792 94.54 93.40 -5.54
C GLN H 792 94.54 91.88 -5.45
N ILE H 793 95.61 91.22 -5.92
CA ILE H 793 95.72 89.77 -5.85
C ILE H 793 95.97 89.32 -4.41
N VAL H 794 96.64 90.15 -3.62
CA VAL H 794 96.94 89.80 -2.23
C VAL H 794 95.71 89.95 -1.37
N LYS H 795 95.07 91.12 -1.42
CA LYS H 795 93.92 91.40 -0.57
C LYS H 795 92.71 90.54 -0.95
N LEU H 796 92.43 90.43 -2.24
CA LEU H 796 91.36 89.60 -2.76
C LEU H 796 92.00 88.43 -3.51
N ARG H 797 91.73 87.21 -3.06
CA ARG H 797 92.47 86.06 -3.56
C ARG H 797 92.12 85.68 -4.99
N LYS H 798 90.99 86.12 -5.51
CA LYS H 798 90.63 85.84 -6.89
C LYS H 798 91.51 86.61 -7.85
N VAL H 799 91.78 86.02 -9.01
CA VAL H 799 92.71 86.59 -9.98
C VAL H 799 92.04 86.86 -11.33
N ASP H 800 90.74 86.60 -11.45
CA ASP H 800 90.00 87.00 -12.64
C ASP H 800 89.97 88.51 -12.80
N THR H 801 89.82 89.23 -11.70
CA THR H 801 89.81 90.69 -11.69
C THR H 801 91.25 91.18 -11.68
N LEU H 802 91.88 91.09 -12.85
CA LEU H 802 93.25 91.56 -13.02
C LEU H 802 93.36 92.18 -14.41
N LYS H 803 93.85 93.42 -14.46
CA LYS H 803 93.92 94.17 -15.72
C LYS H 803 95.25 94.92 -15.77
N PRO H 804 96.24 94.40 -16.48
CA PRO H 804 97.47 95.16 -16.67
C PRO H 804 97.24 96.32 -17.61
N ILE H 805 98.18 97.27 -17.59
CA ILE H 805 98.01 98.52 -18.30
C ILE H 805 99.04 98.59 -19.42
N LEU H 806 98.72 99.33 -20.47
CA LEU H 806 99.58 99.48 -21.64
C LEU H 806 99.65 100.96 -21.97
N TYR H 807 100.80 101.58 -21.74
CA TYR H 807 100.96 102.98 -22.05
C TYR H 807 101.08 103.18 -23.56
N LYS H 808 100.41 104.20 -24.07
CA LYS H 808 100.45 104.54 -25.49
C LYS H 808 100.66 106.05 -25.58
N ILE H 809 101.82 106.47 -26.04
CA ILE H 809 102.23 107.88 -26.00
C ILE H 809 102.44 108.35 -27.43
N ASN H 810 101.54 109.18 -27.94
CA ASN H 810 101.62 109.69 -29.30
C ASN H 810 101.31 111.18 -29.26
N SER H 811 101.42 111.82 -30.43
CA SER H 811 101.01 113.22 -30.55
C SER H 811 99.52 113.42 -30.34
N ASP H 812 98.69 112.41 -30.62
CA ASP H 812 97.27 112.58 -30.37
C ASP H 812 96.95 112.54 -28.87
N SER H 813 97.83 111.92 -28.09
CA SER H 813 97.65 111.85 -26.64
C SER H 813 97.82 113.23 -26.03
N ASN H 814 96.94 113.55 -25.10
CA ASN H 814 97.08 114.79 -24.34
C ASN H 814 98.27 114.68 -23.39
N ASP H 815 98.83 115.85 -23.06
CA ASP H 815 100.06 115.99 -22.25
C ASP H 815 101.25 115.27 -22.88
N PHE H 816 101.29 115.21 -24.21
CA PHE H 816 102.43 114.58 -24.88
C PHE H 816 103.68 115.45 -24.80
N TYR H 817 103.50 116.76 -24.58
CA TYR H 817 104.61 117.72 -24.59
C TYR H 817 105.66 117.46 -23.51
N LEU H 818 105.34 116.66 -22.49
CA LEU H 818 106.35 116.31 -21.50
C LEU H 818 107.42 115.40 -22.07
N VAL H 819 107.10 114.63 -23.11
CA VAL H 819 108.10 113.78 -23.74
C VAL H 819 108.97 114.59 -24.68
N ALA H 820 108.38 115.57 -25.37
CA ALA H 820 109.11 116.31 -26.40
C ALA H 820 109.94 117.45 -25.80
N ASN H 821 109.35 118.25 -24.92
CA ASN H 821 110.01 119.47 -24.48
C ASN H 821 111.14 119.20 -23.49
N TYR H 822 110.94 118.25 -22.58
CA TYR H 822 111.91 118.05 -21.51
C TYR H 822 112.91 116.95 -21.86
N ASP H 823 114.01 116.93 -21.10
CA ASP H 823 115.10 115.99 -21.32
C ASP H 823 114.91 114.82 -20.34
N TRP H 824 114.13 113.83 -20.76
CA TRP H 824 113.91 112.65 -19.95
C TRP H 824 113.54 111.49 -20.85
N VAL H 825 113.82 110.28 -20.39
CA VAL H 825 113.45 109.06 -21.08
C VAL H 825 112.25 108.45 -20.37
N PRO H 826 111.19 108.06 -21.08
CA PRO H 826 110.01 107.51 -20.41
C PRO H 826 110.28 106.10 -19.91
N THR H 827 109.76 105.80 -18.72
CA THR H 827 110.18 104.62 -17.97
C THR H 827 109.00 104.01 -17.24
N SER H 828 108.85 102.69 -17.37
CA SER H 828 107.82 101.95 -16.66
C SER H 828 108.46 100.79 -15.90
N THR H 829 107.90 100.50 -14.73
CA THR H 829 108.42 99.39 -13.93
C THR H 829 107.99 98.04 -14.46
N THR H 830 106.82 97.94 -15.07
CA THR H 830 106.35 96.71 -15.68
C THR H 830 106.02 96.95 -17.14
N LYS H 831 106.29 95.95 -17.96
CA LYS H 831 105.85 95.95 -19.34
C LYS H 831 104.86 94.81 -19.53
N VAL H 832 104.23 94.77 -20.69
CA VAL H 832 103.23 93.76 -20.99
C VAL H 832 103.72 92.96 -22.20
N TYR H 833 103.22 91.73 -22.32
CA TYR H 833 103.62 90.83 -23.39
C TYR H 833 102.53 90.84 -24.45
N LYS H 834 102.85 91.42 -25.61
CA LYS H 834 101.90 91.59 -26.69
C LYS H 834 102.66 91.58 -28.00
N GLN H 835 102.05 91.03 -29.03
CA GLN H 835 102.71 90.87 -30.32
C GLN H 835 102.07 91.79 -31.37
N ILE H 836 102.92 92.38 -32.21
CA ILE H 836 102.47 93.31 -33.25
C ILE H 836 101.72 92.54 -34.33
N PRO H 837 100.58 93.03 -34.82
CA PRO H 837 99.90 92.34 -35.91
C PRO H 837 100.67 92.43 -37.22
N GLN H 838 100.42 91.46 -38.09
CA GLN H 838 101.21 91.26 -39.29
C GLN H 838 100.91 92.31 -40.34
N GLN H 839 101.92 92.71 -41.08
CA GLN H 839 101.76 93.68 -42.17
C GLN H 839 101.12 93.01 -43.37
N PHE H 840 100.55 93.83 -44.25
CA PHE H 840 99.97 93.35 -45.49
C PHE H 840 101.05 93.32 -46.57
N ASP H 841 101.34 92.13 -47.09
CA ASP H 841 102.26 91.96 -48.21
C ASP H 841 101.52 91.29 -49.35
N PHE H 842 101.57 91.91 -50.52
CA PHE H 842 100.69 91.46 -51.61
C PHE H 842 101.17 90.18 -52.25
N ARG H 843 102.48 90.04 -52.48
CA ARG H 843 102.99 88.90 -53.24
C ARG H 843 102.83 87.59 -52.48
N ALA H 844 102.82 87.65 -51.15
CA ALA H 844 102.57 86.49 -50.33
C ALA H 844 101.10 86.33 -49.97
N SER H 845 100.22 87.15 -50.55
CA SER H 845 98.79 87.05 -50.30
C SER H 845 97.96 86.79 -51.54
N MET H 846 98.52 86.90 -52.73
CA MET H 846 97.81 86.63 -53.96
C MET H 846 98.15 85.23 -54.44
N HIS H 847 97.12 84.42 -54.68
CA HIS H 847 97.29 83.06 -55.16
C HIS H 847 95.98 82.54 -55.73
N MET H 848 96.10 81.73 -56.78
CA MET H 848 94.96 81.23 -57.52
C MET H 848 94.27 80.11 -56.77
N LEU H 849 92.95 80.02 -56.96
CA LEU H 849 92.14 78.93 -56.43
C LEU H 849 91.51 78.21 -57.62
N THR H 850 91.67 76.89 -57.68
CA THR H 850 91.24 76.12 -58.85
C THR H 850 90.27 75.01 -58.45
N SER H 851 89.10 75.00 -59.07
CA SER H 851 88.10 73.98 -58.81
C SER H 851 87.39 73.64 -60.11
N ASN H 852 86.30 72.89 -60.02
CA ASN H 852 85.57 72.50 -61.21
C ASN H 852 84.58 73.59 -61.62
N LEU H 853 84.00 73.41 -62.81
CA LEU H 853 83.09 74.40 -63.38
C LEU H 853 81.62 74.02 -63.23
N THR H 854 81.26 72.75 -63.43
CA THR H 854 79.88 72.33 -63.35
C THR H 854 79.77 70.95 -62.73
N PHE H 855 78.88 70.81 -61.75
CA PHE H 855 78.51 69.54 -61.16
C PHE H 855 77.01 69.32 -61.35
N THR H 856 76.57 68.13 -60.97
CA THR H 856 75.15 67.86 -60.76
C THR H 856 75.11 66.74 -59.72
N VAL H 857 74.92 67.12 -58.46
CA VAL H 857 75.06 66.16 -57.36
C VAL H 857 73.73 65.45 -57.17
N TYR H 858 73.77 64.12 -57.22
CA TYR H 858 72.58 63.29 -57.04
C TYR H 858 72.58 62.66 -55.67
N SER H 859 71.42 62.69 -55.01
CA SER H 859 71.29 62.17 -53.66
C SER H 859 70.44 60.90 -53.59
N ASP H 860 69.94 60.42 -54.72
CA ASP H 860 69.15 59.19 -54.76
C ASP H 860 69.67 58.34 -55.90
N LEU H 861 70.18 57.16 -55.59
CA LEU H 861 70.76 56.30 -56.61
C LEU H 861 69.88 55.13 -56.98
N LEU H 862 69.03 54.65 -56.08
CA LEU H 862 68.07 53.62 -56.41
C LEU H 862 66.77 54.17 -56.95
N ALA H 863 66.73 55.46 -57.25
CA ALA H 863 65.64 56.05 -58.02
C ALA H 863 65.94 56.04 -59.51
N PHE H 864 67.05 55.43 -59.92
CA PHE H 864 67.42 55.38 -61.33
C PHE H 864 67.14 54.04 -61.99
N VAL H 865 67.04 52.96 -61.22
CA VAL H 865 66.79 51.63 -61.78
C VAL H 865 65.28 51.40 -61.84
N SER H 866 64.78 51.18 -63.05
CA SER H 866 63.35 50.94 -63.26
C SER H 866 63.08 49.48 -62.98
N ALA H 867 62.49 49.17 -61.83
CA ALA H 867 62.38 47.81 -61.34
C ALA H 867 60.96 47.30 -61.50
N ASP H 868 60.83 46.09 -62.02
CA ASP H 868 59.54 45.40 -62.12
C ASP H 868 59.68 44.03 -61.50
N THR H 869 58.63 43.57 -60.85
CA THR H 869 58.58 42.19 -60.40
C THR H 869 57.96 41.33 -61.50
N VAL H 870 58.08 40.01 -61.33
CA VAL H 870 57.45 39.08 -62.26
C VAL H 870 56.05 38.84 -61.71
N GLU H 871 55.16 38.28 -62.54
CA GLU H 871 53.89 37.81 -62.04
C GLU H 871 54.13 36.72 -61.00
N PRO H 872 53.52 36.79 -59.82
CA PRO H 872 53.98 35.95 -58.70
C PRO H 872 53.74 34.47 -58.86
N ILE H 873 52.87 34.03 -59.78
CA ILE H 873 52.70 32.60 -60.03
C ILE H 873 53.99 32.01 -60.58
N ASN H 874 54.69 32.74 -61.43
CA ASN H 874 55.96 32.28 -61.98
C ASN H 874 57.13 32.84 -61.19
N ALA H 875 57.16 32.57 -59.90
CA ALA H 875 58.22 33.03 -59.02
C ALA H 875 58.97 31.82 -58.48
N VAL H 876 60.29 31.85 -58.60
CA VAL H 876 61.11 30.68 -58.30
C VAL H 876 62.00 30.95 -57.09
N ALA H 877 62.43 29.87 -56.46
CA ALA H 877 63.32 29.92 -55.32
C ALA H 877 64.77 29.95 -55.80
N PHE H 878 65.72 29.65 -54.92
CA PHE H 878 67.13 29.54 -55.32
C PHE H 878 67.33 28.38 -56.29
N ASP H 879 66.61 27.27 -56.11
CA ASP H 879 66.51 26.29 -57.17
C ASP H 879 65.38 26.71 -58.09
N ASN H 880 65.53 26.44 -59.37
CA ASN H 880 64.69 27.10 -60.37
C ASN H 880 63.27 26.56 -60.44
N MET H 881 62.90 25.59 -59.61
CA MET H 881 61.50 25.25 -59.45
C MET H 881 60.79 26.36 -58.69
N ARG H 882 59.49 26.49 -58.92
CA ARG H 882 58.75 27.58 -58.32
C ARG H 882 58.44 27.30 -56.86
N ILE H 883 58.35 28.39 -56.08
CA ILE H 883 57.76 28.28 -54.76
C ILE H 883 56.25 28.14 -54.89
N MET H 884 55.64 27.57 -53.85
CA MET H 884 54.20 27.28 -53.79
C MET H 884 53.75 26.42 -54.97
N ASN H 885 54.29 25.20 -55.02
CA ASN H 885 54.18 24.32 -56.16
C ASN H 885 52.91 23.47 -56.16
N GLU H 886 51.88 23.88 -55.42
CA GLU H 886 50.62 23.13 -55.42
C GLU H 886 49.63 23.65 -56.44
N LEU H 887 49.94 24.73 -57.14
CA LEU H 887 49.08 25.18 -58.21
C LEU H 887 49.25 24.27 -59.42
N LEU I 83 18.53 21.19 53.05
CA LEU I 83 19.74 20.77 53.75
C LEU I 83 20.78 21.87 53.75
N LYS I 84 20.45 23.00 53.10
CA LYS I 84 21.37 24.12 53.07
C LYS I 84 21.40 24.85 54.41
N THR I 85 20.26 25.38 54.82
CA THR I 85 20.19 26.16 56.05
C THR I 85 19.90 25.31 57.29
N LYS I 86 19.69 24.01 57.13
CA LYS I 86 19.62 23.14 58.31
C LYS I 86 21.01 22.73 58.77
N GLU I 87 21.91 22.45 57.83
CA GLU I 87 23.27 22.07 58.18
C GLU I 87 24.11 23.27 58.57
N GLU I 88 23.88 24.42 57.94
CA GLU I 88 24.67 25.61 58.25
C GLU I 88 24.19 26.33 59.50
N HIS I 89 22.98 26.04 59.97
CA HIS I 89 22.56 26.55 61.27
C HIS I 89 23.10 25.68 62.39
N GLN I 90 23.32 24.40 62.12
CA GLN I 90 23.90 23.53 63.13
C GLN I 90 25.37 23.82 63.33
N LYS I 91 26.05 24.35 62.31
CA LYS I 91 27.44 24.75 62.46
C LYS I 91 27.57 25.98 63.35
N GLU I 92 26.78 27.01 63.06
CA GLU I 92 26.97 28.31 63.70
C GLU I 92 26.47 28.34 65.13
N VAL I 93 25.75 27.32 65.59
CA VAL I 93 25.41 27.23 67.00
C VAL I 93 26.39 26.34 67.75
N GLN I 94 27.19 25.53 67.04
CA GLN I 94 28.23 24.74 67.66
C GLN I 94 29.53 25.50 67.79
N TYR I 95 29.88 26.31 66.79
CA TYR I 95 31.04 27.18 66.90
C TYR I 95 30.82 28.29 67.91
N GLU I 96 29.56 28.63 68.19
CA GLU I 96 29.27 29.77 69.07
C GLU I 96 29.57 29.44 70.52
N ILE I 97 29.33 28.20 70.95
CA ILE I 97 29.62 27.84 72.34
C ILE I 97 31.13 27.83 72.58
N LEU I 98 31.92 27.61 71.54
CA LEU I 98 33.36 27.81 71.67
C LEU I 98 33.68 29.30 71.73
N GLN I 99 32.93 30.12 70.99
CA GLN I 99 33.30 31.53 70.84
C GLN I 99 33.01 32.33 72.10
N LYS I 100 32.06 31.89 72.91
CA LYS I 100 31.77 32.59 74.16
C LYS I 100 32.77 32.26 75.27
N THR I 101 33.80 31.47 74.98
CA THR I 101 34.88 31.20 75.92
C THR I 101 36.19 31.82 75.49
N ILE I 102 36.18 32.67 74.47
CA ILE I 102 37.38 33.32 73.94
C ILE I 102 37.21 34.82 74.07
N PRO I 103 38.15 35.53 74.67
CA PRO I 103 37.97 36.98 74.86
C PRO I 103 38.32 37.83 73.65
N THR I 104 38.32 37.27 72.44
CA THR I 104 38.49 38.13 71.28
C THR I 104 37.22 38.90 71.01
N PHE I 105 37.36 40.04 70.33
CA PHE I 105 36.23 40.91 70.07
C PHE I 105 35.43 40.42 68.88
N GLU I 106 34.15 40.79 68.84
CA GLU I 106 33.29 40.28 67.78
C GLU I 106 33.49 41.03 66.45
N PRO I 107 33.63 42.38 66.42
CA PRO I 107 34.23 42.94 65.20
C PRO I 107 35.72 42.68 65.23
N LYS I 108 36.17 41.74 64.39
CA LYS I 108 37.53 41.24 64.52
C LYS I 108 38.56 42.28 64.08
N GLU I 109 38.26 43.04 63.04
CA GLU I 109 39.17 44.10 62.60
C GLU I 109 39.13 45.34 63.48
N SER I 110 38.27 45.37 64.51
CA SER I 110 38.24 46.48 65.46
C SER I 110 39.28 46.36 66.56
N ILE I 111 40.12 45.33 66.52
CA ILE I 111 41.19 45.22 67.51
C ILE I 111 42.36 46.11 67.13
N LEU I 112 42.52 46.39 65.84
CA LEU I 112 43.65 47.20 65.35
C LEU I 112 43.58 48.64 65.85
N LYS I 113 42.38 49.16 66.06
CA LYS I 113 42.25 50.48 66.69
C LYS I 113 42.71 50.45 68.15
N LYS I 114 42.50 49.34 68.85
CA LYS I 114 42.83 49.30 70.27
C LYS I 114 44.31 49.03 70.52
N LEU I 115 45.02 48.42 69.58
CA LEU I 115 46.47 48.27 69.73
C LEU I 115 47.18 49.61 69.58
N GLU I 116 46.84 50.37 68.55
CA GLU I 116 47.50 51.64 68.29
C GLU I 116 46.99 52.76 69.19
N ASP I 117 45.92 52.53 69.96
CA ASP I 117 45.46 53.51 70.93
C ASP I 117 46.45 53.63 72.09
N ILE I 118 47.20 52.57 72.36
CA ILE I 118 48.00 52.45 73.59
C ILE I 118 49.16 53.43 73.53
N LYS I 119 49.04 54.51 74.28
CA LYS I 119 50.14 55.42 74.47
C LYS I 119 51.05 54.87 75.57
N PRO I 120 52.39 55.12 75.47
CA PRO I 120 53.34 54.37 76.32
C PRO I 120 53.22 54.59 77.82
N GLU I 121 53.41 55.82 78.27
CA GLU I 121 53.33 56.19 79.68
C GLU I 121 53.32 57.69 79.81
N GLN I 122 52.36 58.24 80.54
CA GLN I 122 52.36 59.68 80.79
C GLN I 122 53.40 59.99 81.86
N VAL I 123 54.26 60.96 81.58
CA VAL I 123 55.27 61.37 82.55
C VAL I 123 54.59 62.13 83.67
N LYS I 124 54.77 61.66 84.90
CA LYS I 124 54.15 62.28 86.07
C LYS I 124 55.19 63.14 86.75
N LYS I 125 54.86 64.41 86.96
CA LYS I 125 55.75 65.34 87.64
C LYS I 125 54.91 66.15 88.62
N GLN I 126 55.37 66.22 89.87
CA GLN I 126 54.59 66.90 90.88
C GLN I 126 54.98 68.37 90.96
N THR I 127 53.98 69.21 91.22
CA THR I 127 54.21 70.64 91.39
C THR I 127 54.28 71.06 92.84
N LYS I 128 53.90 70.19 93.77
CA LYS I 128 54.04 70.45 95.18
C LYS I 128 54.64 69.20 95.84
N LEU I 129 55.26 69.41 96.98
CA LEU I 129 55.81 68.29 97.73
C LEU I 129 54.68 67.45 98.30
N PHE I 130 54.84 66.13 98.27
CA PHE I 130 53.88 65.24 98.87
C PHE I 130 53.92 65.43 100.38
N ARG I 131 52.76 65.69 100.98
CA ARG I 131 52.68 65.99 102.39
C ARG I 131 51.44 65.36 103.01
N ILE I 132 51.60 64.83 104.22
CA ILE I 132 50.49 64.26 104.98
C ILE I 132 50.49 64.82 106.39
N PHE I 133 51.51 65.59 106.74
CA PHE I 133 51.62 66.19 108.06
C PHE I 133 51.82 67.70 107.93
N GLU I 134 51.29 68.44 108.89
CA GLU I 134 51.43 69.89 108.92
C GLU I 134 51.51 70.34 110.36
N PRO I 135 52.27 71.40 110.65
CA PRO I 135 52.38 71.86 112.04
C PRO I 135 51.21 72.75 112.41
N ARG I 136 50.41 72.31 113.37
CA ARG I 136 49.29 73.08 113.89
C ARG I 136 49.63 73.62 115.28
N GLN I 137 48.94 74.68 115.67
CA GLN I 137 49.04 75.20 117.02
C GLN I 137 48.01 74.53 117.91
N LEU I 138 48.25 74.60 119.21
CA LEU I 138 47.36 73.96 120.16
C LEU I 138 47.47 74.63 121.51
N PRO I 139 46.38 74.76 122.25
CA PRO I 139 46.49 75.19 123.66
C PRO I 139 47.08 74.09 124.52
N VAL I 140 47.99 74.49 125.40
CA VAL I 140 48.59 73.55 126.35
C VAL I 140 48.17 73.96 127.75
N TYR I 141 48.33 73.02 128.68
CA TYR I 141 47.86 73.20 130.05
C TYR I 141 48.94 72.79 131.03
N ARG I 142 48.81 73.27 132.25
CA ARG I 142 49.80 73.03 133.29
C ARG I 142 49.55 71.68 133.95
N ALA I 143 50.23 71.43 135.08
CA ALA I 143 49.93 70.26 135.89
C ALA I 143 48.54 70.37 136.51
N ASN I 144 48.24 71.52 137.09
CA ASN I 144 46.86 71.86 137.37
C ASN I 144 46.14 72.14 136.06
N GLY I 145 44.84 71.90 136.03
CA GLY I 145 44.13 72.01 134.77
C GLY I 145 43.85 73.44 134.32
N GLU I 146 44.89 74.22 134.07
CA GLU I 146 44.77 75.64 133.82
C GLU I 146 45.20 75.95 132.40
N LYS I 147 44.47 76.86 131.75
CA LYS I 147 44.85 77.32 130.42
C LYS I 147 46.17 78.10 130.49
N GLU I 148 47.06 77.81 129.56
CA GLU I 148 48.33 78.53 129.44
C GLU I 148 48.22 79.60 128.37
N LEU I 149 48.91 80.71 128.60
CA LEU I 149 48.92 81.81 127.64
C LEU I 149 49.66 81.41 126.37
N ARG I 150 50.75 80.66 126.51
CA ARG I 150 51.53 80.20 125.36
C ARG I 150 50.81 79.08 124.62
N ASN I 151 50.89 79.13 123.30
CA ASN I 151 50.40 78.05 122.44
C ASN I 151 51.59 77.37 121.79
N ARG I 152 51.72 76.06 121.99
CA ARG I 152 52.82 75.30 121.46
C ARG I 152 52.41 74.60 120.17
N TRP I 153 53.34 74.49 119.24
CA TRP I 153 53.08 73.79 117.99
C TRP I 153 52.98 72.29 118.23
N TYR I 154 52.24 71.62 117.34
CA TYR I 154 52.19 70.17 117.33
C TYR I 154 52.08 69.70 115.89
N TRP I 155 52.26 68.40 115.70
CA TRP I 155 52.43 67.80 114.38
C TRP I 155 51.23 66.98 113.95
N LYS I 156 50.02 67.48 114.16
CA LYS I 156 48.81 66.73 113.78
C LYS I 156 48.68 66.65 112.27
N LEU I 157 48.12 65.55 111.80
CA LEU I 157 48.14 65.25 110.38
C LEU I 157 46.95 65.90 109.69
N LYS I 158 47.19 66.44 108.50
CA LYS I 158 46.14 67.07 107.72
C LYS I 158 45.40 66.00 106.92
N ARG I 159 44.11 66.29 106.66
CA ARG I 159 43.16 65.37 106.03
C ARG I 159 43.07 64.05 106.80
N ASP I 160 42.62 64.15 108.05
CA ASP I 160 42.55 62.99 108.95
C ASP I 160 41.17 62.35 108.83
N THR I 161 41.00 61.57 107.77
CA THR I 161 39.78 60.82 107.53
C THR I 161 40.11 59.34 107.78
N LEU I 162 39.99 58.92 109.03
CA LEU I 162 40.29 57.56 109.43
C LEU I 162 39.00 56.85 109.80
N PRO I 163 38.71 55.69 109.22
CA PRO I 163 37.43 55.03 109.46
C PRO I 163 37.43 54.28 110.78
N ASP I 164 36.34 53.56 111.02
CA ASP I 164 36.12 52.84 112.26
C ASP I 164 36.53 51.38 112.11
N GLY I 165 36.90 50.77 113.22
CA GLY I 165 37.26 49.37 113.23
C GLY I 165 38.67 49.13 112.72
N ASP I 166 39.20 47.96 113.07
CA ASP I 166 40.57 47.66 112.70
C ASP I 166 40.68 47.20 111.25
N TYR I 167 39.57 46.85 110.61
CA TYR I 167 39.66 46.41 109.23
C TYR I 167 39.51 47.54 108.24
N ASP I 168 38.62 48.51 108.51
CA ASP I 168 38.50 49.65 107.60
C ASP I 168 39.66 50.64 107.75
N VAL I 169 40.42 50.56 108.84
CA VAL I 169 41.60 51.41 108.96
C VAL I 169 42.78 50.77 108.24
N ARG I 170 42.75 49.47 107.99
CA ARG I 170 43.75 48.84 107.15
C ARG I 170 43.30 48.72 105.70
N GLU I 171 42.00 48.90 105.43
CA GLU I 171 41.56 49.10 104.07
C GLU I 171 41.96 50.48 103.55
N TYR I 172 42.10 51.44 104.46
CA TYR I 172 42.44 52.80 104.07
C TYR I 172 43.89 52.91 103.63
N PHE I 173 44.79 52.11 104.22
CA PHE I 173 46.19 52.22 103.85
C PHE I 173 46.50 51.52 102.54
N LEU I 174 45.70 50.56 102.12
CA LEU I 174 45.80 50.10 100.74
C LEU I 174 45.30 51.18 99.79
N ASN I 175 44.28 51.92 100.18
CA ASN I 175 43.81 53.04 99.37
C ASN I 175 44.81 54.18 99.37
N LEU I 176 45.58 54.34 100.45
CA LEU I 176 46.68 55.30 100.44
C LEU I 176 47.79 54.84 99.51
N TYR I 177 48.00 53.53 99.43
CA TYR I 177 49.05 52.97 98.59
C TYR I 177 48.75 53.12 97.10
N ASP I 178 47.48 53.23 96.72
CA ASP I 178 47.17 53.59 95.34
C ASP I 178 47.26 55.08 95.11
N GLN I 179 47.05 55.87 96.16
CA GLN I 179 47.13 57.32 96.02
C GLN I 179 48.57 57.78 95.88
N VAL I 180 49.53 57.00 96.36
CA VAL I 180 50.93 57.33 96.16
C VAL I 180 51.46 56.80 94.83
N LEU I 181 51.04 55.60 94.42
CA LEU I 181 51.44 55.08 93.11
C LEU I 181 50.78 55.78 91.94
N THR I 182 49.71 56.53 92.18
CA THR I 182 49.22 57.43 91.15
C THR I 182 50.04 58.71 91.13
N GLU I 183 50.37 59.22 92.32
CA GLU I 183 51.03 60.51 92.48
C GLU I 183 52.56 60.37 92.49
N MET I 184 53.09 59.21 92.16
CA MET I 184 54.53 58.97 92.22
C MET I 184 55.22 59.62 91.04
N PRO I 185 56.05 60.64 91.23
CA PRO I 185 56.61 61.36 90.09
C PRO I 185 57.78 60.62 89.48
N ASP I 186 57.90 60.73 88.15
CA ASP I 186 59.02 60.12 87.44
C ASP I 186 60.25 61.01 87.48
N TYR I 187 60.18 62.18 86.89
CA TYR I 187 61.29 63.13 86.96
C TYR I 187 60.89 64.29 87.84
N LEU I 188 61.75 64.61 88.81
CA LEU I 188 61.46 65.61 89.81
C LEU I 188 62.49 66.72 89.70
N LEU I 189 62.12 67.78 89.00
CA LEU I 189 62.90 69.01 88.96
C LEU I 189 62.51 69.87 90.15
N LEU I 190 63.47 70.64 90.66
CA LEU I 190 63.26 71.38 91.88
C LEU I 190 63.41 72.89 91.69
N LYS I 191 63.91 73.34 90.53
CA LYS I 191 63.99 74.77 90.26
C LYS I 191 62.60 75.39 90.10
N ASP I 192 61.66 74.64 89.51
CA ASP I 192 60.31 75.14 89.31
C ASP I 192 59.46 75.07 90.56
N MET I 193 60.00 74.56 91.65
CA MET I 193 59.34 74.49 92.95
C MET I 193 60.21 75.28 93.90
N ALA I 194 59.98 76.59 93.97
CA ALA I 194 60.78 77.46 94.81
C ALA I 194 60.02 78.75 95.02
N VAL I 195 59.96 79.22 96.26
CA VAL I 195 59.40 80.51 96.60
C VAL I 195 60.35 81.22 97.55
N GLU I 196 60.31 82.55 97.53
CA GLU I 196 61.29 83.34 98.25
C GLU I 196 60.99 83.34 99.75
N ASN I 197 62.05 83.21 100.55
CA ASN I 197 61.98 83.42 101.99
C ASN I 197 61.90 84.91 102.22
N LYS I 198 60.75 85.39 102.73
CA LYS I 198 60.48 86.82 102.76
C LYS I 198 61.27 87.57 103.82
N ASN I 199 61.99 86.88 104.69
CA ASN I 199 62.66 87.50 105.82
C ASN I 199 64.17 87.27 105.87
N SER I 200 64.72 86.53 104.92
CA SER I 200 66.15 86.26 104.92
C SER I 200 66.92 87.44 104.35
N ARG I 201 68.10 87.69 104.92
CA ARG I 201 68.96 88.76 104.44
C ARG I 201 69.51 88.45 103.06
N ASP I 202 70.22 87.34 102.94
CA ASP I 202 70.60 86.84 101.62
C ASP I 202 69.34 86.37 100.89
N ALA I 203 69.35 86.54 99.56
CA ALA I 203 68.19 86.20 98.75
C ALA I 203 68.09 84.68 98.65
N GLY I 204 67.49 84.08 99.68
CA GLY I 204 67.42 82.65 99.81
C GLY I 204 66.02 82.16 99.53
N LYS I 205 65.91 80.93 99.03
CA LYS I 205 64.65 80.34 98.63
C LYS I 205 64.42 79.04 99.37
N VAL I 206 63.15 78.63 99.44
CA VAL I 206 62.71 77.42 100.11
C VAL I 206 62.06 76.54 99.05
N VAL I 207 61.85 75.26 99.36
CA VAL I 207 61.33 74.34 98.36
C VAL I 207 59.87 74.62 98.04
N ASP I 208 58.98 74.51 99.01
CA ASP I 208 57.56 74.51 98.70
C ASP I 208 56.91 75.79 99.20
N SER I 209 55.71 76.04 98.69
CA SER I 209 54.95 77.22 99.10
C SER I 209 54.40 77.09 100.50
N GLU I 210 54.26 75.86 101.02
CA GLU I 210 53.82 75.69 102.39
C GLU I 210 54.94 75.97 103.38
N THR I 211 56.12 75.43 103.12
CA THR I 211 57.25 75.63 104.03
C THR I 211 57.89 77.00 103.93
N ALA I 212 57.42 77.89 103.06
CA ALA I 212 57.78 79.28 103.23
C ALA I 212 56.93 79.94 104.30
N ALA I 213 55.72 79.42 104.52
CA ALA I 213 54.82 79.97 105.52
C ALA I 213 55.09 79.41 106.91
N ILE I 214 55.77 78.27 107.01
CA ILE I 214 56.11 77.74 108.33
C ILE I 214 57.30 78.47 108.90
N CYS I 215 58.35 78.67 108.10
CA CYS I 215 59.53 79.41 108.54
C CYS I 215 59.24 80.88 108.79
N ASP I 216 58.17 81.42 108.20
CA ASP I 216 57.73 82.75 108.59
C ASP I 216 57.06 82.71 109.96
N ALA I 217 56.34 81.63 110.26
CA ALA I 217 55.63 81.54 111.53
C ALA I 217 56.56 81.24 112.69
N ILE I 218 57.67 80.53 112.43
CA ILE I 218 58.70 80.39 113.47
C ILE I 218 59.38 81.72 113.71
N PHE I 219 59.55 82.52 112.64
CA PHE I 219 60.26 83.78 112.74
C PHE I 219 59.48 84.82 113.55
N GLN I 220 58.16 84.84 113.39
CA GLN I 220 57.35 85.84 114.08
C GLN I 220 57.04 85.44 115.52
N ASP I 221 57.25 84.17 115.88
CA ASP I 221 56.92 83.67 117.20
C ASP I 221 57.87 84.27 118.24
N GLU I 222 57.33 84.68 119.38
CA GLU I 222 58.18 85.21 120.44
C GLU I 222 58.94 84.11 121.17
N GLU I 223 58.33 82.93 121.29
CA GLU I 223 58.85 81.91 122.18
C GLU I 223 59.86 80.98 121.54
N THR I 224 60.15 81.12 120.25
CA THR I 224 61.21 80.34 119.64
C THR I 224 62.58 80.81 120.10
N GLU I 225 63.57 79.94 120.00
CA GLU I 225 64.91 80.27 120.46
C GLU I 225 65.60 81.19 119.47
N GLY I 226 66.50 82.02 120.01
CA GLY I 226 67.11 83.07 119.21
C GLY I 226 68.08 82.57 118.16
N VAL I 227 68.62 81.35 118.35
CA VAL I 227 69.53 80.77 117.37
C VAL I 227 68.78 80.43 116.09
N VAL I 228 67.53 80.00 116.22
CA VAL I 228 66.75 79.60 115.05
C VAL I 228 66.38 80.81 114.20
N ARG I 229 66.03 81.93 114.85
CA ARG I 229 65.63 83.13 114.11
C ARG I 229 66.79 83.75 113.35
N ARG I 230 68.01 83.60 113.86
CA ARG I 230 69.16 84.02 113.07
C ARG I 230 69.46 83.04 111.95
N PHE I 231 69.09 81.77 112.12
CA PHE I 231 69.40 80.77 111.11
C PHE I 231 68.47 80.86 109.92
N ILE I 232 67.17 81.12 110.16
CA ILE I 232 66.21 81.24 109.07
C ILE I 232 66.49 82.50 108.25
N ALA I 233 67.02 83.54 108.89
CA ALA I 233 67.46 84.72 108.15
C ALA I 233 68.74 84.49 107.36
N GLU I 234 69.43 83.36 107.56
CA GLU I 234 70.67 83.10 106.85
C GLU I 234 70.68 81.74 106.15
N MET I 235 69.52 81.14 105.93
CA MET I 235 69.46 79.94 105.10
C MET I 235 69.70 80.31 103.66
N ARG I 236 70.62 79.60 103.01
CA ARG I 236 71.01 79.91 101.64
C ARG I 236 70.98 78.62 100.82
N GLN I 237 70.31 78.68 99.68
CA GLN I 237 70.36 77.56 98.76
C GLN I 237 71.63 77.63 97.93
N ARG I 238 71.98 76.51 97.31
CA ARG I 238 73.12 76.45 96.40
C ARG I 238 72.62 75.98 95.05
N VAL I 239 72.89 76.79 94.02
CA VAL I 239 72.51 76.47 92.65
C VAL I 239 73.80 76.37 91.85
N GLN I 240 74.35 75.17 91.72
CA GLN I 240 75.49 74.96 90.84
C GLN I 240 74.93 74.76 89.45
N ALA I 241 74.89 75.85 88.67
CA ALA I 241 74.37 75.76 87.32
C ALA I 241 75.31 75.03 86.38
N ASP I 242 76.61 75.01 86.70
CA ASP I 242 77.57 74.33 85.84
C ASP I 242 77.58 72.83 86.10
N ARG I 243 77.41 72.42 87.35
CA ARG I 243 77.35 71.02 87.72
C ARG I 243 75.95 70.44 87.59
N ASN I 244 74.96 71.28 87.24
CA ASN I 244 73.57 70.89 86.98
C ASN I 244 72.91 70.24 88.20
N VAL I 245 73.29 70.68 89.40
CA VAL I 245 72.75 70.13 90.64
C VAL I 245 72.38 71.28 91.54
N VAL I 246 71.16 71.27 92.08
CA VAL I 246 70.63 72.34 92.91
C VAL I 246 70.17 71.72 94.23
N ASN I 247 70.17 72.52 95.29
CA ASN I 247 69.56 72.09 96.54
C ASN I 247 69.00 73.28 97.30
N TYR I 248 67.81 73.10 97.87
CA TYR I 248 67.08 74.13 98.59
C TYR I 248 66.73 73.64 99.98
N PRO I 249 66.66 74.54 100.97
CA PRO I 249 66.21 74.14 102.31
C PRO I 249 64.71 73.88 102.33
N SER I 250 64.27 73.18 103.36
CA SER I 250 62.88 72.73 103.44
C SER I 250 62.54 72.38 104.87
N ILE I 251 61.25 72.23 105.14
CA ILE I 251 60.73 71.81 106.44
C ILE I 251 59.77 70.66 106.19
N LEU I 252 60.09 69.49 106.74
CA LEU I 252 59.27 68.30 106.51
C LEU I 252 59.23 67.44 107.77
N HIS I 253 58.12 66.74 107.94
CA HIS I 253 58.00 65.73 108.99
C HIS I 253 58.92 64.55 108.69
N PRO I 254 59.41 63.84 109.71
CA PRO I 254 60.27 62.69 109.45
C PRO I 254 59.61 61.55 108.69
N ILE I 255 58.30 61.31 108.90
CA ILE I 255 57.56 60.43 108.01
C ILE I 255 57.49 61.04 106.62
N ASP I 256 57.28 62.35 106.56
CA ASP I 256 57.09 63.05 105.30
C ASP I 256 58.37 63.18 104.50
N HIS I 257 59.53 63.11 105.16
CA HIS I 257 60.78 63.23 104.43
C HIS I 257 61.10 61.97 103.65
N ALA I 258 60.78 60.81 104.22
CA ALA I 258 61.11 59.55 103.57
C ALA I 258 60.29 59.33 102.30
N PHE I 259 59.09 59.90 102.25
CA PHE I 259 58.34 59.87 101.00
C PHE I 259 58.95 60.80 99.97
N ASN I 260 59.43 61.97 100.39
CA ASN I 260 59.97 62.93 99.44
C ASN I 260 61.43 62.66 99.10
N GLU I 261 62.18 62.00 99.99
CA GLU I 261 63.54 61.62 99.63
C GLU I 261 63.54 60.44 98.66
N TYR I 262 62.51 59.59 98.72
CA TYR I 262 62.49 58.45 97.83
C TYR I 262 62.09 58.84 96.41
N PHE I 263 61.19 59.82 96.26
CA PHE I 263 60.85 60.30 94.93
C PHE I 263 61.98 61.09 94.30
N LEU I 264 62.86 61.65 95.11
CA LEU I 264 63.91 62.54 94.63
C LEU I 264 65.22 61.80 94.39
N GLN I 265 65.46 60.69 95.07
CA GLN I 265 66.67 59.90 94.84
C GLN I 265 66.48 58.89 93.71
N HIS I 266 65.31 58.26 93.65
CA HIS I 266 65.05 57.18 92.70
C HIS I 266 64.30 57.73 91.49
N GLN I 267 65.04 58.47 90.67
CA GLN I 267 64.53 59.03 89.43
C GLN I 267 64.35 57.93 88.39
N LEU I 268 63.30 58.07 87.59
CA LEU I 268 63.09 57.16 86.48
C LEU I 268 63.70 57.62 85.16
N VAL I 269 64.46 58.70 85.16
CA VAL I 269 65.07 59.20 83.93
C VAL I 269 66.53 58.78 83.86
N GLU I 270 66.96 58.39 82.67
CA GLU I 270 68.34 58.03 82.36
C GLU I 270 68.85 58.92 81.24
N PRO I 271 70.14 59.27 81.22
CA PRO I 271 70.65 60.15 80.18
C PRO I 271 70.67 59.48 78.82
N LEU I 272 70.47 60.30 77.80
CA LEU I 272 70.33 59.85 76.43
C LEU I 272 71.44 60.46 75.58
N ASN I 273 72.06 59.64 74.76
CA ASN I 273 73.10 60.05 73.82
C ASN I 273 72.65 59.71 72.41
N ASN I 274 73.55 59.91 71.45
CA ASN I 274 73.21 59.52 70.09
C ASN I 274 73.23 58.02 69.90
N ASP I 275 74.10 57.31 70.62
CA ASP I 275 74.21 55.87 70.42
C ASP I 275 73.11 55.09 71.11
N ILE I 276 72.45 55.65 72.13
CA ILE I 276 71.35 54.96 72.76
C ILE I 276 70.13 54.97 71.85
N ILE I 277 69.97 56.02 71.04
CA ILE I 277 69.01 55.98 69.94
C ILE I 277 69.46 54.97 68.90
N PHE I 278 70.76 54.87 68.67
CA PHE I 278 71.26 53.93 67.68
C PHE I 278 71.17 52.49 68.15
N ASN I 279 71.31 52.26 69.46
CA ASN I 279 71.13 50.92 70.00
C ASN I 279 69.66 50.56 70.18
N TYR I 280 68.75 51.53 70.00
CA TYR I 280 67.34 51.25 70.15
C TYR I 280 66.76 50.55 68.93
N ILE I 281 67.30 50.84 67.75
CA ILE I 281 66.83 50.23 66.50
C ILE I 281 67.15 48.74 66.52
N PRO I 282 66.33 47.87 65.93
CA PRO I 282 66.69 46.45 65.86
C PRO I 282 67.96 46.21 65.06
N GLU I 283 68.67 45.14 65.42
CA GLU I 283 70.01 44.91 64.89
C GLU I 283 69.96 44.51 63.41
N ARG I 284 68.89 43.85 62.99
CA ARG I 284 68.81 43.42 61.59
C ARG I 284 68.58 44.59 60.65
N ILE I 285 67.73 45.52 61.04
CA ILE I 285 67.38 46.64 60.18
C ILE I 285 68.48 47.70 60.22
N ARG I 286 69.17 47.83 61.35
CA ARG I 286 70.33 48.69 61.42
C ARG I 286 71.48 48.15 60.58
N ASN I 287 71.62 46.82 60.51
CA ASN I 287 72.64 46.17 59.68
C ASN I 287 72.08 45.67 58.36
N ASP I 288 71.01 46.27 57.87
CA ASP I 288 70.52 46.00 56.52
C ASP I 288 71.05 47.08 55.58
N VAL I 289 71.25 46.71 54.32
CA VAL I 289 71.87 47.62 53.37
C VAL I 289 70.85 48.31 52.47
N ASN I 290 69.61 47.85 52.43
CA ASN I 290 68.55 48.58 51.73
C ASN I 290 67.68 49.36 52.70
N TYR I 291 68.29 49.91 53.75
CA TYR I 291 67.62 50.83 54.66
C TYR I 291 68.67 51.82 55.13
N ILE I 292 68.60 53.05 54.64
CA ILE I 292 69.57 54.08 54.98
C ILE I 292 69.09 54.77 56.25
N LEU I 293 69.78 54.55 57.36
CA LEU I 293 69.42 55.16 58.63
C LEU I 293 70.58 56.02 59.13
N ASN I 294 70.33 57.31 59.23
CA ASN I 294 71.34 58.23 59.74
C ASN I 294 70.66 59.29 60.61
N MET I 295 71.39 59.74 61.62
CA MET I 295 70.85 60.65 62.62
C MET I 295 71.13 62.09 62.22
N ASP I 296 70.06 62.90 62.18
CA ASP I 296 70.15 64.27 61.69
C ASP I 296 69.78 65.31 62.74
N ARG I 297 69.51 64.91 63.98
CA ARG I 297 69.18 65.83 65.04
C ARG I 297 70.21 65.74 66.15
N ASN I 298 70.51 66.86 66.77
CA ASN I 298 71.50 66.92 67.83
C ASN I 298 70.83 66.85 69.19
N LEU I 299 71.39 66.05 70.08
CA LEU I 299 70.86 65.88 71.41
C LEU I 299 71.84 66.44 72.43
N PRO I 300 71.37 67.26 73.37
CA PRO I 300 72.28 67.90 74.32
C PRO I 300 72.74 66.91 75.38
N SER I 301 73.58 67.41 76.29
CA SER I 301 74.05 66.62 77.42
C SER I 301 73.01 66.50 78.53
N THR I 302 71.91 67.24 78.45
CA THR I 302 70.88 67.23 79.48
C THR I 302 69.62 66.49 79.07
N ALA I 303 69.61 65.85 77.91
CA ALA I 303 68.43 65.14 77.45
C ALA I 303 68.31 63.81 78.17
N ARG I 304 67.14 63.54 78.75
CA ARG I 304 66.87 62.32 79.49
C ARG I 304 65.67 61.61 78.89
N TYR I 305 65.55 60.32 79.17
CA TYR I 305 64.42 59.54 78.69
C TYR I 305 64.09 58.46 79.70
N ILE I 306 62.92 57.85 79.52
CA ILE I 306 62.42 56.84 80.45
C ILE I 306 62.38 55.51 79.72
N ARG I 307 63.08 54.52 80.27
CA ARG I 307 63.26 53.21 79.66
C ARG I 307 61.97 52.41 79.73
N PRO I 308 61.55 51.77 78.64
CA PRO I 308 60.35 50.94 78.70
C PRO I 308 60.67 49.54 79.20
N ASN I 309 59.77 49.01 80.04
CA ASN I 309 60.01 47.77 80.78
C ASN I 309 59.86 46.58 79.85
N LEU I 310 60.93 46.30 79.11
CA LEU I 310 60.93 45.25 78.09
C LEU I 310 61.58 43.96 78.60
N LEU I 311 60.94 43.36 79.61
CA LEU I 311 61.31 42.00 79.95
C LEU I 311 60.15 41.10 79.56
N GLN I 312 60.46 39.82 79.33
CA GLN I 312 59.57 38.93 78.60
C GLN I 312 58.37 38.56 79.47
N ASP I 313 57.47 37.75 78.90
CA ASP I 313 56.23 37.43 79.58
C ASP I 313 56.48 36.52 80.77
N ARG I 314 56.68 37.14 81.94
CA ARG I 314 56.95 36.42 83.17
C ARG I 314 55.73 35.63 83.65
N LEU I 315 54.53 35.99 83.21
CA LEU I 315 53.43 35.06 83.15
C LEU I 315 53.56 34.28 81.85
N ASN I 316 53.80 32.98 81.95
CA ASN I 316 53.87 32.16 80.76
C ASN I 316 52.44 31.94 80.29
N LEU I 317 51.93 32.85 79.47
CA LEU I 317 50.55 32.78 78.99
C LEU I 317 50.36 31.82 77.84
N HIS I 318 51.35 30.99 77.50
CA HIS I 318 51.20 30.08 76.37
C HIS I 318 51.09 28.62 76.75
N ASP I 319 51.51 28.22 77.95
CA ASP I 319 51.57 26.80 78.25
C ASP I 319 50.24 26.26 78.75
N ASN I 320 49.47 27.04 79.48
CA ASN I 320 48.25 26.53 80.08
C ASN I 320 47.01 27.28 79.64
N PHE I 321 47.11 28.61 79.50
CA PHE I 321 46.00 29.44 79.03
C PHE I 321 45.78 29.20 77.55
N GLU I 322 44.85 28.33 77.20
CA GLU I 322 44.57 28.07 75.80
C GLU I 322 43.47 28.96 75.25
N SER I 323 42.77 29.70 76.12
CA SER I 323 41.77 30.66 75.67
C SER I 323 42.23 32.10 75.80
N LEU I 324 43.11 32.40 76.75
CA LEU I 324 43.65 33.75 76.87
C LEU I 324 44.73 34.00 75.83
N TRP I 325 45.40 32.96 75.37
CA TRP I 325 46.42 33.10 74.34
C TRP I 325 45.82 33.15 72.95
N ASP I 326 44.58 32.69 72.78
CA ASP I 326 43.94 32.80 71.47
C ASP I 326 43.60 34.23 71.11
N THR I 327 43.46 35.11 72.10
CA THR I 327 43.27 36.51 71.79
C THR I 327 44.60 37.17 71.42
N ILE I 328 45.68 36.82 72.10
CA ILE I 328 46.98 37.43 71.85
C ILE I 328 47.52 37.02 70.48
N THR I 329 47.25 35.80 70.03
CA THR I 329 47.62 35.46 68.67
C THR I 329 46.65 36.00 67.64
N THR I 330 45.47 36.46 68.06
CA THR I 330 44.60 37.19 67.15
C THR I 330 44.98 38.66 67.10
N SER I 331 45.31 39.23 68.26
CA SER I 331 45.61 40.66 68.34
C SER I 331 46.90 41.00 67.64
N ASN I 332 47.91 40.13 67.74
CA ASN I 332 49.16 40.34 67.03
C ASN I 332 49.06 39.94 65.56
N TYR I 333 47.97 39.32 65.15
CA TYR I 333 47.77 38.97 63.75
C TYR I 333 47.23 40.14 62.96
N ILE I 334 46.17 40.79 63.47
CA ILE I 334 45.57 41.93 62.79
C ILE I 334 46.48 43.15 62.85
N LEU I 335 47.35 43.24 63.84
CA LEU I 335 48.37 44.27 63.82
C LEU I 335 49.38 44.02 62.71
N ALA I 336 49.65 42.76 62.38
CA ALA I 336 50.61 42.43 61.34
C ALA I 336 49.98 42.34 59.97
N ARG I 337 48.66 42.35 59.87
CA ARG I 337 48.02 42.43 58.55
C ARG I 337 48.00 43.85 58.02
N SER I 338 47.99 44.84 58.90
CA SER I 338 47.95 46.24 58.49
C SER I 338 49.34 46.83 58.25
N VAL I 339 50.37 45.99 58.26
CA VAL I 339 51.75 46.45 58.10
C VAL I 339 52.41 45.84 56.88
N VAL I 340 52.18 44.55 56.63
CA VAL I 340 52.70 43.80 55.49
C VAL I 340 52.25 44.45 54.19
N PRO I 341 53.17 44.84 53.32
CA PRO I 341 52.81 45.64 52.15
C PRO I 341 52.06 44.82 51.10
N ASP I 342 51.40 45.55 50.21
CA ASP I 342 50.56 44.93 49.20
C ASP I 342 51.27 44.91 47.86
N LEU I 343 50.94 43.89 47.07
CA LEU I 343 51.62 43.66 45.80
C LEU I 343 51.25 44.71 44.78
N LYS I 344 52.22 45.11 43.96
CA LYS I 344 51.98 46.04 42.88
C LYS I 344 52.55 45.47 41.59
N GLU I 345 51.98 45.94 40.47
CA GLU I 345 52.29 45.47 39.11
C GLU I 345 52.09 43.96 38.98
N LEU I 346 50.89 43.51 39.31
CA LEU I 346 50.54 42.12 39.12
C LEU I 346 50.37 41.80 37.64
N VAL I 347 50.34 40.51 37.33
CA VAL I 347 49.92 40.08 36.00
C VAL I 347 48.44 40.38 35.86
N SER I 348 48.05 40.85 34.67
CA SER I 348 46.66 41.20 34.41
C SER I 348 45.76 39.97 34.50
N THR I 349 44.61 40.15 35.15
CA THR I 349 43.77 39.03 35.54
C THR I 349 43.03 38.43 34.34
N GLU I 350 42.56 39.29 33.43
CA GLU I 350 41.79 38.82 32.27
C GLU I 350 42.65 38.05 31.28
N ALA I 351 43.96 38.24 31.29
CA ALA I 351 44.84 37.54 30.37
C ALA I 351 45.34 36.22 30.91
N GLN I 352 45.51 36.10 32.23
CA GLN I 352 46.00 34.87 32.81
C GLN I 352 44.94 33.78 32.83
N ILE I 353 43.69 34.15 33.17
CA ILE I 353 42.61 33.18 33.16
C ILE I 353 42.26 32.77 31.73
N GLN I 354 42.45 33.67 30.77
CA GLN I 354 42.25 33.32 29.37
C GLN I 354 43.33 32.36 28.87
N LYS I 355 44.49 32.31 29.53
CA LYS I 355 45.43 31.22 29.29
C LYS I 355 45.03 29.97 30.06
N MET I 356 44.68 30.15 31.34
CA MET I 356 44.43 29.02 32.23
C MET I 356 43.17 28.26 31.84
N SER I 357 42.23 28.90 31.16
CA SER I 357 41.07 28.19 30.66
C SER I 357 41.35 27.46 29.35
N GLN I 358 42.52 27.67 28.75
CA GLN I 358 42.87 26.97 27.53
C GLN I 358 43.71 25.72 27.79
N ASP I 359 44.68 25.82 28.69
CA ASP I 359 45.53 24.67 28.97
C ASP I 359 44.78 23.61 29.76
N LEU I 360 43.83 23.99 30.60
CA LEU I 360 43.09 23.00 31.36
C LEU I 360 42.08 22.28 30.49
N GLN I 361 41.52 22.97 29.48
CA GLN I 361 40.50 22.44 28.56
C GLN I 361 39.29 21.90 29.32
N LEU I 362 38.65 22.80 30.07
CA LEU I 362 37.67 22.40 31.07
C LEU I 362 36.32 22.00 30.50
N GLU I 363 36.09 22.21 29.21
CA GLU I 363 34.82 21.85 28.61
C GLU I 363 34.81 20.44 28.04
N ALA I 364 35.98 19.89 27.71
CA ALA I 364 36.04 18.53 27.20
C ALA I 364 35.80 17.51 28.31
N LEU I 365 36.13 17.86 29.55
CA LEU I 365 35.90 16.95 30.67
C LEU I 365 34.41 16.82 30.96
N THR I 366 34.05 15.71 31.58
CA THR I 366 32.71 15.53 32.13
C THR I 366 32.72 15.84 33.62
N ILE I 367 33.03 17.09 33.92
CA ILE I 367 33.14 17.56 35.29
C ILE I 367 31.84 18.27 35.66
N GLN I 368 31.60 18.39 36.96
CA GLN I 368 30.40 19.04 37.46
C GLN I 368 30.65 20.49 37.89
N SER I 369 31.90 20.90 38.02
CA SER I 369 32.27 22.28 38.34
C SER I 369 33.06 22.81 37.15
N GLU I 370 32.34 23.34 36.16
CA GLU I 370 32.99 23.81 34.95
C GLU I 370 33.61 25.18 35.15
N THR I 371 32.79 26.18 35.47
CA THR I 371 33.26 27.54 35.70
C THR I 371 33.59 27.79 37.17
N GLN I 372 33.82 26.74 37.95
CA GLN I 372 34.19 26.87 39.34
C GLN I 372 35.64 26.52 39.62
N PHE I 373 36.44 26.25 38.58
CA PHE I 373 37.87 26.10 38.80
C PHE I 373 38.54 27.44 39.07
N LEU I 374 38.06 28.49 38.42
CA LEU I 374 38.77 29.76 38.34
C LEU I 374 37.97 30.85 39.03
N THR I 375 37.49 30.58 40.24
CA THR I 375 36.68 31.56 40.97
C THR I 375 37.54 32.65 41.60
N GLY I 376 38.40 32.26 42.54
CA GLY I 376 39.10 33.23 43.34
C GLY I 376 40.44 33.67 42.80
N ILE I 377 40.62 33.60 41.48
CA ILE I 377 41.85 34.10 40.86
C ILE I 377 41.59 35.56 40.55
N ASN I 378 41.77 36.40 41.56
CA ASN I 378 41.53 37.83 41.47
C ASN I 378 42.80 38.59 41.83
N SER I 379 42.82 39.87 41.46
CA SER I 379 43.87 40.75 41.94
C SER I 379 43.66 41.16 43.38
N GLN I 380 42.42 41.16 43.85
CA GLN I 380 42.10 41.53 45.23
C GLN I 380 42.35 40.39 46.21
N ALA I 381 42.52 39.17 45.72
CA ALA I 381 42.86 38.03 46.54
C ALA I 381 44.34 37.67 46.51
N ALA I 382 45.09 38.23 45.56
CA ALA I 382 46.54 38.06 45.58
C ALA I 382 47.17 38.83 46.71
N ASN I 383 46.59 39.97 47.07
CA ASN I 383 47.05 40.71 48.24
C ASN I 383 46.50 40.12 49.53
N ASP I 384 45.46 39.29 49.45
CA ASP I 384 44.87 38.69 50.64
C ASP I 384 45.61 37.43 51.04
N CYS I 385 46.14 36.68 50.08
CA CYS I 385 46.97 35.54 50.41
C CYS I 385 48.41 35.96 50.70
N PHE I 386 48.78 37.19 50.37
CA PHE I 386 50.10 37.66 50.74
C PHE I 386 50.12 38.26 52.14
N LYS I 387 49.02 38.86 52.58
CA LYS I 387 48.99 39.42 53.92
C LYS I 387 48.64 38.38 54.96
N THR I 388 47.85 37.37 54.59
CA THR I 388 47.52 36.31 55.54
C THR I 388 48.74 35.45 55.83
N LEU I 389 49.55 35.21 54.81
CA LEU I 389 50.61 34.23 54.94
C LEU I 389 51.84 34.78 55.64
N ILE I 390 51.85 36.08 55.94
CA ILE I 390 52.92 36.69 56.71
C ILE I 390 52.44 37.11 58.10
N ALA I 391 51.18 37.55 58.20
CA ALA I 391 50.68 37.97 59.51
C ALA I 391 50.38 36.77 60.39
N ALA I 392 49.98 35.65 59.81
CA ALA I 392 49.87 34.41 60.56
C ALA I 392 51.21 33.76 60.82
N MET I 393 52.28 34.31 60.27
CA MET I 393 53.64 33.84 60.50
C MET I 393 54.44 34.76 61.39
N LEU I 394 54.12 36.07 61.40
CA LEU I 394 54.80 37.00 62.30
C LEU I 394 54.31 36.84 63.73
N SER I 395 53.01 36.69 63.91
CA SER I 395 52.46 36.12 65.14
C SER I 395 52.50 34.60 64.97
N GLN I 396 51.92 33.84 65.88
CA GLN I 396 51.90 32.41 65.68
C GLN I 396 50.45 31.96 65.74
N ARG I 397 49.77 32.10 64.61
CA ARG I 397 48.35 31.81 64.48
C ARG I 397 48.19 30.63 63.55
N THR I 398 47.63 29.54 64.05
CA THR I 398 47.55 28.31 63.27
C THR I 398 46.52 28.47 62.17
N MET I 399 46.96 28.38 60.92
CA MET I 399 46.05 28.50 59.80
C MET I 399 45.37 27.18 59.52
N SER I 400 44.23 27.24 58.84
CA SER I 400 43.52 26.05 58.42
C SER I 400 43.21 26.17 56.94
N LEU I 401 43.51 25.12 56.20
CA LEU I 401 43.27 25.17 54.76
C LEU I 401 41.80 24.95 54.45
N ASP I 402 41.40 25.40 53.27
CA ASP I 402 40.03 25.25 52.81
C ASP I 402 40.10 25.13 51.30
N PHE I 403 39.56 24.03 50.77
CA PHE I 403 39.75 23.72 49.38
C PHE I 403 38.67 22.74 48.95
N VAL I 404 38.61 22.50 47.65
CA VAL I 404 37.73 21.50 47.07
C VAL I 404 38.60 20.40 46.50
N THR I 405 38.30 19.15 46.86
CA THR I 405 39.12 18.03 46.43
C THR I 405 39.00 17.79 44.92
N THR I 406 37.88 18.21 44.33
CA THR I 406 37.74 18.15 42.88
C THR I 406 38.70 19.10 42.19
N ASN I 407 38.82 20.33 42.70
CA ASN I 407 39.61 21.37 42.05
C ASN I 407 41.10 21.13 42.22
N TYR I 408 41.71 20.42 41.27
CA TYR I 408 43.14 20.12 41.39
C TYR I 408 44.02 21.33 41.14
N MET I 409 43.54 22.34 40.41
CA MET I 409 44.34 23.54 40.21
C MET I 409 44.46 24.36 41.48
N SER I 410 43.53 24.19 42.42
CA SER I 410 43.71 24.72 43.76
C SER I 410 44.43 23.74 44.66
N LEU I 411 44.83 22.59 44.13
CA LEU I 411 45.57 21.58 44.88
C LEU I 411 47.02 21.48 44.45
N ILE I 412 47.31 21.72 43.17
CA ILE I 412 48.69 21.83 42.71
C ILE I 412 49.34 23.07 43.30
N SER I 413 48.58 24.16 43.41
CA SER I 413 49.07 25.33 44.11
C SER I 413 49.19 25.10 45.60
N GLY I 414 48.49 24.11 46.15
CA GLY I 414 48.72 23.73 47.52
C GLY I 414 50.05 23.05 47.75
N MET I 415 50.66 22.50 46.70
CA MET I 415 52.00 21.92 46.84
C MET I 415 53.04 22.98 47.14
N TRP I 416 52.91 24.14 46.51
CA TRP I 416 53.83 25.24 46.80
C TRP I 416 53.61 25.79 48.20
N LEU I 417 52.39 25.69 48.73
CA LEU I 417 52.11 26.25 50.04
C LEU I 417 52.77 25.46 51.14
N LEU I 418 52.77 24.13 51.03
CA LEU I 418 53.36 23.31 52.09
C LEU I 418 54.87 23.38 52.07
N THR I 419 55.47 23.58 50.90
CA THR I 419 56.92 23.56 50.81
C THR I 419 57.57 24.88 51.18
N VAL I 420 56.79 25.94 51.36
CA VAL I 420 57.32 27.25 51.74
C VAL I 420 56.89 27.63 53.15
N VAL I 421 55.60 27.58 53.43
CA VAL I 421 55.11 27.76 54.80
C VAL I 421 55.43 26.52 55.60
N PRO I 422 56.05 26.64 56.77
CA PRO I 422 56.44 25.46 57.53
C PRO I 422 55.24 24.69 58.07
N ASN I 423 55.30 23.37 57.90
CA ASN I 423 54.13 22.52 58.01
C ASN I 423 53.58 22.38 59.43
N ASP I 424 54.26 22.90 60.44
CA ASP I 424 53.68 22.91 61.77
C ASP I 424 52.79 24.13 62.00
N MET I 425 52.69 25.01 61.01
CA MET I 425 51.80 26.15 61.14
C MET I 425 50.35 25.74 61.00
N PHE I 426 50.07 24.81 60.10
CA PHE I 426 48.69 24.38 59.88
C PHE I 426 48.21 23.52 61.03
N ILE I 427 46.92 23.64 61.35
CA ILE I 427 46.30 22.73 62.29
C ILE I 427 46.25 21.35 61.67
N ARG I 428 46.60 20.33 62.46
CA ARG I 428 47.10 19.06 61.93
C ARG I 428 46.02 18.30 61.16
N GLU I 429 44.76 18.38 61.58
CA GLU I 429 43.73 17.62 60.91
C GLU I 429 43.37 18.17 59.54
N SER I 430 43.82 19.38 59.20
CA SER I 430 43.75 19.88 57.83
C SER I 430 45.08 19.82 57.12
N LEU I 431 46.18 19.71 57.86
CA LEU I 431 47.46 19.44 57.23
C LEU I 431 47.50 18.03 56.66
N VAL I 432 47.02 17.04 57.43
CA VAL I 432 46.93 15.67 56.93
C VAL I 432 45.68 15.43 56.09
N ALA I 433 44.88 16.45 55.85
CA ALA I 433 43.76 16.35 54.93
C ALA I 433 44.02 17.07 53.62
N CYS I 434 45.09 17.85 53.52
CA CYS I 434 45.56 18.41 52.27
C CYS I 434 46.63 17.55 51.62
N GLN I 435 47.50 16.94 52.43
CA GLN I 435 48.50 16.06 51.87
C GLN I 435 47.92 14.70 51.49
N LEU I 436 46.91 14.23 52.23
CA LEU I 436 46.18 13.05 51.77
C LEU I 436 45.36 13.37 50.54
N ALA I 437 44.93 14.62 50.39
CA ALA I 437 44.18 14.99 49.20
C ALA I 437 45.10 15.12 47.99
N ILE I 438 46.34 15.53 48.19
CA ILE I 438 47.30 15.62 47.09
C ILE I 438 47.73 14.23 46.65
N ILE I 439 47.99 13.35 47.62
CA ILE I 439 48.54 12.03 47.32
C ILE I 439 47.51 11.16 46.62
N ASN I 440 46.27 11.16 47.08
CA ASN I 440 45.28 10.27 46.49
C ASN I 440 44.78 10.70 45.13
N THR I 441 45.09 11.90 44.65
CA THR I 441 44.57 12.33 43.37
C THR I 441 45.61 12.84 42.37
N ILE I 442 46.85 13.10 42.79
CA ILE I 442 47.89 13.56 41.88
C ILE I 442 49.11 12.66 41.91
N ILE I 443 49.70 12.46 43.09
CA ILE I 443 50.98 11.75 43.17
C ILE I 443 50.79 10.24 43.06
N TYR I 444 49.96 9.64 43.91
CA TYR I 444 49.78 8.19 43.82
C TYR I 444 49.01 7.69 42.61
N PRO I 445 48.06 8.42 42.01
CA PRO I 445 47.60 7.99 40.67
C PRO I 445 48.64 8.13 39.59
N ALA I 446 49.67 8.95 39.77
CA ALA I 446 50.68 9.10 38.72
C ALA I 446 51.59 7.89 38.66
N PHE I 447 52.17 7.50 39.79
CA PHE I 447 53.14 6.41 39.78
C PHE I 447 52.49 5.04 39.69
N GLY I 448 51.17 4.96 39.73
CA GLY I 448 50.49 3.71 39.55
C GLY I 448 50.20 2.94 40.80
N MET I 449 50.81 3.30 41.92
CA MET I 449 50.57 2.60 43.16
C MET I 449 49.16 2.90 43.67
N GLN I 450 48.68 2.04 44.57
CA GLN I 450 47.31 2.10 45.04
C GLN I 450 47.09 3.33 45.90
N ARG I 451 45.82 3.64 46.17
CA ARG I 451 45.50 4.81 46.96
C ARG I 451 45.94 4.61 48.41
N MET I 452 45.94 5.70 49.15
CA MET I 452 46.50 5.69 50.48
C MET I 452 45.39 5.53 51.51
N HIS I 453 45.28 4.34 52.08
CA HIS I 453 44.40 4.13 53.23
C HIS I 453 45.10 4.70 54.45
N TYR I 454 44.55 5.77 55.02
CA TYR I 454 45.19 6.47 56.12
C TYR I 454 44.22 6.58 57.28
N ARG I 455 44.56 5.93 58.39
CA ARG I 455 43.85 6.16 59.64
C ARG I 455 44.26 7.49 60.23
N ASN I 456 43.33 8.13 60.94
CA ASN I 456 43.68 9.42 61.57
C ASN I 456 44.59 9.20 62.76
N GLY I 457 44.33 8.16 63.54
CA GLY I 457 45.14 7.88 64.71
C GLY I 457 46.48 7.27 64.34
N ASP I 458 47.35 8.08 63.75
CA ASP I 458 48.62 7.66 63.24
C ASP I 458 49.53 8.84 63.51
N PRO I 459 50.70 8.62 64.11
CA PRO I 459 51.61 9.73 64.37
C PRO I 459 52.49 10.10 63.19
N GLN I 460 52.12 9.65 62.00
CA GLN I 460 52.91 9.84 60.80
C GLN I 460 52.06 10.56 59.76
N THR I 461 52.51 11.73 59.35
CA THR I 461 51.80 12.56 58.38
C THR I 461 51.89 11.89 57.01
N PRO I 462 50.89 12.06 56.14
CA PRO I 462 50.91 11.40 54.82
C PRO I 462 52.11 11.70 53.93
N PHE I 463 52.79 12.83 54.10
CA PHE I 463 54.05 12.99 53.39
C PHE I 463 55.21 12.33 54.11
N GLN I 464 55.01 11.75 55.29
CA GLN I 464 56.02 10.95 55.94
C GLN I 464 55.85 9.47 55.68
N ILE I 465 54.77 9.08 55.00
CA ILE I 465 54.56 7.70 54.62
C ILE I 465 54.86 7.47 53.14
N ALA I 466 54.44 8.40 52.28
CA ALA I 466 54.83 8.35 50.88
C ALA I 466 56.20 8.95 50.61
N GLU I 467 56.94 9.33 51.64
CA GLU I 467 58.34 9.68 51.45
C GLU I 467 59.21 8.43 51.38
N GLN I 468 58.70 7.30 51.87
CA GLN I 468 59.41 6.04 51.86
C GLN I 468 58.79 5.00 50.94
N GLN I 469 57.47 4.99 50.81
CA GLN I 469 56.82 4.05 49.92
C GLN I 469 56.96 4.39 48.46
N ILE I 470 57.27 5.64 48.13
CA ILE I 470 57.40 6.00 46.74
C ILE I 470 58.80 5.61 46.28
N GLN I 471 58.95 5.29 45.00
CA GLN I 471 60.20 4.75 44.50
C GLN I 471 60.95 5.73 43.62
N ASN I 472 60.45 6.94 43.46
CA ASN I 472 61.17 7.98 42.75
C ASN I 472 62.24 8.58 43.66
N PHE I 473 63.09 9.43 43.09
CA PHE I 473 63.99 10.24 43.89
C PHE I 473 63.76 11.73 43.73
N GLN I 474 63.27 12.19 42.58
CA GLN I 474 63.01 13.61 42.44
C GLN I 474 61.76 14.03 43.20
N VAL I 475 60.79 13.12 43.35
CA VAL I 475 59.64 13.38 44.18
C VAL I 475 59.97 13.13 45.65
N ALA I 476 60.65 12.02 45.95
CA ALA I 476 60.95 11.68 47.33
C ALA I 476 62.01 12.57 47.97
N ASN I 477 62.72 13.38 47.19
CA ASN I 477 63.56 14.40 47.79
C ASN I 477 62.82 15.68 48.06
N TRP I 478 61.70 15.91 47.37
CA TRP I 478 60.84 17.02 47.75
C TRP I 478 60.05 16.69 48.99
N LEU I 479 59.53 15.46 49.08
CA LEU I 479 58.77 15.03 50.24
C LEU I 479 59.65 14.91 51.49
N HIS I 480 60.97 14.87 51.33
CA HIS I 480 61.83 15.00 52.48
C HIS I 480 61.96 16.46 52.90
N PHE I 481 61.60 17.42 52.05
CA PHE I 481 61.64 18.80 52.53
C PHE I 481 60.33 19.26 53.14
N VAL I 482 59.18 18.77 52.67
CA VAL I 482 57.93 19.15 53.31
C VAL I 482 57.82 18.53 54.69
N ASN I 483 58.44 17.37 54.90
CA ASN I 483 58.44 16.76 56.21
C ASN I 483 59.38 17.46 57.17
N ASN I 484 60.33 18.25 56.68
CA ASN I 484 61.38 18.78 57.54
C ASN I 484 61.61 20.26 57.30
N ASN I 485 60.55 21.03 57.10
CA ASN I 485 60.61 22.48 57.28
C ASN I 485 59.67 22.83 58.41
N GLN I 486 60.22 23.00 59.60
CA GLN I 486 59.49 23.60 60.70
C GLN I 486 60.32 24.76 61.22
N PHE I 487 59.76 25.48 62.17
CA PHE I 487 60.37 26.71 62.64
C PHE I 487 61.52 26.37 63.58
N ARG I 488 62.72 26.75 63.19
CA ARG I 488 63.92 26.51 63.98
C ARG I 488 64.13 27.69 64.92
N GLN I 489 63.92 27.47 66.20
CA GLN I 489 63.88 28.60 67.14
C GLN I 489 65.29 29.06 67.48
N VAL I 490 65.55 30.36 67.30
CA VAL I 490 66.78 30.98 67.75
C VAL I 490 66.42 32.04 68.78
N VAL I 491 67.44 32.51 69.50
CA VAL I 491 67.28 33.59 70.47
C VAL I 491 68.26 34.68 70.07
N ILE I 492 67.75 35.73 69.43
CA ILE I 492 68.56 36.84 68.98
C ILE I 492 67.99 38.14 69.52
N ASP I 493 68.89 39.05 69.91
CA ASP I 493 68.57 40.35 70.53
C ASP I 493 67.71 40.17 71.77
N GLY I 494 67.98 39.10 72.53
CA GLY I 494 67.27 38.83 73.76
C GLY I 494 65.91 38.20 73.62
N VAL I 495 65.31 38.22 72.43
CA VAL I 495 63.97 37.69 72.23
C VAL I 495 64.06 36.37 71.48
N LEU I 496 62.97 35.60 71.52
CA LEU I 496 62.87 34.34 70.81
C LEU I 496 62.02 34.55 69.58
N ASN I 497 62.60 34.38 68.40
CA ASN I 497 61.81 34.42 67.19
C ASN I 497 62.05 33.18 66.35
N GLN I 498 60.97 32.64 65.80
CA GLN I 498 60.99 31.42 65.02
C GLN I 498 61.39 31.74 63.59
N VAL I 499 62.59 31.34 63.20
CA VAL I 499 63.12 31.69 61.91
C VAL I 499 62.93 30.53 60.92
N LEU I 500 63.12 30.83 59.65
CA LEU I 500 63.06 29.87 58.56
C LEU I 500 64.46 29.30 58.30
N ASN I 501 64.55 28.29 57.45
CA ASN I 501 65.87 27.78 57.11
C ASN I 501 66.42 28.51 55.90
N ASP I 502 67.72 28.32 55.66
CA ASP I 502 68.42 29.08 54.63
C ASP I 502 68.19 28.54 53.23
N ASN I 503 67.27 27.60 53.05
CA ASN I 503 66.87 27.17 51.72
C ASN I 503 65.52 27.74 51.29
N ILE I 504 64.70 28.20 52.23
CA ILE I 504 63.49 28.95 51.88
C ILE I 504 63.83 30.41 51.65
N ARG I 505 64.69 30.97 52.49
CA ARG I 505 64.98 32.40 52.47
C ARG I 505 65.72 32.85 51.23
N ASN I 506 66.34 31.94 50.47
CA ASN I 506 66.90 32.29 49.18
C ASN I 506 66.17 31.62 48.03
N GLY I 507 65.04 30.99 48.29
CA GLY I 507 64.17 30.53 47.23
C GLY I 507 64.66 29.33 46.47
N HIS I 508 65.73 28.67 46.91
CA HIS I 508 66.28 27.54 46.21
C HIS I 508 65.42 26.30 46.30
N VAL I 509 64.44 26.28 47.21
CA VAL I 509 63.64 25.07 47.42
C VAL I 509 62.68 24.86 46.27
N VAL I 510 62.07 25.94 45.78
CA VAL I 510 61.11 25.81 44.70
C VAL I 510 61.78 25.48 43.38
N ASN I 511 63.10 25.56 43.30
CA ASN I 511 63.81 24.91 42.20
C ASN I 511 63.68 23.39 42.29
N GLN I 512 63.74 22.85 43.51
CA GLN I 512 63.62 21.40 43.68
C GLN I 512 62.18 20.95 43.46
N LEU I 513 61.21 21.79 43.76
CA LEU I 513 59.82 21.45 43.49
C LEU I 513 59.55 21.37 41.99
N MET I 514 60.19 22.23 41.20
CA MET I 514 60.00 22.15 39.76
C MET I 514 60.79 21.04 39.10
N GLU I 515 61.56 20.26 39.86
CA GLU I 515 61.99 18.95 39.40
C GLU I 515 61.04 17.85 39.86
N ALA I 516 60.32 18.09 40.95
CA ALA I 516 59.32 17.16 41.44
C ALA I 516 57.95 17.39 40.82
N LEU I 517 57.71 18.57 40.26
CA LEU I 517 56.46 18.82 39.56
C LEU I 517 56.59 18.51 38.08
N MET I 518 57.76 18.75 37.51
CA MET I 518 57.97 18.44 36.10
C MET I 518 58.11 16.94 35.87
N GLN I 519 58.39 16.16 36.91
CA GLN I 519 58.41 14.71 36.78
C GLN I 519 57.00 14.16 36.67
N LEU I 520 56.06 14.75 37.41
CA LEU I 520 54.66 14.33 37.31
C LEU I 520 54.04 14.71 35.97
N SER I 521 54.57 15.71 35.29
CA SER I 521 54.05 16.09 34.00
C SER I 521 54.51 15.16 32.89
N ARG I 522 55.65 14.50 33.07
CA ARG I 522 56.13 13.57 32.05
C ARG I 522 55.46 12.21 32.15
N GLN I 523 54.97 11.87 33.34
CA GLN I 523 54.62 10.52 33.66
C GLN I 523 53.19 10.20 33.25
N GLN I 524 53.00 9.07 32.59
CA GLN I 524 51.66 8.62 32.28
C GLN I 524 50.98 8.15 33.57
N PHE I 525 49.67 8.35 33.62
CA PHE I 525 48.89 8.01 34.82
C PHE I 525 48.19 6.71 34.47
N PRO I 526 48.70 5.55 34.86
CA PRO I 526 48.41 4.32 34.11
C PRO I 526 47.03 3.70 34.28
N THR I 527 46.09 4.40 34.90
CA THR I 527 44.69 3.97 34.85
C THR I 527 43.75 5.13 34.55
N MET I 528 44.19 6.37 34.76
CA MET I 528 43.38 7.57 34.57
C MET I 528 42.92 7.70 33.12
N PRO I 529 41.71 8.20 32.87
CA PRO I 529 41.27 8.39 31.49
C PRO I 529 42.11 9.43 30.78
N VAL I 530 42.19 9.29 29.45
CA VAL I 530 43.05 10.14 28.66
C VAL I 530 42.51 11.57 28.61
N ASP I 531 41.21 11.73 28.84
CA ASP I 531 40.62 13.06 28.89
C ASP I 531 41.08 13.82 30.13
N TYR I 532 41.07 13.15 31.29
CA TYR I 532 41.44 13.75 32.56
C TYR I 532 42.93 13.67 32.85
N LYS I 533 43.71 13.02 31.98
CA LYS I 533 45.14 12.94 32.20
C LYS I 533 45.84 14.17 31.65
N ARG I 534 45.50 14.59 30.44
CA ARG I 534 46.12 15.77 29.85
C ARG I 534 45.63 17.05 30.51
N SER I 535 44.43 17.03 31.08
CA SER I 535 43.94 18.19 31.80
C SER I 535 44.54 18.34 33.19
N ILE I 536 45.29 17.34 33.65
CA ILE I 536 46.02 17.44 34.91
C ILE I 536 47.53 17.46 34.70
N GLN I 537 48.01 17.16 33.50
CA GLN I 537 49.41 17.36 33.18
C GLN I 537 49.69 18.74 32.62
N ARG I 538 48.71 19.36 31.97
CA ARG I 538 48.86 20.76 31.59
C ARG I 538 48.54 21.69 32.75
N GLY I 539 47.75 21.22 33.72
CA GLY I 539 47.55 22.01 34.92
C GLY I 539 48.77 22.05 35.79
N ILE I 540 49.65 21.06 35.66
CA ILE I 540 50.92 21.08 36.36
C ILE I 540 51.90 21.98 35.63
N LEU I 541 51.90 21.95 34.30
CA LEU I 541 52.75 22.81 33.48
C LEU I 541 52.35 24.29 33.54
N LEU I 542 51.24 24.63 34.19
CA LEU I 542 50.96 26.01 34.56
C LEU I 542 51.73 26.44 35.79
N LEU I 543 52.33 25.51 36.53
CA LEU I 543 53.13 25.84 37.69
C LEU I 543 54.60 25.51 37.53
N SER I 544 54.94 24.49 36.75
CA SER I 544 56.35 24.22 36.52
C SER I 544 56.97 25.14 35.49
N ASN I 545 56.16 25.78 34.66
CA ASN I 545 56.68 26.77 33.72
C ASN I 545 56.83 28.13 34.36
N ARG I 546 56.30 28.33 35.57
CA ARG I 546 56.48 29.55 36.32
C ARG I 546 57.62 29.43 37.32
N LEU I 547 58.70 28.76 36.94
CA LEU I 547 59.83 28.54 37.85
C LEU I 547 60.48 29.86 38.25
N GLY I 548 60.87 30.67 37.28
CA GLY I 548 61.65 31.85 37.54
C GLY I 548 60.91 32.96 38.25
N GLN I 549 59.58 32.94 38.20
CA GLN I 549 58.77 33.92 38.90
C GLN I 549 58.16 33.36 40.16
N LEU I 550 58.61 32.18 40.60
CA LEU I 550 58.22 31.62 41.87
C LEU I 550 59.41 31.37 42.79
N VAL I 551 60.64 31.37 42.25
CA VAL I 551 61.81 31.67 43.07
C VAL I 551 61.74 33.11 43.53
N ASP I 552 61.20 33.99 42.69
CA ASP I 552 61.08 35.40 43.01
C ASP I 552 59.93 35.69 43.94
N LEU I 553 59.06 34.73 44.23
CA LEU I 553 58.03 34.97 45.23
C LEU I 553 58.49 34.49 46.59
N THR I 554 59.16 33.35 46.65
CA THR I 554 59.66 32.82 47.92
C THR I 554 60.76 33.70 48.49
N ARG I 555 61.54 34.36 47.64
CA ARG I 555 62.54 35.29 48.14
C ARG I 555 61.89 36.55 48.69
N LEU I 556 60.69 36.88 48.21
CA LEU I 556 59.99 38.06 48.71
C LEU I 556 59.16 37.73 49.94
N LEU I 557 58.43 36.62 49.91
CA LEU I 557 57.58 36.21 51.02
C LEU I 557 58.38 35.78 52.24
N ALA I 558 59.67 35.49 52.08
CA ALA I 558 60.53 35.21 53.22
C ALA I 558 61.51 36.34 53.47
N TYR I 559 61.36 37.48 52.80
CA TYR I 559 62.07 38.70 53.18
C TYR I 559 61.17 39.72 53.83
N ASN I 560 59.89 39.78 53.45
CA ASN I 560 58.94 40.57 54.22
C ASN I 560 58.73 39.97 55.60
N TYR I 561 58.78 38.65 55.71
CA TYR I 561 58.74 38.03 57.03
C TYR I 561 60.03 38.26 57.79
N GLU I 562 61.15 38.32 57.08
CA GLU I 562 62.45 38.36 57.76
C GLU I 562 62.76 39.74 58.33
N THR I 563 62.32 40.81 57.67
CA THR I 563 62.61 42.15 58.17
C THR I 563 61.51 42.72 59.05
N LEU I 564 60.36 42.05 59.13
CA LEU I 564 59.32 42.44 60.06
C LEU I 564 59.41 41.67 61.37
N MET I 565 60.04 40.50 61.35
CA MET I 565 60.28 39.75 62.58
C MET I 565 61.34 40.40 63.45
N ALA I 566 62.14 41.30 62.88
CA ALA I 566 63.07 42.05 63.69
C ALA I 566 62.38 43.12 64.52
N CYS I 567 61.20 43.56 64.11
CA CYS I 567 60.39 44.50 64.88
C CYS I 567 59.38 43.77 65.77
N ILE I 568 59.86 42.79 66.53
CA ILE I 568 59.03 41.97 67.39
C ILE I 568 59.72 41.90 68.74
N THR I 569 59.03 42.31 69.80
CA THR I 569 59.63 42.37 71.12
C THR I 569 59.16 41.25 72.03
N MET I 570 57.90 40.85 71.93
CA MET I 570 57.43 39.72 72.71
C MET I 570 58.02 38.42 72.15
N ASN I 571 58.17 37.44 73.04
CA ASN I 571 58.61 36.12 72.61
C ASN I 571 57.60 35.49 71.68
N MET I 572 58.10 34.90 70.59
CA MET I 572 57.22 34.32 69.57
C MET I 572 57.01 32.84 69.84
N GLN I 573 56.21 32.58 70.87
CA GLN I 573 55.91 31.19 71.23
C GLN I 573 54.96 30.58 70.22
N HIS I 574 55.18 29.30 69.91
CA HIS I 574 54.39 28.57 68.94
C HIS I 574 53.50 27.58 69.69
N VAL I 575 52.20 27.86 69.72
CA VAL I 575 51.21 27.03 70.39
C VAL I 575 50.03 26.89 69.44
N GLN I 576 49.52 25.66 69.30
CA GLN I 576 48.30 25.43 68.52
C GLN I 576 47.12 26.10 69.22
N THR I 577 46.61 27.16 68.62
CA THR I 577 45.53 27.96 69.18
C THR I 577 44.18 27.37 68.82
N LEU I 578 43.14 27.81 69.54
CA LEU I 578 41.80 27.25 69.40
C LEU I 578 41.16 27.59 68.06
N THR I 579 40.94 28.88 67.79
CA THR I 579 40.34 29.29 66.54
C THR I 579 41.41 29.54 65.50
N THR I 580 41.16 29.05 64.29
CA THR I 580 42.13 29.08 63.21
C THR I 580 41.69 30.08 62.15
N GLU I 581 42.64 30.88 61.67
CA GLU I 581 42.36 31.87 60.63
C GLU I 581 42.39 31.16 59.28
N LYS I 582 41.22 31.08 58.65
CA LYS I 582 41.05 30.23 57.47
C LYS I 582 41.78 30.80 56.27
N LEU I 583 42.61 29.97 55.65
CA LEU I 583 43.34 30.31 54.44
C LEU I 583 42.83 29.41 53.32
N GLN I 584 42.09 29.98 52.38
CA GLN I 584 41.55 29.21 51.28
C GLN I 584 42.65 28.90 50.28
N LEU I 585 42.67 27.67 49.77
CA LEU I 585 43.69 27.28 48.81
C LEU I 585 43.44 27.89 47.44
N THR I 586 42.24 28.39 47.19
CA THR I 586 41.96 29.05 45.91
C THR I 586 42.70 30.37 45.82
N SER I 587 42.82 31.09 46.93
CA SER I 587 43.59 32.32 46.92
C SER I 587 45.09 32.06 46.90
N VAL I 588 45.54 30.85 47.20
CA VAL I 588 46.95 30.53 47.00
C VAL I 588 47.24 30.38 45.52
N THR I 589 46.28 29.86 44.75
CA THR I 589 46.39 29.84 43.29
C THR I 589 46.42 31.23 42.71
N SER I 590 45.75 32.18 43.35
CA SER I 590 45.83 33.56 42.88
C SER I 590 47.12 34.25 43.30
N LEU I 591 48.05 33.56 43.95
CA LEU I 591 49.36 34.13 44.24
C LEU I 591 50.46 33.50 43.41
N CYS I 592 50.42 32.19 43.17
CA CYS I 592 51.48 31.56 42.39
C CYS I 592 51.42 31.95 40.93
N MET I 593 50.23 31.98 40.34
CA MET I 593 50.10 32.32 38.93
C MET I 593 49.41 33.65 38.73
N LEU I 594 49.72 34.63 39.57
CA LEU I 594 49.35 36.01 39.28
C LEU I 594 50.44 37.00 39.63
N ILE I 595 51.56 36.55 40.19
CA ILE I 595 52.62 37.45 40.65
C ILE I 595 53.41 37.98 39.46
N GLY I 596 53.87 39.22 39.57
CA GLY I 596 54.79 39.82 38.63
C GLY I 596 56.15 40.05 39.26
N ASN I 597 57.06 40.62 38.47
CA ASN I 597 58.43 40.84 38.94
C ASN I 597 58.64 42.26 39.47
N ALA I 598 57.73 42.72 40.32
CA ALA I 598 57.84 44.02 40.96
C ALA I 598 57.84 43.80 42.46
N THR I 599 59.00 43.99 43.08
CA THR I 599 59.17 43.73 44.50
C THR I 599 58.59 44.84 45.36
N VAL I 600 58.18 44.47 46.56
CA VAL I 600 57.62 45.40 47.53
C VAL I 600 58.38 45.24 48.85
N ILE I 601 58.62 46.35 49.53
CA ILE I 601 59.45 46.43 50.72
C ILE I 601 58.66 47.21 51.76
N PRO I 602 58.68 46.82 53.04
CA PRO I 602 58.09 47.68 54.07
C PRO I 602 58.86 48.98 54.19
N SER I 603 58.20 50.09 53.89
CA SER I 603 58.78 51.41 54.00
C SER I 603 59.11 51.70 55.46
N PRO I 604 60.20 52.45 55.73
CA PRO I 604 60.71 52.51 57.11
C PRO I 604 59.82 53.25 58.08
N GLN I 605 58.96 54.15 57.62
CA GLN I 605 58.02 54.77 58.55
C GLN I 605 56.89 53.83 58.92
N THR I 606 56.57 52.86 58.06
CA THR I 606 55.66 51.79 58.43
C THR I 606 56.31 50.85 59.42
N LEU I 607 57.55 50.47 59.14
CA LEU I 607 58.28 49.51 59.95
C LEU I 607 58.77 50.09 61.27
N PHE I 608 58.80 51.43 61.42
CA PHE I 608 59.02 52.00 62.73
C PHE I 608 57.73 52.15 63.51
N HIS I 609 56.62 52.39 62.81
CA HIS I 609 55.32 52.40 63.47
C HIS I 609 54.92 51.00 63.92
N TYR I 610 55.39 49.97 63.21
CA TYR I 610 55.17 48.60 63.68
C TYR I 610 56.06 48.28 64.88
N TYR I 611 57.23 48.91 64.96
CA TYR I 611 58.07 48.68 66.13
C TYR I 611 57.60 49.47 67.33
N ASN I 612 57.08 50.68 67.12
CA ASN I 612 56.63 51.50 68.24
C ASN I 612 55.26 51.11 68.75
N VAL I 613 54.53 50.23 68.07
CA VAL I 613 53.28 49.71 68.60
C VAL I 613 53.47 48.32 69.22
N ASN I 614 54.55 47.62 68.89
CA ASN I 614 54.85 46.38 69.60
C ASN I 614 55.64 46.64 70.86
N VAL I 615 56.43 47.72 70.89
CA VAL I 615 57.14 48.09 72.10
C VAL I 615 56.21 48.82 73.07
N ASN I 616 55.03 49.24 72.62
CA ASN I 616 54.08 49.90 73.51
C ASN I 616 53.08 48.94 74.12
N PHE I 617 52.72 47.88 73.39
CA PHE I 617 51.88 46.84 73.98
C PHE I 617 52.67 45.97 74.95
N HIS I 618 53.95 45.75 74.68
CA HIS I 618 54.77 44.93 75.55
C HIS I 618 55.26 45.70 76.77
N SER I 619 55.36 47.02 76.69
CA SER I 619 55.67 47.79 77.88
C SER I 619 54.43 48.03 78.74
N ASN I 620 53.25 48.08 78.12
CA ASN I 620 52.02 48.15 78.89
C ASN I 620 51.77 46.86 79.63
N TYR I 621 51.98 45.72 78.95
CA TYR I 621 51.70 44.42 79.54
C TYR I 621 52.62 44.11 80.71
N ASN I 622 53.80 44.72 80.75
CA ASN I 622 54.66 44.54 81.90
C ASN I 622 54.34 45.52 83.00
N GLU I 623 53.85 46.71 82.67
CA GLU I 623 53.54 47.69 83.70
C GLU I 623 52.12 47.54 84.23
N ARG I 624 51.35 46.58 83.73
CA ARG I 624 50.11 46.20 84.39
C ARG I 624 50.24 44.91 85.18
N ILE I 625 51.20 44.05 84.84
CA ILE I 625 51.55 42.95 85.72
C ILE I 625 52.16 43.48 87.00
N ASN I 626 53.08 44.44 86.88
CA ASN I 626 53.71 45.03 88.06
C ASN I 626 52.77 45.93 88.84
N ASP I 627 51.66 46.36 88.25
CA ASP I 627 50.65 47.11 89.00
C ASP I 627 49.55 46.21 89.55
N ALA I 628 49.49 44.95 89.14
CA ALA I 628 48.56 43.99 89.71
C ALA I 628 49.21 43.06 90.71
N VAL I 629 50.50 42.78 90.58
CA VAL I 629 51.22 42.06 91.61
C VAL I 629 51.37 42.92 92.85
N ALA I 630 51.63 44.21 92.66
CA ALA I 630 51.86 45.12 93.77
C ALA I 630 50.58 45.48 94.53
N ILE I 631 49.41 45.03 94.11
CA ILE I 631 48.19 45.16 94.90
C ILE I 631 47.82 43.84 95.57
N ILE I 632 48.04 42.72 94.88
CA ILE I 632 47.81 41.41 95.46
C ILE I 632 48.77 41.15 96.62
N THR I 633 50.04 41.54 96.46
CA THR I 633 51.00 41.39 97.55
C THR I 633 50.74 42.41 98.65
N ALA I 634 50.33 43.63 98.29
CA ALA I 634 50.02 44.62 99.31
C ALA I 634 48.70 44.36 100.03
N ALA I 635 47.83 43.52 99.46
CA ALA I 635 46.65 43.13 100.22
C ALA I 635 46.94 41.97 101.16
N ASN I 636 47.77 41.01 100.72
CA ASN I 636 48.05 39.85 101.56
C ASN I 636 48.98 40.21 102.70
N ARG I 637 49.97 41.06 102.45
CA ARG I 637 50.90 41.45 103.52
C ARG I 637 50.30 42.46 104.48
N LEU I 638 49.12 43.00 104.18
CA LEU I 638 48.38 43.83 105.12
C LEU I 638 47.31 43.05 105.86
N ASN I 639 47.18 41.75 105.61
CA ASN I 639 46.17 40.86 106.18
C ASN I 639 44.76 41.39 105.91
N LEU I 640 44.42 41.46 104.63
CA LEU I 640 43.10 41.86 104.18
C LEU I 640 42.42 40.67 103.53
N TYR I 641 41.53 40.04 104.29
CA TYR I 641 40.51 39.18 103.71
C TYR I 641 39.39 40.06 103.15
N GLN I 642 38.34 39.40 102.62
CA GLN I 642 37.18 40.02 101.97
C GLN I 642 37.55 40.85 100.74
N LYS I 643 38.77 40.76 100.24
CA LYS I 643 39.12 41.39 98.98
C LYS I 643 39.00 40.37 97.87
N LYS I 644 38.33 40.74 96.79
CA LYS I 644 38.12 39.84 95.67
C LYS I 644 39.34 39.94 94.76
N MET I 645 40.21 38.92 94.81
CA MET I 645 41.35 38.90 93.92
C MET I 645 40.95 38.64 92.47
N LYS I 646 39.73 38.17 92.24
CA LYS I 646 39.22 38.11 90.88
C LYS I 646 38.99 39.51 90.31
N SER I 647 38.67 40.48 91.16
CA SER I 647 38.41 41.84 90.68
C SER I 647 39.69 42.53 90.23
N ILE I 648 40.82 42.23 90.87
CA ILE I 648 42.09 42.78 90.42
C ILE I 648 42.50 42.21 89.07
N VAL I 649 42.34 40.89 88.90
CA VAL I 649 42.66 40.25 87.64
C VAL I 649 41.68 40.67 86.55
N GLU I 650 40.42 40.91 86.92
CA GLU I 650 39.47 41.52 85.99
C GLU I 650 39.88 42.95 85.65
N ASP I 651 40.44 43.68 86.61
CA ASP I 651 40.93 45.02 86.32
C ASP I 651 42.22 44.97 85.52
N PHE I 652 43.05 43.94 85.74
CA PHE I 652 44.29 43.83 84.98
C PHE I 652 44.03 43.45 83.53
N LEU I 653 43.06 42.56 83.30
CA LEU I 653 42.72 42.20 81.93
C LEU I 653 41.99 43.31 81.20
N LYS I 654 41.34 44.21 81.93
CA LYS I 654 40.63 45.32 81.29
C LYS I 654 41.59 46.38 80.78
N ARG I 655 42.67 46.63 81.52
CA ARG I 655 43.62 47.68 81.15
C ARG I 655 44.39 47.33 79.89
N LEU I 656 44.73 46.05 79.73
CA LEU I 656 45.21 45.54 78.46
C LEU I 656 44.09 45.63 77.45
N GLN I 657 44.29 46.39 76.38
CA GLN I 657 43.19 46.82 75.54
C GLN I 657 42.67 45.76 74.59
N ILE I 658 43.16 44.52 74.65
CA ILE I 658 42.72 43.54 73.67
C ILE I 658 41.60 42.63 74.17
N PHE I 659 41.50 42.41 75.48
CA PHE I 659 40.53 41.47 76.01
C PHE I 659 39.24 42.19 76.40
N ASP I 660 38.15 41.43 76.45
CA ASP I 660 36.96 41.82 77.18
C ASP I 660 36.72 40.77 78.26
N ILE I 661 36.52 41.23 79.50
CA ILE I 661 36.61 40.35 80.66
C ILE I 661 35.40 39.44 80.74
N SER I 662 34.32 39.78 80.04
CA SER I 662 33.08 39.02 80.15
C SER I 662 33.21 37.61 79.59
N ARG I 663 33.99 37.43 78.53
CA ARG I 663 34.05 36.15 77.85
C ARG I 663 35.14 35.22 78.36
N VAL I 664 36.08 35.69 79.17
CA VAL I 664 37.14 34.79 79.65
C VAL I 664 36.57 33.87 80.72
N PRO I 665 36.86 32.56 80.66
CA PRO I 665 36.22 31.63 81.59
C PRO I 665 36.75 31.76 83.01
N ASP I 666 35.98 31.21 83.95
CA ASP I 666 36.35 31.25 85.35
C ASP I 666 37.41 30.23 85.72
N ASP I 667 37.80 29.36 84.79
CA ASP I 667 38.97 28.53 85.00
C ASP I 667 40.24 29.35 84.94
N GLN I 668 40.40 30.12 83.87
CA GLN I 668 41.67 30.81 83.62
C GLN I 668 41.80 32.11 84.39
N MET I 669 40.70 32.68 84.89
CA MET I 669 40.83 33.82 85.78
C MET I 669 41.28 33.41 87.17
N TYR I 670 41.19 32.13 87.51
CA TYR I 670 41.68 31.65 88.79
C TYR I 670 43.09 31.08 88.70
N ARG I 671 43.55 30.69 87.51
CA ARG I 671 44.97 30.47 87.31
C ARG I 671 45.72 31.79 87.31
N LEU I 672 45.11 32.82 86.70
CA LEU I 672 45.78 34.10 86.57
C LEU I 672 45.88 34.84 87.89
N ARG I 673 44.96 34.58 88.83
CA ARG I 673 45.12 35.11 90.17
C ARG I 673 46.05 34.27 91.01
N ASP I 674 46.45 33.09 90.53
CA ASP I 674 47.40 32.25 91.24
C ASP I 674 48.82 32.56 90.82
N ARG I 675 49.05 32.76 89.51
CA ARG I 675 50.38 33.06 89.04
C ARG I 675 50.83 34.47 89.40
N LEU I 676 49.90 35.38 89.63
CA LEU I 676 50.29 36.73 90.04
C LEU I 676 50.70 36.80 91.50
N ARG I 677 50.37 35.78 92.31
CA ARG I 677 50.80 35.79 93.69
C ARG I 677 52.27 35.41 93.82
N LEU I 678 52.74 34.48 92.97
CA LEU I 678 54.09 33.96 93.09
C LEU I 678 55.15 34.91 92.55
N LEU I 679 54.76 35.90 91.75
CA LEU I 679 55.73 36.83 91.19
C LEU I 679 56.20 37.80 92.27
N PRO I 680 57.40 38.35 92.14
CA PRO I 680 57.86 39.37 93.09
C PRO I 680 57.45 40.77 92.66
N VAL I 681 57.42 41.66 93.63
CA VAL I 681 57.03 43.05 93.40
C VAL I 681 58.20 43.78 92.76
N GLU I 682 57.90 44.68 91.82
CA GLU I 682 58.91 45.53 91.21
C GLU I 682 59.52 46.43 92.27
N ILE I 683 60.82 46.71 92.13
CA ILE I 683 61.64 47.19 93.25
C ILE I 683 61.27 48.60 93.67
N ARG I 684 60.67 49.40 92.79
CA ARG I 684 60.23 50.72 93.25
C ARG I 684 58.85 50.66 93.89
N ARG I 685 58.00 49.71 93.50
CA ARG I 685 56.72 49.55 94.16
C ARG I 685 56.81 48.76 95.44
N LEU I 686 57.96 48.11 95.70
CA LEU I 686 58.12 47.36 96.93
C LEU I 686 58.69 48.22 98.04
N ASP I 687 59.45 49.26 97.71
CA ASP I 687 60.01 50.09 98.77
C ASP I 687 59.00 51.13 99.24
N ILE I 688 58.04 51.49 98.41
CA ILE I 688 57.02 52.44 98.84
C ILE I 688 56.01 51.76 99.75
N PHE I 689 55.72 50.48 99.49
CA PHE I 689 54.87 49.73 100.40
C PHE I 689 55.58 49.47 101.74
N ASN I 690 56.86 49.14 101.69
CA ASN I 690 57.62 48.96 102.93
C ASN I 690 57.84 50.26 103.67
N LEU I 691 57.66 51.39 103.00
CA LEU I 691 57.70 52.69 103.65
C LEU I 691 56.34 53.09 104.20
N ILE I 692 55.26 52.60 103.60
CA ILE I 692 53.93 52.76 104.18
C ILE I 692 53.77 51.82 105.36
N LEU I 693 54.32 50.61 105.27
CA LEU I 693 54.09 49.57 106.26
C LEU I 693 54.77 49.84 107.59
N MET I 694 55.94 50.48 107.58
CA MET I 694 56.61 50.74 108.85
C MET I 694 56.04 51.97 109.54
N ASN I 695 55.52 52.93 108.77
CA ASN I 695 54.80 54.08 109.30
C ASN I 695 53.30 53.90 109.20
N MET I 696 52.83 52.65 109.13
CA MET I 696 51.40 52.39 109.11
C MET I 696 50.77 52.69 110.45
N GLU I 697 51.53 52.54 111.54
CA GLU I 697 50.95 52.79 112.85
C GLU I 697 51.07 54.24 113.27
N GLN I 698 52.07 54.98 112.81
CA GLN I 698 52.23 56.35 113.28
C GLN I 698 51.26 57.32 112.64
N ILE I 699 50.60 56.94 111.54
CA ILE I 699 49.48 57.72 111.05
C ILE I 699 48.28 57.59 111.99
N GLU I 700 47.81 56.36 112.20
CA GLU I 700 46.62 56.12 113.00
C GLU I 700 46.85 56.33 114.50
N ARG I 701 48.10 56.40 114.95
CA ARG I 701 48.33 56.79 116.34
C ARG I 701 48.17 58.29 116.52
N ALA I 702 48.66 59.07 115.57
CA ALA I 702 48.63 60.53 115.65
C ALA I 702 47.38 61.14 115.07
N SER I 703 46.46 60.33 114.55
CA SER I 703 45.19 60.83 114.07
C SER I 703 44.27 61.16 115.23
N ASP I 704 43.46 62.20 115.06
CA ASP I 704 42.38 62.46 115.99
C ASP I 704 41.21 61.55 115.64
N LYS I 705 40.18 61.60 116.48
CA LYS I 705 38.84 60.98 116.35
C LYS I 705 38.88 59.45 116.37
N ILE I 706 40.05 58.84 116.49
CA ILE I 706 40.20 57.40 116.56
C ILE I 706 41.06 57.06 117.78
N ALA I 707 40.56 56.16 118.61
CA ALA I 707 41.28 55.70 119.79
C ALA I 707 41.57 54.22 119.64
N GLN I 708 42.74 53.80 120.10
CA GLN I 708 43.20 52.44 119.82
C GLN I 708 42.83 51.47 120.92
N GLY I 709 41.57 51.47 121.35
CA GLY I 709 41.22 50.53 122.39
C GLY I 709 40.89 51.22 123.69
N VAL I 710 40.08 50.55 124.50
CA VAL I 710 39.61 51.10 125.77
C VAL I 710 39.83 50.06 126.87
N ILE I 711 40.23 50.54 128.04
CA ILE I 711 40.45 49.69 129.20
C ILE I 711 39.21 49.75 130.09
N ILE I 712 38.69 48.59 130.46
CA ILE I 712 37.59 48.51 131.41
C ILE I 712 38.11 47.78 132.64
N ALA I 713 38.35 48.50 133.73
CA ALA I 713 39.01 47.91 134.87
C ALA I 713 38.13 47.71 136.10
N TYR I 714 36.95 48.35 136.13
CA TYR I 714 35.95 48.20 137.20
C TYR I 714 36.50 48.55 138.59
N ARG I 715 37.42 49.52 138.64
CA ARG I 715 37.95 49.98 139.91
C ARG I 715 38.37 51.44 139.74
N ASP I 716 38.48 52.14 140.86
CA ASP I 716 38.74 53.57 140.85
C ASP I 716 40.23 53.82 140.67
N MET I 717 40.61 54.30 139.49
CA MET I 717 41.98 54.70 139.22
C MET I 717 41.98 56.13 138.70
N GLN I 718 42.92 56.93 139.19
CA GLN I 718 42.85 58.37 139.01
C GLN I 718 43.25 58.80 137.61
N LEU I 719 42.70 59.93 137.18
CA LEU I 719 42.99 60.46 135.86
C LEU I 719 44.38 61.08 135.84
N GLU I 720 45.08 60.91 134.73
CA GLU I 720 46.48 61.29 134.63
C GLU I 720 46.59 62.73 134.16
N ARG I 721 47.40 63.52 134.88
CA ARG I 721 47.69 64.88 134.46
C ARG I 721 48.43 64.89 133.14
N ASP I 722 48.15 65.89 132.31
CA ASP I 722 48.69 65.92 130.97
C ASP I 722 49.00 67.35 130.59
N GLU I 723 49.81 67.52 129.54
CA GLU I 723 50.22 68.85 129.13
C GLU I 723 49.27 69.46 128.11
N MET I 724 48.74 68.66 127.19
CA MET I 724 47.84 69.16 126.16
C MET I 724 46.40 68.72 126.35
N TYR I 725 46.05 68.17 127.50
CA TYR I 725 44.70 67.68 127.72
C TYR I 725 44.11 68.11 129.05
N GLY I 726 44.90 68.61 129.99
CA GLY I 726 44.40 68.93 131.31
C GLY I 726 44.32 67.70 132.20
N TYR I 727 43.13 67.38 132.68
CA TYR I 727 42.88 66.15 133.42
C TYR I 727 42.20 65.16 132.47
N VAL I 728 42.93 64.13 132.07
CA VAL I 728 42.47 63.23 131.02
C VAL I 728 42.66 61.80 131.52
N ASN I 729 41.84 60.89 130.97
CA ASN I 729 42.01 59.46 131.25
C ASN I 729 42.53 58.80 129.97
N ILE I 730 43.85 58.84 129.79
CA ILE I 730 44.46 58.10 128.71
C ILE I 730 45.39 57.06 129.32
N ALA I 731 45.59 55.98 128.58
CA ALA I 731 46.57 54.97 128.92
C ALA I 731 47.71 55.04 127.92
N ARG I 732 48.94 54.93 128.42
CA ARG I 732 50.07 54.95 127.53
C ARG I 732 50.34 53.58 126.91
N ASN I 733 49.93 52.52 127.60
CA ASN I 733 50.16 51.14 127.15
C ASN I 733 49.22 50.22 127.91
N LEU I 734 49.17 48.97 127.47
CA LEU I 734 48.23 47.97 127.99
C LEU I 734 49.00 47.05 128.94
N ASP I 735 48.90 47.31 130.23
CA ASP I 735 49.68 46.59 131.23
C ASP I 735 48.76 45.84 132.17
N GLY I 736 48.95 44.52 132.27
CA GLY I 736 48.22 43.73 133.24
C GLY I 736 46.77 43.51 132.92
N PHE I 737 46.37 43.72 131.68
CA PHE I 737 44.98 43.58 131.27
C PHE I 737 44.88 42.56 130.14
N GLN I 738 43.73 41.89 130.08
CA GLN I 738 43.50 40.90 129.05
C GLN I 738 43.08 41.58 127.75
N GLN I 739 43.81 41.32 126.67
CA GLN I 739 43.47 41.87 125.37
C GLN I 739 42.25 41.16 124.81
N ILE I 740 41.33 41.92 124.24
CA ILE I 740 40.19 41.38 123.51
C ILE I 740 40.15 42.06 122.15
N ASN I 741 40.37 41.29 121.09
CA ASN I 741 40.47 41.86 119.76
C ASN I 741 39.08 42.05 119.18
N LEU I 742 38.71 43.32 118.95
CA LEU I 742 37.37 43.61 118.44
C LEU I 742 37.21 43.24 116.98
N GLU I 743 38.29 43.11 116.22
CA GLU I 743 38.17 42.66 114.84
C GLU I 743 37.79 41.18 114.78
N GLU I 744 38.44 40.35 115.59
CA GLU I 744 38.08 38.93 115.65
C GLU I 744 36.72 38.73 116.29
N LEU I 745 36.37 39.54 117.28
CA LEU I 745 35.09 39.43 117.96
C LEU I 745 33.94 40.02 117.14
N MET I 746 34.24 40.67 116.01
CA MET I 746 33.20 41.11 115.08
C MET I 746 32.98 40.13 113.94
N ARG I 747 34.02 39.41 113.51
CA ARG I 747 33.85 38.48 112.40
C ARG I 747 33.21 37.17 112.85
N THR I 748 33.59 36.67 114.02
CA THR I 748 33.08 35.38 114.47
C THR I 748 31.69 35.49 115.07
N GLY I 749 31.35 36.60 115.70
CA GLY I 749 30.07 36.69 116.34
C GLY I 749 29.94 35.92 117.64
N ASP I 750 31.05 35.44 118.19
CA ASP I 750 31.04 34.70 119.45
C ASP I 750 31.25 35.68 120.59
N TYR I 751 30.15 36.12 121.18
CA TYR I 751 30.17 37.01 122.34
C TYR I 751 29.97 36.24 123.64
N ALA I 752 30.42 34.98 123.68
CA ALA I 752 30.33 34.24 124.92
C ALA I 752 31.37 34.67 125.93
N GLN I 753 32.44 35.31 125.49
CA GLN I 753 33.52 35.72 126.39
C GLN I 753 33.43 37.17 126.82
N ILE I 754 32.99 38.07 125.94
CA ILE I 754 32.90 39.47 126.32
C ILE I 754 31.71 39.69 127.26
N THR I 755 30.56 39.08 126.96
CA THR I 755 29.40 39.23 127.83
C THR I 755 29.53 38.43 129.12
N ASN I 756 30.48 37.52 129.22
CA ASN I 756 30.71 36.84 130.48
C ASN I 756 31.76 37.55 131.33
N MET I 757 32.48 38.51 130.75
CA MET I 757 33.34 39.40 131.52
C MET I 757 32.69 40.74 131.79
N LEU I 758 31.63 41.08 131.06
CA LEU I 758 30.88 42.30 131.32
C LEU I 758 29.77 42.09 132.34
N LEU I 759 29.13 40.92 132.31
CA LEU I 759 28.11 40.60 133.29
C LEU I 759 28.70 40.46 134.68
N ASN I 760 29.88 39.86 134.79
CA ASN I 760 30.66 39.93 136.00
C ASN I 760 31.47 41.22 135.99
N ASN I 761 32.19 41.46 137.07
CA ASN I 761 33.02 42.67 137.17
C ASN I 761 34.47 42.21 137.11
N GLN I 762 34.98 42.07 135.88
CA GLN I 762 36.33 41.60 135.63
C GLN I 762 37.05 42.59 134.73
N PRO I 763 38.34 42.82 134.95
CA PRO I 763 39.09 43.78 134.12
C PRO I 763 39.34 43.24 132.72
N VAL I 764 38.83 43.97 131.72
CA VAL I 764 38.99 43.63 130.31
C VAL I 764 39.72 44.80 129.67
N ALA I 765 40.30 44.56 128.49
CA ALA I 765 40.89 45.64 127.68
C ALA I 765 40.47 45.43 126.24
N LEU I 766 39.34 46.01 125.86
CA LEU I 766 38.84 45.92 124.50
C LEU I 766 39.71 46.76 123.58
N VAL I 767 40.46 46.12 122.69
CA VAL I 767 41.35 46.86 121.79
C VAL I 767 40.82 46.76 120.36
N GLY I 768 41.36 47.63 119.52
CA GLY I 768 40.91 47.79 118.17
C GLY I 768 41.22 49.21 117.71
N ALA I 769 40.31 49.77 116.91
CA ALA I 769 40.43 51.16 116.45
C ALA I 769 39.02 51.73 116.38
N LEU I 770 38.59 52.35 117.47
CA LEU I 770 37.20 52.74 117.64
C LEU I 770 37.11 54.22 117.99
N PRO I 771 36.06 54.91 117.55
CA PRO I 771 35.98 56.35 117.80
C PRO I 771 35.57 56.65 119.22
N PHE I 772 35.86 57.88 119.64
CA PHE I 772 35.57 58.32 121.00
C PHE I 772 34.83 59.65 120.95
N ILE I 773 34.16 59.96 122.06
CA ILE I 773 33.57 61.27 122.27
C ILE I 773 34.30 61.94 123.41
N THR I 774 34.12 63.25 123.52
CA THR I 774 34.77 64.03 124.56
C THR I 774 33.71 64.68 125.42
N ASP I 775 33.77 64.44 126.72
CA ASP I 775 32.80 64.98 127.67
C ASP I 775 33.53 65.93 128.59
N SER I 776 33.35 67.22 128.37
CA SER I 776 34.19 68.23 128.98
C SER I 776 33.77 68.62 130.39
N SER I 777 32.65 68.11 130.89
CA SER I 777 32.14 68.53 132.19
C SER I 777 32.70 67.66 133.30
N VAL I 778 32.77 68.23 134.49
CA VAL I 778 33.21 67.50 135.67
C VAL I 778 32.05 66.71 136.28
N ILE I 779 30.84 67.27 136.25
CA ILE I 779 29.68 66.61 136.84
C ILE I 779 29.27 65.36 136.09
N SER I 780 29.76 65.16 134.86
CA SER I 780 29.62 63.87 134.21
C SER I 780 30.59 62.84 134.79
N LEU I 781 31.76 63.28 135.25
CA LEU I 781 32.72 62.35 135.83
C LEU I 781 32.28 61.91 137.22
N VAL I 782 31.69 62.82 137.99
CA VAL I 782 31.20 62.48 139.32
C VAL I 782 30.01 61.52 139.23
N ALA I 783 29.16 61.70 138.22
CA ALA I 783 28.05 60.80 137.97
C ALA I 783 28.47 59.50 137.31
N LYS I 784 29.76 59.36 136.96
CA LYS I 784 30.35 58.13 136.45
C LYS I 784 29.69 57.66 135.16
N LEU I 785 29.60 58.56 134.19
CA LEU I 785 28.96 58.27 132.92
C LEU I 785 29.83 57.38 132.03
N ASP I 786 31.11 57.27 132.35
CA ASP I 786 32.07 56.62 131.46
C ASP I 786 31.83 55.12 131.35
N ALA I 787 31.41 54.47 132.44
CA ALA I 787 31.25 53.03 132.47
C ALA I 787 29.90 52.56 131.94
N THR I 788 29.08 53.46 131.42
CA THR I 788 27.72 53.13 131.02
C THR I 788 27.54 52.96 129.52
N VAL I 789 28.64 52.93 128.76
CA VAL I 789 28.53 52.84 127.31
C VAL I 789 28.74 51.40 126.86
N PHE I 790 29.50 50.63 127.63
CA PHE I 790 29.84 49.27 127.22
C PHE I 790 28.71 48.28 127.43
N ALA I 791 27.62 48.68 128.07
CA ALA I 791 26.54 47.75 128.37
C ALA I 791 25.65 47.45 127.17
N GLN I 792 25.82 48.15 126.06
CA GLN I 792 24.99 47.89 124.89
C GLN I 792 25.50 46.71 124.05
N ILE I 793 26.65 46.15 124.40
CA ILE I 793 27.17 44.99 123.69
C ILE I 793 26.31 43.76 123.98
N VAL I 794 25.79 43.65 125.19
CA VAL I 794 25.02 42.46 125.54
C VAL I 794 23.61 42.51 124.93
N LYS I 795 23.01 43.70 124.83
CA LYS I 795 21.66 43.80 124.29
C LYS I 795 21.68 43.68 122.78
N LEU I 796 22.46 44.52 122.11
CA LEU I 796 22.65 44.47 120.67
C LEU I 796 24.03 43.88 120.43
N ARG I 797 24.09 42.80 119.67
CA ARG I 797 25.33 42.05 119.61
C ARG I 797 26.41 42.70 118.77
N LYS I 798 26.06 43.69 117.95
CA LYS I 798 27.06 44.37 117.14
C LYS I 798 27.98 45.22 118.02
N VAL I 799 29.26 45.26 117.66
CA VAL I 799 30.28 45.93 118.46
C VAL I 799 30.67 47.27 117.88
N ASP I 800 30.26 47.58 116.65
CA ASP I 800 30.70 48.81 116.00
C ASP I 800 29.99 50.05 116.54
N THR I 801 28.86 49.90 117.22
CA THR I 801 28.19 51.04 117.85
C THR I 801 28.71 51.17 119.29
N LEU I 802 29.96 51.59 119.38
CA LEU I 802 30.62 51.74 120.68
C LEU I 802 31.40 53.05 120.64
N LYS I 803 31.22 53.87 121.67
CA LYS I 803 31.87 55.18 121.74
C LYS I 803 32.28 55.44 123.18
N PRO I 804 33.47 55.01 123.58
CA PRO I 804 33.92 55.25 124.95
C PRO I 804 34.27 56.72 125.14
N ILE I 805 33.81 57.28 126.24
CA ILE I 805 33.95 58.72 126.43
C ILE I 805 35.34 59.03 126.94
N LEU I 806 35.82 60.22 126.59
CA LEU I 806 37.15 60.69 126.96
C LEU I 806 36.99 61.99 127.72
N TYR I 807 37.37 61.97 129.00
CA TYR I 807 37.26 63.17 129.81
C TYR I 807 38.34 64.17 129.44
N LYS I 808 37.99 65.45 129.45
CA LYS I 808 38.93 66.53 129.18
C LYS I 808 38.56 67.66 130.14
N ILE I 809 39.14 67.63 131.33
CA ILE I 809 38.87 68.63 132.36
C ILE I 809 40.00 69.65 132.32
N ASN I 810 39.67 70.88 131.95
CA ASN I 810 40.63 71.97 131.89
C ASN I 810 39.92 73.25 132.33
N SER I 811 40.63 74.38 132.25
CA SER I 811 40.16 75.60 132.89
C SER I 811 38.97 76.22 132.19
N ASP I 812 38.91 76.14 130.86
CA ASP I 812 37.81 76.80 130.16
C ASP I 812 36.53 75.97 130.15
N SER I 813 36.55 74.76 130.69
CA SER I 813 35.34 73.97 130.80
C SER I 813 34.44 74.55 131.90
N ASN I 814 33.15 74.25 131.79
CA ASN I 814 32.26 74.51 132.91
C ASN I 814 32.52 73.51 134.03
N ASP I 815 32.06 73.87 135.23
CA ASP I 815 32.21 73.07 136.45
C ASP I 815 33.67 72.78 136.80
N PHE I 816 34.58 73.69 136.43
CA PHE I 816 35.97 73.53 136.84
C PHE I 816 36.17 73.87 138.31
N TYR I 817 35.22 74.60 138.91
CA TYR I 817 35.32 74.95 140.32
C TYR I 817 35.22 73.75 141.25
N LEU I 818 34.74 72.61 140.75
CA LEU I 818 34.65 71.41 141.56
C LEU I 818 36.03 70.82 141.85
N VAL I 819 36.92 70.84 140.86
CA VAL I 819 38.23 70.22 141.04
C VAL I 819 39.24 71.17 141.66
N ALA I 820 38.90 72.45 141.84
CA ALA I 820 39.83 73.41 142.40
C ALA I 820 39.56 73.70 143.87
N ASN I 821 38.32 74.02 144.24
CA ASN I 821 38.01 74.43 145.60
C ASN I 821 37.78 73.27 146.55
N TYR I 822 37.51 72.09 146.04
CA TYR I 822 37.21 70.94 146.89
C TYR I 822 38.41 70.01 146.98
N ASP I 823 38.40 69.17 148.01
CA ASP I 823 39.51 68.30 148.34
C ASP I 823 39.16 66.89 147.85
N TRP I 824 39.46 66.62 146.60
CA TRP I 824 39.19 65.32 146.01
C TRP I 824 40.11 65.11 144.82
N VAL I 825 40.42 63.86 144.55
CA VAL I 825 41.21 63.47 143.38
C VAL I 825 40.26 62.86 142.35
N PRO I 826 40.31 63.29 141.10
CA PRO I 826 39.37 62.76 140.09
C PRO I 826 39.75 61.35 139.69
N THR I 827 38.75 60.46 139.70
CA THR I 827 38.96 59.04 139.48
C THR I 827 37.96 58.52 138.45
N SER I 828 38.44 57.77 137.48
CA SER I 828 37.61 57.16 136.46
C SER I 828 37.68 55.65 136.56
N THR I 829 36.58 54.99 136.21
CA THR I 829 36.57 53.54 136.14
C THR I 829 37.34 53.05 134.92
N THR I 830 37.09 53.67 133.77
CA THR I 830 37.71 53.25 132.52
C THR I 830 38.82 54.21 132.10
N LYS I 831 39.66 53.73 131.19
CA LYS I 831 40.70 54.53 130.57
C LYS I 831 40.76 54.16 129.09
N VAL I 832 41.18 55.11 128.26
CA VAL I 832 41.24 54.91 126.83
C VAL I 832 42.71 54.85 126.44
N TYR I 833 42.99 54.25 125.28
CA TYR I 833 44.35 54.12 124.77
C TYR I 833 44.55 55.13 123.67
N LYS I 834 45.19 56.26 123.99
CA LYS I 834 45.36 57.36 123.07
C LYS I 834 46.77 57.91 123.19
N GLN I 835 47.38 58.23 122.06
CA GLN I 835 48.78 58.65 122.02
C GLN I 835 48.89 60.16 121.79
N ILE I 836 49.91 60.74 122.40
CA ILE I 836 50.13 62.18 122.32
C ILE I 836 50.84 62.50 121.00
N PRO I 837 50.37 63.48 120.23
CA PRO I 837 51.07 63.86 119.00
C PRO I 837 52.37 64.59 119.31
N GLN I 838 53.38 64.33 118.48
CA GLN I 838 54.73 64.78 118.77
C GLN I 838 54.89 66.28 118.56
N GLN I 839 55.79 66.87 119.34
CA GLN I 839 56.03 68.31 119.27
C GLN I 839 56.79 68.69 118.02
N PHE I 840 56.73 69.97 117.67
CA PHE I 840 57.51 70.50 116.57
C PHE I 840 58.92 70.81 117.09
N ASP I 841 59.92 70.14 116.53
CA ASP I 841 61.32 70.43 116.81
C ASP I 841 61.98 70.85 115.50
N PHE I 842 62.57 72.04 115.48
CA PHE I 842 63.05 72.61 114.24
C PHE I 842 64.27 71.89 113.71
N ARG I 843 65.17 71.45 114.60
CA ARG I 843 66.40 70.82 114.16
C ARG I 843 66.15 69.45 113.56
N ALA I 844 65.08 68.78 113.98
CA ALA I 844 64.74 67.48 113.42
C ALA I 844 63.91 67.57 112.16
N SER I 845 63.47 68.76 111.76
CA SER I 845 62.65 68.93 110.57
C SER I 845 63.27 69.82 109.52
N MET I 846 64.47 70.36 109.74
CA MET I 846 65.16 71.22 108.78
C MET I 846 66.21 70.38 108.07
N HIS I 847 66.00 70.13 106.77
CA HIS I 847 66.92 69.34 105.97
C HIS I 847 66.73 69.65 104.49
N MET I 848 67.85 69.62 103.75
CA MET I 848 67.88 70.00 102.35
C MET I 848 67.32 68.91 101.45
N LEU I 849 66.97 69.31 100.23
CA LEU I 849 66.55 68.40 99.17
C LEU I 849 67.36 68.74 97.93
N THR I 850 68.05 67.74 97.36
CA THR I 850 69.07 67.98 96.34
C THR I 850 68.69 67.29 95.04
N SER I 851 68.18 68.04 94.07
CA SER I 851 67.78 67.48 92.79
C SER I 851 68.54 68.16 91.65
N ASN I 852 68.19 67.82 90.42
CA ASN I 852 68.83 68.40 89.27
C ASN I 852 68.12 69.69 88.85
N LEU I 853 68.77 70.45 87.98
CA LEU I 853 68.28 71.78 87.64
C LEU I 853 67.44 71.79 86.37
N THR I 854 67.88 71.09 85.33
CA THR I 854 67.23 71.16 84.03
C THR I 854 67.26 69.80 83.35
N PHE I 855 66.09 69.30 82.96
CA PHE I 855 65.95 68.15 82.08
C PHE I 855 65.28 68.58 80.79
N THR I 856 65.19 67.63 79.87
CA THR I 856 64.27 67.74 78.73
C THR I 856 63.92 66.29 78.40
N VAL I 857 62.80 65.82 78.92
CA VAL I 857 62.44 64.42 78.77
C VAL I 857 61.86 64.21 77.38
N TYR I 858 62.51 63.36 76.59
CA TYR I 858 62.03 62.99 75.27
C TYR I 858 61.32 61.65 75.35
N SER I 859 60.21 61.54 74.62
CA SER I 859 59.39 60.34 74.65
C SER I 859 59.58 59.44 73.45
N ASP I 860 59.69 60.01 72.26
CA ASP I 860 59.81 59.24 71.02
C ASP I 860 61.28 59.19 70.63
N LEU I 861 61.85 58.00 70.60
CA LEU I 861 63.24 57.85 70.20
C LEU I 861 63.41 57.56 68.72
N LEU I 862 62.41 56.99 68.06
CA LEU I 862 62.53 56.80 66.62
C LEU I 862 62.24 58.06 65.83
N ALA I 863 61.89 59.16 66.48
CA ALA I 863 61.73 60.42 65.78
C ALA I 863 63.04 61.17 65.60
N PHE I 864 64.15 60.61 66.06
CA PHE I 864 65.45 61.23 65.89
C PHE I 864 66.27 60.64 64.76
N VAL I 865 65.87 59.49 64.23
CA VAL I 865 66.53 58.93 63.05
C VAL I 865 65.78 59.41 61.82
N SER I 866 66.51 59.55 60.72
CA SER I 866 65.94 60.01 59.46
C SER I 866 66.07 58.86 58.47
N ALA I 867 65.12 57.95 58.51
CA ALA I 867 65.21 56.72 57.75
C ALA I 867 64.64 56.89 56.36
N ASP I 868 65.30 56.30 55.39
CA ASP I 868 64.89 56.42 54.00
C ASP I 868 65.27 55.12 53.31
N THR I 869 64.32 54.54 52.58
CA THR I 869 64.55 53.28 51.90
C THR I 869 65.43 53.49 50.67
N VAL I 870 65.83 52.38 50.06
CA VAL I 870 66.53 52.43 48.79
C VAL I 870 65.47 52.32 47.71
N GLU I 871 65.81 52.66 46.47
CA GLU I 871 64.92 52.43 45.34
C GLU I 871 64.61 50.94 45.25
N PRO I 872 63.35 50.53 45.17
CA PRO I 872 62.99 49.14 45.48
C PRO I 872 63.47 48.13 44.46
N ILE I 873 63.79 48.53 43.23
CA ILE I 873 64.27 47.56 42.25
C ILE I 873 65.69 47.08 42.59
N ASN I 874 66.45 47.86 43.35
CA ASN I 874 67.75 47.42 43.87
C ASN I 874 67.63 47.00 45.33
N ALA I 875 66.75 46.04 45.61
CA ALA I 875 66.58 45.51 46.96
C ALA I 875 67.18 44.13 47.03
N VAL I 876 67.92 43.84 48.10
CA VAL I 876 68.66 42.60 48.21
C VAL I 876 68.13 41.78 49.38
N ALA I 877 68.46 40.50 49.37
CA ALA I 877 68.06 39.56 50.40
C ALA I 877 69.15 39.49 51.47
N PHE I 878 69.13 38.42 52.28
CA PHE I 878 70.21 38.17 53.23
C PHE I 878 71.55 37.93 52.53
N ASP I 879 71.54 37.31 51.36
CA ASP I 879 72.70 37.37 50.50
C ASP I 879 72.60 38.61 49.63
N ASN I 880 73.73 39.06 49.11
CA ASN I 880 73.75 40.35 48.45
C ASN I 880 73.10 40.36 47.07
N MET I 881 72.72 39.20 46.55
CA MET I 881 71.95 39.17 45.32
C MET I 881 70.53 39.71 45.58
N ARG I 882 69.88 40.15 44.51
CA ARG I 882 68.64 40.88 44.66
C ARG I 882 67.45 39.94 44.80
N ILE I 883 66.42 40.42 45.47
CA ILE I 883 65.13 39.74 45.46
C ILE I 883 64.41 40.10 44.17
N MET I 884 63.59 39.17 43.68
CA MET I 884 62.85 39.27 42.42
C MET I 884 63.78 39.56 41.25
N ASN I 885 64.63 38.59 40.94
CA ASN I 885 65.66 38.77 39.91
C ASN I 885 65.19 38.31 38.54
N GLU I 886 64.02 38.78 38.12
CA GLU I 886 63.51 38.53 36.79
C GLU I 886 63.40 39.84 36.02
N LEU I 887 64.42 40.66 36.13
CA LEU I 887 64.50 41.92 35.40
C LEU I 887 64.98 41.65 33.98
N PRO J 107 0.79 8.78 53.03
CA PRO J 107 1.75 9.81 52.64
C PRO J 107 3.20 9.36 52.81
N LYS J 108 4.08 9.85 51.94
CA LYS J 108 5.51 9.58 52.06
C LYS J 108 6.25 10.69 52.77
N GLU J 109 5.64 11.86 52.94
CA GLU J 109 6.31 12.95 53.62
C GLU J 109 6.02 12.95 55.12
N SER J 110 4.78 12.67 55.51
CA SER J 110 4.42 12.71 56.92
C SER J 110 5.02 11.57 57.72
N ILE J 111 5.50 10.53 57.06
CA ILE J 111 6.26 9.49 57.76
C ILE J 111 7.71 9.91 57.90
N LEU J 112 8.30 10.46 56.84
CA LEU J 112 9.69 10.91 56.88
C LEU J 112 9.87 12.12 57.80
N LYS J 113 8.85 12.98 57.89
CA LYS J 113 8.93 14.10 58.81
C LYS J 113 8.88 13.65 60.26
N LYS J 114 8.36 12.46 60.55
CA LYS J 114 8.38 11.95 61.92
C LYS J 114 9.75 11.45 62.33
N LEU J 115 10.67 11.23 61.39
CA LEU J 115 12.02 10.82 61.72
C LEU J 115 12.93 12.01 61.97
N GLU J 116 12.95 12.95 61.03
CA GLU J 116 13.87 14.07 61.12
C GLU J 116 13.49 15.06 62.20
N ASP J 117 12.25 15.04 62.66
CA ASP J 117 11.84 15.91 63.76
C ASP J 117 12.11 15.32 65.13
N ILE J 118 12.76 14.15 65.20
CA ILE J 118 13.15 13.57 66.48
C ILE J 118 14.41 14.31 66.94
N LYS J 119 14.25 15.19 67.91
CA LYS J 119 15.36 15.93 68.46
C LYS J 119 16.23 15.02 69.31
N PRO J 120 17.48 15.39 69.55
CA PRO J 120 18.28 14.67 70.55
C PRO J 120 17.75 14.90 71.95
N GLU J 121 18.29 14.12 72.88
CA GLU J 121 17.77 14.07 74.25
C GLU J 121 17.99 15.39 74.97
N GLN J 122 16.90 15.97 75.47
CA GLN J 122 16.90 17.30 76.06
C GLN J 122 17.70 17.28 77.36
N VAL J 123 18.83 17.99 77.35
CA VAL J 123 19.80 17.91 78.44
C VAL J 123 19.30 18.74 79.61
N LYS J 124 19.14 18.09 80.76
CA LYS J 124 18.66 18.74 81.97
C LYS J 124 19.86 19.08 82.84
N LYS J 125 19.91 20.33 83.30
CA LYS J 125 20.84 20.75 84.34
C LYS J 125 20.04 21.40 85.46
N GLN J 126 20.30 20.98 86.69
CA GLN J 126 19.48 21.47 87.79
C GLN J 126 20.01 22.80 88.29
N THR J 127 19.08 23.66 88.72
CA THR J 127 19.40 25.01 89.15
C THR J 127 19.37 25.18 90.66
N LYS J 128 18.55 24.42 91.38
CA LYS J 128 18.57 24.41 92.82
C LYS J 128 18.76 22.99 93.31
N LEU J 129 19.28 22.86 94.54
CA LEU J 129 19.55 21.55 95.09
C LEU J 129 18.26 20.82 95.42
N PHE J 130 18.25 19.51 95.18
CA PHE J 130 17.06 18.70 95.45
C PHE J 130 16.86 18.56 96.94
N ARG J 131 15.75 19.09 97.44
CA ARG J 131 15.52 19.13 98.88
C ARG J 131 14.17 18.50 99.21
N ILE J 132 14.19 17.54 100.13
CA ILE J 132 12.97 17.00 100.71
C ILE J 132 12.73 17.56 102.09
N PHE J 133 13.79 17.77 102.87
CA PHE J 133 13.70 18.18 104.25
C PHE J 133 14.20 19.61 104.40
N GLU J 134 13.56 20.37 105.27
CA GLU J 134 13.99 21.71 105.60
C GLU J 134 13.82 21.90 107.10
N PRO J 135 14.67 22.69 107.74
CA PRO J 135 14.53 22.90 109.18
C PRO J 135 13.35 23.78 109.50
N ARG J 136 12.95 23.75 110.76
CA ARG J 136 11.79 24.49 111.23
C ARG J 136 11.94 24.69 112.72
N GLN J 137 11.38 25.78 113.23
CA GLN J 137 11.56 26.18 114.61
C GLN J 137 10.35 25.74 115.42
N LEU J 138 10.59 24.93 116.45
CA LEU J 138 9.54 24.46 117.34
C LEU J 138 9.90 24.84 118.77
N PRO J 139 8.92 25.16 119.61
CA PRO J 139 9.21 25.36 121.03
C PRO J 139 9.45 24.02 121.70
N VAL J 140 10.38 24.00 122.66
CA VAL J 140 10.71 22.78 123.35
C VAL J 140 10.35 22.91 124.82
N TYR J 141 10.07 21.78 125.44
CA TYR J 141 9.61 21.72 126.82
C TYR J 141 10.54 20.86 127.66
N ARG J 142 10.62 21.19 128.94
CA ARG J 142 11.46 20.45 129.87
C ARG J 142 10.75 19.19 130.37
N ALA J 143 11.24 18.62 131.47
CA ALA J 143 10.74 17.34 131.94
C ALA J 143 9.29 17.43 132.41
N ASN J 144 8.97 18.40 133.26
CA ASN J 144 7.63 18.50 133.83
C ASN J 144 6.69 19.36 133.00
N GLY J 145 6.89 19.42 131.68
CA GLY J 145 5.95 20.02 130.78
C GLY J 145 6.11 21.52 130.56
N GLU J 146 6.86 22.20 131.42
CA GLU J 146 6.99 23.66 131.31
C GLU J 146 7.79 24.05 130.07
N LYS J 147 7.52 25.25 129.58
CA LYS J 147 8.23 25.75 128.40
C LYS J 147 9.68 26.11 128.75
N GLU J 148 10.60 25.63 127.92
CA GLU J 148 12.03 25.74 128.23
C GLU J 148 12.56 27.16 128.02
N LEU J 149 11.82 28.01 127.30
CA LEU J 149 12.07 29.42 126.94
C LEU J 149 13.13 29.51 125.84
N ARG J 150 13.58 28.38 125.31
CA ARG J 150 14.47 28.34 124.16
C ARG J 150 13.78 27.57 123.04
N ASN J 151 14.23 27.77 121.82
CA ASN J 151 13.70 27.07 120.66
C ASN J 151 14.81 26.24 120.04
N ARG J 152 14.53 24.97 119.77
CA ARG J 152 15.48 24.08 119.11
C ARG J 152 14.90 23.69 117.76
N TRP J 153 15.69 23.87 116.72
CA TRP J 153 15.24 23.59 115.36
C TRP J 153 15.04 22.10 115.14
N TYR J 154 14.27 21.74 114.12
CA TYR J 154 13.98 20.35 113.82
C TYR J 154 13.79 20.17 112.33
N TRP J 155 14.17 19.00 111.83
CA TRP J 155 13.96 18.66 110.43
C TRP J 155 12.53 18.20 110.22
N LYS J 156 11.78 18.91 109.39
CA LYS J 156 10.46 18.48 108.96
C LYS J 156 10.43 18.38 107.44
N LEU J 157 9.42 17.71 106.92
CA LEU J 157 9.29 17.59 105.47
C LEU J 157 8.87 18.91 104.84
N LYS J 158 9.57 19.27 103.77
CA LYS J 158 9.12 20.34 102.89
C LYS J 158 8.06 19.77 101.96
N ARG J 159 6.92 20.47 101.86
CA ARG J 159 5.71 20.10 101.12
C ARG J 159 5.28 18.64 101.35
N ASP J 160 4.92 18.34 102.59
CA ASP J 160 4.45 17.00 102.93
C ASP J 160 3.00 16.83 102.53
N THR J 161 2.76 16.03 101.49
CA THR J 161 1.40 15.60 101.13
C THR J 161 1.42 14.09 101.17
N LEU J 162 1.26 13.54 102.37
CA LEU J 162 1.29 12.10 102.57
C LEU J 162 -0.14 11.61 102.70
N PRO J 163 -0.65 10.85 101.75
CA PRO J 163 -2.06 10.44 101.82
C PRO J 163 -2.28 9.36 102.86
N ASP J 164 -3.53 9.21 103.27
CA ASP J 164 -3.89 8.15 104.20
C ASP J 164 -3.88 6.79 103.49
N GLY J 165 -3.86 5.74 104.28
CA GLY J 165 -3.89 4.41 103.73
C GLY J 165 -2.52 3.88 103.36
N ASP J 166 -2.30 2.59 103.55
CA ASP J 166 -0.97 2.04 103.35
C ASP J 166 -0.64 1.87 101.88
N TYR J 167 -1.65 1.74 101.02
CA TYR J 167 -1.38 1.58 99.61
C TYR J 167 -1.17 2.91 98.91
N ASP J 168 -1.79 3.98 99.40
CA ASP J 168 -1.58 5.27 98.79
C ASP J 168 -0.20 5.84 99.08
N VAL J 169 0.48 5.34 100.12
CA VAL J 169 1.84 5.77 100.39
C VAL J 169 2.80 5.14 99.39
N ARG J 170 2.62 3.84 99.10
CA ARG J 170 3.45 3.20 98.09
C ARG J 170 3.15 3.71 96.68
N GLU J 171 1.99 4.31 96.46
CA GLU J 171 1.72 5.00 95.22
C GLU J 171 2.26 6.43 95.23
N TYR J 172 2.66 6.93 96.40
CA TYR J 172 3.27 8.25 96.50
C TYR J 172 4.78 8.16 96.36
N PHE J 173 5.41 7.10 96.87
CA PHE J 173 6.84 6.95 96.71
C PHE J 173 7.23 6.45 95.34
N LEU J 174 6.28 6.07 94.50
CA LEU J 174 6.55 5.96 93.08
C LEU J 174 6.49 7.31 92.41
N ASN J 175 5.59 8.19 92.85
CA ASN J 175 5.50 9.52 92.27
C ASN J 175 6.68 10.39 92.66
N LEU J 176 7.31 10.12 93.80
CA LEU J 176 8.55 10.81 94.14
C LEU J 176 9.70 10.25 93.31
N TYR J 177 9.63 8.99 92.91
CA TYR J 177 10.66 8.40 92.09
C TYR J 177 10.63 8.96 90.67
N ASP J 178 9.45 9.33 90.18
CA ASP J 178 9.40 10.07 88.92
C ASP J 178 9.73 11.54 89.10
N GLN J 179 9.59 12.07 90.32
CA GLN J 179 9.96 13.45 90.57
C GLN J 179 11.46 13.62 90.55
N VAL J 180 12.20 12.62 91.03
CA VAL J 180 13.67 12.71 91.03
C VAL J 180 14.22 12.50 89.63
N LEU J 181 13.59 11.63 88.84
CA LEU J 181 14.08 11.35 87.48
C LEU J 181 13.95 12.56 86.56
N THR J 182 12.88 13.33 86.69
CA THR J 182 12.77 14.57 85.93
C THR J 182 13.40 15.74 86.65
N GLU J 183 14.26 15.49 87.64
CA GLU J 183 14.99 16.53 88.33
C GLU J 183 16.49 16.32 88.25
N MET J 184 16.96 15.09 88.04
CA MET J 184 18.39 14.82 88.12
C MET J 184 19.12 15.38 86.90
N PRO J 185 20.31 15.92 87.07
CA PRO J 185 20.99 16.58 85.96
C PRO J 185 21.92 15.66 85.19
N ASP J 186 22.25 16.09 83.98
CA ASP J 186 23.25 15.42 83.18
C ASP J 186 24.63 16.05 83.32
N TYR J 187 24.70 17.30 83.75
CA TYR J 187 25.96 17.91 84.17
C TYR J 187 25.65 19.01 85.17
N LEU J 188 26.56 19.17 86.13
CA LEU J 188 26.40 20.17 87.18
C LEU J 188 27.64 21.05 87.27
N LEU J 189 27.43 22.35 87.13
CA LEU J 189 28.45 23.35 87.45
C LEU J 189 28.01 24.03 88.74
N LEU J 190 28.87 24.04 89.73
CA LEU J 190 28.50 24.65 90.99
C LEU J 190 28.85 26.13 91.06
N LYS J 191 29.58 26.67 90.09
CA LYS J 191 29.80 28.11 90.07
C LYS J 191 28.58 28.87 89.58
N ASP J 192 27.66 28.19 88.89
CA ASP J 192 26.42 28.83 88.46
C ASP J 192 25.40 28.85 89.59
N MET J 193 25.39 27.81 90.39
CA MET J 193 24.52 27.68 91.56
C MET J 193 25.35 28.03 92.78
N ALA J 194 25.42 29.32 93.09
CA ALA J 194 26.17 29.80 94.24
C ALA J 194 25.65 31.16 94.61
N VAL J 195 25.53 31.42 95.91
CA VAL J 195 25.07 32.71 96.38
C VAL J 195 26.00 33.16 97.51
N GLU J 196 26.13 34.46 97.67
CA GLU J 196 27.11 35.01 98.60
C GLU J 196 26.66 34.84 100.04
N ASN J 197 27.51 34.27 100.86
CA ASN J 197 27.27 34.20 102.29
C ASN J 197 27.43 35.58 102.88
N LYS J 198 26.37 36.10 103.52
CA LYS J 198 26.34 37.49 103.91
C LYS J 198 27.26 37.79 105.09
N ASN J 199 27.50 36.78 105.93
CA ASN J 199 28.25 36.96 107.18
C ASN J 199 29.28 35.86 107.35
N SER J 200 30.48 36.10 106.82
CA SER J 200 31.58 35.14 106.89
C SER J 200 32.84 35.89 107.28
N ARG J 201 33.93 35.14 107.41
CA ARG J 201 35.23 35.75 107.66
C ARG J 201 35.67 36.54 106.43
N ASP J 202 35.86 35.86 105.32
CA ASP J 202 35.95 36.46 104.02
C ASP J 202 34.69 36.09 103.23
N ALA J 203 34.25 37.01 102.38
CA ALA J 203 32.94 36.86 101.77
C ALA J 203 32.94 35.76 100.72
N GLY J 204 32.76 34.52 101.18
CA GLY J 204 32.71 33.37 100.30
C GLY J 204 31.28 33.02 99.94
N LYS J 205 31.15 32.04 99.07
CA LYS J 205 29.86 31.63 98.56
C LYS J 205 29.53 30.21 99.01
N VAL J 206 28.39 30.04 99.66
CA VAL J 206 27.78 28.75 99.91
C VAL J 206 26.98 28.38 98.67
N VAL J 207 26.47 27.15 98.60
CA VAL J 207 26.11 26.58 97.31
C VAL J 207 24.67 26.86 96.88
N ASP J 208 23.77 27.24 97.79
CA ASP J 208 22.41 27.44 97.32
C ASP J 208 21.73 28.59 98.05
N SER J 209 20.67 29.10 97.43
CA SER J 209 19.94 30.22 98.01
C SER J 209 19.19 29.82 99.27
N GLU J 210 18.76 28.56 99.35
CA GLU J 210 18.18 28.08 100.60
C GLU J 210 19.25 27.79 101.64
N THR J 211 20.48 27.53 101.19
CA THR J 211 21.57 27.30 102.14
C THR J 211 21.97 28.59 102.85
N ALA J 212 21.98 29.71 102.13
CA ALA J 212 22.24 30.98 102.79
C ALA J 212 21.01 31.57 103.44
N ALA J 213 19.82 31.04 103.15
CA ALA J 213 18.63 31.45 103.88
C ALA J 213 18.55 30.78 105.24
N ILE J 214 19.22 29.65 105.42
CA ILE J 214 19.31 29.00 106.73
C ILE J 214 20.42 29.60 107.57
N CYS J 215 21.57 29.90 106.97
CA CYS J 215 22.66 30.53 107.71
C CYS J 215 22.32 31.94 108.14
N ASP J 216 21.46 32.64 107.40
CA ASP J 216 21.03 33.95 107.86
C ASP J 216 19.92 33.88 108.90
N ALA J 217 19.42 32.68 109.21
CA ALA J 217 18.48 32.52 110.30
C ALA J 217 19.17 32.07 111.59
N ILE J 218 20.15 31.18 111.49
CA ILE J 218 20.83 30.73 112.70
C ILE J 218 21.82 31.78 113.20
N PHE J 219 22.37 32.61 112.31
CA PHE J 219 23.28 33.64 112.77
C PHE J 219 22.55 34.76 113.50
N GLN J 220 21.34 35.08 113.08
CA GLN J 220 20.65 36.25 113.60
C GLN J 220 19.77 35.95 114.81
N ASP J 221 19.58 34.69 115.16
CA ASP J 221 18.72 34.36 116.30
C ASP J 221 19.41 34.70 117.61
N GLU J 222 18.65 35.30 118.53
CA GLU J 222 19.20 35.62 119.84
C GLU J 222 19.37 34.38 120.72
N GLU J 223 18.66 33.31 120.40
CA GLU J 223 18.67 32.10 121.22
C GLU J 223 19.72 31.09 120.80
N THR J 224 20.42 31.34 119.70
CA THR J 224 21.38 30.35 119.23
C THR J 224 22.66 30.41 120.07
N GLU J 225 23.47 29.37 119.94
CA GLU J 225 24.71 29.30 120.68
C GLU J 225 25.82 29.96 119.90
N GLY J 226 26.84 30.41 120.64
CA GLY J 226 27.95 31.09 120.00
C GLY J 226 28.87 30.20 119.22
N VAL J 227 28.76 28.88 119.35
CA VAL J 227 29.66 27.98 118.63
C VAL J 227 29.19 27.78 117.20
N VAL J 228 27.88 27.57 117.00
CA VAL J 228 27.37 27.48 115.63
C VAL J 228 27.25 28.84 114.98
N ARG J 229 27.42 29.92 115.73
CA ARG J 229 27.56 31.25 115.16
C ARG J 229 28.98 31.56 114.77
N ARG J 230 29.95 31.01 115.50
CA ARG J 230 31.36 31.08 115.12
C ARG J 230 31.66 30.18 113.93
N PHE J 231 30.85 29.15 113.72
CA PHE J 231 31.10 28.19 112.65
C PHE J 231 30.74 28.75 111.29
N ILE J 232 29.76 29.67 111.22
CA ILE J 232 29.35 30.20 109.92
C ILE J 232 30.42 31.13 109.36
N ALA J 233 31.17 31.80 110.24
CA ALA J 233 32.28 32.61 109.75
C ALA J 233 33.42 31.75 109.21
N GLU J 234 33.61 30.55 109.77
CA GLU J 234 34.61 29.60 109.29
C GLU J 234 34.04 28.75 108.14
N MET J 235 33.49 29.40 107.12
CA MET J 235 32.76 28.66 106.09
C MET J 235 32.81 29.45 104.78
N ARG J 236 33.55 28.92 103.81
CA ARG J 236 33.74 29.56 102.51
C ARG J 236 34.06 28.47 101.50
N GLN J 237 34.18 28.87 100.24
CA GLN J 237 34.55 27.90 99.23
C GLN J 237 36.07 27.82 99.13
N ARG J 238 36.56 26.72 98.58
CA ARG J 238 37.96 26.58 98.21
C ARG J 238 38.00 26.21 96.74
N VAL J 239 38.75 26.96 95.95
CA VAL J 239 38.77 26.79 94.50
C VAL J 239 40.17 26.41 94.07
N GLN J 240 40.27 25.37 93.25
CA GLN J 240 41.54 24.90 92.71
C GLN J 240 41.48 25.04 91.20
N ALA J 241 42.39 25.83 90.64
CA ALA J 241 42.31 26.16 89.22
C ALA J 241 43.03 25.17 88.33
N ASP J 242 44.07 24.51 88.83
CA ASP J 242 44.85 23.61 87.99
C ASP J 242 44.06 22.34 87.70
N ARG J 243 43.69 21.59 88.73
CA ARG J 243 42.66 20.57 88.62
C ARG J 243 41.33 21.27 88.92
N ASN J 244 40.54 21.53 87.88
CA ASN J 244 39.39 22.42 88.08
C ASN J 244 38.28 21.76 88.87
N VAL J 245 38.39 21.81 90.19
CA VAL J 245 37.31 21.47 91.10
C VAL J 245 37.11 22.62 92.07
N VAL J 246 35.91 22.73 92.60
CA VAL J 246 35.59 23.64 93.70
C VAL J 246 35.01 22.85 94.84
N ASN J 247 35.13 23.39 96.04
CA ASN J 247 34.58 22.78 97.24
C ASN J 247 33.66 23.80 97.88
N TYR J 248 32.37 23.73 97.57
CA TYR J 248 31.38 24.65 98.10
C TYR J 248 30.73 24.09 99.34
N PRO J 249 30.53 24.87 100.40
CA PRO J 249 29.85 24.36 101.59
C PRO J 249 28.36 24.20 101.35
N SER J 250 27.68 23.66 102.36
CA SER J 250 26.30 23.24 102.19
C SER J 250 25.63 23.07 103.54
N ILE J 251 24.30 22.99 103.50
CA ILE J 251 23.49 22.42 104.58
C ILE J 251 22.43 21.55 103.92
N LEU J 252 22.48 20.26 104.18
CA LEU J 252 21.48 19.33 103.67
C LEU J 252 21.13 18.33 104.74
N HIS J 253 19.93 17.75 104.62
CA HIS J 253 19.58 16.57 105.39
C HIS J 253 20.45 15.40 104.94
N PRO J 254 20.71 14.43 105.82
CA PRO J 254 21.43 13.23 105.40
C PRO J 254 20.73 12.41 104.33
N ILE J 255 19.40 12.43 104.27
CA ILE J 255 18.70 11.85 103.14
C ILE J 255 18.90 12.71 101.91
N ASP J 256 18.81 14.03 102.07
CA ASP J 256 19.05 14.97 101.00
C ASP J 256 20.48 14.90 100.48
N HIS J 257 21.44 14.64 101.36
CA HIS J 257 22.83 14.63 100.94
C HIS J 257 23.16 13.42 100.10
N ALA J 258 22.47 12.30 100.31
CA ALA J 258 22.68 11.13 99.46
C ALA J 258 22.10 11.34 98.07
N PHE J 259 21.10 12.22 97.95
CA PHE J 259 20.53 12.49 96.64
C PHE J 259 21.39 13.46 95.85
N ASN J 260 21.95 14.47 96.51
CA ASN J 260 22.71 15.48 95.78
C ASN J 260 24.15 15.09 95.55
N GLU J 261 24.76 14.33 96.46
CA GLU J 261 26.09 13.82 96.20
C GLU J 261 26.07 12.76 95.10
N TYR J 262 24.94 12.09 94.93
CA TYR J 262 24.83 11.15 93.82
C TYR J 262 24.70 11.87 92.49
N PHE J 263 24.09 13.05 92.46
CA PHE J 263 24.01 13.80 91.21
C PHE J 263 25.33 14.42 90.84
N LEU J 264 26.22 14.64 91.81
CA LEU J 264 27.52 15.24 91.57
C LEU J 264 28.61 14.21 91.29
N GLN J 265 28.39 12.95 91.63
CA GLN J 265 29.36 11.91 91.37
C GLN J 265 29.11 11.15 90.09
N HIS J 266 27.87 11.14 89.60
CA HIS J 266 27.49 10.32 88.44
C HIS J 266 26.89 11.26 87.40
N GLN J 267 27.73 11.78 86.52
CA GLN J 267 27.29 12.70 85.48
C GLN J 267 27.50 12.07 84.11
N LEU J 268 26.66 12.46 83.17
CA LEU J 268 26.76 11.96 81.80
C LEU J 268 27.59 12.88 80.92
N VAL J 269 28.79 13.25 81.34
CA VAL J 269 29.68 14.08 80.54
C VAL J 269 31.06 13.44 80.51
N GLU J 270 31.60 13.26 79.31
CA GLU J 270 32.92 12.73 79.08
C GLU J 270 33.75 13.75 78.33
N PRO J 271 35.06 13.82 78.58
CA PRO J 271 35.89 14.86 77.94
C PRO J 271 36.00 14.66 76.44
N LEU J 272 36.33 15.76 75.76
CA LEU J 272 36.24 15.84 74.32
C LEU J 272 37.45 16.57 73.76
N ASN J 273 38.00 16.01 72.69
CA ASN J 273 39.10 16.61 71.93
C ASN J 273 38.92 16.17 70.48
N ASN J 274 39.94 16.36 69.65
CA ASN J 274 39.77 16.09 68.23
C ASN J 274 39.78 14.60 67.91
N ASP J 275 40.32 13.77 68.77
CA ASP J 275 40.35 12.34 68.49
C ASP J 275 39.05 11.64 68.87
N ILE J 276 38.08 12.36 69.41
CA ILE J 276 36.77 11.81 69.72
C ILE J 276 35.70 12.35 68.77
N ILE J 277 35.94 13.50 68.13
CA ILE J 277 35.06 13.91 67.03
C ILE J 277 35.25 13.01 65.82
N PHE J 278 36.50 12.65 65.52
CA PHE J 278 36.76 11.79 64.37
C PHE J 278 36.31 10.35 64.61
N ASN J 279 36.31 9.89 65.86
CA ASN J 279 35.79 8.57 66.15
C ASN J 279 34.27 8.52 66.17
N TYR J 280 33.61 9.67 66.19
CA TYR J 280 32.15 9.69 66.08
C TYR J 280 31.71 9.30 64.67
N ILE J 281 32.53 9.59 63.67
CA ILE J 281 32.30 9.22 62.28
C ILE J 281 32.40 7.70 62.18
N PRO J 282 31.63 7.02 61.32
CA PRO J 282 31.78 5.58 61.18
C PRO J 282 33.14 5.16 60.64
N GLU J 283 33.45 3.87 60.84
CA GLU J 283 34.75 3.36 60.44
C GLU J 283 34.87 3.25 58.92
N ARG J 284 33.82 2.77 58.26
CA ARG J 284 33.89 2.54 56.82
C ARG J 284 33.93 3.84 56.02
N ILE J 285 33.48 4.95 56.62
CA ILE J 285 33.58 6.23 55.92
C ILE J 285 34.96 6.85 56.09
N ARG J 286 35.50 6.88 57.30
CA ARG J 286 36.78 7.54 57.48
C ARG J 286 37.95 6.65 57.10
N ASN J 287 37.72 5.40 56.73
CA ASN J 287 38.74 4.54 56.15
C ASN J 287 38.37 4.28 54.69
N ASP J 288 37.81 5.31 54.04
CA ASP J 288 37.46 5.26 52.64
C ASP J 288 38.27 6.30 51.88
N VAL J 289 38.54 6.00 50.61
CA VAL J 289 39.46 6.82 49.83
C VAL J 289 38.76 8.06 49.29
N ASN J 290 37.51 7.92 48.84
CA ASN J 290 36.83 8.98 48.12
C ASN J 290 36.45 10.17 49.01
N TYR J 291 36.31 9.97 50.31
CA TYR J 291 35.91 11.04 51.20
C TYR J 291 37.12 11.57 51.95
N ILE J 292 37.41 12.86 51.77
CA ILE J 292 38.49 13.54 52.49
C ILE J 292 37.86 14.31 53.63
N LEU J 293 38.38 14.11 54.85
CA LEU J 293 37.77 14.61 56.07
C LEU J 293 38.62 15.74 56.63
N ASN J 294 38.00 16.89 56.81
CA ASN J 294 38.71 18.11 57.17
C ASN J 294 37.97 18.78 58.31
N MET J 295 38.68 19.04 59.40
CA MET J 295 38.11 19.76 60.53
C MET J 295 38.94 21.00 60.81
N ASP J 296 38.29 22.02 61.35
CA ASP J 296 38.86 23.36 61.39
C ASP J 296 39.43 23.73 62.75
N ARG J 297 38.61 23.70 63.79
CA ARG J 297 39.01 24.18 65.10
C ARG J 297 39.33 23.01 66.02
N ASN J 298 40.39 23.16 66.80
CA ASN J 298 40.70 22.20 67.85
C ASN J 298 40.14 22.69 69.17
N LEU J 299 39.48 21.85 69.84
CA LEU J 299 38.68 22.13 71.02
C LEU J 299 39.57 22.19 72.26
N PRO J 300 39.17 22.91 73.31
CA PRO J 300 40.02 22.96 74.51
C PRO J 300 39.96 21.68 75.33
N SER J 301 40.69 21.62 76.43
CA SER J 301 40.64 20.48 77.32
C SER J 301 39.48 20.54 78.29
N THR J 302 38.68 21.61 78.26
CA THR J 302 37.55 21.80 79.16
C THR J 302 36.22 21.67 78.45
N ALA J 303 36.19 21.00 77.30
CA ALA J 303 34.95 20.76 76.57
C ALA J 303 34.52 19.32 76.75
N ARG J 304 33.26 19.11 77.09
CA ARG J 304 32.72 17.78 77.32
C ARG J 304 31.56 17.53 76.35
N TYR J 305 31.26 16.27 76.13
CA TYR J 305 30.14 15.87 75.28
C TYR J 305 29.40 14.73 75.95
N ILE J 306 28.16 14.52 75.54
CA ILE J 306 27.27 13.53 76.16
C ILE J 306 27.08 12.39 75.19
N ARG J 307 27.66 11.25 75.50
CA ARG J 307 27.68 10.13 74.56
C ARG J 307 26.35 9.40 74.61
N PRO J 308 25.69 9.19 73.47
CA PRO J 308 24.44 8.44 73.49
C PRO J 308 24.71 6.95 73.66
N ASN J 309 23.78 6.27 74.31
CA ASN J 309 23.88 4.82 74.46
C ASN J 309 23.30 4.14 73.22
N LEU J 310 24.19 3.59 72.40
CA LEU J 310 23.81 2.86 71.21
C LEU J 310 24.07 1.39 71.50
N LEU J 311 23.12 0.75 72.17
CA LEU J 311 23.15 -0.68 72.37
C LEU J 311 21.91 -1.27 71.72
N GLN J 312 22.06 -2.43 71.08
CA GLN J 312 21.10 -2.93 70.12
C GLN J 312 19.78 -3.31 70.80
N ASP J 313 18.73 -3.41 69.99
CA ASP J 313 17.35 -3.46 70.45
C ASP J 313 17.04 -4.66 71.34
N ARG J 314 16.77 -4.38 72.61
CA ARG J 314 16.64 -5.42 73.62
C ARG J 314 15.26 -6.05 73.66
N LEU J 315 14.27 -5.48 73.00
CA LEU J 315 12.93 -6.05 73.01
C LEU J 315 12.74 -7.13 71.96
N ASN J 316 13.61 -7.17 70.95
CA ASN J 316 13.47 -7.98 69.75
C ASN J 316 12.10 -7.73 69.10
N LEU J 317 11.93 -6.50 68.62
CA LEU J 317 10.66 -6.12 67.99
C LEU J 317 10.47 -6.77 66.62
N HIS J 318 11.47 -7.45 66.07
CA HIS J 318 11.27 -8.25 64.87
C HIS J 318 10.84 -9.68 65.19
N ASP J 319 10.89 -10.07 66.45
CA ASP J 319 10.61 -11.44 66.86
C ASP J 319 9.19 -11.50 67.37
N ASN J 320 8.29 -12.05 66.54
CA ASN J 320 6.86 -12.24 66.88
C ASN J 320 6.14 -10.90 67.10
N PHE J 321 6.59 -9.84 66.42
CA PHE J 321 5.91 -8.51 66.51
C PHE J 321 5.76 -7.97 65.09
N GLU J 322 4.95 -8.65 64.27
CA GLU J 322 4.78 -8.26 62.85
C GLU J 322 4.15 -6.87 62.73
N SER J 323 3.13 -6.57 63.54
CA SER J 323 2.46 -5.24 63.42
C SER J 323 3.44 -4.10 63.75
N LEU J 324 4.18 -4.23 64.84
CA LEU J 324 5.15 -3.16 65.25
C LEU J 324 6.31 -3.08 64.27
N TRP J 325 6.87 -4.21 63.84
CA TRP J 325 8.03 -4.21 62.92
C TRP J 325 7.64 -3.60 61.57
N ASP J 326 6.46 -3.97 61.05
CA ASP J 326 6.02 -3.46 59.76
C ASP J 326 6.12 -1.95 59.70
N THR J 327 5.84 -1.26 60.80
CA THR J 327 5.86 0.20 60.83
C THR J 327 7.09 0.78 61.49
N ILE J 328 8.08 -0.05 61.83
CA ILE J 328 9.39 0.45 62.23
C ILE J 328 10.41 0.21 61.13
N THR J 329 10.06 -0.56 60.10
CA THR J 329 10.91 -0.70 58.94
C THR J 329 10.37 0.00 57.70
N THR J 330 9.11 0.43 57.71
CA THR J 330 8.71 1.47 56.76
C THR J 330 9.05 2.84 57.29
N SER J 331 9.41 2.93 58.56
CA SER J 331 10.05 4.11 59.10
C SER J 331 11.47 4.27 58.58
N ASN J 332 12.16 3.16 58.34
CA ASN J 332 13.53 3.17 57.86
C ASN J 332 13.64 3.03 56.36
N TYR J 333 12.57 2.63 55.68
CA TYR J 333 12.63 2.55 54.22
C TYR J 333 12.40 3.91 53.59
N ILE J 334 11.48 4.69 54.15
CA ILE J 334 11.17 6.00 53.59
C ILE J 334 12.31 6.97 53.84
N LEU J 335 12.98 6.84 54.98
CA LEU J 335 14.14 7.69 55.26
C LEU J 335 15.31 7.33 54.36
N ALA J 336 15.55 6.04 54.13
CA ALA J 336 16.66 5.64 53.27
C ALA J 336 16.37 5.86 51.80
N ARG J 337 15.11 6.10 51.42
CA ARG J 337 14.79 6.43 50.03
C ARG J 337 15.13 7.88 49.72
N SER J 338 15.00 8.77 50.68
CA SER J 338 15.30 10.18 50.48
C SER J 338 16.78 10.51 50.68
N VAL J 339 17.63 9.51 50.90
CA VAL J 339 19.05 9.73 51.13
C VAL J 339 19.89 9.18 49.98
N VAL J 340 19.52 8.01 49.46
CA VAL J 340 20.22 7.38 48.32
C VAL J 340 20.17 8.29 47.11
N PRO J 341 21.30 8.62 46.50
CA PRO J 341 21.34 9.74 45.56
C PRO J 341 20.76 9.38 44.20
N ASP J 342 20.30 10.41 43.50
CA ASP J 342 19.70 10.23 42.20
C ASP J 342 20.76 10.24 41.11
N LEU J 343 20.46 9.55 40.02
CA LEU J 343 21.40 9.39 38.92
C LEU J 343 21.50 10.68 38.11
N LYS J 344 22.69 10.93 37.58
CA LYS J 344 22.94 12.09 36.75
C LYS J 344 23.63 11.65 35.47
N GLU J 345 23.46 12.46 34.42
CA GLU J 345 24.01 12.24 33.08
C GLU J 345 23.59 10.88 32.52
N LEU J 346 22.29 10.61 32.56
CA LEU J 346 21.75 9.42 31.93
C LEU J 346 21.85 9.54 30.41
N VAL J 347 21.79 8.39 29.74
CA VAL J 347 21.56 8.38 28.30
C VAL J 347 20.14 8.88 28.08
N SER J 348 19.97 9.75 27.09
CA SER J 348 18.71 10.46 26.91
C SER J 348 17.62 9.51 26.44
N THR J 349 16.45 9.60 27.08
CA THR J 349 15.34 8.71 26.74
C THR J 349 14.74 9.00 25.37
N GLU J 350 15.03 10.17 24.78
CA GLU J 350 14.65 10.38 23.39
C GLU J 350 15.61 9.66 22.46
N ALA J 351 16.90 9.64 22.80
CA ALA J 351 17.92 9.04 21.97
C ALA J 351 18.21 7.59 22.34
N GLN J 352 17.38 6.97 23.17
CA GLN J 352 17.54 5.58 23.53
C GLN J 352 16.44 4.70 22.96
N ILE J 353 15.19 5.12 23.04
CA ILE J 353 14.11 4.41 22.35
C ILE J 353 14.28 4.54 20.85
N GLN J 354 14.81 5.68 20.40
CA GLN J 354 15.21 5.85 19.01
C GLN J 354 16.32 4.88 18.61
N LYS J 355 17.20 4.52 19.55
CA LYS J 355 18.20 3.50 19.26
C LYS J 355 17.69 2.10 19.51
N MET J 356 16.75 1.94 20.44
CA MET J 356 16.20 0.62 20.70
C MET J 356 15.29 0.17 19.58
N SER J 357 14.59 1.10 18.94
CA SER J 357 13.63 0.72 17.92
C SER J 357 14.28 0.37 16.58
N GLN J 358 15.59 0.47 16.46
CA GLN J 358 16.28 -0.05 15.28
C GLN J 358 16.90 -1.41 15.52
N ASP J 359 17.31 -1.71 16.74
CA ASP J 359 17.77 -3.06 17.05
C ASP J 359 16.62 -4.03 17.18
N LEU J 360 15.39 -3.54 17.31
CA LEU J 360 14.23 -4.41 17.36
C LEU J 360 13.63 -4.66 15.97
N GLN J 361 13.83 -3.74 15.04
CA GLN J 361 13.20 -3.74 13.71
C GLN J 361 11.69 -3.83 13.84
N LEU J 362 11.10 -2.83 14.50
CA LEU J 362 9.65 -2.77 14.63
C LEU J 362 9.02 -2.55 13.27
N GLU J 363 8.02 -3.35 12.95
CA GLU J 363 7.40 -3.34 11.64
C GLU J 363 5.96 -2.90 11.80
N ALA J 364 5.59 -1.80 11.15
CA ALA J 364 4.19 -1.42 11.11
C ALA J 364 3.42 -2.44 10.27
N LEU J 365 2.09 -2.46 10.48
CA LEU J 365 1.17 -3.44 9.89
C LEU J 365 1.56 -4.88 10.22
N THR J 366 2.11 -5.10 11.40
CA THR J 366 2.40 -6.45 11.87
C THR J 366 2.42 -6.41 13.39
N ILE J 367 1.56 -7.19 14.03
CA ILE J 367 1.46 -7.19 15.48
C ILE J 367 2.55 -8.10 16.01
N GLN J 368 3.64 -7.52 16.48
CA GLN J 368 4.76 -8.27 17.03
C GLN J 368 4.71 -8.22 18.55
N SER J 369 5.46 -9.12 19.17
CA SER J 369 5.67 -9.08 20.60
C SER J 369 6.87 -8.23 20.97
N GLU J 370 7.39 -7.45 20.03
CA GLU J 370 8.53 -6.57 20.23
C GLU J 370 8.13 -5.11 20.37
N THR J 371 6.88 -4.78 20.11
CA THR J 371 6.42 -3.41 20.31
C THR J 371 6.19 -3.08 21.77
N GLN J 372 6.25 -4.06 22.66
CA GLN J 372 6.04 -3.86 24.08
C GLN J 372 7.33 -3.80 24.86
N PHE J 373 8.48 -3.84 24.19
CA PHE J 373 9.74 -3.69 24.90
C PHE J 373 10.00 -2.23 25.26
N LEU J 374 9.27 -1.30 24.65
CA LEU J 374 9.48 0.13 24.87
C LEU J 374 8.49 0.72 25.87
N THR J 375 7.85 -0.10 26.68
CA THR J 375 6.95 0.44 27.69
C THR J 375 7.74 0.87 28.91
N GLY J 376 7.37 2.01 29.46
CA GLY J 376 7.93 2.45 30.73
C GLY J 376 9.40 2.79 30.71
N ILE J 377 9.97 3.10 29.56
CA ILE J 377 11.36 3.52 29.47
C ILE J 377 11.39 5.04 29.51
N ASN J 378 11.76 5.58 30.66
CA ASN J 378 11.89 7.02 30.85
C ASN J 378 12.83 7.28 32.01
N SER J 379 13.26 8.52 32.14
CA SER J 379 14.26 8.90 33.14
C SER J 379 13.67 9.09 34.52
N GLN J 380 12.36 8.91 34.70
CA GLN J 380 11.73 9.03 36.00
C GLN J 380 11.60 7.70 36.72
N ALA J 381 11.48 6.61 35.96
CA ALA J 381 11.53 5.27 36.53
C ALA J 381 12.94 4.69 36.53
N ALA J 382 13.94 5.49 36.19
CA ALA J 382 15.33 5.09 36.43
C ALA J 382 15.74 5.42 37.85
N ASN J 383 15.47 6.65 38.29
CA ASN J 383 15.71 7.06 39.66
C ASN J 383 14.66 6.56 40.64
N ASP J 384 13.69 5.78 40.19
CA ASP J 384 12.75 5.14 41.09
C ASP J 384 13.04 3.67 41.28
N CYS J 385 13.95 3.10 40.47
CA CYS J 385 14.38 1.73 40.65
C CYS J 385 15.79 1.64 41.19
N PHE J 386 16.58 2.70 41.05
CA PHE J 386 17.85 2.77 41.76
C PHE J 386 17.62 2.97 43.24
N LYS J 387 16.51 3.58 43.62
CA LYS J 387 16.24 3.86 45.02
C LYS J 387 15.52 2.71 45.71
N THR J 388 14.57 2.08 45.03
CA THR J 388 13.86 0.95 45.63
C THR J 388 14.77 -0.25 45.81
N LEU J 389 15.79 -0.38 44.97
CA LEU J 389 16.74 -1.46 45.14
C LEU J 389 17.71 -1.22 46.28
N ILE J 390 17.97 0.03 46.63
CA ILE J 390 18.91 0.36 47.69
C ILE J 390 18.21 0.60 49.01
N ALA J 391 17.10 1.35 49.00
CA ALA J 391 16.42 1.66 50.25
C ALA J 391 15.68 0.48 50.83
N ALA J 392 15.36 -0.52 50.03
CA ALA J 392 14.86 -1.74 50.63
C ALA J 392 15.98 -2.58 51.22
N MET J 393 17.19 -2.48 50.67
CA MET J 393 18.31 -3.25 51.20
C MET J 393 18.81 -2.67 52.51
N LEU J 394 18.81 -1.35 52.64
CA LEU J 394 19.26 -0.69 53.86
C LEU J 394 18.23 -0.73 54.97
N SER J 395 17.05 -1.28 54.73
CA SER J 395 16.03 -1.37 55.75
C SER J 395 15.48 -2.77 55.94
N GLN J 396 15.80 -3.71 55.05
CA GLN J 396 15.22 -5.05 54.97
C GLN J 396 13.70 -4.99 54.85
N ARG J 397 13.23 -4.24 53.86
CA ARG J 397 11.84 -4.20 53.49
C ARG J 397 11.64 -5.13 52.29
N THR J 398 10.82 -6.15 52.44
CA THR J 398 10.69 -7.18 51.42
C THR J 398 9.92 -6.63 50.23
N MET J 399 10.55 -6.67 49.05
CA MET J 399 9.88 -6.19 47.86
C MET J 399 8.93 -7.22 47.29
N SER J 400 8.15 -6.80 46.32
CA SER J 400 7.32 -7.68 45.52
C SER J 400 7.29 -7.13 44.10
N LEU J 401 7.44 -8.01 43.12
CA LEU J 401 7.53 -7.58 41.73
C LEU J 401 6.14 -7.43 41.13
N ASP J 402 6.02 -6.53 40.16
CA ASP J 402 4.77 -6.32 39.44
C ASP J 402 5.11 -6.19 37.96
N PHE J 403 4.77 -7.22 37.19
CA PHE J 403 5.11 -7.26 35.77
C PHE J 403 3.97 -7.91 35.01
N VAL J 404 4.06 -7.84 33.69
CA VAL J 404 3.15 -8.55 32.82
C VAL J 404 3.93 -9.65 32.11
N THR J 405 3.25 -10.75 31.82
CA THR J 405 3.92 -11.91 31.27
C THR J 405 4.27 -11.71 29.80
N THR J 406 3.47 -10.94 29.07
CA THR J 406 3.65 -10.76 27.64
C THR J 406 4.69 -9.70 27.28
N ASN J 407 5.60 -9.37 28.17
CA ASN J 407 6.65 -8.38 27.91
C ASN J 407 7.98 -9.11 28.07
N TYR J 408 8.58 -9.53 26.97
CA TYR J 408 9.77 -10.39 27.07
C TYR J 408 11.04 -9.62 27.40
N MET J 409 11.01 -8.29 27.51
CA MET J 409 12.17 -7.56 27.99
C MET J 409 12.14 -7.41 29.51
N SER J 410 10.96 -7.26 30.10
CA SER J 410 10.86 -7.24 31.54
C SER J 410 11.08 -8.61 32.16
N LEU J 411 11.12 -9.67 31.36
CA LEU J 411 11.54 -10.98 31.83
C LEU J 411 13.05 -11.16 31.73
N ILE J 412 13.71 -10.47 30.81
CA ILE J 412 15.17 -10.53 30.72
C ILE J 412 15.79 -9.49 31.65
N SER J 413 15.11 -8.37 31.90
CA SER J 413 15.54 -7.50 32.99
C SER J 413 15.32 -8.17 34.34
N GLY J 414 14.35 -9.07 34.44
CA GLY J 414 14.20 -9.87 35.63
C GLY J 414 15.28 -10.93 35.79
N MET J 415 16.04 -11.22 34.74
CA MET J 415 17.21 -12.07 34.88
C MET J 415 18.37 -11.35 35.53
N TRP J 416 18.30 -10.04 35.67
CA TRP J 416 19.35 -9.26 36.29
C TRP J 416 19.06 -8.89 37.74
N LEU J 417 17.79 -8.80 38.14
CA LEU J 417 17.48 -8.57 39.55
C LEU J 417 17.84 -9.77 40.41
N LEU J 418 17.42 -10.96 39.98
CA LEU J 418 17.60 -12.14 40.81
C LEU J 418 19.07 -12.53 40.95
N THR J 419 19.91 -12.10 40.02
CA THR J 419 21.33 -12.40 40.12
C THR J 419 22.10 -11.34 40.89
N VAL J 420 21.51 -10.18 41.15
CA VAL J 420 22.16 -9.12 41.94
C VAL J 420 21.53 -9.01 43.32
N VAL J 421 20.24 -8.71 43.38
CA VAL J 421 19.51 -8.69 44.65
C VAL J 421 19.31 -10.12 45.12
N PRO J 422 19.62 -10.45 46.38
CA PRO J 422 19.43 -11.82 46.86
C PRO J 422 17.97 -12.21 46.93
N ASN J 423 17.71 -13.49 46.63
CA ASN J 423 16.35 -13.99 46.47
C ASN J 423 15.58 -14.13 47.77
N ASP J 424 16.22 -13.97 48.92
CA ASP J 424 15.52 -14.04 50.20
C ASP J 424 14.84 -12.74 50.56
N MET J 425 14.63 -11.87 49.58
CA MET J 425 14.17 -10.51 49.77
C MET J 425 12.87 -10.22 49.05
N PHE J 426 12.68 -10.70 47.83
CA PHE J 426 11.37 -10.60 47.21
C PHE J 426 10.43 -11.58 47.88
N ILE J 427 9.14 -11.26 47.86
CA ILE J 427 8.17 -12.13 48.49
C ILE J 427 7.95 -13.35 47.60
N ARG J 428 7.69 -14.48 48.23
CA ARG J 428 7.76 -15.75 47.50
C ARG J 428 6.57 -15.99 46.59
N GLU J 429 5.43 -15.38 46.86
CA GLU J 429 4.31 -15.47 45.93
C GLU J 429 4.56 -14.68 44.65
N SER J 430 5.56 -13.80 44.63
CA SER J 430 5.94 -13.03 43.46
C SER J 430 7.34 -13.31 42.94
N LEU J 431 8.19 -13.96 43.73
CA LEU J 431 9.47 -14.43 43.23
C LEU J 431 9.31 -15.71 42.42
N VAL J 432 8.43 -16.60 42.87
CA VAL J 432 8.15 -17.83 42.14
C VAL J 432 7.47 -17.52 40.81
N ALA J 433 6.52 -16.59 40.82
CA ALA J 433 5.80 -16.25 39.59
C ALA J 433 6.65 -15.46 38.60
N CYS J 434 7.82 -14.99 39.00
CA CYS J 434 8.79 -14.39 38.10
C CYS J 434 9.85 -15.37 37.63
N GLN J 435 10.31 -16.25 38.51
CA GLN J 435 11.24 -17.29 38.09
C GLN J 435 10.55 -18.33 37.22
N LEU J 436 9.24 -18.49 37.36
CA LEU J 436 8.52 -19.38 36.45
C LEU J 436 8.42 -18.77 35.07
N ALA J 437 8.22 -17.46 34.98
CA ALA J 437 8.02 -16.84 33.68
C ALA J 437 9.33 -16.74 32.90
N ILE J 438 10.48 -16.78 33.58
CA ILE J 438 11.74 -16.84 32.85
C ILE J 438 11.98 -18.25 32.33
N ILE J 439 11.60 -19.26 33.12
CA ILE J 439 11.87 -20.64 32.75
C ILE J 439 10.95 -21.07 31.62
N ASN J 440 9.67 -20.75 31.70
CA ASN J 440 8.72 -21.17 30.69
C ASN J 440 8.80 -20.39 29.39
N THR J 441 9.54 -19.29 29.35
CA THR J 441 9.59 -18.45 28.16
C THR J 441 11.00 -18.32 27.60
N ILE J 442 11.98 -18.01 28.43
CA ILE J 442 13.33 -17.72 27.95
C ILE J 442 14.20 -18.97 27.90
N ILE J 443 14.20 -19.78 28.96
CA ILE J 443 15.22 -20.82 29.10
C ILE J 443 14.76 -22.15 28.51
N TYR J 444 13.59 -22.66 28.90
CA TYR J 444 13.15 -23.96 28.37
C TYR J 444 12.75 -24.00 26.89
N PRO J 445 12.25 -22.94 26.26
CA PRO J 445 12.20 -22.96 24.79
C PRO J 445 13.57 -22.92 24.12
N ALA J 446 14.61 -22.47 24.82
CA ALA J 446 15.91 -22.33 24.16
C ALA J 446 16.56 -23.68 23.92
N PHE J 447 16.52 -24.56 24.91
CA PHE J 447 17.13 -25.87 24.75
C PHE J 447 16.15 -26.91 24.26
N GLY J 448 14.93 -26.50 23.93
CA GLY J 448 13.96 -27.42 23.38
C GLY J 448 13.33 -28.36 24.39
N MET J 449 13.46 -28.09 25.68
CA MET J 449 12.82 -28.93 26.67
C MET J 449 11.33 -28.62 26.72
N GLN J 450 10.58 -29.57 27.26
CA GLN J 450 9.16 -29.38 27.51
C GLN J 450 8.99 -28.31 28.59
N ARG J 451 7.98 -27.46 28.42
CA ARG J 451 7.77 -26.34 29.32
C ARG J 451 7.41 -26.82 30.71
N MET J 452 7.67 -25.97 31.70
CA MET J 452 7.69 -26.41 33.09
C MET J 452 6.28 -26.65 33.60
N HIS J 453 6.07 -27.81 34.17
CA HIS J 453 4.79 -28.19 34.77
C HIS J 453 4.95 -27.95 36.27
N TYR J 454 4.68 -26.72 36.69
CA TYR J 454 4.92 -26.28 38.06
C TYR J 454 3.58 -26.13 38.77
N ARG J 455 3.41 -26.87 39.86
CA ARG J 455 2.20 -26.80 40.66
C ARG J 455 2.36 -25.68 41.68
N ASN J 456 1.22 -25.12 42.10
CA ASN J 456 1.25 -24.02 43.05
C ASN J 456 1.59 -24.54 44.43
N GLY J 457 2.59 -23.94 45.07
CA GLY J 457 3.00 -24.33 46.39
C GLY J 457 4.05 -25.42 46.44
N ASP J 458 4.72 -25.69 45.33
CA ASP J 458 5.84 -26.61 45.33
C ASP J 458 6.96 -26.06 46.20
N PRO J 459 7.57 -26.88 47.07
CA PRO J 459 8.60 -26.34 47.99
C PRO J 459 9.89 -25.90 47.32
N GLN J 460 10.12 -26.27 46.06
CA GLN J 460 11.29 -25.83 45.33
C GLN J 460 10.90 -24.74 44.34
N THR J 461 11.67 -23.66 44.30
CA THR J 461 11.45 -22.60 43.34
C THR J 461 11.83 -23.09 41.94
N PRO J 462 11.25 -22.50 40.88
CA PRO J 462 11.51 -23.02 39.53
C PRO J 462 12.93 -22.84 39.02
N PHE J 463 13.73 -21.95 39.60
CA PHE J 463 15.15 -22.02 39.28
C PHE J 463 15.80 -23.18 40.01
N GLN J 464 15.30 -23.53 41.18
CA GLN J 464 15.92 -24.58 41.97
C GLN J 464 15.56 -25.96 41.45
N ILE J 465 14.53 -26.05 40.62
CA ILE J 465 14.24 -27.26 39.85
C ILE J 465 15.06 -27.32 38.58
N ALA J 466 15.12 -26.19 37.85
CA ALA J 466 15.66 -26.17 36.50
C ALA J 466 17.17 -26.11 36.44
N GLU J 467 17.90 -26.27 37.54
CA GLU J 467 19.32 -26.55 37.42
C GLU J 467 19.61 -28.04 37.47
N GLN J 468 18.67 -28.85 37.95
CA GLN J 468 18.81 -30.30 37.95
C GLN J 468 18.17 -30.94 36.74
N GLN J 469 17.37 -30.18 36.00
CA GLN J 469 16.67 -30.68 34.83
C GLN J 469 17.31 -30.21 33.55
N ILE J 470 18.33 -29.35 33.64
CA ILE J 470 19.01 -28.81 32.47
C ILE J 470 20.39 -29.44 32.42
N GLN J 471 20.96 -29.50 31.21
CA GLN J 471 22.26 -30.14 31.03
C GLN J 471 23.35 -29.22 30.54
N ASN J 472 23.04 -27.96 30.23
CA ASN J 472 24.06 -27.03 29.81
C ASN J 472 24.95 -26.66 30.99
N PHE J 473 26.11 -26.09 30.70
CA PHE J 473 27.02 -25.67 31.75
C PHE J 473 27.08 -24.17 31.95
N GLN J 474 27.00 -23.37 30.88
CA GLN J 474 27.08 -21.93 31.04
C GLN J 474 25.81 -21.36 31.68
N VAL J 475 24.67 -22.04 31.50
CA VAL J 475 23.40 -21.52 32.01
C VAL J 475 22.92 -22.28 33.24
N ALA J 476 23.53 -23.41 33.57
CA ALA J 476 23.31 -23.99 34.89
C ALA J 476 24.31 -23.47 35.90
N ASN J 477 25.33 -22.77 35.46
CA ASN J 477 26.22 -22.09 36.39
C ASN J 477 25.61 -20.81 36.90
N TRP J 478 24.93 -20.06 36.02
CA TRP J 478 24.22 -18.87 36.47
C TRP J 478 23.01 -19.24 37.30
N LEU J 479 22.28 -20.27 36.88
CA LEU J 479 21.10 -20.72 37.60
C LEU J 479 21.42 -21.33 38.95
N HIS J 480 22.67 -21.69 39.19
CA HIS J 480 23.07 -22.14 40.52
C HIS J 480 23.44 -20.98 41.41
N PHE J 481 23.89 -19.87 40.82
CA PHE J 481 24.20 -18.71 41.63
C PHE J 481 22.94 -18.06 42.18
N VAL J 482 21.87 -18.03 41.38
CA VAL J 482 20.63 -17.39 41.80
C VAL J 482 19.96 -18.17 42.92
N ASN J 483 20.11 -19.50 42.95
CA ASN J 483 19.57 -20.26 44.07
C ASN J 483 20.38 -20.05 45.34
N ASN J 484 21.67 -19.78 45.22
CA ASN J 484 22.54 -19.62 46.37
C ASN J 484 23.00 -18.18 46.55
N ASN J 485 22.18 -17.23 46.13
CA ASN J 485 22.48 -15.82 46.25
C ASN J 485 21.89 -15.34 47.56
N GLN J 486 22.72 -15.20 48.58
CA GLN J 486 22.24 -14.78 49.89
C GLN J 486 23.09 -13.65 50.43
N PHE J 487 22.56 -12.97 51.43
CA PHE J 487 23.35 -12.05 52.22
C PHE J 487 24.28 -12.84 53.13
N ARG J 488 25.24 -12.15 53.72
CA ARG J 488 26.18 -12.78 54.66
C ARG J 488 26.16 -11.96 55.94
N GLN J 489 25.46 -12.46 56.96
CA GLN J 489 25.25 -11.68 58.17
C GLN J 489 26.51 -11.58 59.00
N VAL J 490 27.27 -10.53 58.79
CA VAL J 490 28.52 -10.32 59.51
C VAL J 490 28.33 -9.15 60.47
N VAL J 491 29.07 -9.17 61.57
CA VAL J 491 28.99 -8.13 62.59
C VAL J 491 30.10 -7.15 62.34
N ILE J 492 29.76 -5.91 62.01
CA ILE J 492 30.72 -4.87 61.69
C ILE J 492 30.53 -3.72 62.66
N ASP J 493 31.58 -3.39 63.42
CA ASP J 493 31.59 -2.30 64.40
C ASP J 493 30.50 -2.44 65.46
N GLY J 494 30.16 -3.67 65.82
CA GLY J 494 29.17 -3.89 66.86
C GLY J 494 27.74 -3.94 66.40
N VAL J 495 27.45 -3.59 65.15
CA VAL J 495 26.11 -3.68 64.61
C VAL J 495 26.09 -4.71 63.50
N LEU J 496 25.20 -5.67 63.60
CA LEU J 496 25.08 -6.70 62.57
C LEU J 496 24.45 -6.12 61.33
N ASN J 497 25.21 -6.04 60.25
CA ASN J 497 24.67 -5.58 58.98
C ASN J 497 25.03 -6.57 57.89
N GLN J 498 24.22 -6.60 56.85
CA GLN J 498 24.20 -7.72 55.91
C GLN J 498 24.83 -7.31 54.59
N VAL J 499 26.09 -7.68 54.42
CA VAL J 499 26.81 -7.37 53.20
C VAL J 499 26.38 -8.31 52.09
N LEU J 500 26.55 -7.84 50.86
CA LEU J 500 26.26 -8.64 49.68
C LEU J 500 27.36 -9.67 49.48
N ASN J 501 27.14 -10.57 48.52
CA ASN J 501 28.17 -11.53 48.16
C ASN J 501 29.33 -10.81 47.50
N ASP J 502 30.51 -11.38 47.61
CA ASP J 502 31.72 -10.69 47.19
C ASP J 502 31.82 -10.56 45.68
N ASN J 503 31.15 -11.42 44.93
CA ASN J 503 31.19 -11.29 43.47
C ASN J 503 30.19 -10.27 42.97
N ILE J 504 29.20 -9.86 43.78
CA ILE J 504 28.27 -8.84 43.33
C ILE J 504 28.84 -7.46 43.57
N ARG J 505 29.72 -7.28 44.56
CA ARG J 505 30.44 -6.02 44.69
C ARG J 505 31.40 -5.82 43.54
N ASN J 506 32.00 -6.90 43.04
CA ASN J 506 33.00 -6.81 41.99
C ASN J 506 32.37 -6.42 40.66
N GLY J 507 31.27 -7.07 40.32
CA GLY J 507 30.71 -6.97 38.99
C GLY J 507 30.79 -8.26 38.21
N HIS J 508 31.64 -9.20 38.62
CA HIS J 508 31.84 -10.45 37.90
C HIS J 508 30.65 -11.39 37.98
N VAL J 509 29.59 -11.02 38.71
CA VAL J 509 28.33 -11.73 38.61
C VAL J 509 27.71 -11.56 37.24
N VAL J 510 27.78 -10.34 36.69
CA VAL J 510 27.23 -10.07 35.36
C VAL J 510 28.01 -10.83 34.29
N ASN J 511 29.32 -11.01 34.48
CA ASN J 511 30.08 -11.85 33.57
C ASN J 511 29.75 -13.32 33.69
N GLN J 512 29.01 -13.75 34.72
CA GLN J 512 28.38 -15.06 34.71
C GLN J 512 27.01 -15.02 34.04
N LEU J 513 26.36 -13.87 34.05
CA LEU J 513 25.05 -13.73 33.44
C LEU J 513 25.17 -13.54 31.94
N MET J 514 26.08 -12.66 31.51
CA MET J 514 26.23 -12.37 30.10
C MET J 514 26.99 -13.44 29.34
N GLU J 515 27.37 -14.54 30.00
CA GLU J 515 27.72 -15.76 29.32
C GLU J 515 26.60 -16.79 29.36
N ALA J 516 25.65 -16.64 30.27
CA ALA J 516 24.48 -17.50 30.25
C ALA J 516 23.57 -17.13 29.11
N LEU J 517 23.15 -15.87 29.02
CA LEU J 517 22.26 -15.44 27.96
C LEU J 517 23.01 -15.02 26.70
N MET J 518 24.30 -15.31 26.60
CA MET J 518 24.97 -15.28 25.30
C MET J 518 24.92 -16.65 24.65
N GLN J 519 25.11 -17.70 25.43
CA GLN J 519 24.94 -19.06 24.93
C GLN J 519 23.49 -19.43 24.80
N LEU J 520 22.59 -18.71 25.46
CA LEU J 520 21.17 -18.97 25.33
C LEU J 520 20.60 -18.34 24.05
N SER J 521 21.31 -17.41 23.43
CA SER J 521 20.85 -16.80 22.20
C SER J 521 21.36 -17.51 20.95
N ARG J 522 22.37 -18.35 21.07
CA ARG J 522 22.83 -19.13 19.93
C ARG J 522 22.04 -20.42 19.74
N GLN J 523 21.23 -20.82 20.72
CA GLN J 523 20.47 -22.05 20.61
C GLN J 523 19.35 -21.90 19.60
N GLN J 524 18.85 -23.03 19.10
CA GLN J 524 18.06 -23.05 17.89
C GLN J 524 16.57 -22.87 18.11
N PHE J 525 16.08 -23.06 19.34
CA PHE J 525 14.67 -23.01 19.73
C PHE J 525 13.84 -23.95 18.85
N PRO J 526 13.99 -25.26 18.98
CA PRO J 526 13.46 -26.17 17.95
C PRO J 526 11.95 -26.34 17.95
N THR J 527 11.31 -26.34 19.12
CA THR J 527 9.86 -26.51 19.14
C THR J 527 9.15 -25.21 18.79
N MET J 528 9.64 -24.09 19.28
CA MET J 528 9.05 -22.80 19.00
C MET J 528 9.31 -22.39 17.54
N PRO J 529 8.44 -21.55 16.94
CA PRO J 529 8.65 -21.16 15.54
C PRO J 529 9.87 -20.27 15.32
N VAL J 530 10.10 -19.90 14.06
CA VAL J 530 11.23 -19.04 13.72
C VAL J 530 11.00 -17.62 14.20
N ASP J 531 9.74 -17.22 14.36
CA ASP J 531 9.44 -15.87 14.81
C ASP J 531 9.63 -15.74 16.32
N TYR J 532 9.39 -16.82 17.06
CA TYR J 532 9.59 -16.77 18.51
C TYR J 532 11.06 -16.73 18.87
N LYS J 533 11.93 -17.36 18.08
CA LYS J 533 13.36 -17.25 18.31
C LYS J 533 13.83 -15.83 18.04
N ARG J 534 13.35 -15.22 16.97
CA ARG J 534 13.81 -13.91 16.55
C ARG J 534 13.37 -12.82 17.51
N SER J 535 12.25 -13.00 18.20
CA SER J 535 11.73 -12.00 19.13
C SER J 535 12.22 -12.22 20.54
N ILE J 536 13.17 -13.12 20.75
CA ILE J 536 13.69 -13.41 22.07
C ILE J 536 15.21 -13.42 21.96
N GLN J 537 15.69 -13.38 20.72
CA GLN J 537 17.10 -13.13 20.42
C GLN J 537 17.38 -11.66 20.21
N ARG J 538 16.33 -10.86 20.00
CA ARG J 538 16.48 -9.41 19.93
C ARG J 538 16.46 -8.79 21.31
N GLY J 539 15.46 -9.17 22.12
CA GLY J 539 15.37 -8.65 23.47
C GLY J 539 16.48 -9.11 24.39
N ILE J 540 17.15 -10.21 24.04
CA ILE J 540 18.31 -10.67 24.79
C ILE J 540 19.58 -10.02 24.29
N LEU J 541 19.50 -9.27 23.19
CA LEU J 541 20.64 -8.56 22.63
C LEU J 541 20.66 -7.09 23.01
N LEU J 542 19.49 -6.52 23.32
CA LEU J 542 19.45 -5.18 23.88
C LEU J 542 20.06 -5.13 25.27
N LEU J 543 20.10 -6.25 25.98
CA LEU J 543 20.78 -6.32 27.26
C LEU J 543 22.23 -6.77 27.10
N SER J 544 22.54 -7.55 26.08
CA SER J 544 23.91 -8.03 25.92
C SER J 544 24.81 -7.02 25.22
N ASN J 545 24.24 -6.00 24.58
CA ASN J 545 25.06 -4.87 24.15
C ASN J 545 25.48 -4.00 25.32
N ARG J 546 24.76 -4.08 26.44
CA ARG J 546 25.03 -3.27 27.61
C ARG J 546 25.81 -4.03 28.66
N LEU J 547 26.72 -4.91 28.24
CA LEU J 547 27.56 -5.61 29.21
C LEU J 547 28.51 -4.65 29.90
N GLY J 548 29.00 -3.65 29.18
CA GLY J 548 29.87 -2.66 29.78
C GLY J 548 29.18 -1.72 30.74
N GLN J 549 27.84 -1.63 30.67
CA GLN J 549 27.07 -0.81 31.58
C GLN J 549 26.32 -1.62 32.63
N LEU J 550 26.46 -2.94 32.64
CA LEU J 550 25.86 -3.79 33.67
C LEU J 550 26.88 -4.39 34.61
N VAL J 551 28.11 -4.62 34.14
CA VAL J 551 29.23 -4.85 35.05
C VAL J 551 29.67 -3.54 35.65
N ASP J 552 29.20 -2.43 35.08
CA ASP J 552 29.34 -1.12 35.69
C ASP J 552 28.32 -0.93 36.81
N LEU J 553 27.04 -1.17 36.52
CA LEU J 553 25.98 -0.76 37.41
C LEU J 553 25.92 -1.64 38.66
N THR J 554 26.35 -2.90 38.55
CA THR J 554 26.36 -3.78 39.71
C THR J 554 27.38 -3.34 40.75
N ARG J 555 28.46 -2.68 40.32
CA ARG J 555 29.36 -2.05 41.27
C ARG J 555 28.77 -0.76 41.84
N LEU J 556 27.86 -0.12 41.11
CA LEU J 556 27.31 1.14 41.59
C LEU J 556 26.24 0.94 42.64
N LEU J 557 25.39 -0.09 42.48
CA LEU J 557 24.51 -0.47 43.58
C LEU J 557 25.30 -0.93 44.79
N ALA J 558 26.30 -1.78 44.59
CA ALA J 558 27.00 -2.31 45.74
C ALA J 558 28.04 -1.35 46.32
N TYR J 559 28.15 -0.13 45.80
CA TYR J 559 28.92 0.90 46.48
C TYR J 559 28.05 2.00 47.05
N ASN J 560 26.94 2.34 46.40
CA ASN J 560 25.96 3.24 47.00
C ASN J 560 25.16 2.57 48.10
N TYR J 561 25.30 1.26 48.28
CA TYR J 561 24.75 0.56 49.43
C TYR J 561 25.78 0.26 50.48
N GLU J 562 27.05 0.10 50.11
CA GLU J 562 28.10 -0.15 51.09
C GLU J 562 28.36 1.07 51.96
N THR J 563 28.53 2.24 51.33
CA THR J 563 28.78 3.44 52.10
C THR J 563 27.54 3.92 52.83
N LEU J 564 26.36 3.65 52.29
CA LEU J 564 25.13 3.98 53.00
C LEU J 564 24.78 2.96 54.07
N MET J 565 25.48 1.82 54.12
CA MET J 565 25.25 0.86 55.18
C MET J 565 26.03 1.23 56.42
N ALA J 566 27.13 1.95 56.27
CA ALA J 566 27.94 2.36 57.40
C ALA J 566 27.25 3.38 58.27
N CYS J 567 26.28 4.10 57.71
CA CYS J 567 25.61 5.18 58.42
C CYS J 567 24.50 4.70 59.34
N ILE J 568 24.14 3.43 59.30
CA ILE J 568 23.17 2.94 60.26
C ILE J 568 23.83 2.78 61.61
N THR J 569 23.01 2.71 62.65
CA THR J 569 23.49 2.35 63.96
C THR J 569 22.56 1.39 64.67
N MET J 570 21.36 1.16 64.16
CA MET J 570 20.48 0.13 64.67
C MET J 570 20.72 -1.14 63.88
N ASN J 571 20.60 -2.27 64.58
CA ASN J 571 20.82 -3.59 63.99
C ASN J 571 19.79 -3.88 62.92
N MET J 572 20.24 -4.30 61.74
CA MET J 572 19.34 -4.69 60.66
C MET J 572 19.18 -6.21 60.63
N GLN J 573 18.12 -6.69 61.28
CA GLN J 573 17.74 -8.08 61.17
C GLN J 573 17.00 -8.29 59.86
N HIS J 574 16.88 -9.55 59.45
CA HIS J 574 16.30 -9.90 58.16
C HIS J 574 15.17 -10.90 58.37
N VAL J 575 13.95 -10.40 58.44
CA VAL J 575 12.75 -11.22 58.50
C VAL J 575 11.84 -10.81 57.36
N GLN J 576 10.75 -11.55 57.19
CA GLN J 576 9.74 -11.15 56.23
C GLN J 576 8.84 -10.09 56.84
N THR J 577 8.33 -9.21 56.00
CA THR J 577 7.56 -8.06 56.42
C THR J 577 6.14 -8.23 55.89
N LEU J 578 5.15 -7.78 56.67
CA LEU J 578 3.75 -7.86 56.29
C LEU J 578 3.44 -7.11 55.01
N THR J 579 3.59 -5.79 55.03
CA THR J 579 3.34 -5.00 53.84
C THR J 579 4.62 -4.86 53.03
N THR J 580 4.48 -5.02 51.72
CA THR J 580 5.60 -5.07 50.81
C THR J 580 5.64 -3.83 49.94
N GLU J 581 6.83 -3.49 49.46
CA GLU J 581 7.03 -2.29 48.64
C GLU J 581 7.18 -2.69 47.19
N LYS J 582 6.22 -2.31 46.36
CA LYS J 582 6.09 -2.84 45.01
C LYS J 582 7.13 -2.24 44.08
N LEU J 583 8.02 -3.07 43.57
CA LEU J 583 8.97 -2.68 42.54
C LEU J 583 8.48 -3.20 41.20
N GLN J 584 8.16 -2.29 40.30
CA GLN J 584 7.69 -2.69 38.97
C GLN J 584 8.86 -3.19 38.16
N LEU J 585 8.74 -4.40 37.63
CA LEU J 585 9.81 -5.02 36.88
C LEU J 585 10.02 -4.37 35.54
N THR J 586 9.03 -3.61 35.05
CA THR J 586 9.21 -2.78 33.87
C THR J 586 10.26 -1.70 34.13
N SER J 587 10.27 -1.16 35.33
CA SER J 587 11.19 -0.08 35.68
C SER J 587 12.61 -0.56 35.96
N VAL J 588 12.88 -1.87 35.94
CA VAL J 588 14.27 -2.31 35.96
C VAL J 588 14.87 -2.14 34.57
N THR J 589 14.05 -2.29 33.52
CA THR J 589 14.49 -2.00 32.16
C THR J 589 14.81 -0.52 31.98
N SER J 590 14.14 0.36 32.73
CA SER J 590 14.46 1.77 32.69
C SER J 590 15.80 2.11 33.33
N LEU J 591 16.45 1.14 33.97
CA LEU J 591 17.75 1.33 34.60
C LEU J 591 18.85 0.55 33.90
N CYS J 592 18.55 -0.64 33.38
CA CYS J 592 19.57 -1.45 32.72
C CYS J 592 19.97 -0.87 31.38
N MET J 593 19.08 -0.14 30.71
CA MET J 593 19.42 0.45 29.41
C MET J 593 19.07 1.92 29.36
N LEU J 594 19.43 2.66 30.39
CA LEU J 594 19.34 4.11 30.31
C LEU J 594 20.47 4.80 31.07
N ILE J 595 21.41 4.05 31.64
CA ILE J 595 22.48 4.61 32.44
C ILE J 595 23.73 4.72 31.59
N GLY J 596 24.73 5.46 32.07
CA GLY J 596 26.07 5.25 31.58
C GLY J 596 27.11 6.30 31.91
N ASN J 597 28.29 5.83 32.34
CA ASN J 597 29.54 6.59 32.37
C ASN J 597 29.46 7.82 33.28
N ALA J 598 28.82 7.67 34.44
CA ALA J 598 28.67 8.79 35.36
C ALA J 598 28.52 8.24 36.77
N THR J 599 29.59 8.36 37.56
CA THR J 599 29.52 7.91 38.95
C THR J 599 28.69 8.86 39.77
N VAL J 600 27.70 8.32 40.47
CA VAL J 600 26.96 9.06 41.47
C VAL J 600 27.32 8.49 42.83
N ILE J 601 28.00 9.29 43.63
CA ILE J 601 28.53 8.87 44.92
C ILE J 601 27.71 9.65 45.93
N PRO J 602 27.44 9.13 47.13
CA PRO J 602 26.62 9.90 48.05
C PRO J 602 27.45 10.92 48.80
N SER J 603 27.07 12.19 48.67
CA SER J 603 27.87 13.27 49.21
C SER J 603 27.83 13.26 50.74
N PRO J 604 28.92 13.61 51.40
CA PRO J 604 28.98 13.50 52.87
C PRO J 604 28.12 14.48 53.62
N GLN J 605 27.42 15.40 52.95
CA GLN J 605 26.41 16.19 53.62
C GLN J 605 25.12 15.42 53.83
N THR J 606 24.97 14.23 53.25
CA THR J 606 23.89 13.31 53.62
C THR J 606 24.37 12.17 54.49
N LEU J 607 25.62 11.74 54.34
CA LEU J 607 26.19 10.70 55.19
C LEU J 607 26.40 11.17 56.61
N PHE J 608 26.39 12.48 56.87
CA PHE J 608 26.33 12.98 58.23
C PHE J 608 24.92 13.39 58.61
N HIS J 609 23.96 13.27 57.69
CA HIS J 609 22.56 13.46 58.01
C HIS J 609 21.82 12.14 58.14
N TYR J 610 22.18 11.14 57.34
CA TYR J 610 21.62 9.80 57.55
C TYR J 610 22.21 9.14 58.78
N TYR J 611 23.37 9.58 59.24
CA TYR J 611 23.92 9.04 60.48
C TYR J 611 23.45 9.81 61.69
N ASN J 612 23.23 11.11 61.58
CA ASN J 612 22.73 11.88 62.71
C ASN J 612 21.24 11.75 62.92
N VAL J 613 20.53 11.03 62.05
CA VAL J 613 19.12 10.76 62.28
C VAL J 613 18.88 9.29 62.64
N ASN J 614 19.83 8.40 62.36
CA ASN J 614 19.74 7.07 62.93
C ASN J 614 20.15 7.06 64.39
N VAL J 615 21.16 7.86 64.76
CA VAL J 615 21.58 7.93 66.15
C VAL J 615 20.54 8.66 66.99
N ASN J 616 19.94 9.71 66.43
CA ASN J 616 18.92 10.46 67.16
C ASN J 616 17.63 9.67 67.33
N PHE J 617 17.38 8.66 66.50
CA PHE J 617 16.26 7.76 66.75
C PHE J 617 16.66 6.59 67.63
N HIS J 618 17.87 6.06 67.45
CA HIS J 618 18.27 4.91 68.27
C HIS J 618 18.61 5.32 69.69
N SER J 619 19.01 6.56 69.92
CA SER J 619 19.14 7.04 71.29
C SER J 619 17.81 7.49 71.86
N ASN J 620 16.83 7.74 71.02
CA ASN J 620 15.47 7.95 71.50
C ASN J 620 14.76 6.63 71.77
N TYR J 621 15.15 5.58 71.06
CA TYR J 621 14.55 4.28 71.28
C TYR J 621 15.06 3.62 72.55
N ASN J 622 16.30 3.92 72.95
CA ASN J 622 16.91 3.30 74.10
C ASN J 622 16.78 4.10 75.38
N GLU J 623 16.46 5.39 75.30
CA GLU J 623 16.24 6.17 76.49
C GLU J 623 14.77 6.24 76.86
N ARG J 624 13.89 5.60 76.09
CA ARG J 624 12.51 5.37 76.48
C ARG J 624 12.26 3.96 76.97
N ILE J 625 13.14 3.02 76.63
CA ILE J 625 13.13 1.73 77.30
C ILE J 625 13.48 1.90 78.77
N ASN J 626 14.62 2.56 79.05
CA ASN J 626 15.06 2.73 80.42
C ASN J 626 14.21 3.72 81.21
N ASP J 627 13.40 4.54 80.53
CA ASP J 627 12.41 5.35 81.23
C ASP J 627 11.12 4.60 81.48
N ALA J 628 10.95 3.43 80.88
CA ALA J 628 9.77 2.60 81.11
C ALA J 628 10.08 1.37 81.94
N VAL J 629 11.22 0.72 81.72
CA VAL J 629 11.61 -0.44 82.52
C VAL J 629 11.89 -0.02 83.95
N ALA J 630 12.33 1.22 84.15
CA ALA J 630 12.55 1.73 85.50
C ALA J 630 11.26 1.93 86.28
N ILE J 631 10.11 1.97 85.61
CA ILE J 631 8.82 2.14 86.27
C ILE J 631 8.09 0.81 86.44
N ILE J 632 8.21 -0.09 85.45
CA ILE J 632 7.63 -1.42 85.58
C ILE J 632 8.33 -2.21 86.68
N THR J 633 9.64 -2.03 86.82
CA THR J 633 10.36 -2.69 87.91
C THR J 633 10.08 -2.03 89.24
N ALA J 634 9.97 -0.69 89.27
CA ALA J 634 9.66 -0.01 90.52
C ALA J 634 8.22 -0.20 90.96
N ALA J 635 7.35 -0.64 90.07
CA ALA J 635 5.99 -0.94 90.49
C ALA J 635 5.91 -2.33 91.11
N ASN J 636 6.61 -3.31 90.55
CA ASN J 636 6.61 -4.65 91.13
C ASN J 636 7.43 -4.72 92.41
N ARG J 637 8.34 -3.78 92.63
CA ARG J 637 9.15 -3.78 93.85
C ARG J 637 8.43 -3.08 95.00
N LEU J 638 7.57 -2.11 94.69
CA LEU J 638 6.85 -1.37 95.72
C LEU J 638 5.54 -2.02 96.09
N ASN J 639 5.23 -3.19 95.53
CA ASN J 639 3.99 -3.95 95.76
C ASN J 639 2.75 -3.11 95.42
N LEU J 640 2.67 -2.73 94.14
CA LEU J 640 1.52 -2.02 93.61
C LEU J 640 0.68 -3.02 92.81
N TYR J 641 -0.13 -3.79 93.52
CA TYR J 641 -0.90 -4.84 92.85
C TYR J 641 -2.11 -4.30 92.12
N GLN J 642 -2.59 -3.12 92.48
CA GLN J 642 -3.85 -2.62 91.93
C GLN J 642 -3.64 -1.79 90.67
N LYS J 643 -2.43 -1.34 90.40
CA LYS J 643 -2.13 -0.50 89.24
C LYS J 643 -1.82 -1.38 88.05
N LYS J 644 -2.42 -1.05 86.90
CA LYS J 644 -2.19 -1.81 85.68
C LYS J 644 -1.28 -1.06 84.74
N MET J 645 -0.30 -1.77 84.16
CA MET J 645 0.80 -1.16 83.42
C MET J 645 0.49 -0.95 81.95
N LYS J 646 -0.77 -0.79 81.58
CA LYS J 646 -1.05 -0.47 80.19
C LYS J 646 -0.71 0.98 79.88
N SER J 647 -0.99 1.89 80.82
CA SER J 647 -0.79 3.31 80.57
C SER J 647 0.66 3.75 80.66
N ILE J 648 1.57 2.89 81.14
CA ILE J 648 2.99 3.22 81.16
C ILE J 648 3.76 2.51 80.07
N VAL J 649 3.08 1.72 79.24
CA VAL J 649 3.60 1.30 77.96
C VAL J 649 2.82 1.93 76.80
N GLU J 650 1.62 2.47 77.07
CA GLU J 650 0.97 3.36 76.12
C GLU J 650 1.77 4.64 75.95
N ASP J 651 2.50 5.05 76.99
CA ASP J 651 3.34 6.23 76.90
C ASP J 651 4.62 5.95 76.14
N PHE J 652 5.20 4.76 76.33
CA PHE J 652 6.44 4.41 75.66
C PHE J 652 6.25 4.24 74.16
N LEU J 653 5.08 3.76 73.72
CA LEU J 653 4.79 3.75 72.30
C LEU J 653 4.53 5.14 71.74
N LYS J 654 4.18 6.09 72.61
CA LYS J 654 3.92 7.46 72.16
C LYS J 654 5.20 8.22 71.93
N ARG J 655 6.20 8.03 72.79
CA ARG J 655 7.42 8.84 72.75
C ARG J 655 8.25 8.53 71.52
N LEU J 656 8.29 7.26 71.10
CA LEU J 656 8.83 6.93 69.79
C LEU J 656 7.86 7.47 68.77
N GLN J 657 8.24 8.51 68.03
CA GLN J 657 7.27 9.35 67.34
C GLN J 657 6.65 8.72 66.11
N ILE J 658 6.90 7.44 65.80
CA ILE J 658 6.42 6.88 64.54
C ILE J 658 5.16 6.06 64.72
N PHE J 659 5.02 5.41 65.87
CA PHE J 659 3.87 4.54 66.09
C PHE J 659 2.64 5.37 66.43
N ASP J 660 1.50 4.96 65.89
CA ASP J 660 0.21 5.49 66.28
C ASP J 660 -0.46 4.50 67.22
N ILE J 661 -0.86 4.98 68.40
CA ILE J 661 -1.34 4.07 69.42
C ILE J 661 -2.75 3.57 69.12
N SER J 662 -3.51 4.29 68.28
CA SER J 662 -4.86 3.88 67.95
C SER J 662 -4.91 2.67 67.02
N ARG J 663 -3.78 2.27 66.44
CA ARG J 663 -3.74 1.07 65.61
C ARG J 663 -3.35 -0.17 66.40
N VAL J 664 -2.49 -0.05 67.40
CA VAL J 664 -2.04 -1.21 68.16
C VAL J 664 -3.11 -1.58 69.20
N PRO J 665 -3.45 -2.86 69.34
CA PRO J 665 -4.54 -3.23 70.25
C PRO J 665 -4.08 -3.32 71.69
N ASP J 666 -4.97 -3.78 72.57
CA ASP J 666 -4.66 -3.82 73.99
C ASP J 666 -3.71 -4.96 74.31
N ASP J 667 -3.85 -6.11 73.64
CA ASP J 667 -3.02 -7.25 73.97
C ASP J 667 -1.59 -7.06 73.49
N GLN J 668 -1.37 -6.24 72.47
CA GLN J 668 -0.02 -6.00 71.99
C GLN J 668 0.79 -5.13 72.95
N MET J 669 0.11 -4.35 73.78
CA MET J 669 0.81 -3.54 74.77
C MET J 669 0.99 -4.25 76.09
N TYR J 670 0.08 -5.15 76.47
CA TYR J 670 0.30 -5.93 77.68
C TYR J 670 1.31 -7.04 77.48
N ARG J 671 1.41 -7.53 76.25
CA ARG J 671 2.42 -8.53 75.93
C ARG J 671 3.79 -7.89 75.77
N LEU J 672 3.81 -6.60 75.42
CA LEU J 672 5.07 -5.88 75.35
C LEU J 672 5.64 -5.63 76.74
N ARG J 673 4.79 -5.48 77.76
CA ARG J 673 5.30 -5.37 79.12
C ARG J 673 5.84 -6.69 79.63
N ASP J 674 5.47 -7.83 79.02
CA ASP J 674 6.06 -9.10 79.40
C ASP J 674 7.49 -9.24 78.90
N ARG J 675 7.94 -8.38 77.99
CA ARG J 675 9.33 -8.33 77.58
C ARG J 675 10.12 -7.22 78.26
N LEU J 676 9.46 -6.13 78.64
CA LEU J 676 10.15 -5.05 79.33
C LEU J 676 10.45 -5.36 80.78
N ARG J 677 9.78 -6.33 81.40
CA ARG J 677 10.11 -6.69 82.77
C ARG J 677 11.47 -7.38 82.86
N LEU J 678 11.77 -8.26 81.91
CA LEU J 678 12.93 -9.13 82.01
C LEU J 678 14.26 -8.40 81.79
N LEU J 679 14.23 -7.16 81.37
CA LEU J 679 15.42 -6.36 81.18
C LEU J 679 15.93 -5.81 82.50
N PRO J 680 17.25 -5.66 82.65
CA PRO J 680 17.79 -4.99 83.84
C PRO J 680 17.70 -3.48 83.67
N VAL J 681 17.23 -2.81 84.71
CA VAL J 681 17.10 -1.35 84.69
C VAL J 681 18.48 -0.71 84.72
N GLU J 682 18.63 0.42 84.02
CA GLU J 682 19.90 1.12 83.83
C GLU J 682 20.48 1.56 85.16
N ILE J 683 21.81 1.72 85.19
CA ILE J 683 22.57 1.81 86.43
C ILE J 683 22.27 3.09 87.22
N ARG J 684 21.82 4.16 86.58
CA ARG J 684 21.42 5.33 87.35
C ARG J 684 20.01 5.17 87.90
N ARG J 685 19.08 4.64 87.10
CA ARG J 685 17.72 4.46 87.56
C ARG J 685 17.61 3.35 88.59
N LEU J 686 18.53 2.38 88.56
CA LEU J 686 18.58 1.38 89.60
C LEU J 686 19.09 2.00 90.90
N ASP J 687 20.14 2.81 90.81
CA ASP J 687 20.80 3.29 92.02
C ASP J 687 20.04 4.44 92.65
N ILE J 688 19.24 5.18 91.88
CA ILE J 688 18.40 6.20 92.48
C ILE J 688 17.09 5.63 92.99
N PHE J 689 16.74 4.40 92.60
CA PHE J 689 15.53 3.81 93.15
C PHE J 689 15.80 3.20 94.52
N ASN J 690 16.85 2.42 94.66
CA ASN J 690 17.14 1.86 95.98
C ASN J 690 17.82 2.86 96.91
N LEU J 691 18.04 4.08 96.45
CA LEU J 691 18.32 5.20 97.33
C LEU J 691 17.04 5.85 97.85
N ILE J 692 15.89 5.48 97.31
CA ILE J 692 14.60 5.82 97.89
C ILE J 692 14.10 4.69 98.77
N LEU J 693 14.30 3.46 98.32
CA LEU J 693 13.80 2.28 99.02
C LEU J 693 14.52 2.03 100.33
N MET J 694 15.75 2.52 100.48
CA MET J 694 16.46 2.39 101.75
C MET J 694 15.83 3.27 102.82
N ASN J 695 15.33 4.45 102.43
CA ASN J 695 14.78 5.39 103.38
C ASN J 695 13.46 5.97 102.89
N MET J 696 12.59 5.11 102.36
CA MET J 696 11.17 5.45 102.27
C MET J 696 10.45 5.14 103.56
N GLU J 697 11.15 4.59 104.55
CA GLU J 697 10.63 4.47 105.91
C GLU J 697 10.94 5.71 106.72
N GLN J 698 12.06 6.37 106.48
CA GLN J 698 12.41 7.56 107.23
C GLN J 698 11.72 8.81 106.71
N ILE J 699 11.38 8.85 105.42
CA ILE J 699 10.66 9.99 104.88
C ILE J 699 9.21 9.98 105.37
N GLU J 700 8.57 8.81 105.35
CA GLU J 700 7.16 8.71 105.72
C GLU J 700 6.94 8.99 107.20
N ARG J 701 7.87 8.55 108.05
CA ARG J 701 7.65 8.65 109.48
C ARG J 701 7.84 10.06 110.02
N ALA J 702 8.56 10.93 109.33
CA ALA J 702 8.76 12.29 109.82
C ALA J 702 7.77 13.28 109.23
N SER J 703 6.48 12.96 109.19
CA SER J 703 5.47 13.87 108.68
C SER J 703 4.35 13.99 109.69
N ASP J 704 3.71 15.14 109.73
CA ASP J 704 2.69 15.42 110.72
C ASP J 704 1.29 15.12 110.24
N LYS J 705 1.12 14.74 108.98
CA LYS J 705 -0.23 14.45 108.50
C LYS J 705 -0.71 13.08 108.94
N ILE J 706 0.13 12.05 108.82
CA ILE J 706 -0.30 10.68 109.05
C ILE J 706 0.40 10.11 110.27
N ALA J 707 -0.18 9.04 110.80
CA ALA J 707 0.42 8.23 111.84
C ALA J 707 0.37 6.78 111.40
N GLN J 708 1.24 5.97 111.99
CA GLN J 708 1.35 4.57 111.60
C GLN J 708 0.51 3.65 112.47
N GLY J 709 -0.76 3.96 112.63
CA GLY J 709 -1.67 3.08 113.35
C GLY J 709 -1.65 3.29 114.85
N VAL J 710 -2.70 2.78 115.49
CA VAL J 710 -2.93 2.98 116.92
C VAL J 710 -2.60 1.68 117.61
N ILE J 711 -2.14 1.78 118.85
CA ILE J 711 -1.93 0.62 119.70
C ILE J 711 -2.93 0.72 120.85
N ILE J 712 -4.04 0.00 120.73
CA ILE J 712 -5.09 0.03 121.75
C ILE J 712 -4.70 -0.93 122.86
N ALA J 713 -4.68 -0.44 124.09
CA ALA J 713 -4.17 -1.25 125.19
C ALA J 713 -5.23 -1.73 126.15
N TYR J 714 -6.30 -0.94 126.36
CA TYR J 714 -7.36 -1.19 127.35
C TYR J 714 -6.79 -1.37 128.76
N ARG J 715 -5.70 -0.69 129.05
CA ARG J 715 -5.07 -0.75 130.36
C ARG J 715 -4.33 0.55 130.61
N ASP J 716 -4.05 0.81 131.88
CA ASP J 716 -3.39 2.05 132.25
C ASP J 716 -1.91 2.00 131.87
N MET J 717 -1.44 3.02 131.19
CA MET J 717 -0.01 3.11 130.89
C MET J 717 0.44 4.56 130.83
N GLN J 718 1.55 4.84 131.51
CA GLN J 718 2.09 6.19 131.58
C GLN J 718 2.63 6.61 130.21
N LEU J 719 2.25 7.81 129.79
CA LEU J 719 2.74 8.35 128.53
C LEU J 719 4.04 9.10 128.73
N GLU J 720 4.90 9.06 127.71
CA GLU J 720 6.30 9.40 127.85
C GLU J 720 6.53 10.89 127.64
N ARG J 721 7.59 11.40 128.25
CA ARG J 721 7.93 12.81 128.21
C ARG J 721 8.89 13.08 127.06
N ASP J 722 8.49 13.90 126.12
CA ASP J 722 9.27 14.22 124.94
C ASP J 722 9.61 15.70 124.93
N GLU J 723 10.59 16.06 124.10
CA GLU J 723 11.09 17.43 124.14
C GLU J 723 10.24 18.38 123.33
N MET J 724 9.77 17.95 122.15
CA MET J 724 9.01 18.84 121.30
C MET J 724 7.51 18.78 121.58
N TYR J 725 7.03 17.70 122.19
CA TYR J 725 5.62 17.54 122.47
C TYR J 725 5.27 17.66 123.95
N GLY J 726 6.24 17.79 124.83
CA GLY J 726 5.95 17.85 126.25
C GLY J 726 5.62 16.49 126.81
N TYR J 727 4.35 16.27 127.15
CA TYR J 727 3.83 14.97 127.53
C TYR J 727 2.96 14.44 126.40
N VAL J 728 3.25 13.24 125.93
CA VAL J 728 2.62 12.76 124.71
C VAL J 728 2.45 11.25 124.78
N ASN J 729 1.29 10.76 124.35
CA ASN J 729 1.06 9.32 124.25
C ASN J 729 1.54 8.82 122.89
N ILE J 730 2.85 8.78 122.76
CA ILE J 730 3.49 8.32 121.54
C ILE J 730 4.12 6.96 121.84
N ALA J 731 4.11 6.09 120.85
CA ALA J 731 4.75 4.79 120.92
C ALA J 731 5.70 4.66 119.76
N ARG J 732 6.90 4.14 120.02
CA ARG J 732 7.91 4.07 118.98
C ARG J 732 8.12 2.65 118.46
N ASN J 733 7.58 1.64 119.13
CA ASN J 733 7.72 0.27 118.66
C ASN J 733 6.47 -0.51 119.03
N LEU J 734 6.05 -1.38 118.13
CA LEU J 734 4.90 -2.25 118.34
C LEU J 734 5.43 -3.61 118.75
N ASP J 735 5.54 -3.84 120.06
CA ASP J 735 5.98 -5.11 120.59
C ASP J 735 5.06 -5.54 121.72
N GLY J 736 4.83 -6.84 121.82
CA GLY J 736 3.90 -7.36 122.79
C GLY J 736 2.44 -7.16 122.43
N PHE J 737 2.14 -6.85 121.17
CA PHE J 737 0.80 -6.53 120.73
C PHE J 737 0.56 -7.14 119.36
N GLN J 738 -0.64 -7.69 119.16
CA GLN J 738 -0.98 -8.34 117.90
C GLN J 738 -1.31 -7.30 116.84
N GLN J 739 -0.70 -7.41 115.67
CA GLN J 739 -0.88 -6.45 114.61
C GLN J 739 -2.05 -6.85 113.71
N ILE J 740 -2.78 -5.84 113.25
CA ILE J 740 -3.83 -6.00 112.24
C ILE J 740 -3.54 -4.96 111.18
N ASN J 741 -2.99 -5.38 110.04
CA ASN J 741 -2.66 -4.42 108.99
C ASN J 741 -3.92 -3.92 108.30
N LEU J 742 -4.03 -2.61 108.14
CA LEU J 742 -5.25 -2.02 107.64
C LEU J 742 -5.30 -1.95 106.13
N GLU J 743 -4.19 -2.19 105.45
CA GLU J 743 -4.25 -2.37 104.01
C GLU J 743 -4.97 -3.68 103.68
N GLU J 744 -4.71 -4.72 104.46
CA GLU J 744 -5.36 -6.00 104.24
C GLU J 744 -6.83 -5.96 104.67
N LEU J 745 -7.17 -5.15 105.67
CA LEU J 745 -8.54 -5.13 106.17
C LEU J 745 -9.48 -4.45 105.19
N MET J 746 -9.02 -3.39 104.53
CA MET J 746 -9.86 -2.76 103.50
C MET J 746 -9.81 -3.52 102.19
N ARG J 747 -8.77 -4.31 101.95
CA ARG J 747 -8.68 -5.05 100.70
C ARG J 747 -9.69 -6.18 100.63
N THR J 748 -9.67 -7.10 101.60
CA THR J 748 -10.62 -8.20 101.58
C THR J 748 -11.93 -7.87 102.28
N GLY J 749 -11.96 -6.82 103.09
CA GLY J 749 -13.21 -6.40 103.69
C GLY J 749 -13.75 -7.32 104.76
N ASP J 750 -12.94 -8.21 105.30
CA ASP J 750 -13.39 -9.14 106.33
C ASP J 750 -13.15 -8.47 107.67
N TYR J 751 -14.18 -7.85 108.21
CA TYR J 751 -14.08 -7.14 109.48
C TYR J 751 -14.35 -8.02 110.68
N ALA J 752 -14.50 -9.34 110.49
CA ALA J 752 -14.91 -10.22 111.58
C ALA J 752 -13.81 -10.43 112.60
N GLN J 753 -12.57 -10.10 112.28
CA GLN J 753 -11.50 -10.21 113.27
C GLN J 753 -11.44 -8.98 114.16
N ILE J 754 -11.62 -7.79 113.59
CA ILE J 754 -11.46 -6.58 114.38
C ILE J 754 -12.72 -6.23 115.16
N THR J 755 -13.90 -6.69 114.74
CA THR J 755 -15.09 -6.44 115.53
C THR J 755 -15.32 -7.49 116.58
N ASN J 756 -14.52 -8.56 116.59
CA ASN J 756 -14.52 -9.51 117.68
C ASN J 756 -13.46 -9.20 118.71
N MET J 757 -12.56 -8.25 118.41
CA MET J 757 -11.54 -7.82 119.34
C MET J 757 -11.81 -6.43 119.91
N LEU J 758 -12.77 -5.70 119.36
CA LEU J 758 -13.25 -4.47 119.99
C LEU J 758 -14.39 -4.75 120.96
N LEU J 759 -15.17 -5.79 120.69
CA LEU J 759 -16.22 -6.20 121.63
C LEU J 759 -15.63 -6.83 122.87
N ASN J 760 -14.71 -7.78 122.69
CA ASN J 760 -14.18 -8.55 123.80
C ASN J 760 -13.09 -7.82 124.59
N ASN J 761 -12.69 -6.62 124.15
CA ASN J 761 -11.69 -5.78 124.81
C ASN J 761 -10.34 -6.49 124.94
N GLN J 762 -9.88 -7.02 123.87
CA GLN J 762 -8.54 -7.56 123.86
C GLN J 762 -7.55 -6.51 123.37
N PRO J 763 -6.31 -6.49 123.85
CA PRO J 763 -5.35 -5.49 123.39
C PRO J 763 -4.92 -5.73 121.95
N VAL J 764 -5.10 -4.71 121.11
CA VAL J 764 -4.91 -4.81 119.68
C VAL J 764 -3.94 -3.71 119.25
N ALA J 765 -3.00 -4.04 118.37
CA ALA J 765 -2.23 -3.03 117.67
C ALA J 765 -2.74 -2.94 116.25
N LEU J 766 -2.98 -1.72 115.79
CA LEU J 766 -3.35 -1.47 114.41
C LEU J 766 -2.16 -0.85 113.69
N VAL J 767 -1.92 -1.26 112.45
CA VAL J 767 -0.77 -0.78 111.70
C VAL J 767 -1.21 -0.42 110.29
N GLY J 768 -0.84 0.77 109.85
CA GLY J 768 -1.24 1.32 108.58
C GLY J 768 -1.20 2.83 108.66
N ALA J 769 -1.16 3.47 107.49
CA ALA J 769 -1.15 4.93 107.45
C ALA J 769 -2.50 5.47 107.88
N LEU J 770 -2.49 6.43 108.77
CA LEU J 770 -3.70 6.74 109.51
C LEU J 770 -3.68 8.19 110.00
N PRO J 771 -4.56 9.06 109.50
CA PRO J 771 -4.49 10.46 109.89
C PRO J 771 -5.06 10.68 111.28
N PHE J 772 -4.41 11.56 112.03
CA PHE J 772 -4.70 11.74 113.44
C PHE J 772 -5.01 13.19 113.74
N ILE J 773 -5.61 13.43 114.90
CA ILE J 773 -5.90 14.77 115.37
C ILE J 773 -5.23 14.97 116.72
N THR J 774 -4.66 16.14 116.93
CA THR J 774 -3.96 16.45 118.18
C THR J 774 -4.92 17.16 119.12
N ASP J 775 -4.94 16.71 120.37
CA ASP J 775 -5.78 17.31 121.39
C ASP J 775 -4.83 17.79 122.48
N SER J 776 -4.76 19.10 122.67
CA SER J 776 -3.80 19.67 123.59
C SER J 776 -4.32 19.80 125.02
N SER J 777 -5.62 19.64 125.24
CA SER J 777 -6.18 19.88 126.55
C SER J 777 -5.91 18.70 127.47
N VAL J 778 -6.03 18.95 128.78
CA VAL J 778 -5.78 17.92 129.78
C VAL J 778 -7.07 17.35 130.35
N ILE J 779 -8.20 18.06 130.24
CA ILE J 779 -9.47 17.48 130.66
C ILE J 779 -9.90 16.40 129.67
N SER J 780 -9.53 16.57 128.40
CA SER J 780 -9.73 15.52 127.41
C SER J 780 -8.87 14.30 127.62
N LEU J 781 -7.89 14.35 128.52
CA LEU J 781 -7.13 13.16 128.92
C LEU J 781 -7.78 12.46 130.10
N VAL J 782 -8.28 13.22 131.08
CA VAL J 782 -8.90 12.62 132.24
C VAL J 782 -10.31 12.13 131.93
N ALA J 783 -11.00 12.79 131.01
CA ALA J 783 -12.29 12.29 130.55
C ALA J 783 -12.16 11.13 129.58
N LYS J 784 -10.94 10.83 129.13
CA LYS J 784 -10.61 9.64 128.34
C LYS J 784 -11.34 9.61 127.01
N LEU J 785 -11.18 10.68 126.24
CA LEU J 785 -11.76 10.73 124.90
C LEU J 785 -10.99 9.83 123.93
N ASP J 786 -9.76 9.44 124.28
CA ASP J 786 -8.89 8.71 123.37
C ASP J 786 -9.40 7.32 123.02
N ALA J 787 -10.20 6.71 123.91
CA ALA J 787 -10.69 5.37 123.69
C ALA J 787 -12.04 5.33 122.98
N THR J 788 -12.74 6.46 122.88
CA THR J 788 -14.08 6.48 122.31
C THR J 788 -14.10 6.57 120.80
N VAL J 789 -12.94 6.50 120.13
CA VAL J 789 -12.92 6.67 118.69
C VAL J 789 -13.11 5.36 117.91
N PHE J 790 -12.98 4.21 118.58
CA PHE J 790 -13.04 2.93 117.88
C PHE J 790 -14.40 2.26 117.92
N ALA J 791 -15.38 2.86 118.60
CA ALA J 791 -16.71 2.28 118.64
C ALA J 791 -17.43 2.37 117.30
N GLN J 792 -16.99 3.26 116.41
CA GLN J 792 -17.63 3.38 115.11
C GLN J 792 -17.24 2.27 114.15
N ILE J 793 -16.18 1.52 114.44
CA ILE J 793 -15.75 0.43 113.56
C ILE J 793 -16.76 -0.71 113.59
N VAL J 794 -17.34 -0.99 114.77
CA VAL J 794 -18.23 -2.14 114.85
C VAL J 794 -19.60 -1.84 114.24
N LYS J 795 -19.99 -0.57 114.19
CA LYS J 795 -21.30 -0.20 113.64
C LYS J 795 -21.21 0.17 112.17
N LEU J 796 -20.37 1.16 111.85
CA LEU J 796 -20.31 1.65 110.48
C LEU J 796 -19.59 0.68 109.56
N ARG J 797 -18.66 -0.11 110.13
CA ARG J 797 -17.90 -1.17 109.44
C ARG J 797 -17.06 -0.59 108.30
N LYS J 798 -16.39 0.51 108.60
CA LYS J 798 -15.42 1.15 107.72
C LYS J 798 -14.29 1.72 108.55
N VAL J 799 -13.08 1.69 107.99
CA VAL J 799 -11.89 2.17 108.69
C VAL J 799 -11.42 3.52 108.18
N ASP J 800 -11.96 3.99 107.05
CA ASP J 800 -11.51 5.25 106.44
C ASP J 800 -11.75 6.44 107.35
N THR J 801 -12.79 6.39 108.17
CA THR J 801 -13.05 7.45 109.15
C THR J 801 -12.55 7.01 110.52
N LEU J 802 -11.23 6.84 110.63
CA LEU J 802 -10.58 6.54 111.90
C LEU J 802 -9.62 7.68 112.20
N LYS J 803 -9.77 8.29 113.38
CA LYS J 803 -8.92 9.38 113.83
C LYS J 803 -8.46 9.07 115.25
N PRO J 804 -7.21 8.67 115.44
CA PRO J 804 -6.67 8.55 116.79
C PRO J 804 -6.43 9.92 117.42
N ILE J 805 -6.09 9.90 118.71
CA ILE J 805 -5.86 11.11 119.48
C ILE J 805 -4.40 11.16 119.88
N LEU J 806 -3.71 12.22 119.50
CA LEU J 806 -2.36 12.50 119.94
C LEU J 806 -2.44 13.54 121.04
N TYR J 807 -2.19 13.13 122.27
CA TYR J 807 -2.21 14.10 123.36
C TYR J 807 -0.95 14.95 123.34
N LYS J 808 -1.08 16.18 123.81
CA LYS J 808 0.04 17.10 123.91
C LYS J 808 -0.20 17.95 125.15
N ILE J 809 0.31 17.50 126.29
CA ILE J 809 0.05 18.15 127.57
C ILE J 809 1.25 19.04 127.89
N ASN J 810 1.22 20.26 127.38
CA ASN J 810 2.29 21.21 127.61
C ASN J 810 1.83 22.25 128.63
N SER J 811 2.68 23.24 128.87
CA SER J 811 2.31 24.35 129.73
C SER J 811 1.50 25.41 129.00
N ASP J 812 1.56 25.46 127.67
CA ASP J 812 0.76 26.43 126.94
C ASP J 812 -0.71 26.03 126.84
N SER J 813 -1.03 24.79 127.17
CA SER J 813 -2.42 24.37 127.22
C SER J 813 -3.09 24.93 128.47
N ASN J 814 -4.41 25.13 128.37
CA ASN J 814 -5.16 25.53 129.54
C ASN J 814 -5.31 24.36 130.50
N ASP J 815 -5.72 24.69 131.73
CA ASP J 815 -5.92 23.73 132.83
C ASP J 815 -4.65 22.96 133.18
N PHE J 816 -3.48 23.58 132.99
CA PHE J 816 -2.22 22.88 133.21
C PHE J 816 -1.93 22.64 134.69
N TYR J 817 -2.61 23.35 135.60
CA TYR J 817 -2.35 23.22 137.03
C TYR J 817 -2.67 21.83 137.59
N LEU J 818 -3.38 20.98 136.82
CA LEU J 818 -3.60 19.62 137.26
C LEU J 818 -2.33 18.78 137.20
N VAL J 819 -1.38 19.17 136.36
CA VAL J 819 -0.12 18.42 136.26
C VAL J 819 0.91 18.95 137.24
N ALA J 820 0.98 20.26 137.42
CA ALA J 820 2.01 20.83 138.30
C ALA J 820 1.65 20.69 139.77
N ASN J 821 0.45 21.16 140.16
CA ASN J 821 0.07 21.17 141.57
C ASN J 821 -0.23 19.79 142.12
N TYR J 822 -0.52 18.81 141.27
CA TYR J 822 -0.79 17.45 141.72
C TYR J 822 0.35 16.56 141.24
N ASP J 823 0.93 15.80 142.17
CA ASP J 823 2.05 14.93 141.87
C ASP J 823 1.54 13.69 141.12
N TRP J 824 1.44 13.82 139.81
CA TRP J 824 1.06 12.70 138.96
C TRP J 824 1.69 12.86 137.59
N VAL J 825 2.04 11.74 136.98
CA VAL J 825 2.49 11.69 135.59
C VAL J 825 1.34 11.15 134.76
N PRO J 826 0.94 11.83 133.68
CA PRO J 826 -0.34 11.52 133.04
C PRO J 826 -0.37 10.15 132.36
N THR J 827 -1.52 9.50 132.45
CA THR J 827 -1.71 8.13 131.99
C THR J 827 -2.84 8.10 130.98
N SER J 828 -2.57 7.55 129.80
CA SER J 828 -3.60 7.38 128.79
C SER J 828 -3.87 5.89 128.60
N THR J 829 -5.11 5.56 128.24
CA THR J 829 -5.47 4.16 128.00
C THR J 829 -4.81 3.64 126.74
N THR J 830 -4.94 4.36 125.64
CA THR J 830 -4.28 3.99 124.40
C THR J 830 -3.19 5.00 124.07
N LYS J 831 -2.42 4.67 123.04
CA LYS J 831 -1.45 5.59 122.48
C LYS J 831 -1.31 5.30 121.00
N VAL J 832 -0.53 6.13 120.31
CA VAL J 832 -0.44 6.09 118.85
C VAL J 832 1.02 5.80 118.47
N TYR J 833 1.20 5.00 117.43
CA TYR J 833 2.52 4.65 116.92
C TYR J 833 2.97 5.76 115.98
N LYS J 834 4.04 6.46 116.37
CA LYS J 834 4.45 7.68 115.69
C LYS J 834 5.93 7.91 116.00
N GLN J 835 6.66 8.45 115.03
CA GLN J 835 8.10 8.64 115.19
C GLN J 835 8.44 10.11 115.40
N ILE J 836 9.47 10.33 116.20
CA ILE J 836 9.91 11.64 116.64
C ILE J 836 10.72 12.34 115.56
N PRO J 837 10.51 13.63 115.30
CA PRO J 837 11.33 14.33 114.31
C PRO J 837 12.76 14.50 114.80
N GLN J 838 13.70 14.37 113.86
CA GLN J 838 15.11 14.42 114.21
C GLN J 838 15.55 15.85 114.50
N GLN J 839 16.55 15.99 115.35
CA GLN J 839 17.04 17.31 115.70
C GLN J 839 17.86 17.89 114.56
N PHE J 840 17.98 19.21 114.55
CA PHE J 840 18.76 19.94 113.56
C PHE J 840 20.10 20.27 114.22
N ASP J 841 21.06 19.37 114.06
CA ASP J 841 22.40 19.58 114.60
C ASP J 841 23.21 20.22 113.49
N PHE J 842 23.54 21.50 113.67
CA PHE J 842 23.98 22.33 112.54
C PHE J 842 25.39 22.00 112.10
N ARG J 843 26.31 21.78 113.04
CA ARG J 843 27.70 21.54 112.67
C ARG J 843 27.90 20.16 112.07
N ALA J 844 27.08 19.19 112.44
CA ALA J 844 27.14 17.88 111.81
C ALA J 844 26.42 17.85 110.47
N SER J 845 25.67 18.89 110.14
CA SER J 845 24.90 18.94 108.90
C SER J 845 25.55 19.80 107.82
N MET J 846 26.73 20.34 108.07
CA MET J 846 27.49 20.99 107.01
C MET J 846 28.09 19.95 106.09
N HIS J 847 28.04 20.21 104.79
CA HIS J 847 28.57 19.30 103.79
C HIS J 847 29.37 20.11 102.78
N MET J 848 30.25 19.43 102.05
CA MET J 848 31.09 20.11 101.05
C MET J 848 30.87 19.45 99.69
N LEU J 849 29.95 20.00 98.92
CA LEU J 849 29.65 19.48 97.59
C LEU J 849 30.74 19.90 96.62
N THR J 850 31.36 18.94 95.94
CA THR J 850 32.50 19.18 95.08
C THR J 850 32.11 18.92 93.64
N SER J 851 32.35 19.90 92.77
CA SER J 851 32.11 19.72 91.34
C SER J 851 33.15 20.52 90.56
N ASN J 852 33.07 20.43 89.24
CA ASN J 852 34.05 21.09 88.39
C ASN J 852 33.74 22.57 88.26
N LEU J 853 34.77 23.33 87.85
CA LEU J 853 34.58 24.76 87.60
C LEU J 853 33.82 25.00 86.31
N THR J 854 34.40 24.59 85.17
CA THR J 854 33.90 25.00 83.87
C THR J 854 33.81 23.80 82.93
N PHE J 855 32.62 23.55 82.41
CA PHE J 855 32.41 22.70 81.27
C PHE J 855 32.13 23.56 80.05
N THR J 856 32.05 22.90 78.89
CA THR J 856 31.45 23.50 77.71
C THR J 856 30.83 22.35 76.92
N VAL J 857 29.55 22.09 77.19
CA VAL J 857 28.90 20.90 76.64
C VAL J 857 28.58 21.14 75.17
N TYR J 858 29.08 20.26 74.30
CA TYR J 858 28.85 20.35 72.86
C TYR J 858 27.83 19.30 72.46
N SER J 859 26.84 19.71 71.65
CA SER J 859 25.68 18.85 71.42
C SER J 859 26.00 17.73 70.42
N ASP J 860 26.29 18.08 69.18
CA ASP J 860 26.67 17.09 68.18
C ASP J 860 28.05 17.43 67.64
N LEU J 861 28.79 16.40 67.28
CA LEU J 861 30.17 16.59 66.93
C LEU J 861 30.40 16.69 65.44
N LEU J 862 29.49 16.17 64.62
CA LEU J 862 29.68 16.19 63.18
C LEU J 862 29.44 17.56 62.56
N ALA J 863 29.15 18.58 63.35
CA ALA J 863 29.17 19.95 62.85
C ALA J 863 30.57 20.50 62.74
N PHE J 864 31.56 19.85 63.36
CA PHE J 864 32.91 20.37 63.32
C PHE J 864 33.69 19.91 62.11
N VAL J 865 33.51 18.66 61.67
CA VAL J 865 34.20 18.22 60.46
C VAL J 865 33.48 18.79 59.23
N SER J 866 34.22 18.90 58.13
CA SER J 866 33.68 19.40 56.87
C SER J 866 34.24 18.52 55.76
N ALA J 867 33.52 17.46 55.44
CA ALA J 867 34.01 16.47 54.51
C ALA J 867 33.66 16.84 53.07
N ASP J 868 34.46 16.33 52.14
CA ASP J 868 34.25 16.59 50.73
C ASP J 868 34.72 15.38 49.94
N THR J 869 34.02 15.10 48.85
CA THR J 869 34.26 13.88 48.08
C THR J 869 35.18 14.15 46.90
N VAL J 870 36.02 13.15 46.59
CA VAL J 870 36.87 13.17 45.40
C VAL J 870 35.98 13.14 44.17
N GLU J 871 36.43 13.84 43.11
CA GLU J 871 35.88 13.89 41.75
C GLU J 871 35.41 12.51 41.29
N PRO J 872 34.14 12.35 40.92
CA PRO J 872 33.55 11.01 40.78
C PRO J 872 34.12 10.18 39.66
N ILE J 873 34.85 10.77 38.70
CA ILE J 873 35.58 9.96 37.74
C ILE J 873 36.71 9.20 38.40
N ASN J 874 37.20 9.68 39.54
CA ASN J 874 38.19 8.97 40.33
C ASN J 874 37.60 8.28 41.55
N ALA J 875 36.31 7.98 41.55
CA ALA J 875 35.72 7.25 42.65
C ALA J 875 36.17 5.80 42.59
N VAL J 876 36.51 5.22 43.74
CA VAL J 876 37.15 3.91 43.81
C VAL J 876 36.34 3.01 44.72
N ALA J 877 36.04 1.79 44.26
CA ALA J 877 35.27 0.82 45.02
C ALA J 877 36.13 0.13 46.08
N PHE J 878 35.65 -1.00 46.62
CA PHE J 878 36.41 -1.66 47.67
C PHE J 878 37.68 -2.31 47.14
N ASP J 879 37.67 -2.79 45.90
CA ASP J 879 38.95 -3.05 45.24
C ASP J 879 39.44 -1.78 44.59
N ASN J 880 40.72 -1.74 44.25
CA ASN J 880 41.33 -0.47 43.87
C ASN J 880 40.96 -0.01 42.47
N MET J 881 40.26 -0.82 41.69
CA MET J 881 39.78 -0.36 40.39
C MET J 881 38.61 0.58 40.59
N ARG J 882 38.52 1.60 39.73
CA ARG J 882 37.46 2.57 39.85
C ARG J 882 36.14 1.98 39.40
N ILE J 883 35.05 2.59 39.84
CA ILE J 883 33.73 2.28 39.33
C ILE J 883 33.46 3.20 38.16
N MET J 884 32.48 2.82 37.34
CA MET J 884 32.11 3.52 36.10
C MET J 884 33.30 3.66 35.16
N ASN J 885 34.05 2.57 35.02
CA ASN J 885 35.25 2.61 34.20
C ASN J 885 34.97 2.28 32.75
N GLU J 886 33.98 1.44 32.49
CA GLU J 886 33.86 0.87 31.16
C GLU J 886 33.18 1.83 30.20
N LEU J 887 33.38 1.56 28.92
CA LEU J 887 33.05 2.50 27.87
C LEU J 887 32.19 1.81 26.83
N LEU K 83 -34.37 -19.08 44.04
CA LEU K 83 -33.78 -20.26 44.67
C LEU K 83 -33.59 -20.01 46.16
N LYS K 84 -33.43 -18.74 46.53
CA LYS K 84 -33.22 -18.39 47.94
C LYS K 84 -34.51 -18.52 48.73
N THR K 85 -35.53 -17.74 48.37
CA THR K 85 -36.76 -17.67 49.16
C THR K 85 -37.58 -18.96 49.08
N LYS K 86 -37.28 -19.85 48.14
CA LYS K 86 -37.92 -21.16 48.15
C LYS K 86 -37.43 -22.03 49.29
N GLU K 87 -36.12 -22.01 49.57
CA GLU K 87 -35.55 -22.90 50.57
C GLU K 87 -35.50 -22.28 51.97
N GLU K 88 -35.43 -20.95 52.08
CA GLU K 88 -35.58 -20.34 53.37
C GLU K 88 -37.03 -20.36 53.86
N HIS K 89 -37.98 -20.64 52.98
CA HIS K 89 -39.34 -20.91 53.39
C HIS K 89 -39.60 -22.41 53.58
N GLN K 90 -38.84 -23.26 52.88
CA GLN K 90 -38.99 -24.69 53.08
C GLN K 90 -38.46 -25.12 54.44
N LYS K 91 -37.51 -24.37 55.00
CA LYS K 91 -37.06 -24.65 56.37
C LYS K 91 -38.14 -24.30 57.37
N GLU K 92 -38.75 -23.12 57.23
CA GLU K 92 -39.71 -22.62 58.21
C GLU K 92 -41.08 -23.28 58.10
N VAL K 93 -41.24 -24.30 57.27
CA VAL K 93 -42.37 -25.19 57.38
C VAL K 93 -42.01 -26.42 58.20
N GLN K 94 -40.87 -27.05 57.89
CA GLN K 94 -40.43 -28.22 58.64
C GLN K 94 -40.01 -27.86 60.07
N TYR K 95 -39.49 -26.65 60.28
CA TYR K 95 -39.18 -26.24 61.64
C TYR K 95 -40.41 -25.83 62.42
N GLU K 96 -41.55 -25.67 61.75
CA GLU K 96 -42.79 -25.31 62.43
C GLU K 96 -43.71 -26.49 62.70
N ILE K 97 -43.52 -27.63 62.02
CA ILE K 97 -44.20 -28.83 62.48
C ILE K 97 -43.51 -29.35 63.74
N LEU K 98 -42.21 -29.09 63.88
CA LEU K 98 -41.50 -29.45 65.10
C LEU K 98 -41.81 -28.47 66.23
N GLN K 99 -41.96 -27.19 65.91
CA GLN K 99 -42.16 -26.18 66.94
C GLN K 99 -43.54 -26.27 67.56
N LYS K 100 -44.52 -26.80 66.84
CA LYS K 100 -45.86 -26.97 67.36
C LYS K 100 -46.04 -28.24 68.18
N THR K 101 -44.94 -28.85 68.64
CA THR K 101 -44.99 -29.84 69.70
C THR K 101 -44.14 -29.48 70.89
N ILE K 102 -43.43 -28.36 70.85
CA ILE K 102 -42.70 -27.82 72.00
C ILE K 102 -43.59 -26.78 72.65
N PRO K 103 -43.76 -26.79 73.97
CA PRO K 103 -44.62 -25.80 74.61
C PRO K 103 -43.98 -24.44 74.86
N THR K 104 -42.89 -24.11 74.16
CA THR K 104 -42.25 -22.81 74.38
C THR K 104 -43.13 -21.70 73.81
N PHE K 105 -43.17 -20.58 74.51
CA PHE K 105 -43.93 -19.43 74.04
C PHE K 105 -43.31 -18.83 72.78
N GLU K 106 -44.16 -18.21 71.96
CA GLU K 106 -43.70 -17.74 70.66
C GLU K 106 -42.81 -16.50 70.74
N PRO K 107 -43.02 -15.54 71.66
CA PRO K 107 -41.89 -14.67 72.01
C PRO K 107 -40.99 -15.40 72.98
N LYS K 108 -39.69 -15.44 72.66
CA LYS K 108 -38.78 -16.24 73.48
C LYS K 108 -38.44 -15.55 74.78
N GLU K 109 -38.17 -14.25 74.75
CA GLU K 109 -37.79 -13.52 75.95
C GLU K 109 -38.97 -13.24 76.89
N SER K 110 -40.18 -13.62 76.52
CA SER K 110 -41.34 -13.44 77.39
C SER K 110 -41.43 -14.48 78.49
N ILE K 111 -40.57 -15.51 78.47
CA ILE K 111 -40.58 -16.49 79.55
C ILE K 111 -39.99 -15.90 80.82
N LEU K 112 -39.07 -14.94 80.68
CA LEU K 112 -38.40 -14.34 81.82
C LEU K 112 -39.36 -13.56 82.71
N LYS K 113 -40.39 -12.95 82.12
CA LYS K 113 -41.37 -12.22 82.92
C LYS K 113 -42.23 -13.16 83.76
N LYS K 114 -42.49 -14.36 83.26
CA LYS K 114 -43.34 -15.29 83.98
C LYS K 114 -42.62 -15.98 85.13
N LEU K 115 -41.29 -15.99 85.13
CA LEU K 115 -40.55 -16.67 86.19
C LEU K 115 -40.35 -15.80 87.43
N GLU K 116 -40.11 -14.50 87.26
CA GLU K 116 -40.04 -13.62 88.43
C GLU K 116 -41.39 -13.42 89.10
N ASP K 117 -42.49 -13.60 88.38
CA ASP K 117 -43.78 -13.15 88.85
C ASP K 117 -44.49 -14.15 89.75
N ILE K 118 -43.84 -15.23 90.18
CA ILE K 118 -44.49 -16.17 91.09
C ILE K 118 -44.14 -15.82 92.53
N LYS K 119 -45.16 -15.80 93.37
CA LYS K 119 -45.01 -15.54 94.78
C LYS K 119 -44.46 -16.79 95.46
N PRO K 120 -43.93 -16.68 96.69
CA PRO K 120 -43.57 -17.88 97.44
C PRO K 120 -44.75 -18.80 97.70
N GLU K 121 -45.73 -18.30 98.42
CA GLU K 121 -47.00 -18.97 98.70
C GLU K 121 -47.96 -17.90 99.22
N GLN K 122 -49.12 -18.32 99.70
CA GLN K 122 -50.06 -17.44 100.37
C GLN K 122 -50.24 -17.97 101.79
N VAL K 123 -49.77 -17.20 102.77
CA VAL K 123 -49.87 -17.61 104.15
C VAL K 123 -51.30 -17.41 104.62
N LYS K 124 -52.09 -18.47 104.62
CA LYS K 124 -53.50 -18.38 104.94
C LYS K 124 -53.69 -18.49 106.45
N LYS K 125 -54.46 -17.57 107.01
CA LYS K 125 -54.82 -17.58 108.42
C LYS K 125 -56.31 -17.36 108.51
N GLN K 126 -57.04 -18.35 109.02
CA GLN K 126 -58.47 -18.19 109.11
C GLN K 126 -58.81 -17.34 110.33
N THR K 127 -59.87 -16.55 110.21
CA THR K 127 -60.34 -15.73 111.30
C THR K 127 -61.64 -16.23 111.90
N LYS K 128 -62.24 -17.26 111.31
CA LYS K 128 -63.43 -17.92 111.85
C LYS K 128 -63.13 -19.40 111.90
N LEU K 129 -63.46 -20.04 113.02
CA LEU K 129 -63.20 -21.45 113.18
C LEU K 129 -64.07 -22.26 112.23
N PHE K 130 -63.46 -23.27 111.60
CA PHE K 130 -64.12 -24.03 110.54
C PHE K 130 -65.26 -24.85 111.11
N ARG K 131 -66.47 -24.63 110.59
CA ARG K 131 -67.65 -25.31 111.09
C ARG K 131 -68.52 -25.77 109.93
N ILE K 132 -69.12 -26.94 110.11
CA ILE K 132 -70.11 -27.44 109.16
C ILE K 132 -71.44 -27.78 109.84
N PHE K 133 -71.48 -27.92 111.16
CA PHE K 133 -72.70 -28.18 111.90
C PHE K 133 -73.05 -27.00 112.79
N GLU K 134 -74.34 -26.77 113.00
CA GLU K 134 -74.80 -25.75 113.92
C GLU K 134 -76.00 -26.28 114.69
N PRO K 135 -76.07 -26.04 115.99
CA PRO K 135 -77.20 -26.58 116.78
C PRO K 135 -78.47 -25.77 116.52
N ARG K 136 -79.48 -26.45 115.98
CA ARG K 136 -80.72 -25.81 115.58
C ARG K 136 -81.86 -26.29 116.47
N GLN K 137 -82.89 -25.45 116.59
CA GLN K 137 -84.06 -25.77 117.38
C GLN K 137 -85.07 -26.54 116.53
N LEU K 138 -85.61 -27.62 117.08
CA LEU K 138 -86.61 -28.42 116.39
C LEU K 138 -87.73 -28.78 117.33
N PRO K 139 -88.97 -28.86 116.84
CA PRO K 139 -90.08 -29.30 117.70
C PRO K 139 -90.02 -30.80 117.94
N VAL K 140 -90.54 -31.21 119.09
CA VAL K 140 -90.43 -32.59 119.55
C VAL K 140 -91.81 -33.10 119.90
N TYR K 141 -92.16 -34.26 119.36
CA TYR K 141 -93.44 -34.90 119.59
C TYR K 141 -93.24 -36.12 120.48
N ARG K 142 -94.30 -36.54 121.15
CA ARG K 142 -94.28 -37.78 121.91
C ARG K 142 -95.00 -38.86 121.13
N ALA K 143 -95.19 -40.02 121.76
CA ALA K 143 -96.10 -41.02 121.22
C ALA K 143 -97.52 -40.51 121.30
N ASN K 144 -98.35 -40.93 120.35
CA ASN K 144 -99.63 -40.29 120.02
C ASN K 144 -99.39 -38.80 119.77
N GLY K 145 -98.69 -38.56 118.65
CA GLY K 145 -97.96 -37.33 118.41
C GLY K 145 -98.69 -36.01 118.46
N GLU K 146 -98.47 -35.27 119.53
CA GLU K 146 -98.78 -33.85 119.59
C GLU K 146 -97.49 -33.07 119.82
N LYS K 147 -97.57 -31.77 119.61
CA LYS K 147 -96.48 -30.86 119.97
C LYS K 147 -96.26 -30.87 121.47
N GLU K 148 -95.06 -31.26 121.91
CA GLU K 148 -94.68 -30.99 123.28
C GLU K 148 -94.28 -29.54 123.44
N LEU K 149 -94.57 -28.98 124.62
CA LEU K 149 -94.21 -27.60 124.90
C LEU K 149 -92.71 -27.43 125.04
N ARG K 150 -92.01 -28.50 125.43
CA ARG K 150 -90.56 -28.50 125.41
C ARG K 150 -90.06 -28.54 123.97
N ASN K 151 -89.00 -27.79 123.69
CA ASN K 151 -88.29 -27.87 122.42
C ASN K 151 -86.86 -28.30 122.68
N ARG K 152 -86.35 -29.21 121.85
CA ARG K 152 -85.02 -29.75 122.03
C ARG K 152 -84.13 -29.35 120.86
N TRP K 153 -82.87 -29.09 121.16
CA TRP K 153 -81.88 -28.81 120.13
C TRP K 153 -81.57 -30.06 119.33
N TYR K 154 -81.09 -29.87 118.12
CA TYR K 154 -80.57 -30.94 117.30
C TYR K 154 -79.41 -30.42 116.48
N TRP K 155 -78.70 -31.32 115.81
CA TRP K 155 -77.44 -31.02 115.15
C TRP K 155 -77.57 -30.94 113.63
N LYS K 156 -78.62 -30.28 113.14
CA LYS K 156 -78.80 -30.14 111.70
C LYS K 156 -77.69 -29.30 111.09
N LEU K 157 -77.13 -29.75 109.97
CA LEU K 157 -76.05 -28.99 109.37
C LEU K 157 -76.58 -27.81 108.58
N LYS K 158 -75.75 -26.80 108.42
CA LYS K 158 -76.06 -25.64 107.62
C LYS K 158 -75.45 -25.79 106.22
N ARG K 159 -75.88 -24.90 105.32
CA ARG K 159 -75.57 -24.86 103.89
C ARG K 159 -75.56 -26.25 103.23
N ASP K 160 -76.61 -27.02 103.51
CA ASP K 160 -76.73 -28.39 103.01
C ASP K 160 -77.17 -28.36 101.54
N THR K 161 -76.20 -28.10 100.67
CA THR K 161 -76.41 -28.09 99.23
C THR K 161 -76.13 -29.46 98.60
N LEU K 162 -76.76 -30.48 99.15
CA LEU K 162 -76.40 -31.86 98.81
C LEU K 162 -77.22 -32.33 97.61
N PRO K 163 -76.60 -32.67 96.50
CA PRO K 163 -77.35 -33.05 95.30
C PRO K 163 -77.91 -34.46 95.40
N ASP K 164 -78.84 -34.77 94.50
CA ASP K 164 -79.45 -36.08 94.48
C ASP K 164 -78.61 -37.07 93.68
N GLY K 165 -78.89 -38.35 93.87
CA GLY K 165 -78.12 -39.37 93.19
C GLY K 165 -76.87 -39.76 93.95
N ASP K 166 -76.52 -41.04 93.85
CA ASP K 166 -75.38 -41.54 94.60
C ASP K 166 -74.06 -41.12 93.99
N TYR K 167 -74.06 -40.62 92.75
CA TYR K 167 -72.82 -40.15 92.16
C TYR K 167 -72.60 -38.66 92.37
N ASP K 168 -73.66 -37.87 92.33
CA ASP K 168 -73.52 -36.44 92.58
C ASP K 168 -73.39 -36.12 94.05
N VAL K 169 -73.66 -37.08 94.94
CA VAL K 169 -73.37 -36.88 96.35
C VAL K 169 -71.91 -37.21 96.65
N ARG K 170 -71.24 -37.97 95.78
CA ARG K 170 -69.82 -38.23 95.94
C ARG K 170 -68.95 -37.17 95.30
N GLU K 171 -69.39 -36.59 94.18
CA GLU K 171 -68.65 -35.48 93.58
C GLU K 171 -68.90 -34.17 94.32
N TYR K 172 -69.84 -34.15 95.26
CA TYR K 172 -69.93 -33.03 96.18
C TYR K 172 -68.80 -33.07 97.20
N PHE K 173 -68.44 -34.26 97.67
CA PHE K 173 -67.41 -34.38 98.69
C PHE K 173 -66.01 -34.19 98.14
N LEU K 174 -65.81 -34.36 96.84
CA LEU K 174 -64.55 -33.93 96.26
C LEU K 174 -64.46 -32.41 96.23
N ASN K 175 -65.58 -31.74 95.95
CA ASN K 175 -65.60 -30.29 95.99
C ASN K 175 -65.55 -29.76 97.42
N LEU K 176 -66.02 -30.54 98.38
CA LEU K 176 -65.76 -30.20 99.78
C LEU K 176 -64.29 -30.34 100.10
N TYR K 177 -63.65 -31.38 99.57
CA TYR K 177 -62.24 -31.63 99.84
C TYR K 177 -61.36 -30.60 99.12
N ASP K 178 -61.81 -30.09 97.98
CA ASP K 178 -61.05 -29.03 97.31
C ASP K 178 -61.19 -27.69 98.01
N GLN K 179 -62.28 -27.49 98.75
CA GLN K 179 -62.44 -26.25 99.48
C GLN K 179 -61.53 -26.22 100.70
N VAL K 180 -61.42 -27.35 101.42
CA VAL K 180 -60.69 -27.37 102.68
C VAL K 180 -59.19 -27.33 102.43
N LEU K 181 -58.71 -27.84 101.29
CA LEU K 181 -57.30 -27.66 100.96
C LEU K 181 -56.96 -26.21 100.63
N THR K 182 -57.94 -25.43 100.17
CA THR K 182 -57.71 -24.03 99.91
C THR K 182 -57.95 -23.17 101.14
N GLU K 183 -58.92 -23.53 101.98
CA GLU K 183 -59.19 -22.82 103.22
C GLU K 183 -58.42 -23.40 104.41
N MET K 184 -57.25 -23.99 104.17
CA MET K 184 -56.46 -24.60 105.22
C MET K 184 -55.51 -23.59 105.81
N PRO K 185 -55.65 -23.22 107.08
CA PRO K 185 -54.74 -22.21 107.66
C PRO K 185 -53.36 -22.77 107.93
N ASP K 186 -52.34 -21.99 107.57
CA ASP K 186 -50.97 -22.40 107.83
C ASP K 186 -50.59 -22.18 109.28
N TYR K 187 -50.88 -21.01 109.83
CA TYR K 187 -50.69 -20.77 111.25
C TYR K 187 -51.98 -20.25 111.87
N LEU K 188 -52.35 -20.81 113.02
CA LEU K 188 -53.54 -20.40 113.74
C LEU K 188 -53.13 -19.69 115.02
N LEU K 189 -53.32 -18.38 115.04
CA LEU K 189 -53.29 -17.63 116.28
C LEU K 189 -54.71 -17.55 116.82
N LEU K 190 -54.86 -17.82 118.11
CA LEU K 190 -56.18 -18.00 118.68
C LEU K 190 -56.62 -16.82 119.54
N LYS K 191 -55.78 -15.80 119.68
CA LYS K 191 -56.19 -14.66 120.49
C LYS K 191 -57.19 -13.78 119.75
N ASP K 192 -57.00 -13.58 118.44
CA ASP K 192 -57.88 -12.70 117.70
C ASP K 192 -59.26 -13.30 117.45
N MET K 193 -59.42 -14.61 117.55
CA MET K 193 -60.73 -15.25 117.50
C MET K 193 -61.20 -15.56 118.91
N ALA K 194 -61.58 -14.51 119.63
CA ALA K 194 -62.01 -14.66 121.01
C ALA K 194 -62.91 -13.49 121.38
N VAL K 195 -64.08 -13.78 121.94
CA VAL K 195 -65.02 -12.76 122.37
C VAL K 195 -65.37 -13.01 123.83
N GLU K 196 -66.00 -12.00 124.43
CA GLU K 196 -66.34 -12.07 125.84
C GLU K 196 -67.52 -12.99 126.07
N ASN K 197 -67.44 -13.79 127.14
CA ASN K 197 -68.57 -14.57 127.59
C ASN K 197 -69.47 -13.64 128.38
N LYS K 198 -70.58 -13.21 127.75
CA LYS K 198 -71.40 -12.14 128.30
C LYS K 198 -72.16 -12.55 129.55
N ASN K 199 -72.29 -13.85 129.82
CA ASN K 199 -73.03 -14.35 130.96
C ASN K 199 -72.15 -15.07 131.97
N SER K 200 -70.86 -14.75 132.00
CA SER K 200 -69.96 -15.36 132.97
C SER K 200 -69.82 -14.48 134.21
N ARG K 201 -69.44 -15.12 135.32
CA ARG K 201 -69.19 -14.38 136.55
C ARG K 201 -67.79 -13.78 136.56
N ASP K 202 -66.79 -14.58 136.23
CA ASP K 202 -65.44 -14.07 136.04
C ASP K 202 -65.26 -13.61 134.59
N ALA K 203 -64.16 -12.92 134.34
CA ALA K 203 -63.86 -12.41 133.01
C ALA K 203 -63.37 -13.57 132.16
N GLY K 204 -64.31 -14.31 131.57
CA GLY K 204 -63.96 -15.45 130.75
C GLY K 204 -64.24 -15.24 129.30
N LYS K 205 -63.56 -15.98 128.43
CA LYS K 205 -63.72 -15.84 126.98
C LYS K 205 -64.07 -17.19 126.37
N VAL K 206 -64.50 -17.15 125.11
CA VAL K 206 -64.74 -18.34 124.30
C VAL K 206 -64.00 -18.17 122.98
N VAL K 207 -64.21 -19.10 122.04
CA VAL K 207 -63.37 -19.15 120.84
C VAL K 207 -64.05 -18.56 119.62
N ASP K 208 -65.35 -18.26 119.67
CA ASP K 208 -66.01 -17.73 118.49
C ASP K 208 -67.12 -16.77 118.87
N SER K 209 -67.52 -15.96 117.91
CA SER K 209 -68.76 -15.22 118.02
C SER K 209 -69.97 -16.14 117.91
N GLU K 210 -69.81 -17.33 117.32
CA GLU K 210 -70.88 -18.30 117.26
C GLU K 210 -70.90 -19.21 118.48
N THR K 211 -69.74 -19.47 119.08
CA THR K 211 -69.70 -20.22 120.32
C THR K 211 -70.34 -19.44 121.46
N ALA K 212 -70.09 -18.13 121.52
CA ALA K 212 -70.74 -17.29 122.51
C ALA K 212 -72.24 -17.19 122.28
N ALA K 213 -72.69 -17.35 121.03
CA ALA K 213 -74.11 -17.38 120.76
C ALA K 213 -74.75 -18.65 121.29
N ILE K 214 -74.01 -19.77 121.28
CA ILE K 214 -74.55 -21.01 121.81
C ILE K 214 -74.55 -20.98 123.33
N CYS K 215 -73.43 -20.57 123.95
CA CYS K 215 -73.36 -20.51 125.40
C CYS K 215 -74.22 -19.39 126.00
N ASP K 216 -74.69 -18.45 125.18
CA ASP K 216 -75.76 -17.56 125.63
C ASP K 216 -77.10 -18.29 125.63
N ALA K 217 -77.26 -19.27 124.74
CA ALA K 217 -78.54 -19.93 124.56
C ALA K 217 -78.74 -21.13 125.47
N ILE K 218 -77.67 -21.81 125.89
CA ILE K 218 -77.83 -22.88 126.87
C ILE K 218 -78.07 -22.29 128.25
N PHE K 219 -77.58 -21.09 128.51
CA PHE K 219 -77.79 -20.45 129.80
C PHE K 219 -79.26 -20.09 130.00
N GLN K 220 -79.87 -19.46 128.99
CA GLN K 220 -81.22 -18.94 129.15
C GLN K 220 -82.29 -20.01 129.05
N ASP K 221 -81.95 -21.19 128.54
CA ASP K 221 -82.91 -22.27 128.39
C ASP K 221 -83.34 -22.79 129.76
N GLU K 222 -84.65 -22.95 129.96
CA GLU K 222 -85.14 -23.51 131.22
C GLU K 222 -84.91 -25.01 131.30
N GLU K 223 -84.84 -25.69 130.15
CA GLU K 223 -84.80 -27.15 130.14
C GLU K 223 -83.44 -27.71 130.53
N THR K 224 -82.38 -26.91 130.46
CA THR K 224 -81.04 -27.42 130.69
C THR K 224 -80.80 -27.72 132.17
N GLU K 225 -79.77 -28.50 132.42
CA GLU K 225 -79.45 -28.92 133.78
C GLU K 225 -78.83 -27.77 134.57
N GLY K 226 -78.95 -27.86 135.89
CA GLY K 226 -78.44 -26.81 136.75
C GLY K 226 -76.93 -26.73 136.78
N VAL K 227 -76.24 -27.81 136.42
CA VAL K 227 -74.79 -27.81 136.40
C VAL K 227 -74.28 -26.98 135.23
N VAL K 228 -74.93 -27.09 134.07
CA VAL K 228 -74.46 -26.39 132.88
C VAL K 228 -74.73 -24.89 132.97
N ARG K 229 -75.75 -24.49 133.72
CA ARG K 229 -75.91 -23.05 134.00
C ARG K 229 -74.84 -22.57 134.96
N ARG K 230 -74.34 -23.44 135.84
CA ARG K 230 -73.27 -23.06 136.74
C ARG K 230 -71.91 -23.15 136.06
N PHE K 231 -71.72 -24.14 135.19
CA PHE K 231 -70.39 -24.41 134.65
C PHE K 231 -69.96 -23.37 133.63
N ILE K 232 -70.86 -22.99 132.72
CA ILE K 232 -70.48 -22.06 131.66
C ILE K 232 -70.31 -20.63 132.16
N ALA K 233 -70.65 -20.37 133.43
CA ALA K 233 -70.22 -19.14 134.06
C ALA K 233 -68.77 -19.21 134.53
N GLU K 234 -68.23 -20.42 134.73
CA GLU K 234 -66.89 -20.59 135.29
C GLU K 234 -65.88 -21.12 134.29
N MET K 235 -66.21 -21.14 133.00
CA MET K 235 -65.25 -21.58 131.99
C MET K 235 -64.23 -20.48 131.80
N ARG K 236 -63.13 -20.56 132.54
CA ARG K 236 -62.09 -19.54 132.48
C ARG K 236 -61.02 -19.99 131.50
N GLN K 237 -60.63 -19.09 130.61
CA GLN K 237 -59.48 -19.33 129.74
C GLN K 237 -58.20 -19.17 130.54
N ARG K 238 -57.12 -19.72 130.02
CA ARG K 238 -55.81 -19.62 130.66
C ARG K 238 -54.83 -19.02 129.65
N VAL K 239 -54.54 -17.75 129.79
CA VAL K 239 -53.47 -17.12 129.04
C VAL K 239 -52.17 -17.35 129.80
N GLN K 240 -51.10 -17.63 129.07
CA GLN K 240 -49.76 -17.80 129.65
C GLN K 240 -48.79 -17.12 128.70
N ALA K 241 -48.54 -15.84 128.92
CA ALA K 241 -47.72 -15.07 127.99
C ALA K 241 -46.25 -15.44 128.11
N ASP K 242 -45.81 -15.89 129.28
CA ASP K 242 -44.40 -16.22 129.47
C ASP K 242 -44.03 -17.54 128.80
N ARG K 243 -44.96 -18.49 128.74
CA ARG K 243 -44.73 -19.75 128.06
C ARG K 243 -45.30 -19.76 126.65
N ASN K 244 -45.88 -18.63 126.21
CA ASN K 244 -46.38 -18.41 124.84
C ASN K 244 -47.47 -19.39 124.45
N VAL K 245 -48.29 -19.83 125.40
CA VAL K 245 -49.36 -20.77 125.11
C VAL K 245 -50.65 -20.21 125.67
N VAL K 246 -51.77 -20.60 125.07
CA VAL K 246 -53.07 -20.04 125.40
C VAL K 246 -54.14 -21.05 125.01
N ASN K 247 -55.16 -21.20 125.84
CA ASN K 247 -56.27 -22.07 125.53
C ASN K 247 -57.60 -21.44 125.91
N TYR K 248 -58.59 -21.63 125.04
CA TYR K 248 -59.92 -21.06 125.19
C TYR K 248 -60.97 -22.16 125.12
N PRO K 249 -62.09 -22.00 125.82
CA PRO K 249 -63.20 -22.95 125.69
C PRO K 249 -63.88 -22.84 124.34
N SER K 250 -64.70 -23.85 124.04
CA SER K 250 -65.23 -24.01 122.69
C SER K 250 -66.51 -24.83 122.76
N ILE K 251 -67.29 -24.76 121.70
CA ILE K 251 -68.46 -25.61 121.47
C ILE K 251 -68.37 -26.05 120.02
N LEU K 252 -67.97 -27.30 119.79
CA LEU K 252 -67.81 -27.80 118.43
C LEU K 252 -68.43 -29.18 118.30
N HIS K 253 -68.87 -29.48 117.08
CA HIS K 253 -69.29 -30.82 116.71
C HIS K 253 -68.08 -31.75 116.75
N PRO K 254 -68.31 -33.05 117.01
CA PRO K 254 -67.19 -34.01 116.93
C PRO K 254 -66.60 -34.16 115.55
N ILE K 255 -67.36 -33.91 114.48
CA ILE K 255 -66.78 -33.81 113.15
C ILE K 255 -66.00 -32.52 113.02
N ASP K 256 -66.55 -31.42 113.55
CA ASP K 256 -65.90 -30.13 113.52
C ASP K 256 -64.67 -30.06 114.41
N HIS K 257 -64.61 -30.88 115.45
CA HIS K 257 -63.47 -30.86 116.35
C HIS K 257 -62.25 -31.48 115.70
N ALA K 258 -62.43 -32.60 114.99
CA ALA K 258 -61.31 -33.23 114.31
C ALA K 258 -60.83 -32.39 113.14
N PHE K 259 -61.72 -31.60 112.53
CA PHE K 259 -61.28 -30.66 111.51
C PHE K 259 -60.52 -29.48 112.12
N ASN K 260 -60.80 -29.15 113.38
CA ASN K 260 -60.18 -28.00 114.03
C ASN K 260 -59.11 -28.36 115.03
N GLU K 261 -58.85 -29.65 115.26
CA GLU K 261 -57.58 -30.03 115.84
C GLU K 261 -56.52 -30.32 114.80
N TYR K 262 -56.91 -30.68 113.59
CA TYR K 262 -55.90 -30.92 112.57
C TYR K 262 -55.36 -29.62 112.01
N PHE K 263 -56.16 -28.55 112.00
CA PHE K 263 -55.63 -27.27 111.56
C PHE K 263 -54.70 -26.68 112.61
N LEU K 264 -54.89 -27.04 113.86
CA LEU K 264 -54.27 -26.36 114.99
C LEU K 264 -53.08 -27.12 115.58
N GLN K 265 -53.06 -28.44 115.47
CA GLN K 265 -51.90 -29.20 115.95
C GLN K 265 -50.81 -29.24 114.89
N HIS K 266 -51.18 -29.38 113.62
CA HIS K 266 -50.22 -29.56 112.54
C HIS K 266 -50.07 -28.23 111.80
N GLN K 267 -49.25 -27.35 112.37
CA GLN K 267 -48.97 -26.07 111.72
C GLN K 267 -47.95 -26.27 110.61
N LEU K 268 -47.73 -25.20 109.86
CA LEU K 268 -46.62 -25.17 108.92
C LEU K 268 -45.50 -24.23 109.34
N VAL K 269 -45.68 -23.47 110.41
CA VAL K 269 -44.63 -22.59 110.90
C VAL K 269 -43.65 -23.37 111.75
N GLU K 270 -42.37 -23.10 111.55
CA GLU K 270 -41.27 -23.67 112.32
C GLU K 270 -40.45 -22.53 112.92
N PRO K 271 -39.85 -22.72 114.10
CA PRO K 271 -39.07 -21.64 114.71
C PRO K 271 -37.85 -21.27 113.90
N LEU K 272 -37.48 -19.99 113.97
CA LEU K 272 -36.45 -19.41 113.13
C LEU K 272 -35.43 -18.71 114.02
N ASN K 273 -34.21 -19.23 114.03
CA ASN K 273 -33.12 -18.68 114.80
C ASN K 273 -32.21 -17.88 113.88
N ASN K 274 -31.21 -17.22 114.46
CA ASN K 274 -30.31 -16.42 113.65
C ASN K 274 -29.29 -17.24 112.87
N ASP K 275 -29.18 -18.54 113.14
CA ASP K 275 -28.29 -19.40 112.38
C ASP K 275 -29.00 -20.14 111.25
N ILE K 276 -30.33 -20.19 111.26
CA ILE K 276 -31.06 -20.80 110.15
C ILE K 276 -31.23 -19.84 108.99
N ILE K 277 -30.93 -18.54 109.20
CA ILE K 277 -30.73 -17.64 108.07
C ILE K 277 -29.36 -17.87 107.47
N PHE K 278 -28.35 -18.06 108.32
CA PHE K 278 -26.99 -18.29 107.86
C PHE K 278 -26.85 -19.64 107.19
N ASN K 279 -27.71 -20.59 107.54
CA ASN K 279 -27.72 -21.89 106.90
C ASN K 279 -28.57 -21.92 105.65
N TYR K 280 -29.26 -20.83 105.32
CA TYR K 280 -30.06 -20.78 104.11
C TYR K 280 -29.22 -20.50 102.87
N ILE K 281 -28.16 -19.72 103.01
CA ILE K 281 -27.32 -19.25 101.91
C ILE K 281 -26.58 -20.46 101.35
N PRO K 282 -26.30 -20.52 100.04
CA PRO K 282 -25.58 -21.68 99.50
C PRO K 282 -24.17 -21.80 100.04
N GLU K 283 -23.67 -23.04 100.02
CA GLU K 283 -22.40 -23.34 100.69
C GLU K 283 -21.21 -22.79 99.94
N ARG K 284 -21.31 -22.65 98.62
CA ARG K 284 -20.17 -22.12 97.88
C ARG K 284 -20.04 -20.60 98.00
N ILE K 285 -21.09 -19.92 98.44
CA ILE K 285 -21.04 -18.46 98.53
C ILE K 285 -20.57 -18.01 99.90
N ARG K 286 -21.08 -18.58 100.98
CA ARG K 286 -20.61 -18.17 102.30
C ARG K 286 -19.23 -18.70 102.63
N ASN K 287 -18.72 -19.66 101.85
CA ASN K 287 -17.33 -20.09 101.94
C ASN K 287 -16.48 -19.51 100.82
N ASP K 288 -17.01 -18.54 100.09
CA ASP K 288 -16.24 -17.74 99.16
C ASP K 288 -15.75 -16.49 99.88
N VAL K 289 -14.58 -16.01 99.48
CA VAL K 289 -13.96 -14.88 100.19
C VAL K 289 -14.29 -13.56 99.52
N ASN K 290 -14.86 -13.57 98.31
CA ASN K 290 -15.28 -12.33 97.67
C ASN K 290 -16.51 -11.75 98.37
N TYR K 291 -17.58 -12.52 98.44
CA TYR K 291 -18.83 -12.00 98.98
C TYR K 291 -18.77 -12.00 100.49
N ILE K 292 -18.86 -10.81 101.08
CA ILE K 292 -18.81 -10.63 102.52
C ILE K 292 -20.23 -10.61 103.04
N LEU K 293 -20.68 -11.72 103.63
CA LEU K 293 -22.03 -11.83 104.16
C LEU K 293 -21.99 -11.52 105.65
N ASN K 294 -22.83 -10.57 106.06
CA ASN K 294 -22.90 -10.17 107.45
C ASN K 294 -24.36 -10.00 107.83
N MET K 295 -24.76 -10.58 108.96
CA MET K 295 -26.14 -10.52 109.42
C MET K 295 -26.29 -9.38 110.42
N ASP K 296 -27.21 -8.46 110.14
CA ASP K 296 -27.35 -7.23 110.91
C ASP K 296 -28.62 -7.15 111.73
N ARG K 297 -29.77 -7.56 111.20
CA ARG K 297 -31.03 -7.43 111.93
C ARG K 297 -31.16 -8.51 112.98
N ASN K 298 -31.83 -8.17 114.08
CA ASN K 298 -32.04 -9.08 115.19
C ASN K 298 -33.43 -9.71 115.10
N LEU K 299 -33.47 -11.04 115.16
CA LEU K 299 -34.72 -11.78 115.07
C LEU K 299 -35.08 -12.34 116.44
N PRO K 300 -36.30 -12.12 116.91
CA PRO K 300 -36.65 -12.53 118.28
C PRO K 300 -36.83 -14.03 118.42
N SER K 301 -37.21 -14.47 119.62
CA SER K 301 -37.47 -15.89 119.81
C SER K 301 -38.80 -16.31 119.21
N THR K 302 -39.74 -15.37 119.06
CA THR K 302 -41.08 -15.67 118.60
C THR K 302 -41.24 -15.53 117.09
N ALA K 303 -40.15 -15.58 116.34
CA ALA K 303 -40.20 -15.47 114.89
C ALA K 303 -40.25 -16.86 114.26
N ARG K 304 -41.17 -17.07 113.34
CA ARG K 304 -41.31 -18.32 112.63
C ARG K 304 -41.22 -18.10 111.12
N TYR K 305 -41.18 -19.20 110.36
CA TYR K 305 -41.16 -19.11 108.91
C TYR K 305 -41.72 -20.40 108.32
N ILE K 306 -41.84 -20.42 107.00
CA ILE K 306 -42.42 -21.54 106.26
C ILE K 306 -41.30 -22.19 105.45
N ARG K 307 -41.04 -23.46 105.72
CA ARG K 307 -40.01 -24.17 104.97
C ARG K 307 -40.51 -24.45 103.56
N PRO K 308 -39.76 -24.10 102.53
CA PRO K 308 -40.20 -24.42 101.16
C PRO K 308 -40.07 -25.90 100.91
N ASN K 309 -41.11 -26.48 100.30
CA ASN K 309 -41.14 -27.92 100.06
C ASN K 309 -40.16 -28.21 98.96
N LEU K 310 -38.92 -28.49 99.33
CA LEU K 310 -37.77 -28.32 98.44
C LEU K 310 -37.09 -29.68 98.28
N LEU K 311 -37.61 -30.50 97.38
CA LEU K 311 -37.01 -31.79 97.12
C LEU K 311 -37.06 -32.05 95.62
N GLN K 312 -36.19 -32.93 95.15
CA GLN K 312 -35.91 -33.09 93.73
C GLN K 312 -37.13 -33.68 93.00
N ASP K 313 -37.07 -33.63 91.68
CA ASP K 313 -38.22 -33.93 90.84
C ASP K 313 -38.54 -35.42 90.92
N ARG K 314 -39.58 -35.75 91.69
CA ARG K 314 -40.01 -37.13 91.79
C ARG K 314 -40.75 -37.59 90.53
N LEU K 315 -41.18 -36.65 89.70
CA LEU K 315 -41.50 -36.93 88.30
C LEU K 315 -40.20 -36.78 87.52
N ASN K 316 -39.72 -37.87 86.94
CA ASN K 316 -38.50 -37.79 86.16
C ASN K 316 -38.84 -37.14 84.83
N LEU K 317 -38.75 -35.80 84.80
CA LEU K 317 -39.09 -35.06 83.60
C LEU K 317 -38.00 -35.08 82.55
N HIS K 318 -36.86 -35.72 82.80
CA HIS K 318 -35.76 -35.65 81.85
C HIS K 318 -35.68 -36.85 80.90
N ASP K 319 -36.10 -38.04 81.32
CA ASP K 319 -35.81 -39.21 80.48
C ASP K 319 -36.83 -39.37 79.35
N ASN K 320 -38.11 -39.54 79.70
CA ASN K 320 -39.10 -39.98 78.73
C ASN K 320 -39.87 -38.83 78.10
N PHE K 321 -39.66 -37.61 78.57
CA PHE K 321 -40.38 -36.43 78.07
C PHE K 321 -39.43 -35.65 77.16
N GLU K 322 -39.58 -35.86 75.86
CA GLU K 322 -38.68 -35.20 74.92
C GLU K 322 -39.04 -33.74 74.71
N SER K 323 -40.33 -33.42 74.75
CA SER K 323 -40.80 -32.08 74.46
C SER K 323 -41.18 -31.29 75.70
N LEU K 324 -41.59 -31.96 76.78
CA LEU K 324 -41.87 -31.24 78.01
C LEU K 324 -40.59 -30.80 78.72
N TRP K 325 -39.46 -31.43 78.42
CA TRP K 325 -38.18 -31.01 78.97
C TRP K 325 -37.57 -29.86 78.18
N ASP K 326 -37.94 -29.70 76.91
CA ASP K 326 -37.37 -28.64 76.09
C ASP K 326 -37.88 -27.25 76.44
N THR K 327 -38.85 -27.13 77.34
CA THR K 327 -39.20 -25.83 77.89
C THR K 327 -38.58 -25.56 79.23
N ILE K 328 -38.43 -26.59 80.06
CA ILE K 328 -37.88 -26.42 81.40
C ILE K 328 -36.37 -26.26 81.37
N THR K 329 -35.73 -26.45 80.21
CA THR K 329 -34.39 -25.94 80.00
C THR K 329 -34.35 -24.70 79.12
N THR K 330 -35.45 -24.39 78.41
CA THR K 330 -35.51 -23.08 77.76
C THR K 330 -35.78 -21.99 78.80
N SER K 331 -36.65 -22.28 79.77
CA SER K 331 -36.94 -21.29 80.80
C SER K 331 -35.78 -21.07 81.75
N ASN K 332 -35.06 -22.14 82.08
CA ASN K 332 -33.89 -21.98 82.94
C ASN K 332 -32.71 -21.39 82.20
N TYR K 333 -32.77 -21.31 80.88
CA TYR K 333 -31.74 -20.64 80.09
C TYR K 333 -31.94 -19.15 80.08
N ILE K 334 -33.16 -18.69 79.78
CA ILE K 334 -33.42 -17.25 79.72
C ILE K 334 -33.47 -16.64 81.11
N LEU K 335 -33.72 -17.45 82.14
CA LEU K 335 -33.58 -16.92 83.50
C LEU K 335 -32.12 -16.77 83.87
N ALA K 336 -31.28 -17.74 83.51
CA ALA K 336 -29.86 -17.65 83.79
C ALA K 336 -29.13 -16.76 82.81
N ARG K 337 -29.77 -16.36 81.71
CA ARG K 337 -29.18 -15.38 80.81
C ARG K 337 -29.26 -13.97 81.38
N SER K 338 -30.20 -13.71 82.27
CA SER K 338 -30.35 -12.37 82.81
C SER K 338 -29.50 -12.13 84.06
N VAL K 339 -28.88 -13.14 84.63
CA VAL K 339 -28.09 -12.96 85.84
C VAL K 339 -26.60 -13.16 85.62
N VAL K 340 -26.19 -13.75 84.51
CA VAL K 340 -24.75 -13.73 84.18
C VAL K 340 -24.35 -12.31 83.79
N PRO K 341 -23.32 -11.75 84.38
CA PRO K 341 -23.04 -10.32 84.17
C PRO K 341 -22.44 -10.06 82.81
N ASP K 342 -22.49 -8.79 82.42
CA ASP K 342 -21.98 -8.36 81.13
C ASP K 342 -20.59 -7.75 81.26
N LEU K 343 -19.84 -7.83 80.19
CA LEU K 343 -18.44 -7.44 80.19
C LEU K 343 -18.28 -5.93 80.18
N LYS K 344 -17.19 -5.46 80.79
CA LYS K 344 -16.87 -4.06 80.83
C LYS K 344 -15.38 -3.88 80.59
N GLU K 345 -15.02 -2.73 80.00
CA GLU K 345 -13.65 -2.36 79.63
C GLU K 345 -13.05 -3.40 78.69
N LEU K 346 -13.62 -3.42 77.49
CA LEU K 346 -13.12 -4.29 76.44
C LEU K 346 -12.06 -3.58 75.61
N VAL K 347 -11.44 -4.33 74.71
CA VAL K 347 -10.60 -3.71 73.69
C VAL K 347 -11.51 -2.97 72.71
N SER K 348 -11.04 -1.83 72.23
CA SER K 348 -11.81 -1.05 71.27
C SER K 348 -11.89 -1.81 69.95
N THR K 349 -13.12 -2.00 69.47
CA THR K 349 -13.36 -2.83 68.30
C THR K 349 -12.88 -2.20 66.99
N GLU K 350 -12.49 -0.93 66.99
CA GLU K 350 -11.94 -0.31 65.79
C GLU K 350 -10.43 -0.45 65.72
N ALA K 351 -9.77 -0.71 66.84
CA ALA K 351 -8.33 -0.92 66.85
C ALA K 351 -7.97 -2.38 66.63
N GLN K 352 -8.75 -3.30 67.19
CA GLN K 352 -8.45 -4.72 67.05
C GLN K 352 -8.74 -5.22 65.64
N ILE K 353 -9.75 -4.65 64.97
CA ILE K 353 -10.07 -5.09 63.61
C ILE K 353 -9.01 -4.62 62.62
N GLN K 354 -8.51 -3.39 62.79
CA GLN K 354 -7.48 -2.87 61.89
C GLN K 354 -6.16 -3.58 62.07
N LYS K 355 -5.91 -4.13 63.26
CA LYS K 355 -4.73 -4.97 63.45
C LYS K 355 -4.97 -6.37 62.89
N MET K 356 -6.19 -6.89 63.05
CA MET K 356 -6.51 -8.21 62.55
C MET K 356 -6.64 -8.22 61.03
N SER K 357 -7.09 -7.11 60.43
CA SER K 357 -7.14 -7.03 58.98
C SER K 357 -5.78 -6.80 58.36
N GLN K 358 -4.80 -6.33 59.13
CA GLN K 358 -3.44 -6.20 58.61
C GLN K 358 -2.74 -7.54 58.53
N ASP K 359 -2.92 -8.37 59.56
CA ASP K 359 -2.14 -9.60 59.68
C ASP K 359 -2.68 -10.71 58.79
N LEU K 360 -3.99 -10.76 58.57
CA LEU K 360 -4.54 -11.77 57.67
C LEU K 360 -4.19 -11.49 56.22
N GLN K 361 -3.97 -10.21 55.88
CA GLN K 361 -3.64 -9.73 54.53
C GLN K 361 -4.70 -10.18 53.52
N LEU K 362 -5.92 -9.71 53.75
CA LEU K 362 -7.06 -10.24 53.03
C LEU K 362 -7.20 -9.68 51.62
N GLU K 363 -6.65 -8.50 51.35
CA GLU K 363 -6.80 -7.91 50.03
C GLU K 363 -5.93 -8.62 49.00
N ALA K 364 -4.79 -9.18 49.42
CA ALA K 364 -3.85 -9.79 48.50
C ALA K 364 -4.28 -11.18 48.05
N LEU K 365 -5.22 -11.81 48.75
CA LEU K 365 -5.64 -13.15 48.41
C LEU K 365 -6.65 -13.13 47.26
N THR K 366 -6.82 -14.29 46.65
CA THR K 366 -7.89 -14.53 45.69
C THR K 366 -8.91 -15.45 46.36
N ILE K 367 -9.78 -14.85 47.15
CA ILE K 367 -10.70 -15.56 48.02
C ILE K 367 -12.09 -14.95 47.85
N GLN K 368 -13.11 -15.81 47.89
CA GLN K 368 -14.48 -15.35 47.67
C GLN K 368 -15.06 -14.59 48.86
N SER K 369 -14.39 -14.62 50.00
CA SER K 369 -14.86 -13.95 51.22
C SER K 369 -13.78 -12.97 51.68
N GLU K 370 -13.96 -11.69 51.34
CA GLU K 370 -13.03 -10.64 51.74
C GLU K 370 -13.62 -9.70 52.79
N THR K 371 -14.82 -9.17 52.54
CA THR K 371 -15.51 -8.33 53.50
C THR K 371 -16.41 -9.13 54.43
N GLN K 372 -16.28 -10.45 54.43
CA GLN K 372 -17.11 -11.32 55.23
C GLN K 372 -16.34 -12.10 56.29
N PHE K 373 -15.04 -11.89 56.45
CA PHE K 373 -14.37 -12.46 57.62
C PHE K 373 -14.78 -11.73 58.89
N LEU K 374 -14.94 -10.42 58.79
CA LEU K 374 -15.04 -9.56 59.96
C LEU K 374 -16.44 -8.95 60.08
N THR K 375 -17.46 -9.78 59.85
CA THR K 375 -18.82 -9.28 59.99
C THR K 375 -19.30 -9.32 61.43
N GLY K 376 -18.95 -10.37 62.18
CA GLY K 376 -19.51 -10.58 63.49
C GLY K 376 -18.64 -10.15 64.65
N ILE K 377 -17.56 -9.42 64.40
CA ILE K 377 -16.75 -8.89 65.49
C ILE K 377 -17.33 -7.54 65.89
N ASN K 378 -17.91 -7.48 67.09
CA ASN K 378 -18.37 -6.24 67.69
C ASN K 378 -17.99 -6.27 69.17
N SER K 379 -18.37 -5.24 69.89
CA SER K 379 -18.36 -5.31 71.34
C SER K 379 -19.71 -5.74 71.90
N GLN K 380 -20.67 -6.01 71.01
CA GLN K 380 -21.99 -6.51 71.39
C GLN K 380 -22.09 -8.01 71.20
N ALA K 381 -21.44 -8.57 70.18
CA ALA K 381 -21.38 -10.01 70.04
C ALA K 381 -20.46 -10.65 71.07
N ALA K 382 -19.52 -9.89 71.63
CA ALA K 382 -18.72 -10.40 72.74
C ALA K 382 -19.55 -10.57 74.00
N ASN K 383 -20.49 -9.66 74.25
CA ASN K 383 -21.40 -9.84 75.36
C ASN K 383 -22.43 -10.91 75.08
N ASP K 384 -22.79 -11.10 73.81
CA ASP K 384 -23.77 -12.11 73.45
C ASP K 384 -23.17 -13.51 73.51
N CYS K 385 -21.86 -13.63 73.29
CA CYS K 385 -21.22 -14.93 73.41
C CYS K 385 -20.95 -15.29 74.85
N PHE K 386 -20.75 -14.29 75.72
CA PHE K 386 -20.52 -14.57 77.13
C PHE K 386 -21.80 -14.95 77.84
N LYS K 387 -22.91 -14.29 77.50
CA LYS K 387 -24.18 -14.61 78.14
C LYS K 387 -24.71 -15.96 77.69
N THR K 388 -24.47 -16.31 76.43
CA THR K 388 -24.92 -17.60 75.90
C THR K 388 -24.17 -18.75 76.55
N LEU K 389 -22.85 -18.63 76.62
CA LEU K 389 -21.99 -19.75 76.94
C LEU K 389 -22.04 -20.11 78.41
N ILE K 390 -22.52 -19.20 79.26
CA ILE K 390 -22.74 -19.48 80.67
C ILE K 390 -24.16 -19.98 80.92
N ALA K 391 -25.15 -19.36 80.27
CA ALA K 391 -26.53 -19.73 80.54
C ALA K 391 -26.94 -21.00 79.83
N ALA K 392 -26.31 -21.33 78.71
CA ALA K 392 -26.51 -22.64 78.11
C ALA K 392 -25.74 -23.73 78.81
N MET K 393 -24.97 -23.39 79.84
CA MET K 393 -24.22 -24.32 80.66
C MET K 393 -24.86 -24.54 82.02
N LEU K 394 -25.52 -23.52 82.56
CA LEU K 394 -26.19 -23.62 83.86
C LEU K 394 -27.53 -24.34 83.72
N SER K 395 -28.31 -23.96 82.73
CA SER K 395 -29.39 -24.80 82.25
C SER K 395 -28.80 -25.75 81.24
N GLN K 396 -28.98 -27.06 81.45
CA GLN K 396 -28.31 -28.05 80.61
C GLN K 396 -28.98 -28.10 79.24
N ARG K 397 -28.68 -27.08 78.45
CA ARG K 397 -29.30 -26.85 77.16
C ARG K 397 -28.25 -27.07 76.09
N THR K 398 -28.60 -27.83 75.06
CA THR K 398 -27.64 -28.09 74.00
C THR K 398 -27.44 -26.85 73.16
N MET K 399 -26.42 -26.89 72.32
CA MET K 399 -25.93 -25.67 71.69
C MET K 399 -25.36 -26.04 70.32
N SER K 400 -26.16 -25.83 69.28
CA SER K 400 -25.64 -26.10 67.95
C SER K 400 -24.68 -24.99 67.54
N LEU K 401 -23.69 -25.36 66.75
CA LEU K 401 -22.74 -24.38 66.24
C LEU K 401 -23.14 -23.91 64.86
N ASP K 402 -22.76 -22.69 64.54
CA ASP K 402 -23.02 -22.11 63.24
C ASP K 402 -21.77 -21.35 62.85
N PHE K 403 -21.29 -21.60 61.64
CA PHE K 403 -20.07 -20.98 61.16
C PHE K 403 -20.12 -21.02 59.64
N VAL K 404 -19.00 -20.75 59.01
CA VAL K 404 -18.81 -21.01 57.59
C VAL K 404 -17.38 -21.46 57.39
N THR K 405 -17.21 -22.59 56.71
CA THR K 405 -15.90 -23.26 56.66
C THR K 405 -14.90 -22.55 55.78
N THR K 406 -15.32 -21.53 55.04
CA THR K 406 -14.37 -20.65 54.38
C THR K 406 -13.61 -19.80 55.41
N ASN K 407 -14.35 -19.19 56.33
CA ASN K 407 -13.81 -18.22 57.29
C ASN K 407 -13.08 -18.99 58.37
N TYR K 408 -11.77 -19.18 58.17
CA TYR K 408 -10.97 -19.92 59.14
C TYR K 408 -10.70 -19.13 60.40
N MET K 409 -10.86 -17.82 60.39
CA MET K 409 -10.66 -17.05 61.62
C MET K 409 -11.83 -17.21 62.57
N SER K 410 -12.98 -17.64 62.10
CA SER K 410 -14.04 -18.10 62.99
C SER K 410 -13.89 -19.56 63.32
N LEU K 411 -12.84 -20.20 62.83
CA LEU K 411 -12.61 -21.61 62.99
C LEU K 411 -11.37 -21.92 63.80
N ILE K 412 -10.36 -21.04 63.76
CA ILE K 412 -9.24 -21.11 64.69
C ILE K 412 -9.71 -20.78 66.09
N SER K 413 -10.57 -19.77 66.22
CA SER K 413 -11.20 -19.47 67.50
C SER K 413 -12.16 -20.54 67.95
N GLY K 414 -12.66 -21.37 67.02
CA GLY K 414 -13.43 -22.53 67.39
C GLY K 414 -12.64 -23.61 68.09
N MET K 415 -11.31 -23.58 67.97
CA MET K 415 -10.49 -24.48 68.77
C MET K 415 -10.56 -24.13 70.25
N TRP K 416 -10.67 -22.84 70.57
CA TRP K 416 -10.82 -22.44 71.96
C TRP K 416 -12.18 -22.82 72.51
N LEU K 417 -13.21 -22.86 71.65
CA LEU K 417 -14.54 -23.16 72.14
C LEU K 417 -14.67 -24.60 72.58
N LEU K 418 -14.08 -25.51 71.82
CA LEU K 418 -14.20 -26.94 72.12
C LEU K 418 -13.36 -27.32 73.32
N THR K 419 -12.27 -26.61 73.57
CA THR K 419 -11.40 -26.97 74.68
C THR K 419 -11.85 -26.40 76.01
N VAL K 420 -12.85 -25.53 76.03
CA VAL K 420 -13.34 -24.91 77.26
C VAL K 420 -14.76 -25.34 77.56
N VAL K 421 -15.66 -25.15 76.61
CA VAL K 421 -17.01 -25.71 76.75
C VAL K 421 -16.93 -27.22 76.59
N PRO K 422 -17.45 -28.00 77.54
CA PRO K 422 -17.32 -29.46 77.45
C PRO K 422 -18.09 -30.02 76.27
N ASN K 423 -17.41 -30.88 75.49
CA ASN K 423 -17.87 -31.24 74.16
C ASN K 423 -19.13 -32.09 74.14
N ASP K 424 -19.62 -32.56 75.28
CA ASP K 424 -20.90 -33.22 75.30
C ASP K 424 -22.06 -32.23 75.41
N MET K 425 -21.77 -30.94 75.46
CA MET K 425 -22.83 -29.93 75.48
C MET K 425 -23.45 -29.77 74.11
N PHE K 426 -22.66 -29.83 73.06
CA PHE K 426 -23.14 -29.52 71.72
C PHE K 426 -23.94 -30.69 71.15
N ILE K 427 -24.90 -30.38 70.28
CA ILE K 427 -25.57 -31.43 69.52
C ILE K 427 -24.58 -32.04 68.55
N ARG K 428 -24.61 -33.37 68.43
CA ARG K 428 -23.45 -34.13 67.99
C ARG K 428 -23.13 -33.91 66.52
N GLU K 429 -24.14 -33.76 65.67
CA GLU K 429 -23.87 -33.62 64.25
C GLU K 429 -23.31 -32.26 63.85
N SER K 430 -23.27 -31.30 64.78
CA SER K 430 -22.55 -30.05 64.59
C SER K 430 -21.20 -30.06 65.27
N LEU K 431 -21.11 -30.75 66.41
CA LEU K 431 -19.82 -30.99 67.06
C LEU K 431 -18.88 -31.75 66.15
N VAL K 432 -19.40 -32.72 65.41
CA VAL K 432 -18.61 -33.42 64.41
C VAL K 432 -18.26 -32.48 63.26
N ALA K 433 -19.26 -31.73 62.77
CA ALA K 433 -19.07 -30.86 61.62
C ALA K 433 -18.23 -29.63 61.93
N CYS K 434 -17.99 -29.32 63.19
CA CYS K 434 -17.00 -28.31 63.56
C CYS K 434 -15.63 -28.92 63.77
N GLN K 435 -15.56 -30.13 64.31
CA GLN K 435 -14.28 -30.76 64.55
C GLN K 435 -13.71 -31.37 63.29
N LEU K 436 -14.56 -31.86 62.38
CA LEU K 436 -14.04 -32.30 61.09
C LEU K 436 -13.56 -31.12 60.27
N ALA K 437 -14.25 -29.98 60.35
CA ALA K 437 -13.85 -28.83 59.55
C ALA K 437 -12.59 -28.16 60.06
N ILE K 438 -12.25 -28.33 61.34
CA ILE K 438 -10.96 -27.86 61.83
C ILE K 438 -9.84 -28.76 61.32
N ILE K 439 -10.06 -30.07 61.39
CA ILE K 439 -9.04 -31.05 61.00
C ILE K 439 -8.80 -31.00 59.49
N ASN K 440 -9.88 -30.98 58.73
CA ASN K 440 -9.77 -31.18 57.29
C ASN K 440 -9.22 -29.95 56.58
N THR K 441 -9.16 -28.80 57.24
CA THR K 441 -8.63 -27.59 56.63
C THR K 441 -7.41 -27.00 57.32
N ILE K 442 -7.20 -27.25 58.61
CA ILE K 442 -6.17 -26.58 59.39
C ILE K 442 -5.16 -27.57 59.97
N ILE K 443 -5.64 -28.60 60.66
CA ILE K 443 -4.73 -29.52 61.34
C ILE K 443 -4.15 -30.55 60.38
N TYR K 444 -4.98 -31.23 59.60
CA TYR K 444 -4.43 -32.21 58.66
C TYR K 444 -3.72 -31.61 57.44
N PRO K 445 -4.07 -30.44 56.91
CA PRO K 445 -3.14 -29.80 55.97
C PRO K 445 -1.85 -29.30 56.60
N ALA K 446 -1.79 -29.16 57.93
CA ALA K 446 -0.54 -28.70 58.55
C ALA K 446 0.52 -29.77 58.47
N PHE K 447 0.26 -30.93 59.07
CA PHE K 447 1.23 -32.02 59.05
C PHE K 447 1.27 -32.74 57.72
N GLY K 448 0.44 -32.35 56.76
CA GLY K 448 0.58 -32.80 55.40
C GLY K 448 -0.07 -34.11 55.08
N MET K 449 -0.66 -34.78 56.06
CA MET K 449 -1.25 -36.07 55.80
C MET K 449 -2.58 -35.91 55.06
N GLN K 450 -3.16 -37.04 54.66
CA GLN K 450 -4.32 -37.04 53.79
C GLN K 450 -5.55 -36.50 54.52
N ARG K 451 -6.59 -36.22 53.74
CA ARG K 451 -7.81 -35.69 54.30
C ARG K 451 -8.57 -36.76 55.07
N MET K 452 -9.63 -36.35 55.73
CA MET K 452 -10.34 -37.21 56.66
C MET K 452 -11.67 -37.63 56.05
N HIS K 453 -11.72 -38.83 55.50
CA HIS K 453 -12.98 -39.40 55.03
C HIS K 453 -13.74 -39.93 56.25
N TYR K 454 -14.84 -39.27 56.59
CA TYR K 454 -15.55 -39.55 57.83
C TYR K 454 -16.99 -39.94 57.51
N ARG K 455 -17.36 -41.18 57.80
CA ARG K 455 -18.75 -41.59 57.75
C ARG K 455 -19.44 -41.21 59.04
N ASN K 456 -20.71 -40.83 58.96
CA ASN K 456 -21.34 -40.16 60.09
C ASN K 456 -21.77 -41.13 61.18
N GLY K 457 -22.20 -42.33 60.81
CA GLY K 457 -22.59 -43.28 61.84
C GLY K 457 -21.40 -43.96 62.47
N ASP K 458 -20.62 -43.21 63.25
CA ASP K 458 -19.37 -43.73 63.77
C ASP K 458 -19.29 -43.33 65.23
N PRO K 459 -18.99 -44.26 66.15
CA PRO K 459 -18.93 -43.89 67.57
C PRO K 459 -17.74 -43.04 67.96
N GLN K 460 -16.80 -42.79 67.07
CA GLN K 460 -15.63 -41.99 67.39
C GLN K 460 -15.79 -40.59 66.79
N THR K 461 -15.59 -39.59 67.62
CA THR K 461 -15.61 -38.19 67.19
C THR K 461 -14.35 -37.95 66.37
N PRO K 462 -14.38 -37.02 65.40
CA PRO K 462 -13.16 -36.77 64.59
C PRO K 462 -11.93 -36.33 65.34
N PHE K 463 -12.02 -35.74 66.53
CA PHE K 463 -10.80 -35.57 67.30
C PHE K 463 -10.36 -36.90 67.91
N GLN K 464 -11.32 -37.79 68.21
CA GLN K 464 -10.96 -39.09 68.79
C GLN K 464 -10.30 -40.02 67.79
N ILE K 465 -10.41 -39.75 66.49
CA ILE K 465 -9.69 -40.52 65.49
C ILE K 465 -8.31 -39.93 65.25
N ALA K 466 -8.22 -38.62 65.13
CA ALA K 466 -6.92 -37.97 64.94
C ALA K 466 -6.12 -37.83 66.23
N GLU K 467 -6.65 -38.24 67.37
CA GLU K 467 -5.82 -38.33 68.56
C GLU K 467 -4.94 -39.56 68.52
N GLN K 468 -5.27 -40.54 67.68
CA GLN K 468 -4.49 -41.75 67.55
C GLN K 468 -3.66 -41.82 66.26
N GLN K 469 -4.00 -41.04 65.24
CA GLN K 469 -3.27 -41.08 63.98
C GLN K 469 -2.32 -39.92 63.78
N ILE K 470 -2.44 -38.86 64.54
CA ILE K 470 -1.52 -37.75 64.35
C ILE K 470 -0.23 -38.11 65.08
N GLN K 471 0.89 -37.56 64.61
CA GLN K 471 2.18 -37.98 65.11
C GLN K 471 2.89 -36.93 65.94
N ASN K 472 2.48 -35.68 65.86
CA ASN K 472 3.01 -34.65 66.74
C ASN K 472 2.50 -34.88 68.16
N PHE K 473 3.32 -34.53 69.14
CA PHE K 473 2.88 -34.73 70.52
C PHE K 473 2.28 -33.49 71.15
N GLN K 474 2.69 -32.29 70.70
CA GLN K 474 2.09 -31.08 71.25
C GLN K 474 0.64 -30.93 70.84
N VAL K 475 0.28 -31.44 69.67
CA VAL K 475 -1.10 -31.40 69.20
C VAL K 475 -1.90 -32.58 69.72
N ALA K 476 -1.33 -33.80 69.75
CA ALA K 476 -2.08 -34.96 70.20
C ALA K 476 -2.38 -34.89 71.69
N ASN K 477 -1.54 -34.23 72.46
CA ASN K 477 -1.84 -34.06 73.88
C ASN K 477 -2.82 -32.92 74.12
N TRP K 478 -3.16 -32.15 73.09
CA TRP K 478 -4.31 -31.27 73.19
C TRP K 478 -5.57 -31.99 72.77
N LEU K 479 -5.50 -32.81 71.73
CA LEU K 479 -6.64 -33.61 71.30
C LEU K 479 -7.03 -34.66 72.32
N HIS K 480 -6.16 -34.97 73.28
CA HIS K 480 -6.58 -35.79 74.40
C HIS K 480 -7.36 -34.99 75.43
N PHE K 481 -7.34 -33.66 75.36
CA PHE K 481 -8.20 -32.93 76.28
C PHE K 481 -9.55 -32.57 75.70
N VAL K 482 -9.64 -32.33 74.39
CA VAL K 482 -10.95 -32.03 73.83
C VAL K 482 -11.81 -33.29 73.79
N ASN K 483 -11.19 -34.46 73.69
CA ASN K 483 -11.94 -35.69 73.75
C ASN K 483 -12.43 -36.01 75.15
N ASN K 484 -11.81 -35.47 76.19
CA ASN K 484 -12.14 -35.89 77.54
C ASN K 484 -12.35 -34.70 78.47
N ASN K 485 -13.06 -33.68 78.00
CA ASN K 485 -13.66 -32.70 78.91
C ASN K 485 -15.17 -32.85 78.82
N GLN K 486 -15.73 -33.54 79.81
CA GLN K 486 -17.17 -33.68 79.91
C GLN K 486 -17.57 -33.34 81.34
N PHE K 487 -18.86 -33.17 81.55
CA PHE K 487 -19.39 -32.75 82.83
C PHE K 487 -19.36 -33.91 83.80
N ARG K 488 -18.46 -33.85 84.77
CA ARG K 488 -18.30 -34.89 85.77
C ARG K 488 -19.31 -34.65 86.88
N GLN K 489 -20.34 -35.47 86.95
CA GLN K 489 -21.47 -35.20 87.82
C GLN K 489 -21.10 -35.42 89.28
N VAL K 490 -21.28 -34.39 90.10
CA VAL K 490 -21.06 -34.50 91.53
C VAL K 490 -22.33 -34.04 92.23
N VAL K 491 -22.53 -34.55 93.45
CA VAL K 491 -23.74 -34.26 94.21
C VAL K 491 -23.34 -33.62 95.54
N ILE K 492 -23.78 -32.38 95.75
CA ILE K 492 -23.42 -31.57 96.90
C ILE K 492 -24.63 -30.81 97.39
N ASP K 493 -24.81 -30.79 98.71
CA ASP K 493 -25.91 -30.10 99.42
C ASP K 493 -27.28 -30.57 98.97
N GLY K 494 -27.38 -31.80 98.48
CA GLY K 494 -28.64 -32.38 98.08
C GLY K 494 -28.98 -32.26 96.61
N VAL K 495 -28.25 -31.46 95.85
CA VAL K 495 -28.54 -31.27 94.43
C VAL K 495 -27.45 -31.95 93.62
N LEU K 496 -27.73 -32.17 92.34
CA LEU K 496 -26.77 -32.74 91.40
C LEU K 496 -26.39 -31.65 90.41
N ASN K 497 -25.17 -31.14 90.50
CA ASN K 497 -24.70 -30.13 89.56
C ASN K 497 -23.51 -30.65 88.78
N GLN K 498 -23.44 -30.25 87.52
CA GLN K 498 -22.47 -30.75 86.55
C GLN K 498 -21.25 -29.84 86.60
N VAL K 499 -20.17 -30.29 87.22
CA VAL K 499 -19.02 -29.43 87.45
C VAL K 499 -17.95 -29.70 86.39
N LEU K 500 -16.98 -28.80 86.30
CA LEU K 500 -15.86 -28.86 85.38
C LEU K 500 -14.67 -29.53 86.07
N ASN K 501 -13.56 -29.71 85.36
CA ASN K 501 -12.37 -30.27 85.97
C ASN K 501 -11.38 -29.18 86.33
N ASP K 502 -10.46 -29.52 87.21
CA ASP K 502 -9.62 -28.51 87.84
C ASP K 502 -8.48 -28.03 86.96
N ASN K 503 -8.30 -28.59 85.77
CA ASN K 503 -7.33 -28.03 84.84
C ASN K 503 -7.93 -26.90 84.05
N ILE K 504 -9.25 -26.90 83.90
CA ILE K 504 -9.96 -25.90 83.09
C ILE K 504 -10.54 -24.79 83.96
N ARG K 505 -10.63 -25.01 85.27
CA ARG K 505 -11.22 -24.06 86.19
C ARG K 505 -10.19 -23.08 86.73
N ASN K 506 -8.91 -23.38 86.56
CA ASN K 506 -7.84 -22.41 86.79
C ASN K 506 -7.21 -21.95 85.49
N GLY K 507 -7.69 -22.43 84.35
CA GLY K 507 -7.30 -21.89 83.08
C GLY K 507 -6.01 -22.43 82.50
N HIS K 508 -5.45 -23.48 83.09
CA HIS K 508 -4.18 -24.01 82.62
C HIS K 508 -4.30 -24.78 81.32
N VAL K 509 -5.51 -25.05 80.85
CA VAL K 509 -5.70 -25.79 79.62
C VAL K 509 -5.31 -24.94 78.42
N VAL K 510 -5.55 -23.64 78.50
CA VAL K 510 -5.23 -22.74 77.40
C VAL K 510 -3.72 -22.64 77.20
N ASN K 511 -2.94 -22.87 78.25
CA ASN K 511 -1.50 -22.97 78.08
C ASN K 511 -1.09 -24.23 77.32
N GLN K 512 -1.94 -25.26 77.29
CA GLN K 512 -1.67 -26.42 76.45
C GLN K 512 -2.13 -26.20 75.02
N LEU K 513 -3.20 -25.45 74.81
CA LEU K 513 -3.64 -25.14 73.45
C LEU K 513 -2.64 -24.25 72.75
N MET K 514 -2.09 -23.26 73.43
CA MET K 514 -1.10 -22.40 72.79
C MET K 514 0.23 -23.10 72.58
N GLU K 515 0.48 -24.23 73.25
CA GLU K 515 1.60 -25.08 72.86
C GLU K 515 1.28 -25.88 71.62
N ALA K 516 0.00 -26.20 71.42
CA ALA K 516 -0.43 -26.86 70.20
C ALA K 516 -0.61 -25.88 69.06
N LEU K 517 -0.97 -24.64 69.37
CA LEU K 517 -1.20 -23.66 68.34
C LEU K 517 0.08 -22.96 67.91
N MET K 518 1.13 -23.00 68.73
CA MET K 518 2.41 -22.47 68.29
C MET K 518 3.07 -23.39 67.27
N GLN K 519 3.12 -24.69 67.57
CA GLN K 519 3.75 -25.64 66.65
C GLN K 519 2.89 -25.96 65.45
N LEU K 520 1.64 -25.51 65.44
CA LEU K 520 0.83 -25.62 64.24
C LEU K 520 1.05 -24.42 63.33
N SER K 521 1.64 -23.34 63.85
CA SER K 521 2.01 -22.19 63.07
C SER K 521 3.47 -22.22 62.65
N ARG K 522 4.16 -23.34 62.85
CA ARG K 522 5.53 -23.52 62.41
C ARG K 522 5.71 -24.60 61.37
N GLN K 523 4.97 -25.71 61.48
CA GLN K 523 5.10 -26.79 60.51
C GLN K 523 4.46 -26.36 59.21
N GLN K 524 5.27 -26.29 58.15
CA GLN K 524 4.84 -25.73 56.88
C GLN K 524 3.78 -26.60 56.24
N PHE K 525 2.89 -25.96 55.48
CA PHE K 525 1.76 -26.68 54.93
C PHE K 525 2.19 -27.10 53.54
N PRO K 526 2.46 -28.39 53.29
CA PRO K 526 3.38 -28.78 52.22
C PRO K 526 2.84 -28.64 50.80
N THR K 527 1.55 -28.43 50.60
CA THR K 527 1.05 -28.22 49.25
C THR K 527 0.10 -27.02 49.20
N MET K 528 -0.06 -26.32 50.32
CA MET K 528 -0.86 -25.11 50.36
C MET K 528 -0.18 -24.02 49.53
N PRO K 529 -0.95 -23.14 48.88
CA PRO K 529 -0.35 -21.99 48.24
C PRO K 529 0.32 -21.07 49.25
N VAL K 530 1.35 -20.36 48.80
CA VAL K 530 2.18 -19.62 49.75
C VAL K 530 1.45 -18.40 50.27
N ASP K 531 0.60 -17.78 49.46
CA ASP K 531 -0.18 -16.64 49.94
C ASP K 531 -1.29 -17.08 50.89
N TYR K 532 -1.74 -18.32 50.80
CA TYR K 532 -2.74 -18.85 51.71
C TYR K 532 -2.12 -19.56 52.90
N LYS K 533 -0.81 -19.83 52.87
CA LYS K 533 -0.15 -20.42 54.04
C LYS K 533 0.14 -19.37 55.10
N ARG K 534 0.58 -18.19 54.68
CA ARG K 534 0.87 -17.13 55.64
C ARG K 534 -0.36 -16.35 56.04
N SER K 535 -1.44 -16.43 55.29
CA SER K 535 -2.68 -15.83 55.74
C SER K 535 -3.40 -16.68 56.77
N ILE K 536 -2.93 -17.90 57.01
CA ILE K 536 -3.53 -18.80 57.99
C ILE K 536 -2.53 -19.17 59.08
N GLN K 537 -1.26 -18.82 58.93
CA GLN K 537 -0.33 -18.88 60.05
C GLN K 537 -0.32 -17.58 60.85
N ARG K 538 -0.56 -16.44 60.20
CA ARG K 538 -0.72 -15.20 60.95
C ARG K 538 -2.09 -15.09 61.57
N GLY K 539 -3.08 -15.81 61.05
CA GLY K 539 -4.36 -15.88 61.73
C GLY K 539 -4.30 -16.71 62.99
N ILE K 540 -3.36 -17.66 63.05
CA ILE K 540 -3.17 -18.43 64.25
C ILE K 540 -2.43 -17.61 65.30
N LEU K 541 -1.41 -16.86 64.88
CA LEU K 541 -0.67 -15.99 65.79
C LEU K 541 -1.46 -14.78 66.26
N LEU K 542 -2.66 -14.54 65.71
CA LEU K 542 -3.59 -13.60 66.31
C LEU K 542 -4.26 -14.18 67.55
N LEU K 543 -4.19 -15.50 67.74
CA LEU K 543 -4.67 -16.16 68.94
C LEU K 543 -3.56 -16.82 69.74
N SER K 544 -2.49 -17.23 69.08
CA SER K 544 -1.35 -17.80 69.79
C SER K 544 -0.65 -16.74 70.65
N ASN K 545 -0.53 -15.52 70.14
CA ASN K 545 0.09 -14.45 70.91
C ASN K 545 -0.82 -13.92 71.99
N ARG K 546 -2.10 -14.23 71.94
CA ARG K 546 -3.05 -13.75 72.93
C ARG K 546 -3.26 -14.81 74.01
N LEU K 547 -2.18 -15.21 74.66
CA LEU K 547 -2.27 -16.22 75.70
C LEU K 547 -2.74 -15.64 77.02
N GLY K 548 -2.13 -14.52 77.44
CA GLY K 548 -2.40 -13.98 78.75
C GLY K 548 -3.79 -13.41 78.88
N GLN K 549 -4.33 -12.85 77.80
CA GLN K 549 -5.70 -12.37 77.84
C GLN K 549 -6.70 -13.51 77.80
N LEU K 550 -6.27 -14.72 77.41
CA LEU K 550 -7.19 -15.83 77.18
C LEU K 550 -7.12 -16.91 78.24
N VAL K 551 -5.97 -17.09 78.90
CA VAL K 551 -5.94 -17.86 80.14
C VAL K 551 -6.76 -17.16 81.20
N ASP K 552 -6.69 -15.83 81.22
CA ASP K 552 -7.47 -15.04 82.15
C ASP K 552 -8.94 -14.95 81.78
N LEU K 553 -9.33 -15.40 80.59
CA LEU K 553 -10.76 -15.44 80.27
C LEU K 553 -11.40 -16.69 80.87
N THR K 554 -10.77 -17.84 80.69
CA THR K 554 -11.36 -19.09 81.15
C THR K 554 -11.30 -19.22 82.65
N ARG K 555 -10.45 -18.45 83.33
CA ARG K 555 -10.54 -18.34 84.76
C ARG K 555 -11.81 -17.62 85.16
N LEU K 556 -12.30 -16.70 84.32
CA LEU K 556 -13.51 -15.95 84.59
C LEU K 556 -14.75 -16.71 84.14
N LEU K 557 -14.69 -17.34 82.96
CA LEU K 557 -15.82 -18.09 82.43
C LEU K 557 -16.14 -19.32 83.27
N ALA K 558 -15.16 -19.87 83.97
CA ALA K 558 -15.39 -20.97 84.88
C ALA K 558 -15.44 -20.52 86.33
N TYR K 559 -15.47 -19.21 86.58
CA TYR K 559 -15.81 -18.69 87.89
C TYR K 559 -17.20 -18.09 87.95
N ASN K 560 -17.67 -17.45 86.88
CA ASN K 560 -19.07 -17.04 86.83
C ASN K 560 -19.99 -18.24 86.78
N TYR K 561 -19.58 -19.29 86.06
CA TYR K 561 -20.37 -20.51 86.05
C TYR K 561 -20.30 -21.23 87.39
N GLU K 562 -19.18 -21.11 88.09
CA GLU K 562 -19.01 -21.83 89.34
C GLU K 562 -19.79 -21.16 90.48
N THR K 563 -19.89 -19.83 90.48
CA THR K 563 -20.62 -19.19 91.57
C THR K 563 -22.10 -19.07 91.28
N LEU K 564 -22.50 -19.03 90.01
CA LEU K 564 -23.93 -19.04 89.70
C LEU K 564 -24.55 -20.40 89.91
N MET K 565 -23.75 -21.47 89.90
CA MET K 565 -24.25 -22.81 90.15
C MET K 565 -24.53 -23.08 91.61
N ALA K 566 -24.07 -22.21 92.51
CA ALA K 566 -24.48 -22.32 93.90
C ALA K 566 -25.95 -21.99 94.07
N CYS K 567 -26.48 -21.12 93.20
CA CYS K 567 -27.88 -20.74 93.26
C CYS K 567 -28.75 -21.59 92.34
N ILE K 568 -28.56 -22.89 92.37
CA ILE K 568 -29.37 -23.84 91.61
C ILE K 568 -29.95 -24.83 92.60
N THR K 569 -31.27 -24.97 92.58
CA THR K 569 -31.97 -25.84 93.51
C THR K 569 -32.48 -27.11 92.86
N MET K 570 -32.93 -27.04 91.63
CA MET K 570 -33.30 -28.24 90.89
C MET K 570 -32.05 -29.02 90.50
N ASN K 571 -32.26 -30.26 90.10
CA ASN K 571 -31.17 -31.06 89.57
C ASN K 571 -30.71 -30.50 88.23
N MET K 572 -29.46 -30.77 87.88
CA MET K 572 -28.93 -30.38 86.59
C MET K 572 -28.71 -31.67 85.80
N GLN K 573 -29.77 -32.14 85.16
CA GLN K 573 -29.71 -33.36 84.37
C GLN K 573 -29.39 -33.00 82.93
N HIS K 574 -28.46 -33.72 82.33
CA HIS K 574 -27.96 -33.42 81.01
C HIS K 574 -28.49 -34.46 80.03
N VAL K 575 -29.58 -34.12 79.35
CA VAL K 575 -30.07 -34.90 78.22
C VAL K 575 -30.02 -34.02 76.99
N GLN K 576 -30.10 -34.65 75.83
CA GLN K 576 -30.05 -33.92 74.57
C GLN K 576 -31.44 -33.33 74.31
N THR K 577 -31.53 -32.00 74.38
CA THR K 577 -32.79 -31.31 74.18
C THR K 577 -33.19 -31.32 72.71
N LEU K 578 -34.48 -31.06 72.46
CA LEU K 578 -35.01 -31.14 71.10
C LEU K 578 -34.56 -29.98 70.24
N THR K 579 -34.80 -28.75 70.69
CA THR K 579 -34.38 -27.57 69.96
C THR K 579 -33.18 -26.94 70.64
N THR K 580 -32.20 -26.55 69.84
CA THR K 580 -30.90 -26.13 70.32
C THR K 580 -30.71 -24.62 70.14
N GLU K 581 -30.13 -23.98 71.15
CA GLU K 581 -29.88 -22.55 71.12
C GLU K 581 -28.61 -22.27 70.35
N LYS K 582 -28.74 -21.67 69.17
CA LYS K 582 -27.66 -21.59 68.21
C LYS K 582 -26.60 -20.58 68.65
N LEU K 583 -25.35 -21.04 68.71
CA LEU K 583 -24.21 -20.18 69.01
C LEU K 583 -23.36 -20.06 67.77
N GLN K 584 -23.06 -18.83 67.37
CA GLN K 584 -22.33 -18.57 66.14
C GLN K 584 -20.84 -18.51 66.43
N LEU K 585 -20.04 -19.19 65.60
CA LEU K 585 -18.61 -19.15 65.80
C LEU K 585 -17.99 -17.83 65.35
N THR K 586 -18.72 -16.99 64.64
CA THR K 586 -18.31 -15.61 64.41
C THR K 586 -18.54 -14.75 65.64
N SER K 587 -19.28 -15.26 66.62
CA SER K 587 -19.45 -14.58 67.89
C SER K 587 -18.48 -15.09 68.95
N VAL K 588 -17.93 -16.29 68.80
CA VAL K 588 -16.87 -16.74 69.69
C VAL K 588 -15.58 -15.99 69.37
N THR K 589 -15.32 -15.75 68.08
CA THR K 589 -14.11 -15.01 67.70
C THR K 589 -14.19 -13.53 68.04
N SER K 590 -15.33 -13.02 68.47
CA SER K 590 -15.38 -11.68 69.01
C SER K 590 -15.19 -11.65 70.51
N LEU K 591 -15.08 -12.80 71.16
CA LEU K 591 -14.83 -12.87 72.59
C LEU K 591 -13.37 -13.13 72.92
N CYS K 592 -12.69 -13.96 72.12
CA CYS K 592 -11.31 -14.32 72.42
C CYS K 592 -10.37 -13.14 72.24
N MET K 593 -10.63 -12.28 71.25
CA MET K 593 -9.74 -11.18 70.95
C MET K 593 -10.35 -9.81 71.22
N LEU K 594 -11.43 -9.76 71.99
CA LEU K 594 -11.95 -8.49 72.49
C LEU K 594 -12.26 -8.58 73.97
N ILE K 595 -11.44 -9.31 74.71
CA ILE K 595 -11.55 -9.39 76.16
C ILE K 595 -10.50 -8.47 76.77
N GLY K 596 -10.83 -7.82 77.86
CA GLY K 596 -9.89 -7.00 78.58
C GLY K 596 -9.76 -7.47 80.01
N ASN K 597 -8.76 -6.99 80.74
CA ASN K 597 -8.51 -7.52 82.08
C ASN K 597 -9.24 -6.70 83.15
N ALA K 598 -10.53 -6.50 82.91
CA ALA K 598 -11.45 -5.97 83.91
C ALA K 598 -12.44 -7.08 84.25
N THR K 599 -12.39 -7.57 85.47
CA THR K 599 -13.07 -8.78 85.87
C THR K 599 -14.46 -8.50 86.44
N VAL K 600 -15.45 -9.15 85.86
CA VAL K 600 -16.83 -9.04 86.30
C VAL K 600 -17.14 -10.19 87.25
N ILE K 601 -18.15 -9.99 88.07
CA ILE K 601 -18.47 -10.92 89.14
C ILE K 601 -19.95 -10.71 89.43
N PRO K 602 -20.74 -11.76 89.68
CA PRO K 602 -22.15 -11.57 90.03
C PRO K 602 -22.26 -10.89 91.37
N SER K 603 -22.78 -9.66 91.37
CA SER K 603 -22.96 -8.90 92.60
C SER K 603 -24.03 -9.57 93.46
N PRO K 604 -23.92 -9.47 94.79
CA PRO K 604 -24.83 -10.25 95.65
C PRO K 604 -26.28 -9.82 95.63
N GLN K 605 -26.62 -8.71 94.98
CA GLN K 605 -28.03 -8.37 94.82
C GLN K 605 -28.67 -9.18 93.70
N THR K 606 -27.91 -9.49 92.65
CA THR K 606 -28.38 -10.38 91.60
C THR K 606 -27.91 -11.80 91.78
N LEU K 607 -27.36 -12.14 92.94
CA LEU K 607 -27.07 -13.52 93.28
C LEU K 607 -28.00 -14.04 94.35
N PHE K 608 -28.70 -13.16 95.06
CA PHE K 608 -29.81 -13.56 95.89
C PHE K 608 -31.13 -13.48 95.12
N HIS K 609 -31.16 -12.75 94.02
CA HIS K 609 -32.35 -12.72 93.19
C HIS K 609 -32.44 -13.96 92.31
N TYR K 610 -31.30 -14.48 91.85
CA TYR K 610 -31.31 -15.71 91.08
C TYR K 610 -31.57 -16.92 91.97
N TYR K 611 -31.31 -16.82 93.27
CA TYR K 611 -31.60 -17.93 94.17
C TYR K 611 -33.01 -17.88 94.70
N ASN K 612 -33.59 -16.70 94.87
CA ASN K 612 -34.98 -16.64 95.32
C ASN K 612 -35.97 -16.87 94.18
N VAL K 613 -35.55 -16.71 92.93
CA VAL K 613 -36.43 -17.01 91.81
C VAL K 613 -36.27 -18.46 91.38
N ASN K 614 -35.28 -19.16 91.89
CA ASN K 614 -35.09 -20.57 91.58
C ASN K 614 -35.54 -21.50 92.69
N VAL K 615 -35.68 -21.00 93.91
CA VAL K 615 -36.40 -21.74 94.94
C VAL K 615 -37.90 -21.61 94.73
N ASN K 616 -38.37 -20.39 94.45
CA ASN K 616 -39.79 -20.13 94.29
C ASN K 616 -40.38 -20.81 93.06
N PHE K 617 -39.56 -21.15 92.07
CA PHE K 617 -40.06 -22.03 91.01
C PHE K 617 -40.00 -23.48 91.45
N HIS K 618 -38.97 -23.86 92.21
CA HIS K 618 -38.87 -25.23 92.64
C HIS K 618 -39.79 -25.52 93.83
N SER K 619 -40.13 -24.53 94.63
CA SER K 619 -41.14 -24.75 95.66
C SER K 619 -42.54 -24.77 95.05
N ASN K 620 -42.76 -24.02 93.97
CA ASN K 620 -44.06 -24.05 93.32
C ASN K 620 -44.26 -25.34 92.54
N TYR K 621 -43.18 -25.86 91.96
CA TYR K 621 -43.27 -27.11 91.20
C TYR K 621 -43.56 -28.30 92.11
N ASN K 622 -43.12 -28.24 93.36
CA ASN K 622 -43.45 -29.31 94.28
C ASN K 622 -44.82 -29.12 94.90
N GLU K 623 -45.28 -27.89 95.05
CA GLU K 623 -46.60 -27.67 95.63
C GLU K 623 -47.72 -27.90 94.64
N ARG K 624 -47.41 -28.20 93.38
CA ARG K 624 -48.41 -28.61 92.40
C ARG K 624 -48.42 -30.10 92.15
N ILE K 625 -47.26 -30.76 92.20
CA ILE K 625 -47.25 -32.21 92.10
C ILE K 625 -47.73 -32.86 93.38
N ASN K 626 -47.80 -32.12 94.48
CA ASN K 626 -48.48 -32.62 95.67
C ASN K 626 -49.96 -32.29 95.64
N ASP K 627 -50.34 -31.19 94.98
CA ASP K 627 -51.73 -30.80 94.94
C ASP K 627 -52.48 -31.52 93.83
N ALA K 628 -51.78 -31.92 92.76
CA ALA K 628 -52.46 -32.69 91.72
C ALA K 628 -52.65 -34.13 92.14
N VAL K 629 -51.64 -34.73 92.79
CA VAL K 629 -51.74 -36.12 93.23
C VAL K 629 -52.82 -36.27 94.29
N ALA K 630 -53.03 -35.25 95.12
CA ALA K 630 -54.12 -35.32 96.08
C ALA K 630 -55.49 -35.10 95.46
N ILE K 631 -55.58 -34.91 94.15
CA ILE K 631 -56.86 -34.97 93.43
C ILE K 631 -56.93 -36.19 92.53
N ILE K 632 -55.81 -36.59 91.94
CA ILE K 632 -55.77 -37.81 91.13
C ILE K 632 -56.02 -39.03 92.01
N THR K 633 -55.50 -39.03 93.23
CA THR K 633 -55.75 -40.14 94.14
C THR K 633 -57.14 -40.03 94.77
N ALA K 634 -57.52 -38.83 95.23
CA ALA K 634 -58.80 -38.67 95.92
C ALA K 634 -60.00 -38.82 94.98
N ALA K 635 -59.80 -38.74 93.67
CA ALA K 635 -60.87 -39.12 92.76
C ALA K 635 -61.00 -40.64 92.66
N ASN K 636 -59.91 -41.37 92.83
CA ASN K 636 -59.94 -42.83 92.70
C ASN K 636 -60.32 -43.52 94.00
N ARG K 637 -59.99 -42.94 95.15
CA ARG K 637 -60.46 -43.50 96.41
C ARG K 637 -61.95 -43.30 96.59
N LEU K 638 -62.49 -42.23 96.01
CA LEU K 638 -63.92 -41.96 96.09
C LEU K 638 -64.72 -42.69 95.04
N ASN K 639 -64.05 -43.40 94.13
CA ASN K 639 -64.63 -44.08 92.97
C ASN K 639 -65.45 -43.11 92.13
N LEU K 640 -64.78 -42.06 91.68
CA LEU K 640 -65.35 -41.14 90.70
C LEU K 640 -64.83 -41.53 89.33
N TYR K 641 -65.64 -42.31 88.61
CA TYR K 641 -65.56 -42.37 87.17
C TYR K 641 -66.25 -41.13 86.60
N GLN K 642 -66.34 -41.05 85.27
CA GLN K 642 -66.80 -39.86 84.54
C GLN K 642 -66.00 -38.62 84.91
N LYS K 643 -64.72 -38.81 85.22
CA LYS K 643 -63.83 -37.73 85.61
C LYS K 643 -62.56 -37.87 84.79
N LYS K 644 -62.25 -36.85 84.01
CA LYS K 644 -61.11 -36.89 83.10
C LYS K 644 -59.87 -36.40 83.82
N MET K 645 -58.86 -37.25 83.93
CA MET K 645 -57.60 -36.85 84.53
C MET K 645 -56.78 -35.95 83.62
N LYS K 646 -57.17 -35.81 82.36
CA LYS K 646 -56.47 -34.88 81.47
C LYS K 646 -56.78 -33.44 81.83
N SER K 647 -57.92 -33.19 82.48
CA SER K 647 -58.24 -31.84 82.93
C SER K 647 -57.42 -31.43 84.15
N ILE K 648 -57.00 -32.37 84.98
CA ILE K 648 -56.18 -32.04 86.14
C ILE K 648 -54.74 -31.79 85.73
N VAL K 649 -54.24 -32.59 84.79
CA VAL K 649 -52.87 -32.39 84.29
C VAL K 649 -52.77 -31.13 83.44
N GLU K 650 -53.84 -30.77 82.72
CA GLU K 650 -53.88 -29.46 82.08
C GLU K 650 -53.96 -28.33 83.09
N ASP K 651 -54.56 -28.59 84.25
CA ASP K 651 -54.51 -27.61 85.35
C ASP K 651 -53.12 -27.59 85.96
N PHE K 652 -52.43 -28.72 85.98
CA PHE K 652 -51.11 -28.79 86.58
C PHE K 652 -50.06 -28.09 85.72
N LEU K 653 -50.13 -28.28 84.41
CA LEU K 653 -49.17 -27.61 83.52
C LEU K 653 -49.49 -26.15 83.29
N LYS K 654 -50.68 -25.69 83.67
CA LYS K 654 -51.03 -24.28 83.55
C LYS K 654 -50.60 -23.47 84.76
N ARG K 655 -50.63 -24.07 85.96
CA ARG K 655 -50.16 -23.37 87.15
C ARG K 655 -48.65 -23.18 87.11
N LEU K 656 -47.93 -24.17 86.62
CA LEU K 656 -46.51 -24.02 86.32
C LEU K 656 -46.40 -23.07 85.14
N GLN K 657 -45.84 -21.89 85.36
CA GLN K 657 -46.02 -20.77 84.46
C GLN K 657 -45.16 -20.81 83.21
N ILE K 658 -44.56 -21.94 82.85
CA ILE K 658 -43.77 -21.98 81.62
C ILE K 658 -44.53 -22.62 80.48
N PHE K 659 -45.19 -23.75 80.72
CA PHE K 659 -45.81 -24.47 79.63
C PHE K 659 -47.11 -23.80 79.23
N ASP K 660 -47.59 -24.15 78.05
CA ASP K 660 -48.96 -23.87 77.67
C ASP K 660 -49.60 -25.18 77.24
N ILE K 661 -50.87 -25.35 77.58
CA ILE K 661 -51.52 -26.65 77.44
C ILE K 661 -51.85 -27.00 76.00
N SER K 662 -51.64 -26.10 75.05
CA SER K 662 -52.01 -26.37 73.68
C SER K 662 -50.95 -27.21 72.97
N ARG K 663 -49.72 -26.72 72.90
CA ARG K 663 -48.71 -27.33 72.04
C ARG K 663 -48.15 -28.63 72.60
N VAL K 664 -48.37 -28.92 73.88
CA VAL K 664 -47.86 -30.19 74.45
C VAL K 664 -48.61 -31.36 73.84
N PRO K 665 -47.92 -32.40 73.38
CA PRO K 665 -48.60 -33.47 72.64
C PRO K 665 -49.46 -34.33 73.54
N ASP K 666 -50.36 -35.08 72.91
CA ASP K 666 -51.22 -36.01 73.63
C ASP K 666 -50.49 -37.26 74.06
N ASP K 667 -49.28 -37.49 73.56
CA ASP K 667 -48.47 -38.60 74.03
C ASP K 667 -47.91 -38.31 75.41
N GLN K 668 -47.24 -37.17 75.57
CA GLN K 668 -46.55 -36.82 76.81
C GLN K 668 -47.47 -36.32 77.89
N MET K 669 -48.77 -36.26 77.66
CA MET K 669 -49.73 -36.01 78.73
C MET K 669 -50.41 -37.27 79.21
N TYR K 670 -50.14 -38.41 78.58
CA TYR K 670 -50.62 -39.69 79.09
C TYR K 670 -49.55 -40.43 79.88
N ARG K 671 -48.29 -40.02 79.76
CA ARG K 671 -47.32 -40.40 80.78
C ARG K 671 -47.45 -39.52 82.01
N LEU K 672 -47.82 -38.26 81.81
CA LEU K 672 -47.91 -37.31 82.92
C LEU K 672 -49.08 -37.64 83.83
N ARG K 673 -50.17 -38.16 83.28
CA ARG K 673 -51.27 -38.63 84.11
C ARG K 673 -51.05 -40.05 84.61
N ASP K 674 -49.99 -40.70 84.16
CA ASP K 674 -49.64 -42.05 84.59
C ASP K 674 -48.58 -42.05 85.68
N ARG K 675 -47.61 -41.13 85.60
CA ARG K 675 -46.61 -41.03 86.65
C ARG K 675 -47.22 -40.43 87.92
N LEU K 676 -48.21 -39.56 87.76
CA LEU K 676 -48.83 -38.93 88.92
C LEU K 676 -49.74 -39.88 89.70
N ARG K 677 -50.14 -40.99 89.11
CA ARG K 677 -50.99 -41.93 89.85
C ARG K 677 -50.16 -42.76 90.83
N LEU K 678 -48.87 -42.92 90.56
CA LEU K 678 -48.02 -43.81 91.34
C LEU K 678 -47.39 -43.15 92.56
N LEU K 679 -47.39 -41.82 92.62
CA LEU K 679 -46.73 -41.14 93.72
C LEU K 679 -47.53 -41.25 95.00
N PRO K 680 -46.87 -41.17 96.16
CA PRO K 680 -47.63 -41.04 97.40
C PRO K 680 -48.14 -39.63 97.59
N VAL K 681 -49.32 -39.54 98.17
CA VAL K 681 -49.87 -38.22 98.51
C VAL K 681 -49.09 -37.63 99.67
N GLU K 682 -49.10 -36.31 99.75
CA GLU K 682 -48.40 -35.62 100.82
C GLU K 682 -49.09 -35.87 102.15
N ILE K 683 -48.33 -35.77 103.25
CA ILE K 683 -48.82 -36.21 104.55
C ILE K 683 -49.93 -35.30 105.06
N ARG K 684 -49.85 -34.00 104.80
CA ARG K 684 -50.87 -33.11 105.34
C ARG K 684 -52.11 -33.03 104.46
N ARG K 685 -52.06 -33.59 103.25
CA ARG K 685 -53.25 -33.70 102.43
C ARG K 685 -53.92 -35.07 102.53
N LEU K 686 -53.26 -36.03 103.16
CA LEU K 686 -53.85 -37.36 103.29
C LEU K 686 -54.70 -37.48 104.54
N ASP K 687 -54.25 -36.93 105.66
CA ASP K 687 -55.00 -37.07 106.89
C ASP K 687 -56.27 -36.24 106.88
N ILE K 688 -56.32 -35.21 106.04
CA ILE K 688 -57.55 -34.43 105.90
C ILE K 688 -58.47 -35.02 104.85
N PHE K 689 -57.97 -35.95 104.03
CA PHE K 689 -58.86 -36.72 103.17
C PHE K 689 -59.39 -37.96 103.87
N ASN K 690 -58.58 -38.59 104.72
CA ASN K 690 -59.08 -39.64 105.59
C ASN K 690 -60.01 -39.10 106.67
N LEU K 691 -59.98 -37.79 106.91
CA LEU K 691 -60.93 -37.15 107.81
C LEU K 691 -62.28 -36.94 107.15
N ILE K 692 -62.31 -36.85 105.82
CA ILE K 692 -63.56 -36.74 105.09
C ILE K 692 -64.11 -38.11 104.73
N LEU K 693 -63.24 -39.07 104.44
CA LEU K 693 -63.66 -40.40 103.99
C LEU K 693 -64.33 -41.18 105.10
N MET K 694 -63.91 -41.01 106.35
CA MET K 694 -64.60 -41.67 107.44
C MET K 694 -65.82 -40.91 107.89
N ASN K 695 -65.95 -39.64 107.50
CA ASN K 695 -67.11 -38.83 107.78
C ASN K 695 -67.92 -38.53 106.53
N MET K 696 -67.71 -39.31 105.47
CA MET K 696 -68.47 -39.12 104.24
C MET K 696 -69.92 -39.50 104.42
N GLU K 697 -70.21 -40.44 105.32
CA GLU K 697 -71.60 -40.80 105.58
C GLU K 697 -72.27 -39.79 106.49
N GLN K 698 -71.64 -39.47 107.63
CA GLN K 698 -72.30 -38.70 108.68
C GLN K 698 -72.59 -37.26 108.30
N ILE K 699 -72.00 -36.74 107.22
CA ILE K 699 -72.46 -35.48 106.67
C ILE K 699 -73.75 -35.69 105.88
N GLU K 700 -73.74 -36.60 104.91
CA GLU K 700 -74.90 -36.81 104.05
C GLU K 700 -76.01 -37.60 104.71
N ARG K 701 -75.76 -38.18 105.89
CA ARG K 701 -76.83 -38.90 106.58
C ARG K 701 -77.76 -37.94 107.32
N ALA K 702 -77.18 -36.97 108.02
CA ALA K 702 -77.93 -36.06 108.88
C ALA K 702 -78.52 -34.88 108.12
N SER K 703 -78.50 -34.90 106.80
CA SER K 703 -79.11 -33.84 106.02
C SER K 703 -80.61 -34.06 105.86
N ASP K 704 -81.31 -32.97 105.56
CA ASP K 704 -82.64 -33.06 104.99
C ASP K 704 -82.48 -33.18 103.48
N LYS K 705 -83.61 -33.13 102.75
CA LYS K 705 -83.74 -33.13 101.28
C LYS K 705 -83.13 -34.35 100.59
N ILE K 706 -82.68 -35.36 101.34
CA ILE K 706 -82.10 -36.58 100.77
C ILE K 706 -82.58 -37.76 101.61
N ALA K 707 -83.24 -38.71 100.98
CA ALA K 707 -83.51 -40.01 101.55
C ALA K 707 -82.60 -41.01 100.88
N GLN K 708 -81.83 -41.74 101.67
CA GLN K 708 -80.76 -42.60 101.18
C GLN K 708 -81.22 -44.04 100.96
N GLY K 709 -82.34 -44.19 100.25
CA GLY K 709 -82.89 -45.49 99.95
C GLY K 709 -84.36 -45.61 100.26
N VAL K 710 -85.11 -46.33 99.43
CA VAL K 710 -86.53 -46.58 99.67
C VAL K 710 -86.76 -48.09 99.68
N ILE K 711 -87.56 -48.56 100.62
CA ILE K 711 -87.80 -49.98 100.84
C ILE K 711 -89.27 -50.27 100.60
N ILE K 712 -89.54 -51.09 99.58
CA ILE K 712 -90.89 -51.46 99.16
C ILE K 712 -91.15 -52.87 99.63
N ALA K 713 -92.28 -53.09 100.31
CA ALA K 713 -92.58 -54.42 100.83
C ALA K 713 -93.87 -55.03 100.32
N TYR K 714 -94.79 -54.22 99.75
CA TYR K 714 -96.06 -54.67 99.19
C TYR K 714 -96.92 -55.42 100.21
N ARG K 715 -96.87 -54.97 101.47
CA ARG K 715 -97.74 -55.48 102.51
C ARG K 715 -98.02 -54.34 103.48
N ASP K 716 -98.93 -54.59 104.41
CA ASP K 716 -99.39 -53.56 105.34
C ASP K 716 -98.57 -53.68 106.62
N MET K 717 -97.58 -52.80 106.78
CA MET K 717 -96.84 -52.71 108.02
C MET K 717 -97.01 -51.31 108.61
N GLN K 718 -96.94 -51.22 109.93
CA GLN K 718 -97.33 -50.01 110.63
C GLN K 718 -96.28 -48.92 110.49
N LEU K 719 -96.72 -47.69 110.74
CA LEU K 719 -95.80 -46.56 110.77
C LEU K 719 -95.13 -46.51 112.13
N GLU K 720 -93.80 -46.47 112.12
CA GLU K 720 -93.03 -46.45 113.35
C GLU K 720 -93.13 -45.07 113.97
N ARG K 721 -93.57 -45.02 115.23
CA ARG K 721 -93.72 -43.74 115.91
C ARG K 721 -92.35 -43.19 116.32
N ASP K 722 -92.20 -41.87 116.22
CA ASP K 722 -90.92 -41.24 116.38
C ASP K 722 -91.06 -40.01 117.27
N GLU K 723 -89.95 -39.64 117.91
CA GLU K 723 -89.92 -38.46 118.76
C GLU K 723 -89.84 -37.19 117.94
N MET K 724 -89.16 -37.23 116.80
CA MET K 724 -88.96 -36.01 116.02
C MET K 724 -90.02 -35.83 114.94
N TYR K 725 -90.48 -36.91 114.33
CA TYR K 725 -91.44 -36.82 113.23
C TYR K 725 -92.88 -37.14 113.64
N GLY K 726 -93.10 -37.69 114.81
CA GLY K 726 -94.43 -38.13 115.21
C GLY K 726 -94.71 -39.52 114.68
N TYR K 727 -95.75 -39.64 113.86
CA TYR K 727 -95.95 -40.85 113.07
C TYR K 727 -95.20 -40.69 111.76
N VAL K 728 -94.46 -41.72 111.36
CA VAL K 728 -93.62 -41.63 110.17
C VAL K 728 -93.38 -43.04 109.64
N ASN K 729 -93.35 -43.17 108.31
CA ASN K 729 -92.86 -44.41 107.69
C ASN K 729 -91.36 -44.26 107.51
N ILE K 730 -90.59 -44.86 108.40
CA ILE K 730 -89.15 -44.78 108.32
C ILE K 730 -88.58 -46.16 108.60
N ALA K 731 -87.46 -46.46 107.95
CA ALA K 731 -86.74 -47.70 108.15
C ALA K 731 -85.36 -47.39 108.68
N ARG K 732 -84.91 -48.18 109.65
CA ARG K 732 -83.62 -47.94 110.28
C ARG K 732 -82.48 -48.71 109.62
N ASN K 733 -82.78 -49.79 108.90
CA ASN K 733 -81.77 -50.63 108.28
C ASN K 733 -82.42 -51.47 107.19
N LEU K 734 -81.72 -51.64 106.08
CA LEU K 734 -82.23 -52.45 104.97
C LEU K 734 -81.90 -53.91 105.27
N ASP K 735 -82.75 -54.54 106.07
CA ASP K 735 -82.52 -55.92 106.52
C ASP K 735 -83.54 -56.84 105.88
N GLY K 736 -83.04 -57.83 105.12
CA GLY K 736 -83.90 -58.85 104.56
C GLY K 736 -84.53 -58.50 103.24
N PHE K 737 -84.00 -57.51 102.53
CA PHE K 737 -84.57 -57.07 101.27
C PHE K 737 -83.47 -56.97 100.22
N GLN K 738 -83.79 -57.34 98.99
CA GLN K 738 -82.84 -57.23 97.90
C GLN K 738 -82.61 -55.77 97.55
N GLN K 739 -81.35 -55.37 97.48
CA GLN K 739 -80.98 -53.97 97.27
C GLN K 739 -80.61 -53.75 95.81
N ILE K 740 -81.32 -52.84 95.16
CA ILE K 740 -81.04 -52.43 93.79
C ILE K 740 -80.29 -51.12 93.87
N ASN K 741 -79.02 -51.12 93.48
CA ASN K 741 -78.21 -49.90 93.55
C ASN K 741 -78.60 -49.00 92.40
N LEU K 742 -79.19 -47.84 92.71
CA LEU K 742 -79.82 -47.02 91.68
C LEU K 742 -78.81 -46.33 90.77
N GLU K 743 -77.64 -45.98 91.27
CA GLU K 743 -76.66 -45.37 90.39
C GLU K 743 -76.00 -46.40 89.48
N GLU K 744 -76.05 -47.67 89.84
CA GLU K 744 -75.70 -48.71 88.89
C GLU K 744 -76.79 -48.89 87.85
N LEU K 745 -78.05 -48.74 88.27
CA LEU K 745 -79.18 -48.91 87.36
C LEU K 745 -79.32 -47.76 86.38
N MET K 746 -78.66 -46.63 86.65
CA MET K 746 -78.70 -45.47 85.76
C MET K 746 -77.64 -45.56 84.67
N ARG K 747 -76.45 -46.04 85.00
CA ARG K 747 -75.37 -46.08 84.03
C ARG K 747 -75.58 -47.16 82.99
N THR K 748 -76.00 -48.36 83.43
CA THR K 748 -76.12 -49.48 82.52
C THR K 748 -77.37 -49.40 81.66
N GLY K 749 -78.45 -48.85 82.19
CA GLY K 749 -79.72 -48.90 81.48
C GLY K 749 -80.36 -50.26 81.46
N ASP K 750 -79.91 -51.19 82.30
CA ASP K 750 -80.40 -52.57 82.31
C ASP K 750 -81.57 -52.66 83.27
N TYR K 751 -82.73 -52.23 82.80
CA TYR K 751 -83.95 -52.24 83.59
C TYR K 751 -84.73 -53.54 83.45
N ALA K 752 -84.05 -54.64 83.14
CA ALA K 752 -84.74 -55.91 82.97
C ALA K 752 -85.17 -56.52 84.30
N GLN K 753 -84.51 -56.14 85.39
CA GLN K 753 -84.86 -56.71 86.70
C GLN K 753 -85.89 -55.87 87.43
N ILE K 754 -85.72 -54.54 87.43
CA ILE K 754 -86.57 -53.67 88.22
C ILE K 754 -87.99 -53.61 87.65
N THR K 755 -88.15 -53.69 86.33
CA THR K 755 -89.51 -53.81 85.80
C THR K 755 -90.07 -55.19 86.05
N ASN K 756 -89.22 -56.22 86.09
CA ASN K 756 -89.71 -57.55 86.42
C ASN K 756 -89.93 -57.73 87.91
N MET K 757 -89.52 -56.76 88.72
CA MET K 757 -89.78 -56.76 90.15
C MET K 757 -90.93 -55.85 90.53
N LEU K 758 -91.45 -55.05 89.61
CA LEU K 758 -92.54 -54.12 89.86
C LEU K 758 -93.85 -54.55 89.24
N LEU K 759 -93.82 -55.09 88.02
CA LEU K 759 -95.03 -55.62 87.42
C LEU K 759 -95.53 -56.84 88.16
N ASN K 760 -94.61 -57.64 88.71
CA ASN K 760 -94.95 -58.59 89.75
C ASN K 760 -94.79 -57.90 91.10
N ASN K 761 -95.55 -58.37 92.09
CA ASN K 761 -95.57 -57.71 93.38
C ASN K 761 -94.57 -58.41 94.29
N GLN K 762 -93.31 -57.95 94.22
CA GLN K 762 -92.21 -58.50 95.00
C GLN K 762 -91.56 -57.41 95.85
N PRO K 763 -91.14 -57.73 97.08
CA PRO K 763 -90.50 -56.73 97.93
C PRO K 763 -89.10 -56.40 97.46
N VAL K 764 -88.85 -55.12 97.17
CA VAL K 764 -87.59 -54.63 96.65
C VAL K 764 -87.15 -53.46 97.55
N ALA K 765 -85.84 -53.32 97.73
CA ALA K 765 -85.26 -52.13 98.33
C ALA K 765 -84.39 -51.43 97.29
N LEU K 766 -84.52 -50.11 97.21
CA LEU K 766 -83.85 -49.31 96.19
C LEU K 766 -82.94 -48.30 96.89
N VAL K 767 -81.69 -48.68 97.14
CA VAL K 767 -80.79 -47.76 97.79
C VAL K 767 -80.23 -46.76 96.78
N GLY K 768 -79.72 -45.65 97.28
CA GLY K 768 -79.19 -44.58 96.46
C GLY K 768 -79.14 -43.27 97.22
N ALA K 769 -79.63 -42.20 96.60
CA ALA K 769 -79.76 -40.91 97.28
C ALA K 769 -80.96 -40.20 96.64
N LEU K 770 -82.12 -40.37 97.25
CA LEU K 770 -83.38 -40.01 96.63
C LEU K 770 -83.95 -38.78 97.31
N PRO K 771 -84.32 -37.73 96.57
CA PRO K 771 -85.00 -36.59 97.18
C PRO K 771 -86.44 -36.94 97.47
N PHE K 772 -86.84 -36.85 98.73
CA PHE K 772 -88.20 -37.19 99.11
C PHE K 772 -89.10 -35.96 99.08
N ILE K 773 -90.41 -36.20 99.17
CA ILE K 773 -91.38 -35.15 99.44
C ILE K 773 -92.15 -35.56 100.69
N THR K 774 -92.65 -34.56 101.41
CA THR K 774 -93.18 -34.77 102.75
C THR K 774 -94.67 -34.42 102.78
N ASP K 775 -95.52 -35.42 102.72
CA ASP K 775 -96.95 -35.22 102.88
C ASP K 775 -97.30 -35.25 104.36
N SER K 776 -98.20 -34.37 104.76
CA SER K 776 -98.63 -34.28 106.15
C SER K 776 -100.02 -34.84 106.40
N SER K 777 -100.90 -34.84 105.40
CA SER K 777 -102.27 -35.25 105.62
C SER K 777 -102.38 -36.76 105.75
N VAL K 778 -103.25 -37.21 106.66
CA VAL K 778 -103.48 -38.64 106.84
C VAL K 778 -104.44 -39.16 105.78
N ILE K 779 -105.19 -38.27 105.12
CA ILE K 779 -106.07 -38.73 104.04
C ILE K 779 -105.27 -39.05 102.78
N SER K 780 -104.01 -38.61 102.70
CA SER K 780 -103.10 -39.08 101.67
C SER K 780 -102.48 -40.43 102.02
N LEU K 781 -102.71 -40.94 103.23
CA LEU K 781 -102.21 -42.24 103.64
C LEU K 781 -103.23 -43.34 103.41
N VAL K 782 -104.51 -43.06 103.72
CA VAL K 782 -105.57 -44.03 103.45
C VAL K 782 -105.77 -44.19 101.95
N ALA K 783 -105.56 -43.12 101.18
CA ALA K 783 -105.64 -43.20 99.73
C ALA K 783 -104.42 -43.85 99.10
N LYS K 784 -103.35 -44.03 99.88
CA LYS K 784 -102.14 -44.79 99.50
C LYS K 784 -101.45 -44.21 98.26
N LEU K 785 -101.01 -42.96 98.37
CA LEU K 785 -100.21 -42.36 97.32
C LEU K 785 -98.73 -42.59 97.49
N ASP K 786 -98.32 -43.41 98.46
CA ASP K 786 -96.91 -43.74 98.59
C ASP K 786 -96.48 -44.78 97.57
N ALA K 787 -97.41 -45.64 97.14
CA ALA K 787 -97.09 -46.71 96.21
C ALA K 787 -97.24 -46.31 94.74
N THR K 788 -97.85 -45.17 94.46
CA THR K 788 -98.14 -44.76 93.10
C THR K 788 -97.01 -43.97 92.45
N VAL K 789 -95.82 -44.00 93.02
CA VAL K 789 -94.74 -43.15 92.53
C VAL K 789 -93.67 -44.00 91.83
N PHE K 790 -93.53 -45.27 92.24
CA PHE K 790 -92.47 -46.11 91.67
C PHE K 790 -92.81 -46.62 90.29
N ALA K 791 -94.07 -46.49 89.85
CA ALA K 791 -94.47 -46.99 88.54
C ALA K 791 -94.00 -46.12 87.39
N GLN K 792 -93.38 -44.98 87.66
CA GLN K 792 -92.89 -44.13 86.58
C GLN K 792 -91.63 -44.68 85.93
N ILE K 793 -90.97 -45.65 86.56
CA ILE K 793 -89.73 -46.23 86.02
C ILE K 793 -90.03 -46.99 84.73
N VAL K 794 -91.17 -47.67 84.68
CA VAL K 794 -91.46 -48.50 83.51
C VAL K 794 -91.97 -47.67 82.33
N LYS K 795 -92.58 -46.51 82.57
CA LYS K 795 -93.10 -45.70 81.47
C LYS K 795 -91.97 -44.98 80.76
N LEU K 796 -91.21 -44.17 81.51
CA LEU K 796 -89.99 -43.56 81.01
C LEU K 796 -88.86 -44.11 81.85
N ARG K 797 -87.80 -44.56 81.18
CA ARG K 797 -86.84 -45.43 81.85
C ARG K 797 -85.88 -44.70 82.78
N LYS K 798 -85.90 -43.38 82.81
CA LYS K 798 -84.99 -42.65 83.67
C LYS K 798 -85.37 -42.84 85.14
N VAL K 799 -84.35 -42.87 86.00
CA VAL K 799 -84.53 -43.07 87.43
C VAL K 799 -84.35 -41.78 88.23
N ASP K 800 -84.05 -40.67 87.55
CA ASP K 800 -83.81 -39.41 88.23
C ASP K 800 -85.08 -38.83 88.86
N THR K 801 -86.23 -39.02 88.21
CA THR K 801 -87.47 -38.42 88.70
C THR K 801 -88.21 -39.40 89.62
N LEU K 802 -87.56 -39.73 90.72
CA LEU K 802 -88.15 -40.58 91.74
C LEU K 802 -88.27 -39.79 93.03
N LYS K 803 -89.50 -39.63 93.51
CA LYS K 803 -89.80 -38.86 94.72
C LYS K 803 -90.61 -39.74 95.65
N PRO K 804 -89.97 -40.61 96.43
CA PRO K 804 -90.72 -41.42 97.39
C PRO K 804 -91.23 -40.55 98.53
N ILE K 805 -92.51 -40.68 98.85
CA ILE K 805 -93.08 -39.72 99.79
C ILE K 805 -92.77 -40.19 101.21
N LEU K 806 -92.76 -39.23 102.13
CA LEU K 806 -92.41 -39.46 103.52
C LEU K 806 -93.55 -38.94 104.37
N TYR K 807 -94.29 -39.84 105.00
CA TYR K 807 -95.46 -39.44 105.78
C TYR K 807 -95.03 -38.79 107.08
N LYS K 808 -95.72 -37.71 107.43
CA LYS K 808 -95.46 -36.96 108.66
C LYS K 808 -96.84 -36.65 109.27
N ILE K 809 -97.34 -37.55 110.08
CA ILE K 809 -98.66 -37.42 110.69
C ILE K 809 -98.49 -36.86 112.10
N ASN K 810 -98.78 -35.57 112.28
CA ASN K 810 -98.61 -34.89 113.54
C ASN K 810 -99.89 -34.15 113.88
N SER K 811 -99.98 -33.64 115.11
CA SER K 811 -101.10 -32.80 115.50
C SER K 811 -101.20 -31.54 114.66
N ASP K 812 -100.05 -30.95 114.27
CA ASP K 812 -100.09 -29.74 113.46
C ASP K 812 -100.47 -30.02 112.01
N SER K 813 -100.44 -31.27 111.58
CA SER K 813 -100.99 -31.61 110.29
C SER K 813 -102.52 -31.56 110.33
N ASN K 814 -103.12 -31.39 109.17
CA ASN K 814 -104.57 -31.43 109.09
C ASN K 814 -105.06 -32.87 109.22
N ASP K 815 -106.37 -32.98 109.44
CA ASP K 815 -107.12 -34.24 109.49
C ASP K 815 -106.65 -35.17 110.62
N PHE K 816 -106.03 -34.63 111.67
CA PHE K 816 -105.52 -35.47 112.74
C PHE K 816 -106.60 -36.01 113.65
N TYR K 817 -107.86 -35.59 113.48
CA TYR K 817 -108.96 -36.22 114.20
C TYR K 817 -109.14 -37.67 113.77
N LEU K 818 -108.74 -38.01 112.56
CA LEU K 818 -108.94 -39.34 112.01
C LEU K 818 -108.00 -40.37 112.63
N VAL K 819 -106.93 -39.94 113.27
CA VAL K 819 -106.05 -40.85 114.00
C VAL K 819 -106.44 -40.94 115.46
N ALA K 820 -106.78 -39.82 116.08
CA ALA K 820 -107.04 -39.81 117.52
C ALA K 820 -108.41 -40.37 117.86
N ASN K 821 -109.45 -40.00 117.12
CA ASN K 821 -110.80 -40.40 117.50
C ASN K 821 -111.12 -41.85 117.15
N TYR K 822 -110.48 -42.39 116.12
CA TYR K 822 -110.92 -43.66 115.56
C TYR K 822 -110.01 -44.79 116.05
N ASP K 823 -110.50 -46.02 115.90
CA ASP K 823 -109.80 -47.22 116.38
C ASP K 823 -109.15 -47.87 115.17
N TRP K 824 -107.94 -47.42 114.85
CA TRP K 824 -107.20 -47.98 113.73
C TRP K 824 -105.72 -47.72 113.96
N VAL K 825 -104.89 -48.62 113.45
CA VAL K 825 -103.44 -48.45 113.44
C VAL K 825 -103.02 -47.98 112.04
N PRO K 826 -102.23 -46.91 111.93
CA PRO K 826 -101.85 -46.43 110.59
C PRO K 826 -100.81 -47.35 109.96
N THR K 827 -101.09 -47.80 108.74
CA THR K 827 -100.24 -48.72 108.02
C THR K 827 -99.73 -48.05 106.74
N SER K 828 -98.46 -48.29 106.43
CA SER K 828 -97.84 -47.80 105.20
C SER K 828 -97.22 -48.97 104.46
N THR K 829 -97.40 -48.98 103.14
CA THR K 829 -96.90 -50.09 102.34
C THR K 829 -95.38 -50.00 102.16
N THR K 830 -94.89 -48.89 101.65
CA THR K 830 -93.47 -48.69 101.42
C THR K 830 -92.97 -47.60 102.34
N LYS K 831 -91.98 -47.93 103.16
CA LYS K 831 -91.31 -46.95 103.99
C LYS K 831 -90.01 -46.51 103.32
N VAL K 832 -89.35 -45.53 103.93
CA VAL K 832 -88.16 -44.95 103.34
C VAL K 832 -87.05 -45.02 104.40
N TYR K 833 -85.80 -44.94 103.93
CA TYR K 833 -84.64 -45.12 104.79
C TYR K 833 -84.02 -43.77 105.09
N LYS K 834 -83.95 -43.41 106.37
CA LYS K 834 -83.44 -42.13 106.79
C LYS K 834 -82.97 -42.22 108.24
N GLN K 835 -81.87 -41.56 108.55
CA GLN K 835 -81.31 -41.53 109.89
C GLN K 835 -81.60 -40.18 110.53
N ILE K 836 -82.09 -40.21 111.76
CA ILE K 836 -82.50 -39.01 112.47
C ILE K 836 -81.27 -38.25 112.96
N PRO K 837 -81.33 -36.92 113.08
CA PRO K 837 -80.15 -36.18 113.57
C PRO K 837 -79.96 -36.35 115.06
N GLN K 838 -78.70 -36.28 115.48
CA GLN K 838 -78.34 -36.54 116.85
C GLN K 838 -78.58 -35.31 117.73
N GLN K 839 -78.80 -35.57 119.01
CA GLN K 839 -79.19 -34.54 119.96
C GLN K 839 -77.96 -33.73 120.37
N PHE K 840 -78.21 -32.57 120.94
CA PHE K 840 -77.12 -31.72 121.44
C PHE K 840 -76.75 -32.14 122.86
N ASP K 841 -75.54 -32.64 123.03
CA ASP K 841 -75.01 -33.03 124.34
C ASP K 841 -73.85 -32.11 124.66
N PHE K 842 -73.98 -31.35 125.76
CA PHE K 842 -73.00 -30.31 126.07
C PHE K 842 -71.66 -30.90 126.49
N ARG K 843 -71.69 -32.00 127.26
CA ARG K 843 -70.45 -32.57 127.77
C ARG K 843 -69.60 -33.17 126.67
N ALA K 844 -70.21 -33.63 125.58
CA ALA K 844 -69.49 -34.15 124.44
C ALA K 844 -69.24 -33.10 123.37
N SER K 845 -69.55 -31.84 123.64
CA SER K 845 -69.32 -30.77 122.69
C SER K 845 -68.38 -29.69 123.19
N MET K 846 -68.13 -29.60 124.50
CA MET K 846 -67.23 -28.62 125.05
C MET K 846 -65.85 -29.26 125.22
N HIS K 847 -64.84 -28.59 124.68
CA HIS K 847 -63.45 -29.03 124.78
C HIS K 847 -62.53 -27.86 124.45
N MET K 848 -61.48 -27.71 125.26
CA MET K 848 -60.57 -26.58 125.13
C MET K 848 -59.70 -26.72 123.90
N LEU K 849 -59.36 -25.57 123.31
CA LEU K 849 -58.53 -25.48 122.11
C LEU K 849 -57.25 -24.77 122.52
N THR K 850 -56.13 -25.49 122.55
CA THR K 850 -54.88 -24.94 123.06
C THR K 850 -53.92 -24.60 121.91
N SER K 851 -53.60 -23.32 121.76
CA SER K 851 -52.71 -22.87 120.70
C SER K 851 -51.73 -21.82 121.19
N ASN K 852 -51.03 -21.15 120.27
CA ASN K 852 -50.02 -20.18 120.63
C ASN K 852 -50.59 -18.77 120.67
N LEU K 853 -49.79 -17.84 121.16
CA LEU K 853 -50.24 -16.48 121.43
C LEU K 853 -49.87 -15.48 120.34
N THR K 854 -48.61 -15.44 119.93
CA THR K 854 -48.20 -14.50 118.90
C THR K 854 -47.07 -15.08 118.06
N PHE K 855 -47.05 -14.70 116.79
CA PHE K 855 -46.02 -15.07 115.83
C PHE K 855 -45.57 -13.81 115.09
N THR K 856 -44.57 -13.98 114.24
CA THR K 856 -44.21 -12.98 113.24
C THR K 856 -43.62 -13.75 112.06
N VAL K 857 -44.45 -14.07 111.09
CA VAL K 857 -44.04 -14.93 109.99
C VAL K 857 -43.22 -14.11 108.99
N TYR K 858 -41.99 -14.54 108.75
CA TYR K 858 -41.09 -13.88 107.81
C TYR K 858 -41.01 -14.71 106.54
N SER K 859 -41.57 -14.20 105.45
CA SER K 859 -41.58 -14.95 104.20
C SER K 859 -40.27 -14.82 103.46
N ASP K 860 -39.59 -13.68 103.59
CA ASP K 860 -38.31 -13.46 102.92
C ASP K 860 -37.19 -13.75 103.91
N LEU K 861 -36.16 -14.44 103.43
CA LEU K 861 -35.04 -14.81 104.29
C LEU K 861 -33.69 -14.28 103.83
N LEU K 862 -33.55 -13.90 102.56
CA LEU K 862 -32.32 -13.24 102.16
C LEU K 862 -32.36 -11.74 102.43
N ALA K 863 -33.45 -11.22 102.95
CA ALA K 863 -33.55 -9.82 103.35
C ALA K 863 -32.99 -9.57 104.73
N PHE K 864 -32.50 -10.60 105.42
CA PHE K 864 -31.86 -10.43 106.71
C PHE K 864 -30.34 -10.39 106.62
N VAL K 865 -29.75 -11.05 105.64
CA VAL K 865 -28.31 -10.93 105.43
C VAL K 865 -28.03 -9.62 104.71
N SER K 866 -27.00 -8.93 105.15
CA SER K 866 -26.51 -7.72 104.50
C SER K 866 -25.22 -8.07 103.79
N ALA K 867 -25.28 -8.13 102.47
CA ALA K 867 -24.18 -8.62 101.66
C ALA K 867 -23.52 -7.48 100.92
N ASP K 868 -22.19 -7.44 100.96
CA ASP K 868 -21.42 -6.47 100.20
C ASP K 868 -20.27 -7.22 99.56
N THR K 869 -20.07 -7.01 98.27
CA THR K 869 -19.02 -7.71 97.57
C THR K 869 -17.67 -7.09 97.88
N VAL K 870 -16.62 -7.84 97.58
CA VAL K 870 -15.27 -7.30 97.60
C VAL K 870 -15.08 -6.46 96.34
N GLU K 871 -14.06 -5.61 96.35
CA GLU K 871 -13.68 -4.83 95.18
C GLU K 871 -13.35 -5.79 94.05
N PRO K 872 -13.84 -5.54 92.82
CA PRO K 872 -13.75 -6.57 91.77
C PRO K 872 -12.33 -6.87 91.32
N ILE K 873 -11.41 -5.91 91.44
CA ILE K 873 -10.06 -6.16 90.96
C ILE K 873 -9.29 -7.08 91.88
N ASN K 874 -9.70 -7.23 93.14
CA ASN K 874 -9.17 -8.27 94.03
C ASN K 874 -10.17 -9.42 94.19
N ALA K 875 -10.46 -10.12 93.12
CA ALA K 875 -11.37 -11.25 93.16
C ALA K 875 -10.60 -12.52 92.84
N VAL K 876 -10.82 -13.58 93.61
CA VAL K 876 -10.04 -14.79 93.47
C VAL K 876 -10.94 -15.94 93.01
N ALA K 877 -10.31 -16.95 92.42
CA ALA K 877 -10.97 -18.16 91.94
C ALA K 877 -11.06 -19.16 93.09
N PHE K 878 -11.29 -20.44 92.76
CA PHE K 878 -11.14 -21.51 93.73
C PHE K 878 -9.71 -21.57 94.28
N ASP K 879 -8.72 -21.29 93.44
CA ASP K 879 -7.38 -21.02 93.90
C ASP K 879 -7.33 -19.59 94.41
N ASN K 880 -6.55 -19.37 95.46
CA ASN K 880 -6.59 -18.06 96.08
C ASN K 880 -5.81 -17.00 95.31
N MET K 881 -5.18 -17.35 94.20
CA MET K 881 -4.69 -16.35 93.28
C MET K 881 -5.86 -15.69 92.57
N ARG K 882 -5.64 -14.47 92.08
CA ARG K 882 -6.71 -13.69 91.51
C ARG K 882 -7.04 -14.15 90.09
N ILE K 883 -8.31 -13.95 89.71
CA ILE K 883 -8.69 -14.06 88.31
C ILE K 883 -8.27 -12.78 87.61
N MET K 884 -8.08 -12.87 86.28
CA MET K 884 -7.55 -11.80 85.43
C MET K 884 -6.20 -11.30 85.96
N ASN K 885 -5.24 -12.21 86.03
CA ASN K 885 -3.94 -11.89 86.59
C ASN K 885 -2.96 -11.44 85.51
N GLU K 886 -3.39 -10.49 84.69
CA GLU K 886 -2.57 -9.97 83.59
C GLU K 886 -2.08 -8.55 83.84
N LEU K 887 -2.82 -7.77 84.62
CA LEU K 887 -2.45 -6.40 84.95
C LEU K 887 -1.11 -6.27 85.70
N ILE L 62 3.95 1.79 23.05
CA ILE L 62 2.85 2.09 23.95
C ILE L 62 3.42 2.56 25.30
N LYS L 63 2.78 3.58 25.89
CA LYS L 63 3.26 4.30 27.07
C LYS L 63 4.66 4.88 26.85
N ILE L 64 4.83 5.58 25.74
CA ILE L 64 6.12 6.16 25.37
C ILE L 64 6.33 7.45 26.14
N ALA L 65 7.60 7.73 26.47
CA ALA L 65 7.97 8.90 27.26
C ALA L 65 7.67 10.19 26.52
N ASP L 66 7.55 11.28 27.28
CA ASP L 66 7.19 12.58 26.72
C ASP L 66 8.31 13.18 25.90
N GLU L 67 9.56 12.76 26.12
CA GLU L 67 10.67 13.27 25.33
C GLU L 67 10.65 12.76 23.90
N VAL L 68 9.92 11.67 23.62
CA VAL L 68 9.79 11.17 22.26
C VAL L 68 8.55 11.74 21.57
N LYS L 69 7.47 11.97 22.32
CA LYS L 69 6.23 12.45 21.70
C LYS L 69 6.34 13.90 21.23
N LYS L 70 7.10 14.73 21.92
CA LYS L 70 7.29 16.13 21.53
C LYS L 70 8.56 16.33 20.71
N SER L 71 9.10 15.26 20.13
CA SER L 71 10.38 15.35 19.45
C SER L 71 10.23 15.98 18.07
N ASN L 72 11.36 16.24 17.43
CA ASN L 72 11.37 16.83 16.10
C ASN L 72 12.31 16.13 15.13
N LYS L 73 13.17 15.22 15.58
CA LYS L 73 13.99 14.47 14.66
C LYS L 73 13.13 13.48 13.88
N GLU L 74 13.63 13.03 12.73
CA GLU L 74 12.81 12.17 11.89
C GLU L 74 12.70 10.77 12.47
N GLU L 75 13.76 10.29 13.13
CA GLU L 75 13.74 8.92 13.62
C GLU L 75 12.85 8.77 14.84
N SER L 76 12.53 9.86 15.53
CA SER L 76 11.54 9.82 16.59
C SER L 76 10.15 10.23 16.12
N LYS L 77 10.00 10.58 14.85
CA LYS L 77 8.68 10.76 14.26
C LYS L 77 8.18 9.50 13.59
N GLN L 78 9.09 8.69 13.04
CA GLN L 78 8.70 7.43 12.43
C GLN L 78 8.22 6.43 13.47
N LEU L 79 8.82 6.48 14.67
CA LEU L 79 8.42 5.56 15.74
C LEU L 79 7.00 5.84 16.21
N LEU L 80 6.60 7.11 16.24
CA LEU L 80 5.25 7.43 16.66
C LEU L 80 4.22 7.06 15.59
N GLU L 81 4.57 7.18 14.31
CA GLU L 81 3.67 6.78 13.25
C GLU L 81 3.87 5.33 12.83
N VAL L 82 4.51 4.52 13.67
CA VAL L 82 4.45 3.08 13.57
C VAL L 82 3.70 2.49 14.76
N LEU L 83 3.91 3.03 15.96
CA LEU L 83 3.09 2.65 17.10
C LEU L 83 1.66 3.12 16.97
N LYS L 84 1.39 4.13 16.13
CA LYS L 84 0.01 4.53 15.92
C LYS L 84 -0.70 3.60 14.95
N THR L 85 -0.01 3.12 13.91
CA THR L 85 -0.65 2.19 12.99
C THR L 85 -0.66 0.76 13.51
N LYS L 86 0.00 0.48 14.62
CA LYS L 86 -0.22 -0.82 15.27
C LYS L 86 -1.50 -0.78 16.11
N GLU L 87 -1.72 0.31 16.86
CA GLU L 87 -2.96 0.45 17.62
C GLU L 87 -4.15 0.76 16.73
N GLU L 88 -3.92 1.17 15.49
CA GLU L 88 -5.01 1.31 14.54
C GLU L 88 -5.23 0.03 13.74
N HIS L 89 -4.36 -0.96 13.91
CA HIS L 89 -4.54 -2.29 13.36
C HIS L 89 -4.95 -3.30 14.41
N GLN L 90 -4.49 -3.14 15.65
CA GLN L 90 -4.96 -4.00 16.73
C GLN L 90 -6.42 -3.71 17.08
N LYS L 91 -6.84 -2.44 16.96
CA LYS L 91 -8.25 -2.12 17.15
C LYS L 91 -9.10 -2.59 15.98
N GLU L 92 -8.49 -2.89 14.84
CA GLU L 92 -9.26 -3.29 13.67
C GLU L 92 -9.40 -4.80 13.56
N VAL L 93 -8.46 -5.57 14.13
CA VAL L 93 -8.62 -7.02 14.11
C VAL L 93 -9.60 -7.49 15.18
N GLN L 94 -9.93 -6.64 16.16
CA GLN L 94 -11.00 -6.95 17.08
C GLN L 94 -12.36 -6.61 16.51
N TYR L 95 -12.41 -5.74 15.51
CA TYR L 95 -13.65 -5.46 14.80
C TYR L 95 -13.94 -6.50 13.74
N GLU L 96 -12.89 -7.04 13.14
CA GLU L 96 -13.04 -8.09 12.13
C GLU L 96 -13.57 -9.39 12.72
N ILE L 97 -13.29 -9.64 14.00
CA ILE L 97 -13.86 -10.78 14.70
C ILE L 97 -15.37 -10.60 14.84
N LEU L 98 -15.80 -9.37 15.15
CA LEU L 98 -17.23 -9.07 15.27
C LEU L 98 -17.95 -9.12 13.94
N GLN L 99 -17.22 -9.08 12.82
CA GLN L 99 -17.84 -9.24 11.51
C GLN L 99 -18.23 -10.68 11.26
N LYS L 100 -17.51 -11.64 11.83
CA LYS L 100 -17.77 -13.05 11.63
C LYS L 100 -18.21 -13.76 12.90
N THR L 101 -18.79 -13.02 13.83
CA THR L 101 -19.23 -13.62 15.08
C THR L 101 -20.47 -14.47 14.86
N ILE L 102 -20.68 -15.42 15.76
CA ILE L 102 -21.71 -16.43 15.64
C ILE L 102 -22.83 -16.15 16.64
N PRO L 103 -24.08 -16.47 16.32
CA PRO L 103 -25.16 -16.24 17.29
C PRO L 103 -25.11 -17.25 18.43
N THR L 104 -25.59 -16.82 19.58
CA THR L 104 -25.52 -17.60 20.81
C THR L 104 -26.75 -18.46 20.98
N PHE L 105 -26.72 -19.29 22.02
CA PHE L 105 -27.79 -20.22 22.31
C PHE L 105 -28.92 -19.53 23.08
N GLU L 106 -30.16 -19.75 22.64
CA GLU L 106 -31.32 -19.24 23.35
C GLU L 106 -31.88 -20.33 24.23
N PRO L 107 -32.00 -20.12 25.55
CA PRO L 107 -32.47 -21.18 26.43
C PRO L 107 -33.97 -21.41 26.28
N LYS L 108 -34.42 -22.53 26.85
CA LYS L 108 -35.82 -22.90 26.86
C LYS L 108 -36.29 -22.95 28.31
N GLU L 109 -37.12 -21.99 28.69
CA GLU L 109 -37.64 -21.92 30.04
C GLU L 109 -38.90 -22.75 30.22
N SER L 110 -39.62 -23.03 29.13
CA SER L 110 -40.88 -23.75 29.23
C SER L 110 -40.69 -25.22 29.57
N ILE L 111 -39.52 -25.80 29.27
CA ILE L 111 -39.27 -27.20 29.62
C ILE L 111 -38.87 -27.32 31.07
N LEU L 112 -37.98 -26.44 31.53
CA LEU L 112 -37.49 -26.48 32.91
C LEU L 112 -38.59 -26.14 33.91
N LYS L 113 -39.59 -25.37 33.49
CA LYS L 113 -40.72 -25.06 34.35
C LYS L 113 -41.57 -26.30 34.62
N LYS L 114 -41.56 -27.27 33.71
CA LYS L 114 -42.31 -28.50 33.93
C LYS L 114 -41.60 -29.49 34.84
N LEU L 115 -40.33 -29.27 35.17
CA LEU L 115 -39.63 -30.18 36.07
C LEU L 115 -39.72 -29.72 37.51
N GLU L 116 -39.42 -28.45 37.76
CA GLU L 116 -39.41 -27.94 39.13
C GLU L 116 -40.79 -27.79 39.72
N ASP L 117 -41.83 -27.66 38.89
CA ASP L 117 -43.18 -27.49 39.38
C ASP L 117 -43.89 -28.81 39.63
N ILE L 118 -43.19 -29.94 39.54
CA ILE L 118 -43.75 -31.22 39.96
C ILE L 118 -43.68 -31.27 41.48
N LYS L 119 -44.83 -31.14 42.13
CA LYS L 119 -44.88 -31.21 43.57
C LYS L 119 -44.67 -32.65 44.02
N PRO L 120 -44.21 -32.87 45.25
CA PRO L 120 -44.12 -34.23 45.78
C PRO L 120 -45.51 -34.84 45.96
N GLU L 121 -45.51 -36.16 46.18
CA GLU L 121 -46.75 -36.94 46.20
C GLU L 121 -47.63 -36.52 47.37
N GLN L 122 -48.88 -36.18 47.06
CA GLN L 122 -49.78 -35.58 48.04
C GLN L 122 -50.19 -36.61 49.08
N VAL L 123 -49.78 -36.40 50.32
CA VAL L 123 -50.10 -37.33 51.39
C VAL L 123 -51.58 -37.18 51.76
N LYS L 124 -52.29 -38.30 51.78
CA LYS L 124 -53.70 -38.33 52.12
C LYS L 124 -53.86 -38.92 53.51
N LYS L 125 -54.74 -38.33 54.29
CA LYS L 125 -55.19 -38.91 55.54
C LYS L 125 -56.70 -38.92 55.53
N GLN L 126 -57.30 -39.99 56.05
CA GLN L 126 -58.75 -40.07 56.02
C GLN L 126 -59.32 -39.41 57.27
N THR L 127 -60.55 -38.92 57.15
CA THR L 127 -61.23 -38.22 58.23
C THR L 127 -62.40 -38.99 58.81
N LYS L 128 -63.05 -39.85 58.03
CA LYS L 128 -64.04 -40.76 58.55
C LYS L 128 -63.74 -42.16 58.03
N LEU L 129 -64.32 -43.16 58.67
CA LEU L 129 -64.09 -44.54 58.28
C LEU L 129 -64.79 -44.85 56.97
N PHE L 130 -64.14 -45.65 56.12
CA PHE L 130 -64.66 -45.96 54.80
C PHE L 130 -65.87 -46.87 54.95
N ARG L 131 -67.07 -46.32 54.77
CA ARG L 131 -68.29 -47.05 55.06
C ARG L 131 -69.01 -47.47 53.78
N ILE L 132 -69.47 -48.72 53.75
CA ILE L 132 -70.27 -49.26 52.66
C ILE L 132 -71.67 -49.62 53.13
N PHE L 133 -71.77 -50.30 54.27
CA PHE L 133 -73.05 -50.76 54.80
C PHE L 133 -73.45 -49.91 56.00
N GLU L 134 -74.74 -49.73 56.18
CA GLU L 134 -75.28 -49.00 57.32
C GLU L 134 -76.49 -49.76 57.85
N PRO L 135 -76.73 -49.71 59.16
CA PRO L 135 -77.92 -50.37 59.70
C PRO L 135 -79.17 -49.55 59.48
N ARG L 136 -80.28 -50.25 59.33
CA ARG L 136 -81.59 -49.64 59.14
C ARG L 136 -82.61 -50.46 59.89
N GLN L 137 -83.75 -49.84 60.20
CA GLN L 137 -84.85 -50.52 60.86
C GLN L 137 -85.88 -50.96 59.83
N LEU L 138 -86.19 -52.24 59.83
CA LEU L 138 -87.25 -52.81 59.03
C LEU L 138 -88.29 -53.44 59.94
N PRO L 139 -89.56 -53.43 59.57
CA PRO L 139 -90.55 -54.17 60.35
C PRO L 139 -90.34 -55.66 60.22
N VAL L 140 -90.69 -56.39 61.26
CA VAL L 140 -90.43 -57.82 61.31
C VAL L 140 -91.76 -58.54 61.52
N TYR L 141 -91.90 -59.70 60.88
CA TYR L 141 -93.14 -60.45 60.85
C TYR L 141 -92.89 -61.89 61.26
N ARG L 142 -93.92 -62.53 61.80
CA ARG L 142 -93.79 -63.90 62.27
C ARG L 142 -93.98 -64.86 61.10
N ALA L 143 -94.13 -66.15 61.40
CA ALA L 143 -94.30 -67.13 60.35
C ALA L 143 -95.69 -67.07 59.74
N ASN L 144 -96.68 -66.62 60.52
CA ASN L 144 -98.04 -66.49 59.99
C ASN L 144 -98.14 -65.31 59.03
N GLY L 145 -97.62 -64.16 59.43
CA GLY L 145 -97.71 -62.99 58.58
C GLY L 145 -97.94 -61.68 59.33
N GLU L 146 -98.43 -61.76 60.56
CA GLU L 146 -98.72 -60.55 61.32
C GLU L 146 -97.44 -59.84 61.75
N LYS L 147 -97.58 -58.54 62.05
CA LYS L 147 -96.46 -57.77 62.58
C LYS L 147 -96.10 -58.25 63.98
N GLU L 148 -94.79 -58.34 64.24
CA GLU L 148 -94.31 -58.88 65.50
C GLU L 148 -94.46 -57.90 66.66
N LEU L 149 -94.74 -56.62 66.35
CA LEU L 149 -94.93 -55.43 67.21
C LEU L 149 -93.56 -54.91 67.68
N ARG L 150 -92.47 -55.50 67.18
CA ARG L 150 -91.12 -55.02 67.44
C ARG L 150 -90.46 -54.80 66.09
N ASN L 151 -89.30 -54.15 66.11
CA ASN L 151 -88.52 -53.92 64.91
C ASN L 151 -87.10 -54.43 65.12
N ARG L 152 -86.60 -55.17 64.15
CA ARG L 152 -85.21 -55.60 64.16
C ARG L 152 -84.40 -54.75 63.19
N TRP L 153 -83.13 -54.56 63.52
CA TRP L 153 -82.23 -53.79 62.68
C TRP L 153 -81.59 -54.70 61.64
N TYR L 154 -81.33 -54.15 60.45
CA TYR L 154 -80.75 -54.94 59.37
C TYR L 154 -79.65 -54.15 58.67
N TRP L 155 -78.69 -54.88 58.13
CA TRP L 155 -77.57 -54.27 57.41
C TRP L 155 -77.98 -54.02 55.96
N LYS L 156 -78.49 -52.84 55.69
CA LYS L 156 -78.84 -52.48 54.32
C LYS L 156 -77.67 -51.73 53.69
N LEU L 157 -77.76 -51.53 52.38
CA LEU L 157 -76.68 -50.88 51.66
C LEU L 157 -76.81 -49.38 51.80
N LYS L 158 -75.69 -48.71 52.06
CA LYS L 158 -75.61 -47.27 52.01
C LYS L 158 -75.22 -46.85 50.60
N ARG L 159 -75.86 -45.80 50.10
CA ARG L 159 -75.81 -45.30 48.72
C ARG L 159 -75.88 -46.43 47.69
N ASP L 160 -77.00 -47.14 47.70
CA ASP L 160 -77.20 -48.28 46.80
C ASP L 160 -77.54 -47.78 45.41
N THR L 161 -76.50 -47.44 44.66
CA THR L 161 -76.63 -47.11 43.25
C THR L 161 -76.05 -48.26 42.43
N LEU L 162 -76.87 -49.29 42.24
CA LEU L 162 -76.45 -50.47 41.51
C LEU L 162 -77.16 -50.52 40.18
N PRO L 163 -76.45 -50.39 39.07
CA PRO L 163 -77.11 -50.40 37.76
C PRO L 163 -77.50 -51.81 37.35
N ASP L 164 -78.45 -51.88 36.43
CA ASP L 164 -78.89 -53.14 35.88
C ASP L 164 -77.87 -53.67 34.87
N GLY L 165 -78.07 -54.91 34.46
CA GLY L 165 -77.17 -55.51 33.48
C GLY L 165 -75.92 -56.05 34.12
N ASP L 166 -75.48 -57.23 33.69
CA ASP L 166 -74.32 -57.86 34.30
C ASP L 166 -73.02 -57.19 33.91
N TYR L 167 -73.00 -56.37 32.85
CA TYR L 167 -71.77 -55.69 32.49
C TYR L 167 -71.64 -54.33 33.16
N ASP L 168 -72.75 -53.64 33.42
CA ASP L 168 -72.64 -52.39 34.17
C ASP L 168 -72.36 -52.65 35.63
N VAL L 169 -72.65 -53.86 36.14
CA VAL L 169 -72.32 -54.18 37.52
C VAL L 169 -70.89 -54.65 37.66
N ARG L 170 -70.20 -54.95 36.56
CA ARG L 170 -68.76 -55.14 36.62
C ARG L 170 -68.01 -53.83 36.46
N GLU L 171 -68.63 -52.83 35.85
CA GLU L 171 -68.03 -51.50 35.79
C GLU L 171 -68.28 -50.69 37.04
N TYR L 172 -69.18 -51.12 37.91
CA TYR L 172 -69.36 -50.43 39.18
C TYR L 172 -68.28 -50.82 40.17
N PHE L 173 -67.81 -52.06 40.12
CA PHE L 173 -66.75 -52.50 41.02
C PHE L 173 -65.36 -52.16 40.51
N LEU L 174 -65.24 -51.55 39.35
CA LEU L 174 -64.02 -50.84 39.00
C LEU L 174 -64.11 -49.37 39.40
N ASN L 175 -65.32 -48.83 39.52
CA ASN L 175 -65.48 -47.50 40.10
C ASN L 175 -65.34 -47.53 41.61
N LEU L 176 -65.78 -48.62 42.26
CA LEU L 176 -65.57 -48.76 43.69
C LEU L 176 -64.10 -48.98 44.01
N TYR L 177 -63.37 -49.63 43.10
CA TYR L 177 -61.94 -49.83 43.31
C TYR L 177 -61.14 -48.57 43.03
N ASP L 178 -61.60 -47.71 42.13
CA ASP L 178 -60.95 -46.42 41.97
C ASP L 178 -61.32 -45.47 43.09
N GLN L 179 -62.44 -45.71 43.77
CA GLN L 179 -62.86 -44.83 44.86
C GLN L 179 -62.19 -45.20 46.17
N VAL L 180 -62.01 -46.50 46.44
CA VAL L 180 -61.33 -46.92 47.66
C VAL L 180 -59.83 -46.69 47.58
N LEU L 181 -59.29 -46.44 46.38
CA LEU L 181 -57.89 -46.06 46.29
C LEU L 181 -57.66 -44.60 46.64
N THR L 182 -58.57 -43.72 46.23
CA THR L 182 -58.43 -42.31 46.57
C THR L 182 -58.82 -42.00 48.01
N GLU L 183 -59.42 -42.94 48.71
CA GLU L 183 -59.72 -42.78 50.13
C GLU L 183 -58.65 -43.45 51.01
N MET L 184 -57.84 -44.33 50.43
CA MET L 184 -56.82 -45.07 51.17
C MET L 184 -55.74 -44.15 51.69
N PRO L 185 -55.54 -44.04 52.99
CA PRO L 185 -54.65 -43.02 53.55
C PRO L 185 -53.21 -43.49 53.68
N ASP L 186 -52.35 -42.54 54.04
CA ASP L 186 -50.95 -42.80 54.29
C ASP L 186 -50.62 -42.87 55.77
N TYR L 187 -50.99 -41.86 56.55
CA TYR L 187 -50.94 -41.96 57.99
C TYR L 187 -52.32 -41.72 58.57
N LEU L 188 -52.70 -42.57 59.53
CA LEU L 188 -54.04 -42.57 60.07
C LEU L 188 -53.94 -42.54 61.59
N LEU L 189 -54.13 -41.34 62.16
CA LEU L 189 -54.16 -41.16 63.60
C LEU L 189 -55.60 -41.24 64.07
N LEU L 190 -55.89 -42.22 64.92
CA LEU L 190 -57.24 -42.36 65.43
C LEU L 190 -57.57 -41.33 66.50
N LYS L 191 -56.59 -40.60 67.01
CA LYS L 191 -56.85 -39.54 67.97
C LYS L 191 -57.61 -38.38 67.34
N ASP L 192 -57.54 -38.22 66.02
CA ASP L 192 -58.28 -37.15 65.35
C ASP L 192 -59.76 -37.47 65.26
N MET L 193 -60.12 -38.64 64.72
CA MET L 193 -61.52 -39.05 64.66
C MET L 193 -61.88 -39.70 65.98
N ALA L 194 -62.60 -38.97 66.83
CA ALA L 194 -63.13 -39.50 68.06
C ALA L 194 -64.26 -38.58 68.51
N VAL L 195 -65.42 -39.15 68.77
CA VAL L 195 -66.53 -38.38 69.29
C VAL L 195 -66.95 -38.98 70.63
N GLU L 196 -67.44 -38.11 71.51
CA GLU L 196 -67.75 -38.52 72.87
C GLU L 196 -69.03 -39.33 72.88
N ASN L 197 -68.96 -40.53 73.43
CA ASN L 197 -70.14 -41.36 73.60
C ASN L 197 -71.04 -40.75 74.66
N LYS L 198 -72.33 -40.58 74.33
CA LYS L 198 -73.23 -39.92 75.27
C LYS L 198 -73.58 -40.83 76.44
N ASN L 199 -73.81 -42.11 76.16
CA ASN L 199 -74.24 -43.08 77.17
C ASN L 199 -73.08 -44.02 77.43
N SER L 200 -72.36 -43.78 78.52
CA SER L 200 -71.29 -44.69 78.93
C SER L 200 -71.16 -44.67 80.44
N ARG L 201 -70.62 -45.76 80.97
CA ARG L 201 -70.23 -45.80 82.38
C ARG L 201 -69.12 -44.80 82.65
N ASP L 202 -68.02 -44.95 81.94
CA ASP L 202 -66.95 -43.96 81.91
C ASP L 202 -67.05 -43.27 80.56
N ALA L 203 -67.20 -41.94 80.57
CA ALA L 203 -67.50 -41.21 79.34
C ALA L 203 -66.28 -41.17 78.43
N GLY L 204 -66.19 -42.16 77.54
CA GLY L 204 -65.07 -42.30 76.64
C GLY L 204 -65.45 -41.96 75.20
N LYS L 205 -64.52 -42.22 74.31
CA LYS L 205 -64.64 -41.81 72.92
C LYS L 205 -64.71 -43.02 72.00
N VAL L 206 -65.72 -43.04 71.14
CA VAL L 206 -65.86 -44.02 70.06
C VAL L 206 -65.32 -43.38 68.79
N VAL L 207 -64.87 -44.21 67.84
CA VAL L 207 -63.88 -43.74 66.86
C VAL L 207 -64.50 -42.86 65.77
N ASP L 208 -65.81 -42.95 65.54
CA ASP L 208 -66.35 -42.18 64.43
C ASP L 208 -67.68 -41.56 64.79
N SER L 209 -68.00 -40.45 64.13
CA SER L 209 -69.26 -39.77 64.36
C SER L 209 -70.44 -40.55 63.82
N GLU L 210 -70.23 -41.35 62.77
CA GLU L 210 -71.28 -42.23 62.30
C GLU L 210 -71.41 -43.48 63.15
N THR L 211 -70.43 -43.74 64.02
CA THR L 211 -70.53 -44.85 64.95
C THR L 211 -71.31 -44.47 66.19
N ALA L 212 -71.12 -43.26 66.70
CA ALA L 212 -71.91 -42.82 67.84
C ALA L 212 -73.32 -42.42 67.46
N ALA L 213 -73.63 -42.30 66.17
CA ALA L 213 -75.02 -42.11 65.76
C ALA L 213 -75.82 -43.38 65.93
N ILE L 214 -75.18 -44.56 65.85
CA ILE L 214 -75.85 -45.81 66.12
C ILE L 214 -75.48 -46.41 67.47
N CYS L 215 -74.51 -45.83 68.18
CA CYS L 215 -74.40 -46.08 69.60
C CYS L 215 -75.52 -45.41 70.37
N ASP L 216 -76.10 -44.35 69.81
CA ASP L 216 -77.14 -43.58 70.46
C ASP L 216 -78.54 -43.95 69.96
N ALA L 217 -78.68 -44.32 68.69
CA ALA L 217 -79.99 -44.71 68.18
C ALA L 217 -80.46 -46.05 68.70
N ILE L 218 -79.57 -46.83 69.29
CA ILE L 218 -79.95 -48.11 69.88
C ILE L 218 -80.20 -48.00 71.38
N PHE L 219 -79.51 -47.07 72.05
CA PHE L 219 -79.65 -46.93 73.50
C PHE L 219 -81.02 -46.38 73.89
N GLN L 220 -81.62 -45.52 73.08
CA GLN L 220 -82.86 -44.85 73.48
C GLN L 220 -84.12 -45.60 73.08
N ASP L 221 -84.04 -46.56 72.16
CA ASP L 221 -85.23 -47.22 71.66
C ASP L 221 -85.83 -48.17 72.69
N GLU L 222 -87.16 -48.12 72.81
CA GLU L 222 -87.85 -48.89 73.84
C GLU L 222 -87.90 -50.38 73.53
N GLU L 223 -87.67 -50.77 72.28
CA GLU L 223 -87.74 -52.17 71.89
C GLU L 223 -86.41 -52.88 71.98
N THR L 224 -85.32 -52.17 72.27
CA THR L 224 -84.02 -52.81 72.43
C THR L 224 -83.98 -53.59 73.73
N GLU L 225 -83.43 -54.80 73.68
CA GLU L 225 -83.28 -55.60 74.87
C GLU L 225 -82.20 -55.03 75.78
N GLY L 226 -82.25 -55.42 77.05
CA GLY L 226 -81.41 -54.82 78.06
C GLY L 226 -79.95 -55.21 77.98
N VAL L 227 -79.63 -56.31 77.30
CA VAL L 227 -78.24 -56.75 77.21
C VAL L 227 -77.45 -55.88 76.24
N VAL L 228 -78.09 -55.49 75.13
CA VAL L 228 -77.45 -54.60 74.17
C VAL L 228 -77.26 -53.21 74.77
N ARG L 229 -78.21 -52.78 75.60
CA ARG L 229 -78.13 -51.48 76.24
C ARG L 229 -77.01 -51.43 77.28
N ARG L 230 -76.74 -52.56 77.95
CA ARG L 230 -75.64 -52.62 78.91
C ARG L 230 -74.29 -52.66 78.22
N PHE L 231 -74.24 -53.12 76.97
CA PHE L 231 -72.97 -53.23 76.26
C PHE L 231 -72.46 -51.88 75.78
N ILE L 232 -73.34 -50.91 75.55
CA ILE L 232 -72.88 -49.59 75.14
C ILE L 232 -72.21 -48.87 76.30
N ALA L 233 -72.60 -49.20 77.54
CA ALA L 233 -71.91 -48.64 78.70
C ALA L 233 -70.50 -49.20 78.82
N GLU L 234 -70.32 -50.49 78.52
CA GLU L 234 -69.00 -51.13 78.53
C GLU L 234 -68.30 -50.91 77.18
N MET L 235 -68.11 -49.64 76.84
CA MET L 235 -67.57 -49.29 75.52
C MET L 235 -66.86 -47.95 75.65
N ARG L 236 -65.54 -47.99 75.67
CA ARG L 236 -64.72 -46.79 75.80
C ARG L 236 -63.37 -47.09 75.19
N GLN L 237 -62.47 -46.12 75.22
CA GLN L 237 -61.13 -46.34 74.70
C GLN L 237 -60.23 -46.79 75.83
N ARG L 238 -59.14 -47.46 75.45
CA ARG L 238 -58.07 -47.79 76.38
C ARG L 238 -56.78 -47.33 75.74
N VAL L 239 -56.11 -46.39 76.38
CA VAL L 239 -54.95 -45.74 75.79
C VAL L 239 -53.72 -46.08 76.62
N GLN L 240 -52.60 -46.28 75.94
CA GLN L 240 -51.35 -46.68 76.56
C GLN L 240 -50.28 -45.65 76.23
N ALA L 241 -49.42 -45.39 77.21
CA ALA L 241 -48.53 -44.24 77.14
C ALA L 241 -47.12 -44.59 76.69
N ASP L 242 -46.53 -45.66 77.21
CA ASP L 242 -45.16 -46.02 76.87
C ASP L 242 -45.08 -46.49 75.43
N ARG L 243 -45.90 -47.46 75.06
CA ARG L 243 -46.18 -47.73 73.66
C ARG L 243 -47.29 -46.79 73.24
N ASN L 244 -46.98 -45.83 72.35
CA ASN L 244 -48.02 -44.88 71.98
C ASN L 244 -49.00 -45.56 71.04
N VAL L 245 -50.02 -46.19 71.61
CA VAL L 245 -51.03 -46.90 70.84
C VAL L 245 -52.36 -46.76 71.57
N VAL L 246 -53.45 -46.70 70.80
CA VAL L 246 -54.78 -46.43 71.33
C VAL L 246 -55.66 -47.59 70.90
N ASN L 247 -56.72 -47.85 71.67
CA ASN L 247 -57.66 -48.92 71.35
C ASN L 247 -59.08 -48.35 71.39
N TYR L 248 -59.60 -47.92 70.24
CA TYR L 248 -60.93 -47.33 70.11
C TYR L 248 -61.94 -48.37 69.64
N PRO L 249 -63.15 -48.38 70.18
CA PRO L 249 -64.19 -49.27 69.70
C PRO L 249 -64.83 -48.75 68.41
N SER L 250 -65.68 -49.59 67.82
CA SER L 250 -66.34 -49.26 66.56
C SER L 250 -67.60 -50.09 66.46
N ILE L 251 -68.39 -49.79 65.42
CA ILE L 251 -69.44 -50.66 64.91
C ILE L 251 -69.31 -50.62 63.40
N LEU L 252 -68.88 -51.73 62.80
CA LEU L 252 -68.63 -51.80 61.38
C LEU L 252 -69.16 -53.11 60.85
N HIS L 253 -69.59 -53.10 59.60
CA HIS L 253 -69.92 -54.34 58.89
C HIS L 253 -68.65 -55.16 58.70
N PRO L 254 -68.76 -56.49 58.61
CA PRO L 254 -67.56 -57.30 58.36
C PRO L 254 -66.85 -57.01 57.03
N ILE L 255 -67.57 -56.64 55.97
CA ILE L 255 -66.91 -56.19 54.76
C ILE L 255 -66.33 -54.80 54.97
N ASP L 256 -67.04 -53.98 55.74
CA ASP L 256 -66.55 -52.67 56.15
C ASP L 256 -65.31 -52.78 57.02
N HIS L 257 -65.26 -53.78 57.90
CA HIS L 257 -64.15 -53.88 58.84
C HIS L 257 -62.88 -54.35 58.16
N ALA L 258 -63.00 -55.17 57.11
CA ALA L 258 -61.81 -55.60 56.39
C ALA L 258 -61.17 -54.47 55.60
N PHE L 259 -61.92 -53.44 55.26
CA PHE L 259 -61.34 -52.29 54.59
C PHE L 259 -60.65 -51.35 55.58
N ASN L 260 -61.26 -51.13 56.75
CA ASN L 260 -60.67 -50.21 57.71
C ASN L 260 -59.48 -50.84 58.45
N GLU L 261 -59.57 -52.12 58.79
CA GLU L 261 -58.45 -52.79 59.41
C GLU L 261 -57.32 -53.02 58.43
N TYR L 262 -57.58 -52.95 57.13
CA TYR L 262 -56.47 -52.92 56.19
C TYR L 262 -55.83 -51.53 56.12
N PHE L 263 -56.63 -50.46 56.29
CA PHE L 263 -56.05 -49.12 56.26
C PHE L 263 -55.21 -48.82 57.48
N LEU L 264 -55.47 -49.51 58.60
CA LEU L 264 -54.76 -49.23 59.84
C LEU L 264 -53.44 -49.97 59.91
N GLN L 265 -53.39 -51.21 59.43
CA GLN L 265 -52.18 -52.00 59.54
C GLN L 265 -51.12 -51.60 58.51
N HIS L 266 -51.52 -51.19 57.32
CA HIS L 266 -50.59 -50.96 56.22
C HIS L 266 -50.53 -49.46 55.95
N GLN L 267 -49.69 -48.76 56.71
CA GLN L 267 -49.49 -47.34 56.56
C GLN L 267 -48.09 -47.08 56.01
N LEU L 268 -47.94 -45.99 55.27
CA LEU L 268 -46.65 -45.63 54.72
C LEU L 268 -45.88 -44.68 55.63
N VAL L 269 -45.74 -45.01 56.90
CA VAL L 269 -44.97 -44.18 57.83
C VAL L 269 -43.86 -45.02 58.44
N GLU L 270 -42.66 -44.53 58.33
CA GLU L 270 -41.47 -45.06 58.94
C GLU L 270 -40.95 -44.06 59.96
N PRO L 271 -40.28 -44.51 61.02
CA PRO L 271 -39.75 -43.56 62.01
C PRO L 271 -38.62 -42.72 61.44
N LEU L 272 -38.29 -41.66 62.17
CA LEU L 272 -37.33 -40.67 61.71
C LEU L 272 -36.36 -40.32 62.83
N ASN L 273 -35.08 -40.52 62.57
CA ASN L 273 -34.00 -40.12 63.47
C ASN L 273 -33.12 -39.11 62.75
N ASN L 274 -31.99 -38.78 63.35
CA ASN L 274 -30.98 -38.03 62.62
C ASN L 274 -30.14 -38.93 61.72
N ASP L 275 -30.15 -40.23 61.96
CA ASP L 275 -29.43 -41.14 61.10
C ASP L 275 -30.18 -41.46 59.82
N ILE L 276 -31.47 -41.13 59.75
CA ILE L 276 -32.26 -41.36 58.54
C ILE L 276 -32.37 -40.10 57.69
N ILE L 277 -32.06 -38.92 58.25
CA ILE L 277 -31.91 -37.73 57.43
C ILE L 277 -30.57 -37.78 56.69
N PHE L 278 -29.52 -38.22 57.37
CA PHE L 278 -28.21 -38.23 56.76
C PHE L 278 -28.07 -39.33 55.72
N ASN L 279 -28.84 -40.40 55.81
CA ASN L 279 -28.84 -41.37 54.73
C ASN L 279 -29.68 -40.93 53.54
N TYR L 280 -30.51 -39.89 53.69
CA TYR L 280 -31.26 -39.39 52.56
C TYR L 280 -30.38 -38.64 51.58
N ILE L 281 -29.30 -38.03 52.07
CA ILE L 281 -28.26 -37.40 51.26
C ILE L 281 -27.56 -38.52 50.49
N PRO L 282 -27.07 -38.30 49.27
CA PRO L 282 -26.40 -39.38 48.53
C PRO L 282 -25.12 -39.87 49.20
N GLU L 283 -24.65 -41.03 48.75
CA GLU L 283 -23.51 -41.66 49.39
C GLU L 283 -22.21 -40.96 49.04
N ARG L 284 -22.10 -40.41 47.84
CA ARG L 284 -20.86 -39.78 47.40
C ARG L 284 -20.90 -38.26 47.55
N ILE L 285 -21.69 -37.76 48.50
CA ILE L 285 -21.61 -36.39 48.94
C ILE L 285 -21.33 -36.30 50.43
N ARG L 286 -21.99 -37.12 51.23
CA ARG L 286 -21.64 -37.16 52.65
C ARG L 286 -20.36 -37.94 52.91
N ASN L 287 -19.80 -38.61 51.91
CA ASN L 287 -18.48 -39.23 51.99
C ASN L 287 -17.52 -38.47 51.07
N ASP L 288 -17.69 -37.15 51.05
CA ASP L 288 -16.84 -36.26 50.26
C ASP L 288 -16.13 -35.29 51.17
N VAL L 289 -14.95 -34.86 50.75
CA VAL L 289 -14.09 -34.02 51.58
C VAL L 289 -14.54 -32.57 51.53
N ASN L 290 -15.04 -32.12 50.37
CA ASN L 290 -15.26 -30.70 50.14
C ASN L 290 -16.47 -30.16 50.90
N TYR L 291 -17.52 -30.94 51.03
CA TYR L 291 -18.77 -30.46 51.62
C TYR L 291 -18.83 -30.87 53.09
N ILE L 292 -19.04 -29.87 53.96
CA ILE L 292 -19.16 -30.10 55.40
C ILE L 292 -20.63 -30.02 55.76
N LEU L 293 -21.15 -31.08 56.37
CA LEU L 293 -22.59 -31.26 56.56
C LEU L 293 -22.96 -30.98 58.01
N ASN L 294 -23.75 -29.94 58.23
CA ASN L 294 -24.13 -29.49 59.55
C ASN L 294 -25.64 -29.55 59.67
N MET L 295 -26.14 -29.92 60.85
CA MET L 295 -27.56 -29.92 61.10
C MET L 295 -27.82 -29.38 62.49
N ASP L 296 -29.06 -28.93 62.71
CA ASP L 296 -29.39 -28.05 63.82
C ASP L 296 -30.18 -28.71 64.93
N ARG L 297 -31.29 -29.37 64.61
CA ARG L 297 -32.18 -29.92 65.62
C ARG L 297 -32.24 -31.43 65.50
N ASN L 298 -32.30 -32.12 66.63
CA ASN L 298 -32.55 -33.54 66.64
C ASN L 298 -34.03 -33.81 66.87
N LEU L 299 -34.52 -34.77 66.22
CA LEU L 299 -35.94 -35.10 66.12
C LEU L 299 -36.32 -36.14 67.17
N PRO L 300 -37.58 -36.11 67.68
CA PRO L 300 -37.95 -37.04 68.75
C PRO L 300 -38.18 -38.46 68.26
N SER L 301 -38.67 -39.32 69.14
CA SER L 301 -38.98 -40.69 68.79
C SER L 301 -40.39 -40.85 68.21
N THR L 302 -41.13 -39.75 68.06
CA THR L 302 -42.48 -39.80 67.51
C THR L 302 -42.61 -39.01 66.23
N ALA L 303 -41.52 -38.83 65.49
CA ALA L 303 -41.59 -38.24 64.17
C ALA L 303 -41.68 -39.34 63.12
N ARG L 304 -42.26 -39.01 61.97
CA ARG L 304 -42.38 -39.97 60.88
C ARG L 304 -42.02 -39.29 59.57
N TYR L 305 -41.79 -40.09 58.54
CA TYR L 305 -41.58 -39.58 57.20
C TYR L 305 -42.06 -40.62 56.20
N ILE L 306 -42.48 -40.16 55.04
CA ILE L 306 -43.03 -41.03 53.99
C ILE L 306 -41.92 -41.32 53.00
N ARG L 307 -41.57 -42.60 52.85
CA ARG L 307 -40.46 -42.97 52.01
C ARG L 307 -40.92 -43.07 50.56
N PRO L 308 -40.32 -42.34 49.63
CA PRO L 308 -40.73 -42.45 48.24
C PRO L 308 -40.23 -43.74 47.62
N ASN L 309 -41.00 -44.26 46.66
CA ASN L 309 -40.63 -45.52 46.01
C ASN L 309 -39.70 -45.21 44.85
N LEU L 310 -38.40 -45.31 45.11
CA LEU L 310 -37.37 -44.99 44.14
C LEU L 310 -36.80 -46.29 43.59
N LEU L 311 -37.51 -46.86 42.61
CA LEU L 311 -37.02 -48.05 41.93
C LEU L 311 -37.01 -47.78 40.44
N GLN L 312 -36.05 -48.41 39.76
CA GLN L 312 -35.68 -48.04 38.39
C GLN L 312 -36.81 -48.35 37.42
N ASP L 313 -36.75 -47.72 36.25
CA ASP L 313 -37.89 -47.59 35.36
C ASP L 313 -38.30 -48.94 34.78
N ARG L 314 -39.48 -49.41 35.18
CA ARG L 314 -39.98 -50.71 34.79
C ARG L 314 -40.62 -50.73 33.42
N LEU L 315 -40.61 -49.62 32.69
CA LEU L 315 -41.14 -49.62 31.35
C LEU L 315 -40.09 -49.87 30.29
N ASN L 316 -38.82 -49.63 30.62
CA ASN L 316 -37.71 -49.58 29.67
C ASN L 316 -38.05 -48.63 28.52
N LEU L 317 -38.22 -47.36 28.88
CA LEU L 317 -38.59 -46.34 27.91
C LEU L 317 -37.46 -45.97 26.97
N HIS L 318 -36.24 -46.40 27.26
CA HIS L 318 -35.14 -46.21 26.31
C HIS L 318 -35.14 -47.25 25.21
N ASP L 319 -36.00 -48.25 25.29
CA ASP L 319 -36.05 -49.37 24.36
C ASP L 319 -37.28 -49.22 23.47
N ASN L 320 -37.03 -48.95 22.18
CA ASN L 320 -37.99 -48.91 21.07
C ASN L 320 -38.92 -47.71 21.11
N PHE L 321 -38.87 -46.92 22.18
CA PHE L 321 -39.63 -45.69 22.29
C PHE L 321 -38.73 -44.51 21.95
N GLU L 322 -38.44 -44.37 20.66
CA GLU L 322 -37.47 -43.38 20.22
C GLU L 322 -38.01 -41.96 20.26
N SER L 323 -39.33 -41.80 20.37
CA SER L 323 -39.94 -40.48 20.48
C SER L 323 -40.17 -40.06 21.92
N LEU L 324 -40.53 -41.00 22.80
CA LEU L 324 -40.75 -40.67 24.20
C LEU L 324 -39.45 -40.55 24.97
N TRP L 325 -38.40 -41.26 24.55
CA TRP L 325 -37.12 -41.10 25.22
C TRP L 325 -36.46 -39.78 24.87
N ASP L 326 -36.80 -39.18 23.74
CA ASP L 326 -36.21 -37.91 23.36
C ASP L 326 -36.70 -36.79 24.27
N THR L 327 -38.00 -36.70 24.50
CA THR L 327 -38.48 -35.63 25.36
C THR L 327 -38.40 -35.96 26.83
N ILE L 328 -38.05 -37.20 27.20
CA ILE L 328 -37.76 -37.49 28.60
C ILE L 328 -36.31 -37.20 28.92
N THR L 329 -35.47 -37.00 27.90
CA THR L 329 -34.08 -36.63 28.12
C THR L 329 -33.74 -35.22 27.68
N THR L 330 -34.62 -34.53 26.95
CA THR L 330 -34.52 -33.08 26.88
C THR L 330 -34.95 -32.46 28.19
N SER L 331 -35.93 -33.09 28.84
CA SER L 331 -36.36 -32.71 30.18
C SER L 331 -35.22 -32.81 31.19
N ASN L 332 -34.33 -33.78 31.02
CA ASN L 332 -33.18 -33.94 31.91
C ASN L 332 -31.95 -33.18 31.43
N TYR L 333 -31.91 -32.73 30.19
CA TYR L 333 -30.77 -31.97 29.71
C TYR L 333 -30.89 -30.51 30.12
N ILE L 334 -32.10 -29.95 30.06
CA ILE L 334 -32.27 -28.54 30.39
C ILE L 334 -32.20 -28.33 31.89
N LEU L 335 -32.63 -29.33 32.68
CA LEU L 335 -32.50 -29.25 34.12
C LEU L 335 -31.05 -29.29 34.57
N ALA L 336 -30.24 -30.17 33.97
CA ALA L 336 -28.83 -30.24 34.35
C ALA L 336 -28.04 -29.07 33.82
N ARG L 337 -28.55 -28.37 32.81
CA ARG L 337 -27.86 -27.20 32.29
C ARG L 337 -28.01 -26.00 33.21
N SER L 338 -29.14 -25.87 33.90
CA SER L 338 -29.33 -24.78 34.84
C SER L 338 -28.90 -25.14 36.25
N VAL L 339 -28.02 -26.12 36.41
CA VAL L 339 -27.52 -26.53 37.71
C VAL L 339 -25.99 -26.47 37.76
N VAL L 340 -25.31 -26.97 36.72
CA VAL L 340 -23.86 -27.00 36.61
C VAL L 340 -23.31 -25.57 36.70
N PRO L 341 -22.40 -25.30 37.63
CA PRO L 341 -22.12 -23.91 38.00
C PRO L 341 -21.30 -23.19 36.94
N ASP L 342 -21.66 -21.93 36.72
CA ASP L 342 -20.94 -21.11 35.77
C ASP L 342 -19.56 -20.78 36.31
N LEU L 343 -18.62 -20.54 35.39
CA LEU L 343 -17.26 -20.26 35.80
C LEU L 343 -17.14 -18.86 36.38
N LYS L 344 -16.17 -18.68 37.24
CA LYS L 344 -15.78 -17.38 37.73
C LYS L 344 -14.29 -17.21 37.53
N GLU L 345 -13.86 -15.95 37.40
CA GLU L 345 -12.47 -15.53 37.21
C GLU L 345 -11.91 -16.17 35.93
N LEU L 346 -12.49 -15.76 34.82
CA LEU L 346 -11.94 -16.13 33.53
C LEU L 346 -10.82 -15.16 33.15
N VAL L 347 -10.09 -15.52 32.12
CA VAL L 347 -9.12 -14.59 31.54
C VAL L 347 -9.92 -13.55 30.75
N SER L 348 -9.55 -12.29 30.91
CA SER L 348 -10.27 -11.20 30.23
C SER L 348 -10.07 -11.29 28.73
N THR L 349 -11.17 -11.36 27.99
CA THR L 349 -11.10 -11.63 26.56
C THR L 349 -10.54 -10.46 25.75
N GLU L 350 -10.47 -9.27 26.31
CA GLU L 350 -9.79 -8.17 25.63
C GLU L 350 -8.29 -8.29 25.73
N ALA L 351 -7.79 -8.97 26.76
CA ALA L 351 -6.36 -9.18 26.95
C ALA L 351 -5.90 -10.58 26.58
N GLN L 352 -6.83 -11.51 26.36
CA GLN L 352 -6.44 -12.83 25.89
C GLN L 352 -6.24 -12.83 24.38
N ILE L 353 -7.06 -12.08 23.66
CA ILE L 353 -6.85 -11.91 22.23
C ILE L 353 -5.55 -11.15 21.96
N GLN L 354 -5.29 -10.11 22.76
CA GLN L 354 -4.11 -9.27 22.57
C GLN L 354 -2.80 -10.01 22.86
N LYS L 355 -2.86 -11.14 23.56
CA LYS L 355 -1.72 -12.02 23.68
C LYS L 355 -1.72 -13.09 22.60
N MET L 356 -2.91 -13.55 22.21
CA MET L 356 -3.02 -14.56 21.17
C MET L 356 -2.72 -13.96 19.80
N SER L 357 -3.00 -12.67 19.61
CA SER L 357 -2.67 -11.99 18.37
C SER L 357 -1.23 -11.50 18.33
N GLN L 358 -0.36 -12.04 19.16
CA GLN L 358 1.08 -11.83 19.08
C GLN L 358 1.86 -13.11 18.94
N ASP L 359 1.37 -14.22 19.51
CA ASP L 359 1.95 -15.52 19.20
C ASP L 359 1.67 -15.91 17.75
N LEU L 360 0.55 -15.46 17.19
CA LEU L 360 0.22 -15.75 15.82
C LEU L 360 0.94 -14.86 14.83
N GLN L 361 1.34 -13.65 15.25
CA GLN L 361 2.00 -12.64 14.42
C GLN L 361 1.15 -12.28 13.21
N LEU L 362 -0.01 -11.69 13.49
CA LEU L 362 -0.93 -11.27 12.44
C LEU L 362 -0.34 -10.13 11.65
N GLU L 363 -0.49 -10.18 10.33
CA GLU L 363 -0.02 -9.15 9.43
C GLU L 363 -1.22 -8.54 8.71
N ALA L 364 -1.29 -7.22 8.68
CA ALA L 364 -2.38 -6.56 7.99
C ALA L 364 -2.15 -6.59 6.48
N LEU L 365 -3.17 -6.15 5.75
CA LEU L 365 -3.22 -6.00 4.30
C LEU L 365 -3.09 -7.30 3.52
N THR L 366 -3.06 -8.45 4.20
CA THR L 366 -3.12 -9.76 3.56
C THR L 366 -4.28 -10.55 4.14
N ILE L 367 -4.57 -11.69 3.52
CA ILE L 367 -5.51 -12.65 4.07
C ILE L 367 -4.72 -13.87 4.53
N GLN L 368 -4.52 -13.95 5.85
CA GLN L 368 -3.88 -15.09 6.46
C GLN L 368 -4.91 -16.03 7.06
N SER L 369 -4.48 -17.28 7.26
CA SER L 369 -5.30 -18.29 7.88
C SER L 369 -5.22 -18.26 9.40
N GLU L 370 -4.71 -17.17 9.97
CA GLU L 370 -4.58 -17.04 11.42
C GLU L 370 -5.42 -15.92 11.99
N THR L 371 -6.16 -15.19 11.17
CA THR L 371 -7.18 -14.31 11.73
C THR L 371 -8.45 -15.05 12.05
N GLN L 372 -8.58 -16.30 11.62
CA GLN L 372 -9.70 -17.14 11.95
C GLN L 372 -9.46 -17.93 13.22
N PHE L 373 -8.28 -17.84 13.82
CA PHE L 373 -8.03 -18.56 15.05
C PHE L 373 -8.67 -17.86 16.23
N LEU L 374 -9.09 -16.61 16.06
CA LEU L 374 -9.61 -15.79 17.15
C LEU L 374 -11.12 -15.67 17.13
N THR L 375 -11.80 -16.28 16.15
CA THR L 375 -13.24 -16.08 16.06
C THR L 375 -13.96 -16.88 17.14
N GLY L 376 -15.07 -16.33 17.61
CA GLY L 376 -15.90 -17.00 18.60
C GLY L 376 -15.27 -17.20 19.96
N ILE L 377 -14.32 -16.35 20.34
CA ILE L 377 -13.69 -16.44 21.66
C ILE L 377 -14.22 -15.27 22.49
N ASN L 378 -15.04 -15.59 23.48
CA ASN L 378 -15.54 -14.61 24.45
C ASN L 378 -16.00 -15.36 25.69
N SER L 379 -16.45 -14.62 26.70
CA SER L 379 -16.86 -15.23 27.95
C SER L 379 -18.28 -15.77 27.92
N GLN L 380 -19.07 -15.40 26.91
CA GLN L 380 -20.40 -15.97 26.76
C GLN L 380 -20.37 -17.37 26.19
N ALA L 381 -19.24 -17.81 25.64
CA ALA L 381 -19.11 -19.11 24.99
C ALA L 381 -18.39 -20.14 25.84
N ALA L 382 -17.35 -19.74 26.58
CA ALA L 382 -16.71 -20.67 27.51
C ALA L 382 -17.63 -21.03 28.65
N ASN L 383 -18.50 -20.11 29.04
CA ASN L 383 -19.52 -20.37 30.04
C ASN L 383 -20.71 -21.12 29.47
N ASP L 384 -20.71 -21.37 28.16
CA ASP L 384 -21.77 -22.11 27.49
C ASP L 384 -21.28 -23.44 26.94
N CYS L 385 -19.98 -23.57 26.72
CA CYS L 385 -19.40 -24.85 26.34
C CYS L 385 -19.00 -25.69 27.55
N PHE L 386 -18.91 -25.07 28.71
CA PHE L 386 -18.72 -25.84 29.93
C PHE L 386 -19.99 -26.54 30.34
N LYS L 387 -21.14 -25.95 30.02
CA LYS L 387 -22.40 -26.56 30.38
C LYS L 387 -22.87 -27.58 29.36
N THR L 388 -22.59 -27.36 28.08
CA THR L 388 -23.00 -28.31 27.06
C THR L 388 -22.17 -29.60 27.11
N LEU L 389 -21.05 -29.60 27.82
CA LEU L 389 -20.31 -30.84 28.04
C LEU L 389 -20.75 -31.57 29.28
N ILE L 390 -21.01 -30.84 30.37
CA ILE L 390 -21.41 -31.50 31.61
C ILE L 390 -22.87 -31.92 31.56
N ALA L 391 -23.74 -31.06 31.04
CA ALA L 391 -25.16 -31.39 31.09
C ALA L 391 -25.61 -32.29 29.97
N ALA L 392 -24.77 -32.57 28.99
CA ALA L 392 -25.10 -33.59 28.02
C ALA L 392 -24.58 -34.96 28.42
N MET L 393 -23.58 -35.03 29.30
CA MET L 393 -23.19 -36.31 29.88
C MET L 393 -24.12 -36.74 31.00
N LEU L 394 -24.68 -35.79 31.75
CA LEU L 394 -25.54 -36.09 32.86
C LEU L 394 -26.93 -36.53 32.45
N SER L 395 -27.32 -36.32 31.20
CA SER L 395 -28.61 -36.79 30.73
C SER L 395 -28.49 -37.70 29.52
N GLN L 396 -27.26 -37.99 29.08
CA GLN L 396 -26.95 -38.83 27.91
C GLN L 396 -27.62 -38.30 26.65
N ARG L 397 -27.60 -36.99 26.47
CA ARG L 397 -28.08 -36.34 25.27
C ARG L 397 -26.94 -36.25 24.28
N THR L 398 -27.09 -36.88 23.12
CA THR L 398 -26.00 -37.00 22.16
C THR L 398 -25.72 -35.67 21.50
N MET L 399 -24.49 -35.18 21.61
CA MET L 399 -24.14 -33.91 21.02
C MET L 399 -23.78 -34.10 19.55
N SER L 400 -23.69 -32.99 18.82
CA SER L 400 -23.28 -33.00 17.42
C SER L 400 -22.42 -31.77 17.19
N LEU L 401 -21.19 -31.99 16.74
CA LEU L 401 -20.26 -30.90 16.51
C LEU L 401 -20.63 -30.13 15.25
N ASP L 402 -20.36 -28.84 15.26
CA ASP L 402 -20.44 -28.03 14.05
C ASP L 402 -19.32 -27.02 14.05
N PHE L 403 -18.63 -26.94 12.92
CA PHE L 403 -17.37 -26.23 12.82
C PHE L 403 -17.13 -25.92 11.34
N VAL L 404 -16.05 -25.22 11.07
CA VAL L 404 -15.64 -24.91 9.72
C VAL L 404 -14.22 -25.44 9.51
N THR L 405 -13.95 -25.93 8.30
CA THR L 405 -12.69 -26.61 8.03
C THR L 405 -11.54 -25.63 7.90
N THR L 406 -11.83 -24.39 7.48
CA THR L 406 -10.81 -23.37 7.34
C THR L 406 -10.25 -22.87 8.67
N ASN L 407 -10.90 -23.17 9.78
CA ASN L 407 -10.44 -22.75 11.10
C ASN L 407 -9.54 -23.85 11.64
N TYR L 408 -8.24 -23.66 11.52
CA TYR L 408 -7.29 -24.67 11.96
C TYR L 408 -7.16 -24.75 13.47
N MET L 409 -7.67 -23.76 14.20
CA MET L 409 -7.64 -23.81 15.66
C MET L 409 -8.84 -24.55 16.21
N SER L 410 -9.96 -24.55 15.49
CA SER L 410 -11.10 -25.34 15.92
C SER L 410 -10.91 -26.82 15.70
N LEU L 411 -9.87 -27.23 14.98
CA LEU L 411 -9.53 -28.63 14.80
C LEU L 411 -8.51 -29.12 15.80
N ILE L 412 -7.62 -28.25 16.26
CA ILE L 412 -6.70 -28.59 17.34
C ILE L 412 -7.44 -28.60 18.67
N SER L 413 -8.34 -27.64 18.88
CA SER L 413 -9.23 -27.71 20.01
C SER L 413 -10.30 -28.78 19.84
N GLY L 414 -10.48 -29.29 18.63
CA GLY L 414 -11.27 -30.49 18.41
C GLY L 414 -10.52 -31.76 18.65
N MET L 415 -9.20 -31.71 18.81
CA MET L 415 -8.44 -32.85 19.30
C MET L 415 -8.61 -33.04 20.79
N TRP L 416 -9.17 -32.07 21.49
CA TRP L 416 -9.31 -32.15 22.93
C TRP L 416 -10.66 -32.72 23.37
N LEU L 417 -11.73 -32.50 22.62
CA LEU L 417 -13.01 -33.10 22.99
C LEU L 417 -13.00 -34.61 22.85
N LEU L 418 -12.49 -35.10 21.73
CA LEU L 418 -12.53 -36.52 21.44
C LEU L 418 -11.66 -37.32 22.38
N THR L 419 -10.68 -36.68 23.01
CA THR L 419 -9.82 -37.34 23.97
C THR L 419 -10.28 -37.14 25.41
N VAL L 420 -11.40 -36.43 25.61
CA VAL L 420 -11.99 -36.29 26.94
C VAL L 420 -13.41 -36.85 26.92
N VAL L 421 -14.26 -36.30 26.05
CA VAL L 421 -15.62 -36.79 25.91
C VAL L 421 -15.59 -38.11 25.14
N PRO L 422 -16.20 -39.16 25.65
CA PRO L 422 -16.17 -40.45 24.93
C PRO L 422 -16.92 -40.41 23.63
N ASN L 423 -16.31 -40.99 22.59
CA ASN L 423 -16.84 -40.87 21.22
C ASN L 423 -18.10 -41.68 20.98
N ASP L 424 -18.58 -42.44 21.94
CA ASP L 424 -19.88 -43.09 21.81
C ASP L 424 -21.03 -42.16 22.13
N MET L 425 -20.74 -40.87 22.26
CA MET L 425 -21.71 -39.85 22.62
C MET L 425 -21.98 -38.86 21.51
N PHE L 426 -21.00 -38.56 20.67
CA PHE L 426 -21.28 -37.73 19.51
C PHE L 426 -22.03 -38.53 18.47
N ILE L 427 -22.81 -37.82 17.65
CA ILE L 427 -23.52 -38.49 16.57
C ILE L 427 -22.53 -38.85 15.48
N ARG L 428 -22.77 -39.97 14.79
CA ARG L 428 -21.73 -40.53 13.95
C ARG L 428 -21.56 -39.83 12.62
N GLU L 429 -22.56 -39.11 12.13
CA GLU L 429 -22.37 -38.32 10.93
C GLU L 429 -21.49 -37.10 11.19
N SER L 430 -21.37 -36.66 12.45
CA SER L 430 -20.57 -35.50 12.80
C SER L 430 -19.36 -35.81 13.66
N LEU L 431 -19.28 -37.01 14.22
CA LEU L 431 -18.03 -37.46 14.82
C LEU L 431 -17.01 -37.81 13.75
N VAL L 432 -17.49 -38.39 12.64
CA VAL L 432 -16.62 -38.78 11.55
C VAL L 432 -16.06 -37.57 10.82
N ALA L 433 -16.93 -36.62 10.47
CA ALA L 433 -16.49 -35.45 9.71
C ALA L 433 -15.62 -34.49 10.51
N CYS L 434 -15.52 -34.67 11.82
CA CYS L 434 -14.55 -33.95 12.63
C CYS L 434 -13.30 -34.76 12.86
N GLN L 435 -13.42 -36.09 12.96
CA GLN L 435 -12.23 -36.92 12.99
C GLN L 435 -11.52 -36.94 11.65
N LEU L 436 -12.26 -36.85 10.55
CA LEU L 436 -11.63 -36.75 9.24
C LEU L 436 -11.01 -35.39 9.01
N ALA L 437 -11.49 -34.34 9.68
CA ALA L 437 -10.90 -33.03 9.48
C ALA L 437 -9.55 -32.92 10.18
N ILE L 438 -9.37 -33.59 11.31
CA ILE L 438 -8.07 -33.60 11.97
C ILE L 438 -7.08 -34.43 11.17
N ILE L 439 -7.55 -35.51 10.57
CA ILE L 439 -6.67 -36.41 9.82
C ILE L 439 -6.18 -35.73 8.55
N ASN L 440 -7.08 -35.19 7.75
CA ASN L 440 -6.70 -34.65 6.44
C ASN L 440 -5.96 -33.33 6.52
N THR L 441 -5.92 -32.68 7.67
CA THR L 441 -5.33 -31.35 7.80
C THR L 441 -4.19 -31.30 8.80
N ILE L 442 -4.39 -31.81 10.02
CA ILE L 442 -3.38 -31.66 11.06
C ILE L 442 -2.33 -32.76 11.01
N ILE L 443 -2.72 -34.04 10.97
CA ILE L 443 -1.76 -35.09 11.27
C ILE L 443 -1.36 -35.93 10.06
N TYR L 444 -2.13 -35.97 8.98
CA TYR L 444 -1.54 -36.58 7.79
C TYR L 444 -0.60 -35.68 6.99
N PRO L 445 -0.81 -34.37 6.84
CA PRO L 445 0.26 -33.55 6.28
C PRO L 445 1.52 -33.46 7.14
N ALA L 446 1.44 -33.77 8.43
CA ALA L 446 2.62 -33.70 9.29
C ALA L 446 3.62 -34.80 8.96
N PHE L 447 3.15 -35.98 8.62
CA PHE L 447 4.04 -37.09 8.38
C PHE L 447 4.33 -37.31 6.91
N GLY L 448 3.75 -36.51 6.03
CA GLY L 448 4.00 -36.61 4.62
C GLY L 448 3.18 -37.63 3.88
N MET L 449 2.21 -38.25 4.54
CA MET L 449 1.38 -39.25 3.90
C MET L 449 0.37 -38.58 2.97
N GLN L 450 -0.29 -39.41 2.17
CA GLN L 450 -1.38 -38.93 1.34
C GLN L 450 -2.55 -38.50 2.22
N ARG L 451 -3.30 -37.51 1.74
CA ARG L 451 -4.52 -37.15 2.44
C ARG L 451 -5.52 -38.29 2.29
N MET L 452 -6.32 -38.50 3.33
CA MET L 452 -7.05 -39.74 3.45
C MET L 452 -8.30 -39.71 2.60
N HIS L 453 -8.46 -40.71 1.75
CA HIS L 453 -9.64 -40.84 0.90
C HIS L 453 -10.64 -41.69 1.65
N TYR L 454 -11.58 -41.03 2.32
CA TYR L 454 -12.54 -41.69 3.19
C TYR L 454 -13.92 -41.62 2.53
N ARG L 455 -14.51 -42.78 2.29
CA ARG L 455 -15.81 -42.85 1.66
C ARG L 455 -16.92 -42.80 2.71
N ASN L 456 -18.11 -42.41 2.26
CA ASN L 456 -19.25 -42.30 3.16
C ASN L 456 -19.72 -43.67 3.62
N GLY L 457 -19.97 -43.80 4.91
CA GLY L 457 -20.50 -45.04 5.44
C GLY L 457 -19.50 -46.16 5.63
N ASP L 458 -18.21 -45.84 5.56
CA ASP L 458 -17.17 -46.81 5.91
C ASP L 458 -17.31 -47.18 7.38
N PRO L 459 -17.37 -48.48 7.72
CA PRO L 459 -17.65 -48.86 9.11
C PRO L 459 -16.51 -48.60 10.10
N GLN L 460 -15.38 -48.06 9.66
CA GLN L 460 -14.29 -47.69 10.55
C GLN L 460 -14.11 -46.17 10.47
N THR L 461 -14.29 -45.50 11.61
CA THR L 461 -14.12 -44.06 11.69
C THR L 461 -12.65 -43.69 11.46
N PRO L 462 -12.37 -42.49 10.92
CA PRO L 462 -10.99 -42.16 10.52
C PRO L 462 -9.93 -42.19 11.60
N PHE L 463 -10.29 -42.15 12.87
CA PHE L 463 -9.28 -42.40 13.89
C PHE L 463 -9.09 -43.88 14.16
N GLN L 464 -10.01 -44.72 13.72
CA GLN L 464 -9.89 -46.17 13.90
C GLN L 464 -9.12 -46.81 12.77
N ILE L 465 -8.89 -46.10 11.69
CA ILE L 465 -8.10 -46.62 10.57
C ILE L 465 -6.78 -45.91 10.40
N ALA L 466 -6.57 -44.77 11.06
CA ALA L 466 -5.30 -44.09 11.03
C ALA L 466 -4.45 -44.38 12.26
N GLU L 467 -4.87 -45.26 13.15
CA GLU L 467 -3.94 -45.83 14.10
C GLU L 467 -3.27 -47.08 13.56
N GLN L 468 -3.74 -47.61 12.43
CA GLN L 468 -3.09 -48.70 11.74
C GLN L 468 -2.22 -48.23 10.58
N GLN L 469 -2.49 -47.05 10.05
CA GLN L 469 -1.80 -46.52 8.89
C GLN L 469 -0.69 -45.54 9.27
N ILE L 470 -0.51 -45.28 10.55
CA ILE L 470 0.48 -44.30 10.98
C ILE L 470 1.62 -45.05 11.67
N GLN L 471 2.81 -44.45 11.66
CA GLN L 471 4.01 -45.13 12.09
C GLN L 471 4.62 -44.55 13.35
N ASN L 472 4.23 -43.34 13.74
CA ASN L 472 4.75 -42.74 14.96
C ASN L 472 4.19 -43.46 16.18
N PHE L 473 4.84 -43.25 17.31
CA PHE L 473 4.43 -43.91 18.55
C PHE L 473 3.68 -42.98 19.49
N GLN L 474 4.06 -41.71 19.55
CA GLN L 474 3.39 -40.80 20.47
C GLN L 474 2.04 -40.34 19.95
N VAL L 475 1.87 -40.25 18.63
CA VAL L 475 0.60 -39.88 18.03
C VAL L 475 -0.19 -41.11 17.60
N ALA L 476 0.27 -42.30 17.95
CA ALA L 476 -0.58 -43.48 17.92
C ALA L 476 -1.13 -43.83 19.28
N ASN L 477 -0.43 -43.50 20.36
CA ASN L 477 -0.99 -43.73 21.69
C ASN L 477 -2.11 -42.77 22.02
N TRP L 478 -2.02 -41.52 21.54
CA TRP L 478 -3.17 -40.64 21.66
C TRP L 478 -4.31 -41.13 20.79
N LEU L 479 -3.99 -41.57 19.59
CA LEU L 479 -5.00 -41.96 18.61
C LEU L 479 -5.60 -43.31 18.92
N HIS L 480 -5.04 -44.03 19.88
CA HIS L 480 -5.65 -45.26 20.40
C HIS L 480 -6.46 -45.02 21.66
N PHE L 481 -6.17 -43.98 22.42
CA PHE L 481 -7.06 -43.63 23.52
C PHE L 481 -8.38 -43.10 23.01
N VAL L 482 -8.34 -42.35 21.89
CA VAL L 482 -9.57 -41.81 21.32
C VAL L 482 -10.42 -42.93 20.71
N ASN L 483 -9.79 -43.98 20.22
CA ASN L 483 -10.55 -45.11 19.70
C ASN L 483 -11.19 -45.94 20.79
N ASN L 484 -10.67 -45.91 22.00
CA ASN L 484 -11.20 -46.70 23.10
C ASN L 484 -11.59 -45.83 24.28
N ASN L 485 -12.00 -44.60 24.02
CA ASN L 485 -12.53 -43.73 25.05
C ASN L 485 -14.01 -44.06 25.20
N GLN L 486 -14.34 -44.86 26.21
CA GLN L 486 -15.71 -45.27 26.43
C GLN L 486 -16.12 -45.01 27.88
N PHE L 487 -17.42 -44.88 28.08
CA PHE L 487 -17.97 -44.85 29.41
C PHE L 487 -17.92 -46.24 30.03
N ARG L 488 -17.80 -46.29 31.34
CA ARG L 488 -17.66 -47.54 32.07
C ARG L 488 -18.86 -47.70 32.98
N GLN L 489 -19.81 -48.54 32.61
CA GLN L 489 -21.08 -48.65 33.33
C GLN L 489 -20.88 -49.40 34.63
N VAL L 490 -21.20 -48.76 35.75
CA VAL L 490 -21.22 -49.40 37.05
C VAL L 490 -22.52 -49.05 37.74
N VAL L 491 -22.96 -49.90 38.65
CA VAL L 491 -24.05 -49.52 39.53
C VAL L 491 -23.47 -48.90 40.78
N ILE L 492 -24.08 -47.81 41.24
CA ILE L 492 -23.59 -47.04 42.38
C ILE L 492 -24.80 -46.72 43.23
N ASP L 493 -24.94 -47.41 44.36
CA ASP L 493 -26.08 -47.31 45.28
C ASP L 493 -27.41 -47.53 44.58
N GLY L 494 -27.46 -48.53 43.69
CA GLY L 494 -28.66 -48.83 42.93
C GLY L 494 -28.74 -48.12 41.59
N VAL L 495 -28.28 -46.87 41.55
CA VAL L 495 -28.28 -46.12 40.30
C VAL L 495 -27.18 -46.66 39.39
N LEU L 496 -27.55 -47.03 38.16
CA LEU L 496 -26.58 -47.47 37.17
C LEU L 496 -26.11 -46.23 36.41
N ASN L 497 -24.95 -45.71 36.76
CA ASN L 497 -24.45 -44.51 36.12
C ASN L 497 -23.08 -44.77 35.50
N GLN L 498 -22.71 -43.91 34.56
CA GLN L 498 -21.62 -44.14 33.64
C GLN L 498 -20.44 -43.23 33.97
N VAL L 499 -19.45 -43.77 34.65
CA VAL L 499 -18.29 -42.99 35.05
C VAL L 499 -17.29 -42.94 33.91
N LEU L 500 -16.36 -41.99 34.01
CA LEU L 500 -15.29 -41.82 33.05
C LEU L 500 -14.13 -42.73 33.44
N ASN L 501 -13.01 -42.62 32.72
CA ASN L 501 -11.82 -43.37 33.08
C ASN L 501 -11.15 -42.77 34.31
N ASP L 502 -10.20 -43.51 34.86
CA ASP L 502 -9.35 -42.97 35.92
C ASP L 502 -8.30 -42.03 35.40
N ASN L 503 -8.12 -41.95 34.08
CA ASN L 503 -7.14 -41.04 33.51
C ASN L 503 -7.75 -39.71 33.10
N ILE L 504 -9.03 -39.70 32.68
CA ILE L 504 -9.68 -38.43 32.38
C ILE L 504 -10.00 -37.68 33.66
N ARG L 505 -10.35 -38.41 34.72
CA ARG L 505 -10.54 -37.78 36.02
C ARG L 505 -9.23 -37.26 36.60
N ASN L 506 -8.12 -37.91 36.27
CA ASN L 506 -6.82 -37.50 36.79
C ASN L 506 -6.30 -36.28 36.05
N GLY L 507 -6.23 -36.35 34.74
CA GLY L 507 -5.59 -35.32 33.97
C GLY L 507 -4.49 -35.90 33.12
N HIS L 508 -4.22 -37.20 33.30
CA HIS L 508 -3.14 -37.86 32.59
C HIS L 508 -3.40 -38.05 31.10
N VAL L 509 -4.63 -37.82 30.63
CA VAL L 509 -4.90 -37.94 29.21
C VAL L 509 -4.25 -36.80 28.45
N VAL L 510 -4.23 -35.62 29.05
CA VAL L 510 -3.66 -34.44 28.39
C VAL L 510 -2.16 -34.61 28.21
N ASN L 511 -1.49 -35.24 29.17
CA ASN L 511 -0.08 -35.58 28.99
C ASN L 511 0.15 -36.72 28.01
N GLN L 512 -0.89 -37.32 27.45
CA GLN L 512 -0.78 -38.12 26.23
C GLN L 512 -1.12 -37.32 24.99
N LEU L 513 -2.04 -36.36 25.11
CA LEU L 513 -2.36 -35.49 23.98
C LEU L 513 -1.24 -34.49 23.75
N MET L 514 -0.80 -33.81 24.80
CA MET L 514 0.26 -32.82 24.65
C MET L 514 1.64 -33.43 24.52
N GLU L 515 1.76 -34.75 24.62
CA GLU L 515 2.96 -35.45 24.21
C GLU L 515 2.86 -35.96 22.79
N ALA L 516 1.67 -35.90 22.18
CA ALA L 516 1.51 -36.22 20.78
C ALA L 516 1.72 -34.99 19.91
N LEU L 517 0.96 -33.93 20.17
CA LEU L 517 1.10 -32.74 19.33
C LEU L 517 2.35 -31.92 19.65
N MET L 518 3.11 -32.28 20.68
CA MET L 518 4.45 -31.73 20.82
C MET L 518 5.41 -32.38 19.83
N GLN L 519 5.10 -33.59 19.37
CA GLN L 519 5.87 -34.26 18.33
C GLN L 519 5.34 -33.93 16.94
N LEU L 520 4.05 -33.65 16.83
CA LEU L 520 3.46 -33.35 15.54
C LEU L 520 3.82 -31.96 15.05
N SER L 521 4.27 -31.08 15.95
CA SER L 521 4.80 -29.79 15.51
C SER L 521 6.26 -29.89 15.14
N ARG L 522 6.98 -30.86 15.70
CA ARG L 522 8.38 -31.07 15.35
C ARG L 522 8.56 -31.73 13.99
N GLN L 523 7.50 -32.25 13.38
CA GLN L 523 7.59 -32.85 12.07
C GLN L 523 7.72 -31.76 11.00
N GLN L 524 8.10 -32.18 9.80
CA GLN L 524 8.59 -31.23 8.81
C GLN L 524 7.52 -30.70 7.88
N PHE L 525 6.39 -31.40 7.72
CA PHE L 525 5.31 -31.14 6.76
C PHE L 525 5.88 -31.02 5.35
N PRO L 526 6.31 -32.11 4.73
CA PRO L 526 7.13 -31.97 3.51
C PRO L 526 6.34 -31.58 2.27
N THR L 527 5.14 -32.11 2.07
CA THR L 527 4.40 -31.78 0.86
C THR L 527 3.79 -30.40 0.93
N MET L 528 3.20 -30.04 2.07
CA MET L 528 2.52 -28.78 2.24
C MET L 528 3.50 -27.61 2.27
N PRO L 529 3.08 -26.40 1.85
CA PRO L 529 4.03 -25.28 1.75
C PRO L 529 4.49 -24.75 3.10
N VAL L 530 5.38 -23.77 3.08
CA VAL L 530 5.91 -23.22 4.34
C VAL L 530 4.87 -22.30 5.00
N ASP L 531 3.97 -21.72 4.22
CA ASP L 531 2.89 -20.93 4.82
C ASP L 531 1.91 -21.82 5.56
N TYR L 532 1.75 -23.07 5.13
CA TYR L 532 0.85 -23.99 5.80
C TYR L 532 1.44 -24.45 7.12
N LYS L 533 2.72 -24.79 7.14
CA LYS L 533 3.35 -25.31 8.36
C LYS L 533 3.44 -24.23 9.42
N ARG L 534 3.69 -22.99 9.01
CA ARG L 534 3.71 -21.88 9.96
C ARG L 534 2.32 -21.58 10.50
N SER L 535 1.28 -21.81 9.70
CA SER L 535 -0.09 -21.60 10.15
C SER L 535 -0.65 -22.77 10.92
N ILE L 536 0.15 -23.81 11.15
CA ILE L 536 -0.28 -24.96 11.92
C ILE L 536 0.68 -25.29 13.05
N GLN L 537 1.91 -24.76 13.04
CA GLN L 537 2.81 -24.87 14.17
C GLN L 537 2.52 -23.81 15.21
N ARG L 538 1.76 -22.77 14.85
CA ARG L 538 1.39 -21.73 15.79
C ARG L 538 0.14 -22.10 16.57
N GLY L 539 -0.91 -22.53 15.87
CA GLY L 539 -2.14 -22.89 16.54
C GLY L 539 -2.02 -24.14 17.37
N ILE L 540 -1.08 -25.02 17.03
CA ILE L 540 -0.78 -26.18 17.86
C ILE L 540 0.09 -25.81 19.04
N LEU L 541 0.62 -24.59 19.06
CA LEU L 541 1.40 -24.07 20.17
C LEU L 541 0.61 -23.13 21.05
N LEU L 542 -0.49 -22.55 20.55
CA LEU L 542 -1.40 -21.82 21.42
C LEU L 542 -2.09 -22.74 22.41
N LEU L 543 -2.20 -24.03 22.09
CA LEU L 543 -2.76 -24.99 23.03
C LEU L 543 -1.70 -25.55 23.96
N SER L 544 -0.53 -25.90 23.44
CA SER L 544 0.51 -26.49 24.27
C SER L 544 1.27 -25.45 25.10
N ASN L 545 1.01 -24.16 24.90
CA ASN L 545 1.42 -23.15 25.87
C ASN L 545 0.44 -23.07 27.03
N ARG L 546 -0.67 -23.80 26.96
CA ARG L 546 -1.65 -23.87 28.03
C ARG L 546 -1.71 -25.29 28.60
N LEU L 547 -0.57 -25.93 28.81
CA LEU L 547 -0.57 -27.27 29.38
C LEU L 547 -1.04 -27.26 30.83
N GLY L 548 -0.73 -26.20 31.57
CA GLY L 548 -1.20 -26.13 32.94
C GLY L 548 -2.67 -25.81 33.03
N GLN L 549 -3.15 -24.91 32.18
CA GLN L 549 -4.55 -24.49 32.19
C GLN L 549 -5.46 -25.44 31.43
N LEU L 550 -4.99 -26.63 31.10
CA LEU L 550 -5.77 -27.64 30.40
C LEU L 550 -5.64 -29.03 31.00
N VAL L 551 -4.59 -29.30 31.78
CA VAL L 551 -4.51 -30.53 32.56
C VAL L 551 -5.40 -30.45 33.79
N ASP L 552 -5.89 -29.26 34.14
CA ASP L 552 -6.83 -29.09 35.24
C ASP L 552 -8.25 -28.80 34.78
N LEU L 553 -8.44 -28.41 33.53
CA LEU L 553 -9.79 -28.31 33.00
C LEU L 553 -10.38 -29.70 32.78
N THR L 554 -9.52 -30.69 32.53
CA THR L 554 -10.00 -32.06 32.43
C THR L 554 -10.36 -32.62 33.80
N ARG L 555 -9.66 -32.18 34.86
CA ARG L 555 -10.11 -32.54 36.20
C ARG L 555 -11.36 -31.78 36.60
N LEU L 556 -11.51 -30.56 36.11
CA LEU L 556 -12.66 -29.75 36.51
C LEU L 556 -13.94 -30.20 35.82
N LEU L 557 -13.85 -30.65 34.57
CA LEU L 557 -14.97 -31.30 33.92
C LEU L 557 -15.37 -32.58 34.65
N ALA L 558 -14.40 -33.46 34.89
CA ALA L 558 -14.70 -34.72 35.52
C ALA L 558 -14.83 -34.63 37.04
N TYR L 559 -14.92 -33.44 37.61
CA TYR L 559 -15.36 -33.27 38.98
C TYR L 559 -16.67 -32.52 39.11
N ASN L 560 -16.94 -31.56 38.21
CA ASN L 560 -18.26 -30.96 38.15
C ASN L 560 -19.28 -31.92 37.54
N TYR L 561 -18.84 -32.96 36.88
CA TYR L 561 -19.74 -33.99 36.38
C TYR L 561 -19.85 -35.14 37.37
N GLU L 562 -18.77 -35.49 38.05
CA GLU L 562 -18.79 -36.60 39.00
C GLU L 562 -19.56 -36.24 40.26
N THR L 563 -19.59 -34.96 40.61
CA THR L 563 -20.36 -34.52 41.78
C THR L 563 -21.85 -34.49 41.48
N LEU L 564 -22.23 -33.88 40.36
CA LEU L 564 -23.64 -33.80 39.98
C LEU L 564 -24.20 -35.15 39.54
N MET L 565 -23.35 -36.11 39.20
CA MET L 565 -23.84 -37.45 38.90
C MET L 565 -24.38 -38.13 40.14
N ALA L 566 -23.87 -37.78 41.32
CA ALA L 566 -24.33 -38.41 42.53
C ALA L 566 -25.70 -37.93 42.96
N CYS L 567 -26.17 -36.81 42.42
CA CYS L 567 -27.47 -36.27 42.78
C CYS L 567 -28.60 -36.77 41.91
N ILE L 568 -28.32 -37.58 40.89
CA ILE L 568 -29.40 -38.14 40.11
C ILE L 568 -29.95 -39.32 40.88
N THR L 569 -31.13 -39.79 40.50
CA THR L 569 -31.65 -41.00 41.09
C THR L 569 -32.26 -41.97 40.10
N MET L 570 -32.49 -41.57 38.86
CA MET L 570 -33.01 -42.50 37.87
C MET L 570 -31.83 -43.13 37.12
N ASN L 571 -32.07 -44.33 36.61
CA ASN L 571 -31.10 -45.05 35.82
C ASN L 571 -30.78 -44.29 34.55
N MET L 572 -29.50 -43.98 34.34
CA MET L 572 -29.10 -43.25 33.13
C MET L 572 -28.58 -44.25 32.11
N GLN L 573 -29.48 -44.72 31.26
CA GLN L 573 -29.08 -45.55 30.14
C GLN L 573 -28.47 -44.68 29.06
N HIS L 574 -27.79 -45.33 28.10
CA HIS L 574 -27.01 -44.64 27.09
C HIS L 574 -27.41 -45.17 25.72
N VAL L 575 -28.38 -44.51 25.09
CA VAL L 575 -28.78 -44.81 23.72
C VAL L 575 -28.69 -43.51 22.93
N GLN L 576 -28.69 -43.66 21.61
CA GLN L 576 -28.68 -42.49 20.74
C GLN L 576 -30.08 -41.89 20.66
N THR L 577 -30.20 -40.63 21.02
CA THR L 577 -31.48 -39.96 20.92
C THR L 577 -31.73 -39.46 19.50
N LEU L 578 -32.94 -39.00 19.25
CA LEU L 578 -33.28 -38.47 17.93
C LEU L 578 -32.67 -37.09 17.72
N THR L 579 -33.11 -36.12 18.50
CA THR L 579 -32.66 -34.75 18.31
C THR L 579 -31.38 -34.52 19.09
N THR L 580 -30.35 -34.04 18.41
CA THR L 580 -29.03 -33.86 18.99
C THR L 580 -28.84 -32.41 19.39
N GLU L 581 -28.42 -32.18 20.62
CA GLU L 581 -28.24 -30.82 21.11
C GLU L 581 -26.86 -30.33 20.71
N LYS L 582 -26.82 -29.24 19.95
CA LYS L 582 -25.66 -28.87 19.16
C LYS L 582 -24.60 -28.17 20.00
N LEU L 583 -23.36 -28.62 19.86
CA LEU L 583 -22.21 -28.01 20.51
C LEU L 583 -21.27 -27.49 19.44
N GLN L 584 -21.07 -26.18 19.40
CA GLN L 584 -20.17 -25.60 18.41
C GLN L 584 -18.73 -25.81 18.81
N LEU L 585 -17.92 -26.29 17.86
CA LEU L 585 -16.51 -26.52 18.11
C LEU L 585 -15.71 -25.24 18.17
N THR L 586 -16.27 -24.12 17.71
CA THR L 586 -15.62 -22.83 17.86
C THR L 586 -15.55 -22.43 19.33
N SER L 587 -16.59 -22.73 20.08
CA SER L 587 -16.65 -22.40 21.50
C SER L 587 -15.93 -23.41 22.38
N VAL L 588 -15.38 -24.49 21.83
CA VAL L 588 -14.46 -25.30 22.61
C VAL L 588 -13.10 -24.62 22.64
N THR L 589 -12.73 -23.94 21.56
CA THR L 589 -11.54 -23.11 21.55
C THR L 589 -11.65 -21.99 22.58
N SER L 590 -12.86 -21.44 22.73
CA SER L 590 -13.06 -20.39 23.70
C SER L 590 -13.02 -20.87 25.14
N LEU L 591 -13.07 -22.18 25.38
CA LEU L 591 -12.95 -22.67 26.74
C LEU L 591 -11.52 -23.05 27.09
N CYS L 592 -10.79 -23.67 26.16
CA CYS L 592 -9.45 -24.14 26.44
C CYS L 592 -8.45 -23.00 26.63
N MET L 593 -8.73 -21.80 26.13
CA MET L 593 -7.83 -20.67 26.33
C MET L 593 -8.58 -19.44 26.81
N LEU L 594 -9.47 -19.63 27.78
CA LEU L 594 -9.99 -18.47 28.51
C LEU L 594 -10.17 -18.79 30.00
N ILE L 595 -9.44 -19.77 30.52
CA ILE L 595 -9.64 -20.27 31.88
C ILE L 595 -8.34 -20.06 32.65
N GLY L 596 -8.44 -20.01 33.98
CA GLY L 596 -7.23 -20.09 34.79
C GLY L 596 -7.42 -20.01 36.30
N ASN L 597 -6.78 -20.96 37.00
CA ASN L 597 -6.50 -20.96 38.46
C ASN L 597 -7.71 -20.66 39.36
N ALA L 598 -8.91 -20.91 38.87
CA ALA L 598 -10.13 -20.56 39.62
C ALA L 598 -11.06 -21.76 39.66
N THR L 599 -11.02 -22.49 40.77
CA THR L 599 -11.87 -23.65 40.93
C THR L 599 -13.31 -23.24 41.15
N VAL L 600 -14.21 -23.77 40.33
CA VAL L 600 -15.63 -23.63 40.56
C VAL L 600 -16.18 -25.01 40.93
N ILE L 601 -16.87 -25.08 42.07
CA ILE L 601 -17.34 -26.32 42.65
C ILE L 601 -18.83 -26.07 42.91
N PRO L 602 -19.72 -27.04 42.68
CA PRO L 602 -21.15 -26.72 42.79
C PRO L 602 -21.59 -26.70 44.25
N SER L 603 -22.21 -25.60 44.65
CA SER L 603 -22.62 -25.42 46.03
C SER L 603 -23.80 -26.33 46.36
N PRO L 604 -23.90 -26.80 47.60
CA PRO L 604 -24.95 -27.78 47.94
C PRO L 604 -26.36 -27.21 47.93
N GLN L 605 -26.53 -25.90 47.80
CA GLN L 605 -27.86 -25.37 47.55
C GLN L 605 -28.31 -25.59 46.10
N THR L 606 -27.39 -25.94 45.22
CA THR L 606 -27.70 -26.41 43.89
C THR L 606 -27.45 -27.89 43.71
N LEU L 607 -27.08 -28.60 44.77
CA LEU L 607 -27.10 -30.06 44.74
C LEU L 607 -28.37 -30.60 45.39
N PHE L 608 -28.79 -30.02 46.51
CA PHE L 608 -29.98 -30.49 47.18
C PHE L 608 -31.26 -30.06 46.48
N HIS L 609 -31.16 -29.15 45.53
CA HIS L 609 -32.28 -28.82 44.65
C HIS L 609 -32.26 -29.64 43.38
N TYR L 610 -31.07 -29.99 42.88
CA TYR L 610 -31.01 -30.92 41.74
C TYR L 610 -31.35 -32.34 42.17
N TYR L 611 -31.10 -32.69 43.43
CA TYR L 611 -31.49 -34.01 43.90
C TYR L 611 -32.96 -34.08 44.23
N ASN L 612 -33.56 -32.98 44.68
CA ASN L 612 -34.98 -33.03 45.01
C ASN L 612 -35.87 -33.04 43.79
N VAL L 613 -35.49 -32.38 42.69
CA VAL L 613 -36.32 -32.43 41.50
C VAL L 613 -36.01 -33.64 40.64
N ASN L 614 -35.05 -34.48 41.04
CA ASN L 614 -34.97 -35.82 40.49
C ASN L 614 -35.83 -36.80 41.28
N VAL L 615 -35.83 -36.68 42.60
CA VAL L 615 -36.66 -37.57 43.42
C VAL L 615 -38.14 -37.27 43.19
N ASN L 616 -38.50 -35.99 43.15
CA ASN L 616 -39.91 -35.63 42.94
C ASN L 616 -40.39 -35.95 41.53
N PHE L 617 -39.49 -36.14 40.58
CA PHE L 617 -39.93 -36.64 39.27
C PHE L 617 -39.88 -38.15 39.21
N HIS L 618 -38.86 -38.78 39.81
CA HIS L 618 -38.78 -40.23 39.76
C HIS L 618 -39.77 -40.89 40.70
N SER L 619 -40.18 -40.22 41.77
CA SER L 619 -41.27 -40.75 42.59
C SER L 619 -42.63 -40.33 42.10
N ASN L 620 -42.70 -39.41 41.14
CA ASN L 620 -43.95 -39.17 40.43
C ASN L 620 -44.13 -40.11 39.26
N TYR L 621 -43.03 -40.45 38.60
CA TYR L 621 -43.08 -41.42 37.50
C TYR L 621 -43.49 -42.79 38.00
N ASN L 622 -42.91 -43.24 39.10
CA ASN L 622 -43.22 -44.56 39.65
C ASN L 622 -44.50 -44.59 40.47
N GLU L 623 -45.19 -43.47 40.62
CA GLU L 623 -46.50 -43.48 41.27
C GLU L 623 -47.62 -43.30 40.27
N ARG L 624 -47.32 -43.10 39.00
CA ARG L 624 -48.30 -43.20 37.93
C ARG L 624 -48.25 -44.52 37.21
N ILE L 625 -47.15 -45.26 37.35
CA ILE L 625 -47.13 -46.65 36.87
C ILE L 625 -48.08 -47.49 37.71
N ASN L 626 -47.88 -47.50 39.03
CA ASN L 626 -48.71 -48.29 39.93
C ASN L 626 -50.14 -47.79 40.02
N ASP L 627 -50.41 -46.58 39.55
CA ASP L 627 -51.77 -46.07 39.49
C ASP L 627 -52.49 -46.51 38.23
N ALA L 628 -51.74 -46.78 37.16
CA ALA L 628 -52.33 -47.21 35.90
C ALA L 628 -52.17 -48.69 35.61
N VAL L 629 -51.16 -49.35 36.19
CA VAL L 629 -51.09 -50.81 36.11
C VAL L 629 -52.20 -51.42 36.95
N ALA L 630 -52.56 -50.77 38.06
CA ALA L 630 -53.60 -51.29 38.94
C ALA L 630 -54.99 -51.23 38.33
N ILE L 631 -55.22 -50.37 37.35
CA ILE L 631 -56.51 -50.34 36.69
C ILE L 631 -56.51 -51.23 35.44
N ILE L 632 -55.39 -51.31 34.73
CA ILE L 632 -55.27 -52.19 33.56
C ILE L 632 -55.40 -53.65 33.98
N THR L 633 -54.75 -54.03 35.08
CA THR L 633 -54.87 -55.39 35.58
C THR L 633 -56.24 -55.65 36.18
N ALA L 634 -56.87 -54.63 36.77
CA ALA L 634 -58.23 -54.81 37.26
C ALA L 634 -59.24 -54.86 36.12
N ALA L 635 -58.93 -54.24 34.98
CA ALA L 635 -59.86 -54.29 33.86
C ALA L 635 -59.83 -55.64 33.17
N ASN L 636 -58.74 -56.39 33.28
CA ASN L 636 -58.67 -57.71 32.70
C ASN L 636 -59.22 -58.80 33.61
N ARG L 637 -59.15 -58.59 34.92
CA ARG L 637 -59.61 -59.61 35.85
C ARG L 637 -61.08 -59.47 36.17
N LEU L 638 -61.65 -58.27 36.01
CA LEU L 638 -63.09 -58.09 36.13
C LEU L 638 -63.84 -58.46 34.86
N ASN L 639 -63.13 -58.86 33.80
CA ASN L 639 -63.68 -59.23 32.49
C ASN L 639 -64.51 -58.09 31.90
N LEU L 640 -63.80 -57.01 31.59
CA LEU L 640 -64.37 -55.85 30.91
C LEU L 640 -63.88 -55.90 29.47
N TYR L 641 -64.65 -56.53 28.59
CA TYR L 641 -64.20 -56.68 27.21
C TYR L 641 -64.56 -55.47 26.35
N GLN L 642 -65.59 -54.71 26.72
CA GLN L 642 -65.97 -53.55 25.91
C GLN L 642 -65.14 -52.32 26.21
N LYS L 643 -64.40 -52.29 27.31
CA LYS L 643 -63.61 -51.12 27.67
C LYS L 643 -62.34 -51.09 26.83
N LYS L 644 -62.03 -49.93 26.26
CA LYS L 644 -60.79 -49.71 25.54
C LYS L 644 -59.88 -48.83 26.39
N MET L 645 -58.61 -49.23 26.49
CA MET L 645 -57.69 -48.73 27.50
C MET L 645 -56.79 -47.64 26.95
N LYS L 646 -57.28 -46.83 26.02
CA LYS L 646 -56.51 -45.69 25.57
C LYS L 646 -56.63 -44.53 26.55
N SER L 647 -57.76 -44.42 27.24
CA SER L 647 -57.95 -43.33 28.19
C SER L 647 -57.17 -43.52 29.48
N ILE L 648 -56.80 -44.76 29.81
CA ILE L 648 -55.99 -44.98 31.00
C ILE L 648 -54.55 -44.55 30.77
N VAL L 649 -54.02 -44.82 29.58
CA VAL L 649 -52.65 -44.43 29.29
C VAL L 649 -52.57 -42.95 28.94
N GLU L 650 -53.61 -42.38 28.33
CA GLU L 650 -53.63 -40.96 28.02
C GLU L 650 -53.69 -40.11 29.29
N ASP L 651 -54.26 -40.65 30.36
CA ASP L 651 -54.17 -39.96 31.64
C ASP L 651 -52.84 -40.23 32.31
N PHE L 652 -52.21 -41.38 32.03
CA PHE L 652 -50.90 -41.65 32.58
C PHE L 652 -49.83 -40.81 31.92
N LEU L 653 -50.01 -40.44 30.66
CA LEU L 653 -49.07 -39.52 30.02
C LEU L 653 -49.27 -38.07 30.45
N LYS L 654 -50.44 -37.70 30.95
CA LYS L 654 -50.67 -36.31 31.36
C LYS L 654 -50.10 -36.02 32.73
N ARG L 655 -50.13 -36.99 33.65
CA ARG L 655 -49.69 -36.74 35.01
C ARG L 655 -48.18 -36.56 35.08
N LEU L 656 -47.44 -37.28 34.25
CA LEU L 656 -46.10 -36.88 33.91
C LEU L 656 -46.20 -35.57 33.16
N GLN L 657 -45.72 -34.48 33.73
CA GLN L 657 -46.01 -33.17 33.16
C GLN L 657 -45.21 -32.87 31.91
N ILE L 658 -44.13 -33.61 31.65
CA ILE L 658 -43.24 -33.24 30.57
C ILE L 658 -43.76 -33.65 29.20
N PHE L 659 -44.66 -34.62 29.12
CA PHE L 659 -45.16 -35.09 27.84
C PHE L 659 -46.38 -34.26 27.42
N ASP L 660 -46.67 -34.33 26.13
CA ASP L 660 -47.91 -33.78 25.58
C ASP L 660 -48.62 -34.90 24.83
N ILE L 661 -49.88 -35.13 25.19
CA ILE L 661 -50.63 -36.22 24.57
C ILE L 661 -51.08 -35.90 23.15
N SER L 662 -51.02 -34.63 22.74
CA SER L 662 -51.47 -34.23 21.42
C SER L 662 -50.45 -34.54 20.33
N ARG L 663 -49.26 -34.98 20.69
CA ARG L 663 -48.28 -35.45 19.72
C ARG L 663 -48.09 -36.95 19.75
N VAL L 664 -48.32 -37.59 20.88
CA VAL L 664 -48.17 -39.04 21.00
C VAL L 664 -49.39 -39.73 20.39
N PRO L 665 -49.20 -40.53 19.35
CA PRO L 665 -50.36 -41.10 18.63
C PRO L 665 -51.03 -42.23 19.35
N ASP L 666 -51.96 -42.92 18.68
CA ASP L 666 -52.66 -44.02 19.31
C ASP L 666 -51.77 -45.26 19.42
N ASP L 667 -50.95 -45.50 18.40
CA ASP L 667 -50.14 -46.73 18.40
C ASP L 667 -49.01 -46.70 19.41
N GLN L 668 -48.60 -45.52 19.86
CA GLN L 668 -47.60 -45.40 20.91
C GLN L 668 -48.23 -45.31 22.28
N MET L 669 -49.54 -45.56 22.38
CA MET L 669 -50.25 -45.62 23.64
C MET L 669 -50.97 -46.94 23.85
N TYR L 670 -51.10 -47.77 22.83
CA TYR L 670 -51.49 -49.15 23.00
C TYR L 670 -50.29 -50.08 23.02
N ARG L 671 -49.17 -49.66 22.45
CA ARG L 671 -47.92 -50.38 22.66
C ARG L 671 -47.37 -50.14 24.04
N LEU L 672 -47.75 -49.02 24.66
CA LEU L 672 -47.38 -48.76 26.04
C LEU L 672 -48.22 -49.59 26.99
N ARG L 673 -49.49 -49.81 26.64
CA ARG L 673 -50.34 -50.70 27.43
C ARG L 673 -49.89 -52.15 27.37
N ASP L 674 -49.14 -52.54 26.35
CA ASP L 674 -48.60 -53.89 26.29
C ASP L 674 -47.41 -54.10 27.21
N ARG L 675 -46.92 -53.04 27.86
CA ARG L 675 -45.87 -53.16 28.86
C ARG L 675 -46.37 -52.94 30.27
N LEU L 676 -47.35 -52.05 30.46
CA LEU L 676 -47.95 -51.89 31.78
C LEU L 676 -48.75 -53.12 32.19
N ARG L 677 -49.28 -53.86 31.23
CA ARG L 677 -50.13 -55.00 31.55
C ARG L 677 -49.33 -56.18 32.06
N LEU L 678 -48.03 -56.23 31.79
CA LEU L 678 -47.17 -57.33 32.24
C LEU L 678 -46.56 -57.09 33.60
N LEU L 679 -46.61 -55.86 34.11
CA LEU L 679 -45.94 -55.55 35.36
C LEU L 679 -46.71 -56.12 36.55
N PRO L 680 -46.02 -56.47 37.62
CA PRO L 680 -46.73 -56.85 38.84
C PRO L 680 -47.28 -55.62 39.54
N VAL L 681 -48.54 -55.70 39.96
CA VAL L 681 -49.19 -54.58 40.62
C VAL L 681 -48.65 -54.46 42.05
N GLU L 682 -48.66 -53.23 42.58
CA GLU L 682 -48.12 -52.94 43.91
C GLU L 682 -48.90 -53.68 44.99
N ILE L 683 -48.22 -53.95 46.10
CA ILE L 683 -48.79 -54.79 47.16
C ILE L 683 -49.95 -54.10 47.87
N ARG L 684 -49.97 -52.77 47.93
CA ARG L 684 -51.11 -52.07 48.50
C ARG L 684 -52.30 -52.12 47.56
N ARG L 685 -52.08 -51.92 46.26
CA ARG L 685 -53.16 -51.97 45.29
C ARG L 685 -53.61 -53.39 44.98
N LEU L 686 -52.80 -54.39 45.31
CA LEU L 686 -53.22 -55.77 45.08
C LEU L 686 -54.08 -56.28 46.21
N ASP L 687 -53.74 -55.95 47.45
CA ASP L 687 -54.50 -56.46 48.58
C ASP L 687 -55.81 -55.71 48.78
N ILE L 688 -55.98 -54.56 48.15
CA ILE L 688 -57.27 -53.86 48.18
C ILE L 688 -58.13 -54.21 46.98
N PHE L 689 -57.57 -54.84 45.95
CA PHE L 689 -58.39 -55.33 44.86
C PHE L 689 -58.81 -56.77 45.07
N ASN L 690 -57.93 -57.60 45.65
CA ASN L 690 -58.32 -58.95 46.05
C ASN L 690 -59.27 -58.97 47.23
N LEU L 691 -59.46 -57.83 47.89
CA LEU L 691 -60.44 -57.71 48.96
C LEU L 691 -61.81 -57.30 48.43
N ILE L 692 -61.85 -56.54 47.33
CA ILE L 692 -63.12 -56.26 46.67
C ILE L 692 -63.60 -57.49 45.92
N LEU L 693 -62.69 -58.14 45.19
CA LEU L 693 -63.01 -59.32 44.39
C LEU L 693 -63.41 -60.51 45.26
N MET L 694 -63.01 -60.53 46.52
CA MET L 694 -63.42 -61.61 47.41
C MET L 694 -64.90 -61.50 47.76
N ASN L 695 -65.40 -60.29 47.94
CA ASN L 695 -66.80 -60.08 48.27
C ASN L 695 -67.39 -58.96 47.43
N MET L 696 -67.19 -59.02 46.12
CA MET L 696 -67.98 -58.24 45.18
C MET L 696 -69.32 -58.89 44.88
N GLU L 697 -69.61 -60.03 45.50
CA GLU L 697 -70.89 -60.69 45.37
C GLU L 697 -71.77 -60.47 46.60
N GLN L 698 -71.18 -60.30 47.78
CA GLN L 698 -71.95 -59.95 48.96
C GLN L 698 -72.35 -58.49 48.98
N ILE L 699 -71.65 -57.65 48.23
CA ILE L 699 -72.04 -56.24 48.10
C ILE L 699 -73.19 -56.10 47.12
N GLU L 700 -73.13 -56.83 46.00
CA GLU L 700 -74.16 -56.76 44.98
C GLU L 700 -75.47 -57.37 45.46
N ARG L 701 -75.41 -58.45 46.21
CA ARG L 701 -76.62 -59.15 46.61
C ARG L 701 -77.37 -58.46 47.73
N ALA L 702 -76.72 -57.57 48.48
CA ALA L 702 -77.38 -56.84 49.56
C ALA L 702 -77.77 -55.45 49.08
N SER L 703 -78.70 -55.41 48.13
CA SER L 703 -79.27 -54.16 47.64
C SER L 703 -80.63 -54.46 47.07
N ASP L 704 -81.58 -53.54 47.27
CA ASP L 704 -82.96 -53.75 46.85
C ASP L 704 -83.28 -53.10 45.52
N LYS L 705 -82.29 -52.54 44.84
CA LYS L 705 -82.55 -52.00 43.51
C LYS L 705 -82.71 -53.11 42.48
N ILE L 706 -81.77 -54.04 42.45
CA ILE L 706 -81.72 -55.07 41.43
C ILE L 706 -81.98 -56.45 42.06
N ALA L 707 -82.30 -57.41 41.20
CA ALA L 707 -82.37 -58.81 41.58
C ALA L 707 -81.55 -59.61 40.58
N GLN L 708 -80.92 -60.68 41.06
CA GLN L 708 -80.00 -61.44 40.22
C GLN L 708 -80.69 -62.54 39.45
N GLY L 709 -81.77 -62.21 38.77
CA GLY L 709 -82.36 -63.20 37.90
C GLY L 709 -83.67 -63.75 38.44
N VAL L 710 -84.54 -64.13 37.51
CA VAL L 710 -85.85 -64.65 37.84
C VAL L 710 -85.91 -66.11 37.41
N ILE L 711 -86.54 -66.94 38.21
CA ILE L 711 -86.72 -68.35 37.91
C ILE L 711 -88.15 -68.54 37.43
N ILE L 712 -88.31 -69.10 36.24
CA ILE L 712 -89.61 -69.40 35.67
C ILE L 712 -89.80 -70.91 35.72
N ALA L 713 -90.92 -71.36 36.26
CA ALA L 713 -91.08 -72.78 36.51
C ALA L 713 -92.32 -73.42 35.90
N TYR L 714 -93.41 -72.66 35.73
CA TYR L 714 -94.69 -73.14 35.21
C TYR L 714 -95.27 -74.29 36.04
N ARG L 715 -94.95 -74.36 37.32
CA ARG L 715 -95.51 -75.36 38.19
C ARG L 715 -95.84 -74.74 39.53
N ASP L 716 -96.74 -75.38 40.26
CA ASP L 716 -97.19 -74.88 41.54
C ASP L 716 -96.11 -75.13 42.58
N MET L 717 -95.60 -74.06 43.19
CA MET L 717 -94.70 -74.24 44.32
C MET L 717 -94.89 -73.08 45.28
N GLN L 718 -94.80 -73.39 46.57
CA GLN L 718 -95.07 -72.42 47.61
C GLN L 718 -93.93 -71.41 47.67
N LEU L 719 -94.18 -70.33 48.40
CA LEU L 719 -93.18 -69.29 48.61
C LEU L 719 -92.84 -69.21 50.08
N GLU L 720 -91.56 -68.97 50.36
CA GLU L 720 -91.01 -69.23 51.69
C GLU L 720 -91.32 -68.10 52.66
N ARG L 721 -91.63 -68.48 53.90
CA ARG L 721 -91.93 -67.50 54.93
C ARG L 721 -90.62 -66.94 55.48
N ASP L 722 -90.41 -65.66 55.26
CA ASP L 722 -89.18 -65.00 55.71
C ASP L 722 -89.49 -64.07 56.87
N GLU L 723 -88.45 -63.44 57.39
CA GLU L 723 -88.57 -62.78 58.68
C GLU L 723 -88.94 -61.31 58.54
N MET L 724 -88.37 -60.60 57.55
CA MET L 724 -88.70 -59.20 57.33
C MET L 724 -89.60 -58.97 56.14
N TYR L 725 -89.78 -59.96 55.27
CA TYR L 725 -90.67 -59.83 54.12
C TYR L 725 -92.02 -60.48 54.35
N GLY L 726 -92.18 -61.26 55.41
CA GLY L 726 -93.42 -61.96 55.63
C GLY L 726 -93.50 -63.22 54.80
N TYR L 727 -94.29 -63.17 53.74
CA TYR L 727 -94.44 -64.26 52.77
C TYR L 727 -93.92 -63.77 51.44
N VAL L 728 -92.82 -64.34 50.95
CA VAL L 728 -92.15 -63.79 49.79
C VAL L 728 -91.66 -64.94 48.90
N ASN L 729 -91.66 -64.70 47.58
CA ASN L 729 -91.14 -65.69 46.63
C ASN L 729 -89.68 -65.37 46.37
N ILE L 730 -88.81 -65.96 47.17
CA ILE L 730 -87.36 -65.85 46.98
C ILE L 730 -86.83 -67.25 46.72
N ALA L 731 -86.03 -67.39 45.68
CA ALA L 731 -85.20 -68.56 45.51
C ALA L 731 -83.80 -68.18 45.97
N ARG L 732 -83.40 -68.68 47.13
CA ARG L 732 -82.10 -68.30 47.67
C ARG L 732 -80.96 -68.94 46.89
N ASN L 733 -81.16 -70.13 46.35
CA ASN L 733 -80.20 -70.74 45.45
C ASN L 733 -80.89 -71.06 44.12
N LEU L 734 -80.24 -70.67 43.04
CA LEU L 734 -80.76 -70.91 41.70
C LEU L 734 -80.26 -72.28 41.28
N ASP L 735 -81.03 -73.32 41.64
CA ASP L 735 -80.56 -74.68 41.47
C ASP L 735 -81.72 -75.57 41.06
N GLY L 736 -81.40 -76.58 40.25
CA GLY L 736 -82.40 -77.45 39.67
C GLY L 736 -82.96 -76.97 38.35
N PHE L 737 -82.42 -75.90 37.78
CA PHE L 737 -82.95 -75.29 36.57
C PHE L 737 -81.81 -74.95 35.62
N GLN L 738 -82.09 -75.10 34.33
CA GLN L 738 -81.13 -74.75 33.30
C GLN L 738 -81.10 -73.24 33.10
N GLN L 739 -79.92 -72.66 33.22
CA GLN L 739 -79.76 -71.21 33.20
C GLN L 739 -79.66 -70.67 31.79
N ILE L 740 -80.13 -69.44 31.62
CA ILE L 740 -79.96 -68.68 30.39
C ILE L 740 -79.27 -67.39 30.78
N ASN L 741 -78.03 -67.21 30.34
CA ASN L 741 -77.29 -66.01 30.69
C ASN L 741 -77.85 -64.82 29.93
N LEU L 742 -78.09 -63.71 30.63
CA LEU L 742 -78.68 -62.52 30.05
C LEU L 742 -77.65 -61.50 29.60
N GLU L 743 -76.38 -61.66 29.97
CA GLU L 743 -75.35 -60.85 29.35
C GLU L 743 -74.95 -61.43 28.00
N GLU L 744 -74.91 -62.76 27.90
CA GLU L 744 -74.67 -63.43 26.62
C GLU L 744 -75.82 -63.22 25.66
N LEU L 745 -77.02 -62.96 26.17
CA LEU L 745 -78.17 -62.71 25.31
C LEU L 745 -78.16 -61.31 24.75
N MET L 746 -77.65 -60.33 25.51
CA MET L 746 -77.58 -58.97 25.01
C MET L 746 -76.31 -58.71 24.21
N ARG L 747 -75.33 -59.59 24.27
CA ARG L 747 -74.13 -59.44 23.46
C ARG L 747 -74.28 -60.08 22.09
N THR L 748 -74.65 -61.37 22.05
CA THR L 748 -74.78 -62.06 20.78
C THR L 748 -76.14 -61.83 20.13
N GLY L 749 -77.13 -61.35 20.87
CA GLY L 749 -78.41 -60.99 20.30
C GLY L 749 -79.24 -62.13 19.78
N ASP L 750 -78.87 -63.38 20.06
CA ASP L 750 -79.58 -64.53 19.51
C ASP L 750 -80.68 -64.90 20.48
N TYR L 751 -81.87 -64.36 20.24
CA TYR L 751 -83.04 -64.65 21.06
C TYR L 751 -83.84 -65.84 20.56
N ALA L 752 -83.23 -66.72 19.77
CA ALA L 752 -83.94 -67.89 19.28
C ALA L 752 -83.96 -69.03 20.29
N GLN L 753 -83.26 -68.90 21.40
CA GLN L 753 -83.31 -69.91 22.45
C GLN L 753 -84.29 -69.55 23.55
N ILE L 754 -84.33 -68.28 23.96
CA ILE L 754 -85.26 -67.87 25.00
C ILE L 754 -86.67 -67.82 24.46
N THR L 755 -86.85 -67.55 23.17
CA THR L 755 -88.17 -67.60 22.55
C THR L 755 -88.68 -69.03 22.49
N ASN L 756 -87.83 -69.94 22.03
CA ASN L 756 -88.24 -71.33 21.86
C ASN L 756 -88.28 -72.11 23.18
N MET L 757 -88.01 -71.45 24.30
CA MET L 757 -88.31 -72.01 25.61
C MET L 757 -89.49 -71.34 26.29
N LEU L 758 -89.87 -70.14 25.85
CA LEU L 758 -91.01 -69.44 26.43
C LEU L 758 -92.33 -69.84 25.78
N LEU L 759 -92.28 -70.33 24.54
CA LEU L 759 -93.51 -70.74 23.86
C LEU L 759 -93.93 -72.15 24.27
N ASN L 760 -92.96 -73.05 24.46
CA ASN L 760 -93.27 -74.43 24.79
C ASN L 760 -93.48 -74.67 26.28
N ASN L 761 -93.31 -73.63 27.10
CA ASN L 761 -93.49 -73.67 28.56
C ASN L 761 -92.56 -74.70 29.20
N GLN L 762 -91.26 -74.41 29.13
CA GLN L 762 -90.24 -75.19 29.80
C GLN L 762 -89.64 -74.40 30.95
N PRO L 763 -89.25 -75.06 32.05
CA PRO L 763 -88.71 -74.35 33.21
C PRO L 763 -87.34 -73.75 32.91
N VAL L 764 -87.28 -72.42 32.94
CA VAL L 764 -86.09 -71.65 32.58
C VAL L 764 -85.74 -70.75 33.75
N ALA L 765 -84.45 -70.65 34.07
CA ALA L 765 -83.94 -69.61 34.94
C ALA L 765 -83.12 -68.63 34.11
N LEU L 766 -83.24 -67.34 34.41
CA LEU L 766 -82.65 -66.28 33.60
C LEU L 766 -81.64 -65.53 34.45
N VAL L 767 -80.40 -65.99 34.49
CA VAL L 767 -79.40 -65.40 35.38
C VAL L 767 -78.92 -64.07 34.82
N GLY L 768 -79.00 -63.03 35.62
CA GLY L 768 -78.55 -61.71 35.24
C GLY L 768 -79.14 -60.68 36.16
N ALA L 769 -78.50 -59.50 36.16
CA ALA L 769 -78.95 -58.40 37.02
C ALA L 769 -80.23 -57.82 36.45
N LEU L 770 -81.35 -58.09 37.10
CA LEU L 770 -82.67 -57.68 36.64
C LEU L 770 -83.27 -56.70 37.64
N PRO L 771 -83.66 -55.50 37.24
CA PRO L 771 -84.37 -54.60 38.16
C PRO L 771 -85.80 -55.07 38.35
N PHE L 772 -86.14 -55.43 39.57
CA PHE L 772 -87.44 -56.00 39.87
C PHE L 772 -88.38 -54.92 40.40
N ILE L 773 -89.67 -55.23 40.34
CA ILE L 773 -90.68 -54.38 40.95
C ILE L 773 -91.30 -55.13 42.12
N THR L 774 -91.83 -54.38 43.07
CA THR L 774 -92.38 -54.94 44.29
C THR L 774 -93.90 -54.85 44.25
N ASP L 775 -94.55 -55.97 44.47
CA ASP L 775 -96.00 -56.01 44.64
C ASP L 775 -96.28 -56.52 46.03
N SER L 776 -97.45 -56.17 46.55
CA SER L 776 -97.76 -56.51 47.93
C SER L 776 -99.17 -57.05 48.15
N SER L 777 -100.07 -56.97 47.18
CA SER L 777 -101.44 -57.40 47.40
C SER L 777 -101.56 -58.92 47.25
N VAL L 778 -102.66 -59.45 47.79
CA VAL L 778 -102.94 -60.87 47.65
C VAL L 778 -103.70 -61.13 46.35
N ILE L 779 -104.62 -60.23 45.98
CA ILE L 779 -105.37 -60.39 44.73
C ILE L 779 -104.46 -60.22 43.52
N SER L 780 -103.35 -59.49 43.66
CA SER L 780 -102.37 -59.49 42.59
C SER L 780 -101.57 -60.79 42.50
N LEU L 781 -101.69 -61.68 43.48
CA LEU L 781 -101.11 -63.02 43.39
C LEU L 781 -102.12 -64.05 42.93
N VAL L 782 -103.34 -64.01 43.46
CA VAL L 782 -104.38 -64.97 43.12
C VAL L 782 -104.78 -64.83 41.65
N ALA L 783 -104.74 -63.61 41.11
CA ALA L 783 -104.96 -63.40 39.69
C ALA L 783 -103.76 -63.76 38.83
N LYS L 784 -102.65 -64.17 39.45
CA LYS L 784 -101.47 -64.72 38.77
C LYS L 784 -100.84 -63.72 37.82
N LEU L 785 -100.52 -62.55 38.36
CA LEU L 785 -99.84 -61.49 37.62
C LEU L 785 -98.33 -61.65 37.63
N ASP L 786 -97.83 -62.85 37.87
CA ASP L 786 -96.39 -63.09 37.94
C ASP L 786 -95.79 -63.61 36.65
N ALA L 787 -96.52 -64.44 35.92
CA ALA L 787 -96.05 -64.99 34.65
C ALA L 787 -96.39 -64.11 33.46
N THR L 788 -96.93 -62.92 33.70
CA THR L 788 -97.38 -62.05 32.61
C THR L 788 -96.21 -61.32 31.96
N VAL L 789 -95.24 -60.87 32.76
CA VAL L 789 -94.20 -59.96 32.26
C VAL L 789 -93.17 -60.63 31.35
N PHE L 790 -93.20 -61.94 31.20
CA PHE L 790 -92.19 -62.62 30.40
C PHE L 790 -92.57 -62.75 28.93
N ALA L 791 -93.84 -62.57 28.59
CA ALA L 791 -94.30 -62.76 27.22
C ALA L 791 -93.92 -61.61 26.30
N GLN L 792 -93.31 -60.55 26.81
CA GLN L 792 -92.86 -59.46 25.96
C GLN L 792 -91.56 -59.77 25.24
N ILE L 793 -90.83 -60.80 25.66
CA ILE L 793 -89.58 -61.16 24.99
C ILE L 793 -89.85 -61.85 23.65
N VAL L 794 -91.03 -62.44 23.49
CA VAL L 794 -91.37 -63.08 22.22
C VAL L 794 -91.70 -62.03 21.17
N LYS L 795 -92.52 -61.03 21.52
CA LYS L 795 -92.96 -60.04 20.55
C LYS L 795 -91.85 -59.06 20.20
N LEU L 796 -91.37 -58.31 21.18
CA LEU L 796 -90.18 -57.50 21.02
C LEU L 796 -88.98 -58.35 21.44
N ARG L 797 -87.93 -58.37 20.62
CA ARG L 797 -86.79 -59.21 20.94
C ARG L 797 -85.97 -58.69 22.12
N LYS L 798 -86.17 -57.45 22.54
CA LYS L 798 -85.29 -56.87 23.56
C LYS L 798 -85.60 -57.45 24.93
N VAL L 799 -84.54 -57.87 25.62
CA VAL L 799 -84.63 -58.33 27.01
C VAL L 799 -84.13 -57.26 27.98
N ASP L 800 -83.86 -56.06 27.47
CA ASP L 800 -83.38 -54.96 28.30
C ASP L 800 -84.45 -54.53 29.31
N THR L 801 -85.70 -54.41 28.86
CA THR L 801 -86.79 -54.00 29.73
C THR L 801 -87.56 -55.22 30.25
N LEU L 802 -86.90 -55.95 31.13
CA LEU L 802 -87.52 -57.05 31.84
C LEU L 802 -87.65 -56.67 33.31
N LYS L 803 -88.84 -56.89 33.87
CA LYS L 803 -89.13 -56.54 35.26
C LYS L 803 -89.79 -57.72 35.94
N PRO L 804 -89.04 -58.53 36.68
CA PRO L 804 -89.68 -59.56 37.49
C PRO L 804 -90.43 -58.93 38.65
N ILE L 805 -91.32 -59.72 39.24
CA ILE L 805 -92.25 -59.22 40.24
C ILE L 805 -92.04 -60.01 41.53
N LEU L 806 -91.92 -59.30 42.65
CA LEU L 806 -91.60 -59.88 43.94
C LEU L 806 -92.78 -59.64 44.87
N TYR L 807 -93.55 -60.69 45.15
CA TYR L 807 -94.67 -60.56 46.06
C TYR L 807 -94.19 -60.47 47.49
N LYS L 808 -94.75 -59.54 48.26
CA LYS L 808 -94.37 -59.34 49.66
C LYS L 808 -95.66 -59.28 50.47
N ILE L 809 -96.17 -60.44 50.85
CA ILE L 809 -97.47 -60.53 51.51
C ILE L 809 -97.27 -60.41 53.02
N ASN L 810 -97.73 -59.30 53.57
CA ASN L 810 -97.57 -58.95 54.97
C ASN L 810 -98.95 -58.83 55.61
N SER L 811 -98.99 -58.36 56.85
CA SER L 811 -100.27 -58.03 57.45
C SER L 811 -100.72 -56.63 57.09
N ASP L 812 -99.78 -55.72 56.82
CA ASP L 812 -100.18 -54.35 56.49
C ASP L 812 -100.70 -54.21 55.07
N SER L 813 -100.58 -55.23 54.24
CA SER L 813 -101.13 -55.19 52.90
C SER L 813 -102.65 -55.21 52.96
N ASN L 814 -103.26 -54.70 51.90
CA ASN L 814 -104.69 -54.84 51.74
C ASN L 814 -105.02 -56.30 51.47
N ASP L 815 -106.20 -56.72 51.94
CA ASP L 815 -106.77 -58.06 51.71
C ASP L 815 -105.86 -59.17 52.26
N PHE L 816 -105.39 -59.00 53.49
CA PHE L 816 -104.62 -60.05 54.13
C PHE L 816 -105.50 -61.20 54.59
N TYR L 817 -106.79 -60.95 54.85
CA TYR L 817 -107.66 -61.93 55.48
C TYR L 817 -107.91 -63.19 54.63
N LEU L 818 -107.57 -63.15 53.34
CA LEU L 818 -107.56 -64.36 52.54
C LEU L 818 -106.50 -65.35 53.02
N VAL L 819 -105.40 -64.86 53.57
CA VAL L 819 -104.41 -65.76 54.14
C VAL L 819 -104.83 -66.21 55.53
N ALA L 820 -105.40 -65.32 56.32
CA ALA L 820 -105.63 -65.61 57.73
C ALA L 820 -106.85 -66.48 57.97
N ASN L 821 -107.85 -66.42 57.10
CA ASN L 821 -109.08 -67.17 57.34
C ASN L 821 -109.02 -68.60 56.81
N TYR L 822 -108.28 -68.84 55.74
CA TYR L 822 -108.21 -70.16 55.12
C TYR L 822 -106.81 -70.74 55.32
N ASP L 823 -106.74 -72.08 55.34
CA ASP L 823 -105.47 -72.76 55.62
C ASP L 823 -104.74 -73.08 54.31
N TRP L 824 -104.28 -72.01 53.66
CA TRP L 824 -103.49 -72.14 52.46
C TRP L 824 -102.23 -71.28 52.58
N VAL L 825 -101.13 -71.80 52.04
CA VAL L 825 -99.90 -71.03 51.94
C VAL L 825 -99.87 -70.46 50.53
N PRO L 826 -99.34 -69.24 50.33
CA PRO L 826 -99.34 -68.67 48.99
C PRO L 826 -98.39 -69.38 48.05
N THR L 827 -98.83 -69.55 46.81
CA THR L 827 -98.10 -70.29 45.79
C THR L 827 -97.93 -69.39 44.58
N SER L 828 -96.72 -69.34 44.04
CA SER L 828 -96.44 -68.56 42.84
C SER L 828 -95.65 -69.43 41.87
N THR L 829 -95.97 -69.31 40.59
CA THR L 829 -95.31 -70.14 39.59
C THR L 829 -93.89 -69.67 39.31
N THR L 830 -93.55 -68.44 39.64
CA THR L 830 -92.19 -67.95 39.49
C THR L 830 -91.67 -67.46 40.83
N LYS L 831 -90.35 -67.26 40.89
CA LYS L 831 -89.70 -66.67 42.05
C LYS L 831 -88.37 -66.09 41.61
N VAL L 832 -87.88 -65.11 42.35
CA VAL L 832 -86.69 -64.39 41.96
C VAL L 832 -85.49 -64.96 42.72
N TYR L 833 -84.29 -64.63 42.24
CA TYR L 833 -83.04 -65.06 42.86
C TYR L 833 -82.48 -63.88 43.65
N LYS L 834 -83.07 -63.65 44.82
CA LYS L 834 -82.70 -62.55 45.69
C LYS L 834 -82.02 -63.12 46.93
N GLN L 835 -81.28 -62.29 47.65
CA GLN L 835 -80.64 -62.71 48.88
C GLN L 835 -81.12 -61.88 50.06
N ILE L 836 -81.38 -62.55 51.16
CA ILE L 836 -81.94 -61.93 52.35
C ILE L 836 -80.84 -61.13 53.06
N PRO L 837 -81.09 -59.88 53.44
CA PRO L 837 -80.05 -59.09 54.11
C PRO L 837 -79.77 -59.59 55.51
N GLN L 838 -78.51 -59.46 55.92
CA GLN L 838 -78.05 -59.99 57.18
C GLN L 838 -78.63 -59.22 58.35
N GLN L 839 -78.80 -59.90 59.48
CA GLN L 839 -79.33 -59.26 60.67
C GLN L 839 -78.22 -58.46 61.36
N PHE L 840 -78.61 -57.35 61.97
CA PHE L 840 -77.68 -56.48 62.68
C PHE L 840 -77.56 -56.98 64.11
N ASP L 841 -76.40 -57.52 64.46
CA ASP L 841 -76.15 -58.05 65.79
C ASP L 841 -75.15 -57.13 66.47
N PHE L 842 -75.62 -56.32 67.41
CA PHE L 842 -74.79 -55.27 67.99
C PHE L 842 -73.71 -55.84 68.90
N ARG L 843 -74.01 -56.93 69.61
CA ARG L 843 -73.06 -57.49 70.56
C ARG L 843 -71.85 -58.10 69.84
N ALA L 844 -72.03 -58.55 68.60
CA ALA L 844 -70.96 -59.19 67.85
C ALA L 844 -70.39 -58.33 66.75
N SER L 845 -70.89 -57.11 66.56
CA SER L 845 -70.39 -56.23 65.52
C SER L 845 -69.43 -55.17 66.05
N MET L 846 -69.13 -55.19 67.35
CA MET L 846 -68.17 -54.23 67.90
C MET L 846 -66.76 -54.65 67.54
N HIS L 847 -66.03 -53.72 66.92
CA HIS L 847 -64.65 -53.95 66.52
C HIS L 847 -63.77 -52.93 67.21
N MET L 848 -62.59 -53.35 67.65
CA MET L 848 -61.69 -52.47 68.38
C MET L 848 -60.56 -52.04 67.45
N LEU L 849 -60.71 -50.88 66.83
CA LEU L 849 -59.66 -50.37 65.97
C LEU L 849 -58.49 -49.87 66.82
N THR L 850 -57.28 -50.09 66.32
CA THR L 850 -56.06 -49.85 67.10
C THR L 850 -55.06 -49.12 66.22
N SER L 851 -54.64 -47.93 66.66
CA SER L 851 -53.59 -47.18 65.98
C SER L 851 -52.85 -46.35 67.01
N ASN L 852 -51.92 -45.53 66.52
CA ASN L 852 -51.00 -44.81 67.39
C ASN L 852 -51.68 -43.60 68.02
N LEU L 853 -50.97 -42.98 68.97
CA LEU L 853 -51.42 -41.71 69.54
C LEU L 853 -51.00 -40.52 68.70
N THR L 854 -49.69 -40.30 68.56
CA THR L 854 -49.20 -39.11 67.90
C THR L 854 -48.08 -39.44 66.91
N PHE L 855 -48.14 -38.79 65.76
CA PHE L 855 -47.05 -38.71 64.81
C PHE L 855 -46.62 -37.26 64.69
N THR L 856 -45.62 -37.03 63.83
CA THR L 856 -45.30 -35.68 63.36
C THR L 856 -44.66 -35.88 61.98
N VAL L 857 -45.47 -35.76 60.94
CA VAL L 857 -45.05 -36.15 59.61
C VAL L 857 -44.25 -35.03 58.96
N TYR L 858 -43.05 -35.35 58.48
CA TYR L 858 -42.20 -34.40 57.79
C TYR L 858 -42.11 -34.75 56.32
N SER L 859 -42.01 -33.72 55.47
CA SER L 859 -42.06 -33.90 54.04
C SER L 859 -40.69 -33.76 53.38
N ASP L 860 -40.02 -32.64 53.58
CA ASP L 860 -38.72 -32.37 52.96
C ASP L 860 -37.63 -32.65 53.98
N LEU L 861 -36.88 -33.73 53.79
CA LEU L 861 -35.90 -34.13 54.78
C LEU L 861 -34.67 -33.25 54.74
N LEU L 862 -34.34 -32.68 53.59
CA LEU L 862 -33.13 -31.89 53.43
C LEU L 862 -33.32 -30.44 53.81
N ALA L 863 -34.43 -30.09 54.45
CA ALA L 863 -34.55 -28.79 55.08
C ALA L 863 -33.90 -28.76 56.45
N PHE L 864 -33.41 -29.89 56.95
CA PHE L 864 -32.77 -29.93 58.25
C PHE L 864 -31.25 -29.79 58.15
N VAL L 865 -30.61 -30.44 57.19
CA VAL L 865 -29.17 -30.29 57.05
C VAL L 865 -28.85 -28.97 56.36
N SER L 866 -27.66 -28.45 56.64
CA SER L 866 -27.22 -27.17 56.09
C SER L 866 -25.74 -27.30 55.78
N ALA L 867 -25.43 -27.47 54.49
CA ALA L 867 -24.10 -27.85 54.06
C ALA L 867 -23.35 -26.64 53.54
N ASP L 868 -22.20 -26.36 54.13
CA ASP L 868 -21.29 -25.33 53.64
C ASP L 868 -20.36 -25.95 52.60
N THR L 869 -19.33 -25.21 52.21
CA THR L 869 -18.34 -25.70 51.26
C THR L 869 -17.00 -25.16 51.72
N VAL L 870 -15.94 -25.98 51.59
CA VAL L 870 -14.59 -25.50 51.90
C VAL L 870 -14.16 -24.54 50.81
N GLU L 871 -13.07 -23.82 51.05
CA GLU L 871 -12.58 -22.81 50.13
C GLU L 871 -12.20 -23.48 48.81
N PRO L 872 -12.65 -22.97 47.66
CA PRO L 872 -12.39 -23.64 46.38
C PRO L 872 -10.92 -23.74 46.01
N ILE L 873 -10.05 -22.89 46.56
CA ILE L 873 -8.63 -23.11 46.32
C ILE L 873 -8.12 -24.31 47.10
N ASN L 874 -8.81 -24.73 48.16
CA ASN L 874 -8.57 -26.02 48.79
C ASN L 874 -9.61 -27.07 48.40
N ALA L 875 -9.82 -27.32 47.12
CA ALA L 875 -10.71 -28.41 46.75
C ALA L 875 -9.91 -29.71 46.69
N VAL L 876 -10.61 -30.83 46.55
CA VAL L 876 -9.97 -32.15 46.50
C VAL L 876 -10.68 -32.98 45.44
N ALA L 877 -9.92 -33.55 44.51
CA ALA L 877 -10.46 -34.43 43.47
C ALA L 877 -10.69 -35.84 44.00
N PHE L 878 -10.88 -36.80 43.10
CA PHE L 878 -11.00 -38.19 43.56
C PHE L 878 -9.68 -38.73 44.08
N ASP L 879 -8.55 -38.25 43.54
CA ASP L 879 -7.27 -38.39 44.19
C ASP L 879 -7.02 -37.13 45.00
N ASN L 880 -6.27 -37.27 46.08
CA ASN L 880 -6.28 -36.21 47.09
C ASN L 880 -5.41 -35.01 46.75
N MET L 881 -4.92 -34.88 45.52
CA MET L 881 -4.36 -33.61 45.09
C MET L 881 -5.49 -32.67 44.71
N ARG L 882 -5.26 -31.37 44.89
CA ARG L 882 -6.28 -30.39 44.60
C ARG L 882 -6.45 -30.22 43.09
N ILE L 883 -7.62 -29.73 42.70
CA ILE L 883 -7.89 -29.40 41.30
C ILE L 883 -7.58 -27.92 41.11
N MET L 884 -7.26 -27.58 39.86
CA MET L 884 -6.77 -26.26 39.46
C MET L 884 -5.56 -25.85 40.31
N ASN L 885 -4.59 -26.75 40.40
CA ASN L 885 -3.37 -26.49 41.15
C ASN L 885 -2.29 -25.84 40.30
N GLU L 886 -2.49 -25.74 38.99
CA GLU L 886 -1.45 -25.23 38.13
C GLU L 886 -1.39 -23.70 38.24
N LEU L 887 -0.18 -23.18 38.34
CA LEU L 887 0.04 -21.75 38.49
C LEU L 887 -0.12 -21.02 37.16
N LEU M 83 -41.59 -29.61 -21.80
CA LEU M 83 -41.25 -31.02 -21.78
C LEU M 83 -42.30 -31.81 -21.02
N LYS M 84 -42.62 -31.33 -19.81
CA LYS M 84 -43.60 -32.01 -18.97
C LYS M 84 -45.01 -31.88 -19.55
N THR M 85 -45.35 -30.69 -20.06
CA THR M 85 -46.66 -30.50 -20.66
C THR M 85 -46.76 -31.15 -22.02
N LYS M 86 -45.65 -31.17 -22.78
CA LYS M 86 -45.66 -31.79 -24.11
C LYS M 86 -45.82 -33.30 -24.02
N GLU M 87 -45.22 -33.94 -23.02
CA GLU M 87 -45.38 -35.38 -22.89
C GLU M 87 -46.66 -35.75 -22.17
N GLU M 88 -47.17 -34.89 -21.28
CA GLU M 88 -48.47 -35.15 -20.68
C GLU M 88 -49.60 -34.92 -21.66
N HIS M 89 -49.38 -34.14 -22.71
CA HIS M 89 -50.33 -34.14 -23.82
C HIS M 89 -50.11 -35.33 -24.72
N GLN M 90 -48.88 -35.84 -24.80
CA GLN M 90 -48.61 -37.03 -25.58
C GLN M 90 -49.19 -38.28 -24.95
N LYS M 91 -49.43 -38.27 -23.63
CA LYS M 91 -50.10 -39.40 -23.00
C LYS M 91 -51.57 -39.45 -23.37
N GLU M 92 -52.27 -38.32 -23.21
CA GLU M 92 -53.72 -38.31 -23.36
C GLU M 92 -54.18 -38.37 -24.80
N VAL M 93 -53.28 -38.27 -25.78
CA VAL M 93 -53.68 -38.58 -27.14
C VAL M 93 -53.45 -40.06 -27.44
N GLN M 94 -52.52 -40.71 -26.74
CA GLN M 94 -52.24 -42.12 -26.94
C GLN M 94 -53.07 -43.02 -26.04
N TYR M 95 -53.46 -42.53 -24.86
CA TYR M 95 -54.40 -43.29 -24.05
C TYR M 95 -55.81 -43.23 -24.62
N GLU M 96 -56.12 -42.20 -25.41
CA GLU M 96 -57.47 -42.00 -25.91
C GLU M 96 -57.78 -42.84 -27.15
N ILE M 97 -56.76 -43.30 -27.88
CA ILE M 97 -57.04 -44.25 -28.95
C ILE M 97 -57.48 -45.58 -28.37
N LEU M 98 -56.94 -45.93 -27.20
CA LEU M 98 -57.42 -47.13 -26.51
C LEU M 98 -58.80 -46.94 -25.95
N GLN M 99 -59.12 -45.72 -25.48
CA GLN M 99 -60.39 -45.47 -24.81
C GLN M 99 -61.55 -45.35 -25.77
N LYS M 100 -61.29 -45.14 -27.06
CA LYS M 100 -62.37 -45.15 -28.03
C LYS M 100 -62.93 -46.54 -28.28
N THR M 101 -62.18 -47.59 -27.90
CA THR M 101 -62.61 -48.97 -28.10
C THR M 101 -62.92 -49.67 -26.79
N ILE M 102 -63.37 -48.92 -25.77
CA ILE M 102 -63.81 -49.51 -24.51
C ILE M 102 -65.17 -48.91 -24.16
N PRO M 103 -66.17 -49.73 -23.88
CA PRO M 103 -67.53 -49.20 -23.75
C PRO M 103 -67.89 -48.58 -22.40
N THR M 104 -66.92 -48.23 -21.57
CA THR M 104 -67.24 -47.60 -20.31
C THR M 104 -67.70 -46.17 -20.53
N PHE M 105 -68.41 -45.63 -19.56
CA PHE M 105 -68.91 -44.26 -19.64
C PHE M 105 -67.87 -43.29 -19.12
N GLU M 106 -67.79 -42.12 -19.76
CA GLU M 106 -66.76 -41.14 -19.43
C GLU M 106 -67.01 -40.45 -18.08
N PRO M 107 -68.26 -40.11 -17.68
CA PRO M 107 -68.47 -39.91 -16.24
C PRO M 107 -68.36 -41.25 -15.56
N LYS M 108 -67.24 -41.49 -14.87
CA LYS M 108 -66.95 -42.83 -14.34
C LYS M 108 -67.88 -43.19 -13.19
N GLU M 109 -68.15 -42.24 -12.30
CA GLU M 109 -69.04 -42.50 -11.17
C GLU M 109 -70.51 -42.46 -11.55
N SER M 110 -70.84 -42.27 -12.82
CA SER M 110 -72.22 -42.31 -13.28
C SER M 110 -72.63 -43.69 -13.77
N ILE M 111 -71.76 -44.69 -13.69
CA ILE M 111 -72.16 -46.05 -14.00
C ILE M 111 -73.05 -46.59 -12.89
N LEU M 112 -72.87 -46.08 -11.67
CA LEU M 112 -73.59 -46.59 -10.51
C LEU M 112 -75.08 -46.28 -10.59
N LYS M 113 -75.45 -45.12 -11.14
CA LYS M 113 -76.87 -44.78 -11.25
C LYS M 113 -77.59 -45.69 -12.23
N LYS M 114 -76.88 -46.19 -13.24
CA LYS M 114 -77.48 -47.08 -14.22
C LYS M 114 -77.58 -48.52 -13.75
N LEU M 115 -77.24 -48.81 -12.50
CA LEU M 115 -77.30 -50.17 -11.97
C LEU M 115 -78.45 -50.38 -11.00
N GLU M 116 -78.73 -49.44 -10.10
CA GLU M 116 -79.95 -49.57 -9.30
C GLU M 116 -81.20 -49.26 -10.10
N ASP M 117 -81.07 -48.65 -11.27
CA ASP M 117 -82.22 -48.37 -12.13
C ASP M 117 -82.66 -49.58 -12.93
N ILE M 118 -82.02 -50.73 -12.76
CA ILE M 118 -82.45 -51.97 -13.40
C ILE M 118 -83.54 -52.58 -12.51
N LYS M 119 -84.79 -52.38 -12.88
CA LYS M 119 -85.89 -53.03 -12.19
C LYS M 119 -85.87 -54.52 -12.52
N PRO M 120 -86.39 -55.39 -11.61
CA PRO M 120 -86.19 -56.84 -11.79
C PRO M 120 -86.83 -57.45 -13.02
N GLU M 121 -88.15 -57.37 -13.15
CA GLU M 121 -88.90 -57.88 -14.29
C GLU M 121 -90.29 -57.26 -14.27
N GLN M 122 -90.86 -57.08 -15.45
CA GLN M 122 -92.22 -56.57 -15.58
C GLN M 122 -93.16 -57.76 -15.57
N VAL M 123 -93.59 -58.16 -14.38
CA VAL M 123 -94.59 -59.22 -14.27
C VAL M 123 -95.93 -58.71 -14.78
N LYS M 124 -96.50 -59.41 -15.75
CA LYS M 124 -97.65 -58.91 -16.50
C LYS M 124 -98.81 -59.89 -16.42
N LYS M 125 -99.94 -59.41 -15.91
CA LYS M 125 -101.18 -60.17 -15.88
C LYS M 125 -102.03 -59.71 -17.05
N GLN M 126 -102.37 -60.63 -17.94
CA GLN M 126 -103.16 -60.24 -19.10
C GLN M 126 -104.63 -60.11 -18.73
N THR M 127 -105.29 -59.17 -19.39
CA THR M 127 -106.67 -58.80 -19.09
C THR M 127 -107.65 -59.18 -20.17
N LYS M 128 -107.16 -59.54 -21.35
CA LYS M 128 -107.99 -59.98 -22.46
C LYS M 128 -107.49 -61.34 -22.92
N LEU M 129 -108.43 -62.20 -23.33
CA LEU M 129 -108.04 -63.52 -23.80
C LEU M 129 -107.48 -63.40 -25.21
N PHE M 130 -106.39 -64.12 -25.47
CA PHE M 130 -105.66 -63.98 -26.72
C PHE M 130 -106.49 -64.52 -27.88
N ARG M 131 -106.73 -63.66 -28.87
CA ARG M 131 -107.55 -64.02 -30.01
C ARG M 131 -106.86 -63.59 -31.30
N ILE M 132 -106.99 -64.44 -32.33
CA ILE M 132 -106.56 -64.12 -33.68
C ILE M 132 -107.76 -64.05 -34.61
N PHE M 133 -108.63 -65.05 -34.54
CA PHE M 133 -109.76 -65.20 -35.45
C PHE M 133 -111.06 -64.80 -34.74
N GLU M 134 -112.00 -64.29 -35.54
CA GLU M 134 -113.34 -63.98 -35.07
C GLU M 134 -114.33 -64.56 -36.06
N PRO M 135 -115.56 -64.84 -35.63
CA PRO M 135 -116.56 -65.31 -36.58
C PRO M 135 -117.39 -64.17 -37.16
N ARG M 136 -117.61 -64.22 -38.47
CA ARG M 136 -118.32 -63.18 -39.19
C ARG M 136 -119.46 -63.80 -40.00
N GLN M 137 -120.41 -62.95 -40.37
CA GLN M 137 -121.51 -63.35 -41.24
C GLN M 137 -121.12 -63.10 -42.69
N LEU M 138 -121.15 -64.14 -43.50
CA LEU M 138 -120.82 -64.01 -44.92
C LEU M 138 -121.95 -64.59 -45.75
N PRO M 139 -122.28 -63.98 -46.88
CA PRO M 139 -123.35 -64.52 -47.74
C PRO M 139 -122.89 -65.76 -48.46
N VAL M 140 -123.84 -66.64 -48.77
CA VAL M 140 -123.54 -67.87 -49.47
C VAL M 140 -124.39 -67.95 -50.73
N TYR M 141 -123.93 -68.79 -51.67
CA TYR M 141 -124.57 -68.94 -52.96
C TYR M 141 -124.64 -70.42 -53.31
N ARG M 142 -125.63 -70.78 -54.12
CA ARG M 142 -125.78 -72.16 -54.56
C ARG M 142 -125.22 -72.31 -55.97
N ALA M 143 -125.22 -73.55 -56.45
CA ALA M 143 -124.71 -73.85 -57.79
C ALA M 143 -125.67 -73.33 -58.85
N ASN M 144 -125.15 -72.52 -59.78
CA ASN M 144 -125.92 -71.76 -60.76
C ASN M 144 -127.03 -70.97 -60.05
N GLY M 145 -126.62 -70.23 -59.03
CA GLY M 145 -127.56 -69.73 -58.06
C GLY M 145 -127.30 -68.29 -57.67
N GLU M 146 -128.25 -67.77 -56.91
CA GLU M 146 -128.31 -66.40 -56.47
C GLU M 146 -127.77 -66.27 -55.05
N LYS M 147 -127.96 -65.08 -54.47
CA LYS M 147 -127.82 -64.88 -53.03
C LYS M 147 -128.77 -65.80 -52.29
N GLU M 148 -128.24 -66.73 -51.51
CA GLU M 148 -129.10 -67.60 -50.73
C GLU M 148 -129.63 -66.84 -49.52
N LEU M 149 -130.81 -67.26 -49.06
CA LEU M 149 -131.54 -66.52 -48.03
C LEU M 149 -130.93 -66.68 -46.64
N ARG M 150 -129.92 -67.53 -46.48
CA ARG M 150 -129.30 -67.84 -45.21
C ARG M 150 -127.85 -67.37 -45.24
N ASN M 151 -127.34 -66.93 -44.10
CA ASN M 151 -125.95 -66.47 -43.99
C ASN M 151 -125.19 -67.40 -43.04
N ARG M 152 -124.19 -68.08 -43.57
CA ARG M 152 -123.39 -69.02 -42.78
C ARG M 152 -122.17 -68.32 -42.21
N TRP M 153 -121.87 -68.60 -40.94
CA TRP M 153 -120.70 -68.06 -40.27
C TRP M 153 -119.42 -68.58 -40.92
N TYR M 154 -118.36 -67.80 -40.80
CA TYR M 154 -117.03 -68.23 -41.22
C TYR M 154 -116.00 -67.62 -40.29
N TRP M 155 -114.78 -68.13 -40.36
CA TRP M 155 -113.73 -67.85 -39.38
C TRP M 155 -112.72 -66.84 -39.88
N LYS M 156 -113.14 -65.77 -40.56
CA LYS M 156 -112.21 -64.78 -41.08
C LYS M 156 -111.53 -64.02 -39.95
N LEU M 157 -110.21 -63.89 -40.01
CA LEU M 157 -109.48 -63.27 -38.91
C LEU M 157 -109.65 -61.77 -38.93
N LYS M 158 -109.56 -61.17 -37.74
CA LYS M 158 -109.57 -59.73 -37.60
C LYS M 158 -108.14 -59.21 -37.65
N ARG M 159 -108.01 -57.88 -37.61
CA ARG M 159 -106.80 -57.09 -37.89
C ARG M 159 -105.98 -57.68 -39.05
N ASP M 160 -106.65 -57.76 -40.20
CA ASP M 160 -106.11 -58.37 -41.40
C ASP M 160 -105.07 -57.44 -42.02
N THR M 161 -103.83 -57.52 -41.56
CA THR M 161 -102.73 -56.72 -42.10
C THR M 161 -101.59 -57.65 -42.55
N LEU M 162 -101.72 -58.16 -43.76
CA LEU M 162 -100.70 -59.03 -44.35
C LEU M 162 -100.20 -58.37 -45.61
N PRO M 163 -98.90 -58.15 -45.76
CA PRO M 163 -98.38 -57.49 -46.96
C PRO M 163 -98.30 -58.47 -48.12
N ASP M 164 -97.82 -57.96 -49.24
CA ASP M 164 -97.62 -58.75 -50.45
C ASP M 164 -96.18 -59.20 -50.58
N GLY M 165 -95.99 -60.28 -51.32
CA GLY M 165 -94.65 -60.82 -51.48
C GLY M 165 -94.31 -61.82 -50.40
N ASP M 166 -93.56 -62.85 -50.79
CA ASP M 166 -93.28 -63.94 -49.88
C ASP M 166 -92.29 -63.56 -48.80
N TYR M 167 -91.53 -62.49 -48.98
CA TYR M 167 -90.59 -62.08 -47.95
C TYR M 167 -91.23 -61.17 -46.91
N ASP M 168 -92.17 -60.32 -47.32
CA ASP M 168 -92.83 -59.45 -46.35
C ASP M 168 -93.83 -60.21 -45.51
N VAL M 169 -94.34 -61.34 -45.98
CA VAL M 169 -95.26 -62.14 -45.19
C VAL M 169 -94.51 -63.03 -44.21
N ARG M 170 -93.19 -63.12 -44.32
CA ARG M 170 -92.38 -63.72 -43.29
C ARG M 170 -91.69 -62.68 -42.40
N GLU M 171 -91.71 -61.41 -42.81
CA GLU M 171 -91.31 -60.35 -41.91
C GLU M 171 -92.43 -59.98 -40.96
N TYR M 172 -93.69 -60.19 -41.38
CA TYR M 172 -94.83 -59.93 -40.52
C TYR M 172 -94.94 -60.98 -39.42
N PHE M 173 -94.48 -62.20 -39.68
CA PHE M 173 -94.55 -63.26 -38.68
C PHE M 173 -93.36 -63.25 -37.73
N LEU M 174 -92.38 -62.38 -37.95
CA LEU M 174 -91.45 -62.09 -36.87
C LEU M 174 -92.00 -60.99 -35.98
N ASN M 175 -92.77 -60.06 -36.54
CA ASN M 175 -93.42 -59.05 -35.72
C ASN M 175 -94.54 -59.64 -34.88
N LEU M 176 -95.20 -60.69 -35.38
CA LEU M 176 -96.16 -61.41 -34.54
C LEU M 176 -95.45 -62.15 -33.43
N TYR M 177 -94.25 -62.67 -33.70
CA TYR M 177 -93.51 -63.39 -32.67
C TYR M 177 -92.96 -62.45 -31.62
N ASP M 178 -92.64 -61.21 -32.00
CA ASP M 178 -92.21 -60.25 -30.99
C ASP M 178 -93.39 -59.59 -30.29
N GLN M 179 -94.59 -59.74 -30.84
CA GLN M 179 -95.80 -59.23 -30.20
C GLN M 179 -96.35 -60.21 -29.17
N VAL M 180 -96.10 -61.51 -29.35
CA VAL M 180 -96.58 -62.47 -28.36
C VAL M 180 -95.66 -62.48 -27.14
N LEU M 181 -94.35 -62.29 -27.34
CA LEU M 181 -93.41 -62.30 -26.21
C LEU M 181 -93.59 -61.10 -25.28
N THR M 182 -94.16 -60.00 -25.75
CA THR M 182 -94.46 -58.89 -24.87
C THR M 182 -95.90 -58.89 -24.37
N GLU M 183 -96.76 -59.75 -24.93
CA GLU M 183 -98.10 -59.98 -24.41
C GLU M 183 -98.25 -61.40 -23.87
N MET M 184 -97.14 -61.97 -23.38
CA MET M 184 -97.17 -63.29 -22.78
C MET M 184 -97.36 -63.13 -21.28
N PRO M 185 -98.49 -63.56 -20.71
CA PRO M 185 -98.73 -63.34 -19.28
C PRO M 185 -97.89 -64.24 -18.42
N ASP M 186 -97.36 -63.67 -17.33
CA ASP M 186 -96.61 -64.48 -16.37
C ASP M 186 -97.54 -65.25 -15.45
N TYR M 187 -98.58 -64.60 -14.94
CA TYR M 187 -99.63 -65.31 -14.22
C TYR M 187 -100.97 -64.92 -14.80
N LEU M 188 -101.84 -65.90 -14.99
CA LEU M 188 -103.13 -65.69 -15.64
C LEU M 188 -104.23 -66.24 -14.76
N LEU M 189 -105.05 -65.35 -14.21
CA LEU M 189 -106.25 -65.73 -13.49
C LEU M 189 -107.43 -65.77 -14.45
N LEU M 190 -108.53 -66.34 -13.99
CA LEU M 190 -109.76 -66.33 -14.77
C LEU M 190 -110.93 -65.69 -14.04
N LYS M 191 -110.84 -65.46 -12.74
CA LYS M 191 -111.90 -64.76 -12.03
C LYS M 191 -111.98 -63.29 -12.44
N ASP M 192 -110.88 -62.71 -12.90
CA ASP M 192 -110.89 -61.31 -13.32
C ASP M 192 -111.55 -61.12 -14.67
N MET M 193 -111.47 -62.10 -15.56
CA MET M 193 -112.12 -62.06 -16.86
C MET M 193 -113.27 -63.06 -16.82
N ALA M 194 -114.45 -62.58 -16.43
CA ALA M 194 -115.62 -63.43 -16.35
C ALA M 194 -116.85 -62.54 -16.48
N VAL M 195 -117.68 -62.82 -17.47
CA VAL M 195 -118.90 -62.05 -17.67
C VAL M 195 -120.08 -62.96 -17.41
N GLU M 196 -121.23 -62.34 -17.17
CA GLU M 196 -122.45 -63.09 -16.94
C GLU M 196 -122.98 -63.59 -18.28
N ASN M 197 -123.31 -64.87 -18.34
CA ASN M 197 -124.01 -65.40 -19.51
C ASN M 197 -125.45 -64.91 -19.45
N LYS M 198 -125.86 -64.15 -20.47
CA LYS M 198 -127.14 -63.45 -20.40
C LYS M 198 -128.31 -64.41 -20.52
N ASN M 199 -128.19 -65.42 -21.37
CA ASN M 199 -129.29 -66.31 -21.69
C ASN M 199 -129.21 -67.64 -20.96
N SER M 200 -128.24 -67.82 -20.07
CA SER M 200 -128.11 -69.08 -19.33
C SER M 200 -129.20 -69.17 -18.28
N ARG M 201 -129.97 -70.26 -18.32
CA ARG M 201 -131.08 -70.44 -17.39
C ARG M 201 -130.59 -70.61 -15.96
N ASP M 202 -129.46 -71.28 -15.78
CA ASP M 202 -128.79 -71.29 -14.48
C ASP M 202 -127.80 -70.13 -14.41
N ALA M 203 -127.39 -69.82 -13.18
CA ALA M 203 -126.43 -68.76 -12.99
C ALA M 203 -125.04 -69.23 -13.42
N GLY M 204 -124.70 -68.99 -14.69
CA GLY M 204 -123.43 -69.44 -15.22
C GLY M 204 -122.68 -68.29 -15.85
N LYS M 205 -121.37 -68.47 -15.97
CA LYS M 205 -120.49 -67.44 -16.51
C LYS M 205 -119.66 -68.00 -17.64
N VAL M 206 -119.22 -67.12 -18.53
CA VAL M 206 -118.35 -67.45 -19.64
C VAL M 206 -117.07 -66.64 -19.43
N VAL M 207 -116.01 -67.00 -20.15
CA VAL M 207 -114.67 -66.54 -19.77
C VAL M 207 -114.31 -65.17 -20.35
N ASP M 208 -115.06 -64.66 -21.32
CA ASP M 208 -114.71 -63.36 -21.86
C ASP M 208 -115.95 -62.63 -22.38
N SER M 209 -115.81 -61.30 -22.48
CA SER M 209 -116.89 -60.49 -23.02
C SER M 209 -117.08 -60.72 -24.51
N GLU M 210 -115.99 -61.00 -25.24
CA GLU M 210 -116.08 -61.36 -26.64
C GLU M 210 -116.75 -62.71 -26.82
N THR M 211 -116.56 -63.62 -25.85
CA THR M 211 -117.16 -64.94 -25.95
C THR M 211 -118.67 -64.90 -25.73
N ALA M 212 -119.13 -64.02 -24.85
CA ALA M 212 -120.56 -63.86 -24.66
C ALA M 212 -121.23 -63.16 -25.83
N ALA M 213 -120.46 -62.43 -26.64
CA ALA M 213 -121.03 -61.83 -27.84
C ALA M 213 -121.24 -62.83 -28.95
N ILE M 214 -120.42 -63.88 -29.00
CA ILE M 214 -120.61 -64.93 -30.01
C ILE M 214 -121.28 -66.16 -29.45
N CYS M 215 -121.77 -66.10 -28.21
CA CYS M 215 -122.55 -67.18 -27.64
C CYS M 215 -124.04 -66.91 -27.68
N ASP M 216 -124.47 -65.66 -27.48
CA ASP M 216 -125.89 -65.35 -27.63
C ASP M 216 -126.29 -65.23 -29.10
N ALA M 217 -125.36 -64.92 -29.99
CA ALA M 217 -125.67 -64.86 -31.40
C ALA M 217 -125.90 -66.23 -32.00
N ILE M 218 -125.33 -67.27 -31.38
CA ILE M 218 -125.72 -68.63 -31.74
C ILE M 218 -127.11 -68.93 -31.21
N PHE M 219 -127.46 -68.36 -30.05
CA PHE M 219 -128.72 -68.69 -29.40
C PHE M 219 -129.91 -68.09 -30.14
N GLN M 220 -129.74 -66.91 -30.74
CA GLN M 220 -130.87 -66.21 -31.34
C GLN M 220 -131.14 -66.62 -32.78
N ASP M 221 -130.29 -67.42 -33.40
CA ASP M 221 -130.46 -67.81 -34.79
C ASP M 221 -131.53 -68.89 -34.90
N GLU M 222 -132.25 -68.88 -36.02
CA GLU M 222 -133.27 -69.89 -36.30
C GLU M 222 -132.67 -71.13 -36.96
N GLU M 223 -131.49 -71.01 -37.55
CA GLU M 223 -130.91 -72.09 -38.33
C GLU M 223 -129.99 -72.99 -37.51
N THR M 224 -129.59 -72.56 -36.32
CA THR M 224 -128.72 -73.38 -35.49
C THR M 224 -129.45 -74.62 -34.98
N GLU M 225 -128.67 -75.64 -34.65
CA GLU M 225 -129.26 -76.90 -34.23
C GLU M 225 -129.74 -76.80 -32.80
N GLY M 226 -130.86 -77.47 -32.52
CA GLY M 226 -131.55 -77.32 -31.26
C GLY M 226 -130.85 -77.94 -30.06
N VAL M 227 -129.76 -78.66 -30.28
CA VAL M 227 -129.01 -79.21 -29.17
C VAL M 227 -128.16 -78.14 -28.51
N VAL M 228 -127.49 -77.31 -29.31
CA VAL M 228 -126.60 -76.30 -28.73
C VAL M 228 -127.36 -75.09 -28.20
N ARG M 229 -128.63 -74.93 -28.52
CA ARG M 229 -129.42 -73.91 -27.84
C ARG M 229 -129.76 -74.35 -26.43
N ARG M 230 -130.02 -75.64 -26.25
CA ARG M 230 -130.23 -76.17 -24.90
C ARG M 230 -128.94 -76.20 -24.11
N PHE M 231 -127.81 -76.43 -24.79
CA PHE M 231 -126.53 -76.58 -24.09
C PHE M 231 -125.97 -75.24 -23.64
N ILE M 232 -126.18 -74.19 -24.44
CA ILE M 232 -125.74 -72.86 -24.05
C ILE M 232 -126.50 -72.38 -22.82
N ALA M 233 -127.79 -72.68 -22.76
CA ALA M 233 -128.59 -72.36 -21.59
C ALA M 233 -128.42 -73.35 -20.44
N GLU M 234 -127.57 -74.36 -20.59
CA GLU M 234 -127.33 -75.33 -19.53
C GLU M 234 -125.87 -75.47 -19.13
N MET M 235 -124.94 -74.91 -19.89
CA MET M 235 -123.54 -75.03 -19.52
C MET M 235 -123.24 -74.15 -18.32
N ARG M 236 -122.26 -74.57 -17.54
CA ARG M 236 -122.11 -74.05 -16.18
C ARG M 236 -120.67 -74.22 -15.75
N GLN M 237 -120.07 -73.15 -15.27
CA GLN M 237 -118.72 -73.21 -14.75
C GLN M 237 -118.69 -73.93 -13.40
N ARG M 238 -117.52 -74.38 -13.02
CA ARG M 238 -117.29 -74.93 -11.69
C ARG M 238 -116.24 -74.07 -10.99
N VAL M 239 -116.55 -73.63 -9.79
CA VAL M 239 -115.61 -72.87 -8.98
C VAL M 239 -115.49 -73.59 -7.65
N GLN M 240 -114.33 -74.18 -7.41
CA GLN M 240 -114.02 -74.81 -6.14
C GLN M 240 -113.06 -73.91 -5.40
N ALA M 241 -113.56 -73.22 -4.38
CA ALA M 241 -112.70 -72.36 -3.59
C ALA M 241 -111.80 -73.14 -2.65
N ASP M 242 -112.16 -74.38 -2.31
CA ASP M 242 -111.35 -75.15 -1.38
C ASP M 242 -110.08 -75.67 -2.05
N ARG M 243 -110.19 -76.27 -3.23
CA ARG M 243 -109.04 -76.78 -3.95
C ARG M 243 -108.41 -75.74 -4.86
N ASN M 244 -108.85 -74.47 -4.74
CA ASN M 244 -108.28 -73.31 -5.43
C ASN M 244 -108.34 -73.44 -6.94
N VAL M 245 -109.31 -74.18 -7.46
CA VAL M 245 -109.37 -74.46 -8.88
C VAL M 245 -110.65 -73.83 -9.44
N VAL M 246 -110.58 -73.44 -10.70
CA VAL M 246 -111.59 -72.64 -11.40
C VAL M 246 -111.56 -73.04 -12.87
N ASN M 247 -112.71 -73.36 -13.44
CA ASN M 247 -112.77 -73.52 -14.89
C ASN M 247 -114.03 -72.88 -15.47
N TYR M 248 -113.84 -72.06 -16.51
CA TYR M 248 -114.88 -71.32 -17.20
C TYR M 248 -114.99 -71.78 -18.64
N PRO M 249 -116.19 -71.83 -19.21
CA PRO M 249 -116.34 -72.21 -20.61
C PRO M 249 -115.88 -71.10 -21.55
N SER M 250 -115.53 -71.50 -22.78
CA SER M 250 -114.99 -70.59 -23.76
C SER M 250 -115.39 -71.04 -25.14
N ILE M 251 -115.26 -70.13 -26.11
CA ILE M 251 -115.48 -70.40 -27.53
C ILE M 251 -114.31 -69.75 -28.25
N LEU M 252 -113.36 -70.57 -28.69
CA LEU M 252 -112.14 -70.06 -29.31
C LEU M 252 -111.85 -70.82 -30.60
N HIS M 253 -111.05 -70.19 -31.46
CA HIS M 253 -110.47 -70.87 -32.60
C HIS M 253 -109.47 -71.92 -32.12
N PRO M 254 -109.23 -72.96 -32.91
CA PRO M 254 -108.16 -73.91 -32.55
C PRO M 254 -106.77 -73.28 -32.48
N ILE M 255 -106.49 -72.26 -33.29
CA ILE M 255 -105.24 -71.53 -33.14
C ILE M 255 -105.31 -70.62 -31.93
N ASP M 256 -106.49 -70.06 -31.63
CA ASP M 256 -106.66 -69.31 -30.40
C ASP M 256 -106.61 -70.22 -29.18
N HIS M 257 -106.97 -71.50 -29.34
CA HIS M 257 -106.91 -72.42 -28.21
C HIS M 257 -105.48 -72.84 -27.92
N ALA M 258 -104.68 -73.05 -28.97
CA ALA M 258 -103.29 -73.44 -28.76
C ALA M 258 -102.44 -72.32 -28.18
N PHE M 259 -102.90 -71.08 -28.30
CA PHE M 259 -102.23 -69.95 -27.67
C PHE M 259 -102.73 -69.70 -26.26
N ASN M 260 -104.04 -69.82 -26.03
CA ASN M 260 -104.59 -69.54 -24.71
C ASN M 260 -104.30 -70.66 -23.73
N GLU M 261 -104.26 -71.92 -24.20
CA GLU M 261 -103.96 -73.02 -23.30
C GLU M 261 -102.49 -73.04 -22.92
N TYR M 262 -101.61 -72.54 -23.79
CA TYR M 262 -100.20 -72.55 -23.46
C TYR M 262 -99.86 -71.51 -22.40
N PHE M 263 -100.49 -70.34 -22.45
CA PHE M 263 -100.29 -69.35 -21.39
C PHE M 263 -100.92 -69.79 -20.08
N LEU M 264 -101.86 -70.71 -20.14
CA LEU M 264 -102.61 -71.16 -18.98
C LEU M 264 -101.87 -72.26 -18.24
N GLN M 265 -101.38 -73.27 -18.98
CA GLN M 265 -100.70 -74.40 -18.36
C GLN M 265 -99.30 -74.02 -17.91
N HIS M 266 -98.53 -73.40 -18.79
CA HIS M 266 -97.11 -73.14 -18.54
C HIS M 266 -96.94 -71.78 -17.87
N GLN M 267 -97.39 -71.70 -16.63
CA GLN M 267 -97.24 -70.47 -15.85
C GLN M 267 -95.78 -70.25 -15.48
N LEU M 268 -95.48 -69.05 -15.02
CA LEU M 268 -94.15 -68.78 -14.49
C LEU M 268 -94.11 -68.77 -12.96
N VAL M 269 -95.27 -68.66 -12.30
CA VAL M 269 -95.27 -68.53 -10.84
C VAL M 269 -94.97 -69.86 -10.18
N GLU M 270 -94.23 -69.79 -9.08
CA GLU M 270 -93.90 -70.91 -8.22
C GLU M 270 -94.34 -70.60 -6.79
N PRO M 271 -94.88 -71.57 -6.05
CA PRO M 271 -95.39 -71.28 -4.72
C PRO M 271 -94.28 -70.94 -3.74
N LEU M 272 -94.58 -70.01 -2.84
CA LEU M 272 -93.62 -69.46 -1.89
C LEU M 272 -93.93 -69.96 -0.49
N ASN M 273 -92.88 -70.31 0.24
CA ASN M 273 -92.97 -70.78 1.61
C ASN M 273 -92.10 -69.89 2.50
N ASN M 274 -92.07 -70.21 3.79
CA ASN M 274 -91.14 -69.54 4.67
C ASN M 274 -89.71 -70.04 4.49
N ASP M 275 -89.54 -71.23 3.93
CA ASP M 275 -88.20 -71.80 3.76
C ASP M 275 -87.50 -71.22 2.54
N ILE M 276 -88.23 -70.90 1.49
CA ILE M 276 -87.61 -70.40 0.26
C ILE M 276 -87.11 -68.97 0.47
N ILE M 277 -87.71 -68.23 1.40
CA ILE M 277 -87.11 -66.98 1.86
C ILE M 277 -85.79 -67.26 2.57
N PHE M 278 -85.77 -68.28 3.42
CA PHE M 278 -84.58 -68.55 4.21
C PHE M 278 -83.47 -69.17 3.38
N ASN M 279 -83.81 -69.82 2.28
CA ASN M 279 -82.78 -70.30 1.37
C ASN M 279 -82.36 -69.24 0.36
N TYR M 280 -83.07 -68.11 0.31
CA TYR M 280 -82.71 -67.05 -0.63
C TYR M 280 -81.56 -66.21 -0.11
N ILE M 281 -81.41 -66.08 1.19
CA ILE M 281 -80.27 -65.38 1.78
C ILE M 281 -79.00 -66.14 1.45
N PRO M 282 -77.87 -65.48 1.18
CA PRO M 282 -76.63 -66.22 0.89
C PRO M 282 -76.17 -67.08 2.04
N GLU M 283 -75.36 -68.08 1.71
CA GLU M 283 -75.04 -69.15 2.65
C GLU M 283 -74.13 -68.69 3.76
N ARG M 284 -73.27 -67.71 3.50
CA ARG M 284 -72.34 -67.25 4.52
C ARG M 284 -73.01 -66.32 5.52
N ILE M 285 -74.08 -65.64 5.13
CA ILE M 285 -74.64 -64.61 6.01
C ILE M 285 -75.53 -65.23 7.07
N ARG M 286 -76.35 -66.20 6.70
CA ARG M 286 -77.22 -66.83 7.70
C ARG M 286 -76.46 -67.80 8.59
N ASN M 287 -75.23 -68.15 8.26
CA ASN M 287 -74.37 -68.92 9.15
C ASN M 287 -73.31 -68.05 9.82
N ASP M 288 -73.28 -66.75 9.52
CA ASP M 288 -72.51 -65.81 10.30
C ASP M 288 -73.27 -65.47 11.58
N VAL M 289 -72.52 -65.19 12.64
CA VAL M 289 -73.13 -64.88 13.93
C VAL M 289 -73.15 -63.38 14.20
N ASN M 290 -72.50 -62.58 13.35
CA ASN M 290 -72.57 -61.13 13.49
C ASN M 290 -73.96 -60.60 13.14
N TYR M 291 -74.62 -61.21 12.15
CA TYR M 291 -75.92 -60.73 11.69
C TYR M 291 -77.01 -61.65 12.21
N ILE M 292 -78.07 -61.06 12.74
CA ILE M 292 -79.20 -61.80 13.28
C ILE M 292 -80.34 -61.72 12.28
N LEU M 293 -80.74 -62.86 11.74
CA LEU M 293 -81.71 -62.95 10.65
C LEU M 293 -82.95 -63.64 11.16
N ASN M 294 -84.02 -62.88 11.39
CA ASN M 294 -85.28 -63.41 11.84
C ASN M 294 -86.37 -63.10 10.83
N MET M 295 -87.35 -64.00 10.73
CA MET M 295 -88.49 -63.83 9.85
C MET M 295 -89.69 -63.41 10.68
N ASP M 296 -90.20 -62.20 10.42
CA ASP M 296 -91.24 -61.60 11.24
C ASP M 296 -92.60 -61.52 10.58
N ARG M 297 -92.71 -61.87 9.30
CA ARG M 297 -93.96 -61.78 8.58
C ARG M 297 -94.46 -63.17 8.20
N ASN M 298 -95.77 -63.30 8.08
CA ASN M 298 -96.38 -64.55 7.66
C ASN M 298 -96.79 -64.47 6.19
N LEU M 299 -96.49 -65.53 5.45
CA LEU M 299 -96.90 -65.66 4.06
C LEU M 299 -97.94 -66.75 3.93
N PRO M 300 -99.05 -66.48 3.27
CA PRO M 300 -100.18 -67.43 3.29
C PRO M 300 -99.95 -68.66 2.42
N SER M 301 -100.98 -69.50 2.28
CA SER M 301 -100.87 -70.65 1.41
C SER M 301 -100.89 -70.25 -0.07
N THR M 302 -101.48 -69.11 -0.38
CA THR M 302 -101.68 -68.66 -1.75
C THR M 302 -100.73 -67.53 -2.13
N ALA M 303 -99.47 -67.62 -1.70
CA ALA M 303 -98.46 -66.63 -2.05
C ALA M 303 -97.45 -67.27 -3.00
N ARG M 304 -97.28 -66.68 -4.18
CA ARG M 304 -96.37 -67.18 -5.19
C ARG M 304 -95.31 -66.14 -5.51
N TYR M 305 -94.27 -66.55 -6.22
CA TYR M 305 -93.18 -65.63 -6.52
C TYR M 305 -92.59 -65.98 -7.88
N ILE M 306 -91.98 -64.99 -8.52
CA ILE M 306 -91.40 -65.15 -9.84
C ILE M 306 -89.90 -65.38 -9.67
N ARG M 307 -89.43 -66.51 -10.19
CA ARG M 307 -88.07 -66.97 -9.90
C ARG M 307 -87.06 -66.19 -10.71
N PRO M 308 -85.97 -65.72 -10.10
CA PRO M 308 -84.92 -65.07 -10.88
C PRO M 308 -84.09 -66.08 -11.64
N ASN M 309 -83.81 -65.76 -12.90
CA ASN M 309 -83.10 -66.67 -13.80
C ASN M 309 -81.60 -66.56 -13.53
N LEU M 310 -81.15 -67.28 -12.50
CA LEU M 310 -79.76 -67.24 -12.06
C LEU M 310 -79.00 -68.37 -12.76
N LEU M 311 -78.68 -68.14 -14.02
CA LEU M 311 -77.88 -69.06 -14.81
C LEU M 311 -76.59 -68.34 -15.19
N GLN M 312 -75.48 -69.06 -15.17
CA GLN M 312 -74.17 -68.43 -15.32
C GLN M 312 -73.98 -67.92 -16.75
N ASP M 313 -72.86 -67.23 -16.97
CA ASP M 313 -72.64 -66.55 -18.24
C ASP M 313 -72.39 -67.53 -19.37
N ARG M 314 -73.45 -67.90 -20.07
CA ARG M 314 -73.34 -68.94 -21.08
C ARG M 314 -72.69 -68.43 -22.35
N LEU M 315 -72.58 -67.11 -22.52
CA LEU M 315 -71.58 -66.52 -23.40
C LEU M 315 -70.34 -66.28 -22.57
N ASN M 316 -69.22 -66.87 -22.96
CA ASN M 316 -68.01 -66.74 -22.17
C ASN M 316 -67.41 -65.36 -22.42
N LEU M 317 -67.89 -64.38 -21.67
CA LEU M 317 -67.45 -62.99 -21.80
C LEU M 317 -66.10 -62.70 -21.19
N HIS M 318 -65.32 -63.71 -20.80
CA HIS M 318 -64.09 -63.44 -20.07
C HIS M 318 -62.83 -63.96 -20.74
N ASP M 319 -62.93 -64.59 -21.91
CA ASP M 319 -61.73 -65.16 -22.53
C ASP M 319 -61.26 -64.38 -23.75
N ASN M 320 -62.16 -64.05 -24.68
CA ASN M 320 -61.74 -63.46 -25.94
C ASN M 320 -62.17 -62.01 -26.09
N PHE M 321 -63.17 -61.57 -25.34
CA PHE M 321 -63.65 -60.19 -25.39
C PHE M 321 -62.74 -59.36 -24.50
N GLU M 322 -61.71 -58.77 -25.11
CA GLU M 322 -60.76 -57.97 -24.35
C GLU M 322 -61.30 -56.61 -23.99
N SER M 323 -62.31 -56.13 -24.70
CA SER M 323 -62.87 -54.81 -24.49
C SER M 323 -64.25 -54.84 -23.86
N LEU M 324 -65.05 -55.83 -24.19
CA LEU M 324 -66.41 -55.90 -23.66
C LEU M 324 -66.43 -56.42 -22.23
N TRP M 325 -65.33 -57.03 -21.76
CA TRP M 325 -65.18 -57.45 -20.38
C TRP M 325 -64.61 -56.36 -19.50
N ASP M 326 -63.92 -55.38 -20.08
CA ASP M 326 -63.40 -54.26 -19.31
C ASP M 326 -64.46 -53.22 -18.97
N THR M 327 -65.72 -53.47 -19.28
CA THR M 327 -66.81 -52.71 -18.67
C THR M 327 -67.41 -53.43 -17.47
N ILE M 328 -67.52 -54.76 -17.53
CA ILE M 328 -68.11 -55.51 -16.43
C ILE M 328 -67.17 -55.54 -15.23
N THR M 329 -65.86 -55.40 -15.45
CA THR M 329 -64.98 -55.22 -14.30
C THR M 329 -64.84 -53.76 -13.90
N THR M 330 -65.40 -52.83 -14.65
CA THR M 330 -65.53 -51.46 -14.18
C THR M 330 -66.88 -51.22 -13.56
N SER M 331 -67.93 -51.85 -14.09
CA SER M 331 -69.27 -51.67 -13.55
C SER M 331 -69.43 -52.37 -12.22
N ASN M 332 -68.91 -53.59 -12.08
CA ASN M 332 -68.95 -54.27 -10.80
C ASN M 332 -67.96 -53.70 -9.80
N TYR M 333 -67.02 -52.88 -10.25
CA TYR M 333 -66.08 -52.24 -9.34
C TYR M 333 -66.67 -50.98 -8.73
N ILE M 334 -67.44 -50.21 -9.51
CA ILE M 334 -68.01 -48.98 -8.99
C ILE M 334 -69.24 -49.29 -8.15
N LEU M 335 -69.95 -50.38 -8.45
CA LEU M 335 -71.02 -50.80 -7.57
C LEU M 335 -70.49 -51.29 -6.24
N ALA M 336 -69.40 -52.06 -6.25
CA ALA M 336 -68.82 -52.54 -5.01
C ALA M 336 -68.00 -51.48 -4.29
N ARG M 337 -67.78 -50.32 -4.90
CA ARG M 337 -67.05 -49.26 -4.22
C ARG M 337 -67.96 -48.46 -3.30
N SER M 338 -69.23 -48.29 -3.67
CA SER M 338 -70.19 -47.58 -2.83
C SER M 338 -70.92 -48.51 -1.88
N VAL M 339 -70.35 -49.67 -1.58
CA VAL M 339 -70.97 -50.64 -0.69
C VAL M 339 -70.09 -50.96 0.52
N VAL M 340 -68.78 -51.08 0.31
CA VAL M 340 -67.82 -51.33 1.39
C VAL M 340 -67.88 -50.19 2.40
N PRO M 341 -67.91 -50.48 3.70
CA PRO M 341 -68.11 -49.42 4.68
C PRO M 341 -66.84 -48.63 4.91
N ASP M 342 -67.02 -47.32 5.06
CA ASP M 342 -65.91 -46.42 5.29
C ASP M 342 -65.49 -46.47 6.74
N LEU M 343 -64.20 -46.25 6.98
CA LEU M 343 -63.65 -46.37 8.32
C LEU M 343 -64.13 -45.24 9.22
N LYS M 344 -64.12 -45.50 10.51
CA LYS M 344 -64.46 -44.51 11.51
C LYS M 344 -63.46 -44.60 12.65
N GLU M 345 -63.35 -43.51 13.41
CA GLU M 345 -62.53 -43.41 14.62
C GLU M 345 -61.05 -43.66 14.32
N LEU M 346 -60.55 -43.01 13.28
CA LEU M 346 -59.14 -43.12 12.92
C LEU M 346 -58.28 -42.38 13.92
N VAL M 347 -56.96 -42.57 13.81
CA VAL M 347 -56.08 -41.70 14.57
C VAL M 347 -56.08 -40.31 13.93
N SER M 348 -55.69 -39.32 14.72
CA SER M 348 -55.71 -37.96 14.21
C SER M 348 -54.55 -37.75 13.26
N THR M 349 -54.80 -36.96 12.21
CA THR M 349 -53.82 -36.80 11.13
C THR M 349 -52.61 -35.99 11.59
N GLU M 350 -52.85 -34.90 12.31
CA GLU M 350 -51.76 -34.00 12.65
C GLU M 350 -50.94 -34.46 13.85
N ALA M 351 -51.36 -35.52 14.53
CA ALA M 351 -50.51 -36.12 15.55
C ALA M 351 -49.67 -37.26 15.02
N GLN M 352 -50.16 -37.99 14.02
CA GLN M 352 -49.37 -39.05 13.44
C GLN M 352 -48.25 -38.50 12.58
N ILE M 353 -48.54 -37.47 11.79
CA ILE M 353 -47.53 -36.88 10.91
C ILE M 353 -46.46 -36.16 11.73
N GLN M 354 -46.85 -35.54 12.85
CA GLN M 354 -45.89 -34.87 13.71
C GLN M 354 -44.98 -35.84 14.45
N LYS M 355 -45.35 -37.12 14.52
CA LYS M 355 -44.40 -38.15 14.94
C LYS M 355 -43.71 -38.79 13.76
N MET M 356 -44.39 -38.89 12.62
CA MET M 356 -43.82 -39.49 11.44
C MET M 356 -42.71 -38.65 10.81
N SER M 357 -42.72 -37.34 11.05
CA SER M 357 -41.65 -36.49 10.58
C SER M 357 -40.64 -36.18 11.68
N GLN M 358 -40.75 -36.82 12.83
CA GLN M 358 -39.69 -36.78 13.84
C GLN M 358 -38.78 -37.99 13.78
N ASP M 359 -39.34 -39.17 13.50
CA ASP M 359 -38.51 -40.36 13.38
C ASP M 359 -37.75 -40.39 12.07
N LEU M 360 -38.33 -39.85 11.00
CA LEU M 360 -37.68 -39.93 9.70
C LEU M 360 -36.57 -38.90 9.55
N GLN M 361 -36.73 -37.71 10.13
CA GLN M 361 -35.73 -36.64 10.18
C GLN M 361 -35.30 -36.18 8.79
N LEU M 362 -36.25 -35.62 8.03
CA LEU M 362 -35.90 -35.12 6.71
C LEU M 362 -35.29 -33.72 6.73
N GLU M 363 -35.28 -33.06 7.88
CA GLU M 363 -34.66 -31.74 7.96
C GLU M 363 -33.14 -31.81 7.94
N ALA M 364 -32.56 -32.96 8.29
CA ALA M 364 -31.12 -33.13 8.30
C ALA M 364 -30.59 -33.85 7.06
N LEU M 365 -31.48 -34.32 6.19
CA LEU M 365 -31.09 -35.04 4.99
C LEU M 365 -30.98 -34.11 3.80
N THR M 366 -30.06 -34.43 2.90
CA THR M 366 -29.92 -33.70 1.64
C THR M 366 -30.70 -34.43 0.54
N ILE M 367 -31.99 -34.61 0.80
CA ILE M 367 -32.86 -35.32 -0.13
C ILE M 367 -33.38 -34.33 -1.15
N GLN M 368 -33.89 -34.86 -2.27
CA GLN M 368 -34.43 -33.99 -3.32
C GLN M 368 -35.87 -33.60 -3.05
N SER M 369 -36.66 -34.53 -2.52
CA SER M 369 -38.09 -34.32 -2.26
C SER M 369 -38.31 -34.29 -0.75
N GLU M 370 -38.14 -33.11 -0.16
CA GLU M 370 -38.24 -32.98 1.29
C GLU M 370 -39.68 -32.86 1.77
N THR M 371 -40.50 -32.09 1.06
CA THR M 371 -41.89 -31.87 1.42
C THR M 371 -42.86 -32.73 0.62
N GLN M 372 -42.38 -33.84 0.05
CA GLN M 372 -43.23 -34.78 -0.66
C GLN M 372 -43.44 -36.08 0.08
N PHE M 373 -42.80 -36.27 1.23
CA PHE M 373 -42.99 -37.50 1.98
C PHE M 373 -44.35 -37.57 2.65
N LEU M 374 -44.89 -36.43 3.06
CA LEU M 374 -46.07 -36.38 3.91
C LEU M 374 -47.23 -35.71 3.19
N THR M 375 -47.45 -36.06 1.93
CA THR M 375 -48.47 -35.40 1.12
C THR M 375 -49.78 -36.17 1.05
N GLY M 376 -49.74 -37.44 0.65
CA GLY M 376 -50.95 -38.21 0.49
C GLY M 376 -51.42 -38.92 1.75
N ILE M 377 -51.07 -38.37 2.91
CA ILE M 377 -51.41 -38.98 4.19
C ILE M 377 -52.53 -38.14 4.79
N ASN M 378 -53.76 -38.55 4.50
CA ASN M 378 -54.96 -37.87 4.94
C ASN M 378 -55.88 -38.87 5.62
N SER M 379 -57.00 -38.37 6.15
CA SER M 379 -58.06 -39.27 6.56
C SER M 379 -59.00 -39.58 5.41
N GLN M 380 -59.07 -38.70 4.41
CA GLN M 380 -59.89 -38.96 3.23
C GLN M 380 -59.20 -39.86 2.23
N ALA M 381 -57.88 -39.99 2.30
CA ALA M 381 -57.17 -40.88 1.40
C ALA M 381 -56.91 -42.25 2.01
N ALA M 382 -57.05 -42.39 3.32
CA ALA M 382 -57.01 -43.71 3.92
C ALA M 382 -58.32 -44.44 3.76
N ASN M 383 -59.42 -43.71 3.59
CA ASN M 383 -60.66 -44.35 3.19
C ASN M 383 -60.57 -44.86 1.76
N ASP M 384 -59.77 -44.21 0.92
CA ASP M 384 -59.71 -44.59 -0.49
C ASP M 384 -58.91 -45.87 -0.70
N CYS M 385 -57.98 -46.20 0.17
CA CYS M 385 -57.30 -47.49 0.10
C CYS M 385 -58.03 -48.56 0.87
N PHE M 386 -59.20 -48.25 1.40
CA PHE M 386 -60.11 -49.24 1.95
C PHE M 386 -61.31 -49.47 1.06
N LYS M 387 -61.73 -48.45 0.31
CA LYS M 387 -62.78 -48.63 -0.66
C LYS M 387 -62.27 -49.39 -1.88
N THR M 388 -61.14 -48.94 -2.44
CA THR M 388 -60.61 -49.52 -3.68
C THR M 388 -60.15 -50.95 -3.47
N LEU M 389 -59.44 -51.20 -2.39
CA LEU M 389 -58.77 -52.48 -2.15
C LEU M 389 -59.74 -53.62 -1.90
N ILE M 390 -61.02 -53.34 -1.66
CA ILE M 390 -62.03 -54.39 -1.53
C ILE M 390 -62.88 -54.38 -2.78
N ALA M 391 -63.01 -53.22 -3.42
CA ALA M 391 -63.83 -53.15 -4.62
C ALA M 391 -63.09 -53.58 -5.86
N ALA M 392 -61.76 -53.46 -5.87
CA ALA M 392 -60.95 -54.06 -6.92
C ALA M 392 -60.60 -55.51 -6.62
N MET M 393 -61.25 -56.08 -5.63
CA MET M 393 -61.10 -57.48 -5.26
C MET M 393 -62.41 -58.24 -5.32
N LEU M 394 -63.54 -57.59 -5.03
CA LEU M 394 -64.84 -58.22 -5.21
C LEU M 394 -65.16 -58.36 -6.69
N SER M 395 -65.13 -57.26 -7.41
CA SER M 395 -64.98 -57.34 -8.85
C SER M 395 -63.51 -57.61 -9.15
N GLN M 396 -63.26 -58.41 -10.17
CA GLN M 396 -61.90 -58.86 -10.45
C GLN M 396 -61.18 -57.89 -11.38
N ARG M 397 -61.10 -56.64 -10.91
CA ARG M 397 -60.47 -55.56 -11.66
C ARG M 397 -59.02 -55.47 -11.24
N THR M 398 -58.12 -55.43 -12.21
CA THR M 398 -56.71 -55.35 -11.90
C THR M 398 -56.35 -53.93 -11.43
N MET M 399 -55.14 -53.78 -10.93
CA MET M 399 -54.83 -52.66 -10.06
C MET M 399 -53.38 -52.25 -10.26
N SER M 400 -53.13 -51.25 -11.08
CA SER M 400 -51.77 -50.75 -11.28
C SER M 400 -51.35 -49.90 -10.11
N LEU M 401 -50.11 -50.06 -9.68
CA LEU M 401 -49.59 -49.25 -8.59
C LEU M 401 -48.98 -47.97 -9.10
N ASP M 402 -48.85 -47.00 -8.21
CA ASP M 402 -48.27 -45.70 -8.54
C ASP M 402 -47.48 -45.25 -7.33
N PHE M 403 -46.21 -44.95 -7.54
CA PHE M 403 -45.32 -44.62 -6.44
C PHE M 403 -44.16 -43.83 -7.01
N VAL M 404 -43.40 -43.22 -6.11
CA VAL M 404 -42.11 -42.65 -6.46
C VAL M 404 -41.03 -43.41 -5.69
N THR M 405 -39.94 -43.73 -6.38
CA THR M 405 -38.92 -44.60 -5.83
C THR M 405 -38.11 -43.91 -4.75
N THR M 406 -38.07 -42.58 -4.79
CA THR M 406 -37.35 -41.80 -3.79
C THR M 406 -37.98 -41.96 -2.41
N ASN M 407 -39.30 -41.88 -2.33
CA ASN M 407 -40.03 -41.91 -1.07
C ASN M 407 -40.07 -43.34 -0.56
N TYR M 408 -39.08 -43.69 0.28
CA TYR M 408 -38.98 -45.04 0.81
C TYR M 408 -40.03 -45.35 1.86
N MET M 409 -40.67 -44.33 2.42
CA MET M 409 -41.71 -44.60 3.40
C MET M 409 -43.00 -45.04 2.76
N SER M 410 -43.25 -44.66 1.51
CA SER M 410 -44.33 -45.26 0.74
C SER M 410 -43.94 -46.59 0.15
N LEU M 411 -42.69 -47.00 0.31
CA LEU M 411 -42.16 -48.25 -0.18
C LEU M 411 -42.05 -49.31 0.89
N ILE M 412 -41.89 -48.90 2.15
CA ILE M 412 -41.99 -49.84 3.26
C ILE M 412 -43.43 -50.30 3.43
N SER M 413 -44.39 -49.40 3.25
CA SER M 413 -45.78 -49.81 3.21
C SER M 413 -46.15 -50.50 1.92
N GLY M 414 -45.28 -50.47 0.91
CA GLY M 414 -45.46 -51.34 -0.23
C GLY M 414 -45.22 -52.79 0.09
N MET M 415 -44.46 -53.08 1.15
CA MET M 415 -44.28 -54.47 1.57
C MET M 415 -45.55 -55.04 2.16
N TRP M 416 -46.32 -54.21 2.88
CA TRP M 416 -47.55 -54.71 3.47
C TRP M 416 -48.63 -54.93 2.42
N LEU M 417 -48.59 -54.17 1.33
CA LEU M 417 -49.62 -54.30 0.31
C LEU M 417 -49.49 -55.62 -0.43
N LEU M 418 -48.27 -56.07 -0.66
CA LEU M 418 -48.04 -57.28 -1.44
C LEU M 418 -48.37 -58.54 -0.63
N THR M 419 -48.21 -58.49 0.68
CA THR M 419 -48.40 -59.65 1.52
C THR M 419 -49.85 -59.89 1.92
N VAL M 420 -50.76 -58.97 1.62
CA VAL M 420 -52.17 -59.11 1.94
C VAL M 420 -53.01 -59.19 0.68
N VAL M 421 -52.89 -58.21 -0.20
CA VAL M 421 -53.52 -58.28 -1.51
C VAL M 421 -52.77 -59.30 -2.36
N PRO M 422 -53.46 -60.20 -3.05
CA PRO M 422 -52.77 -61.21 -3.85
C PRO M 422 -51.98 -60.62 -5.00
N ASN M 423 -50.90 -61.31 -5.37
CA ASN M 423 -49.96 -60.76 -6.32
C ASN M 423 -50.41 -60.90 -7.77
N ASP M 424 -51.44 -61.71 -8.06
CA ASP M 424 -51.95 -61.71 -9.42
C ASP M 424 -53.04 -60.68 -9.63
N MET M 425 -53.37 -59.92 -8.59
CA MET M 425 -54.32 -58.83 -8.74
C MET M 425 -53.70 -57.68 -9.55
N PHE M 426 -52.41 -57.45 -9.38
CA PHE M 426 -51.78 -56.32 -10.04
C PHE M 426 -51.42 -56.66 -11.49
N ILE M 427 -51.39 -55.63 -12.34
CA ILE M 427 -50.82 -55.79 -13.67
C ILE M 427 -49.33 -56.04 -13.51
N ARG M 428 -48.80 -57.00 -14.30
CA ARG M 428 -47.53 -57.60 -13.96
C ARG M 428 -46.36 -56.65 -14.17
N GLU M 429 -46.45 -55.73 -15.13
CA GLU M 429 -45.34 -54.82 -15.34
C GLU M 429 -45.22 -53.75 -14.27
N SER M 430 -46.22 -53.60 -13.40
CA SER M 430 -46.12 -52.72 -12.25
C SER M 430 -45.97 -53.47 -10.94
N LEU M 431 -46.42 -54.72 -10.89
CA LEU M 431 -46.10 -55.59 -9.76
C LEU M 431 -44.61 -55.85 -9.69
N VAL M 432 -44.00 -56.11 -10.84
CA VAL M 432 -42.55 -56.34 -10.92
C VAL M 432 -41.78 -55.10 -10.50
N ALA M 433 -42.16 -53.94 -11.05
CA ALA M 433 -41.47 -52.71 -10.73
C ALA M 433 -41.70 -52.22 -9.31
N CYS M 434 -42.70 -52.77 -8.61
CA CYS M 434 -42.84 -52.50 -7.19
C CYS M 434 -42.00 -53.45 -6.35
N GLN M 435 -41.92 -54.73 -6.74
CA GLN M 435 -41.07 -55.65 -6.00
C GLN M 435 -39.60 -55.43 -6.31
N LEU M 436 -39.29 -55.01 -7.53
CA LEU M 436 -37.90 -54.67 -7.83
C LEU M 436 -37.49 -53.40 -7.10
N ALA M 437 -38.41 -52.46 -6.91
CA ALA M 437 -38.05 -51.23 -6.19
C ALA M 437 -37.84 -51.45 -4.71
N ILE M 438 -38.43 -52.50 -4.12
CA ILE M 438 -38.17 -52.81 -2.71
C ILE M 438 -36.82 -53.49 -2.57
N ILE M 439 -36.53 -54.45 -3.46
CA ILE M 439 -35.29 -55.21 -3.40
C ILE M 439 -34.10 -54.30 -3.67
N ASN M 440 -34.19 -53.51 -4.73
CA ASN M 440 -33.03 -52.81 -5.25
C ASN M 440 -32.60 -51.63 -4.37
N THR M 441 -33.42 -51.24 -3.38
CA THR M 441 -33.02 -50.13 -2.51
C THR M 441 -33.27 -50.35 -1.03
N ILE M 442 -34.01 -51.38 -0.60
CA ILE M 442 -34.22 -51.65 0.81
C ILE M 442 -33.71 -53.03 1.20
N ILE M 443 -34.17 -54.08 0.51
CA ILE M 443 -33.87 -55.43 0.95
C ILE M 443 -32.43 -55.83 0.59
N TYR M 444 -32.02 -55.68 -0.68
CA TYR M 444 -30.65 -56.04 -1.01
C TYR M 444 -29.55 -55.14 -0.45
N PRO M 445 -29.70 -53.81 -0.30
CA PRO M 445 -28.68 -53.08 0.44
C PRO M 445 -28.66 -53.35 1.93
N ALA M 446 -29.71 -53.95 2.49
CA ALA M 446 -29.69 -54.27 3.91
C ALA M 446 -28.71 -55.40 4.20
N PHE M 447 -28.59 -56.35 3.28
CA PHE M 447 -27.72 -57.48 3.49
C PHE M 447 -26.38 -57.32 2.80
N GLY M 448 -26.18 -56.21 2.10
CA GLY M 448 -24.89 -55.90 1.52
C GLY M 448 -24.67 -56.43 0.14
N MET M 449 -25.54 -57.30 -0.36
CA MET M 449 -25.33 -57.89 -1.68
C MET M 449 -25.60 -56.86 -2.76
N GLN M 450 -25.14 -57.17 -3.97
CA GLN M 450 -25.17 -56.23 -5.07
C GLN M 450 -26.59 -55.99 -5.55
N ARG M 451 -26.75 -54.96 -6.36
CA ARG M 451 -28.06 -54.61 -6.88
C ARG M 451 -28.55 -55.66 -7.87
N MET M 452 -29.85 -55.65 -8.10
CA MET M 452 -30.50 -56.72 -8.84
C MET M 452 -30.75 -56.27 -10.27
N HIS M 453 -29.90 -56.72 -11.19
CA HIS M 453 -30.15 -56.47 -12.61
C HIS M 453 -31.23 -57.43 -13.09
N TYR M 454 -32.30 -56.88 -13.64
CA TYR M 454 -33.49 -57.67 -13.95
C TYR M 454 -33.91 -57.43 -15.40
N ARG M 455 -33.76 -58.45 -16.24
CA ARG M 455 -34.39 -58.46 -17.55
C ARG M 455 -35.90 -58.45 -17.39
N ASN M 456 -36.58 -57.71 -18.25
CA ASN M 456 -38.03 -57.58 -18.09
C ASN M 456 -38.75 -58.85 -18.53
N GLY M 457 -38.40 -59.40 -19.68
CA GLY M 457 -39.08 -60.57 -20.18
C GLY M 457 -38.59 -61.86 -19.55
N ASP M 458 -38.75 -61.95 -18.23
CA ASP M 458 -38.27 -63.06 -17.44
C ASP M 458 -39.47 -63.67 -16.72
N PRO M 459 -39.70 -64.98 -16.83
CA PRO M 459 -40.89 -65.56 -16.19
C PRO M 459 -40.80 -65.67 -14.67
N GLN M 460 -39.79 -65.11 -14.03
CA GLN M 460 -39.69 -65.11 -12.59
C GLN M 460 -39.87 -63.70 -12.07
N THR M 461 -40.89 -63.53 -11.22
CA THR M 461 -41.16 -62.29 -10.52
C THR M 461 -39.97 -61.99 -9.60
N PRO M 462 -39.57 -60.72 -9.44
CA PRO M 462 -38.30 -60.42 -8.77
C PRO M 462 -38.21 -60.82 -7.32
N PHE M 463 -39.32 -61.03 -6.60
CA PHE M 463 -39.17 -61.69 -5.30
C PHE M 463 -38.86 -63.17 -5.45
N GLN M 464 -39.29 -63.81 -6.54
CA GLN M 464 -39.00 -65.23 -6.72
C GLN M 464 -37.53 -65.48 -6.97
N ILE M 465 -36.78 -64.47 -7.42
CA ILE M 465 -35.33 -64.61 -7.53
C ILE M 465 -34.66 -64.35 -6.19
N ALA M 466 -35.09 -63.30 -5.49
CA ALA M 466 -34.47 -62.98 -4.21
C ALA M 466 -34.93 -63.89 -3.08
N GLU M 467 -35.99 -64.66 -3.27
CA GLU M 467 -36.31 -65.70 -2.30
C GLU M 467 -35.29 -66.83 -2.37
N GLN M 468 -34.72 -67.07 -3.55
CA GLN M 468 -33.71 -68.11 -3.69
C GLN M 468 -32.32 -67.63 -3.28
N GLN M 469 -32.02 -66.34 -3.47
CA GLN M 469 -30.66 -65.85 -3.37
C GLN M 469 -30.37 -65.09 -2.10
N ILE M 470 -31.32 -64.87 -1.24
CA ILE M 470 -31.02 -64.22 0.02
C ILE M 470 -30.71 -65.31 1.04
N GLN M 471 -29.93 -64.95 2.06
CA GLN M 471 -29.44 -65.96 2.98
C GLN M 471 -30.09 -65.91 4.35
N ASN M 472 -30.79 -64.83 4.69
CA ASN M 472 -31.50 -64.75 5.95
C ASN M 472 -32.77 -65.56 5.87
N PHE M 473 -33.18 -66.20 6.96
CA PHE M 473 -34.39 -66.99 6.92
C PHE M 473 -35.62 -66.22 7.38
N GLN M 474 -35.46 -65.21 8.24
CA GLN M 474 -36.62 -64.44 8.67
C GLN M 474 -37.20 -63.63 7.52
N VAL M 475 -36.37 -63.17 6.59
CA VAL M 475 -36.82 -62.35 5.47
C VAL M 475 -36.96 -63.15 4.18
N ALA M 476 -36.55 -64.41 4.15
CA ALA M 476 -36.86 -65.24 3.00
C ALA M 476 -38.13 -66.03 3.19
N ASN M 477 -38.52 -66.30 4.42
CA ASN M 477 -39.78 -66.98 4.66
C ASN M 477 -40.97 -66.06 4.53
N TRP M 478 -40.72 -64.74 4.45
CA TRP M 478 -41.77 -63.83 4.03
C TRP M 478 -41.83 -63.75 2.51
N LEU M 479 -40.69 -63.80 1.84
CA LEU M 479 -40.67 -63.83 0.38
C LEU M 479 -41.20 -65.13 -0.19
N HIS M 480 -41.34 -66.17 0.63
CA HIS M 480 -42.10 -67.34 0.19
C HIS M 480 -43.59 -67.12 0.33
N PHE M 481 -44.01 -66.09 1.06
CA PHE M 481 -45.46 -65.84 1.09
C PHE M 481 -45.91 -64.88 0.01
N VAL M 482 -45.12 -63.84 -0.30
CA VAL M 482 -45.51 -62.91 -1.34
C VAL M 482 -45.50 -63.60 -2.70
N ASN M 483 -44.61 -64.56 -2.89
CA ASN M 483 -44.60 -65.31 -4.14
C ASN M 483 -45.75 -66.30 -4.26
N ASN M 484 -46.43 -66.62 -3.16
CA ASN M 484 -47.43 -67.68 -3.23
C ASN M 484 -48.69 -67.31 -2.45
N ASN M 485 -49.13 -66.06 -2.55
CA ASN M 485 -50.49 -65.71 -2.13
C ASN M 485 -51.23 -65.32 -3.41
N GLN M 486 -51.70 -66.32 -4.13
CA GLN M 486 -52.60 -66.06 -5.24
C GLN M 486 -54.00 -66.44 -4.80
N PHE M 487 -54.97 -66.17 -5.67
CA PHE M 487 -56.34 -66.49 -5.35
C PHE M 487 -56.60 -67.96 -5.59
N ARG M 488 -57.25 -68.61 -4.64
CA ARG M 488 -57.51 -70.04 -4.69
C ARG M 488 -58.97 -70.23 -5.05
N GLN M 489 -59.22 -70.71 -6.26
CA GLN M 489 -60.59 -70.80 -6.77
C GLN M 489 -61.36 -71.89 -6.07
N VAL M 490 -62.54 -71.55 -5.55
CA VAL M 490 -63.44 -72.51 -4.92
C VAL M 490 -64.83 -72.27 -5.50
N VAL M 491 -65.66 -73.32 -5.48
CA VAL M 491 -67.02 -73.23 -5.97
C VAL M 491 -67.96 -73.48 -4.79
N ILE M 492 -68.72 -72.45 -4.42
CA ILE M 492 -69.65 -72.54 -3.31
C ILE M 492 -70.98 -71.94 -3.73
N ASP M 493 -72.08 -72.64 -3.39
CA ASP M 493 -73.46 -72.26 -3.72
C ASP M 493 -73.64 -72.09 -5.23
N GLY M 494 -73.00 -72.97 -6.01
CA GLY M 494 -73.11 -72.93 -7.45
C GLY M 494 -72.25 -71.91 -8.16
N VAL M 495 -71.69 -70.93 -7.46
CA VAL M 495 -70.90 -69.90 -8.09
C VAL M 495 -69.43 -70.08 -7.71
N LEU M 496 -68.56 -69.51 -8.54
CA LEU M 496 -67.12 -69.54 -8.31
C LEU M 496 -66.70 -68.20 -7.72
N ASN M 497 -65.87 -68.23 -6.68
CA ASN M 497 -65.34 -66.98 -6.15
C ASN M 497 -63.92 -67.16 -5.65
N GLN M 498 -63.08 -66.19 -6.01
CA GLN M 498 -61.66 -66.19 -5.67
C GLN M 498 -61.52 -65.89 -4.19
N VAL M 499 -61.26 -66.92 -3.39
CA VAL M 499 -61.21 -66.76 -1.94
C VAL M 499 -59.76 -66.78 -1.49
N LEU M 500 -59.47 -66.05 -0.42
CA LEU M 500 -58.13 -65.96 0.14
C LEU M 500 -57.78 -67.23 0.91
N ASN M 501 -56.58 -67.28 1.47
CA ASN M 501 -56.20 -68.39 2.33
C ASN M 501 -56.47 -68.08 3.80
N ASP M 502 -56.42 -69.11 4.63
CA ASP M 502 -56.69 -68.97 6.05
C ASP M 502 -55.51 -68.40 6.83
N ASN M 503 -54.47 -67.93 6.15
CA ASN M 503 -53.35 -67.28 6.82
C ASN M 503 -53.38 -65.78 6.66
N ILE M 504 -54.28 -65.25 5.82
CA ILE M 504 -54.55 -63.83 5.75
C ILE M 504 -55.90 -63.49 6.37
N ARG M 505 -56.88 -64.40 6.22
CA ARG M 505 -58.21 -64.19 6.78
C ARG M 505 -58.23 -64.14 8.30
N ASN M 506 -57.20 -64.66 8.96
CA ASN M 506 -57.06 -64.45 10.40
C ASN M 506 -55.95 -63.47 10.74
N GLY M 507 -55.33 -62.86 9.74
CA GLY M 507 -54.38 -61.80 9.98
C GLY M 507 -53.05 -62.24 10.54
N HIS M 508 -52.74 -63.53 10.50
CA HIS M 508 -51.54 -64.04 11.13
C HIS M 508 -50.28 -63.74 10.34
N VAL M 509 -50.39 -63.50 9.03
CA VAL M 509 -49.18 -63.38 8.21
C VAL M 509 -48.49 -62.04 8.42
N VAL M 510 -49.18 -61.05 9.01
CA VAL M 510 -48.52 -59.80 9.35
C VAL M 510 -47.50 -60.02 10.45
N ASN M 511 -47.76 -60.97 11.36
CA ASN M 511 -46.75 -61.35 12.35
C ASN M 511 -45.52 -61.98 11.70
N GLN M 512 -45.69 -62.62 10.55
CA GLN M 512 -44.54 -63.14 9.82
C GLN M 512 -43.76 -62.01 9.16
N LEU M 513 -44.46 -60.99 8.67
CA LEU M 513 -43.76 -59.85 8.09
C LEU M 513 -43.02 -59.06 9.14
N MET M 514 -43.57 -58.92 10.34
CA MET M 514 -42.95 -58.07 11.34
C MET M 514 -41.73 -58.72 11.98
N GLU M 515 -41.46 -60.00 11.71
CA GLU M 515 -40.14 -60.55 11.97
C GLU M 515 -39.19 -60.36 10.81
N ALA M 516 -39.72 -60.16 9.61
CA ALA M 516 -38.90 -59.88 8.44
C ALA M 516 -38.61 -58.40 8.32
N LEU M 517 -39.59 -57.57 8.65
CA LEU M 517 -39.41 -56.14 8.58
C LEU M 517 -38.54 -55.62 9.71
N MET M 518 -38.61 -56.25 10.88
CA MET M 518 -37.80 -55.79 12.00
C MET M 518 -36.33 -56.09 11.78
N GLN M 519 -36.01 -57.18 11.08
CA GLN M 519 -34.62 -57.52 10.87
C GLN M 519 -33.96 -56.75 9.75
N LEU M 520 -34.72 -56.00 8.95
CA LEU M 520 -34.08 -55.00 8.12
C LEU M 520 -33.67 -53.79 8.95
N SER M 521 -34.32 -53.56 10.09
CA SER M 521 -33.97 -52.42 10.92
C SER M 521 -32.73 -52.69 11.77
N ARG M 522 -32.38 -53.96 12.01
CA ARG M 522 -31.17 -54.25 12.75
C ARG M 522 -29.95 -54.39 11.86
N GLN M 523 -30.15 -54.79 10.60
CA GLN M 523 -29.03 -55.01 9.70
C GLN M 523 -28.38 -53.68 9.35
N GLN M 524 -27.07 -53.59 9.49
CA GLN M 524 -26.37 -52.40 9.04
C GLN M 524 -26.30 -52.41 7.53
N PHE M 525 -26.49 -51.25 6.93
CA PHE M 525 -26.54 -51.20 5.47
C PHE M 525 -25.13 -50.82 5.07
N PRO M 526 -24.27 -51.76 4.69
CA PRO M 526 -22.82 -51.58 4.84
C PRO M 526 -22.16 -50.68 3.81
N THR M 527 -22.90 -49.92 3.03
CA THR M 527 -22.33 -48.88 2.19
C THR M 527 -23.10 -47.58 2.29
N MET M 528 -24.33 -47.62 2.79
CA MET M 528 -25.21 -46.47 2.89
C MET M 528 -24.64 -45.42 3.84
N PRO M 529 -24.85 -44.14 3.57
CA PRO M 529 -24.41 -43.10 4.51
C PRO M 529 -25.17 -43.20 5.82
N VAL M 530 -24.55 -42.69 6.88
CA VAL M 530 -25.08 -42.95 8.21
C VAL M 530 -26.34 -42.14 8.47
N ASP M 531 -26.46 -40.96 7.86
CA ASP M 531 -27.69 -40.20 8.03
C ASP M 531 -28.83 -40.72 7.19
N TYR M 532 -28.55 -41.53 6.17
CA TYR M 532 -29.58 -42.15 5.36
C TYR M 532 -29.91 -43.56 5.81
N LYS M 533 -29.01 -44.23 6.53
CA LYS M 533 -29.32 -45.53 7.08
C LYS M 533 -30.25 -45.40 8.27
N ARG M 534 -29.99 -44.42 9.15
CA ARG M 534 -30.83 -44.24 10.32
C ARG M 534 -32.16 -43.58 9.99
N SER M 535 -32.27 -42.91 8.85
CA SER M 535 -33.57 -42.40 8.42
C SER M 535 -34.38 -43.44 7.67
N ILE M 536 -33.79 -44.57 7.33
CA ILE M 536 -34.49 -45.66 6.65
C ILE M 536 -34.63 -46.88 7.54
N GLN M 537 -33.96 -46.90 8.70
CA GLN M 537 -34.22 -47.87 9.74
C GLN M 537 -35.31 -47.40 10.69
N ARG M 538 -35.33 -46.11 11.02
CA ARG M 538 -36.41 -45.58 11.84
C ARG M 538 -37.70 -45.49 11.05
N GLY M 539 -37.62 -45.36 9.72
CA GLY M 539 -38.81 -45.39 8.91
C GLY M 539 -39.42 -46.77 8.83
N ILE M 540 -38.63 -47.81 9.05
CA ILE M 540 -39.15 -49.16 9.11
C ILE M 540 -39.88 -49.39 10.41
N LEU M 541 -39.32 -48.88 11.52
CA LEU M 541 -39.95 -49.02 12.83
C LEU M 541 -41.22 -48.18 12.99
N LEU M 542 -41.57 -47.35 12.01
CA LEU M 542 -42.90 -46.77 11.99
C LEU M 542 -43.95 -47.77 11.57
N LEU M 543 -43.55 -48.84 10.89
CA LEU M 543 -44.47 -49.91 10.51
C LEU M 543 -44.31 -51.15 11.36
N SER M 544 -43.09 -51.46 11.82
CA SER M 544 -42.89 -52.64 12.64
C SER M 544 -43.44 -52.48 14.04
N ASN M 545 -43.67 -51.26 14.50
CA ASN M 545 -44.23 -51.00 15.82
C ASN M 545 -45.74 -50.95 15.80
N ARG M 546 -46.36 -51.11 14.64
CA ARG M 546 -47.81 -51.22 14.54
C ARG M 546 -48.23 -52.68 14.41
N LEU M 547 -47.50 -53.58 15.08
CA LEU M 547 -47.69 -55.02 14.92
C LEU M 547 -49.05 -55.48 15.36
N GLY M 548 -49.69 -54.75 16.28
CA GLY M 548 -50.99 -55.15 16.77
C GLY M 548 -52.12 -54.46 16.03
N GLN M 549 -51.88 -53.24 15.57
CA GLN M 549 -52.89 -52.49 14.84
C GLN M 549 -52.93 -52.82 13.36
N LEU M 550 -52.00 -53.65 12.88
CA LEU M 550 -51.95 -54.02 11.49
C LEU M 550 -52.28 -55.49 11.26
N VAL M 551 -52.19 -56.33 12.29
CA VAL M 551 -52.94 -57.57 12.31
C VAL M 551 -54.43 -57.25 12.42
N ASP M 552 -54.76 -56.14 13.06
CA ASP M 552 -56.15 -55.71 13.18
C ASP M 552 -56.73 -55.32 11.84
N LEU M 553 -55.93 -54.70 10.98
CA LEU M 553 -56.43 -54.23 9.70
C LEU M 553 -56.66 -55.41 8.76
N THR M 554 -55.75 -56.37 8.76
CA THR M 554 -55.85 -57.52 7.87
C THR M 554 -57.02 -58.42 8.22
N ARG M 555 -57.37 -58.51 9.50
CA ARG M 555 -58.57 -59.25 9.89
C ARG M 555 -59.83 -58.54 9.46
N LEU M 556 -59.77 -57.23 9.27
CA LEU M 556 -60.90 -56.41 8.83
C LEU M 556 -60.96 -56.29 7.32
N LEU M 557 -59.80 -56.12 6.67
CA LEU M 557 -59.73 -56.05 5.21
C LEU M 557 -60.14 -57.36 4.57
N ALA M 558 -59.97 -58.47 5.26
CA ALA M 558 -60.34 -59.77 4.73
C ALA M 558 -61.62 -60.30 5.37
N TYR M 559 -62.31 -59.48 6.15
CA TYR M 559 -63.67 -59.82 6.58
C TYR M 559 -64.73 -59.10 5.78
N ASN M 560 -64.51 -57.82 5.44
CA ASN M 560 -65.43 -57.13 4.54
C ASN M 560 -65.41 -57.75 3.16
N TYR M 561 -64.25 -58.21 2.71
CA TYR M 561 -64.19 -58.94 1.45
C TYR M 561 -64.86 -60.30 1.57
N GLU M 562 -64.79 -60.92 2.75
CA GLU M 562 -65.34 -62.25 2.93
C GLU M 562 -66.85 -62.22 3.05
N THR M 563 -67.42 -61.18 3.65
CA THR M 563 -68.85 -61.12 3.85
C THR M 563 -69.59 -60.47 2.70
N LEU M 564 -68.89 -59.83 1.77
CA LEU M 564 -69.52 -59.26 0.59
C LEU M 564 -69.44 -60.18 -0.61
N MET M 565 -68.44 -61.07 -0.64
CA MET M 565 -68.32 -62.05 -1.71
C MET M 565 -69.43 -63.09 -1.67
N ALA M 566 -70.11 -63.23 -0.54
CA ALA M 566 -71.29 -64.09 -0.51
C ALA M 566 -72.43 -63.50 -1.32
N CYS M 567 -72.48 -62.18 -1.46
CA CYS M 567 -73.51 -61.52 -2.26
C CYS M 567 -73.02 -61.25 -3.68
N ILE M 568 -72.48 -62.27 -4.34
CA ILE M 568 -71.99 -62.16 -5.71
C ILE M 568 -72.62 -63.31 -6.47
N THR M 569 -73.58 -63.00 -7.34
CA THR M 569 -74.30 -64.06 -8.03
C THR M 569 -73.57 -64.47 -9.31
N MET M 570 -72.95 -63.53 -9.99
CA MET M 570 -72.21 -63.87 -11.19
C MET M 570 -70.92 -64.60 -10.83
N ASN M 571 -70.37 -65.32 -11.80
CA ASN M 571 -69.09 -65.97 -11.61
C ASN M 571 -67.99 -64.93 -11.49
N MET M 572 -67.01 -65.20 -10.65
CA MET M 572 -65.89 -64.29 -10.46
C MET M 572 -64.70 -64.75 -11.29
N GLN M 573 -64.87 -64.68 -12.61
CA GLN M 573 -63.77 -64.96 -13.52
C GLN M 573 -62.73 -63.86 -13.43
N HIS M 574 -61.47 -64.24 -13.54
CA HIS M 574 -60.36 -63.32 -13.32
C HIS M 574 -59.40 -63.40 -14.51
N VAL M 575 -59.25 -62.28 -15.22
CA VAL M 575 -58.25 -62.11 -16.26
C VAL M 575 -57.68 -60.71 -16.11
N GLN M 576 -56.56 -60.46 -16.80
CA GLN M 576 -55.94 -59.15 -16.77
C GLN M 576 -56.72 -58.23 -17.72
N THR M 577 -57.44 -57.27 -17.16
CA THR M 577 -58.26 -56.35 -17.92
C THR M 577 -57.39 -55.30 -18.60
N LEU M 578 -57.99 -54.54 -19.52
CA LEU M 578 -57.25 -53.54 -20.29
C LEU M 578 -56.87 -52.34 -19.42
N THR M 579 -57.86 -51.62 -18.92
CA THR M 579 -57.61 -50.46 -18.09
C THR M 579 -57.52 -50.87 -16.63
N THR M 580 -56.55 -50.30 -15.93
CA THR M 580 -56.29 -50.62 -14.54
C THR M 580 -56.76 -49.48 -13.64
N GLU M 581 -57.24 -49.84 -12.45
CA GLU M 581 -57.69 -48.85 -11.48
C GLU M 581 -56.53 -48.53 -10.56
N LYS M 582 -56.00 -47.31 -10.68
CA LYS M 582 -54.71 -46.95 -10.11
C LYS M 582 -54.79 -46.84 -8.60
N LEU M 583 -53.82 -47.43 -7.91
CA LEU M 583 -53.71 -47.40 -6.46
C LEU M 583 -52.38 -46.77 -6.09
N GLN M 584 -52.40 -45.55 -5.59
CA GLN M 584 -51.16 -44.87 -5.23
C GLN M 584 -50.64 -45.42 -3.91
N LEU M 585 -49.36 -45.77 -3.89
CA LEU M 585 -48.75 -46.27 -2.66
C LEU M 585 -48.52 -45.16 -1.64
N THR M 586 -48.57 -43.90 -2.05
CA THR M 586 -48.57 -42.80 -1.09
C THR M 586 -49.87 -42.79 -0.30
N SER M 587 -50.94 -43.29 -0.89
CA SER M 587 -52.19 -43.45 -0.18
C SER M 587 -52.27 -44.73 0.63
N VAL M 588 -51.47 -45.75 0.30
CA VAL M 588 -51.47 -46.98 1.08
C VAL M 588 -50.77 -46.75 2.41
N THR M 589 -49.70 -45.96 2.41
CA THR M 589 -48.99 -45.67 3.65
C THR M 589 -49.77 -44.73 4.56
N SER M 590 -50.90 -44.20 4.11
CA SER M 590 -51.80 -43.54 5.03
C SER M 590 -52.72 -44.55 5.71
N LEU M 591 -53.02 -45.67 5.05
CA LEU M 591 -53.91 -46.64 5.68
C LEU M 591 -53.21 -47.43 6.78
N CYS M 592 -51.94 -47.79 6.57
CA CYS M 592 -51.24 -48.64 7.53
C CYS M 592 -50.96 -47.93 8.84
N MET M 593 -50.94 -46.60 8.88
CA MET M 593 -50.67 -45.90 10.12
C MET M 593 -51.67 -44.80 10.43
N LEU M 594 -52.90 -44.89 9.90
CA LEU M 594 -54.01 -44.09 10.38
C LEU M 594 -55.23 -44.96 10.60
N ILE M 595 -55.05 -46.21 10.99
CA ILE M 595 -56.16 -47.11 11.27
C ILE M 595 -56.38 -47.14 12.78
N GLY M 596 -57.65 -47.18 13.18
CA GLY M 596 -58.00 -47.15 14.58
C GLY M 596 -58.10 -48.55 15.16
N ASN M 597 -58.80 -48.64 16.28
CA ASN M 597 -59.17 -49.92 16.87
C ASN M 597 -60.67 -50.11 16.92
N ALA M 598 -61.41 -49.32 16.16
CA ALA M 598 -62.87 -49.38 16.12
C ALA M 598 -63.28 -49.87 14.74
N THR M 599 -63.83 -51.07 14.69
CA THR M 599 -64.09 -51.76 13.44
C THR M 599 -65.31 -51.21 12.73
N VAL M 600 -65.42 -51.58 11.46
CA VAL M 600 -66.57 -51.28 10.63
C VAL M 600 -67.04 -52.59 10.02
N ILE M 601 -68.30 -52.62 9.62
CA ILE M 601 -68.90 -53.85 9.11
C ILE M 601 -69.98 -53.42 8.13
N PRO M 602 -70.32 -54.22 7.13
CA PRO M 602 -71.46 -53.86 6.28
C PRO M 602 -72.77 -54.01 7.05
N SER M 603 -73.55 -52.94 7.06
CA SER M 603 -74.88 -53.00 7.64
C SER M 603 -75.74 -53.94 6.80
N PRO M 604 -76.65 -54.69 7.44
CA PRO M 604 -77.40 -55.72 6.71
C PRO M 604 -78.38 -55.15 5.69
N GLN M 605 -78.75 -53.88 5.79
CA GLN M 605 -79.51 -53.27 4.71
C GLN M 605 -78.61 -52.94 3.52
N THR M 606 -77.34 -52.59 3.78
CA THR M 606 -76.39 -52.41 2.70
C THR M 606 -76.01 -53.75 2.09
N LEU M 607 -75.87 -54.77 2.94
CA LEU M 607 -75.50 -56.10 2.48
C LEU M 607 -76.61 -56.76 1.67
N PHE M 608 -77.85 -56.37 1.90
CA PHE M 608 -78.97 -56.89 1.11
C PHE M 608 -79.20 -56.09 -0.15
N HIS M 609 -78.93 -54.79 -0.12
CA HIS M 609 -79.08 -53.96 -1.31
C HIS M 609 -77.99 -54.26 -2.33
N TYR M 610 -76.80 -54.65 -1.87
CA TYR M 610 -75.76 -55.11 -2.79
C TYR M 610 -76.08 -56.48 -3.35
N TYR M 611 -76.90 -57.26 -2.64
CA TYR M 611 -77.30 -58.55 -3.18
C TYR M 611 -78.49 -58.41 -4.13
N ASN M 612 -79.46 -57.57 -3.79
CA ASN M 612 -80.62 -57.40 -4.64
C ASN M 612 -80.34 -56.57 -5.88
N VAL M 613 -79.14 -56.00 -6.03
CA VAL M 613 -78.76 -55.38 -7.29
C VAL M 613 -77.83 -56.29 -8.09
N ASN M 614 -77.26 -57.33 -7.46
CA ASN M 614 -76.52 -58.33 -8.21
C ASN M 614 -77.39 -59.48 -8.68
N VAL M 615 -78.60 -59.63 -8.15
CA VAL M 615 -79.56 -60.52 -8.79
C VAL M 615 -80.27 -59.81 -9.93
N ASN M 616 -80.61 -58.53 -9.73
CA ASN M 616 -81.34 -57.79 -10.75
C ASN M 616 -80.51 -57.49 -11.99
N PHE M 617 -79.18 -57.53 -11.88
CA PHE M 617 -78.34 -57.40 -13.05
C PHE M 617 -78.03 -58.75 -13.68
N HIS M 618 -77.87 -59.79 -12.87
CA HIS M 618 -77.59 -61.10 -13.41
C HIS M 618 -78.84 -61.76 -13.98
N SER M 619 -80.03 -61.43 -13.47
CA SER M 619 -81.23 -61.91 -14.11
C SER M 619 -81.59 -61.09 -15.35
N ASN M 620 -81.16 -59.82 -15.39
CA ASN M 620 -81.31 -59.04 -16.61
C ASN M 620 -80.30 -59.46 -17.66
N TYR M 621 -79.14 -59.95 -17.24
CA TYR M 621 -78.15 -60.45 -18.18
C TYR M 621 -78.62 -61.71 -18.87
N ASN M 622 -79.47 -62.50 -18.21
CA ASN M 622 -79.97 -63.72 -18.82
C ASN M 622 -81.30 -63.53 -19.51
N GLU M 623 -82.10 -62.55 -19.11
CA GLU M 623 -83.35 -62.33 -19.79
C GLU M 623 -83.21 -61.46 -21.03
N ARG M 624 -81.99 -61.05 -21.38
CA ARG M 624 -81.70 -60.46 -22.67
C ARG M 624 -80.85 -61.35 -23.55
N ILE M 625 -80.05 -62.24 -22.98
CA ILE M 625 -79.42 -63.29 -23.77
C ILE M 625 -80.47 -64.25 -24.29
N ASN M 626 -81.38 -64.69 -23.41
CA ASN M 626 -82.47 -65.56 -23.85
C ASN M 626 -83.46 -64.85 -24.76
N ASP M 627 -83.48 -63.53 -24.76
CA ASP M 627 -84.36 -62.79 -25.65
C ASP M 627 -83.70 -62.45 -26.98
N ALA M 628 -82.38 -62.47 -27.04
CA ALA M 628 -81.70 -62.24 -28.30
C ALA M 628 -81.53 -63.53 -29.09
N VAL M 629 -81.25 -64.65 -28.41
CA VAL M 629 -81.12 -65.93 -29.10
C VAL M 629 -82.48 -66.38 -29.61
N ALA M 630 -83.56 -66.01 -28.93
CA ALA M 630 -84.89 -66.40 -29.37
C ALA M 630 -85.37 -65.61 -30.58
N ILE M 631 -84.67 -64.55 -30.98
CA ILE M 631 -84.96 -63.84 -32.22
C ILE M 631 -83.95 -64.21 -33.31
N ILE M 632 -82.68 -64.39 -32.92
CA ILE M 632 -81.63 -64.79 -33.86
C ILE M 632 -81.94 -66.15 -34.46
N THR M 633 -82.37 -67.11 -33.64
CA THR M 633 -82.77 -68.40 -34.15
C THR M 633 -84.11 -68.33 -34.88
N ALA M 634 -85.03 -67.48 -34.40
CA ALA M 634 -86.31 -67.34 -35.10
C ALA M 634 -86.19 -66.52 -36.38
N ALA M 635 -85.07 -65.85 -36.61
CA ALA M 635 -84.86 -65.24 -37.91
C ALA M 635 -84.25 -66.24 -38.89
N ASN M 636 -83.35 -67.09 -38.42
CA ASN M 636 -82.71 -68.05 -39.31
C ASN M 636 -83.60 -69.23 -39.62
N ARG M 637 -84.42 -69.68 -38.66
CA ARG M 637 -85.35 -70.77 -38.93
C ARG M 637 -86.54 -70.32 -39.76
N LEU M 638 -86.76 -69.01 -39.89
CA LEU M 638 -87.81 -68.49 -40.75
C LEU M 638 -87.33 -68.20 -42.17
N ASN M 639 -86.05 -68.44 -42.44
CA ASN M 639 -85.38 -68.10 -43.70
C ASN M 639 -85.57 -66.62 -44.03
N LEU M 640 -85.04 -65.80 -43.13
CA LEU M 640 -85.14 -64.35 -43.22
C LEU M 640 -83.73 -63.82 -43.45
N TYR M 641 -83.34 -63.73 -44.72
CA TYR M 641 -82.15 -62.97 -45.10
C TYR M 641 -82.51 -61.49 -45.10
N GLN M 642 -81.56 -60.64 -45.50
CA GLN M 642 -81.69 -59.18 -45.54
C GLN M 642 -82.05 -58.58 -44.18
N LYS M 643 -81.71 -59.29 -43.10
CA LYS M 643 -81.89 -58.78 -41.74
C LYS M 643 -80.51 -58.72 -41.10
N LYS M 644 -80.08 -57.51 -40.75
CA LYS M 644 -78.79 -57.32 -40.12
C LYS M 644 -78.83 -57.91 -38.73
N MET M 645 -78.13 -59.03 -38.53
CA MET M 645 -78.08 -59.66 -37.21
C MET M 645 -77.20 -58.88 -36.24
N LYS M 646 -76.46 -57.88 -36.71
CA LYS M 646 -75.81 -56.95 -35.80
C LYS M 646 -76.82 -56.14 -35.02
N SER M 647 -77.92 -55.75 -35.66
CA SER M 647 -78.92 -54.91 -35.02
C SER M 647 -79.71 -55.62 -33.93
N ILE M 648 -79.69 -56.95 -33.90
CA ILE M 648 -80.23 -57.66 -32.74
C ILE M 648 -79.24 -57.57 -31.58
N VAL M 649 -77.94 -57.57 -31.89
CA VAL M 649 -76.91 -57.46 -30.86
C VAL M 649 -76.60 -56.01 -30.51
N GLU M 650 -77.05 -55.05 -31.31
CA GLU M 650 -76.82 -53.65 -30.97
C GLU M 650 -77.69 -53.23 -29.79
N ASP M 651 -78.96 -53.62 -29.80
CA ASP M 651 -79.83 -53.33 -28.67
C ASP M 651 -79.86 -54.44 -27.63
N PHE M 652 -79.09 -55.51 -27.83
CA PHE M 652 -78.81 -56.42 -26.71
C PHE M 652 -77.82 -55.78 -25.76
N LEU M 653 -76.84 -55.03 -26.29
CA LEU M 653 -75.92 -54.28 -25.45
C LEU M 653 -76.52 -52.98 -24.92
N LYS M 654 -77.69 -52.58 -25.43
CA LYS M 654 -78.34 -51.37 -24.95
C LYS M 654 -79.23 -51.65 -23.75
N ARG M 655 -79.92 -52.80 -23.74
CA ARG M 655 -80.74 -53.16 -22.59
C ARG M 655 -79.89 -53.44 -21.36
N LEU M 656 -78.76 -54.11 -21.54
CA LEU M 656 -77.74 -54.20 -20.51
C LEU M 656 -77.19 -52.80 -20.31
N GLN M 657 -77.53 -52.16 -19.19
CA GLN M 657 -77.40 -50.73 -19.07
C GLN M 657 -75.97 -50.23 -18.98
N ILE M 658 -74.99 -51.12 -18.81
CA ILE M 658 -73.64 -50.65 -18.53
C ILE M 658 -72.82 -50.36 -19.77
N PHE M 659 -73.12 -50.99 -20.90
CA PHE M 659 -72.39 -50.75 -22.14
C PHE M 659 -73.08 -49.66 -22.95
N ASP M 660 -72.29 -48.94 -23.74
CA ASP M 660 -72.87 -48.08 -24.75
C ASP M 660 -72.58 -48.66 -26.14
N ILE M 661 -73.41 -48.27 -27.09
CA ILE M 661 -73.49 -48.94 -28.37
C ILE M 661 -72.30 -48.60 -29.25
N SER M 662 -71.86 -47.35 -29.23
CA SER M 662 -70.99 -46.85 -30.30
C SER M 662 -69.53 -47.22 -30.12
N ARG M 663 -69.06 -47.50 -28.91
CA ARG M 663 -67.64 -47.64 -28.66
C ARG M 663 -67.13 -49.08 -28.73
N VAL M 664 -67.98 -50.07 -28.97
CA VAL M 664 -67.50 -51.45 -29.07
C VAL M 664 -66.79 -51.60 -30.41
N PRO M 665 -65.68 -52.33 -30.47
CA PRO M 665 -65.02 -52.56 -31.75
C PRO M 665 -65.82 -53.52 -32.61
N ASP M 666 -65.62 -53.42 -33.92
CA ASP M 666 -66.33 -54.29 -34.84
C ASP M 666 -65.73 -55.68 -34.89
N ASP M 667 -64.57 -55.89 -34.27
CA ASP M 667 -64.05 -57.24 -34.08
C ASP M 667 -64.94 -58.06 -33.17
N GLN M 668 -65.53 -57.41 -32.16
CA GLN M 668 -66.21 -58.13 -31.09
C GLN M 668 -67.72 -58.17 -31.23
N MET M 669 -68.30 -57.34 -32.08
CA MET M 669 -69.71 -57.49 -32.36
C MET M 669 -70.00 -58.62 -33.32
N TYR M 670 -68.97 -59.19 -33.94
CA TYR M 670 -69.14 -60.37 -34.77
C TYR M 670 -68.77 -61.66 -34.04
N ARG M 671 -67.95 -61.59 -32.98
CA ARG M 671 -67.83 -62.74 -32.09
C ARG M 671 -69.10 -62.90 -31.28
N LEU M 672 -69.62 -61.79 -30.75
CA LEU M 672 -70.86 -61.80 -29.98
C LEU M 672 -72.06 -62.16 -30.86
N ARG M 673 -71.98 -61.94 -32.16
CA ARG M 673 -73.00 -62.46 -33.05
C ARG M 673 -72.81 -63.96 -33.27
N ASP M 674 -71.56 -64.43 -33.21
CA ASP M 674 -71.27 -65.83 -33.46
C ASP M 674 -71.46 -66.68 -32.22
N ARG M 675 -71.12 -66.15 -31.04
CA ARG M 675 -71.34 -66.90 -29.81
C ARG M 675 -72.80 -66.96 -29.43
N LEU M 676 -73.65 -66.13 -30.04
CA LEU M 676 -75.06 -66.07 -29.70
C LEU M 676 -75.91 -67.02 -30.53
N ARG M 677 -75.35 -67.62 -31.58
CA ARG M 677 -76.11 -68.56 -32.39
C ARG M 677 -75.93 -69.99 -31.94
N LEU M 678 -74.79 -70.33 -31.34
CA LEU M 678 -74.50 -71.69 -30.92
C LEU M 678 -75.24 -72.08 -29.64
N LEU M 679 -75.86 -71.13 -28.98
CA LEU M 679 -76.72 -71.34 -27.84
C LEU M 679 -78.08 -71.90 -28.27
N PRO M 680 -78.74 -72.66 -27.41
CA PRO M 680 -80.13 -73.03 -27.66
C PRO M 680 -81.09 -72.03 -27.03
N VAL M 681 -82.30 -72.04 -27.55
CA VAL M 681 -83.33 -71.12 -27.08
C VAL M 681 -84.03 -71.71 -25.86
N GLU M 682 -84.62 -70.83 -25.06
CA GLU M 682 -85.35 -71.24 -23.87
C GLU M 682 -86.62 -71.97 -24.27
N ILE M 683 -87.07 -72.90 -23.40
CA ILE M 683 -88.19 -73.78 -23.72
C ILE M 683 -89.51 -73.01 -23.81
N ARG M 684 -89.65 -71.88 -23.11
CA ARG M 684 -90.88 -71.13 -23.21
C ARG M 684 -90.87 -70.12 -24.37
N ARG M 685 -89.70 -69.79 -24.90
CA ARG M 685 -89.62 -69.03 -26.12
C ARG M 685 -89.54 -69.89 -27.36
N LEU M 686 -89.33 -71.20 -27.22
CA LEU M 686 -89.33 -72.11 -28.34
C LEU M 686 -90.70 -72.72 -28.57
N ASP M 687 -91.41 -73.05 -27.50
CA ASP M 687 -92.74 -73.64 -27.66
C ASP M 687 -93.75 -72.62 -28.11
N ILE M 688 -93.50 -71.33 -27.89
CA ILE M 688 -94.34 -70.30 -28.47
C ILE M 688 -93.92 -69.94 -29.88
N PHE M 689 -92.73 -70.38 -30.31
CA PHE M 689 -92.35 -70.20 -31.71
C PHE M 689 -92.80 -71.36 -32.57
N ASN M 690 -92.82 -72.58 -32.03
CA ASN M 690 -93.34 -73.70 -32.80
C ASN M 690 -94.86 -73.68 -32.91
N LEU M 691 -95.52 -72.80 -32.17
CA LEU M 691 -96.94 -72.57 -32.36
C LEU M 691 -97.22 -71.64 -33.54
N ILE M 692 -96.28 -70.74 -33.82
CA ILE M 692 -96.44 -69.79 -34.92
C ILE M 692 -96.02 -70.43 -36.24
N LEU M 693 -94.89 -71.13 -36.25
CA LEU M 693 -94.36 -71.70 -37.47
C LEU M 693 -95.21 -72.87 -37.97
N MET M 694 -95.88 -73.56 -37.06
CA MET M 694 -96.77 -74.64 -37.49
C MET M 694 -98.03 -74.08 -38.13
N ASN M 695 -98.54 -72.96 -37.60
CA ASN M 695 -99.75 -72.33 -38.09
C ASN M 695 -99.47 -71.09 -38.92
N MET M 696 -98.24 -70.95 -39.43
CA MET M 696 -97.91 -69.80 -40.28
C MET M 696 -98.62 -69.88 -41.62
N GLU M 697 -98.85 -71.08 -42.12
CA GLU M 697 -99.58 -71.24 -43.36
C GLU M 697 -101.06 -70.95 -43.16
N GLN M 698 -101.62 -71.33 -42.00
CA GLN M 698 -103.05 -71.27 -41.77
C GLN M 698 -103.56 -69.83 -41.64
N ILE M 699 -102.69 -68.90 -41.25
CA ILE M 699 -103.11 -67.50 -41.20
C ILE M 699 -103.25 -66.94 -42.61
N GLU M 700 -102.29 -67.21 -43.48
CA GLU M 700 -102.32 -66.69 -44.84
C GLU M 700 -103.41 -67.32 -45.70
N ARG M 701 -103.91 -68.49 -45.32
CA ARG M 701 -105.00 -69.09 -46.08
C ARG M 701 -106.30 -68.36 -45.82
N ALA M 702 -106.55 -67.97 -44.56
CA ALA M 702 -107.79 -67.32 -44.17
C ALA M 702 -107.75 -65.81 -44.34
N SER M 703 -106.61 -65.25 -44.75
CA SER M 703 -106.49 -63.80 -44.92
C SER M 703 -106.95 -63.37 -46.30
N ASP M 704 -107.73 -62.30 -46.36
CA ASP M 704 -108.06 -61.67 -47.63
C ASP M 704 -106.92 -60.75 -48.03
N LYS M 705 -107.11 -60.01 -49.14
CA LYS M 705 -106.15 -59.08 -49.75
C LYS M 705 -104.77 -59.72 -50.01
N ILE M 706 -104.74 -61.04 -50.18
CA ILE M 706 -103.52 -61.76 -50.48
C ILE M 706 -103.94 -63.06 -51.16
N ALA M 707 -103.12 -63.51 -52.11
CA ALA M 707 -103.37 -64.76 -52.81
C ALA M 707 -102.03 -65.43 -53.02
N GLN M 708 -101.92 -66.70 -52.69
CA GLN M 708 -100.63 -67.38 -52.66
C GLN M 708 -100.27 -67.99 -54.01
N GLY M 709 -100.40 -67.21 -55.07
CA GLY M 709 -100.00 -67.67 -56.40
C GLY M 709 -101.09 -67.53 -57.44
N VAL M 710 -100.68 -67.20 -58.66
CA VAL M 710 -101.57 -67.17 -59.81
C VAL M 710 -101.16 -68.30 -60.74
N ILE M 711 -102.14 -68.94 -61.36
CA ILE M 711 -101.95 -70.15 -62.15
C ILE M 711 -102.46 -69.87 -63.56
N ILE M 712 -101.54 -69.86 -64.52
CA ILE M 712 -101.83 -69.51 -65.91
C ILE M 712 -101.94 -70.79 -66.73
N ALA M 713 -102.97 -70.88 -67.56
CA ALA M 713 -103.25 -72.14 -68.24
C ALA M 713 -103.26 -72.04 -69.76
N TYR M 714 -103.61 -70.89 -70.33
CA TYR M 714 -103.68 -70.65 -71.78
C TYR M 714 -104.63 -71.62 -72.48
N ARG M 715 -105.72 -71.98 -71.80
CA ARG M 715 -106.74 -72.85 -72.35
C ARG M 715 -108.07 -72.46 -71.73
N ASP M 716 -109.17 -72.89 -72.35
CA ASP M 716 -110.50 -72.52 -71.87
C ASP M 716 -110.93 -73.49 -70.79
N MET M 717 -110.37 -73.29 -69.59
CA MET M 717 -110.81 -74.04 -68.42
C MET M 717 -111.93 -73.29 -67.72
N GLN M 718 -112.94 -74.04 -67.29
CA GLN M 718 -114.16 -73.42 -66.80
C GLN M 718 -113.99 -72.97 -65.36
N LEU M 719 -114.92 -72.12 -64.92
CA LEU M 719 -114.95 -71.64 -63.55
C LEU M 719 -115.51 -72.72 -62.64
N GLU M 720 -115.22 -72.57 -61.35
CA GLU M 720 -115.66 -73.52 -60.34
C GLU M 720 -116.83 -72.92 -59.58
N ARG M 721 -117.96 -73.63 -59.58
CA ARG M 721 -119.13 -73.20 -58.81
C ARG M 721 -118.83 -73.37 -57.33
N ASP M 722 -118.64 -72.25 -56.64
CA ASP M 722 -118.29 -72.24 -55.23
C ASP M 722 -119.52 -71.88 -54.40
N GLU M 723 -119.52 -72.36 -53.15
CA GLU M 723 -120.66 -72.11 -52.26
C GLU M 723 -120.59 -70.72 -51.64
N MET M 724 -119.39 -70.17 -51.48
CA MET M 724 -119.24 -68.87 -50.85
C MET M 724 -119.00 -67.73 -51.83
N TYR M 725 -118.39 -68.02 -52.98
CA TYR M 725 -118.05 -66.97 -53.95
C TYR M 725 -119.03 -66.88 -55.11
N GLY M 726 -119.76 -67.96 -55.41
CA GLY M 726 -120.56 -67.99 -56.61
C GLY M 726 -119.79 -68.60 -57.75
N TYR M 727 -119.96 -68.09 -58.96
CA TYR M 727 -119.11 -68.50 -60.07
C TYR M 727 -117.74 -67.86 -59.89
N VAL M 728 -116.72 -68.66 -59.62
CA VAL M 728 -115.40 -68.13 -59.34
C VAL M 728 -114.35 -68.96 -60.07
N ASN M 729 -113.26 -68.31 -60.45
CA ASN M 729 -112.05 -69.02 -60.85
C ASN M 729 -111.19 -69.19 -59.62
N ILE M 730 -110.83 -70.43 -59.31
CA ILE M 730 -110.12 -70.74 -58.08
C ILE M 730 -109.24 -71.95 -58.34
N ALA M 731 -108.16 -72.06 -57.56
CA ALA M 731 -107.25 -73.18 -57.65
C ALA M 731 -107.16 -73.84 -56.28
N ARG M 732 -107.52 -75.11 -56.21
CA ARG M 732 -107.34 -75.84 -54.96
C ARG M 732 -105.88 -76.23 -54.76
N ASN M 733 -105.18 -76.52 -55.85
CA ASN M 733 -103.79 -76.96 -55.79
C ASN M 733 -103.13 -76.67 -57.13
N LEU M 734 -101.83 -76.43 -57.08
CA LEU M 734 -101.06 -76.11 -58.28
C LEU M 734 -100.36 -77.39 -58.79
N ASP M 735 -101.17 -78.31 -59.28
CA ASP M 735 -100.68 -79.60 -59.75
C ASP M 735 -100.72 -79.64 -61.27
N GLY M 736 -99.65 -80.16 -61.85
CA GLY M 736 -99.54 -80.27 -63.29
C GLY M 736 -98.86 -79.10 -63.97
N PHE M 737 -98.40 -78.10 -63.21
CA PHE M 737 -97.83 -76.89 -63.78
C PHE M 737 -96.49 -76.60 -63.15
N GLN M 738 -95.62 -75.97 -63.94
CA GLN M 738 -94.33 -75.52 -63.46
C GLN M 738 -94.52 -74.34 -62.52
N GLN M 739 -94.00 -74.44 -61.30
CA GLN M 739 -94.21 -73.44 -60.27
C GLN M 739 -93.02 -72.49 -60.26
N ILE M 740 -93.17 -71.35 -60.94
CA ILE M 740 -92.14 -70.33 -60.96
C ILE M 740 -92.27 -69.53 -59.67
N ASN M 741 -91.25 -69.60 -58.81
CA ASN M 741 -91.29 -68.89 -57.55
C ASN M 741 -91.00 -67.42 -57.77
N LEU M 742 -91.88 -66.56 -57.28
CA LEU M 742 -91.74 -65.11 -57.48
C LEU M 742 -90.80 -64.46 -56.49
N GLU M 743 -90.53 -65.11 -55.35
CA GLU M 743 -89.57 -64.56 -54.41
C GLU M 743 -88.15 -64.67 -54.96
N GLU M 744 -87.82 -65.80 -55.58
CA GLU M 744 -86.51 -65.95 -56.18
C GLU M 744 -86.38 -65.12 -57.46
N LEU M 745 -87.49 -64.96 -58.20
CA LEU M 745 -87.46 -64.18 -59.43
C LEU M 745 -87.34 -62.69 -59.16
N MET M 746 -87.70 -62.24 -57.96
CA MET M 746 -87.53 -60.83 -57.62
C MET M 746 -86.11 -60.53 -57.20
N ARG M 747 -85.48 -61.44 -56.46
CA ARG M 747 -84.16 -61.18 -55.90
C ARG M 747 -83.06 -61.25 -56.96
N THR M 748 -83.08 -62.30 -57.78
CA THR M 748 -82.00 -62.51 -58.73
C THR M 748 -82.09 -61.56 -59.92
N GLY M 749 -83.30 -61.18 -60.32
CA GLY M 749 -83.44 -60.25 -61.41
C GLY M 749 -83.27 -60.83 -62.79
N ASP M 750 -83.06 -62.13 -62.91
CA ASP M 750 -82.95 -62.81 -64.20
C ASP M 750 -84.34 -63.24 -64.63
N TYR M 751 -84.90 -62.53 -65.60
CA TYR M 751 -86.24 -62.80 -66.08
C TYR M 751 -86.22 -63.57 -67.39
N ALA M 752 -85.13 -64.28 -67.68
CA ALA M 752 -84.98 -64.95 -68.96
C ALA M 752 -85.94 -66.11 -69.13
N GLN M 753 -86.40 -66.70 -68.03
CA GLN M 753 -87.35 -67.80 -68.15
C GLN M 753 -88.76 -67.29 -68.30
N ILE M 754 -89.19 -66.38 -67.41
CA ILE M 754 -90.57 -65.93 -67.39
C ILE M 754 -90.92 -65.10 -68.61
N THR M 755 -89.93 -64.39 -69.18
CA THR M 755 -90.16 -63.70 -70.45
C THR M 755 -90.35 -64.70 -71.57
N ASN M 756 -89.57 -65.78 -71.56
CA ASN M 756 -89.75 -66.84 -72.54
C ASN M 756 -91.04 -67.62 -72.28
N MET M 757 -91.51 -67.66 -71.05
CA MET M 757 -92.78 -68.33 -70.77
C MET M 757 -93.96 -67.48 -71.18
N LEU M 758 -93.82 -66.15 -71.15
CA LEU M 758 -94.91 -65.25 -71.50
C LEU M 758 -94.92 -64.90 -72.98
N LEU M 759 -93.74 -64.80 -73.61
CA LEU M 759 -93.69 -64.52 -75.04
C LEU M 759 -94.21 -65.69 -75.85
N ASN M 760 -93.92 -66.91 -75.42
CA ASN M 760 -94.61 -68.08 -75.97
C ASN M 760 -95.93 -68.27 -75.24
N ASN M 761 -96.61 -69.38 -75.54
CA ASN M 761 -97.84 -69.73 -74.85
C ASN M 761 -97.58 -71.04 -74.12
N GLN M 762 -97.01 -70.94 -72.93
CA GLN M 762 -96.69 -72.10 -72.10
C GLN M 762 -97.27 -71.86 -70.71
N PRO M 763 -98.03 -72.80 -70.17
CA PRO M 763 -98.75 -72.57 -68.90
C PRO M 763 -97.81 -72.69 -67.72
N VAL M 764 -97.67 -71.59 -66.97
CA VAL M 764 -96.86 -71.60 -65.75
C VAL M 764 -97.75 -71.24 -64.57
N ALA M 765 -97.18 -71.25 -63.38
CA ALA M 765 -97.88 -70.85 -62.18
C ALA M 765 -96.91 -70.07 -61.31
N LEU M 766 -97.28 -68.86 -60.92
CA LEU M 766 -96.37 -67.94 -60.26
C LEU M 766 -96.71 -67.92 -58.77
N VAL M 767 -96.11 -68.82 -58.01
CA VAL M 767 -96.40 -68.88 -56.58
C VAL M 767 -95.73 -67.72 -55.86
N GLY M 768 -96.22 -67.43 -54.67
CA GLY M 768 -95.72 -66.31 -53.87
C GLY M 768 -96.79 -65.76 -52.94
N ALA M 769 -97.02 -64.45 -53.01
CA ALA M 769 -98.08 -63.81 -52.24
C ALA M 769 -98.57 -62.62 -53.06
N LEU M 770 -99.62 -62.84 -53.82
CA LEU M 770 -100.06 -61.82 -54.76
C LEU M 770 -101.28 -61.09 -54.22
N PRO M 771 -101.33 -59.77 -54.27
CA PRO M 771 -102.56 -59.08 -53.90
C PRO M 771 -103.52 -58.99 -55.08
N PHE M 772 -104.67 -59.63 -54.98
CA PHE M 772 -105.58 -59.69 -56.10
C PHE M 772 -106.55 -58.51 -56.08
N ILE M 773 -107.30 -58.38 -57.16
CA ILE M 773 -108.43 -57.45 -57.24
C ILE M 773 -109.66 -58.23 -57.67
N THR M 774 -110.80 -57.92 -57.06
CA THR M 774 -112.03 -58.67 -57.25
C THR M 774 -112.89 -57.99 -58.30
N ASP M 775 -113.22 -58.72 -59.35
CA ASP M 775 -114.03 -58.22 -60.45
C ASP M 775 -115.41 -58.86 -60.37
N SER M 776 -116.44 -58.11 -60.71
CA SER M 776 -117.80 -58.60 -60.59
C SER M 776 -118.58 -58.64 -61.89
N SER M 777 -118.18 -57.88 -62.91
CA SER M 777 -118.97 -57.81 -64.14
C SER M 777 -118.61 -58.97 -65.05
N VAL M 778 -119.63 -59.60 -65.65
CA VAL M 778 -119.39 -60.73 -66.52
C VAL M 778 -118.96 -60.27 -67.91
N ILE M 779 -119.18 -58.99 -68.25
CA ILE M 779 -118.60 -58.43 -69.46
C ILE M 779 -117.08 -58.42 -69.36
N SER M 780 -116.56 -58.17 -68.15
CA SER M 780 -115.13 -58.30 -67.91
C SER M 780 -114.63 -59.74 -67.96
N LEU M 781 -115.52 -60.72 -68.00
CA LEU M 781 -115.15 -62.11 -68.24
C LEU M 781 -115.17 -62.46 -69.72
N VAL M 782 -116.18 -61.99 -70.45
CA VAL M 782 -116.25 -62.27 -71.87
C VAL M 782 -115.18 -61.48 -72.62
N ALA M 783 -114.79 -60.32 -72.10
CA ALA M 783 -113.74 -59.53 -72.74
C ALA M 783 -112.33 -60.05 -72.43
N LYS M 784 -112.21 -61.11 -71.64
CA LYS M 784 -110.95 -61.81 -71.35
C LYS M 784 -109.93 -60.87 -70.70
N LEU M 785 -110.36 -60.16 -69.67
CA LEU M 785 -109.51 -59.19 -69.01
C LEU M 785 -108.51 -59.84 -68.06
N ASP M 786 -108.69 -61.12 -67.75
CA ASP M 786 -107.83 -61.79 -66.78
C ASP M 786 -106.41 -62.00 -67.30
N ALA M 787 -106.25 -62.22 -68.59
CA ALA M 787 -104.95 -62.56 -69.16
C ALA M 787 -104.16 -61.34 -69.62
N THR M 788 -104.74 -60.14 -69.53
CA THR M 788 -104.06 -58.92 -69.96
C THR M 788 -103.34 -58.23 -68.82
N VAL M 789 -102.90 -58.96 -67.80
CA VAL M 789 -102.24 -58.36 -66.67
C VAL M 789 -100.76 -58.73 -66.57
N PHE M 790 -100.36 -59.93 -67.01
CA PHE M 790 -98.97 -60.36 -66.87
C PHE M 790 -98.03 -59.73 -67.88
N ALA M 791 -98.56 -58.98 -68.86
CA ALA M 791 -97.72 -58.38 -69.90
C ALA M 791 -96.83 -57.26 -69.36
N GLN M 792 -97.14 -56.72 -68.19
CA GLN M 792 -96.31 -55.66 -67.61
C GLN M 792 -94.98 -56.19 -67.12
N ILE M 793 -94.89 -57.50 -66.86
CA ILE M 793 -93.66 -58.10 -66.36
C ILE M 793 -92.56 -58.05 -67.41
N VAL M 794 -92.92 -58.23 -68.67
CA VAL M 794 -91.94 -58.21 -69.75
C VAL M 794 -91.45 -56.80 -70.00
N LYS M 795 -92.36 -55.83 -70.05
CA LYS M 795 -91.99 -54.45 -70.34
C LYS M 795 -91.26 -53.83 -69.15
N LEU M 796 -91.78 -54.04 -67.94
CA LEU M 796 -91.25 -53.46 -66.72
C LEU M 796 -90.79 -54.59 -65.82
N ARG M 797 -89.51 -54.62 -65.47
CA ARG M 797 -88.93 -55.76 -64.78
C ARG M 797 -89.22 -55.80 -63.28
N LYS M 798 -89.99 -54.87 -62.74
CA LYS M 798 -90.45 -55.02 -61.36
C LYS M 798 -91.58 -56.05 -61.30
N VAL M 799 -91.54 -56.93 -60.30
CA VAL M 799 -92.56 -57.98 -60.17
C VAL M 799 -93.62 -57.63 -59.14
N ASP M 800 -93.42 -56.60 -58.32
CA ASP M 800 -94.36 -56.31 -57.24
C ASP M 800 -95.64 -55.63 -57.71
N THR M 801 -95.71 -55.19 -58.97
CA THR M 801 -96.94 -54.63 -59.53
C THR M 801 -97.66 -55.70 -60.33
N LEU M 802 -98.15 -56.71 -59.60
CA LEU M 802 -98.84 -57.85 -60.21
C LEU M 802 -100.12 -58.11 -59.44
N LYS M 803 -101.26 -57.96 -60.12
CA LYS M 803 -102.58 -58.08 -59.50
C LYS M 803 -103.46 -58.97 -60.36
N PRO M 804 -103.61 -60.25 -60.03
CA PRO M 804 -104.48 -61.12 -60.82
C PRO M 804 -105.95 -60.82 -60.58
N ILE M 805 -106.79 -61.39 -61.43
CA ILE M 805 -108.22 -61.14 -61.42
C ILE M 805 -108.94 -62.30 -60.79
N LEU M 806 -109.79 -62.01 -59.80
CA LEU M 806 -110.66 -63.01 -59.17
C LEU M 806 -112.10 -62.66 -59.58
N TYR M 807 -112.63 -63.40 -60.54
CA TYR M 807 -113.99 -63.17 -61.02
C TYR M 807 -114.98 -63.66 -59.98
N LYS M 808 -115.73 -62.76 -59.39
CA LYS M 808 -116.79 -63.11 -58.45
C LYS M 808 -118.12 -62.84 -59.14
N ILE M 809 -118.64 -63.85 -59.82
CA ILE M 809 -119.85 -63.74 -60.62
C ILE M 809 -121.01 -64.36 -59.85
N ASN M 810 -121.91 -63.52 -59.35
CA ASN M 810 -123.02 -63.97 -58.53
C ASN M 810 -124.24 -63.13 -58.91
N SER M 811 -125.28 -63.15 -58.07
CA SER M 811 -126.51 -62.46 -58.42
C SER M 811 -126.43 -60.96 -58.20
N ASP M 812 -125.80 -60.53 -57.09
CA ASP M 812 -125.81 -59.11 -56.75
C ASP M 812 -124.96 -58.26 -57.69
N SER M 813 -124.04 -58.87 -58.42
CA SER M 813 -123.36 -58.15 -59.49
C SER M 813 -124.34 -57.93 -60.63
N ASN M 814 -124.13 -56.84 -61.36
CA ASN M 814 -124.96 -56.56 -62.52
C ASN M 814 -124.54 -57.46 -63.68
N ASP M 815 -125.27 -57.34 -64.79
CA ASP M 815 -125.12 -58.14 -66.01
C ASP M 815 -125.27 -59.64 -65.79
N PHE M 816 -125.94 -60.07 -64.72
CA PHE M 816 -126.09 -61.50 -64.49
C PHE M 816 -127.12 -62.14 -65.42
N TYR M 817 -127.80 -61.35 -66.25
CA TYR M 817 -128.68 -61.94 -67.25
C TYR M 817 -127.93 -62.71 -68.32
N LEU M 818 -126.63 -62.45 -68.50
CA LEU M 818 -125.86 -63.14 -69.53
C LEU M 818 -125.61 -64.60 -69.17
N VAL M 819 -125.50 -64.92 -67.88
CA VAL M 819 -125.27 -66.29 -67.46
C VAL M 819 -126.58 -67.06 -67.36
N ALA M 820 -127.63 -66.41 -66.87
CA ALA M 820 -128.89 -67.11 -66.64
C ALA M 820 -129.66 -67.35 -67.93
N ASN M 821 -129.82 -66.33 -68.76
CA ASN M 821 -130.70 -66.44 -69.92
C ASN M 821 -130.09 -67.25 -71.06
N TYR M 822 -128.80 -67.09 -71.29
CA TYR M 822 -128.14 -67.75 -72.41
C TYR M 822 -127.63 -69.12 -72.00
N ASP M 823 -127.17 -69.88 -73.00
CA ASP M 823 -126.68 -71.24 -72.80
C ASP M 823 -125.19 -71.27 -73.14
N TRP M 824 -124.36 -71.07 -72.11
CA TRP M 824 -122.91 -71.04 -72.26
C TRP M 824 -122.30 -71.32 -70.90
N VAL M 825 -121.14 -71.96 -70.90
CA VAL M 825 -120.40 -72.26 -69.68
C VAL M 825 -119.33 -71.19 -69.49
N PRO M 826 -119.29 -70.51 -68.34
CA PRO M 826 -118.32 -69.42 -68.15
C PRO M 826 -116.91 -69.96 -68.00
N THR M 827 -116.01 -69.49 -68.86
CA THR M 827 -114.65 -69.98 -68.92
C THR M 827 -113.65 -68.86 -68.67
N SER M 828 -112.44 -69.25 -68.28
CA SER M 828 -111.36 -68.31 -68.03
C SER M 828 -110.05 -68.88 -68.54
N THR M 829 -109.10 -67.98 -68.81
CA THR M 829 -107.78 -68.40 -69.25
C THR M 829 -106.91 -68.79 -68.07
N THR M 830 -106.85 -67.94 -67.05
CA THR M 830 -106.09 -68.20 -65.84
C THR M 830 -107.03 -68.35 -64.66
N LYS M 831 -106.46 -68.75 -63.53
CA LYS M 831 -107.15 -68.77 -62.25
C LYS M 831 -106.17 -68.34 -61.17
N VAL M 832 -106.59 -68.44 -59.92
CA VAL M 832 -105.80 -67.91 -58.81
C VAL M 832 -105.91 -68.90 -57.64
N TYR M 833 -104.81 -69.04 -56.89
CA TYR M 833 -104.70 -70.01 -55.81
C TYR M 833 -105.06 -69.33 -54.49
N LYS M 834 -106.33 -69.49 -54.08
CA LYS M 834 -106.85 -68.86 -52.88
C LYS M 834 -107.79 -69.86 -52.21
N GLN M 835 -107.75 -69.90 -50.87
CA GLN M 835 -108.43 -70.95 -50.13
C GLN M 835 -109.63 -70.42 -49.35
N ILE M 836 -110.67 -71.23 -49.28
CA ILE M 836 -111.92 -70.90 -48.58
C ILE M 836 -111.67 -70.89 -47.08
N PRO M 837 -112.21 -69.92 -46.34
CA PRO M 837 -112.03 -69.91 -44.88
C PRO M 837 -112.84 -71.01 -44.22
N GLN M 838 -112.41 -71.36 -43.01
CA GLN M 838 -112.96 -72.50 -42.28
C GLN M 838 -114.37 -72.18 -41.78
N GLN M 839 -115.30 -73.11 -41.97
CA GLN M 839 -116.65 -72.94 -41.46
C GLN M 839 -116.67 -72.99 -39.94
N PHE M 840 -117.52 -72.16 -39.34
CA PHE M 840 -117.67 -72.15 -37.89
C PHE M 840 -118.49 -73.36 -37.45
N ASP M 841 -117.93 -74.16 -36.54
CA ASP M 841 -118.63 -75.28 -35.94
C ASP M 841 -118.48 -75.21 -34.43
N PHE M 842 -119.57 -75.48 -33.72
CA PHE M 842 -119.58 -75.24 -32.28
C PHE M 842 -118.81 -76.31 -31.52
N ARG M 843 -118.98 -77.58 -31.89
CA ARG M 843 -118.40 -78.67 -31.11
C ARG M 843 -116.88 -78.69 -31.19
N ALA M 844 -116.32 -78.24 -32.31
CA ALA M 844 -114.89 -78.17 -32.47
C ALA M 844 -114.29 -76.89 -31.89
N SER M 845 -115.10 -76.06 -31.25
CA SER M 845 -114.62 -74.80 -30.71
C SER M 845 -114.99 -74.55 -29.27
N MET M 846 -115.90 -75.32 -28.68
CA MET M 846 -116.24 -75.20 -27.27
C MET M 846 -115.29 -76.03 -26.42
N HIS M 847 -114.62 -75.38 -25.47
CA HIS M 847 -113.72 -76.04 -24.55
C HIS M 847 -113.48 -75.14 -23.34
N MET M 848 -113.23 -75.78 -22.20
CA MET M 848 -113.07 -75.08 -20.93
C MET M 848 -111.61 -74.75 -20.67
N LEU M 849 -111.38 -73.63 -20.00
CA LEU M 849 -110.05 -73.22 -19.57
C LEU M 849 -109.98 -73.26 -18.06
N THR M 850 -108.98 -73.94 -17.52
CA THR M 850 -108.86 -74.20 -16.09
C THR M 850 -107.66 -73.46 -15.52
N SER M 851 -107.91 -72.60 -14.54
CA SER M 851 -106.85 -71.86 -13.86
C SER M 851 -107.15 -71.85 -12.37
N ASN M 852 -106.37 -71.05 -11.63
CA ASN M 852 -106.56 -70.95 -10.19
C ASN M 852 -107.50 -69.80 -9.86
N LEU M 853 -107.77 -69.61 -8.57
CA LEU M 853 -108.72 -68.60 -8.12
C LEU M 853 -108.04 -67.29 -7.75
N THR M 854 -107.00 -67.33 -6.92
CA THR M 854 -106.23 -66.13 -6.62
C THR M 854 -104.81 -66.48 -6.21
N PHE M 855 -103.90 -65.53 -6.45
CA PHE M 855 -102.58 -65.53 -5.83
C PHE M 855 -102.35 -64.20 -5.15
N THR M 856 -101.11 -63.98 -4.69
CA THR M 856 -100.60 -62.66 -4.37
C THR M 856 -99.11 -62.70 -4.71
N VAL M 857 -98.78 -62.28 -5.92
CA VAL M 857 -97.42 -62.43 -6.43
C VAL M 857 -96.51 -61.42 -5.74
N TYR M 858 -95.50 -61.91 -5.03
CA TYR M 858 -94.54 -61.08 -4.34
C TYR M 858 -93.26 -61.00 -5.16
N SER M 859 -92.72 -59.80 -5.29
CA SER M 859 -91.49 -59.60 -6.05
C SER M 859 -90.26 -59.64 -5.16
N ASP M 860 -90.20 -58.74 -4.17
CA ASP M 860 -89.06 -58.69 -3.28
C ASP M 860 -89.16 -59.77 -2.23
N LEU M 861 -88.10 -60.56 -2.09
CA LEU M 861 -88.12 -61.67 -1.15
C LEU M 861 -87.36 -61.40 0.13
N LEU M 862 -86.49 -60.42 0.17
CA LEU M 862 -85.79 -60.09 1.40
C LEU M 862 -86.50 -59.00 2.19
N ALA M 863 -87.71 -58.63 1.80
CA ALA M 863 -88.51 -57.75 2.64
C ALA M 863 -89.24 -58.50 3.73
N PHE M 864 -89.14 -59.82 3.75
CA PHE M 864 -89.76 -60.65 4.77
C PHE M 864 -88.81 -61.05 5.88
N VAL M 865 -87.52 -60.84 5.71
CA VAL M 865 -86.57 -61.05 6.80
C VAL M 865 -86.35 -59.72 7.50
N SER M 866 -86.02 -59.79 8.78
CA SER M 866 -85.79 -58.60 9.60
C SER M 866 -84.40 -58.74 10.19
N ALA M 867 -83.44 -58.02 9.62
CA ALA M 867 -82.03 -58.24 9.91
C ALA M 867 -81.49 -57.15 10.80
N ASP M 868 -80.88 -57.55 11.91
CA ASP M 868 -80.22 -56.64 12.84
C ASP M 868 -78.81 -57.13 13.08
N THR M 869 -77.85 -56.21 13.06
CA THR M 869 -76.47 -56.58 13.29
C THR M 869 -76.11 -56.47 14.77
N VAL M 870 -75.23 -57.37 15.20
CA VAL M 870 -74.62 -57.26 16.51
C VAL M 870 -73.65 -56.08 16.48
N GLU M 871 -73.59 -55.33 17.60
CA GLU M 871 -72.68 -54.22 17.89
C GLU M 871 -71.27 -54.48 17.41
N PRO M 872 -70.59 -53.50 16.80
CA PRO M 872 -69.30 -53.78 16.18
C PRO M 872 -68.21 -54.12 17.17
N ILE M 873 -68.31 -53.71 18.44
CA ILE M 873 -67.29 -54.05 19.43
C ILE M 873 -67.25 -55.56 19.65
N ASN M 874 -68.41 -56.22 19.64
CA ASN M 874 -68.47 -57.68 19.71
C ASN M 874 -68.67 -58.30 18.33
N ALA M 875 -67.75 -58.04 17.42
CA ALA M 875 -67.82 -58.61 16.08
C ALA M 875 -66.70 -59.62 15.90
N VAL M 876 -67.04 -60.81 15.41
CA VAL M 876 -66.05 -61.88 15.28
C VAL M 876 -65.81 -62.17 13.80
N ALA M 877 -64.64 -62.74 13.53
CA ALA M 877 -64.19 -63.09 12.19
C ALA M 877 -64.70 -64.49 11.83
N PHE M 878 -64.11 -65.11 10.81
CA PHE M 878 -64.36 -66.53 10.56
C PHE M 878 -63.88 -67.38 11.73
N ASP M 879 -62.84 -66.94 12.42
CA ASP M 879 -62.45 -67.55 13.68
C ASP M 879 -63.40 -67.07 14.76
N ASN M 880 -63.48 -67.82 15.86
CA ASN M 880 -64.39 -67.42 16.92
C ASN M 880 -63.89 -66.23 17.74
N MET M 881 -62.60 -65.92 17.66
CA MET M 881 -62.11 -64.70 18.27
C MET M 881 -62.58 -63.49 17.48
N ARG M 882 -62.46 -62.32 18.08
CA ARG M 882 -63.08 -61.14 17.53
C ARG M 882 -62.18 -60.45 16.51
N ILE M 883 -62.78 -59.58 15.73
CA ILE M 883 -62.04 -58.73 14.81
C ILE M 883 -61.51 -57.54 15.59
N MET M 884 -60.24 -57.19 15.33
CA MET M 884 -59.57 -56.02 15.89
C MET M 884 -59.55 -56.06 17.42
N ASN M 885 -58.81 -57.04 17.95
CA ASN M 885 -58.78 -57.30 19.38
C ASN M 885 -57.64 -56.56 20.07
N GLU M 886 -57.58 -55.24 19.88
CA GLU M 886 -56.63 -54.41 20.60
C GLU M 886 -57.31 -53.38 21.48
N LEU M 887 -58.63 -53.33 21.49
CA LEU M 887 -59.32 -52.54 22.48
C LEU M 887 -59.27 -53.24 23.83
PA UTP N . -21.74 11.02 -42.75
O1A UTP N . -20.49 10.43 -43.32
O2A UTP N . -21.68 12.41 -42.20
O3A UTP N . -22.90 10.93 -43.85
O5' UTP N . -22.34 10.03 -41.64
PB UTP N . -23.04 11.28 -45.40
O1B UTP N . -24.48 11.42 -45.72
O2B UTP N . -22.19 10.33 -46.17
O3B UTP N . -22.35 12.71 -45.48
PG UTP N . -22.09 13.68 -46.75
O1G UTP N . -21.31 14.86 -46.22
O2G UTP N . -21.31 12.86 -47.74
O3G UTP N . -23.45 14.07 -47.26
C5' UTP N . -22.48 8.64 -42.01
C4' UTP N . -23.62 8.03 -41.24
O4' UTP N . -23.43 8.22 -39.81
C1' UTP N . -24.70 8.13 -39.18
C2' UTP N . -25.75 8.02 -40.28
O2' UTP N . -26.00 6.65 -40.48
C3' UTP N . -25.01 8.62 -41.47
O3' UTP N . -25.54 8.26 -42.73
N1 UTP N . -24.89 9.30 -38.31
C6 UTP N . -24.18 10.46 -38.51
C2 UTP N . -25.80 9.19 -37.28
O2 UTP N . -26.44 8.17 -37.07
N3 UTP N . -25.93 10.31 -36.50
C4 UTP N . -25.27 11.51 -36.64
O4 UTP N . -25.50 12.42 -35.86
C5 UTP N . -24.34 11.55 -37.73
PG GTP O . -29.46 47.49 -19.53
O1G GTP O . -29.33 46.28 -20.42
O2G GTP O . -30.54 48.40 -20.09
O3G GTP O . -29.84 47.06 -18.14
O3B GTP O . -28.06 48.28 -19.49
PB GTP O . -26.68 47.59 -19.02
O1B GTP O . -26.87 47.01 -17.63
O2B GTP O . -25.55 48.58 -19.02
O3A GTP O . -26.41 46.38 -20.07
PA GTP O . -26.28 46.61 -21.66
O1A GTP O . -26.29 45.26 -22.33
O2A GTP O . -27.38 47.47 -22.21
O5' GTP O . -24.83 47.27 -21.85
C5' GTP O . -23.77 46.53 -22.43
C4' GTP O . -22.88 45.89 -21.38
O4' GTP O . -23.65 45.09 -20.51
C3' GTP O . -21.84 44.98 -22.03
O3' GTP O . -20.58 45.59 -22.03
C2' GTP O . -21.81 43.73 -21.18
O2' GTP O . -20.68 43.77 -20.34
C1' GTP O . -23.06 43.81 -20.31
N9 GTP O . -24.04 42.79 -20.69
C8 GTP O . -23.83 41.64 -21.40
N7 GTP O . -25.02 40.98 -21.51
C5 GTP O . -25.97 41.70 -20.88
C6 GTP O . -27.34 41.50 -20.68
O6 GTP O . -27.89 40.51 -21.13
N1 GTP O . -28.07 42.42 -19.97
C2 GTP O . -27.45 43.54 -19.47
N2 GTP O . -28.15 44.44 -18.78
N3 GTP O . -26.10 43.74 -19.66
C4 GTP O . -25.38 42.84 -20.36
#